data_8Z5S
#
_entry.id   8Z5S
#
_cell.length_a   1.00
_cell.length_b   1.00
_cell.length_c   1.00
_cell.angle_alpha   90.00
_cell.angle_beta   90.00
_cell.angle_gamma   90.00
#
_symmetry.space_group_name_H-M   'P 1'
#
loop_
_entity.id
_entity.type
_entity.pdbx_description
1 polymer 'Flagellar biosynthetic protein FliP'
2 polymer 'Flagellar biosynthetic protein FliQ'
3 polymer 'Flagellar biosynthetic protein FliR'
4 polymer 'Flagellar M-ring protein'
5 polymer 'Flagellar basal body rod protein FlgB'
6 polymer 'Flagellar basal-body rod protein FlgC'
7 polymer 'Flagellar basal-body rod protein FlgF'
8 polymer 'Flagellar hook-basal body complex protein FliE'
9 polymer 'Flagellar biosynthetic protein FlhB'
#
loop_
_entity_poly.entity_id
_entity_poly.type
_entity_poly.pdbx_seq_one_letter_code
_entity_poly.pdbx_strand_id
1 'polypeptide(L)'
;MTKGNPIRLLLSTLLLFVGVLFSSFSFAEAEESALPDNLADGSSVTVQAMQSDTGASRAMSVSSGGGIPAFTMTTNPDGS
EDYSVTLQILALMTMLGFLPAMVILMTSFTRIVVVMSILRQAMGLQQTPSNQVIIGIALFLTFFVMSPVLNEINDKAVQP
YLNEQVTAREAFDAAQAPMKAFMLKQTRIKDLETFVTMSGEQVDNPEDVSMAVLIPAFITSELKTAFQIGFMLFLPFLII
DLVVASVLMAMGMMMLSPMIVSLPFKLMLFVLVDGWNLILSTLAGSFAL
;
1,2,3,y,z
2 'polypeptide(L)'
;MTPEMFVELFREALWMVLIMVCAIIIPSLLIGLIVAIFQAATSINEQTLSFLPRLIVTLLALMLFGHWMTQMLMEYFYGL
IERLPQVLY
;
4,5,6,7
3 'polypeptide(L)'
;MEYPTSVVLDWIANYFWPYVRISSMLMVMTVTGARFVSPRIRLYLGLAITFAVMPAIPAVPQDIELLSFRGFMTIAEQMI
IGIAMGMVTQFMIQTFVLLGQILGMQSSLGFASMVDPANGQNTPLLGQLFMFLTTMFFLATDGHLKMLQLVVFSFKTLPI
GSGSLNAVDFREMAGWLGIMFQTALSMSLSGIIALLTINLSFGVMTRAAPQLNIFSLGFAFALMVGLLLCWYILAGLYSH
YEMFWTVGEAQICRLIRLEC
;
8
4 'polypeptide(L)'
;MADKSTDLTVTEGGSDGALVASSDVDVESQNPDLEERSASKFDMAVGDLDLLRQVVLVLSISICVALIVMLFFWVKEPEM
RPLGAYETEELIPVLDYLDQQKINYKLDGNTISVESSEYNSIKLGMVRSGVNQATEAGDDILLQDMGFGVSQRLEQERLK
LSRERQLAQAIEEMKQVRKARVLLALPKHSVFVRHNQEASASVFLTLSTGTNLKQQEVDSIVDMVASAVPGMKTSRITVT
DQHGRLLSSGSQDPASAARRKEQELERSQEQALREKIDSVLLPILGYGNYTAQVDIQMDFSAVEQTRKRFDPNTPATRSE
YALEDYNNGNMVAGIPGALSNQPPADASIPQDVAQMKDGSVMGQGSVRKESTRNFELDTTISHERKQTGTVARQTVSVAI
KDRRQVNPDTGEVTYTPMSESEINAIRQVLIGTVGFDQGRGDLLNVLSVKFAEPEAEQLEEPPIWEHPNFSDWVRWFASA
LVIIVVVLVLVRPAMKKLLNPTSDDEDEMYGPDGLPIGADGETSLIGSDIESSELFEFGSSIDLPNLHKDEDVLKAVRAL
VANEPELAAQVVKNWMNDNG
;
AA,AB,AC,AD,AE,AF,AG,AH,AI,AJ,AK,AL,AM,AN,AO
5 'polypeptide(L)'
;MAISFDNALGIHQHTVGVRERNAEVISTNIAQANTPGYKARGLDFAKELQAATSGASIGLSRTDGRHIPATTTLVGDKLY
RLPTQPDTGDGNTVDLDLERNLFMQNQIRHQASLDFLGSKFKNLTKAIKGE
;
b,c,d,e,f
6 'polypeptide(L)'
;MSLFNVFNVTGSAMSAESVRLNTTSSNLANADSVSSSAKDTYKARHAVFGAELSNAMRGGDTVPVKVMGIVESDKPLSAE
YNPDHPLANEEGYIYKPNVNVMEEMANMISASRAYQTNVQVADSSKQMLLRTLQMGQ
;
g,h,i,j,k,l
7 'polypeptide(L)'
;MDRALFLAMSGAKQNMQALQLRANNLANVSTTGFRADLAQARSMQAYGEGHPSRVFSMTERPGHNFAQGSVITTGRDLDV
TIEGSGWISVLDHTGKEGLTRNGNLKVDQNGMLTNASGHLVLGENDAPITLPIPLSKIEIGRDGTISVLPQGAPAEEFQA
VDRIKLVKPNDQSLFKDTNGLFRHKTPNQPYEADATVSLQTGAIEGSNVNAVGEMTALIDLQRQFEMQVKMMSTAEEMDK
SSDSLLRMS
;
m,n,o,p,q
8 'polypeptide(L)'
;MKVDGIQAEMRAMMVEATNTAPTASGAKVGADFNDLLTKAINNVNTLQKASGDLQTRFDRGDADVSLSDVMIARNKSSVA
FDATVQIRNKLVEAYKDLMNMPV
;
r,s,t,u,v,w
9 'polypeptide(L)'
;MAESDGQERTEEATPRRLQQAREKGQVARSKELASASVLIVGAISLMWFGEALARSLFSIMSRLFDLQREEIFDTAKLFD
IALGAMTDLLFPLFLVLATLFTAAMIGAAGVGGISFSAQAAMPKLSKMNPLSGLKRMVGMQSWVELIKSILKVVLVTGVA
IYLIQASQADLIQLSMDVYPQNIFHALDILLNFILLISCSLLIVVAIDIPFQIWQHADQLKMTKQEVKDEYKETEGKPEV
KGRIRMLQREAAQRRMMADVPQADVIVTNPEHFSVALRYKQKTDRAPVVIAKGTDHMAMKIREVAREHDITIVPAPPLAR
ALYHTTELEQEIPDGLFTAVAQVLAFVFQLKQYRKRGGQRPKIQDYDLPIPPEHRH
;
x
#
# COMPACT_ATOMS: atom_id res chain seq x y z
N ASP A 82 -15.11 17.75 31.10
CA ASP A 82 -13.68 17.99 30.96
C ASP A 82 -13.22 17.67 29.54
N TYR A 83 -12.08 18.23 29.15
CA TYR A 83 -11.54 17.95 27.83
C TYR A 83 -11.13 16.48 27.72
N SER A 84 -11.22 15.95 26.50
CA SER A 84 -10.89 14.55 26.27
C SER A 84 -9.40 14.31 26.48
N VAL A 85 -9.04 13.04 26.67
CA VAL A 85 -7.66 12.67 26.93
C VAL A 85 -6.77 13.10 25.77
N THR A 86 -7.24 12.94 24.54
CA THR A 86 -6.43 13.29 23.39
C THR A 86 -6.18 14.79 23.34
N LEU A 87 -7.17 15.60 23.71
CA LEU A 87 -7.01 17.05 23.66
C LEU A 87 -6.11 17.57 24.78
N GLN A 88 -6.27 17.03 26.00
CA GLN A 88 -5.49 17.55 27.12
C GLN A 88 -4.03 17.10 27.04
N ILE A 89 -3.73 16.04 26.28
CA ILE A 89 -2.34 15.74 25.97
C ILE A 89 -1.78 16.78 25.01
N LEU A 90 -2.60 17.19 24.04
CA LEU A 90 -2.17 18.22 23.09
C LEU A 90 -1.95 19.56 23.78
N ALA A 91 -2.74 19.84 24.83
CA ALA A 91 -2.62 21.12 25.51
C ALA A 91 -1.27 21.24 26.24
N LEU A 92 -0.93 20.22 27.03
CA LEU A 92 0.32 20.27 27.79
C LEU A 92 1.53 20.20 26.87
N MET A 93 1.40 19.47 25.75
CA MET A 93 2.50 19.38 24.80
C MET A 93 2.78 20.74 24.17
N THR A 94 1.73 21.50 23.86
CA THR A 94 1.91 22.81 23.23
C THR A 94 2.58 23.78 24.18
N MET A 95 2.06 23.90 25.42
CA MET A 95 2.64 24.82 26.39
C MET A 95 3.98 24.34 26.92
N LEU A 96 4.36 23.09 26.64
CA LEU A 96 5.69 22.62 27.00
C LEU A 96 6.76 23.38 26.21
N GLY A 97 6.42 23.87 25.01
CA GLY A 97 7.30 24.68 24.21
C GLY A 97 7.29 26.15 24.54
N PHE A 98 6.39 26.59 25.42
CA PHE A 98 6.37 27.96 25.90
C PHE A 98 7.13 28.14 27.20
N LEU A 99 7.83 27.09 27.65
CA LEU A 99 8.62 27.19 28.87
C LEU A 99 9.66 28.30 28.84
N PRO A 100 10.44 28.49 27.76
CA PRO A 100 11.32 29.68 27.73
C PRO A 100 10.56 30.98 27.84
N ALA A 101 9.37 31.07 27.26
CA ALA A 101 8.57 32.29 27.36
C ALA A 101 8.18 32.57 28.81
N MET A 102 7.78 31.52 29.54
CA MET A 102 7.39 31.71 30.94
C MET A 102 8.56 32.19 31.78
N VAL A 103 9.76 31.65 31.52
CA VAL A 103 10.93 32.00 32.33
C VAL A 103 11.27 33.48 32.18
N ILE A 104 11.28 33.98 30.94
CA ILE A 104 11.83 35.30 30.68
C ILE A 104 10.96 36.39 31.32
N LEU A 105 9.64 36.26 31.21
CA LEU A 105 8.75 37.34 31.63
C LEU A 105 7.92 37.02 32.87
N MET A 106 8.29 35.99 33.64
CA MET A 106 7.51 35.74 34.90
C MET A 106 8.43 35.47 36.09
N THR A 107 9.62 34.91 35.84
CA THR A 107 10.51 34.58 36.95
C THR A 107 11.70 35.54 36.98
N SER A 108 12.63 35.26 37.89
CA SER A 108 13.75 36.15 38.18
C SER A 108 14.87 36.08 37.14
N PHE A 109 14.61 35.49 35.96
CA PHE A 109 15.65 35.43 34.94
C PHE A 109 15.96 36.80 34.37
N THR A 110 14.95 37.67 34.28
CA THR A 110 15.13 38.95 33.61
C THR A 110 16.08 39.87 34.38
N ARG A 111 15.85 40.02 35.69
CA ARG A 111 16.64 40.98 36.46
C ARG A 111 18.12 40.59 36.50
N ILE A 112 18.40 39.30 36.70
CA ILE A 112 19.78 38.86 36.85
C ILE A 112 20.56 39.06 35.55
N VAL A 113 19.96 38.73 34.41
CA VAL A 113 20.65 38.85 33.13
C VAL A 113 21.01 40.30 32.85
N VAL A 114 20.06 41.23 33.09
CA VAL A 114 20.33 42.64 32.83
C VAL A 114 21.44 43.15 33.74
N VAL A 115 21.41 42.79 35.02
CA VAL A 115 22.47 43.21 35.93
C VAL A 115 23.80 42.61 35.51
N MET A 116 23.79 41.33 35.09
CA MET A 116 25.01 40.72 34.57
C MET A 116 25.51 41.44 33.33
N SER A 117 24.60 41.80 32.43
CA SER A 117 24.99 42.49 31.20
C SER A 117 25.55 43.87 31.50
N ILE A 118 24.92 44.60 32.43
CA ILE A 118 25.40 45.93 32.78
C ILE A 118 26.78 45.87 33.40
N LEU A 119 26.99 44.91 34.31
CA LEU A 119 28.30 44.78 34.94
C LEU A 119 29.36 44.34 33.94
N ARG A 120 28.99 43.52 32.96
CA ARG A 120 29.94 43.13 31.93
C ARG A 120 30.43 44.34 31.14
N GLN A 121 29.52 45.26 30.81
CA GLN A 121 29.91 46.49 30.15
C GLN A 121 30.69 47.43 31.06
N ALA A 122 30.58 47.25 32.38
CA ALA A 122 31.29 48.14 33.31
C ALA A 122 32.80 47.96 33.19
N MET A 123 33.28 46.73 33.18
CA MET A 123 34.69 46.48 32.96
C MET A 123 35.04 46.65 31.49
N GLY A 124 36.33 46.81 31.22
CA GLY A 124 36.79 47.01 29.85
C GLY A 124 36.59 45.81 28.96
N LEU A 125 36.46 44.62 29.54
CA LEU A 125 36.19 43.42 28.76
C LEU A 125 34.79 43.49 28.16
N GLN A 126 34.69 43.14 26.87
CA GLN A 126 33.43 43.26 26.16
C GLN A 126 32.59 41.98 26.24
N GLN A 127 33.17 40.84 25.86
CA GLN A 127 32.44 39.58 25.90
C GLN A 127 33.26 38.48 26.56
N THR A 128 34.16 38.86 27.47
CA THR A 128 34.97 37.86 28.18
C THR A 128 34.12 36.89 28.99
N PRO A 129 33.14 37.33 29.80
CA PRO A 129 32.25 36.36 30.46
C PRO A 129 31.43 35.53 29.49
N SER A 130 31.24 35.98 28.25
CA SER A 130 30.48 35.29 27.22
C SER A 130 29.00 35.21 27.56
N ASN A 131 28.14 35.11 26.54
CA ASN A 131 26.71 35.09 26.78
C ASN A 131 26.25 33.79 27.43
N GLN A 132 26.82 32.66 27.01
CA GLN A 132 26.38 31.37 27.53
C GLN A 132 26.64 31.24 29.02
N VAL A 133 27.81 31.71 29.48
CA VAL A 133 28.12 31.63 30.90
C VAL A 133 27.21 32.57 31.70
N ILE A 134 26.91 33.75 31.14
CA ILE A 134 26.00 34.68 31.80
C ILE A 134 24.62 34.05 31.97
N ILE A 135 24.14 33.38 30.93
CA ILE A 135 22.84 32.72 31.00
C ILE A 135 22.89 31.55 31.97
N GLY A 136 23.97 30.77 31.94
CA GLY A 136 24.07 29.61 32.81
C GLY A 136 24.03 29.98 34.28
N ILE A 137 24.67 31.09 34.65
CA ILE A 137 24.61 31.54 36.03
C ILE A 137 23.21 32.00 36.39
N ALA A 138 22.55 32.70 35.46
CA ALA A 138 21.19 33.18 35.72
C ALA A 138 20.21 32.03 35.89
N LEU A 139 20.36 30.98 35.08
CA LEU A 139 19.47 29.82 35.19
C LEU A 139 19.62 29.12 36.53
N PHE A 140 20.85 29.00 37.03
CA PHE A 140 21.05 28.42 38.35
C PHE A 140 20.50 29.35 39.44
N LEU A 141 20.72 30.65 39.30
CA LEU A 141 20.22 31.61 40.29
C LEU A 141 18.70 31.64 40.30
N THR A 142 18.07 31.67 39.12
CA THR A 142 16.61 31.76 39.06
C THR A 142 15.94 30.50 39.57
N PHE A 143 16.69 29.41 39.75
CA PHE A 143 16.13 28.19 40.32
C PHE A 143 16.26 28.20 41.85
N PHE A 144 17.41 28.62 42.37
CA PHE A 144 17.59 28.71 43.81
C PHE A 144 16.68 29.78 44.41
N VAL A 145 16.63 30.96 43.78
CA VAL A 145 15.85 32.06 44.34
C VAL A 145 14.36 31.79 44.25
N MET A 146 13.89 31.29 43.11
CA MET A 146 12.48 31.02 42.90
C MET A 146 12.08 29.63 43.38
N SER A 147 12.95 28.95 44.12
CA SER A 147 12.63 27.63 44.65
C SER A 147 11.35 27.60 45.49
N PRO A 148 11.07 28.57 46.37
CA PRO A 148 9.77 28.54 47.07
C PRO A 148 8.57 28.58 46.12
N VAL A 149 8.69 29.27 45.00
CA VAL A 149 7.59 29.31 44.02
C VAL A 149 7.34 27.93 43.44
N LEU A 150 8.42 27.22 43.07
CA LEU A 150 8.27 25.89 42.49
C LEU A 150 7.72 24.89 43.50
N ASN A 151 8.06 25.09 44.78
CA ASN A 151 7.56 24.19 45.82
C ASN A 151 6.04 24.29 45.94
N GLU A 152 5.52 25.51 45.95
CA GLU A 152 4.08 25.71 46.09
C GLU A 152 3.32 25.19 44.88
N ILE A 153 3.87 25.41 43.67
CA ILE A 153 3.23 24.94 42.46
C ILE A 153 3.15 23.41 42.46
N ASN A 154 4.24 22.76 42.88
CA ASN A 154 4.28 21.30 42.89
C ASN A 154 3.22 20.73 43.84
N ASP A 155 3.20 21.20 45.08
CA ASP A 155 2.33 20.61 46.09
C ASP A 155 0.88 21.02 45.92
N LYS A 156 0.59 22.12 45.24
CA LYS A 156 -0.77 22.61 45.09
C LYS A 156 -1.39 22.29 43.73
N ALA A 157 -0.57 22.11 42.70
CA ALA A 157 -1.08 21.85 41.35
C ALA A 157 -0.63 20.50 40.80
N VAL A 158 0.66 20.19 40.88
CA VAL A 158 1.15 18.94 40.30
C VAL A 158 0.64 17.75 41.10
N GLN A 159 0.79 17.79 42.42
CA GLN A 159 0.38 16.65 43.25
C GLN A 159 -1.12 16.37 43.17
N PRO A 160 -2.03 17.33 43.31
CA PRO A 160 -3.45 17.00 43.19
C PRO A 160 -3.84 16.43 41.84
N TYR A 161 -3.18 16.87 40.76
CA TYR A 161 -3.55 16.38 39.44
C TYR A 161 -3.15 14.93 39.24
N LEU A 162 -1.98 14.53 39.77
CA LEU A 162 -1.52 13.16 39.61
C LEU A 162 -2.32 12.18 40.46
N ASN A 163 -2.99 12.66 41.51
CA ASN A 163 -3.83 11.83 42.36
C ASN A 163 -5.29 11.86 41.93
N GLU A 164 -5.60 12.51 40.81
CA GLU A 164 -6.97 12.67 40.32
C GLU A 164 -7.85 13.41 41.32
N GLN A 165 -7.23 14.20 42.19
CA GLN A 165 -7.96 15.02 43.15
C GLN A 165 -8.39 16.36 42.58
N VAL A 166 -7.98 16.68 41.35
CA VAL A 166 -8.27 17.98 40.75
C VAL A 166 -8.28 17.80 39.24
N THR A 167 -9.01 18.68 38.56
CA THR A 167 -9.15 18.59 37.11
C THR A 167 -8.07 19.41 36.42
N ALA A 168 -8.11 19.43 35.08
CA ALA A 168 -7.07 20.10 34.32
C ALA A 168 -7.10 21.61 34.53
N ARG A 169 -8.27 22.23 34.38
CA ARG A 169 -8.37 23.68 34.51
C ARG A 169 -8.08 24.14 35.93
N GLU A 170 -8.59 23.41 36.92
CA GLU A 170 -8.35 23.79 38.31
C GLU A 170 -6.88 23.66 38.67
N ALA A 171 -6.20 22.62 38.17
CA ALA A 171 -4.78 22.47 38.43
C ALA A 171 -3.99 23.60 37.79
N PHE A 172 -4.35 24.00 36.57
CA PHE A 172 -3.67 25.11 35.92
C PHE A 172 -3.87 26.41 36.68
N ASP A 173 -5.10 26.65 37.16
CA ASP A 173 -5.35 27.82 37.99
C ASP A 173 -4.60 27.75 39.31
N ALA A 174 -4.49 26.54 39.88
CA ALA A 174 -3.77 26.36 41.14
C ALA A 174 -2.27 26.65 40.99
N ALA A 175 -1.74 26.60 39.77
CA ALA A 175 -0.34 26.94 39.55
C ALA A 175 -0.14 28.43 39.33
N GLN A 176 -1.15 29.11 38.78
CA GLN A 176 -1.02 30.54 38.53
C GLN A 176 -0.92 31.33 39.84
N ALA A 177 -1.70 30.93 40.85
CA ALA A 177 -1.75 31.70 42.09
C ALA A 177 -0.41 31.85 42.78
N PRO A 178 0.40 30.79 42.98
CA PRO A 178 1.73 31.01 43.56
C PRO A 178 2.64 31.91 42.73
N MET A 179 2.57 31.83 41.41
CA MET A 179 3.39 32.66 40.55
C MET A 179 2.86 34.09 40.44
N LYS A 180 1.54 34.27 40.47
CA LYS A 180 0.98 35.61 40.44
C LYS A 180 1.28 36.36 41.73
N ALA A 181 1.30 35.66 42.86
CA ALA A 181 1.65 36.29 44.12
C ALA A 181 3.10 36.75 44.13
N PHE A 182 4.01 35.93 43.60
CA PHE A 182 5.41 36.31 43.56
C PHE A 182 5.64 37.53 42.66
N MET A 183 4.98 37.55 41.50
CA MET A 183 5.13 38.68 40.60
C MET A 183 4.52 39.95 41.18
N LEU A 184 3.41 39.82 41.91
CA LEU A 184 2.73 41.00 42.45
C LEU A 184 3.59 41.68 43.51
N LYS A 185 4.31 40.92 44.33
CA LYS A 185 5.10 41.50 45.40
C LYS A 185 6.44 42.05 44.93
N GLN A 186 6.85 41.76 43.70
CA GLN A 186 8.15 42.16 43.18
C GLN A 186 8.03 43.26 42.14
N THR A 187 6.92 44.00 42.17
CA THR A 187 6.69 45.09 41.24
C THR A 187 6.51 46.39 42.03
N ARG A 188 6.44 47.50 41.30
CA ARG A 188 6.29 48.81 41.89
C ARG A 188 4.86 49.27 41.80
N ILE A 189 4.41 49.95 42.86
CA ILE A 189 3.00 50.41 42.89
C ILE A 189 2.81 51.33 41.69
N LYS A 190 3.71 52.28 41.53
CA LYS A 190 3.54 53.28 40.47
C LYS A 190 3.37 52.62 39.11
N ASP A 191 4.14 51.57 38.83
CA ASP A 191 4.02 50.89 37.54
C ASP A 191 2.66 50.21 37.40
N LEU A 192 2.19 49.55 38.46
CA LEU A 192 0.87 48.93 38.41
C LEU A 192 -0.23 49.97 38.27
N GLU A 193 -0.10 51.11 38.96
CA GLU A 193 -1.06 52.19 38.81
C GLU A 193 -1.08 52.70 37.37
N THR A 194 0.09 52.80 36.76
CA THR A 194 0.15 53.21 35.35
C THR A 194 -0.52 52.19 34.45
N PHE A 195 -0.27 50.91 34.69
CA PHE A 195 -0.74 49.88 33.77
C PHE A 195 -2.25 49.66 33.88
N VAL A 196 -2.80 49.74 35.08
CA VAL A 196 -4.25 49.59 35.22
C VAL A 196 -4.96 50.75 34.53
N THR A 197 -4.39 51.95 34.58
CA THR A 197 -4.94 53.06 33.82
C THR A 197 -4.87 52.80 32.33
N MET A 198 -3.74 52.27 31.85
CA MET A 198 -3.59 51.98 30.42
C MET A 198 -4.47 50.82 29.98
N SER A 199 -4.65 49.81 30.83
CA SER A 199 -5.47 48.67 30.48
C SER A 199 -6.97 48.99 30.50
N GLY A 200 -7.37 50.07 31.16
CA GLY A 200 -8.78 50.44 31.21
C GLY A 200 -9.68 49.49 31.94
N GLU A 201 -9.21 48.93 33.06
CA GLU A 201 -10.02 48.07 33.91
C GLU A 201 -10.08 48.65 35.31
N GLN A 202 -11.26 48.57 35.92
CA GLN A 202 -11.50 49.13 37.25
C GLN A 202 -11.22 48.06 38.30
N VAL A 203 -10.12 48.24 39.04
CA VAL A 203 -9.74 47.35 40.13
C VAL A 203 -9.46 48.20 41.36
N ASP A 204 -10.09 47.86 42.47
CA ASP A 204 -10.02 48.71 43.67
C ASP A 204 -8.75 48.50 44.47
N ASN A 205 -8.19 47.29 44.46
CA ASN A 205 -7.05 46.98 45.30
C ASN A 205 -5.93 46.37 44.47
N PRO A 206 -4.67 46.59 44.86
CA PRO A 206 -3.54 46.08 44.07
C PRO A 206 -3.51 44.56 43.95
N GLU A 207 -3.95 43.83 44.96
CA GLU A 207 -3.79 42.38 44.98
C GLU A 207 -4.85 41.65 44.16
N ASP A 208 -5.71 42.36 43.42
CA ASP A 208 -6.72 41.72 42.59
C ASP A 208 -6.53 42.01 41.11
N VAL A 209 -5.38 42.58 40.72
CA VAL A 209 -5.14 42.89 39.31
C VAL A 209 -5.01 41.60 38.50
N SER A 210 -5.46 41.65 37.25
CA SER A 210 -5.38 40.49 36.38
C SER A 210 -3.94 40.22 35.97
N MET A 211 -3.68 38.96 35.63
CA MET A 211 -2.33 38.57 35.21
C MET A 211 -1.96 39.17 33.86
N ALA A 212 -2.97 39.46 33.03
CA ALA A 212 -2.70 40.06 31.72
C ALA A 212 -2.02 41.41 31.85
N VAL A 213 -2.35 42.17 32.90
CA VAL A 213 -1.72 43.46 33.14
C VAL A 213 -0.58 43.37 34.14
N LEU A 214 -0.49 42.29 34.92
CA LEU A 214 0.58 42.16 35.90
C LEU A 214 1.90 41.77 35.24
N ILE A 215 1.85 40.95 34.19
CA ILE A 215 3.09 40.52 33.53
C ILE A 215 3.85 41.70 32.94
N PRO A 216 3.25 42.58 32.12
CA PRO A 216 4.01 43.75 31.65
C PRO A 216 4.43 44.68 32.78
N ALA A 217 3.62 44.79 33.82
CA ALA A 217 3.99 45.63 34.95
C ALA A 217 5.17 45.04 35.72
N PHE A 218 5.25 43.72 35.79
CA PHE A 218 6.36 43.07 36.49
C PHE A 218 7.68 43.32 35.79
N ILE A 219 7.73 43.07 34.48
CA ILE A 219 8.98 43.21 33.74
C ILE A 219 9.40 44.67 33.65
N THR A 220 8.44 45.59 33.53
CA THR A 220 8.77 47.02 33.49
C THR A 220 9.40 47.46 34.80
N SER A 221 8.86 47.00 35.93
CA SER A 221 9.44 47.34 37.22
C SER A 221 10.78 46.64 37.42
N GLU A 222 10.90 45.38 36.99
CA GLU A 222 12.15 44.66 37.15
C GLU A 222 13.25 45.27 36.28
N LEU A 223 12.88 45.81 35.13
CA LEU A 223 13.86 46.51 34.30
C LEU A 223 14.40 47.75 35.01
N LYS A 224 13.51 48.51 35.64
CA LYS A 224 13.96 49.68 36.41
C LYS A 224 14.86 49.27 37.57
N THR A 225 14.48 48.21 38.27
CA THR A 225 15.30 47.73 39.38
C THR A 225 16.66 47.25 38.89
N ALA A 226 16.69 46.51 37.79
CA ALA A 226 17.96 46.02 37.25
C ALA A 226 18.85 47.16 36.80
N PHE A 227 18.27 48.17 36.14
CA PHE A 227 19.06 49.32 35.71
C PHE A 227 19.60 50.10 36.90
N GLN A 228 18.76 50.31 37.92
CA GLN A 228 19.21 51.05 39.10
C GLN A 228 20.28 50.28 39.88
N ILE A 229 20.12 48.96 40.01
CA ILE A 229 21.14 48.15 40.68
C ILE A 229 22.41 48.10 39.83
N GLY A 230 22.25 47.89 38.52
CA GLY A 230 23.42 47.71 37.66
C GLY A 230 24.29 48.96 37.57
N PHE A 231 23.67 50.13 37.43
CA PHE A 231 24.44 51.35 37.26
C PHE A 231 25.12 51.79 38.55
N MET A 232 24.59 51.39 39.71
CA MET A 232 25.32 51.63 40.95
C MET A 232 26.59 50.80 41.01
N LEU A 233 26.56 49.57 40.47
CA LEU A 233 27.79 48.80 40.33
C LEU A 233 28.72 49.44 39.32
N PHE A 234 28.17 50.18 38.35
CA PHE A 234 28.99 50.85 37.36
C PHE A 234 29.83 51.96 37.98
N LEU A 235 29.30 52.61 39.02
CA LEU A 235 29.93 53.79 39.60
C LEU A 235 31.36 53.54 40.10
N PRO A 236 31.66 52.50 40.87
CA PRO A 236 33.05 52.30 41.30
C PRO A 236 34.02 52.10 40.13
N PHE A 237 33.57 51.44 39.05
CA PHE A 237 34.43 51.28 37.89
C PHE A 237 34.56 52.57 37.09
N LEU A 238 33.56 53.47 37.18
CA LEU A 238 33.71 54.78 36.58
C LEU A 238 34.62 55.68 37.40
N ILE A 239 34.68 55.45 38.72
CA ILE A 239 35.58 56.21 39.58
C ILE A 239 37.03 55.94 39.18
N ILE A 240 37.36 54.68 38.93
CA ILE A 240 38.73 54.33 38.54
C ILE A 240 39.09 55.01 37.22
N ASP A 241 38.16 55.00 36.26
CA ASP A 241 38.42 55.61 34.95
C ASP A 241 38.72 57.10 35.09
N LEU A 242 37.93 57.81 35.89
CA LEU A 242 38.14 59.24 36.05
C LEU A 242 39.46 59.55 36.75
N VAL A 243 39.82 58.73 37.74
CA VAL A 243 41.07 58.97 38.47
C VAL A 243 42.27 58.79 37.56
N VAL A 244 42.32 57.68 36.83
CA VAL A 244 43.49 57.38 36.01
C VAL A 244 43.57 58.36 34.83
N ALA A 245 42.42 58.72 34.25
CA ALA A 245 42.43 59.63 33.12
C ALA A 245 42.94 61.01 33.52
N SER A 246 42.50 61.51 34.68
CA SER A 246 42.97 62.80 35.14
C SER A 246 44.46 62.78 35.48
N VAL A 247 44.93 61.66 36.04
CA VAL A 247 46.36 61.53 36.36
C VAL A 247 47.19 61.56 35.08
N LEU A 248 46.75 60.84 34.05
CA LEU A 248 47.47 60.84 32.78
C LEU A 248 47.47 62.22 32.14
N MET A 249 46.33 62.93 32.24
CA MET A 249 46.25 64.27 31.69
C MET A 249 47.03 65.28 32.53
N ALA A 250 47.33 64.94 33.79
CA ALA A 250 48.10 65.85 34.63
C ALA A 250 49.53 66.01 34.13
N MET A 251 50.11 64.94 33.59
CA MET A 251 51.49 64.96 33.13
C MET A 251 51.62 65.39 31.68
N GLY A 252 50.53 65.77 31.03
CA GLY A 252 50.56 66.15 29.64
C GLY A 252 50.48 65.00 28.66
N MET A 253 50.36 63.76 29.15
CA MET A 253 50.23 62.59 28.30
C MET A 253 48.80 62.49 27.78
N MET A 254 48.45 63.45 26.92
CA MET A 254 47.09 63.56 26.41
C MET A 254 46.76 62.51 25.36
N MET A 255 47.76 61.84 24.79
CA MET A 255 47.52 60.88 23.73
C MET A 255 47.37 59.46 24.23
N LEU A 256 47.88 59.15 25.42
CA LEU A 256 47.74 57.82 26.00
C LEU A 256 46.27 57.58 26.33
N SER A 257 45.71 56.50 25.80
CA SER A 257 44.30 56.20 26.04
C SER A 257 44.11 55.71 27.47
N PRO A 258 43.30 56.37 28.29
CA PRO A 258 43.13 55.92 29.68
C PRO A 258 42.46 54.57 29.80
N MET A 259 41.71 54.13 28.79
CA MET A 259 40.94 52.90 28.91
C MET A 259 41.85 51.67 29.03
N ILE A 260 42.94 51.65 28.26
CA ILE A 260 43.87 50.51 28.35
C ILE A 260 44.62 50.53 29.67
N VAL A 261 44.89 51.72 30.21
CA VAL A 261 45.56 51.81 31.50
C VAL A 261 44.61 51.45 32.63
N SER A 262 43.34 51.84 32.52
CA SER A 262 42.37 51.57 33.57
C SER A 262 41.94 50.11 33.62
N LEU A 263 42.06 49.40 32.51
CA LEU A 263 41.59 48.02 32.43
C LEU A 263 42.20 47.10 33.48
N PRO A 264 43.52 47.07 33.71
CA PRO A 264 44.05 46.21 34.78
C PRO A 264 43.50 46.56 36.16
N PHE A 265 43.27 47.84 36.43
CA PHE A 265 42.78 48.25 37.75
C PHE A 265 41.28 47.98 37.89
N LYS A 266 40.53 48.04 36.79
CA LYS A 266 39.12 47.70 36.84
C LYS A 266 38.91 46.24 37.25
N LEU A 267 39.72 45.35 36.68
CA LEU A 267 39.62 43.93 37.05
C LEU A 267 40.02 43.71 38.50
N MET A 268 41.04 44.43 38.98
CA MET A 268 41.51 44.23 40.35
C MET A 268 40.47 44.64 41.36
N LEU A 269 39.76 45.75 41.10
CA LEU A 269 38.73 46.19 42.03
C LEU A 269 37.64 45.12 42.19
N PHE A 270 37.25 44.48 41.09
CA PHE A 270 36.20 43.49 41.14
C PHE A 270 36.64 42.22 41.88
N VAL A 271 37.91 41.85 41.76
CA VAL A 271 38.38 40.62 42.39
C VAL A 271 38.72 40.84 43.86
N LEU A 272 39.14 42.06 44.22
CA LEU A 272 39.48 42.34 45.62
C LEU A 272 38.24 42.35 46.51
N VAL A 273 37.10 42.79 45.97
CA VAL A 273 35.87 42.89 46.74
C VAL A 273 35.09 41.58 46.65
N ASP A 274 35.68 40.58 46.00
CA ASP A 274 34.99 39.32 45.70
C ASP A 274 33.67 39.59 44.99
N GLY A 275 33.78 40.23 43.83
CA GLY A 275 32.59 40.73 43.16
C GLY A 275 31.62 39.64 42.74
N TRP A 276 32.16 38.54 42.21
CA TRP A 276 31.28 37.48 41.71
C TRP A 276 30.45 36.83 42.81
N ASN A 277 30.86 36.96 44.07
CA ASN A 277 30.03 36.49 45.18
C ASN A 277 29.18 37.59 45.77
N LEU A 278 29.65 38.84 45.70
CA LEU A 278 28.94 39.94 46.33
C LEU A 278 27.66 40.29 45.58
N ILE A 279 27.73 40.37 44.24
CA ILE A 279 26.56 40.73 43.46
C ILE A 279 25.51 39.64 43.52
N LEU A 280 25.94 38.37 43.47
CA LEU A 280 24.99 37.27 43.47
C LEU A 280 24.30 37.13 44.82
N SER A 281 25.04 37.35 45.91
CA SER A 281 24.44 37.30 47.24
C SER A 281 23.36 38.36 47.39
N THR A 282 23.64 39.59 46.96
CA THR A 282 22.65 40.65 47.05
C THR A 282 21.50 40.41 46.09
N LEU A 283 21.80 39.92 44.88
CA LEU A 283 20.74 39.63 43.92
C LEU A 283 19.81 38.55 44.44
N ALA A 284 20.37 37.50 45.05
CA ALA A 284 19.52 36.47 45.65
C ALA A 284 18.68 37.01 46.78
N GLY A 285 19.29 37.83 47.66
CA GLY A 285 18.56 38.40 48.77
C GLY A 285 17.67 39.56 48.40
N SER A 286 17.82 40.11 47.19
CA SER A 286 16.99 41.23 46.76
C SER A 286 15.54 40.81 46.60
N PHE A 287 15.29 39.61 46.09
CA PHE A 287 13.92 39.13 45.85
C PHE A 287 13.28 38.81 47.20
N ALA A 288 12.32 39.64 47.59
CA ALA A 288 11.58 39.48 48.85
C ALA A 288 12.52 39.40 50.05
N GLU B 81 17.19 -1.89 39.22
CA GLU B 81 16.61 -2.24 37.93
C GLU B 81 17.23 -1.42 36.81
N ASP B 82 18.08 -2.06 36.01
CA ASP B 82 18.77 -1.36 34.92
C ASP B 82 17.76 -0.89 33.87
N TYR B 83 18.04 0.27 33.27
CA TYR B 83 17.17 0.80 32.25
C TYR B 83 17.23 -0.04 30.99
N SER B 84 16.17 0.05 30.18
CA SER B 84 16.15 -0.65 28.90
C SER B 84 17.19 -0.06 27.95
N VAL B 85 17.54 -0.85 26.93
CA VAL B 85 18.57 -0.42 25.99
C VAL B 85 18.13 0.84 25.26
N THR B 86 16.83 0.94 24.93
CA THR B 86 16.34 2.11 24.22
C THR B 86 16.49 3.38 25.05
N LEU B 87 16.18 3.31 26.35
CA LEU B 87 16.35 4.47 27.21
C LEU B 87 17.81 4.84 27.39
N GLN B 88 18.69 3.83 27.53
CA GLN B 88 20.11 4.12 27.69
C GLN B 88 20.70 4.81 26.47
N ILE B 89 20.29 4.37 25.27
CA ILE B 89 20.71 5.07 24.06
C ILE B 89 20.18 6.50 24.06
N LEU B 90 18.92 6.68 24.44
CA LEU B 90 18.33 8.01 24.49
C LEU B 90 18.97 8.86 25.58
N ALA B 91 19.46 8.23 26.64
CA ALA B 91 20.05 8.99 27.74
C ALA B 91 21.41 9.56 27.36
N LEU B 92 22.28 8.75 26.73
CA LEU B 92 23.61 9.23 26.39
C LEU B 92 23.64 9.98 25.07
N MET B 93 22.59 9.90 24.25
CA MET B 93 22.49 10.79 23.10
C MET B 93 22.13 12.20 23.55
N THR B 94 21.52 12.34 24.72
CA THR B 94 21.24 13.65 25.27
C THR B 94 22.51 14.30 25.81
N MET B 95 23.47 13.50 26.27
CA MET B 95 24.73 14.04 26.75
C MET B 95 25.47 14.77 25.64
N LEU B 96 25.41 14.25 24.42
CA LEU B 96 26.01 14.95 23.29
C LEU B 96 25.38 16.33 23.07
N GLY B 97 24.07 16.45 23.32
CA GLY B 97 23.43 17.75 23.20
C GLY B 97 23.96 18.75 24.19
N PHE B 98 24.22 18.32 25.41
CA PHE B 98 24.74 19.18 26.47
C PHE B 98 26.26 19.24 26.50
N LEU B 99 26.93 18.61 25.52
CA LEU B 99 28.40 18.62 25.48
C LEU B 99 28.99 20.02 25.43
N PRO B 100 28.52 20.96 24.60
CA PRO B 100 29.09 22.31 24.66
C PRO B 100 28.96 22.98 26.02
N ALA B 101 27.86 22.73 26.73
CA ALA B 101 27.68 23.31 28.05
C ALA B 101 28.72 22.78 29.03
N MET B 102 29.04 21.48 28.95
CA MET B 102 30.03 20.91 29.86
C MET B 102 31.39 21.55 29.65
N VAL B 103 31.77 21.78 28.39
CA VAL B 103 33.09 22.36 28.11
C VAL B 103 33.20 23.76 28.68
N ILE B 104 32.15 24.58 28.50
CA ILE B 104 32.25 25.98 28.89
C ILE B 104 32.03 26.17 30.38
N LEU B 105 31.48 25.17 31.08
CA LEU B 105 31.17 25.30 32.49
C LEU B 105 31.99 24.38 33.38
N MET B 106 32.01 23.09 33.10
CA MET B 106 32.60 22.11 34.01
C MET B 106 34.06 21.81 33.71
N THR B 107 34.66 22.43 32.71
CA THR B 107 36.02 22.12 32.28
C THR B 107 36.93 23.33 32.48
N SER B 108 38.16 23.20 31.98
CA SER B 108 39.15 24.26 32.05
C SER B 108 39.10 25.22 30.87
N PHE B 109 38.14 25.03 29.96
CA PHE B 109 38.09 25.86 28.77
C PHE B 109 37.79 27.32 29.11
N THR B 110 37.08 27.56 30.21
CA THR B 110 36.70 28.92 30.57
C THR B 110 37.92 29.77 30.94
N ARG B 111 38.76 29.26 31.84
CA ARG B 111 39.89 30.05 32.31
C ARG B 111 40.89 30.32 31.19
N ILE B 112 41.18 29.31 30.37
CA ILE B 112 42.22 29.44 29.35
C ILE B 112 41.82 30.50 28.33
N VAL B 113 40.55 30.52 27.92
CA VAL B 113 40.09 31.51 26.96
C VAL B 113 40.18 32.92 27.55
N VAL B 114 39.78 33.07 28.82
CA VAL B 114 39.78 34.39 29.44
C VAL B 114 41.20 34.93 29.55
N VAL B 115 42.14 34.10 29.99
CA VAL B 115 43.52 34.57 30.18
C VAL B 115 44.12 35.00 28.85
N MET B 116 43.91 34.21 27.80
CA MET B 116 44.43 34.58 26.49
C MET B 116 43.67 35.78 25.91
N SER B 117 42.40 35.95 26.28
CA SER B 117 41.65 37.13 25.84
C SER B 117 42.21 38.40 26.47
N ILE B 118 42.51 38.35 27.77
CA ILE B 118 43.11 39.50 28.44
C ILE B 118 44.54 39.71 27.94
N LEU B 119 45.26 38.63 27.69
CA LEU B 119 46.62 38.74 27.16
C LEU B 119 46.62 39.43 25.80
N ARG B 120 45.65 39.12 24.95
CA ARG B 120 45.55 39.77 23.65
C ARG B 120 45.30 41.27 23.81
N GLN B 121 44.41 41.64 24.74
CA GLN B 121 44.14 43.05 24.99
C GLN B 121 45.33 43.77 25.61
N ALA B 122 46.19 43.05 26.33
CA ALA B 122 47.37 43.68 26.91
C ALA B 122 48.32 44.20 25.84
N MET B 123 48.52 43.42 24.77
CA MET B 123 49.33 43.88 23.66
C MET B 123 48.52 44.80 22.75
N GLY B 124 49.24 45.55 21.92
CA GLY B 124 48.59 46.55 21.08
C GLY B 124 47.65 45.96 20.04
N LEU B 125 47.97 44.76 19.53
CA LEU B 125 47.15 44.14 18.52
C LEU B 125 45.74 43.88 19.04
N GLN B 126 44.74 44.27 18.25
CA GLN B 126 43.35 44.18 18.69
C GLN B 126 42.82 42.76 18.55
N GLN B 127 42.90 42.19 17.34
CA GLN B 127 42.35 40.88 17.06
C GLN B 127 43.29 40.05 16.18
N THR B 128 44.59 40.29 16.31
CA THR B 128 45.57 39.53 15.52
C THR B 128 45.56 38.04 15.85
N PRO B 129 45.61 37.61 17.12
CA PRO B 129 45.57 36.16 17.37
C PRO B 129 44.29 35.48 16.91
N SER B 130 43.21 36.24 16.70
CA SER B 130 41.94 35.74 16.18
C SER B 130 41.22 34.85 17.19
N ASN B 131 39.88 34.84 17.13
CA ASN B 131 39.11 34.07 18.09
C ASN B 131 39.26 32.57 17.84
N GLN B 132 39.25 32.15 16.58
CA GLN B 132 39.30 30.72 16.26
C GLN B 132 40.62 30.10 16.68
N VAL B 133 41.73 30.81 16.48
CA VAL B 133 43.03 30.29 16.91
C VAL B 133 43.11 30.23 18.42
N ILE B 134 42.53 31.23 19.11
CA ILE B 134 42.50 31.23 20.56
C ILE B 134 41.71 30.02 21.08
N ILE B 135 40.55 29.76 20.47
CA ILE B 135 39.75 28.62 20.87
C ILE B 135 40.46 27.31 20.53
N GLY B 136 41.16 27.28 19.39
CA GLY B 136 41.85 26.06 18.99
C GLY B 136 42.93 25.66 19.98
N ILE B 137 43.76 26.63 20.39
CA ILE B 137 44.79 26.33 21.39
C ILE B 137 44.16 25.98 22.72
N ALA B 138 43.05 26.65 23.06
CA ALA B 138 42.37 26.35 24.32
C ALA B 138 41.81 24.93 24.33
N LEU B 139 41.26 24.48 23.20
CA LEU B 139 40.73 23.13 23.12
C LEU B 139 41.82 22.09 23.30
N PHE B 140 42.99 22.32 22.69
CA PHE B 140 44.12 21.40 22.90
C PHE B 140 44.60 21.45 24.35
N LEU B 141 44.62 22.64 24.95
CA LEU B 141 45.06 22.76 26.33
C LEU B 141 44.09 22.10 27.30
N THR B 142 42.78 22.30 27.10
CA THR B 142 41.80 21.69 28.00
C THR B 142 41.73 20.18 27.81
N PHE B 143 42.13 19.67 26.64
CA PHE B 143 42.17 18.23 26.44
C PHE B 143 43.34 17.62 27.18
N PHE B 144 44.48 18.31 27.22
CA PHE B 144 45.67 17.75 27.86
C PHE B 144 45.59 17.80 29.38
N VAL B 145 44.94 18.82 29.94
CA VAL B 145 44.84 18.92 31.39
C VAL B 145 43.70 18.08 31.96
N MET B 146 42.70 17.75 31.14
CA MET B 146 41.60 16.90 31.59
C MET B 146 41.80 15.44 31.23
N SER B 147 42.94 15.07 30.67
CA SER B 147 43.21 13.66 30.39
C SER B 147 43.16 12.77 31.63
N PRO B 148 43.77 13.14 32.78
CA PRO B 148 43.64 12.26 33.95
C PRO B 148 42.19 12.03 34.38
N VAL B 149 41.35 13.05 34.32
CA VAL B 149 39.94 12.86 34.68
C VAL B 149 39.23 12.03 33.61
N LEU B 150 39.53 12.27 32.34
CA LEU B 150 38.95 11.45 31.28
C LEU B 150 39.42 10.00 31.38
N ASN B 151 40.70 9.79 31.67
CA ASN B 151 41.20 8.43 31.85
C ASN B 151 40.55 7.76 33.06
N GLU B 152 40.34 8.51 34.14
CA GLU B 152 39.69 7.95 35.31
C GLU B 152 38.25 7.58 35.01
N ILE B 153 37.55 8.40 34.22
CA ILE B 153 36.17 8.07 33.83
C ILE B 153 36.15 6.76 33.06
N ASN B 154 37.05 6.61 32.08
CA ASN B 154 37.09 5.39 31.28
C ASN B 154 37.43 4.18 32.14
N ASP B 155 38.42 4.32 33.02
CA ASP B 155 38.92 3.18 33.79
C ASP B 155 38.07 2.89 35.02
N LYS B 156 37.09 3.73 35.34
CA LYS B 156 36.19 3.47 36.46
C LYS B 156 34.75 3.28 36.04
N ALA B 157 34.30 3.91 34.96
CA ALA B 157 32.90 3.86 34.55
C ALA B 157 32.70 3.24 33.18
N VAL B 158 33.46 3.68 32.17
CA VAL B 158 33.21 3.23 30.81
C VAL B 158 33.55 1.75 30.66
N GLN B 159 34.73 1.34 31.13
CA GLN B 159 35.14 -0.06 30.98
C GLN B 159 34.24 -1.01 31.75
N PRO B 160 33.90 -0.78 33.03
CA PRO B 160 32.92 -1.68 33.68
C PRO B 160 31.56 -1.71 32.98
N TYR B 161 31.13 -0.56 32.43
CA TYR B 161 29.85 -0.52 31.73
C TYR B 161 29.89 -1.33 30.44
N LEU B 162 30.99 -1.23 29.69
CA LEU B 162 31.13 -2.00 28.47
C LEU B 162 31.30 -3.49 28.76
N ASN B 163 31.87 -3.83 29.91
CA ASN B 163 32.13 -5.22 30.27
C ASN B 163 31.05 -5.80 31.18
N GLU B 164 29.92 -5.11 31.32
CA GLU B 164 28.79 -5.59 32.12
C GLU B 164 29.17 -5.89 33.56
N GLN B 165 30.01 -5.03 34.15
CA GLN B 165 30.37 -5.17 35.55
C GLN B 165 29.46 -4.36 36.46
N VAL B 166 28.99 -3.20 35.98
CA VAL B 166 28.08 -2.34 36.73
C VAL B 166 26.91 -1.99 35.82
N THR B 167 25.86 -1.46 36.43
CA THR B 167 24.65 -1.09 35.71
C THR B 167 24.78 0.32 35.17
N ALA B 168 23.70 0.87 34.61
CA ALA B 168 23.75 2.19 34.00
C ALA B 168 23.92 3.28 35.05
N ARG B 169 23.13 3.22 36.13
CA ARG B 169 23.22 4.24 37.17
C ARG B 169 24.57 4.22 37.87
N GLU B 170 25.10 3.03 38.16
CA GLU B 170 26.41 2.94 38.78
C GLU B 170 27.49 3.47 37.85
N ALA B 171 27.38 3.18 36.56
CA ALA B 171 28.33 3.73 35.60
C ALA B 171 28.21 5.25 35.53
N PHE B 172 26.99 5.77 35.58
CA PHE B 172 26.80 7.22 35.57
C PHE B 172 27.42 7.86 36.81
N ASP B 173 27.21 7.26 37.98
CA ASP B 173 27.81 7.79 39.21
C ASP B 173 29.33 7.66 39.17
N ALA B 174 29.83 6.53 38.67
CA ALA B 174 31.28 6.33 38.61
C ALA B 174 31.95 7.32 37.67
N ALA B 175 31.23 7.77 36.64
CA ALA B 175 31.78 8.77 35.73
C ALA B 175 31.75 10.18 36.33
N GLN B 176 30.76 10.46 37.17
CA GLN B 176 30.61 11.81 37.73
C GLN B 176 31.62 12.08 38.83
N ALA B 177 32.03 11.06 39.59
CA ALA B 177 32.89 11.28 40.74
C ALA B 177 34.23 11.91 40.39
N PRO B 178 34.99 11.42 39.41
CA PRO B 178 36.22 12.13 39.04
C PRO B 178 35.98 13.54 38.54
N MET B 179 34.86 13.79 37.85
CA MET B 179 34.54 15.14 37.42
C MET B 179 34.32 16.07 38.60
N LYS B 180 33.61 15.60 39.62
CA LYS B 180 33.36 16.42 40.80
C LYS B 180 34.64 16.69 41.56
N ALA B 181 35.56 15.73 41.59
CA ALA B 181 36.83 15.94 42.28
C ALA B 181 37.65 17.02 41.61
N PHE B 182 37.57 17.13 40.28
CA PHE B 182 38.32 18.15 39.56
C PHE B 182 37.78 19.55 39.83
N MET B 183 36.46 19.70 39.81
CA MET B 183 35.86 21.01 40.08
C MET B 183 36.11 21.44 41.51
N LEU B 184 36.00 20.51 42.47
CA LEU B 184 36.21 20.87 43.87
C LEU B 184 37.68 21.20 44.15
N LYS B 185 38.60 20.60 43.41
CA LYS B 185 40.01 20.89 43.64
C LYS B 185 40.35 22.33 43.26
N GLN B 186 39.76 22.84 42.18
CA GLN B 186 40.07 24.17 41.66
C GLN B 186 38.98 25.18 41.95
N THR B 187 38.32 25.09 43.11
CA THR B 187 37.29 26.03 43.50
C THR B 187 37.72 26.77 44.76
N ARG B 188 36.87 27.71 45.20
CA ARG B 188 37.15 28.51 46.42
C ARG B 188 36.14 28.12 47.49
N ILE B 189 36.56 28.14 48.76
CA ILE B 189 35.57 27.86 49.85
C ILE B 189 34.48 28.93 49.84
N LYS B 190 34.86 30.20 49.98
CA LYS B 190 33.80 31.24 50.07
C LYS B 190 32.77 31.05 48.94
N ASP B 191 33.21 30.69 47.74
CA ASP B 191 32.27 30.49 46.64
C ASP B 191 31.35 29.31 46.93
N LEU B 192 31.90 28.22 47.46
CA LEU B 192 31.06 27.12 47.92
C LEU B 192 30.15 27.56 49.06
N GLU B 193 30.66 28.37 49.98
CA GLU B 193 29.79 28.75 51.11
C GLU B 193 28.66 29.61 50.53
N THR B 194 28.99 30.53 49.62
CA THR B 194 27.96 31.41 49.11
C THR B 194 26.79 30.63 48.52
N PHE B 195 27.08 29.56 47.79
CA PHE B 195 26.02 28.87 47.05
C PHE B 195 25.28 27.85 47.90
N VAL B 196 25.94 27.25 48.90
CA VAL B 196 25.26 26.29 49.75
C VAL B 196 24.20 26.99 50.61
N THR B 197 24.49 28.21 51.06
CA THR B 197 23.52 28.94 51.87
C THR B 197 22.31 29.35 51.05
N MET B 198 22.53 29.83 49.82
CA MET B 198 21.42 30.24 48.97
C MET B 198 20.54 29.05 48.59
N SER B 199 21.15 27.91 48.26
CA SER B 199 20.38 26.72 47.96
C SER B 199 19.59 26.25 49.17
N GLY B 200 20.21 26.29 50.34
CA GLY B 200 19.53 25.88 51.56
C GLY B 200 19.63 24.41 51.86
N GLU B 201 20.84 23.89 51.95
CA GLU B 201 21.07 22.49 52.28
C GLU B 201 22.17 22.39 53.32
N GLN B 202 22.12 21.33 54.13
CA GLN B 202 23.13 21.10 55.15
C GLN B 202 24.43 20.64 54.51
N VAL B 203 25.53 21.24 54.95
CA VAL B 203 26.86 20.89 54.47
C VAL B 203 27.80 20.83 55.67
N ASP B 204 28.60 19.77 55.75
CA ASP B 204 29.55 19.60 56.84
C ASP B 204 30.94 19.36 56.27
N ASN B 205 31.01 18.79 55.07
CA ASN B 205 32.25 18.56 54.36
C ASN B 205 32.13 19.05 52.93
N PRO B 206 33.24 19.45 52.29
CA PRO B 206 33.16 19.91 50.90
C PRO B 206 32.62 18.87 49.93
N GLU B 207 32.86 17.58 50.19
CA GLU B 207 32.52 16.53 49.24
C GLU B 207 31.13 15.95 49.55
N ASP B 208 30.15 16.84 49.68
CA ASP B 208 28.76 16.42 49.80
C ASP B 208 27.79 17.26 48.98
N VAL B 209 28.27 18.28 48.27
CA VAL B 209 27.39 19.18 47.55
C VAL B 209 26.96 18.56 46.23
N SER B 210 25.70 18.80 45.86
CA SER B 210 25.20 18.32 44.59
C SER B 210 25.83 19.10 43.43
N MET B 211 25.89 18.45 42.27
CA MET B 211 26.49 19.08 41.10
C MET B 211 25.73 20.34 40.69
N ALA B 212 24.45 20.43 41.05
CA ALA B 212 23.67 21.62 40.72
C ALA B 212 24.21 22.85 41.43
N VAL B 213 24.80 22.68 42.61
CA VAL B 213 25.33 23.81 43.38
C VAL B 213 26.84 23.93 43.25
N LEU B 214 27.51 22.96 42.63
CA LEU B 214 28.96 23.04 42.43
C LEU B 214 29.31 23.74 41.13
N ILE B 215 28.48 23.59 40.09
CA ILE B 215 28.76 24.21 38.81
C ILE B 215 28.82 25.74 38.89
N PRO B 216 27.83 26.42 39.47
CA PRO B 216 27.93 27.89 39.53
C PRO B 216 29.03 28.38 40.45
N ALA B 217 29.39 27.59 41.47
CA ALA B 217 30.48 27.98 42.35
C ALA B 217 31.83 27.80 41.67
N PHE B 218 31.95 26.80 40.80
CA PHE B 218 33.22 26.52 40.14
C PHE B 218 33.55 27.59 39.11
N ILE B 219 32.57 27.97 38.29
CA ILE B 219 32.82 28.96 37.24
C ILE B 219 33.15 30.32 37.84
N THR B 220 32.49 30.66 38.95
CA THR B 220 32.82 31.91 39.64
C THR B 220 34.25 31.90 40.14
N SER B 221 34.69 30.75 40.69
CA SER B 221 36.07 30.64 41.15
C SER B 221 37.05 30.75 39.98
N GLU B 222 36.71 30.14 38.84
CA GLU B 222 37.60 30.19 37.68
C GLU B 222 37.73 31.61 37.13
N LEU B 223 36.62 32.36 37.10
CA LEU B 223 36.67 33.72 36.60
C LEU B 223 37.56 34.61 37.47
N LYS B 224 37.46 34.48 38.79
CA LYS B 224 38.35 35.23 39.68
C LYS B 224 39.79 34.82 39.47
N THR B 225 40.06 33.52 39.36
CA THR B 225 41.42 33.06 39.13
C THR B 225 41.95 33.53 37.78
N ALA B 226 41.10 33.51 36.75
CA ALA B 226 41.52 33.98 35.44
C ALA B 226 41.84 35.47 35.45
N PHE B 227 41.03 36.27 36.16
CA PHE B 227 41.28 37.69 36.24
C PHE B 227 42.60 37.98 36.95
N GLN B 228 42.91 37.22 38.00
CA GLN B 228 44.17 37.43 38.72
C GLN B 228 45.36 37.13 37.82
N ILE B 229 45.29 36.03 37.06
CA ILE B 229 46.38 35.70 36.14
C ILE B 229 46.50 36.76 35.06
N GLY B 230 45.38 37.23 34.52
CA GLY B 230 45.42 38.24 33.49
C GLY B 230 46.03 39.55 33.98
N PHE B 231 45.78 39.89 35.24
CA PHE B 231 46.34 41.10 35.82
C PHE B 231 47.87 41.02 35.85
N MET B 232 48.39 39.87 36.25
CA MET B 232 49.86 39.74 36.35
C MET B 232 50.44 39.93 34.94
N LEU B 233 49.89 39.25 33.94
CA LEU B 233 50.45 39.33 32.59
C LEU B 233 50.31 40.73 32.01
N PHE B 234 49.33 41.50 32.46
CA PHE B 234 49.10 42.83 31.91
C PHE B 234 50.17 43.81 32.37
N LEU B 235 50.65 43.67 33.60
CA LEU B 235 51.55 44.65 34.21
C LEU B 235 52.81 44.93 33.40
N PRO B 236 53.57 43.94 32.92
CA PRO B 236 54.79 44.28 32.17
C PRO B 236 54.54 45.10 30.92
N PHE B 237 53.41 44.88 30.25
CA PHE B 237 53.09 45.68 29.07
C PHE B 237 52.66 47.09 29.47
N LEU B 238 52.01 47.23 30.62
CA LEU B 238 51.65 48.55 31.13
C LEU B 238 52.89 49.36 31.45
N ILE B 239 53.93 48.72 31.98
CA ILE B 239 55.18 49.43 32.29
C ILE B 239 55.81 49.98 31.02
N ILE B 240 55.84 49.16 29.96
CA ILE B 240 56.40 49.63 28.70
C ILE B 240 55.62 50.81 28.16
N ASP B 241 54.29 50.74 28.23
CA ASP B 241 53.46 51.82 27.70
C ASP B 241 53.71 53.12 28.45
N LEU B 242 53.86 53.04 29.78
CA LEU B 242 54.14 54.23 30.56
C LEU B 242 55.52 54.79 30.25
N VAL B 243 56.52 53.92 30.08
CA VAL B 243 57.88 54.39 29.80
C VAL B 243 57.92 55.12 28.46
N VAL B 244 57.38 54.49 27.42
CA VAL B 244 57.50 55.06 26.08
C VAL B 244 56.68 56.35 25.96
N ALA B 245 55.54 56.42 26.66
CA ALA B 245 54.75 57.65 26.63
C ALA B 245 55.45 58.77 27.38
N SER B 246 56.11 58.45 28.51
CA SER B 246 56.80 59.46 29.28
C SER B 246 58.04 59.98 28.55
N VAL B 247 58.75 59.09 27.85
CA VAL B 247 59.95 59.50 27.13
C VAL B 247 59.59 60.48 26.01
N LEU B 248 58.52 60.21 25.28
CA LEU B 248 58.09 61.13 24.23
C LEU B 248 57.73 62.50 24.80
N MET B 249 57.08 62.51 25.98
CA MET B 249 56.77 63.78 26.63
C MET B 249 58.03 64.48 27.12
N ALA B 250 59.10 63.72 27.39
CA ALA B 250 60.36 64.34 27.81
C ALA B 250 60.94 65.20 26.69
N MET B 251 60.90 64.72 25.45
CA MET B 251 61.34 65.54 24.33
C MET B 251 60.34 66.63 23.98
N GLY B 252 59.08 66.48 24.38
CA GLY B 252 58.06 67.49 24.15
C GLY B 252 57.13 67.22 23.00
N MET B 253 57.23 66.05 22.35
CA MET B 253 56.35 65.70 21.24
C MET B 253 55.12 65.01 21.81
N MET B 254 54.12 65.82 22.20
CA MET B 254 52.91 65.27 22.80
C MET B 254 51.97 64.66 21.77
N MET B 255 51.95 65.21 20.55
CA MET B 255 51.01 64.74 19.54
C MET B 255 51.33 63.34 19.01
N LEU B 256 52.60 62.91 19.10
CA LEU B 256 52.97 61.59 18.63
C LEU B 256 52.30 60.53 19.50
N SER B 257 51.63 59.57 18.86
CA SER B 257 50.86 58.56 19.59
C SER B 257 51.79 57.54 20.25
N PRO B 258 51.72 57.38 21.57
CA PRO B 258 52.52 56.32 22.21
C PRO B 258 52.16 54.93 21.73
N MET B 259 50.89 54.68 21.37
CA MET B 259 50.45 53.34 21.04
C MET B 259 51.17 52.80 19.81
N ILE B 260 51.33 53.63 18.78
CA ILE B 260 52.01 53.19 17.57
C ILE B 260 53.49 52.96 17.84
N VAL B 261 54.11 53.85 18.63
CA VAL B 261 55.54 53.74 18.92
C VAL B 261 55.84 52.74 20.02
N SER B 262 54.81 52.08 20.58
CA SER B 262 55.02 51.07 21.61
C SER B 262 54.71 49.66 21.15
N LEU B 263 53.94 49.49 20.08
CA LEU B 263 53.60 48.15 19.61
C LEU B 263 54.81 47.30 19.25
N PRO B 264 55.82 47.79 18.53
CA PRO B 264 56.98 46.93 18.25
C PRO B 264 57.68 46.44 19.50
N PHE B 265 57.74 47.28 20.54
CA PHE B 265 58.43 46.88 21.76
C PHE B 265 57.58 45.91 22.58
N LYS B 266 56.26 46.08 22.56
CA LYS B 266 55.38 45.12 23.22
C LYS B 266 55.49 43.75 22.56
N LEU B 267 55.50 43.72 21.22
CA LEU B 267 55.64 42.45 20.52
C LEU B 267 56.99 41.81 20.77
N MET B 268 58.05 42.61 20.75
CA MET B 268 59.40 42.06 20.95
C MET B 268 59.56 41.48 22.34
N LEU B 269 59.00 42.14 23.36
CA LEU B 269 59.06 41.59 24.72
C LEU B 269 58.40 40.22 24.76
N PHE B 270 57.26 40.06 24.10
CA PHE B 270 56.60 38.77 24.05
C PHE B 270 57.42 37.73 23.29
N VAL B 271 58.39 38.16 22.49
CA VAL B 271 59.18 37.21 21.69
C VAL B 271 60.37 36.70 22.49
N LEU B 272 61.27 37.61 22.91
CA LEU B 272 62.47 37.18 23.59
C LEU B 272 62.19 36.57 24.97
N VAL B 273 61.05 36.88 25.57
CA VAL B 273 60.61 36.17 26.77
C VAL B 273 59.94 34.85 26.43
N ASP B 274 59.56 34.65 25.18
CA ASP B 274 58.88 33.43 24.72
C ASP B 274 57.57 33.22 25.48
N GLY B 275 56.66 34.18 25.29
CA GLY B 275 55.42 34.18 26.05
C GLY B 275 54.49 33.02 25.70
N TRP B 276 54.45 32.64 24.42
CA TRP B 276 53.46 31.65 23.98
C TRP B 276 53.70 30.28 24.57
N ASN B 277 54.87 30.04 25.18
CA ASN B 277 55.16 28.75 25.80
C ASN B 277 54.99 28.77 27.31
N LEU B 278 55.55 29.77 27.99
CA LEU B 278 55.47 29.81 29.44
C LEU B 278 54.05 30.15 29.91
N ILE B 279 53.34 31.02 29.19
CA ILE B 279 51.98 31.38 29.60
C ILE B 279 51.06 30.17 29.50
N LEU B 280 51.16 29.41 28.41
CA LEU B 280 50.40 28.18 28.30
C LEU B 280 50.85 27.16 29.35
N SER B 281 52.15 27.12 29.64
CA SER B 281 52.65 26.23 30.69
C SER B 281 52.08 26.61 32.06
N THR B 282 52.01 27.91 32.35
CA THR B 282 51.42 28.34 33.61
C THR B 282 49.95 27.99 33.70
N LEU B 283 49.21 28.16 32.59
CA LEU B 283 47.80 27.78 32.58
C LEU B 283 47.63 26.29 32.83
N ALA B 284 48.46 25.46 32.19
CA ALA B 284 48.46 24.04 32.49
C ALA B 284 48.91 23.79 33.93
N GLY B 285 49.94 24.51 34.38
CA GLY B 285 50.42 24.33 35.74
C GLY B 285 49.42 24.79 36.78
N SER B 286 48.66 25.85 36.48
CA SER B 286 47.74 26.41 37.46
C SER B 286 46.64 25.43 37.84
N PHE B 287 46.24 24.56 36.91
CA PHE B 287 45.21 23.57 37.20
C PHE B 287 45.75 22.36 37.95
N ALA B 288 47.06 22.25 38.14
CA ALA B 288 47.65 21.13 38.86
C ALA B 288 48.92 21.54 39.58
N GLU C 81 0.86 40.49 -19.69
CA GLU C 81 1.94 41.45 -19.83
C GLU C 81 2.37 41.99 -18.46
N ASP C 82 1.39 42.43 -17.68
CA ASP C 82 1.66 42.96 -16.35
C ASP C 82 2.19 41.86 -15.44
N TYR C 83 3.10 42.24 -14.54
CA TYR C 83 3.71 41.28 -13.64
C TYR C 83 2.67 40.62 -12.75
N SER C 84 2.86 39.33 -12.50
CA SER C 84 1.95 38.59 -11.65
C SER C 84 2.11 39.03 -10.20
N VAL C 85 1.11 38.67 -9.38
CA VAL C 85 1.11 39.09 -7.97
C VAL C 85 2.34 38.54 -7.26
N THR C 86 2.72 37.31 -7.57
CA THR C 86 3.91 36.72 -6.96
C THR C 86 5.17 37.51 -7.33
N LEU C 87 5.28 37.93 -8.58
CA LEU C 87 6.48 38.64 -9.03
C LEU C 87 6.51 40.06 -8.49
N GLN C 88 5.34 40.71 -8.39
CA GLN C 88 5.29 42.06 -7.84
C GLN C 88 5.72 42.08 -6.38
N ILE C 89 5.34 41.05 -5.62
CA ILE C 89 5.76 40.93 -4.22
C ILE C 89 7.28 40.81 -4.14
N LEU C 90 7.86 40.00 -5.03
CA LEU C 90 9.31 39.82 -5.03
C LEU C 90 10.03 41.14 -5.30
N ALA C 91 9.51 41.94 -6.23
CA ALA C 91 10.10 43.24 -6.50
C ALA C 91 9.96 44.17 -5.29
N LEU C 92 8.80 44.12 -4.62
CA LEU C 92 8.58 44.98 -3.46
C LEU C 92 9.57 44.67 -2.35
N MET C 93 9.78 43.39 -2.06
CA MET C 93 10.72 43.02 -1.00
C MET C 93 12.15 43.37 -1.39
N THR C 94 12.47 43.32 -2.68
CA THR C 94 13.81 43.67 -3.13
C THR C 94 14.12 45.14 -2.86
N MET C 95 13.16 46.02 -3.14
CA MET C 95 13.39 47.45 -2.92
C MET C 95 13.49 47.77 -1.43
N LEU C 96 12.80 47.01 -0.60
CA LEU C 96 12.93 47.19 0.85
C LEU C 96 14.32 46.80 1.32
N GLY C 97 14.91 45.77 0.71
CA GLY C 97 16.27 45.40 1.06
C GLY C 97 17.28 46.47 0.69
N PHE C 98 17.07 47.14 -0.44
CA PHE C 98 17.93 48.23 -0.87
C PHE C 98 17.52 49.58 -0.32
N LEU C 99 16.55 49.62 0.60
CA LEU C 99 16.07 50.88 1.13
C LEU C 99 17.16 51.76 1.75
N PRO C 100 18.10 51.24 2.55
CA PRO C 100 19.18 52.11 3.04
C PRO C 100 19.98 52.76 1.94
N ALA C 101 20.19 52.07 0.82
CA ALA C 101 20.94 52.66 -0.29
C ALA C 101 20.17 53.81 -0.92
N MET C 102 18.85 53.69 -1.07
CA MET C 102 18.07 54.74 -1.71
C MET C 102 18.07 56.01 -0.85
N VAL C 103 18.16 55.86 0.46
CA VAL C 103 18.21 57.02 1.35
C VAL C 103 19.53 57.77 1.18
N ILE C 104 20.65 57.03 1.17
CA ILE C 104 21.97 57.65 1.21
C ILE C 104 22.57 57.88 -0.16
N LEU C 105 21.91 57.44 -1.23
CA LEU C 105 22.41 57.66 -2.58
C LEU C 105 21.47 58.43 -3.48
N MET C 106 20.16 58.42 -3.20
CA MET C 106 19.19 59.10 -4.04
C MET C 106 18.51 60.29 -3.37
N THR C 107 18.30 60.24 -2.06
CA THR C 107 17.64 61.33 -1.35
C THR C 107 18.68 62.35 -0.90
N SER C 108 18.26 63.26 -0.02
CA SER C 108 19.11 64.35 0.45
C SER C 108 19.90 63.99 1.70
N PHE C 109 19.97 62.71 2.05
CA PHE C 109 20.62 62.31 3.29
C PHE C 109 22.11 62.61 3.28
N THR C 110 22.76 62.43 2.12
CA THR C 110 24.20 62.59 2.05
C THR C 110 24.61 64.04 2.32
N ARG C 111 23.90 65.00 1.72
CA ARG C 111 24.27 66.41 1.91
C ARG C 111 24.08 66.85 3.35
N ILE C 112 22.97 66.44 3.97
CA ILE C 112 22.68 66.89 5.33
C ILE C 112 23.72 66.36 6.32
N VAL C 113 24.06 65.07 6.20
CA VAL C 113 25.02 64.48 7.13
C VAL C 113 26.40 65.09 6.97
N VAL C 114 26.83 65.32 5.73
CA VAL C 114 28.15 65.93 5.51
C VAL C 114 28.19 67.33 6.09
N VAL C 115 27.14 68.12 5.86
CA VAL C 115 27.09 69.46 6.43
C VAL C 115 27.08 69.41 7.95
N MET C 116 26.27 68.53 8.53
CA MET C 116 26.25 68.39 9.98
C MET C 116 27.57 67.81 10.51
N SER C 117 28.27 67.03 9.68
CA SER C 117 29.60 66.57 10.07
C SER C 117 30.58 67.73 10.20
N ILE C 118 30.49 68.69 9.28
CA ILE C 118 31.36 69.87 9.36
C ILE C 118 31.05 70.68 10.61
N LEU C 119 29.76 70.83 10.92
CA LEU C 119 29.37 71.65 12.08
C LEU C 119 29.92 71.06 13.38
N ARG C 120 29.85 69.73 13.53
CA ARG C 120 30.45 69.09 14.70
C ARG C 120 31.96 69.25 14.70
N GLN C 121 32.59 69.11 13.53
CA GLN C 121 34.04 69.24 13.44
C GLN C 121 34.49 70.68 13.67
N ALA C 122 33.70 71.66 13.23
CA ALA C 122 34.10 73.05 13.37
C ALA C 122 34.21 73.45 14.83
N MET C 123 33.20 73.12 15.63
CA MET C 123 33.27 73.39 17.06
C MET C 123 34.24 72.44 17.74
N GLY C 124 34.68 72.83 18.94
CA GLY C 124 35.66 72.06 19.67
C GLY C 124 35.22 70.67 20.09
N LEU C 125 33.93 70.38 19.99
CA LEU C 125 33.43 69.06 20.35
C LEU C 125 33.80 68.05 19.27
N GLN C 126 34.34 66.91 19.68
CA GLN C 126 34.76 65.88 18.73
C GLN C 126 33.64 64.87 18.47
N GLN C 127 33.17 64.21 19.53
CA GLN C 127 32.08 63.24 19.42
C GLN C 127 30.89 63.63 20.31
N THR C 128 30.87 64.87 20.80
CA THR C 128 29.88 65.26 21.81
C THR C 128 28.44 65.15 21.30
N PRO C 129 28.07 65.64 20.11
CA PRO C 129 26.70 65.40 19.61
C PRO C 129 26.38 63.93 19.41
N SER C 130 27.39 63.08 19.24
CA SER C 130 27.24 61.64 19.02
C SER C 130 26.63 61.35 17.65
N ASN C 131 26.93 60.17 17.12
CA ASN C 131 26.50 59.84 15.76
C ASN C 131 25.00 59.55 15.68
N GLN C 132 24.39 59.09 16.77
CA GLN C 132 23.01 58.63 16.72
C GLN C 132 22.05 59.78 16.42
N VAL C 133 22.17 60.89 17.14
CA VAL C 133 21.20 61.98 16.99
C VAL C 133 21.38 62.70 15.67
N ILE C 134 22.61 62.72 15.12
CA ILE C 134 22.85 63.39 13.85
C ILE C 134 22.12 62.66 12.72
N ILE C 135 22.24 61.33 12.69
CA ILE C 135 21.53 60.55 11.70
C ILE C 135 20.02 60.67 11.89
N GLY C 136 19.56 60.64 13.14
CA GLY C 136 18.13 60.74 13.40
C GLY C 136 17.56 62.09 12.98
N ILE C 137 18.30 63.17 13.24
CA ILE C 137 17.87 64.49 12.78
C ILE C 137 17.96 64.57 11.26
N ALA C 138 19.00 63.95 10.68
CA ALA C 138 19.12 63.94 9.23
C ALA C 138 17.98 63.18 8.58
N LEU C 139 17.58 62.05 9.17
CA LEU C 139 16.45 61.29 8.63
C LEU C 139 15.17 62.11 8.65
N PHE C 140 14.92 62.80 9.77
CA PHE C 140 13.72 63.63 9.86
C PHE C 140 13.80 64.82 8.92
N LEU C 141 15.00 65.39 8.74
CA LEU C 141 15.16 66.48 7.79
C LEU C 141 14.91 66.01 6.37
N THR C 142 15.38 64.81 6.03
CA THR C 142 15.13 64.29 4.69
C THR C 142 13.64 64.07 4.45
N PHE C 143 12.95 63.46 5.41
CA PHE C 143 11.51 63.27 5.26
C PHE C 143 10.78 64.59 5.10
N PHE C 144 11.32 65.66 5.70
CA PHE C 144 10.73 66.98 5.52
C PHE C 144 10.94 67.49 4.09
N VAL C 145 12.17 67.39 3.58
CA VAL C 145 12.45 67.94 2.27
C VAL C 145 12.01 67.00 1.15
N MET C 146 11.96 65.70 1.41
CA MET C 146 11.47 64.74 0.42
C MET C 146 9.95 64.62 0.44
N SER C 147 9.27 65.30 1.36
CA SER C 147 7.81 65.23 1.41
C SER C 147 7.14 65.66 0.11
N PRO C 148 7.55 66.75 -0.57
CA PRO C 148 6.93 67.04 -1.87
C PRO C 148 7.11 65.93 -2.89
N VAL C 149 8.32 65.39 -3.02
CA VAL C 149 8.57 64.33 -4.01
C VAL C 149 7.89 63.04 -3.58
N LEU C 150 7.93 62.71 -2.28
CA LEU C 150 7.27 61.49 -1.81
C LEU C 150 5.76 61.57 -2.01
N ASN C 151 5.16 62.74 -1.75
CA ASN C 151 3.73 62.91 -2.02
C ASN C 151 3.43 62.83 -3.51
N GLU C 152 4.32 63.37 -4.34
CA GLU C 152 4.12 63.28 -5.79
C GLU C 152 4.17 61.84 -6.26
N ILE C 153 5.06 61.03 -5.68
CA ILE C 153 5.09 59.59 -5.96
C ILE C 153 3.80 58.94 -5.48
N ASN C 154 3.34 59.32 -4.29
CA ASN C 154 2.13 58.74 -3.72
C ASN C 154 0.92 58.97 -4.62
N ASP C 155 0.73 60.22 -5.05
CA ASP C 155 -0.40 60.59 -5.89
C ASP C 155 -0.33 59.94 -7.27
N LYS C 156 0.82 60.07 -7.94
CA LYS C 156 0.91 59.66 -9.34
C LYS C 156 1.01 58.15 -9.48
N ALA C 157 1.72 57.49 -8.56
CA ALA C 157 2.01 56.07 -8.72
C ALA C 157 1.17 55.20 -7.79
N VAL C 158 1.21 55.49 -6.49
CA VAL C 158 0.58 54.60 -5.50
C VAL C 158 -0.94 54.60 -5.66
N GLN C 159 -1.54 55.78 -5.80
CA GLN C 159 -2.99 55.87 -5.86
C GLN C 159 -3.60 55.15 -7.06
N PRO C 160 -3.13 55.34 -8.29
CA PRO C 160 -3.65 54.51 -9.39
C PRO C 160 -3.39 53.03 -9.20
N TYR C 161 -2.26 52.67 -8.60
CA TYR C 161 -1.93 51.26 -8.39
C TYR C 161 -2.84 50.62 -7.34
N LEU C 162 -3.08 51.33 -6.23
CA LEU C 162 -3.98 50.80 -5.20
C LEU C 162 -5.39 50.65 -5.74
N ASN C 163 -5.88 51.62 -6.50
CA ASN C 163 -7.21 51.56 -7.09
C ASN C 163 -7.27 50.66 -8.32
N GLU C 164 -6.15 50.01 -8.67
CA GLU C 164 -6.08 49.14 -9.84
C GLU C 164 -6.40 49.89 -11.13
N GLN C 165 -6.05 51.18 -11.16
CA GLN C 165 -6.26 51.99 -12.36
C GLN C 165 -5.20 51.70 -13.41
N VAL C 166 -3.96 51.45 -12.99
CA VAL C 166 -2.85 51.22 -13.90
C VAL C 166 -2.16 49.91 -13.53
N THR C 167 -1.37 49.39 -14.46
CA THR C 167 -0.65 48.15 -14.25
C THR C 167 0.59 48.41 -13.39
N ALA C 168 1.25 47.33 -12.98
CA ALA C 168 2.41 47.46 -12.10
C ALA C 168 3.61 48.05 -12.84
N ARG C 169 3.77 47.70 -14.12
CA ARG C 169 4.93 48.16 -14.88
C ARG C 169 4.91 49.69 -15.02
N GLU C 170 3.77 50.25 -15.41
CA GLU C 170 3.68 51.70 -15.57
C GLU C 170 3.65 52.42 -14.22
N ALA C 171 3.12 51.78 -13.18
CA ALA C 171 3.15 52.38 -11.85
C ALA C 171 4.57 52.52 -11.34
N PHE C 172 5.41 51.52 -11.59
CA PHE C 172 6.82 51.61 -11.22
C PHE C 172 7.52 52.75 -11.94
N ASP C 173 7.24 52.90 -13.24
CA ASP C 173 7.80 54.03 -13.99
C ASP C 173 7.26 55.35 -13.47
N ALA C 174 5.99 55.39 -13.11
CA ALA C 174 5.40 56.62 -12.58
C ALA C 174 5.99 57.00 -11.24
N ALA C 175 6.53 56.03 -10.50
CA ALA C 175 7.19 56.34 -9.23
C ALA C 175 8.65 56.73 -9.45
N GLN C 176 9.28 56.16 -10.48
CA GLN C 176 10.69 56.45 -10.74
C GLN C 176 10.88 57.89 -11.21
N ALA C 177 9.94 58.41 -12.00
CA ALA C 177 10.11 59.73 -12.60
C ALA C 177 10.28 60.85 -11.58
N PRO C 178 9.45 60.98 -10.54
CA PRO C 178 9.69 62.06 -9.57
C PRO C 178 11.05 62.00 -8.91
N MET C 179 11.56 60.80 -8.64
CA MET C 179 12.92 60.68 -8.09
C MET C 179 13.95 61.18 -9.09
N LYS C 180 13.77 60.86 -10.38
CA LYS C 180 14.69 61.35 -11.40
C LYS C 180 14.64 62.87 -11.51
N ALA C 181 13.45 63.44 -11.45
CA ALA C 181 13.31 64.89 -11.54
C ALA C 181 13.99 65.58 -10.37
N PHE C 182 13.83 65.02 -9.16
CA PHE C 182 14.45 65.62 -7.98
C PHE C 182 15.97 65.55 -8.06
N MET C 183 16.51 64.43 -8.55
CA MET C 183 17.96 64.31 -8.68
C MET C 183 18.51 65.26 -9.73
N LEU C 184 17.72 65.56 -10.77
CA LEU C 184 18.16 66.53 -11.77
C LEU C 184 18.20 67.94 -11.18
N LYS C 185 17.28 68.25 -10.26
CA LYS C 185 17.24 69.57 -9.65
C LYS C 185 18.42 69.82 -8.71
N GLN C 186 19.14 68.77 -8.31
CA GLN C 186 20.24 68.90 -7.37
C GLN C 186 21.58 68.50 -7.97
N THR C 187 21.66 68.42 -9.29
CA THR C 187 22.89 68.05 -9.98
C THR C 187 23.37 69.21 -10.84
N ARG C 188 24.56 69.04 -11.41
CA ARG C 188 25.16 70.04 -12.27
C ARG C 188 25.35 69.47 -13.67
N ILE C 189 25.41 70.37 -14.65
CA ILE C 189 25.53 69.95 -16.04
C ILE C 189 26.89 69.30 -16.29
N LYS C 190 27.94 69.86 -15.68
CA LYS C 190 29.28 69.30 -15.87
C LYS C 190 29.36 67.88 -15.34
N ASP C 191 28.75 67.62 -14.18
CA ASP C 191 28.78 66.28 -13.61
C ASP C 191 28.08 65.27 -14.52
N LEU C 192 26.92 65.65 -15.08
CA LEU C 192 26.23 64.75 -15.99
C LEU C 192 27.06 64.47 -17.23
N GLU C 193 27.72 65.49 -17.78
CA GLU C 193 28.52 65.31 -18.98
C GLU C 193 29.65 64.32 -18.75
N THR C 194 30.31 64.40 -17.59
CA THR C 194 31.43 63.50 -17.30
C THR C 194 30.98 62.05 -17.28
N PHE C 195 29.87 61.76 -16.59
CA PHE C 195 29.42 60.38 -16.43
C PHE C 195 28.75 59.84 -17.69
N VAL C 196 28.04 60.69 -18.45
CA VAL C 196 27.42 60.19 -19.67
C VAL C 196 28.49 59.83 -20.70
N THR C 197 29.59 60.59 -20.76
CA THR C 197 30.72 60.20 -21.59
C THR C 197 31.44 58.99 -20.99
N MET C 198 31.49 58.91 -19.66
CA MET C 198 32.11 57.78 -19.00
C MET C 198 31.36 56.49 -19.29
N SER C 199 30.02 56.54 -19.29
CA SER C 199 29.22 55.36 -19.59
C SER C 199 29.33 54.96 -21.06
N GLY C 200 29.78 55.86 -21.93
CA GLY C 200 29.91 55.54 -23.35
C GLY C 200 28.58 55.29 -24.03
N GLU C 201 27.56 56.07 -23.69
CA GLU C 201 26.24 55.96 -24.29
C GLU C 201 25.92 57.22 -25.09
N GLN C 202 24.80 57.17 -25.79
CA GLN C 202 24.33 58.26 -26.65
C GLN C 202 23.06 58.84 -26.06
N VAL C 203 23.05 60.15 -25.85
CA VAL C 203 21.86 60.85 -25.36
C VAL C 203 21.97 62.31 -25.78
N ASP C 204 20.81 62.97 -25.88
CA ASP C 204 20.76 64.38 -26.21
C ASP C 204 19.98 65.23 -25.21
N ASN C 205 19.10 64.63 -24.42
CA ASN C 205 18.31 65.33 -23.42
C ASN C 205 18.68 64.84 -22.03
N PRO C 206 18.98 65.74 -21.09
CA PRO C 206 19.21 65.28 -19.70
C PRO C 206 17.98 64.66 -19.07
N GLU C 207 16.78 64.91 -19.59
CA GLU C 207 15.56 64.46 -18.95
C GLU C 207 15.32 62.96 -19.09
N ASP C 208 15.95 62.31 -20.07
CA ASP C 208 15.73 60.88 -20.29
C ASP C 208 17.02 60.08 -20.17
N VAL C 209 17.94 60.53 -19.31
CA VAL C 209 19.15 59.78 -19.02
C VAL C 209 18.82 58.69 -18.01
N SER C 210 19.51 57.56 -18.14
CA SER C 210 19.24 56.42 -17.26
C SER C 210 19.60 56.76 -15.82
N MET C 211 18.80 56.23 -14.88
CA MET C 211 19.04 56.50 -13.47
C MET C 211 20.36 55.89 -12.99
N ALA C 212 20.86 54.88 -13.69
CA ALA C 212 22.13 54.28 -13.32
C ALA C 212 23.29 55.27 -13.49
N VAL C 213 23.17 56.18 -14.46
CA VAL C 213 24.19 57.20 -14.65
C VAL C 213 23.88 58.47 -13.86
N LEU C 214 22.61 58.74 -13.56
CA LEU C 214 22.25 59.94 -12.81
C LEU C 214 22.72 59.84 -11.36
N ILE C 215 22.70 58.65 -10.78
CA ILE C 215 23.06 58.50 -9.36
C ILE C 215 24.49 58.94 -9.07
N PRO C 216 25.51 58.47 -9.78
CA PRO C 216 26.88 58.95 -9.47
C PRO C 216 27.03 60.44 -9.68
N ALA C 217 26.35 61.00 -10.67
CA ALA C 217 26.43 62.45 -10.89
C ALA C 217 25.71 63.21 -9.79
N PHE C 218 24.62 62.64 -9.26
CA PHE C 218 23.85 63.30 -8.21
C PHE C 218 24.67 63.43 -6.93
N ILE C 219 25.25 62.33 -6.46
CA ILE C 219 26.00 62.36 -5.21
C ILE C 219 27.28 63.18 -5.37
N THR C 220 27.93 63.11 -6.53
CA THR C 220 29.11 63.92 -6.77
C THR C 220 28.80 65.40 -6.65
N SER C 221 27.66 65.83 -7.20
CA SER C 221 27.21 67.21 -7.01
C SER C 221 26.85 67.47 -5.56
N GLU C 222 26.24 66.49 -4.89
CA GLU C 222 25.86 66.65 -3.48
C GLU C 222 27.08 66.85 -2.60
N LEU C 223 28.13 66.06 -2.83
CA LEU C 223 29.34 66.20 -2.03
C LEU C 223 30.00 67.56 -2.23
N LYS C 224 30.06 68.02 -3.48
CA LYS C 224 30.62 69.34 -3.76
C LYS C 224 29.78 70.44 -3.14
N THR C 225 28.46 70.32 -3.25
CA THR C 225 27.57 71.32 -2.66
C THR C 225 27.70 71.34 -1.14
N ALA C 226 27.79 70.16 -0.53
CA ALA C 226 27.90 70.09 0.93
C ALA C 226 29.21 70.70 1.41
N PHE C 227 30.31 70.49 0.67
CA PHE C 227 31.57 71.10 1.04
C PHE C 227 31.50 72.62 0.96
N GLN C 228 30.75 73.14 -0.02
CA GLN C 228 30.57 74.59 -0.12
C GLN C 228 29.86 75.12 1.11
N ILE C 229 28.74 74.49 1.49
CA ILE C 229 28.00 74.92 2.67
C ILE C 229 28.85 74.76 3.93
N GLY C 230 29.54 73.62 4.05
CA GLY C 230 30.37 73.39 5.22
C GLY C 230 31.51 74.39 5.32
N PHE C 231 32.09 74.78 4.17
CA PHE C 231 33.14 75.80 4.18
C PHE C 231 32.60 77.13 4.69
N MET C 232 31.38 77.50 4.26
CA MET C 232 30.79 78.73 4.75
C MET C 232 30.46 78.65 6.24
N LEU C 233 30.05 77.46 6.70
CA LEU C 233 29.78 77.30 8.12
C LEU C 233 31.06 77.30 8.95
N PHE C 234 32.17 76.87 8.36
CA PHE C 234 33.43 76.79 9.10
C PHE C 234 34.05 78.16 9.31
N LEU C 235 33.79 79.11 8.42
CA LEU C 235 34.41 80.43 8.50
C LEU C 235 34.09 81.18 9.78
N PRO C 236 32.83 81.33 10.22
CA PRO C 236 32.58 82.09 11.45
C PRO C 236 33.26 81.51 12.67
N PHE C 237 33.33 80.18 12.77
CA PHE C 237 34.02 79.56 13.90
C PHE C 237 35.52 79.76 13.82
N LEU C 238 36.08 79.74 12.61
CA LEU C 238 37.49 80.10 12.43
C LEU C 238 37.71 81.58 12.78
N ILE C 239 36.74 82.44 12.45
CA ILE C 239 36.86 83.86 12.77
C ILE C 239 36.93 84.06 14.27
N ILE C 240 36.06 83.39 15.03
CA ILE C 240 36.05 83.54 16.47
C ILE C 240 37.36 83.05 17.09
N ASP C 241 37.84 81.90 16.62
CA ASP C 241 39.04 81.30 17.19
C ASP C 241 40.26 82.18 16.95
N LEU C 242 40.38 82.75 15.75
CA LEU C 242 41.53 83.60 15.44
C LEU C 242 41.50 84.89 16.25
N VAL C 243 40.32 85.45 16.49
CA VAL C 243 40.21 86.67 17.29
C VAL C 243 40.65 86.40 18.72
N VAL C 244 40.18 85.30 19.31
CA VAL C 244 40.53 84.98 20.70
C VAL C 244 42.04 84.76 20.83
N ALA C 245 42.63 84.03 19.87
CA ALA C 245 44.06 83.79 19.91
C ALA C 245 44.84 85.08 19.81
N SER C 246 44.42 85.98 18.92
CA SER C 246 45.10 87.26 18.77
C SER C 246 44.98 88.10 20.04
N VAL C 247 43.81 88.09 20.67
CA VAL C 247 43.61 88.86 21.89
C VAL C 247 44.52 88.35 23.01
N LEU C 248 44.58 87.02 23.17
CA LEU C 248 45.42 86.46 24.23
C LEU C 248 46.90 86.75 23.97
N MET C 249 47.34 86.61 22.72
CA MET C 249 48.73 86.93 22.39
C MET C 249 49.03 88.42 22.60
N ALA C 250 48.09 89.29 22.21
CA ALA C 250 48.30 90.71 22.37
C ALA C 250 48.38 91.12 23.84
N MET C 251 47.60 90.46 24.70
CA MET C 251 47.68 90.72 26.13
C MET C 251 48.97 90.20 26.74
N GLY C 252 49.77 89.43 26.00
CA GLY C 252 51.06 88.98 26.45
C GLY C 252 51.10 87.56 26.96
N MET C 253 49.97 86.95 27.25
CA MET C 253 49.93 85.59 27.80
C MET C 253 50.08 84.60 26.65
N MET C 254 51.34 84.34 26.28
CA MET C 254 51.69 83.38 25.24
C MET C 254 51.63 81.94 25.73
N MET C 255 51.07 81.72 26.92
CA MET C 255 51.09 80.41 27.55
C MET C 255 49.73 79.70 27.56
N LEU C 256 48.64 80.43 27.30
CA LEU C 256 47.31 79.86 27.38
C LEU C 256 46.82 79.40 26.01
N SER C 257 46.26 78.20 25.98
CA SER C 257 45.74 77.63 24.74
C SER C 257 44.45 78.34 24.34
N PRO C 258 44.33 78.84 23.12
CA PRO C 258 43.11 79.55 22.73
C PRO C 258 41.85 78.69 22.73
N MET C 259 41.98 77.36 22.60
CA MET C 259 40.81 76.51 22.39
C MET C 259 39.88 76.54 23.59
N ILE C 260 40.43 76.49 24.80
CA ILE C 260 39.59 76.42 25.99
C ILE C 260 38.78 77.70 26.16
N VAL C 261 39.41 78.86 25.92
CA VAL C 261 38.72 80.13 26.05
C VAL C 261 37.71 80.31 24.92
N SER C 262 38.08 79.89 23.70
CA SER C 262 37.24 80.17 22.54
C SER C 262 35.97 79.31 22.53
N LEU C 263 36.03 78.12 23.12
CA LEU C 263 34.91 77.19 23.02
C LEU C 263 33.61 77.75 23.59
N PRO C 264 33.56 78.33 24.80
CA PRO C 264 32.30 78.95 25.24
C PRO C 264 31.83 80.07 24.34
N PHE C 265 32.76 80.88 23.81
CA PHE C 265 32.37 81.97 22.93
C PHE C 265 31.76 81.44 21.64
N LYS C 266 32.33 80.37 21.08
CA LYS C 266 31.75 79.76 19.89
C LYS C 266 30.37 79.19 20.19
N LEU C 267 30.21 78.56 21.37
CA LEU C 267 28.91 78.00 21.73
C LEU C 267 27.91 79.09 22.05
N MET C 268 28.33 80.14 22.77
CA MET C 268 27.42 81.23 23.07
C MET C 268 26.93 81.91 21.81
N LEU C 269 27.83 82.20 20.87
CA LEU C 269 27.43 82.83 19.62
C LEU C 269 26.64 81.86 18.74
N PHE C 270 26.77 80.56 18.96
CA PHE C 270 25.95 79.61 18.23
C PHE C 270 24.53 79.56 18.77
N VAL C 271 24.33 79.98 20.02
CA VAL C 271 23.02 79.86 20.65
C VAL C 271 22.22 81.16 20.52
N LEU C 272 22.83 82.29 20.86
CA LEU C 272 22.12 83.56 20.86
C LEU C 272 21.73 84.04 19.47
N VAL C 273 22.34 83.48 18.41
CA VAL C 273 21.88 83.72 17.04
C VAL C 273 20.94 82.63 16.56
N ASP C 274 20.69 81.61 17.37
CA ASP C 274 19.88 80.45 16.99
C ASP C 274 20.43 79.83 15.71
N GLY C 275 21.66 79.35 15.80
CA GLY C 275 22.40 78.95 14.60
C GLY C 275 21.75 77.80 13.85
N TRP C 276 21.23 76.81 14.58
CA TRP C 276 20.67 75.64 13.91
C TRP C 276 19.44 75.99 13.08
N ASN C 277 18.60 76.91 13.56
CA ASN C 277 17.44 77.34 12.78
C ASN C 277 17.88 78.00 11.49
N LEU C 278 18.94 78.82 11.54
CA LEU C 278 19.47 79.40 10.32
C LEU C 278 20.02 78.33 9.39
N ILE C 279 20.70 77.32 9.95
CA ILE C 279 21.24 76.24 9.13
C ILE C 279 20.11 75.43 8.51
N LEU C 280 19.00 75.25 9.23
CA LEU C 280 17.84 74.55 8.67
C LEU C 280 17.30 75.29 7.45
N SER C 281 17.21 76.62 7.55
CA SER C 281 16.66 77.40 6.44
C SER C 281 17.56 77.32 5.22
N THR C 282 18.87 77.36 5.41
CA THR C 282 19.81 77.32 4.29
C THR C 282 20.08 75.91 3.78
N LEU C 283 19.67 74.88 4.52
CA LEU C 283 19.86 73.51 4.10
C LEU C 283 18.59 72.90 3.50
N ALA C 284 17.47 72.99 4.23
CA ALA C 284 16.21 72.49 3.70
C ALA C 284 15.79 73.27 2.45
N GLY C 285 15.97 74.60 2.47
CA GLY C 285 15.60 75.41 1.33
C GLY C 285 16.61 75.39 0.20
N SER C 286 17.79 74.79 0.42
CA SER C 286 18.81 74.77 -0.62
C SER C 286 18.40 73.91 -1.80
N PHE C 287 17.49 72.95 -1.59
CA PHE C 287 17.09 72.05 -2.67
C PHE C 287 16.06 72.70 -3.58
N ALA C 288 14.91 73.06 -3.02
CA ALA C 288 13.83 73.71 -3.77
C ALA C 288 13.41 72.91 -4.99
N MET D 1 56.64 55.00 -7.82
CA MET D 1 57.42 55.21 -9.03
C MET D 1 58.91 55.15 -8.75
N THR D 2 59.70 55.74 -9.64
CA THR D 2 61.14 55.73 -9.48
C THR D 2 61.54 56.59 -8.27
N PRO D 3 62.65 56.26 -7.61
CA PRO D 3 63.12 57.08 -6.49
C PRO D 3 63.40 58.53 -6.88
N GLU D 4 63.83 58.78 -8.11
CA GLU D 4 64.09 60.14 -8.56
C GLU D 4 62.80 60.93 -8.79
N MET D 5 61.74 60.27 -9.24
CA MET D 5 60.46 60.95 -9.41
C MET D 5 59.93 61.45 -8.08
N PHE D 6 60.10 60.66 -7.01
CA PHE D 6 59.68 61.08 -5.68
C PHE D 6 60.43 62.33 -5.24
N VAL D 7 61.75 62.36 -5.48
CA VAL D 7 62.55 63.51 -5.08
C VAL D 7 62.15 64.74 -5.89
N GLU D 8 61.85 64.54 -7.17
CA GLU D 8 61.37 65.67 -8.00
C GLU D 8 60.08 66.18 -7.38
N LEU D 9 59.12 65.28 -7.15
CA LEU D 9 57.85 65.70 -6.57
C LEU D 9 58.04 66.31 -5.19
N PHE D 10 58.93 65.73 -4.37
CA PHE D 10 59.14 66.23 -3.03
C PHE D 10 59.72 67.63 -3.04
N ARG D 11 60.71 67.88 -3.91
CA ARG D 11 61.32 69.21 -3.98
C ARG D 11 60.33 70.25 -4.46
N GLU D 12 59.49 69.91 -5.45
CA GLU D 12 58.55 70.88 -5.99
C GLU D 12 57.57 71.37 -4.93
N ALA D 13 57.06 70.43 -4.12
CA ALA D 13 56.21 70.83 -3.00
C ALA D 13 56.98 71.65 -1.98
N LEU D 14 58.22 71.25 -1.69
CA LEU D 14 59.05 72.01 -0.76
C LEU D 14 59.36 73.40 -1.29
N TRP D 15 59.63 73.51 -2.59
CA TRP D 15 59.79 74.83 -3.19
C TRP D 15 58.48 75.61 -3.15
N MET D 16 57.36 74.91 -3.35
CA MET D 16 56.06 75.59 -3.33
C MET D 16 55.72 76.10 -1.95
N VAL D 17 55.88 75.27 -0.92
CA VAL D 17 55.55 75.69 0.43
C VAL D 17 56.48 76.81 0.87
N LEU D 18 57.74 76.78 0.44
CA LEU D 18 58.68 77.84 0.78
C LEU D 18 58.22 79.17 0.21
N ILE D 19 57.80 79.17 -1.06
CA ILE D 19 57.33 80.41 -1.69
C ILE D 19 56.02 80.87 -1.06
N MET D 20 55.14 79.93 -0.75
CA MET D 20 53.83 80.28 -0.19
C MET D 20 53.98 80.96 1.17
N VAL D 21 54.88 80.46 2.00
CA VAL D 21 55.02 81.03 3.34
C VAL D 21 55.90 82.28 3.32
N CYS D 22 56.89 82.34 2.42
CA CYS D 22 57.85 83.44 2.43
C CYS D 22 57.17 84.77 2.10
N ALA D 23 56.20 84.75 1.20
CA ALA D 23 55.55 86.00 0.80
C ALA D 23 54.82 86.66 1.95
N ILE D 24 54.42 85.88 2.96
CA ILE D 24 53.64 86.42 4.06
C ILE D 24 54.54 86.78 5.24
N ILE D 25 55.54 85.94 5.53
CA ILE D 25 56.36 86.16 6.72
C ILE D 25 57.48 87.16 6.47
N ILE D 26 57.85 87.44 5.22
CA ILE D 26 58.87 88.43 4.92
C ILE D 26 58.43 89.81 5.40
N PRO D 27 57.23 90.29 5.06
CA PRO D 27 56.83 91.62 5.57
C PRO D 27 56.77 91.69 7.08
N SER D 28 56.29 90.62 7.74
CA SER D 28 56.23 90.62 9.20
C SER D 28 57.61 90.62 9.81
N LEU D 29 58.56 89.90 9.19
CA LEU D 29 59.92 89.86 9.70
C LEU D 29 60.57 91.24 9.64
N LEU D 30 60.39 91.95 8.53
CA LEU D 30 60.97 93.29 8.41
C LEU D 30 60.35 94.26 9.41
N ILE D 31 59.03 94.19 9.58
CA ILE D 31 58.36 95.05 10.55
C ILE D 31 58.85 94.74 11.97
N GLY D 32 59.12 93.47 12.25
CA GLY D 32 59.65 93.11 13.56
C GLY D 32 60.98 93.76 13.83
N LEU D 33 61.87 93.80 12.82
CA LEU D 33 63.13 94.51 12.98
C LEU D 33 62.91 96.02 13.16
N ILE D 34 61.96 96.58 12.42
CA ILE D 34 61.68 98.01 12.52
C ILE D 34 61.17 98.36 13.91
N VAL D 35 60.30 97.52 14.48
CA VAL D 35 59.89 97.72 15.86
C VAL D 35 61.06 97.47 16.81
N ALA D 36 61.91 96.50 16.47
CA ALA D 36 63.04 96.17 17.33
C ALA D 36 64.03 97.33 17.44
N ILE D 37 64.35 97.96 16.31
CA ILE D 37 65.27 99.10 16.36
C ILE D 37 64.63 100.29 17.04
N PHE D 38 63.30 100.44 16.92
CA PHE D 38 62.60 101.49 17.65
C PHE D 38 62.73 101.29 19.16
N GLN D 39 62.55 100.05 19.62
CA GLN D 39 62.70 99.77 21.04
C GLN D 39 64.16 99.81 21.48
N ALA D 40 65.10 99.63 20.54
CA ALA D 40 66.51 99.84 20.85
C ALA D 40 66.85 101.32 20.97
N ALA D 41 66.13 102.18 20.25
CA ALA D 41 66.36 103.62 20.35
C ALA D 41 65.79 104.22 21.62
N THR D 42 64.62 103.77 22.07
CA THR D 42 63.99 104.29 23.27
C THR D 42 64.31 103.48 24.51
N SER D 43 65.05 102.38 24.38
CA SER D 43 65.49 101.52 25.48
C SER D 43 64.33 100.90 26.25
N ILE D 44 63.13 100.85 25.66
CA ILE D 44 62.00 100.21 26.32
C ILE D 44 62.10 98.70 26.13
N ASN D 45 61.94 97.95 27.21
CA ASN D 45 62.12 96.51 27.21
C ASN D 45 60.81 95.75 27.06
N GLU D 46 59.72 96.43 26.72
CA GLU D 46 58.46 95.74 26.51
C GLU D 46 58.53 94.86 25.26
N GLN D 47 57.89 93.70 25.33
CA GLN D 47 57.99 92.70 24.27
C GLN D 47 56.63 92.32 23.67
N THR D 48 55.56 93.03 24.03
CA THR D 48 54.23 92.72 23.52
C THR D 48 53.69 93.75 22.54
N LEU D 49 54.33 94.93 22.43
CA LEU D 49 53.84 95.95 21.51
C LEU D 49 54.03 95.55 20.05
N SER D 50 55.03 94.70 19.77
CA SER D 50 55.35 94.34 18.39
C SER D 50 54.35 93.37 17.79
N PHE D 51 53.47 92.77 18.60
CA PHE D 51 52.52 91.81 18.07
C PHE D 51 51.54 92.46 17.10
N LEU D 52 51.04 93.65 17.45
CA LEU D 52 50.04 94.30 16.59
C LEU D 52 50.59 94.66 15.22
N PRO D 53 51.75 95.31 15.07
CA PRO D 53 52.23 95.61 13.70
C PRO D 53 52.44 94.37 12.86
N ARG D 54 52.94 93.28 13.44
CA ARG D 54 53.11 92.06 12.67
C ARG D 54 51.76 91.49 12.22
N LEU D 55 50.77 91.50 13.12
CA LEU D 55 49.47 90.95 12.78
C LEU D 55 48.78 91.76 11.68
N ILE D 56 48.88 93.09 11.75
CA ILE D 56 48.25 93.94 10.74
C ILE D 56 48.91 93.74 9.38
N VAL D 57 50.25 93.72 9.34
CA VAL D 57 50.94 93.53 8.07
C VAL D 57 50.72 92.13 7.52
N THR D 58 50.61 91.13 8.39
CA THR D 58 50.35 89.76 7.94
C THR D 58 49.02 89.67 7.20
N LEU D 59 47.98 90.31 7.74
CA LEU D 59 46.70 90.33 7.04
C LEU D 59 46.79 91.13 5.75
N LEU D 60 47.60 92.19 5.75
CA LEU D 60 47.83 92.95 4.52
C LEU D 60 48.49 92.09 3.45
N ALA D 61 49.47 91.26 3.85
CA ALA D 61 50.10 90.35 2.91
C ALA D 61 49.10 89.32 2.38
N LEU D 62 48.24 88.80 3.25
CA LEU D 62 47.24 87.83 2.82
C LEU D 62 46.28 88.46 1.83
N MET D 63 45.85 89.69 2.08
CA MET D 63 44.94 90.36 1.16
C MET D 63 45.60 90.65 -0.17
N LEU D 64 46.89 91.01 -0.17
CA LEU D 64 47.58 91.37 -1.40
C LEU D 64 47.91 90.13 -2.23
N PHE D 65 48.34 89.05 -1.58
CA PHE D 65 48.78 87.84 -2.27
C PHE D 65 47.76 86.71 -2.19
N GLY D 66 46.53 87.00 -1.78
CA GLY D 66 45.53 85.93 -1.63
C GLY D 66 45.20 85.27 -2.95
N HIS D 67 44.94 86.07 -3.98
CA HIS D 67 44.60 85.51 -5.29
C HIS D 67 45.78 84.77 -5.90
N TRP D 68 46.98 85.33 -5.79
CA TRP D 68 48.17 84.70 -6.38
C TRP D 68 48.48 83.36 -5.72
N MET D 69 48.37 83.29 -4.39
CA MET D 69 48.64 82.04 -3.70
C MET D 69 47.61 80.97 -4.05
N THR D 70 46.32 81.33 -4.04
CA THR D 70 45.28 80.35 -4.35
C THR D 70 45.41 79.85 -5.78
N GLN D 71 45.71 80.74 -6.72
CA GLN D 71 45.90 80.32 -8.11
C GLN D 71 47.11 79.39 -8.24
N MET D 72 48.18 79.69 -7.52
CA MET D 72 49.38 78.85 -7.59
C MET D 72 49.09 77.44 -7.10
N LEU D 73 48.38 77.31 -5.99
CA LEU D 73 48.04 75.98 -5.49
C LEU D 73 47.04 75.28 -6.39
N MET D 74 46.06 76.03 -6.91
CA MET D 74 45.07 75.43 -7.81
C MET D 74 45.72 74.91 -9.08
N GLU D 75 46.65 75.68 -9.66
CA GLU D 75 47.38 75.20 -10.82
C GLU D 75 48.31 74.05 -10.45
N TYR D 76 48.83 74.04 -9.22
CA TYR D 76 49.65 72.93 -8.77
C TYR D 76 48.83 71.64 -8.68
N PHE D 77 47.57 71.75 -8.22
CA PHE D 77 46.70 70.59 -8.19
C PHE D 77 46.43 70.07 -9.61
N TYR D 78 46.23 70.97 -10.55
CA TYR D 78 46.08 70.57 -11.95
C TYR D 78 47.37 69.97 -12.48
N GLY D 79 48.52 70.50 -12.07
CA GLY D 79 49.78 70.00 -12.59
C GLY D 79 50.06 68.56 -12.22
N LEU D 80 49.74 68.17 -10.99
CA LEU D 80 49.90 66.78 -10.58
C LEU D 80 48.97 65.87 -11.37
N ILE D 81 47.76 66.34 -11.66
CA ILE D 81 46.82 65.57 -12.47
C ILE D 81 47.37 65.38 -13.88
N GLU D 82 47.94 66.44 -14.45
CA GLU D 82 48.48 66.36 -15.81
C GLU D 82 49.64 65.37 -15.88
N ARG D 83 50.50 65.36 -14.86
CA ARG D 83 51.64 64.45 -14.85
C ARG D 83 51.29 63.06 -14.32
N LEU D 84 50.05 62.85 -13.87
CA LEU D 84 49.64 61.53 -13.39
C LEU D 84 49.75 60.44 -14.45
N PRO D 85 49.32 60.64 -15.70
CA PRO D 85 49.56 59.59 -16.71
C PRO D 85 51.03 59.28 -16.91
N GLN D 86 51.90 60.29 -16.80
CA GLN D 86 53.33 60.07 -16.97
C GLN D 86 53.87 59.10 -15.93
N VAL D 87 53.46 59.27 -14.67
CA VAL D 87 53.91 58.39 -13.60
C VAL D 87 53.35 56.98 -13.81
N LEU D 88 52.08 56.89 -14.18
CA LEU D 88 51.42 55.60 -14.38
C LEU D 88 51.78 54.96 -15.72
N TYR D 89 52.52 55.64 -16.58
CA TYR D 89 52.94 55.10 -17.86
C TYR D 89 53.81 53.86 -17.68
N MET E 1 63.93 35.62 19.03
CA MET E 1 65.32 35.92 18.73
C MET E 1 66.13 36.12 20.01
N THR E 2 67.44 36.10 19.88
CA THR E 2 68.30 36.37 21.02
C THR E 2 68.17 37.84 21.42
N PRO E 3 68.19 38.15 22.72
CA PRO E 3 68.09 39.55 23.14
C PRO E 3 69.17 40.45 22.57
N GLU E 4 70.39 39.92 22.39
CA GLU E 4 71.46 40.73 21.83
C GLU E 4 71.14 41.17 20.40
N MET E 5 70.52 40.28 19.63
CA MET E 5 70.12 40.65 18.27
C MET E 5 69.08 41.76 18.28
N PHE E 6 68.17 41.73 19.25
CA PHE E 6 67.15 42.78 19.35
C PHE E 6 67.80 44.14 19.65
N VAL E 7 68.80 44.16 20.53
CA VAL E 7 69.46 45.41 20.87
C VAL E 7 70.24 45.95 19.66
N GLU E 8 70.83 45.03 18.92
CA GLU E 8 71.54 45.44 17.69
C GLU E 8 70.53 46.19 16.82
N LEU E 9 69.43 45.53 16.49
CA LEU E 9 68.42 46.14 15.64
C LEU E 9 67.90 47.44 16.23
N PHE E 10 67.71 47.48 17.55
CA PHE E 10 67.24 48.70 18.21
C PHE E 10 68.27 49.83 18.05
N ARG E 11 69.55 49.50 18.24
CA ARG E 11 70.58 50.53 18.17
C ARG E 11 70.70 51.11 16.76
N GLU E 12 70.69 50.26 15.74
CA GLU E 12 70.87 50.74 14.38
C GLU E 12 69.65 51.54 13.91
N ALA E 13 68.48 51.25 14.49
CA ALA E 13 67.31 52.09 14.20
C ALA E 13 67.44 53.45 14.86
N LEU E 14 67.90 53.50 16.10
CA LEU E 14 68.12 54.76 16.78
C LEU E 14 69.26 55.54 16.11
N TRP E 15 70.27 54.82 15.62
CA TRP E 15 71.35 55.49 14.90
C TRP E 15 70.85 56.04 13.57
N MET E 16 69.89 55.36 12.94
CA MET E 16 69.35 55.81 11.67
C MET E 16 68.59 57.12 11.82
N VAL E 17 67.76 57.23 12.85
CA VAL E 17 67.01 58.46 13.08
C VAL E 17 67.94 59.58 13.54
N LEU E 18 68.92 59.25 14.39
CA LEU E 18 69.84 60.27 14.89
C LEU E 18 70.63 60.91 13.75
N ILE E 19 71.17 60.09 12.84
CA ILE E 19 71.89 60.63 11.69
C ILE E 19 70.95 61.45 10.81
N MET E 20 69.75 60.91 10.55
CA MET E 20 68.80 61.59 9.68
C MET E 20 68.32 62.89 10.32
N VAL E 21 68.01 62.86 11.61
CA VAL E 21 67.44 64.05 12.27
C VAL E 21 68.51 65.13 12.42
N CYS E 22 69.76 64.75 12.69
CA CYS E 22 70.80 65.75 12.90
C CYS E 22 71.17 66.44 11.60
N ALA E 23 71.20 65.70 10.49
CA ALA E 23 71.52 66.30 9.20
C ALA E 23 70.49 67.34 8.79
N ILE E 24 69.28 67.26 9.34
CA ILE E 24 68.23 68.21 8.99
C ILE E 24 68.18 69.38 9.97
N ILE E 25 68.53 69.15 11.23
CA ILE E 25 68.31 70.16 12.27
C ILE E 25 69.57 70.99 12.51
N ILE E 26 70.74 70.39 12.35
CA ILE E 26 72.01 71.09 12.56
C ILE E 26 72.07 72.37 11.74
N PRO E 27 71.70 72.38 10.45
CA PRO E 27 71.63 73.68 9.74
C PRO E 27 70.70 74.68 10.40
N SER E 28 69.57 74.21 10.93
CA SER E 28 68.66 75.12 11.61
C SER E 28 69.22 75.56 12.96
N LEU E 29 69.93 74.65 13.65
CA LEU E 29 70.49 74.99 14.96
C LEU E 29 71.53 76.10 14.85
N LEU E 30 72.39 76.02 13.83
CA LEU E 30 73.43 77.03 13.66
C LEU E 30 72.83 78.38 13.29
N ILE E 31 71.83 78.39 12.39
CA ILE E 31 71.22 79.64 11.98
C ILE E 31 70.52 80.31 13.16
N GLY E 32 69.80 79.52 13.97
CA GLY E 32 69.17 80.09 15.15
C GLY E 32 70.19 80.67 16.12
N LEU E 33 71.33 80.00 16.27
CA LEU E 33 72.39 80.53 17.12
C LEU E 33 72.98 81.81 16.54
N ILE E 34 73.15 81.86 15.21
CA ILE E 34 73.72 83.05 14.58
C ILE E 34 72.79 84.25 14.77
N VAL E 35 71.49 84.06 14.57
CA VAL E 35 70.55 85.16 14.73
C VAL E 35 70.51 85.63 16.17
N ALA E 36 70.55 84.69 17.12
CA ALA E 36 70.51 85.06 18.54
C ALA E 36 71.70 85.92 18.92
N ILE E 37 72.90 85.57 18.42
CA ILE E 37 74.08 86.39 18.69
C ILE E 37 73.93 87.77 18.07
N PHE E 38 73.40 87.83 16.85
CA PHE E 38 73.19 89.12 16.20
C PHE E 38 72.19 89.98 16.98
N GLN E 39 71.11 89.38 17.47
CA GLN E 39 70.15 90.12 18.27
C GLN E 39 70.78 90.60 19.57
N ALA E 40 71.60 89.77 20.21
CA ALA E 40 72.29 90.18 21.42
C ALA E 40 73.27 91.31 21.14
N ALA E 41 73.91 91.28 19.96
CA ALA E 41 74.85 92.35 19.60
C ALA E 41 74.16 93.69 19.47
N THR E 42 72.93 93.71 18.97
CA THR E 42 72.16 94.94 18.86
C THR E 42 71.18 95.12 20.02
N SER E 43 71.29 94.29 21.05
CA SER E 43 70.52 94.45 22.29
C SER E 43 69.01 94.42 22.05
N ILE E 44 68.54 93.48 21.24
CA ILE E 44 67.11 93.26 21.04
C ILE E 44 66.80 91.80 21.34
N ASN E 45 65.57 91.57 21.78
CA ASN E 45 65.09 90.22 22.13
C ASN E 45 63.70 90.04 21.52
N GLU E 46 63.65 89.55 20.28
CA GLU E 46 62.40 89.25 19.60
C GLU E 46 62.32 87.75 19.37
N GLN E 47 61.36 87.10 20.04
CA GLN E 47 61.26 85.64 19.97
C GLN E 47 60.85 85.17 18.59
N THR E 48 59.92 85.87 17.94
CA THR E 48 59.37 85.44 16.67
C THR E 48 60.26 85.81 15.48
N LEU E 49 61.34 86.56 15.71
CA LEU E 49 62.17 87.02 14.60
C LEU E 49 62.92 85.86 13.94
N SER E 50 63.49 84.96 14.75
CA SER E 50 64.32 83.87 14.23
C SER E 50 63.45 82.66 13.86
N PHE E 51 62.49 82.90 12.98
CA PHE E 51 61.65 81.84 12.45
C PHE E 51 61.76 81.70 10.94
N LEU E 52 61.73 82.81 10.21
CA LEU E 52 61.90 82.75 8.76
C LEU E 52 63.24 82.12 8.35
N PRO E 53 64.39 82.54 8.90
CA PRO E 53 65.64 81.88 8.49
C PRO E 53 65.67 80.40 8.80
N ARG E 54 65.14 79.98 9.95
CA ARG E 54 65.17 78.56 10.31
C ARG E 54 64.27 77.74 9.39
N LEU E 55 63.07 78.25 9.09
CA LEU E 55 62.15 77.51 8.24
C LEU E 55 62.72 77.35 6.83
N ILE E 56 63.27 78.43 6.27
CA ILE E 56 63.81 78.37 4.91
C ILE E 56 65.01 77.44 4.86
N VAL E 57 65.92 77.55 5.83
CA VAL E 57 67.12 76.70 5.83
C VAL E 57 66.72 75.23 5.97
N THR E 58 65.76 74.94 6.86
CA THR E 58 65.30 73.57 7.02
C THR E 58 64.70 73.03 5.73
N LEU E 59 63.89 73.85 5.05
CA LEU E 59 63.34 73.42 3.76
C LEU E 59 64.44 73.21 2.73
N LEU E 60 65.44 74.10 2.72
CA LEU E 60 66.58 73.90 1.83
C LEU E 60 67.34 72.63 2.17
N ALA E 61 67.48 72.34 3.47
CA ALA E 61 68.16 71.10 3.87
C ALA E 61 67.39 69.88 3.41
N LEU E 62 66.05 69.91 3.52
CA LEU E 62 65.24 68.79 3.06
C LEU E 62 65.38 68.59 1.56
N MET E 63 65.38 69.69 0.79
CA MET E 63 65.53 69.57 -0.65
C MET E 63 66.91 69.02 -1.03
N LEU E 64 67.96 69.50 -0.36
CA LEU E 64 69.32 69.11 -0.72
C LEU E 64 69.56 67.62 -0.44
N PHE E 65 69.09 67.12 0.69
CA PHE E 65 69.30 65.74 1.09
C PHE E 65 68.13 64.84 0.70
N GLY E 66 67.37 65.21 -0.32
CA GLY E 66 66.25 64.37 -0.75
C GLY E 66 66.71 63.02 -1.26
N HIS E 67 67.74 63.01 -2.11
CA HIS E 67 68.26 61.74 -2.62
C HIS E 67 68.96 60.94 -1.53
N TRP E 68 69.64 61.63 -0.61
CA TRP E 68 70.38 60.93 0.44
C TRP E 68 69.44 60.24 1.42
N MET E 69 68.36 60.93 1.83
CA MET E 69 67.41 60.31 2.75
C MET E 69 66.70 59.14 2.11
N THR E 70 66.29 59.28 0.85
CA THR E 70 65.62 58.18 0.16
C THR E 70 66.55 56.99 0.01
N GLN E 71 67.81 57.23 -0.36
CA GLN E 71 68.77 56.13 -0.50
C GLN E 71 69.02 55.44 0.84
N MET E 72 69.12 56.22 1.92
CA MET E 72 69.35 55.65 3.23
C MET E 72 68.16 54.79 3.67
N LEU E 73 66.94 55.28 3.45
CA LEU E 73 65.77 54.53 3.87
C LEU E 73 65.57 53.26 3.05
N MET E 74 65.75 53.35 1.73
CA MET E 74 65.57 52.19 0.87
C MET E 74 66.58 51.09 1.19
N GLU E 75 67.84 51.48 1.44
CA GLU E 75 68.85 50.48 1.78
C GLU E 75 68.59 49.88 3.17
N TYR E 76 68.10 50.69 4.10
CA TYR E 76 67.78 50.17 5.43
C TYR E 76 66.65 49.15 5.37
N PHE E 77 65.63 49.42 4.56
CA PHE E 77 64.54 48.45 4.39
C PHE E 77 65.05 47.16 3.77
N TYR E 78 65.92 47.27 2.77
CA TYR E 78 66.52 46.07 2.19
C TYR E 78 67.42 45.36 3.19
N GLY E 79 68.12 46.12 4.03
CA GLY E 79 68.99 45.50 5.02
C GLY E 79 68.24 44.65 6.02
N LEU E 80 67.10 45.14 6.49
CA LEU E 80 66.27 44.35 7.40
C LEU E 80 65.72 43.11 6.70
N ILE E 81 65.33 43.25 5.43
CA ILE E 81 64.83 42.10 4.67
C ILE E 81 65.90 41.02 4.55
N GLU E 82 67.11 41.44 4.19
CA GLU E 82 68.20 40.48 4.05
C GLU E 82 68.68 39.95 5.40
N ARG E 83 68.45 40.68 6.48
CA ARG E 83 68.81 40.22 7.81
C ARG E 83 67.77 39.26 8.40
N LEU E 84 66.58 39.21 7.80
CA LEU E 84 65.51 38.34 8.31
C LEU E 84 65.88 36.86 8.31
N PRO E 85 66.42 36.27 7.23
CA PRO E 85 66.77 34.84 7.30
C PRO E 85 67.82 34.52 8.36
N GLN E 86 68.68 35.47 8.71
CA GLN E 86 69.64 35.24 9.79
C GLN E 86 68.94 35.07 11.13
N VAL E 87 67.89 35.85 11.38
CA VAL E 87 67.17 35.76 12.65
C VAL E 87 66.34 34.48 12.71
N LEU E 88 65.43 34.31 11.76
CA LEU E 88 64.45 33.21 11.88
C LEU E 88 65.11 31.87 12.23
N TYR E 89 66.45 31.79 12.20
CA TYR E 89 67.12 30.48 12.45
C TYR E 89 68.30 30.66 13.42
N MET F 1 14.95 55.01 43.88
CA MET F 1 14.32 55.95 44.80
C MET F 1 14.05 57.29 44.13
N THR F 2 14.40 58.39 44.82
CA THR F 2 14.20 59.74 44.30
C THR F 2 15.44 60.21 43.55
N PRO F 3 15.26 61.05 42.53
CA PRO F 3 16.42 61.53 41.76
C PRO F 3 17.43 62.29 42.60
N GLU F 4 16.99 62.98 43.66
CA GLU F 4 17.93 63.72 44.50
C GLU F 4 18.92 62.79 45.18
N MET F 5 18.46 61.62 45.63
CA MET F 5 19.37 60.66 46.26
C MET F 5 20.41 60.16 45.25
N PHE F 6 20.02 59.99 44.00
CA PHE F 6 21.00 59.63 42.97
C PHE F 6 22.02 60.74 42.78
N VAL F 7 21.58 62.00 42.84
CA VAL F 7 22.51 63.13 42.76
C VAL F 7 23.50 63.08 43.91
N GLU F 8 23.03 62.76 45.13
CA GLU F 8 23.93 62.65 46.26
C GLU F 8 24.96 61.55 46.05
N LEU F 9 24.54 60.43 45.45
CA LEU F 9 25.47 59.34 45.15
C LEU F 9 26.52 59.79 44.14
N PHE F 10 26.10 60.49 43.08
CA PHE F 10 27.05 60.89 42.04
C PHE F 10 27.96 62.00 42.52
N ARG F 11 27.44 62.93 43.34
CA ARG F 11 28.30 63.94 43.94
C ARG F 11 29.30 63.28 44.89
N GLU F 12 28.86 62.27 45.65
CA GLU F 12 29.76 61.57 46.56
C GLU F 12 30.86 60.85 45.78
N ALA F 13 30.51 60.23 44.65
CA ALA F 13 31.52 59.56 43.84
C ALA F 13 32.50 60.54 43.24
N LEU F 14 31.98 61.66 42.69
CA LEU F 14 32.86 62.68 42.14
C LEU F 14 33.71 63.33 43.22
N TRP F 15 33.17 63.43 44.44
CA TRP F 15 33.96 63.94 45.55
C TRP F 15 35.14 63.02 45.85
N MET F 16 34.93 61.71 45.79
CA MET F 16 36.00 60.76 46.07
C MET F 16 37.11 60.86 45.03
N VAL F 17 36.76 60.93 43.74
CA VAL F 17 37.77 61.03 42.70
C VAL F 17 38.52 62.35 42.82
N LEU F 18 37.87 63.39 43.34
CA LEU F 18 38.58 64.64 43.60
C LEU F 18 39.63 64.45 44.68
N ILE F 19 39.30 63.68 45.73
CA ILE F 19 40.28 63.37 46.76
C ILE F 19 41.39 62.50 46.18
N MET F 20 41.02 61.52 45.35
CA MET F 20 42.03 60.66 44.72
C MET F 20 42.98 61.47 43.84
N VAL F 21 42.42 62.33 42.98
CA VAL F 21 43.26 63.06 42.05
C VAL F 21 44.07 64.14 42.77
N CYS F 22 43.50 64.73 43.83
CA CYS F 22 44.23 65.76 44.57
C CYS F 22 45.45 65.17 45.26
N ALA F 23 45.31 64.01 45.88
CA ALA F 23 46.44 63.39 46.57
C ALA F 23 47.58 63.07 45.62
N ILE F 24 47.25 62.75 44.35
CA ILE F 24 48.27 62.41 43.38
C ILE F 24 48.87 63.67 42.77
N ILE F 25 48.04 64.65 42.42
CA ILE F 25 48.48 65.77 41.62
C ILE F 25 49.22 66.81 42.46
N ILE F 26 48.67 67.16 43.62
CA ILE F 26 49.18 68.24 44.45
C ILE F 26 50.67 68.09 44.74
N PRO F 27 51.19 66.89 45.05
CA PRO F 27 52.66 66.75 45.17
C PRO F 27 53.39 67.15 43.90
N SER F 28 52.83 66.90 42.73
CA SER F 28 53.45 67.33 41.48
C SER F 28 53.29 68.82 41.23
N LEU F 29 52.15 69.39 41.63
CA LEU F 29 51.93 70.81 41.44
C LEU F 29 52.90 71.64 42.28
N LEU F 30 53.15 71.20 43.52
CA LEU F 30 54.08 71.93 44.38
C LEU F 30 55.49 71.91 43.79
N ILE F 31 55.93 70.76 43.31
CA ILE F 31 57.26 70.66 42.72
C ILE F 31 57.34 71.50 41.45
N GLY F 32 56.27 71.54 40.66
CA GLY F 32 56.27 72.36 39.47
C GLY F 32 56.46 73.84 39.77
N LEU F 33 55.79 74.33 40.81
CA LEU F 33 55.96 75.72 41.21
C LEU F 33 57.37 75.95 41.77
N ILE F 34 57.89 75.01 42.56
CA ILE F 34 59.20 75.19 43.16
C ILE F 34 60.27 75.34 42.08
N VAL F 35 60.23 74.47 41.07
CA VAL F 35 61.20 74.56 39.99
C VAL F 35 60.97 75.83 39.17
N ALA F 36 59.70 76.16 38.90
CA ALA F 36 59.40 77.33 38.08
C ALA F 36 59.88 78.62 38.73
N ILE F 37 59.66 78.76 40.04
CA ILE F 37 60.13 79.96 40.74
C ILE F 37 61.64 79.97 40.80
N PHE F 38 62.26 78.80 40.99
CA PHE F 38 63.72 78.72 40.98
C PHE F 38 64.29 79.16 39.65
N GLN F 39 63.68 78.72 38.54
CA GLN F 39 64.11 79.17 37.22
C GLN F 39 63.90 80.67 37.06
N ALA F 40 62.78 81.19 37.55
CA ALA F 40 62.52 82.63 37.45
C ALA F 40 63.56 83.44 38.22
N ALA F 41 63.93 82.96 39.42
CA ALA F 41 64.96 83.65 40.19
C ALA F 41 66.31 83.60 39.49
N THR F 42 66.64 82.45 38.90
CA THR F 42 67.93 82.25 38.25
C THR F 42 67.91 82.63 36.77
N SER F 43 66.78 83.15 36.28
CA SER F 43 66.63 83.53 34.87
C SER F 43 66.94 82.36 33.94
N ILE F 44 66.43 81.18 34.29
CA ILE F 44 66.57 79.98 33.49
C ILE F 44 65.26 79.74 32.74
N ASN F 45 65.35 79.47 31.44
CA ASN F 45 64.18 79.43 30.57
C ASN F 45 64.10 78.09 29.84
N GLU F 46 64.24 76.99 30.58
CA GLU F 46 64.04 75.66 30.03
C GLU F 46 62.63 75.20 30.40
N GLN F 47 61.72 75.23 29.41
CA GLN F 47 60.32 74.94 29.70
C GLN F 47 60.09 73.46 29.98
N THR F 48 60.86 72.57 29.36
CA THR F 48 60.67 71.14 29.54
C THR F 48 61.49 70.57 30.69
N LEU F 49 62.18 71.41 31.45
CA LEU F 49 63.02 70.93 32.55
C LEU F 49 62.17 70.28 33.65
N SER F 50 61.04 70.89 33.98
CA SER F 50 60.24 70.45 35.13
C SER F 50 59.16 69.44 34.70
N PHE F 51 59.61 68.35 34.10
CA PHE F 51 58.73 67.22 33.79
C PHE F 51 59.07 65.98 34.59
N LEU F 52 60.34 65.57 34.58
CA LEU F 52 60.75 64.44 35.41
C LEU F 52 60.51 64.67 36.90
N PRO F 53 60.83 65.83 37.48
CA PRO F 53 60.51 66.03 38.91
C PRO F 53 59.03 65.86 39.22
N ARG F 54 58.14 66.32 38.34
CA ARG F 54 56.71 66.11 38.55
C ARG F 54 56.36 64.63 38.41
N LEU F 55 57.00 63.93 37.46
CA LEU F 55 56.74 62.50 37.28
C LEU F 55 57.22 61.69 38.47
N ILE F 56 58.37 62.06 39.03
CA ILE F 56 58.94 61.28 40.14
C ILE F 56 58.01 61.33 41.35
N VAL F 57 57.56 62.54 41.72
CA VAL F 57 56.70 62.66 42.90
C VAL F 57 55.33 62.04 42.64
N THR F 58 54.84 62.12 41.39
CA THR F 58 53.56 61.50 41.06
C THR F 58 53.62 59.98 41.22
N LEU F 59 54.70 59.35 40.75
CA LEU F 59 54.87 57.91 40.96
C LEU F 59 55.07 57.60 42.44
N LEU F 60 55.84 58.43 43.15
CA LEU F 60 56.04 58.22 44.58
C LEU F 60 54.72 58.36 45.34
N ALA F 61 53.88 59.33 44.95
CA ALA F 61 52.59 59.49 45.61
C ALA F 61 51.70 58.27 45.42
N LEU F 62 51.72 57.70 44.21
CA LEU F 62 50.92 56.49 43.96
C LEU F 62 51.38 55.34 44.85
N MET F 63 52.69 55.16 44.99
CA MET F 63 53.20 54.11 45.87
C MET F 63 52.87 54.40 47.33
N LEU F 64 52.99 55.67 47.74
CA LEU F 64 52.74 56.01 49.14
C LEU F 64 51.27 55.88 49.51
N PHE F 65 50.37 56.25 48.60
CA PHE F 65 48.94 56.19 48.85
C PHE F 65 48.32 54.91 48.29
N GLY F 66 49.12 53.86 48.09
CA GLY F 66 48.58 52.63 47.54
C GLY F 66 47.57 51.96 48.46
N HIS F 67 47.91 51.86 49.75
CA HIS F 67 47.01 51.20 50.69
C HIS F 67 45.73 52.00 50.91
N TRP F 68 45.87 53.32 51.08
CA TRP F 68 44.71 54.15 51.40
C TRP F 68 43.69 54.15 50.26
N MET F 69 44.16 54.28 49.02
CA MET F 69 43.24 54.32 47.88
C MET F 69 42.56 52.98 47.66
N THR F 70 43.29 51.91 47.96
CA THR F 70 42.66 50.60 47.89
C THR F 70 41.56 50.57 48.95
N GLN F 71 41.94 50.69 50.21
CA GLN F 71 40.93 50.60 51.29
C GLN F 71 39.71 51.43 50.94
N MET F 72 39.87 52.51 50.20
CA MET F 72 38.80 53.46 49.99
C MET F 72 37.88 53.02 48.85
N LEU F 73 38.45 52.49 47.78
CA LEU F 73 37.64 51.97 46.68
C LEU F 73 36.83 50.75 47.12
N MET F 74 37.47 49.83 47.86
CA MET F 74 36.78 48.63 48.31
C MET F 74 35.63 48.98 49.27
N GLU F 75 35.88 49.89 50.20
CA GLU F 75 34.84 50.28 51.16
C GLU F 75 33.72 51.04 50.47
N TYR F 76 34.03 51.83 49.44
CA TYR F 76 32.99 52.47 48.66
C TYR F 76 32.11 51.45 47.96
N PHE F 77 32.70 50.39 47.42
CA PHE F 77 31.92 49.32 46.82
C PHE F 77 31.03 48.64 47.86
N TYR F 78 31.58 48.38 49.05
CA TYR F 78 30.77 47.80 50.13
C TYR F 78 29.68 48.76 50.57
N GLY F 79 29.99 50.06 50.61
CA GLY F 79 28.98 51.04 50.99
C GLY F 79 27.81 51.05 50.02
N LEU F 80 28.08 50.99 48.72
CA LEU F 80 27.02 50.90 47.74
C LEU F 80 26.23 49.61 47.88
N ILE F 81 26.94 48.49 48.06
CA ILE F 81 26.28 47.20 48.19
C ILE F 81 25.33 47.18 49.38
N GLU F 82 25.79 47.69 50.52
CA GLU F 82 24.93 47.79 51.69
C GLU F 82 23.83 48.83 51.51
N ARG F 83 23.97 49.74 50.55
CA ARG F 83 22.93 50.71 50.23
C ARG F 83 21.95 50.21 49.18
N LEU F 84 22.17 49.03 48.62
CA LEU F 84 21.22 48.45 47.68
C LEU F 84 19.81 48.29 48.25
N PRO F 85 19.66 47.89 49.54
CA PRO F 85 18.36 47.83 50.18
C PRO F 85 17.64 49.15 49.98
N GLN F 86 18.35 50.28 49.94
CA GLN F 86 17.57 51.53 49.79
C GLN F 86 16.77 51.39 48.50
N VAL F 87 17.43 50.90 47.45
CA VAL F 87 16.77 50.78 46.11
C VAL F 87 15.61 49.80 46.23
N LEU F 88 15.84 48.65 46.85
CA LEU F 88 14.79 47.60 46.92
C LEU F 88 13.60 48.06 47.78
N TYR F 89 13.80 49.01 48.71
CA TYR F 89 12.69 49.39 49.63
C TYR F 89 12.02 50.70 49.21
N MET G 1 43.33 37.29 46.04
CA MET G 1 44.11 38.52 46.04
C MET G 1 43.84 39.35 47.29
N THR G 2 44.86 39.43 48.16
CA THR G 2 44.76 40.30 49.32
C THR G 2 45.17 41.73 48.95
N PRO G 3 44.60 42.73 49.62
CA PRO G 3 44.98 44.12 49.30
C PRO G 3 46.46 44.41 49.50
N GLU G 4 47.11 43.75 50.47
CA GLU G 4 48.53 43.99 50.69
C GLU G 4 49.36 43.58 49.48
N MET G 5 49.06 42.42 48.90
CA MET G 5 49.79 41.98 47.72
C MET G 5 49.54 42.90 46.52
N PHE G 6 48.32 43.42 46.40
CA PHE G 6 48.00 44.32 45.29
C PHE G 6 48.87 45.57 45.34
N VAL G 7 49.04 46.14 46.53
CA VAL G 7 49.90 47.32 46.67
C VAL G 7 51.35 46.95 46.37
N GLU G 8 51.72 45.72 46.69
CA GLU G 8 53.15 45.34 46.50
C GLU G 8 53.41 45.25 44.99
N LEU G 9 52.50 44.65 44.24
CA LEU G 9 52.66 44.59 42.79
C LEU G 9 52.56 45.98 42.18
N PHE G 10 51.68 46.83 42.71
CA PHE G 10 51.57 48.19 42.21
C PHE G 10 52.87 48.96 42.46
N ARG G 11 53.44 48.82 43.66
CA ARG G 11 54.64 49.57 43.99
C ARG G 11 55.84 49.11 43.16
N GLU G 12 56.01 47.80 43.00
CA GLU G 12 57.16 47.30 42.25
C GLU G 12 57.06 47.65 40.78
N ALA G 13 55.84 47.73 40.24
CA ALA G 13 55.66 48.18 38.87
C ALA G 13 55.99 49.67 38.74
N LEU G 14 55.50 50.47 39.68
CA LEU G 14 55.79 51.91 39.65
C LEU G 14 57.25 52.18 39.93
N TRP G 15 57.89 51.35 40.76
CA TRP G 15 59.32 51.51 41.01
C TRP G 15 60.14 51.18 39.78
N MET G 16 59.70 50.20 38.99
CA MET G 16 60.44 49.82 37.80
C MET G 16 60.35 50.89 36.72
N VAL G 17 59.15 51.41 36.47
CA VAL G 17 58.99 52.45 35.46
C VAL G 17 59.73 53.72 35.89
N LEU G 18 59.72 54.03 37.18
CA LEU G 18 60.43 55.19 37.68
C LEU G 18 61.92 55.08 37.41
N ILE G 19 62.48 53.90 37.66
CA ILE G 19 63.91 53.68 37.41
C ILE G 19 64.22 53.84 35.93
N MET G 20 63.39 53.25 35.07
CA MET G 20 63.65 53.31 33.64
C MET G 20 63.50 54.72 33.09
N VAL G 21 62.41 55.41 33.47
CA VAL G 21 62.14 56.73 32.91
C VAL G 21 63.17 57.74 33.42
N CYS G 22 63.59 57.63 34.68
CA CYS G 22 64.56 58.57 35.21
C CYS G 22 65.93 58.38 34.56
N ALA G 23 66.31 57.12 34.31
CA ALA G 23 67.60 56.86 33.69
C ALA G 23 67.66 57.43 32.27
N ILE G 24 66.51 57.56 31.62
CA ILE G 24 66.50 58.06 30.24
C ILE G 24 66.40 59.58 30.21
N ILE G 25 65.52 60.14 31.05
CA ILE G 25 65.25 61.57 31.00
C ILE G 25 66.45 62.37 31.51
N ILE G 26 67.10 61.89 32.57
CA ILE G 26 68.16 62.62 33.26
C ILE G 26 69.25 63.09 32.29
N PRO G 27 69.75 62.26 31.37
CA PRO G 27 70.72 62.79 30.39
C PRO G 27 70.18 63.95 29.56
N SER G 28 68.89 63.94 29.24
CA SER G 28 68.30 65.06 28.52
C SER G 28 68.07 66.26 29.44
N LEU G 29 67.71 66.00 30.70
CA LEU G 29 67.47 67.09 31.64
C LEU G 29 68.76 67.84 31.95
N LEU G 30 69.87 67.10 32.10
CA LEU G 30 71.15 67.75 32.39
C LEU G 30 71.59 68.63 31.22
N ILE G 31 71.48 68.11 30.00
CA ILE G 31 71.89 68.90 28.84
C ILE G 31 71.00 70.12 28.66
N GLY G 32 69.70 69.96 28.83
CA GLY G 32 68.80 71.10 28.73
C GLY G 32 69.10 72.17 29.77
N LEU G 33 69.48 71.75 30.97
CA LEU G 33 69.88 72.71 32.00
C LEU G 33 71.18 73.41 31.62
N ILE G 34 72.13 72.67 31.06
CA ILE G 34 73.43 73.26 30.69
C ILE G 34 73.24 74.33 29.61
N VAL G 35 72.44 74.01 28.58
CA VAL G 35 72.20 74.97 27.52
C VAL G 35 71.45 76.19 28.05
N ALA G 36 70.46 75.96 28.91
CA ALA G 36 69.73 77.08 29.50
C ALA G 36 70.64 77.96 30.34
N ILE G 37 71.55 77.36 31.10
CA ILE G 37 72.53 78.13 31.84
C ILE G 37 73.44 78.91 30.90
N PHE G 38 73.88 78.27 29.81
CA PHE G 38 74.74 78.94 28.84
C PHE G 38 74.02 80.14 28.21
N GLN G 39 72.75 79.98 27.88
CA GLN G 39 72.00 81.09 27.28
C GLN G 39 71.89 82.26 28.25
N ALA G 40 71.64 81.97 29.53
CA ALA G 40 71.54 83.04 30.51
C ALA G 40 72.87 83.77 30.69
N ALA G 41 73.98 83.03 30.67
CA ALA G 41 75.29 83.65 30.84
C ALA G 41 75.61 84.60 29.69
N THR G 42 75.30 84.18 28.46
CA THR G 42 75.54 85.04 27.30
C THR G 42 74.35 85.93 26.96
N SER G 43 73.24 85.79 27.69
CA SER G 43 72.07 86.65 27.53
C SER G 43 71.49 86.57 26.12
N ILE G 44 71.07 85.37 25.74
CA ILE G 44 70.33 85.13 24.51
C ILE G 44 69.03 84.43 24.86
N ASN G 45 68.02 84.61 24.01
CA ASN G 45 66.68 84.12 24.29
C ASN G 45 66.12 83.23 23.18
N GLU G 46 66.98 82.47 22.50
CA GLU G 46 66.49 81.47 21.57
C GLU G 46 65.85 80.32 22.34
N GLN G 47 64.70 79.84 21.86
CA GLN G 47 63.94 78.82 22.56
C GLN G 47 64.33 77.42 22.13
N THR G 48 64.23 77.11 20.84
CA THR G 48 64.50 75.77 20.32
C THR G 48 65.99 75.47 20.22
N LEU G 49 66.85 76.34 20.76
CA LEU G 49 68.29 76.08 20.73
C LEU G 49 68.67 74.85 21.55
N SER G 50 67.82 74.46 22.51
CA SER G 50 68.11 73.34 23.40
C SER G 50 67.21 72.13 23.11
N PHE G 51 66.93 71.87 21.84
CA PHE G 51 66.14 70.71 21.45
C PHE G 51 66.99 69.59 20.85
N LEU G 52 67.78 69.90 19.82
CA LEU G 52 68.62 68.88 19.20
C LEU G 52 69.60 68.25 20.17
N PRO G 53 70.32 69.01 21.03
CA PRO G 53 71.18 68.34 22.01
C PRO G 53 70.43 67.40 22.94
N ARG G 54 69.20 67.75 23.33
CA ARG G 54 68.40 66.85 24.17
C ARG G 54 68.06 65.57 23.42
N LEU G 55 67.69 65.70 22.14
CA LEU G 55 67.34 64.52 21.35
C LEU G 55 68.54 63.60 21.18
N ILE G 56 69.72 64.17 20.94
CA ILE G 56 70.91 63.35 20.69
C ILE G 56 71.26 62.53 21.93
N VAL G 57 71.28 63.18 23.10
CA VAL G 57 71.66 62.47 24.32
C VAL G 57 70.59 61.47 24.72
N THR G 58 69.31 61.76 24.41
CA THR G 58 68.27 60.79 24.70
C THR G 58 68.41 59.54 23.84
N LEU G 59 68.64 59.73 22.53
CA LEU G 59 68.85 58.58 21.65
C LEU G 59 70.11 57.82 22.03
N LEU G 60 71.19 58.54 22.36
CA LEU G 60 72.41 57.89 22.78
C LEU G 60 72.20 57.11 24.08
N ALA G 61 71.39 57.66 24.99
CA ALA G 61 71.08 56.95 26.23
C ALA G 61 70.36 55.63 25.96
N LEU G 62 69.40 55.66 25.02
CA LEU G 62 68.66 54.43 24.70
C LEU G 62 69.57 53.37 24.11
N MET G 63 70.54 53.78 23.29
CA MET G 63 71.50 52.82 22.76
C MET G 63 72.33 52.19 23.87
N LEU G 64 72.79 53.00 24.82
CA LEU G 64 73.64 52.50 25.90
C LEU G 64 72.87 51.67 26.91
N PHE G 65 71.63 52.04 27.22
CA PHE G 65 70.80 51.33 28.18
C PHE G 65 69.90 50.29 27.53
N GLY G 66 70.18 49.94 26.26
CA GLY G 66 69.36 48.92 25.61
C GLY G 66 69.48 47.56 26.27
N HIS G 67 70.72 47.14 26.57
CA HIS G 67 70.92 45.88 27.26
C HIS G 67 70.31 45.89 28.65
N TRP G 68 70.49 46.99 29.38
CA TRP G 68 70.01 47.05 30.76
C TRP G 68 68.49 47.03 30.83
N MET G 69 67.82 47.83 29.99
CA MET G 69 66.36 47.88 30.01
C MET G 69 65.76 46.55 29.56
N THR G 70 66.36 45.92 28.55
CA THR G 70 65.84 44.65 28.05
C THR G 70 65.90 43.57 29.13
N GLN G 71 67.01 43.51 29.86
CA GLN G 71 67.16 42.47 30.89
C GLN G 71 66.18 42.67 32.02
N MET G 72 65.96 43.92 32.43
CA MET G 72 65.04 44.19 33.55
C MET G 72 63.60 43.84 33.17
N LEU G 73 63.19 44.17 31.94
CA LEU G 73 61.85 43.83 31.50
C LEU G 73 61.65 42.31 31.43
N MET G 74 62.66 41.59 30.94
CA MET G 74 62.58 40.13 30.91
C MET G 74 62.55 39.56 32.33
N GLU G 75 63.39 40.12 33.21
CA GLU G 75 63.44 39.64 34.62
C GLU G 75 62.07 39.87 35.27
N TYR G 76 61.48 41.05 35.07
CA TYR G 76 60.21 41.37 35.70
C TYR G 76 59.11 40.43 35.26
N PHE G 77 59.05 40.11 33.96
CA PHE G 77 58.06 39.15 33.47
C PHE G 77 58.27 37.78 34.09
N TYR G 78 59.53 37.34 34.18
CA TYR G 78 59.83 36.07 34.81
C TYR G 78 59.46 36.08 36.29
N GLY G 79 59.69 37.21 36.96
CA GLY G 79 59.35 37.30 38.37
C GLY G 79 57.87 37.16 38.63
N LEU G 80 57.04 37.81 37.80
CA LEU G 80 55.59 37.71 37.97
C LEU G 80 55.11 36.29 37.71
N ILE G 81 55.68 35.61 36.72
CA ILE G 81 55.33 34.23 36.45
C ILE G 81 55.66 33.35 37.65
N GLU G 82 56.85 33.54 38.22
CA GLU G 82 57.25 32.76 39.39
C GLU G 82 56.44 33.12 40.62
N ARG G 83 55.95 34.36 40.71
CA ARG G 83 55.15 34.77 41.86
C ARG G 83 53.70 34.35 41.75
N LEU G 84 53.28 33.79 40.61
CA LEU G 84 51.89 33.40 40.41
C LEU G 84 51.37 32.40 41.44
N PRO G 85 52.09 31.32 41.80
CA PRO G 85 51.55 30.41 42.82
C PRO G 85 51.28 31.07 44.16
N GLN G 86 52.06 32.07 44.54
CA GLN G 86 51.81 32.77 45.80
C GLN G 86 50.52 33.58 45.74
N VAL G 87 50.22 34.17 44.57
CA VAL G 87 49.02 34.99 44.43
C VAL G 87 47.76 34.16 44.62
N LEU G 88 47.67 33.04 43.92
CA LEU G 88 46.52 32.14 44.02
C LEU G 88 46.98 30.82 44.60
N TYR G 89 46.52 30.51 45.81
CA TYR G 89 46.94 29.29 46.50
C TYR G 89 46.04 28.12 46.13
N GLU H 2 -20.48 32.97 9.99
CA GLU H 2 -19.37 33.82 9.59
C GLU H 2 -18.34 33.03 8.80
N TYR H 3 -17.54 33.72 8.00
CA TYR H 3 -16.39 33.08 7.36
C TYR H 3 -15.18 33.32 8.24
N PRO H 4 -14.47 32.28 8.67
CA PRO H 4 -13.42 32.46 9.68
C PRO H 4 -12.30 33.39 9.27
N THR H 5 -12.20 33.73 7.98
CA THR H 5 -11.14 34.62 7.53
C THR H 5 -11.24 35.99 8.20
N SER H 6 -12.46 36.50 8.35
CA SER H 6 -12.64 37.84 8.93
C SER H 6 -12.18 37.90 10.38
N VAL H 7 -12.48 36.86 11.16
CA VAL H 7 -12.17 36.89 12.59
C VAL H 7 -10.66 36.83 12.81
N VAL H 8 -9.98 35.91 12.13
CA VAL H 8 -8.55 35.71 12.37
C VAL H 8 -7.75 36.90 11.84
N LEU H 9 -8.11 37.38 10.64
CA LEU H 9 -7.35 38.48 10.04
C LEU H 9 -7.44 39.76 10.86
N ASP H 10 -8.63 40.05 11.40
CA ASP H 10 -8.83 41.30 12.13
C ASP H 10 -7.96 41.35 13.39
N TRP H 11 -7.89 40.23 14.13
CA TRP H 11 -7.09 40.21 15.35
C TRP H 11 -5.62 40.46 15.07
N ILE H 12 -5.10 39.82 14.02
CA ILE H 12 -3.71 40.05 13.63
C ILE H 12 -3.52 41.51 13.23
N ALA H 13 -4.47 42.07 12.48
CA ALA H 13 -4.42 43.48 12.14
C ALA H 13 -4.61 44.36 13.37
N ASN H 14 -5.49 43.95 14.30
CA ASN H 14 -5.75 44.74 15.49
C ASN H 14 -4.67 44.63 16.55
N TYR H 15 -3.76 43.65 16.44
CA TYR H 15 -2.69 43.47 17.39
C TYR H 15 -1.34 43.92 16.87
N PHE H 16 -0.93 43.42 15.71
CA PHE H 16 0.42 43.70 15.21
C PHE H 16 0.61 45.18 14.90
N TRP H 17 -0.37 45.81 14.27
CA TRP H 17 -0.25 47.23 13.94
C TRP H 17 -0.09 48.10 15.18
N PRO H 18 -0.89 47.96 16.25
CA PRO H 18 -0.56 48.68 17.49
C PRO H 18 0.78 48.27 18.07
N TYR H 19 1.14 46.98 17.96
CA TYR H 19 2.41 46.51 18.50
C TYR H 19 3.59 47.14 17.79
N VAL H 20 3.50 47.31 16.47
CA VAL H 20 4.60 47.86 15.70
C VAL H 20 4.97 49.24 16.20
N ARG H 21 3.96 50.09 16.41
CA ARG H 21 4.23 51.43 16.96
C ARG H 21 4.85 51.34 18.35
N ILE H 22 4.31 50.45 19.20
CA ILE H 22 4.85 50.28 20.54
C ILE H 22 6.28 49.75 20.48
N SER H 23 6.51 48.72 19.67
CA SER H 23 7.84 48.12 19.57
C SER H 23 8.85 49.09 18.98
N SER H 24 8.44 49.87 17.98
CA SER H 24 9.35 50.82 17.36
C SER H 24 9.79 51.90 18.33
N MET H 25 8.89 52.32 19.23
CA MET H 25 9.27 53.29 20.25
C MET H 25 10.27 52.69 21.23
N LEU H 26 10.10 51.40 21.56
CA LEU H 26 10.98 50.75 22.51
C LEU H 26 12.40 50.62 21.98
N MET H 27 12.57 50.27 20.70
CA MET H 27 13.91 50.05 20.16
C MET H 27 14.70 51.35 20.08
N VAL H 28 14.02 52.49 19.97
CA VAL H 28 14.69 53.79 19.97
C VAL H 28 14.68 54.44 21.34
N MET H 29 13.96 53.87 22.30
CA MET H 29 13.84 54.46 23.63
C MET H 29 15.17 54.42 24.37
N THR H 30 15.27 55.26 25.41
CA THR H 30 16.51 55.36 26.17
C THR H 30 16.81 54.08 26.94
N VAL H 31 15.82 53.57 27.67
CA VAL H 31 16.05 52.44 28.57
C VAL H 31 15.78 51.12 27.88
N THR H 32 14.60 50.96 27.26
CA THR H 32 14.26 49.71 26.62
C THR H 32 15.08 49.45 25.35
N GLY H 33 15.65 50.50 24.75
CA GLY H 33 16.47 50.35 23.57
C GLY H 33 17.94 50.27 23.89
N ALA H 34 18.27 50.05 25.16
CA ALA H 34 19.65 49.99 25.59
C ALA H 34 20.32 48.71 25.09
N ARG H 35 21.65 48.76 25.02
CA ARG H 35 22.44 47.62 24.57
C ARG H 35 22.54 46.52 25.62
N PHE H 36 22.27 46.84 26.89
CA PHE H 36 22.36 45.84 27.95
C PHE H 36 21.28 44.78 27.80
N VAL H 37 20.03 45.21 27.58
CA VAL H 37 18.92 44.28 27.50
C VAL H 37 19.00 43.49 26.19
N SER H 38 18.65 42.21 26.26
CA SER H 38 18.61 41.39 25.07
C SER H 38 17.39 41.74 24.22
N PRO H 39 17.45 41.51 22.92
CA PRO H 39 16.24 41.70 22.09
C PRO H 39 15.07 40.83 22.51
N ARG H 40 15.34 39.62 23.01
CA ARG H 40 14.27 38.73 23.42
C ARG H 40 13.47 39.28 24.59
N ILE H 41 14.17 39.83 25.60
CA ILE H 41 13.48 40.47 26.72
C ILE H 41 12.69 41.68 26.24
N ARG H 42 13.28 42.48 25.35
CA ARG H 42 12.58 43.62 24.79
C ARG H 42 11.38 43.18 23.95
N LEU H 43 11.55 42.09 23.19
CA LEU H 43 10.45 41.58 22.37
C LEU H 43 9.27 41.14 23.23
N TYR H 44 9.56 40.42 24.32
CA TYR H 44 8.48 40.00 25.22
C TYR H 44 7.82 41.19 25.90
N LEU H 45 8.61 42.22 26.24
CA LEU H 45 8.05 43.42 26.84
C LEU H 45 7.08 44.11 25.89
N GLY H 46 7.45 44.22 24.60
CA GLY H 46 6.55 44.82 23.63
C GLY H 46 5.31 43.98 23.41
N LEU H 47 5.45 42.66 23.42
CA LEU H 47 4.29 41.77 23.30
C LEU H 47 3.37 41.90 24.51
N ALA H 48 3.94 41.97 25.71
CA ALA H 48 3.14 42.04 26.91
C ALA H 48 2.43 43.38 27.05
N ILE H 49 3.12 44.47 26.68
CA ILE H 49 2.50 45.79 26.78
C ILE H 49 1.33 45.91 25.81
N THR H 50 1.51 45.43 24.57
CA THR H 50 0.45 45.52 23.58
C THR H 50 -0.78 44.72 24.01
N PHE H 51 -0.57 43.53 24.57
CA PHE H 51 -1.69 42.71 25.02
C PHE H 51 -2.44 43.38 26.17
N ALA H 52 -1.72 44.02 27.09
CA ALA H 52 -2.35 44.61 28.26
C ALA H 52 -3.14 45.86 27.90
N VAL H 53 -2.62 46.69 26.99
CA VAL H 53 -3.23 47.98 26.69
C VAL H 53 -4.19 47.84 25.52
N MET H 54 -4.44 46.60 25.11
CA MET H 54 -5.37 46.34 24.01
C MET H 54 -6.76 46.91 24.22
N PRO H 55 -7.39 46.81 25.39
CA PRO H 55 -8.75 47.39 25.54
C PRO H 55 -8.82 48.88 25.27
N ALA H 56 -7.75 49.64 25.58
CA ALA H 56 -7.77 51.08 25.36
C ALA H 56 -7.51 51.43 23.90
N ILE H 57 -7.05 50.49 23.09
CA ILE H 57 -6.77 50.75 21.67
C ILE H 57 -8.06 50.59 20.87
N PRO H 58 -8.48 51.61 20.13
CA PRO H 58 -9.69 51.46 19.31
C PRO H 58 -9.46 50.49 18.15
N ALA H 59 -10.56 49.89 17.70
CA ALA H 59 -10.48 48.94 16.59
C ALA H 59 -9.98 49.62 15.32
N VAL H 60 -9.02 48.99 14.67
CA VAL H 60 -8.44 49.52 13.43
C VAL H 60 -9.49 49.44 12.33
N PRO H 61 -9.42 50.31 11.31
CA PRO H 61 -10.38 50.22 10.21
C PRO H 61 -10.21 48.90 9.44
N GLN H 62 -11.35 48.31 9.06
CA GLN H 62 -11.32 47.05 8.33
C GLN H 62 -11.14 47.24 6.82
N ASP H 63 -11.15 48.49 6.34
CA ASP H 63 -11.01 48.72 4.90
C ASP H 63 -9.65 48.27 4.39
N ILE H 64 -8.59 48.55 5.15
CA ILE H 64 -7.24 48.23 4.70
C ILE H 64 -6.96 46.75 4.96
N GLU H 65 -6.49 46.06 3.92
CA GLU H 65 -6.21 44.64 3.99
C GLU H 65 -4.78 44.39 4.44
N LEU H 66 -4.59 43.27 5.15
CA LEU H 66 -3.25 42.91 5.61
C LEU H 66 -2.31 42.65 4.45
N LEU H 67 -2.78 41.96 3.41
CA LEU H 67 -1.98 41.71 2.21
C LEU H 67 -2.43 42.66 1.12
N SER H 68 -1.87 43.87 1.16
CA SER H 68 -2.09 44.90 0.16
C SER H 68 -1.05 45.98 0.36
N PHE H 69 -0.83 46.78 -0.69
CA PHE H 69 0.19 47.82 -0.59
C PHE H 69 -0.21 48.89 0.42
N ARG H 70 -1.51 49.16 0.56
CA ARG H 70 -1.96 50.10 1.57
C ARG H 70 -1.64 49.61 2.97
N GLY H 71 -1.82 48.31 3.21
CA GLY H 71 -1.43 47.75 4.51
C GLY H 71 0.06 47.82 4.73
N PHE H 72 0.85 47.67 3.66
CA PHE H 72 2.29 47.78 3.78
C PHE H 72 2.71 49.19 4.20
N MET H 73 2.05 50.21 3.64
CA MET H 73 2.33 51.58 4.05
C MET H 73 1.95 51.81 5.50
N THR H 74 0.89 51.14 5.98
CA THR H 74 0.45 51.31 7.36
C THR H 74 1.53 50.85 8.33
N ILE H 75 2.20 49.74 8.02
CA ILE H 75 3.26 49.24 8.89
C ILE H 75 4.40 50.25 8.98
N ALA H 76 4.78 50.84 7.83
CA ALA H 76 5.87 51.81 7.84
C ALA H 76 5.54 53.04 8.65
N GLU H 77 4.31 53.57 8.50
CA GLU H 77 3.96 54.80 9.19
C GLU H 77 3.71 54.58 10.68
N GLN H 78 3.48 53.33 11.09
CA GLN H 78 3.42 53.03 12.52
C GLN H 78 4.81 53.12 13.14
N MET H 79 5.84 52.67 12.41
CA MET H 79 7.21 52.77 12.90
C MET H 79 7.65 54.23 13.02
N ILE H 80 7.29 55.05 12.04
CA ILE H 80 7.75 56.45 12.04
C ILE H 80 7.23 57.18 13.27
N ILE H 81 5.99 56.91 13.67
CA ILE H 81 5.46 57.48 14.90
C ILE H 81 6.25 56.97 16.10
N GLY H 82 6.54 55.67 16.14
CA GLY H 82 7.28 55.12 17.27
C GLY H 82 8.70 55.65 17.36
N ILE H 83 9.38 55.75 16.22
CA ILE H 83 10.75 56.29 16.22
C ILE H 83 10.75 57.75 16.64
N ALA H 84 9.69 58.49 16.29
CA ALA H 84 9.61 59.90 16.67
C ALA H 84 9.65 60.06 18.19
N MET H 85 8.86 59.27 18.92
CA MET H 85 8.91 59.31 20.37
C MET H 85 10.27 58.85 20.89
N GLY H 86 10.82 57.80 20.29
CA GLY H 86 12.10 57.29 20.76
C GLY H 86 13.24 58.28 20.60
N MET H 87 13.27 59.00 19.47
CA MET H 87 14.35 59.96 19.23
C MET H 87 14.29 61.11 20.22
N VAL H 88 13.10 61.50 20.66
CA VAL H 88 12.98 62.58 21.65
C VAL H 88 13.70 62.19 22.94
N THR H 89 13.48 60.95 23.40
CA THR H 89 14.16 60.49 24.61
C THR H 89 15.67 60.45 24.41
N GLN H 90 16.13 60.03 23.24
CA GLN H 90 17.55 60.04 22.95
C GLN H 90 18.09 61.46 22.91
N PHE H 91 17.27 62.42 22.46
CA PHE H 91 17.71 63.81 22.39
C PHE H 91 18.01 64.37 23.78
N MET H 92 17.16 64.05 24.76
CA MET H 92 17.36 64.56 26.11
C MET H 92 18.64 64.00 26.72
N ILE H 93 18.80 62.68 26.67
CA ILE H 93 19.93 62.05 27.34
C ILE H 93 21.25 62.50 26.72
N GLN H 94 21.32 62.53 25.38
CA GLN H 94 22.52 62.98 24.70
C GLN H 94 22.80 64.46 24.93
N THR H 95 21.76 65.26 25.19
CA THR H 95 22.00 66.65 25.58
C THR H 95 22.73 66.72 26.92
N PHE H 96 22.36 65.84 27.86
CA PHE H 96 23.11 65.75 29.10
C PHE H 96 24.51 65.19 28.86
N VAL H 97 24.64 64.27 27.91
CA VAL H 97 25.95 63.84 27.45
C VAL H 97 26.71 65.03 26.87
N LEU H 98 25.99 65.90 26.14
CA LEU H 98 26.59 67.15 25.68
C LEU H 98 27.01 68.01 26.86
N LEU H 99 26.18 68.08 27.90
CA LEU H 99 26.52 68.86 29.08
C LEU H 99 27.75 68.29 29.78
N GLY H 100 27.86 66.96 29.85
CA GLY H 100 29.01 66.35 30.47
C GLY H 100 30.31 66.63 29.72
N GLN H 101 30.25 66.56 28.39
CA GLN H 101 31.47 66.70 27.60
C GLN H 101 31.93 68.15 27.49
N ILE H 102 31.00 69.11 27.46
CA ILE H 102 31.43 70.51 27.42
C ILE H 102 32.14 70.89 28.71
N LEU H 103 31.62 70.40 29.86
CA LEU H 103 32.31 70.62 31.12
C LEU H 103 33.66 69.91 31.12
N GLY H 104 33.70 68.68 30.61
CA GLY H 104 34.97 67.96 30.56
C GLY H 104 35.96 68.62 29.62
N MET H 105 35.49 69.07 28.46
CA MET H 105 36.37 69.77 27.52
C MET H 105 36.91 71.05 28.14
N GLN H 106 36.04 71.82 28.81
CA GLN H 106 36.48 73.03 29.48
C GLN H 106 37.32 72.72 30.72
N SER H 107 37.22 71.51 31.26
CA SER H 107 38.01 71.10 32.41
C SER H 107 39.37 70.56 32.02
N SER H 108 39.86 70.90 30.82
CA SER H 108 41.13 70.38 30.30
C SER H 108 41.16 68.86 30.28
N LEU H 109 40.05 68.25 29.86
CA LEU H 109 39.92 66.79 29.83
C LEU H 109 39.10 66.36 28.62
N LEU H 125 34.37 60.88 28.71
CA LEU H 125 34.19 60.04 29.89
C LEU H 125 33.35 60.74 30.95
N LEU H 126 33.44 62.08 31.00
CA LEU H 126 32.56 62.83 31.88
C LEU H 126 31.14 62.85 31.33
N GLY H 127 30.97 62.66 30.03
CA GLY H 127 29.63 62.50 29.48
C GLY H 127 28.95 61.25 29.98
N GLN H 128 29.72 60.17 30.16
CA GLN H 128 29.16 58.94 30.70
C GLN H 128 28.64 59.14 32.12
N LEU H 129 29.36 59.92 32.93
CA LEU H 129 28.89 60.21 34.28
C LEU H 129 27.55 60.92 34.26
N PHE H 130 27.38 61.87 33.33
CA PHE H 130 26.08 62.55 33.20
C PHE H 130 25.06 61.64 32.53
N MET H 131 25.49 60.81 31.58
CA MET H 131 24.57 59.90 30.91
C MET H 131 23.97 58.91 31.89
N PHE H 132 24.80 58.33 32.75
CA PHE H 132 24.30 57.38 33.74
C PHE H 132 23.34 58.05 34.71
N LEU H 133 23.71 59.24 35.22
CA LEU H 133 22.85 59.94 36.17
C LEU H 133 21.55 60.37 35.53
N THR H 134 21.60 60.84 34.28
CA THR H 134 20.38 61.22 33.58
C THR H 134 19.48 60.03 33.33
N THR H 135 20.07 58.86 33.08
CA THR H 135 19.29 57.63 32.99
C THR H 135 18.60 57.33 34.31
N MET H 136 19.29 57.57 35.43
CA MET H 136 18.65 57.42 36.73
C MET H 136 17.51 58.41 36.91
N PHE H 137 17.69 59.64 36.42
CA PHE H 137 16.60 60.62 36.45
C PHE H 137 15.42 60.13 35.64
N PHE H 138 15.68 59.56 34.46
CA PHE H 138 14.61 59.05 33.62
C PHE H 138 13.85 57.92 34.32
N LEU H 139 14.56 57.03 34.99
CA LEU H 139 13.92 55.92 35.69
C LEU H 139 13.23 56.38 36.97
N ALA H 140 13.88 57.25 37.74
CA ALA H 140 13.33 57.66 39.03
C ALA H 140 12.06 58.49 38.86
N THR H 141 12.03 59.37 37.87
CA THR H 141 10.86 60.20 37.61
C THR H 141 9.77 59.45 36.85
N ASP H 142 9.88 58.13 36.73
CA ASP H 142 8.93 57.31 35.99
C ASP H 142 8.78 57.80 34.55
N GLY H 143 9.90 58.20 33.95
CA GLY H 143 9.86 58.65 32.56
C GLY H 143 9.43 57.56 31.60
N HIS H 144 9.82 56.31 31.89
CA HIS H 144 9.42 55.19 31.03
C HIS H 144 7.91 54.98 31.08
N LEU H 145 7.31 55.11 32.26
CA LEU H 145 5.86 54.96 32.37
C LEU H 145 5.13 56.04 31.59
N LYS H 146 5.63 57.29 31.66
CA LYS H 146 5.00 58.38 30.93
C LYS H 146 5.05 58.15 29.42
N MET H 147 6.19 57.65 28.92
CA MET H 147 6.29 57.36 27.49
C MET H 147 5.32 56.28 27.07
N LEU H 148 5.16 55.23 27.89
CA LEU H 148 4.17 54.21 27.60
C LEU H 148 2.76 54.77 27.64
N GLN H 149 2.48 55.68 28.57
CA GLN H 149 1.19 56.35 28.58
C GLN H 149 1.01 57.23 27.35
N LEU H 150 2.10 57.81 26.86
CA LEU H 150 2.01 58.66 25.68
C LEU H 150 1.68 57.86 24.43
N VAL H 151 2.27 56.67 24.28
CA VAL H 151 2.07 55.89 23.06
C VAL H 151 0.66 55.32 23.00
N VAL H 152 0.11 54.92 24.15
CA VAL H 152 -1.27 54.43 24.16
C VAL H 152 -2.25 55.56 23.92
N PHE H 153 -1.94 56.75 24.45
CA PHE H 153 -2.73 57.94 24.11
C PHE H 153 -2.63 58.26 22.63
N SER H 154 -1.49 57.96 22.00
CA SER H 154 -1.33 58.19 20.57
C SER H 154 -2.33 57.38 19.77
N PHE H 155 -2.66 56.18 20.26
CA PHE H 155 -3.66 55.36 19.57
C PHE H 155 -5.02 56.04 19.56
N LYS H 156 -5.37 56.73 20.64
CA LYS H 156 -6.66 57.41 20.71
C LYS H 156 -6.71 58.60 19.77
N THR H 157 -5.85 59.60 19.99
CA THR H 157 -5.92 60.85 19.26
C THR H 157 -5.28 60.79 17.87
N LEU H 158 -4.48 59.77 17.59
CA LEU H 158 -3.83 59.60 16.28
C LEU H 158 -4.12 58.17 15.81
N PRO H 159 -5.26 57.93 15.19
CA PRO H 159 -5.66 56.56 14.85
C PRO H 159 -4.71 55.92 13.84
N ILE H 160 -4.68 54.58 13.87
CA ILE H 160 -3.75 53.83 13.04
C ILE H 160 -4.08 54.00 11.57
N GLY H 161 -5.35 53.86 11.21
CA GLY H 161 -5.75 53.89 9.82
C GLY H 161 -5.42 55.19 9.10
N SER H 162 -6.11 56.27 9.47
CA SER H 162 -5.87 57.59 8.87
C SER H 162 -5.02 58.40 9.84
N GLY H 163 -3.81 58.74 9.41
CA GLY H 163 -2.93 59.55 10.24
C GLY H 163 -1.47 59.15 10.15
N SER H 164 -0.61 60.15 10.02
CA SER H 164 0.84 59.95 10.00
C SER H 164 1.50 61.30 10.26
N LEU H 165 2.80 61.25 10.54
CA LEU H 165 3.54 62.49 10.75
C LEU H 165 3.59 63.30 9.47
N ASN H 166 3.28 64.59 9.58
CA ASN H 166 3.26 65.48 8.43
C ASN H 166 4.66 66.08 8.24
N ALA H 167 4.79 67.00 7.28
CA ALA H 167 6.08 67.65 7.05
C ALA H 167 6.47 68.56 8.21
N VAL H 168 5.49 69.20 8.86
CA VAL H 168 5.80 70.10 9.97
C VAL H 168 6.38 69.33 11.14
N ASP H 169 5.90 68.12 11.38
CA ASP H 169 6.46 67.29 12.45
C ASP H 169 7.92 66.96 12.19
N PHE H 170 8.26 66.68 10.93
CA PHE H 170 9.65 66.40 10.60
C PHE H 170 10.54 67.61 10.84
N ARG H 171 10.07 68.80 10.49
CA ARG H 171 10.86 70.00 10.67
C ARG H 171 11.02 70.34 12.15
N GLU H 172 9.96 70.16 12.94
CA GLU H 172 10.06 70.39 14.38
C GLU H 172 11.05 69.42 15.01
N MET H 173 11.02 68.15 14.59
CA MET H 173 11.96 67.16 15.11
C MET H 173 13.38 67.41 14.62
N ALA H 174 13.52 67.99 13.42
CA ALA H 174 14.85 68.29 12.89
C ALA H 174 15.45 69.52 13.57
N GLY H 175 14.61 70.34 14.20
CA GLY H 175 15.08 71.55 14.84
C GLY H 175 15.54 71.35 16.27
N TRP H 176 15.59 70.10 16.72
CA TRP H 176 15.98 69.82 18.10
C TRP H 176 17.48 69.93 18.33
N LEU H 177 18.29 70.03 17.27
CA LEU H 177 19.72 70.25 17.47
C LEU H 177 19.98 71.60 18.12
N GLY H 178 19.26 72.63 17.68
CA GLY H 178 19.35 73.92 18.35
C GLY H 178 18.84 73.86 19.79
N ILE H 179 17.86 73.00 20.04
CA ILE H 179 17.37 72.80 21.40
C ILE H 179 18.48 72.20 22.27
N MET H 180 19.28 71.30 21.70
CA MET H 180 20.37 70.69 22.44
C MET H 180 21.38 71.74 22.90
N PHE H 181 21.89 72.54 21.96
CA PHE H 181 22.94 73.49 22.29
C PHE H 181 22.44 74.58 23.23
N GLN H 182 21.23 75.10 22.98
CA GLN H 182 20.69 76.15 23.84
C GLN H 182 20.48 75.63 25.26
N THR H 183 19.95 74.41 25.40
CA THR H 183 19.74 73.85 26.72
C THR H 183 21.06 73.47 27.38
N ALA H 184 21.98 72.90 26.62
CA ALA H 184 23.28 72.54 27.18
C ALA H 184 24.06 73.78 27.62
N LEU H 185 24.04 74.83 26.80
CA LEU H 185 24.72 76.06 27.17
C LEU H 185 24.06 76.71 28.38
N SER H 186 22.73 76.66 28.45
CA SER H 186 22.02 77.27 29.58
C SER H 186 22.39 76.58 30.90
N MET H 187 22.52 75.26 30.88
CA MET H 187 22.90 74.54 32.09
C MET H 187 24.34 74.84 32.50
N SER H 188 25.23 75.02 31.54
CA SER H 188 26.66 75.15 31.83
C SER H 188 27.16 76.58 31.81
N LEU H 189 26.31 77.57 31.54
CA LEU H 189 26.80 78.94 31.37
C LEU H 189 27.44 79.45 32.66
N SER H 190 26.83 79.17 33.80
CA SER H 190 27.40 79.63 35.07
C SER H 190 28.74 78.95 35.35
N GLY H 191 28.81 77.63 35.13
CA GLY H 191 30.04 76.91 35.36
C GLY H 191 31.13 77.28 34.37
N ILE H 192 30.77 77.43 33.10
CA ILE H 192 31.76 77.71 32.07
C ILE H 192 32.38 79.08 32.27
N ILE H 193 31.59 80.05 32.74
CA ILE H 193 32.14 81.36 33.09
C ILE H 193 33.12 81.22 34.25
N ALA H 194 32.77 80.40 35.24
CA ALA H 194 33.67 80.17 36.36
C ALA H 194 34.97 79.52 35.91
N LEU H 195 34.87 78.56 34.98
CA LEU H 195 36.08 77.91 34.47
C LEU H 195 36.98 78.92 33.75
N LEU H 196 36.38 79.79 32.94
CA LEU H 196 37.18 80.76 32.19
C LEU H 196 37.82 81.78 33.12
N THR H 197 37.06 82.32 34.07
CA THR H 197 37.57 83.43 34.88
C THR H 197 38.71 82.97 35.77
N ILE H 198 38.65 81.74 36.31
CA ILE H 198 39.75 81.26 37.14
C ILE H 198 40.97 80.98 36.28
N ASN H 199 40.77 80.43 35.08
CA ASN H 199 41.91 80.17 34.20
C ASN H 199 42.52 81.48 33.70
N LEU H 200 41.68 82.46 33.34
CA LEU H 200 42.19 83.77 32.97
C LEU H 200 42.86 84.44 34.15
N SER H 201 42.27 84.34 35.35
CA SER H 201 42.90 84.88 36.53
C SER H 201 44.24 84.20 36.81
N PHE H 202 44.29 82.88 36.66
CA PHE H 202 45.55 82.17 36.84
C PHE H 202 46.57 82.58 35.80
N GLY H 203 46.13 82.80 34.56
CA GLY H 203 47.05 83.22 33.51
C GLY H 203 47.63 84.61 33.77
N VAL H 204 46.77 85.57 34.12
CA VAL H 204 47.25 86.93 34.33
C VAL H 204 48.11 87.02 35.58
N MET H 205 47.75 86.28 36.63
CA MET H 205 48.49 86.36 37.89
C MET H 205 49.89 85.77 37.74
N THR H 206 50.05 84.73 36.93
CA THR H 206 51.34 84.11 36.69
C THR H 206 52.03 84.64 35.44
N ARG H 207 51.44 85.63 34.77
CA ARG H 207 52.05 86.21 33.60
C ARG H 207 53.21 87.14 33.93
N ALA H 208 53.36 87.52 35.20
CA ALA H 208 54.47 88.38 35.60
C ALA H 208 55.81 87.74 35.27
N ALA H 209 55.94 86.44 35.58
CA ALA H 209 57.15 85.70 35.27
C ALA H 209 56.88 84.76 34.11
N PRO H 210 57.40 85.01 32.91
CA PRO H 210 57.19 84.07 31.80
C PRO H 210 57.99 82.78 31.92
N GLN H 211 58.82 82.65 32.95
CA GLN H 211 59.57 81.43 33.18
C GLN H 211 58.68 80.30 33.65
N LEU H 212 57.69 80.60 34.49
CA LEU H 212 56.81 79.56 35.01
C LEU H 212 55.92 78.99 33.92
N ASN H 213 55.27 79.86 33.14
CA ASN H 213 54.25 79.48 32.18
C ASN H 213 53.18 78.60 32.85
N ILE H 214 52.44 77.85 32.05
CA ILE H 214 51.50 76.89 32.61
C ILE H 214 51.77 75.50 32.03
N PHE H 215 51.62 75.35 30.72
CA PHE H 215 51.63 74.06 30.04
C PHE H 215 51.01 72.96 30.90
N SER H 216 51.77 71.91 31.20
CA SER H 216 51.26 70.81 32.01
C SER H 216 50.89 71.25 33.42
N LEU H 217 51.61 72.22 33.98
CA LEU H 217 51.21 72.79 35.27
C LEU H 217 49.83 73.40 35.19
N GLY H 218 49.51 74.03 34.05
CA GLY H 218 48.15 74.52 33.84
C GLY H 218 47.15 73.39 33.63
N PHE H 219 47.61 72.27 33.05
CA PHE H 219 46.72 71.12 32.89
C PHE H 219 46.23 70.61 34.24
N ALA H 220 47.14 70.48 35.21
CA ALA H 220 46.76 69.98 36.52
C ALA H 220 45.81 70.95 37.22
N PHE H 221 46.12 72.24 37.19
CA PHE H 221 45.27 73.23 37.85
C PHE H 221 43.88 73.27 37.23
N ALA H 222 43.81 73.23 35.90
CA ALA H 222 42.53 73.34 35.22
C ALA H 222 41.63 72.14 35.53
N LEU H 223 42.21 70.94 35.56
CA LEU H 223 41.39 69.74 35.73
C LEU H 223 40.86 69.62 37.15
N MET H 224 41.66 70.05 38.14
CA MET H 224 41.19 69.99 39.53
C MET H 224 39.99 70.91 39.73
N VAL H 225 40.06 72.13 39.19
CA VAL H 225 38.93 73.05 39.29
C VAL H 225 37.74 72.56 38.48
N GLY H 226 38.00 71.98 37.31
CA GLY H 226 36.93 71.49 36.47
C GLY H 226 36.13 70.37 37.12
N LEU H 227 36.83 69.44 37.78
CA LEU H 227 36.14 68.41 38.55
C LEU H 227 35.34 69.03 39.70
N LEU H 228 35.92 70.03 40.36
CA LEU H 228 35.21 70.70 41.45
C LEU H 228 33.96 71.40 40.94
N LEU H 229 34.04 72.03 39.77
CA LEU H 229 32.87 72.70 39.21
C LEU H 229 31.79 71.68 38.81
N CYS H 230 32.20 70.52 38.31
CA CYS H 230 31.23 69.46 38.02
C CYS H 230 30.51 69.01 39.28
N TRP H 231 31.17 69.09 40.43
CA TRP H 231 30.51 68.82 41.70
C TRP H 231 29.40 69.84 41.95
N TYR H 232 29.65 71.10 41.59
CA TYR H 232 28.62 72.12 41.67
C TYR H 232 27.51 71.88 40.64
N ILE H 233 27.88 71.39 39.46
CA ILE H 233 26.88 71.16 38.41
C ILE H 233 25.90 70.09 38.84
N LEU H 234 26.41 68.99 39.43
CA LEU H 234 25.53 67.93 39.88
C LEU H 234 24.66 68.38 41.05
N ALA H 235 25.04 69.46 41.73
CA ALA H 235 24.26 69.92 42.88
C ALA H 235 22.92 70.53 42.44
N GLY H 236 22.89 71.16 41.26
CA GLY H 236 21.67 71.81 40.80
C GLY H 236 21.21 71.34 39.44
N LEU H 237 21.61 70.14 39.04
CA LEU H 237 21.24 69.61 37.74
C LEU H 237 19.79 69.14 37.67
N TYR H 238 19.21 68.73 38.80
CA TYR H 238 17.87 68.15 38.77
C TYR H 238 16.83 69.15 38.29
N SER H 239 16.94 70.41 38.72
CA SER H 239 15.98 71.42 38.30
C SER H 239 16.02 71.62 36.79
N HIS H 240 17.21 71.62 36.21
CA HIS H 240 17.34 71.77 34.76
C HIS H 240 16.69 70.60 34.03
N TYR H 241 16.84 69.38 34.56
CA TYR H 241 16.23 68.21 33.95
C TYR H 241 14.71 68.32 33.94
N GLU H 242 14.12 68.83 35.03
CA GLU H 242 12.67 68.94 35.11
C GLU H 242 12.13 69.90 34.05
N MET H 243 12.81 71.03 33.86
CA MET H 243 12.41 71.96 32.82
C MET H 243 12.62 71.35 31.44
N PHE H 244 13.72 70.61 31.26
CA PHE H 244 14.01 69.98 29.97
C PHE H 244 12.95 68.94 29.62
N TRP H 245 12.53 68.14 30.61
CA TRP H 245 11.54 67.10 30.35
C TRP H 245 10.21 67.71 29.93
N THR H 246 9.83 68.85 30.52
CA THR H 246 8.59 69.51 30.15
C THR H 246 8.63 69.95 28.68
N VAL H 247 9.77 70.47 28.23
CA VAL H 247 9.91 70.85 26.83
C VAL H 247 9.81 69.63 25.93
N GLY H 248 10.48 68.55 26.31
CA GLY H 248 10.44 67.33 25.50
C GLY H 248 9.07 66.69 25.47
N GLU H 249 8.40 66.63 26.63
CA GLU H 249 7.06 66.03 26.69
C GLU H 249 6.08 66.82 25.84
N ALA H 250 6.18 68.15 25.85
CA ALA H 250 5.30 68.97 25.02
C ALA H 250 5.51 68.68 23.54
N GLN H 251 6.76 68.47 23.13
CA GLN H 251 7.03 68.11 21.75
C GLN H 251 6.40 66.77 21.38
N ILE H 252 6.47 65.80 22.30
CA ILE H 252 5.91 64.48 22.02
C ILE H 252 4.40 64.56 21.84
N CYS H 253 3.72 65.31 22.71
CA CYS H 253 2.28 65.47 22.58
C CYS H 253 1.92 66.19 21.28
N ARG H 254 2.77 67.11 20.84
CA ARG H 254 2.56 67.77 19.56
C ARG H 254 2.63 66.79 18.40
N LEU H 255 3.55 65.82 18.48
CA LEU H 255 3.65 64.81 17.43
C LEU H 255 2.39 63.96 17.36
N ILE H 256 1.85 63.56 18.50
CA ILE H 256 0.69 62.68 18.56
C ILE H 256 -0.58 63.52 18.51
N ARG H 257 -0.42 64.84 18.40
CA ARG H 257 -1.56 65.77 18.32
C ARG H 257 -2.47 65.64 19.54
N LEU H 258 -1.88 65.66 20.72
CA LEU H 258 -2.65 65.57 21.96
C LEU H 258 -2.80 66.94 22.62
N ALA I 338 -27.58 14.62 -19.59
CA ALA I 338 -28.43 15.74 -19.97
C ALA I 338 -29.21 16.25 -18.76
N LEU I 339 -29.14 17.55 -18.53
CA LEU I 339 -29.83 18.19 -17.41
C LEU I 339 -31.00 19.02 -17.93
N SER I 340 -32.09 19.02 -17.17
CA SER I 340 -33.30 19.77 -17.53
C SER I 340 -33.86 20.43 -16.28
N ASN I 341 -34.80 21.36 -16.52
CA ASN I 341 -35.42 22.12 -15.42
C ASN I 341 -36.71 21.43 -14.97
N GLN I 342 -37.36 20.70 -15.85
CA GLN I 342 -38.59 19.96 -15.51
C GLN I 342 -38.20 18.59 -14.95
N PRO I 343 -38.74 18.14 -13.80
CA PRO I 343 -38.45 16.80 -13.30
C PRO I 343 -38.93 15.74 -14.27
N PRO I 344 -38.17 14.66 -14.43
CA PRO I 344 -38.59 13.60 -15.36
C PRO I 344 -39.94 13.02 -14.97
N ALA I 345 -40.74 12.69 -15.99
CA ALA I 345 -42.05 12.12 -15.75
C ALA I 345 -41.93 10.68 -15.27
N ASP I 346 -42.94 10.24 -14.54
CA ASP I 346 -42.98 8.89 -14.00
C ASP I 346 -43.47 7.91 -15.06
N ALA I 347 -42.92 6.70 -15.03
CA ALA I 347 -43.32 5.68 -15.98
C ALA I 347 -44.74 5.20 -15.69
N SER I 348 -45.36 4.62 -16.70
CA SER I 348 -46.76 4.18 -16.58
C SER I 348 -46.90 2.68 -16.41
N ILE I 349 -46.32 1.90 -17.32
CA ILE I 349 -46.47 0.44 -17.34
C ILE I 349 -47.95 0.08 -17.23
N PRO I 350 -48.78 0.47 -18.19
CA PRO I 350 -50.22 0.19 -18.08
C PRO I 350 -50.53 -1.27 -18.33
N GLN I 351 -51.53 -1.77 -17.60
CA GLN I 351 -52.01 -3.12 -17.83
C GLN I 351 -52.65 -3.24 -19.21
N ASP I 352 -53.49 -2.26 -19.56
CA ASP I 352 -54.04 -2.14 -20.90
C ASP I 352 -53.93 -0.67 -21.32
N VAL I 353 -53.35 -0.44 -22.49
CA VAL I 353 -53.10 0.92 -22.95
C VAL I 353 -54.42 1.65 -23.19
N ALA I 354 -55.44 0.94 -23.67
CA ALA I 354 -56.73 1.56 -23.94
C ALA I 354 -57.32 2.17 -22.68
N GLN I 355 -57.02 1.60 -21.51
CA GLN I 355 -57.51 2.12 -20.24
C GLN I 355 -56.60 3.27 -19.80
N MET I 356 -56.77 4.43 -20.43
CA MET I 356 -55.95 5.64 -20.11
C MET I 356 -56.08 6.65 -21.26
N ALA J 338 1.56 -3.79 -38.12
CA ALA J 338 0.41 -4.28 -38.86
C ALA J 338 -0.65 -3.19 -39.01
N LEU J 339 -0.20 -1.95 -39.18
CA LEU J 339 -1.08 -0.80 -39.34
C LEU J 339 -1.05 -0.32 -40.78
N SER J 340 -2.23 -0.13 -41.36
CA SER J 340 -2.37 0.36 -42.72
C SER J 340 -3.23 1.62 -42.75
N ASN J 341 -3.03 2.42 -43.79
CA ASN J 341 -3.79 3.65 -43.98
C ASN J 341 -5.11 3.42 -44.71
N GLN J 342 -5.37 2.17 -45.12
CA GLN J 342 -6.66 1.85 -45.78
C GLN J 342 -7.43 0.83 -44.91
N PRO J 343 -8.67 1.11 -44.48
CA PRO J 343 -9.40 0.24 -43.55
C PRO J 343 -9.49 -1.17 -44.08
N PRO J 344 -9.40 -2.18 -43.21
CA PRO J 344 -9.60 -3.56 -43.65
C PRO J 344 -11.03 -3.76 -44.14
N ALA J 345 -11.16 -4.71 -45.06
CA ALA J 345 -12.45 -4.99 -45.69
C ALA J 345 -13.32 -5.85 -44.79
N ASP J 346 -14.62 -5.56 -44.81
CA ASP J 346 -15.56 -6.37 -44.05
C ASP J 346 -15.62 -7.78 -44.62
N ALA J 347 -15.61 -8.76 -43.72
CA ALA J 347 -15.66 -10.15 -44.15
C ALA J 347 -17.02 -10.48 -44.76
N SER J 348 -17.01 -11.41 -45.70
CA SER J 348 -18.22 -11.85 -46.39
C SER J 348 -18.45 -13.32 -46.08
N ILE J 349 -19.67 -13.64 -45.64
CA ILE J 349 -20.04 -15.01 -45.31
C ILE J 349 -21.15 -15.44 -46.26
N PRO J 350 -20.83 -15.80 -47.49
CA PRO J 350 -21.87 -16.22 -48.44
C PRO J 350 -22.25 -17.67 -48.24
N GLN J 351 -23.49 -17.98 -48.62
CA GLN J 351 -23.99 -19.35 -48.57
C GLN J 351 -23.76 -20.12 -49.86
N ASP J 352 -23.28 -19.47 -50.91
CA ASP J 352 -23.06 -20.12 -52.20
C ASP J 352 -21.71 -19.81 -52.84
N VAL J 353 -21.04 -18.72 -52.45
CA VAL J 353 -19.73 -18.33 -52.96
C VAL J 353 -19.82 -17.92 -54.44
N ALA J 354 -20.45 -18.77 -55.25
CA ALA J 354 -20.59 -18.46 -56.67
C ALA J 354 -21.39 -17.18 -56.89
N GLN J 355 -22.52 -17.05 -56.18
CA GLN J 355 -23.31 -15.82 -56.27
C GLN J 355 -22.57 -14.65 -55.65
N MET J 356 -22.04 -14.84 -54.44
CA MET J 356 -21.27 -13.82 -53.73
C MET J 356 -22.07 -12.51 -53.58
N GLY K 337 16.38 -27.47 -14.50
CA GLY K 337 16.76 -28.84 -14.18
C GLY K 337 18.20 -29.17 -14.53
N ALA K 338 18.39 -30.26 -15.27
CA ALA K 338 19.72 -30.69 -15.69
C ALA K 338 20.01 -30.14 -17.09
N LEU K 339 20.44 -28.88 -17.10
CA LEU K 339 20.75 -28.18 -18.34
C LEU K 339 21.89 -28.85 -19.08
N SER K 340 21.65 -29.21 -20.34
CA SER K 340 22.65 -29.80 -21.21
C SER K 340 22.94 -28.86 -22.37
N ASN K 341 24.07 -29.09 -23.04
CA ASN K 341 24.54 -28.23 -24.12
C ASN K 341 24.13 -28.73 -25.50
N GLN K 342 23.39 -29.83 -25.59
CA GLN K 342 22.90 -30.35 -26.86
C GLN K 342 21.40 -30.57 -26.75
N PRO K 343 20.63 -30.26 -27.78
CA PRO K 343 19.17 -30.40 -27.69
C PRO K 343 18.77 -31.85 -27.53
N PRO K 344 17.80 -32.13 -26.68
CA PRO K 344 17.31 -33.50 -26.54
C PRO K 344 16.58 -33.96 -27.79
N ALA K 345 16.64 -35.26 -28.04
CA ALA K 345 15.99 -35.83 -29.21
C ALA K 345 14.49 -35.98 -28.98
N ASP K 346 13.76 -36.17 -30.08
CA ASP K 346 12.33 -36.40 -30.03
C ASP K 346 12.05 -37.87 -29.73
N ALA K 347 11.02 -38.11 -28.92
CA ALA K 347 10.63 -39.47 -28.61
C ALA K 347 10.05 -40.15 -29.85
N SER K 348 10.32 -41.45 -29.96
CA SER K 348 9.83 -42.24 -31.08
C SER K 348 8.75 -43.19 -30.57
N ILE K 349 7.59 -43.16 -31.22
CA ILE K 349 6.48 -44.02 -30.85
C ILE K 349 6.19 -44.97 -32.01
N PRO K 350 6.95 -46.05 -32.15
CA PRO K 350 6.74 -46.97 -33.28
C PRO K 350 5.67 -48.00 -33.00
N GLN K 351 4.91 -48.34 -34.04
CA GLN K 351 3.94 -49.43 -33.91
C GLN K 351 4.64 -50.78 -33.80
N ASP K 352 5.81 -50.92 -34.40
CA ASP K 352 6.65 -52.09 -34.23
C ASP K 352 8.08 -51.61 -34.02
N VAL K 353 8.72 -52.06 -32.94
CA VAL K 353 10.05 -51.55 -32.61
C VAL K 353 11.11 -52.06 -33.58
N ALA K 354 10.84 -53.15 -34.30
CA ALA K 354 11.78 -53.64 -35.30
C ALA K 354 11.91 -52.64 -36.45
N GLN K 355 10.80 -52.05 -36.86
CA GLN K 355 10.80 -51.09 -37.95
C GLN K 355 11.18 -49.70 -37.44
N MET K 356 12.35 -49.58 -36.83
CA MET K 356 12.78 -48.31 -36.26
C MET K 356 14.21 -47.98 -36.69
N ALA L 338 3.93 -36.14 20.14
CA ALA L 338 4.81 -36.96 20.96
C ALA L 338 6.12 -37.25 20.22
N LEU L 339 7.06 -36.32 20.33
CA LEU L 339 8.34 -36.45 19.65
C LEU L 339 9.24 -37.41 20.42
N SER L 340 9.54 -38.56 19.83
CA SER L 340 10.45 -39.52 20.43
C SER L 340 11.82 -39.40 19.77
N ASN L 341 12.77 -40.22 20.21
CA ASN L 341 14.15 -40.15 19.64
C ASN L 341 14.42 -41.39 18.81
N GLN L 342 13.56 -42.40 18.88
CA GLN L 342 13.81 -43.69 18.19
C GLN L 342 12.72 -43.88 17.14
N PRO L 343 13.06 -44.07 15.86
CA PRO L 343 12.07 -44.16 14.78
C PRO L 343 11.01 -45.19 15.11
N PRO L 344 9.74 -44.89 14.83
CA PRO L 344 8.67 -45.87 15.08
C PRO L 344 8.85 -47.10 14.22
N ALA L 345 8.44 -48.24 14.77
CA ALA L 345 8.52 -49.49 14.05
C ALA L 345 7.36 -49.61 13.06
N ASP L 346 7.59 -50.36 11.99
CA ASP L 346 6.58 -50.56 10.96
C ASP L 346 5.45 -51.44 11.48
N ALA L 347 4.21 -51.08 11.13
CA ALA L 347 3.08 -51.93 11.47
C ALA L 347 3.13 -53.22 10.67
N SER L 348 2.55 -54.28 11.26
CA SER L 348 2.57 -55.60 10.66
C SER L 348 1.13 -56.08 10.49
N ILE L 349 0.81 -56.61 9.32
CA ILE L 349 -0.54 -57.09 9.00
C ILE L 349 -0.44 -58.54 8.54
N PRO L 350 -0.18 -59.49 9.43
CA PRO L 350 0.04 -60.88 9.01
C PRO L 350 -1.26 -61.65 8.83
N GLN L 351 -1.15 -62.75 8.08
CA GLN L 351 -2.28 -63.66 7.94
C GLN L 351 -2.53 -64.42 9.24
N ASP L 352 -1.47 -64.86 9.90
CA ASP L 352 -1.54 -65.52 11.20
C ASP L 352 -0.62 -64.79 12.16
N VAL L 353 -1.14 -64.45 13.35
CA VAL L 353 -0.32 -63.81 14.37
C VAL L 353 0.75 -64.76 14.89
N ALA L 354 0.56 -66.07 14.72
CA ALA L 354 1.57 -67.02 15.17
C ALA L 354 2.86 -66.87 14.37
N GLN L 355 2.74 -66.81 13.05
CA GLN L 355 3.90 -66.63 12.16
C GLN L 355 4.16 -65.14 11.98
N MET L 356 4.59 -64.51 13.06
CA MET L 356 4.85 -63.07 13.06
C MET L 356 6.07 -62.74 13.92
N ALA M 338 -31.22 -20.33 27.20
CA ALA M 338 -30.51 -19.41 28.07
C ALA M 338 -29.41 -20.16 28.82
N LEU M 339 -28.80 -19.51 29.81
CA LEU M 339 -27.71 -20.08 30.57
C LEU M 339 -28.19 -20.46 31.97
N SER M 340 -27.43 -21.33 32.62
CA SER M 340 -27.70 -21.75 33.98
C SER M 340 -26.39 -22.07 34.69
N ASN M 341 -26.45 -22.10 36.01
CA ASN M 341 -25.26 -22.34 36.83
C ASN M 341 -25.02 -23.82 37.13
N GLN M 342 -25.90 -24.70 36.68
CA GLN M 342 -25.73 -26.14 36.88
C GLN M 342 -25.95 -26.88 35.57
N PRO M 343 -25.26 -28.00 35.36
CA PRO M 343 -25.42 -28.74 34.11
C PRO M 343 -26.84 -29.23 33.92
N PRO M 344 -27.38 -29.19 32.71
CA PRO M 344 -28.69 -29.79 32.46
C PRO M 344 -28.65 -31.29 32.60
N ALA M 345 -29.78 -31.87 33.01
CA ALA M 345 -29.86 -33.31 33.13
C ALA M 345 -29.89 -33.97 31.75
N ASP M 346 -29.60 -35.26 31.73
CA ASP M 346 -29.58 -36.01 30.48
C ASP M 346 -31.01 -36.30 30.04
N ALA M 347 -31.16 -37.06 28.96
CA ALA M 347 -32.46 -37.41 28.42
C ALA M 347 -32.76 -38.88 28.73
N SER M 348 -33.99 -39.13 29.14
CA SER M 348 -34.44 -40.47 29.49
C SER M 348 -35.21 -41.05 28.32
N ILE M 349 -34.81 -42.24 27.89
CA ILE M 349 -35.48 -42.93 26.79
C ILE M 349 -35.87 -44.33 27.27
N PRO M 350 -36.85 -44.45 28.17
CA PRO M 350 -37.18 -45.76 28.72
C PRO M 350 -38.15 -46.52 27.83
N GLN M 351 -38.01 -47.84 27.86
CA GLN M 351 -38.95 -48.73 27.20
C GLN M 351 -40.22 -48.91 28.00
N ASP M 352 -40.26 -48.42 29.24
CA ASP M 352 -41.48 -48.46 30.05
C ASP M 352 -41.36 -47.31 31.05
N VAL M 353 -42.20 -46.29 30.88
CA VAL M 353 -42.11 -45.08 31.70
C VAL M 353 -42.37 -45.38 33.16
N ALA M 354 -43.12 -46.45 33.45
CA ALA M 354 -43.41 -46.81 34.84
C ALA M 354 -42.14 -47.13 35.61
N GLN M 355 -41.08 -47.55 34.93
CA GLN M 355 -39.81 -47.91 35.56
C GLN M 355 -38.77 -46.86 35.16
N MET M 356 -38.68 -45.80 35.96
CA MET M 356 -37.69 -44.76 35.72
C MET M 356 -36.99 -44.36 37.03
N GLY N 334 -31.53 9.65 -38.24
CA GLY N 334 -32.13 8.72 -37.26
C GLY N 334 -32.24 7.31 -37.82
N ILE N 335 -32.42 6.31 -36.96
CA ILE N 335 -32.46 4.89 -37.44
C ILE N 335 -33.90 4.59 -37.86
N PRO N 336 -34.09 3.86 -38.99
CA PRO N 336 -35.42 3.56 -39.48
C PRO N 336 -36.06 2.37 -38.76
N GLY N 337 -37.37 2.41 -38.50
CA GLY N 337 -37.99 1.33 -37.77
C GLY N 337 -37.77 1.34 -36.27
N ALA N 338 -37.17 2.39 -35.72
CA ALA N 338 -36.90 2.44 -34.29
C ALA N 338 -38.19 2.53 -33.50
N LEU N 339 -38.26 1.79 -32.40
CA LEU N 339 -39.44 1.82 -31.55
C LEU N 339 -39.53 3.15 -30.81
N SER N 340 -40.74 3.48 -30.38
CA SER N 340 -40.99 4.69 -29.64
C SER N 340 -41.36 4.36 -28.19
N ASN N 341 -41.01 5.29 -27.29
CA ASN N 341 -41.25 5.13 -25.87
C ASN N 341 -42.57 5.72 -25.43
N GLN N 342 -43.54 5.76 -26.34
CA GLN N 342 -44.86 6.34 -26.00
C GLN N 342 -45.96 5.35 -26.38
N PRO N 343 -47.10 5.32 -25.68
CA PRO N 343 -48.14 4.38 -26.00
C PRO N 343 -48.38 4.44 -27.50
N PRO N 344 -48.77 3.33 -28.16
CA PRO N 344 -48.87 3.32 -29.62
C PRO N 344 -50.24 3.80 -30.13
N ALA N 345 -50.30 5.01 -30.69
CA ALA N 345 -51.63 5.53 -31.11
C ALA N 345 -52.35 4.41 -31.84
N ASP N 346 -53.61 4.13 -31.50
CA ASP N 346 -54.28 2.96 -32.10
C ASP N 346 -55.64 3.28 -32.74
N ALA N 347 -56.60 2.35 -32.63
CA ALA N 347 -57.88 2.49 -33.35
C ALA N 347 -59.01 2.96 -32.44
N SER N 348 -59.54 2.07 -31.60
CA SER N 348 -60.73 2.46 -30.79
C SER N 348 -60.45 3.78 -30.07
N ILE N 349 -61.52 4.49 -29.69
CA ILE N 349 -61.37 5.85 -29.09
C ILE N 349 -60.94 6.75 -30.24
N PRO N 350 -61.88 7.35 -30.99
CA PRO N 350 -61.52 8.13 -32.18
C PRO N 350 -60.33 9.00 -31.79
N GLN N 351 -60.33 9.46 -30.54
CA GLN N 351 -59.24 10.35 -30.10
C GLN N 351 -57.92 9.98 -30.78
N ASP N 352 -57.48 8.70 -30.75
CA ASP N 352 -56.15 8.55 -31.37
C ASP N 352 -56.33 8.51 -32.89
N VAL N 353 -57.33 7.77 -33.36
CA VAL N 353 -57.30 7.60 -34.85
C VAL N 353 -57.21 8.98 -35.51
N ALA N 354 -57.72 10.03 -34.87
CA ALA N 354 -57.77 11.34 -35.58
C ALA N 354 -56.56 12.20 -35.23
N GLN N 355 -56.37 12.54 -33.96
CA GLN N 355 -55.27 13.51 -33.65
C GLN N 355 -53.94 12.95 -34.18
N MET N 356 -53.21 13.74 -34.97
CA MET N 356 -51.88 13.32 -35.49
C MET N 356 -50.96 13.03 -34.30
N GLY O 334 5.62 -19.76 -47.60
CA GLY O 334 4.30 -20.18 -47.18
C GLY O 334 4.22 -21.65 -46.83
N ILE O 335 3.25 -22.01 -46.00
CA ILE O 335 3.07 -23.42 -45.62
C ILE O 335 2.63 -24.21 -46.85
N PRO O 336 3.20 -25.38 -47.12
CA PRO O 336 2.78 -26.16 -48.28
C PRO O 336 1.44 -26.85 -48.04
N GLY O 337 0.35 -26.13 -48.25
CA GLY O 337 -0.97 -26.67 -48.03
C GLY O 337 -1.79 -25.87 -47.03
N ALA O 338 -1.51 -24.58 -46.94
CA ALA O 338 -2.24 -23.68 -46.05
C ALA O 338 -3.45 -23.13 -46.77
N LEU O 339 -4.59 -23.13 -46.09
CA LEU O 339 -5.83 -22.64 -46.70
C LEU O 339 -5.74 -21.15 -46.97
N SER O 340 -6.38 -20.71 -48.05
CA SER O 340 -6.45 -19.30 -48.37
C SER O 340 -7.60 -18.67 -47.61
N ASN O 341 -7.81 -17.36 -47.80
CA ASN O 341 -8.87 -16.63 -47.11
C ASN O 341 -9.81 -15.93 -48.09
N GLN O 342 -9.71 -16.22 -49.37
CA GLN O 342 -10.58 -15.70 -50.41
C GLN O 342 -11.32 -16.87 -51.04
N PRO O 343 -12.42 -16.61 -51.73
CA PRO O 343 -13.19 -17.69 -52.36
C PRO O 343 -12.32 -18.51 -53.29
N PRO O 344 -12.49 -19.84 -53.29
CA PRO O 344 -11.56 -20.70 -54.04
C PRO O 344 -11.48 -20.42 -55.53
N GLY P 334 21.20 -48.76 -9.99
CA GLY P 334 19.84 -48.29 -9.82
C GLY P 334 18.90 -49.35 -9.27
N ILE P 335 17.61 -49.16 -9.48
CA ILE P 335 16.59 -50.11 -9.04
C ILE P 335 16.78 -51.41 -9.82
N PRO P 336 16.83 -52.57 -9.14
CA PRO P 336 17.07 -53.83 -9.87
C PRO P 336 16.01 -54.13 -10.92
N GLY P 337 14.76 -53.79 -10.66
CA GLY P 337 13.70 -54.07 -11.62
C GLY P 337 13.32 -52.87 -12.45
N ALA P 338 14.20 -51.88 -12.50
CA ALA P 338 13.90 -50.64 -13.21
C ALA P 338 13.73 -50.87 -14.70
N LEU P 339 12.82 -50.12 -15.31
CA LEU P 339 12.56 -50.23 -16.73
C LEU P 339 13.37 -49.21 -17.51
N SER P 340 13.79 -49.60 -18.71
CA SER P 340 14.57 -48.72 -19.56
C SER P 340 13.65 -47.91 -20.47
N ASN P 341 14.10 -46.69 -20.79
CA ASN P 341 13.35 -45.79 -21.66
C ASN P 341 13.81 -45.87 -23.12
N GLN P 342 14.70 -46.80 -23.43
CA GLN P 342 15.24 -47.00 -24.76
C GLN P 342 14.65 -48.28 -25.36
N PRO P 343 14.61 -48.40 -26.68
CA PRO P 343 14.06 -49.62 -27.30
C PRO P 343 14.82 -50.84 -26.86
N PRO P 344 14.15 -51.98 -26.74
CA PRO P 344 14.79 -53.19 -26.19
C PRO P 344 15.99 -53.61 -27.02
N GLY Q 334 -7.30 -46.92 29.69
CA GLY Q 334 -7.92 -47.49 30.90
C GLY Q 334 -9.38 -47.73 30.66
N ILE Q 335 -9.94 -47.12 29.61
CA ILE Q 335 -11.36 -47.44 29.32
C ILE Q 335 -11.46 -48.92 29.59
N PRO Q 336 -12.24 -49.36 30.58
CA PRO Q 336 -12.25 -50.77 30.91
C PRO Q 336 -12.39 -51.62 29.65
N GLY Q 337 -11.57 -52.65 29.51
CA GLY Q 337 -11.72 -53.58 28.36
C GLY Q 337 -11.49 -52.94 27.02
N ALA Q 338 -10.40 -52.21 26.87
CA ALA Q 338 -10.07 -51.63 25.56
C ALA Q 338 -9.29 -52.64 24.75
N LEU Q 339 -9.40 -52.54 23.43
CA LEU Q 339 -8.61 -53.45 22.57
C LEU Q 339 -7.18 -52.93 22.66
N SER Q 340 -6.21 -53.79 22.40
CA SER Q 340 -4.80 -53.35 22.40
C SER Q 340 -4.30 -53.27 20.96
N ASN Q 341 -3.08 -52.82 20.76
CA ASN Q 341 -2.55 -52.63 19.40
C ASN Q 341 -1.32 -53.48 19.23
N GLN Q 342 -1.24 -54.58 19.96
CA GLN Q 342 -0.01 -55.41 19.91
C GLN Q 342 -0.43 -56.87 19.70
N PRO Q 343 0.27 -57.64 18.84
CA PRO Q 343 -0.11 -59.01 18.56
C PRO Q 343 -0.54 -59.70 19.86
N PRO Q 344 -1.69 -60.38 19.89
CA PRO Q 344 -2.17 -60.99 21.13
C PRO Q 344 -1.06 -61.71 21.91
N ALA R 333 -50.77 -15.67 25.51
CA ALA R 333 -50.19 -17.03 25.40
C ALA R 333 -49.98 -17.38 23.92
N GLY R 334 -50.62 -18.45 23.44
CA GLY R 334 -50.46 -18.87 22.03
C GLY R 334 -51.23 -20.16 21.75
N ILE R 335 -50.55 -21.20 21.26
CA ILE R 335 -51.21 -22.50 20.96
C ILE R 335 -51.86 -23.04 22.23
N PRO R 336 -53.04 -23.69 22.14
CA PRO R 336 -53.72 -24.20 23.32
C PRO R 336 -53.39 -25.65 23.66
N GLY R 337 -52.88 -26.42 22.69
CA GLY R 337 -52.64 -27.83 22.93
C GLY R 337 -51.21 -28.30 22.82
N ALA R 338 -50.26 -27.49 23.29
CA ALA R 338 -48.86 -27.88 23.26
C ALA R 338 -48.58 -29.02 24.23
N LEU R 339 -47.56 -29.81 23.92
CA LEU R 339 -47.22 -30.98 24.69
C LEU R 339 -46.27 -30.62 25.83
N SER R 340 -45.87 -31.64 26.58
CA SER R 340 -44.91 -31.49 27.67
C SER R 340 -43.85 -32.57 27.53
N ASN R 341 -42.57 -32.18 27.62
CA ASN R 341 -41.48 -33.13 27.45
C ASN R 341 -41.15 -33.86 28.73
N GLN R 342 -41.64 -33.40 29.87
CA GLN R 342 -41.36 -34.08 31.13
C GLN R 342 -42.08 -35.42 31.17
N PRO R 343 -41.50 -36.44 31.78
CA PRO R 343 -42.18 -37.74 31.88
C PRO R 343 -43.45 -37.63 32.70
N PRO R 344 -44.47 -38.42 32.37
CA PRO R 344 -45.72 -38.33 33.13
C PRO R 344 -45.52 -38.71 34.59
N ALA R 345 -46.12 -37.91 35.47
CA ALA R 345 -46.02 -38.14 36.91
C ALA R 345 -47.40 -38.14 37.55
N ASP R 346 -48.35 -37.43 36.93
CA ASP R 346 -49.74 -37.30 37.33
C ASP R 346 -49.90 -36.55 38.66
N ALA R 347 -48.82 -36.09 39.27
CA ALA R 347 -48.88 -35.38 40.54
C ALA R 347 -48.36 -33.95 40.47
N SER R 348 -47.46 -33.65 39.54
CA SER R 348 -46.89 -32.32 39.39
C SER R 348 -47.40 -31.70 38.09
N ILE R 349 -47.86 -30.44 38.17
CA ILE R 349 -48.30 -29.70 37.00
C ILE R 349 -47.09 -29.39 36.14
N PRO R 350 -47.08 -29.77 34.86
CA PRO R 350 -45.91 -29.49 34.01
C PRO R 350 -45.73 -28.00 33.78
N GLN R 351 -44.57 -27.48 34.14
CA GLN R 351 -44.23 -26.08 33.94
C GLN R 351 -43.38 -25.86 32.70
N ASP R 352 -43.01 -26.92 31.98
CA ASP R 352 -42.27 -26.80 30.73
C ASP R 352 -43.09 -26.02 29.71
N VAL R 353 -44.36 -26.40 29.55
CA VAL R 353 -45.25 -25.71 28.63
C VAL R 353 -45.73 -24.40 29.27
N ALA R 354 -46.14 -23.45 28.43
CA ALA R 354 -46.70 -22.20 28.90
C ALA R 354 -48.10 -22.44 29.43
N GLN R 355 -48.21 -22.83 30.70
CA GLN R 355 -49.43 -23.35 31.28
C GLN R 355 -50.51 -22.29 31.48
N MET R 356 -50.23 -21.05 31.09
CA MET R 356 -51.27 -20.03 31.18
C MET R 356 -52.30 -20.21 30.07
N ASN S 330 -42.75 19.07 1.44
CA ASN S 330 -43.04 18.05 0.40
C ASN S 330 -42.10 16.86 0.59
N MET S 331 -42.64 15.64 0.54
CA MET S 331 -41.84 14.43 0.77
C MET S 331 -42.01 13.48 -0.41
N VAL S 332 -41.11 12.51 -0.54
CA VAL S 332 -41.25 11.48 -1.61
C VAL S 332 -41.07 10.14 -0.90
N ALA S 333 -42.16 9.47 -0.56
CA ALA S 333 -41.98 8.27 0.24
C ALA S 333 -42.60 7.08 -0.46
N GLY S 334 -42.05 5.91 -0.19
CA GLY S 334 -42.61 4.67 -0.73
C GLY S 334 -41.78 3.49 -0.31
N ILE S 335 -42.35 2.31 -0.47
CA ILE S 335 -41.61 1.08 -0.16
C ILE S 335 -40.54 0.86 -1.21
N PRO S 336 -39.27 0.76 -0.83
CA PRO S 336 -38.21 0.46 -1.79
C PRO S 336 -38.11 -1.05 -2.02
N GLY S 337 -37.34 -1.41 -3.05
CA GLY S 337 -37.08 -2.80 -3.36
C GLY S 337 -38.03 -3.38 -4.39
N ALA S 338 -38.28 -4.67 -4.23
CA ALA S 338 -39.06 -5.45 -5.19
C ALA S 338 -40.54 -5.10 -5.19
N LEU S 339 -41.08 -4.61 -4.08
CA LEU S 339 -42.51 -4.37 -3.98
C LEU S 339 -42.98 -3.18 -4.81
N SER S 340 -42.07 -2.28 -5.17
CA SER S 340 -42.43 -1.11 -5.97
C SER S 340 -41.91 -1.19 -7.40
N ASN S 341 -40.98 -2.10 -7.70
CA ASN S 341 -40.37 -2.21 -9.02
C ASN S 341 -41.11 -3.20 -9.92
N GLN S 342 -42.39 -3.40 -9.70
CA GLN S 342 -43.24 -4.25 -10.52
C GLN S 342 -44.47 -3.47 -10.92
N PRO S 343 -45.14 -3.86 -12.00
CA PRO S 343 -46.29 -3.09 -12.48
C PRO S 343 -47.36 -2.97 -11.42
N PRO S 344 -48.08 -1.84 -11.39
CA PRO S 344 -49.08 -1.61 -10.33
C PRO S 344 -50.21 -2.63 -10.34
N ALA S 345 -50.38 -3.35 -11.45
CA ALA S 345 -51.40 -4.39 -11.51
C ALA S 345 -51.15 -5.51 -10.51
N ASP S 346 -49.92 -5.65 -10.02
CA ASP S 346 -49.62 -6.61 -8.97
C ASP S 346 -50.31 -6.26 -7.65
N ALA S 347 -50.40 -4.97 -7.34
CA ALA S 347 -51.12 -4.47 -6.17
C ALA S 347 -50.64 -5.12 -4.88
N SER S 348 -49.37 -4.89 -4.58
CA SER S 348 -48.76 -5.33 -3.33
C SER S 348 -48.62 -4.19 -2.33
N ILE S 349 -48.20 -3.01 -2.79
CA ILE S 349 -48.10 -1.82 -1.96
C ILE S 349 -49.48 -1.40 -1.48
N PRO S 350 -49.66 -1.05 -0.21
CA PRO S 350 -50.93 -0.46 0.23
C PRO S 350 -51.23 0.83 -0.53
N GLN S 351 -52.51 1.05 -0.83
CA GLN S 351 -52.97 2.22 -1.58
C GLN S 351 -52.52 3.52 -0.94
N ASP S 352 -52.65 3.62 0.38
CA ASP S 352 -52.26 4.83 1.09
C ASP S 352 -50.78 5.12 0.91
N VAL S 353 -49.94 4.09 1.03
CA VAL S 353 -48.50 4.27 0.88
C VAL S 353 -48.14 4.68 -0.55
N ALA S 354 -48.80 4.06 -1.53
CA ALA S 354 -48.47 4.35 -2.93
C ALA S 354 -48.81 5.79 -3.30
N ASN T 330 -13.52 -33.88 36.96
CA ASN T 330 -13.91 -35.21 36.52
C ASN T 330 -13.85 -35.32 34.99
N MET T 331 -13.73 -36.55 34.50
CA MET T 331 -13.63 -36.81 33.07
C MET T 331 -14.87 -37.53 32.58
N VAL T 332 -15.42 -37.09 31.46
CA VAL T 332 -16.61 -37.67 30.87
C VAL T 332 -16.25 -38.16 29.47
N ALA T 333 -16.77 -39.33 29.10
CA ALA T 333 -16.36 -39.97 27.87
C ALA T 333 -17.41 -40.99 27.43
N GLY T 334 -17.19 -41.53 26.24
CA GLY T 334 -18.04 -42.60 25.75
C GLY T 334 -17.84 -42.78 24.27
N ILE T 335 -18.53 -43.77 23.73
CA ILE T 335 -18.55 -43.98 22.28
C ILE T 335 -19.42 -42.92 21.63
N PRO T 336 -18.93 -42.21 20.62
CA PRO T 336 -19.77 -41.23 19.91
C PRO T 336 -20.51 -41.85 18.75
N GLY T 337 -21.31 -41.02 18.09
CA GLY T 337 -21.94 -41.41 16.85
C GLY T 337 -23.14 -42.33 16.99
N ALA T 338 -23.21 -43.34 16.12
CA ALA T 338 -24.43 -44.13 15.97
C ALA T 338 -24.78 -44.88 17.24
N LEU T 339 -23.81 -45.50 17.89
CA LEU T 339 -24.11 -46.39 19.02
C LEU T 339 -24.70 -45.62 20.20
N SER T 340 -24.15 -44.45 20.51
CA SER T 340 -24.65 -43.70 21.67
C SER T 340 -25.99 -43.04 21.37
N ASN T 341 -26.21 -42.62 20.13
CA ASN T 341 -27.47 -41.99 19.76
C ASN T 341 -28.56 -43.05 19.53
N GLN T 342 -28.74 -43.88 20.56
CA GLN T 342 -29.70 -44.98 20.56
C GLN T 342 -30.40 -44.99 21.91
N PRO T 343 -31.61 -45.54 21.97
CA PRO T 343 -32.25 -45.78 23.27
C PRO T 343 -31.48 -46.82 24.06
N PRO T 344 -31.46 -46.71 25.39
CA PRO T 344 -30.66 -47.64 26.21
C PRO T 344 -31.04 -49.10 26.05
N ALA T 345 -32.27 -49.37 25.61
CA ALA T 345 -32.71 -50.75 25.44
C ALA T 345 -31.83 -51.48 24.42
N ASP T 346 -31.48 -50.81 23.33
CA ASP T 346 -30.54 -51.35 22.36
C ASP T 346 -29.15 -51.38 22.98
N ALA T 347 -28.77 -52.54 23.54
CA ALA T 347 -27.53 -52.64 24.31
C ALA T 347 -26.30 -52.75 23.41
N SER T 348 -26.13 -51.78 22.49
CA SER T 348 -24.92 -51.75 21.69
C SER T 348 -23.73 -51.27 22.51
N ILE T 349 -23.93 -50.27 23.36
CA ILE T 349 -22.87 -49.71 24.18
C ILE T 349 -22.50 -50.69 25.28
N PRO T 350 -21.21 -51.00 25.47
CA PRO T 350 -20.81 -51.84 26.60
C PRO T 350 -21.19 -51.21 27.94
N GLN T 351 -21.43 -52.04 28.95
CA GLN T 351 -21.97 -51.55 30.22
C GLN T 351 -21.00 -50.60 30.91
N ASP T 352 -19.71 -50.95 30.93
CA ASP T 352 -18.73 -50.11 31.63
C ASP T 352 -18.49 -48.79 30.90
N VAL T 353 -18.59 -48.77 29.57
CA VAL T 353 -18.42 -47.53 28.84
C VAL T 353 -19.57 -46.57 29.11
N ALA T 354 -20.79 -47.12 29.27
CA ALA T 354 -21.92 -46.27 29.60
C ALA T 354 -21.77 -45.65 30.98
N GLN T 355 -21.06 -46.33 31.89
CA GLN T 355 -20.79 -45.76 33.20
C GLN T 355 -19.92 -44.52 33.10
N MET T 356 -18.95 -44.54 32.17
CA MET T 356 -18.02 -43.42 32.02
C MET T 356 -18.76 -42.14 31.63
N LYS T 357 -19.89 -42.28 30.93
CA LYS T 357 -20.68 -41.15 30.46
C LYS T 357 -21.26 -40.33 31.61
N ASP T 358 -21.12 -40.76 32.84
CA ASP T 358 -21.60 -39.88 33.94
C ASP T 358 -20.48 -38.95 34.46
N GLY T 359 -19.58 -39.48 35.28
CA GLY T 359 -18.42 -38.70 35.75
C GLY T 359 -17.35 -39.67 36.22
N SER T 360 -16.09 -39.23 36.27
CA SER T 360 -14.98 -40.16 36.63
C SER T 360 -13.84 -39.37 37.26
N VAL T 361 -12.96 -39.98 38.04
CA VAL T 361 -11.80 -39.17 38.54
C VAL T 361 -10.71 -40.12 39.03
N GLY U 329 -22.54 13.09 -42.03
CA GLY U 329 -22.78 11.85 -41.34
C GLY U 329 -21.52 11.03 -41.11
N ASN U 330 -21.26 10.09 -42.02
CA ASN U 330 -20.11 9.19 -41.92
C ASN U 330 -20.10 8.46 -40.58
N MET U 331 -21.26 7.96 -40.18
CA MET U 331 -21.45 7.30 -38.90
C MET U 331 -21.79 5.83 -39.13
N VAL U 332 -21.09 4.94 -38.41
CA VAL U 332 -21.29 3.50 -38.53
C VAL U 332 -22.08 3.02 -37.32
N ALA U 333 -23.11 2.21 -37.58
CA ALA U 333 -24.02 1.80 -36.51
C ALA U 333 -24.67 0.48 -36.88
N GLY U 334 -25.25 -0.17 -35.88
CA GLY U 334 -25.95 -1.41 -36.10
C GLY U 334 -26.28 -2.08 -34.79
N ILE U 335 -26.90 -3.26 -34.89
CA ILE U 335 -27.26 -4.06 -33.74
C ILE U 335 -26.03 -4.82 -33.24
N PRO U 336 -25.59 -4.62 -32.01
CA PRO U 336 -24.47 -5.39 -31.47
C PRO U 336 -24.93 -6.73 -30.90
N GLY U 337 -23.95 -7.54 -30.54
CA GLY U 337 -24.20 -8.80 -29.87
C GLY U 337 -24.29 -9.98 -30.81
N ALA U 338 -25.05 -10.98 -30.37
CA ALA U 338 -25.18 -12.26 -31.06
C ALA U 338 -26.00 -12.15 -32.35
N LEU U 339 -26.82 -11.13 -32.50
CA LEU U 339 -27.66 -11.03 -33.70
C LEU U 339 -26.81 -10.68 -34.93
N SER U 340 -25.83 -9.80 -34.75
CA SER U 340 -25.02 -9.38 -35.89
C SER U 340 -23.98 -10.41 -36.29
N ASN U 341 -23.41 -11.14 -35.32
CA ASN U 341 -22.33 -12.09 -35.59
C ASN U 341 -22.89 -13.42 -36.09
N GLN U 342 -23.62 -13.33 -37.20
CA GLN U 342 -24.18 -14.49 -37.88
C GLN U 342 -24.08 -14.26 -39.37
N PRO U 343 -24.11 -15.32 -40.18
CA PRO U 343 -24.14 -15.13 -41.62
C PRO U 343 -25.38 -14.37 -42.03
N PRO U 344 -25.28 -13.53 -43.08
CA PRO U 344 -26.46 -12.76 -43.51
C PRO U 344 -27.61 -13.61 -44.02
N ALA U 345 -27.40 -14.92 -44.21
CA ALA U 345 -28.50 -15.78 -44.63
C ALA U 345 -29.59 -15.87 -43.59
N ASP U 346 -29.27 -15.60 -42.32
CA ASP U 346 -30.29 -15.65 -41.27
C ASP U 346 -31.34 -14.56 -41.47
N ALA U 347 -30.93 -13.39 -41.95
CA ALA U 347 -31.83 -12.27 -42.21
C ALA U 347 -32.64 -11.91 -40.97
N SER U 348 -31.99 -11.96 -39.81
CA SER U 348 -32.61 -11.56 -38.55
C SER U 348 -32.43 -10.07 -38.27
N ILE U 349 -31.69 -9.36 -39.12
CA ILE U 349 -31.48 -7.92 -38.96
C ILE U 349 -32.25 -7.20 -40.06
N PRO U 350 -32.98 -6.13 -39.74
CA PRO U 350 -33.70 -5.38 -40.78
C PRO U 350 -32.72 -4.80 -41.81
N GLN U 351 -33.19 -4.72 -43.05
CA GLN U 351 -32.32 -4.27 -44.13
C GLN U 351 -31.91 -2.81 -43.94
N ASP U 352 -32.76 -2.00 -43.31
CA ASP U 352 -32.39 -0.63 -43.00
C ASP U 352 -31.17 -0.58 -42.09
N VAL U 353 -31.18 -1.38 -41.02
CA VAL U 353 -30.06 -1.42 -40.09
C VAL U 353 -28.85 -2.06 -40.76
N ALA U 354 -29.07 -3.09 -41.58
CA ALA U 354 -27.95 -3.80 -42.21
C ALA U 354 -27.16 -2.87 -43.12
N GLN U 355 -27.81 -2.02 -43.90
CA GLN U 355 -27.02 -1.08 -44.74
C GLN U 355 -26.34 -0.07 -43.82
N MET U 356 -26.97 0.28 -42.72
CA MET U 356 -26.40 1.33 -41.88
C MET U 356 -24.98 0.96 -41.45
N LYS U 357 -24.71 -0.33 -41.29
CA LYS U 357 -23.38 -0.81 -40.91
C LYS U 357 -22.33 -0.36 -41.91
N ASP U 358 -22.66 -0.39 -43.20
CA ASP U 358 -21.69 -0.16 -44.27
C ASP U 358 -20.91 1.12 -44.08
N GLY U 359 -21.60 2.23 -43.84
CA GLY U 359 -20.94 3.50 -43.64
C GLY U 359 -21.41 4.57 -44.61
N SER U 360 -22.24 4.16 -45.58
CA SER U 360 -22.78 5.13 -46.53
C SER U 360 -23.69 6.13 -45.83
N VAL U 361 -24.48 5.67 -44.88
CA VAL U 361 -25.36 6.55 -44.12
C VAL U 361 -24.61 7.19 -42.96
N GLY V 329 23.98 -42.52 1.44
CA GLY V 329 23.07 -43.19 0.55
C GLY V 329 22.05 -44.07 1.26
N ASN V 330 21.82 -43.78 2.54
CA ASN V 330 20.87 -44.53 3.36
C ASN V 330 19.46 -44.00 3.12
N MET V 331 18.85 -44.51 2.06
CA MET V 331 17.53 -44.09 1.60
C MET V 331 16.47 -45.14 1.93
N VAL V 332 15.22 -44.71 1.78
CA VAL V 332 14.05 -45.59 1.89
C VAL V 332 13.28 -45.48 0.59
N ALA V 333 12.71 -46.60 0.15
CA ALA V 333 12.13 -46.66 -1.19
C ALA V 333 10.94 -47.61 -1.19
N GLY V 334 10.08 -47.42 -2.19
CA GLY V 334 8.96 -48.32 -2.42
C GLY V 334 7.94 -47.72 -3.35
N ILE V 335 7.01 -48.54 -3.84
CA ILE V 335 5.97 -48.03 -4.73
C ILE V 335 4.95 -47.26 -3.91
N PRO V 336 4.75 -45.97 -4.19
CA PRO V 336 3.76 -45.21 -3.42
C PRO V 336 2.34 -45.54 -3.82
N GLY V 337 1.42 -45.27 -2.91
CA GLY V 337 0.02 -45.33 -3.22
C GLY V 337 -0.67 -46.63 -2.87
N ALA V 338 -1.46 -47.14 -3.82
CA ALA V 338 -2.32 -48.28 -3.59
C ALA V 338 -1.57 -49.60 -3.45
N LEU V 339 -0.49 -49.79 -4.21
CA LEU V 339 0.20 -51.08 -4.21
C LEU V 339 0.79 -51.39 -2.84
N SER V 340 1.42 -50.40 -2.21
CA SER V 340 2.11 -50.66 -0.95
C SER V 340 1.14 -50.77 0.22
N ASN V 341 0.01 -50.07 0.15
CA ASN V 341 -0.87 -49.99 1.31
C ASN V 341 -1.80 -51.20 1.41
N GLN V 342 -1.70 -52.12 0.45
CA GLN V 342 -2.33 -53.43 0.62
C GLN V 342 -1.52 -54.22 1.63
N PRO V 343 -2.12 -55.20 2.31
CA PRO V 343 -1.34 -56.04 3.22
C PRO V 343 -0.34 -56.89 2.44
N PRO V 344 0.76 -57.29 3.09
CA PRO V 344 1.83 -57.98 2.35
C PRO V 344 1.42 -59.27 1.67
N ALA V 345 0.32 -59.90 2.08
CA ALA V 345 -0.11 -61.14 1.46
C ALA V 345 -0.55 -60.97 0.01
N ASP V 346 -0.81 -59.73 -0.43
CA ASP V 346 -1.18 -59.49 -1.82
C ASP V 346 -0.04 -59.78 -2.78
N ALA V 347 1.21 -59.54 -2.39
CA ALA V 347 2.38 -59.82 -3.21
C ALA V 347 2.30 -59.13 -4.56
N SER V 348 2.03 -57.84 -4.54
CA SER V 348 2.00 -57.02 -5.75
C SER V 348 3.31 -56.30 -6.00
N ILE V 349 3.97 -55.83 -4.96
CA ILE V 349 5.28 -55.19 -5.10
C ILE V 349 6.33 -56.25 -5.34
N PRO V 350 7.27 -56.04 -6.26
CA PRO V 350 8.41 -56.97 -6.39
C PRO V 350 9.18 -57.05 -5.08
N GLN V 351 9.67 -58.24 -4.76
CA GLN V 351 10.35 -58.46 -3.49
C GLN V 351 11.60 -57.59 -3.37
N ASP V 352 12.30 -57.38 -4.48
CA ASP V 352 13.49 -56.53 -4.47
C ASP V 352 13.13 -55.10 -4.06
N VAL V 353 12.06 -54.56 -4.64
CA VAL V 353 11.62 -53.21 -4.31
C VAL V 353 11.06 -53.17 -2.89
N ALA V 354 10.35 -54.22 -2.47
CA ALA V 354 9.69 -54.19 -1.16
C ALA V 354 10.71 -54.21 -0.03
N GLN V 355 11.90 -54.74 -0.29
CA GLN V 355 12.92 -54.82 0.76
C GLN V 355 13.73 -53.53 0.90
N MET V 356 13.47 -52.50 0.10
CA MET V 356 14.14 -51.22 0.25
C MET V 356 13.34 -50.27 1.14
N LYS V 357 12.47 -50.82 1.96
CA LYS V 357 11.61 -50.05 2.85
C LYS V 357 12.18 -49.88 4.25
N ASP V 358 13.16 -50.71 4.62
CA ASP V 358 13.75 -50.66 5.96
C ASP V 358 15.01 -49.82 6.02
N GLY V 359 15.36 -49.14 4.93
CA GLY V 359 16.56 -48.34 4.85
C GLY V 359 17.71 -48.98 4.11
N SER V 360 17.53 -50.19 3.59
CA SER V 360 18.59 -50.87 2.86
C SER V 360 18.90 -50.16 1.55
N VAL V 361 20.06 -50.49 0.99
CA VAL V 361 20.55 -49.89 -0.25
C VAL V 361 20.62 -48.38 -0.13
N ASN W 330 15.45 -20.84 -38.81
CA ASN W 330 14.97 -22.20 -38.92
C ASN W 330 13.81 -22.43 -37.96
N MET W 331 12.59 -22.28 -38.48
CA MET W 331 11.41 -22.42 -37.65
C MET W 331 11.10 -23.89 -37.40
N VAL W 332 10.59 -24.18 -36.20
CA VAL W 332 10.01 -25.48 -35.87
C VAL W 332 8.51 -25.30 -35.83
N ALA W 333 7.79 -26.09 -36.62
CA ALA W 333 6.36 -25.87 -36.82
C ALA W 333 5.61 -27.18 -36.76
N GLY W 334 4.30 -27.06 -36.53
CA GLY W 334 3.42 -28.22 -36.57
C GLY W 334 2.07 -27.84 -36.00
N ILE W 335 1.17 -28.82 -36.02
CA ILE W 335 -0.17 -28.63 -35.46
C ILE W 335 -0.10 -28.77 -33.96
N PRO W 336 -0.44 -27.75 -33.20
CA PRO W 336 -0.36 -27.85 -31.73
C PRO W 336 -1.52 -28.60 -31.12
N GLY W 337 -1.25 -29.47 -30.17
CA GLY W 337 -2.31 -30.07 -29.38
C GLY W 337 -2.58 -31.54 -29.63
N ALA W 338 -3.81 -31.86 -30.01
CA ALA W 338 -4.29 -33.23 -30.11
C ALA W 338 -3.67 -34.00 -31.26
N LEU W 339 -3.52 -33.40 -32.45
CA LEU W 339 -3.01 -34.15 -33.58
C LEU W 339 -1.55 -34.52 -33.39
N SER W 340 -0.75 -33.62 -32.81
CA SER W 340 0.67 -33.88 -32.65
C SER W 340 0.96 -34.88 -31.55
N ASN W 341 0.23 -34.80 -30.43
CA ASN W 341 0.49 -35.69 -29.30
C ASN W 341 -0.21 -37.04 -29.49
N GLN W 342 0.06 -37.68 -30.62
CA GLN W 342 -0.42 -39.01 -30.92
C GLN W 342 0.67 -39.76 -31.66
N PRO W 343 0.67 -41.09 -31.61
CA PRO W 343 1.68 -41.85 -32.35
C PRO W 343 1.58 -41.56 -33.82
N PRO W 344 2.70 -41.58 -34.55
CA PRO W 344 2.66 -41.34 -35.99
C PRO W 344 1.84 -42.36 -36.76
N ALA W 345 1.58 -43.54 -36.17
CA ALA W 345 0.74 -44.52 -36.83
C ALA W 345 -0.68 -44.01 -37.07
N ASP W 346 -1.14 -43.05 -36.27
CA ASP W 346 -2.45 -42.45 -36.51
C ASP W 346 -2.48 -41.72 -37.84
N ALA W 347 -1.42 -40.98 -38.15
CA ALA W 347 -1.23 -40.32 -39.45
C ALA W 347 -2.39 -39.38 -39.78
N SER W 348 -2.67 -38.47 -38.86
CA SER W 348 -3.68 -37.45 -39.04
C SER W 348 -3.10 -36.09 -39.41
N ILE W 349 -1.78 -36.01 -39.61
CA ILE W 349 -1.10 -34.76 -39.94
C ILE W 349 -0.56 -34.87 -41.36
N PRO W 350 -0.72 -33.85 -42.21
CA PRO W 350 -0.10 -33.90 -43.53
C PRO W 350 1.41 -34.05 -43.42
N GLN W 351 1.98 -34.79 -44.37
CA GLN W 351 3.41 -35.13 -44.28
C GLN W 351 4.29 -33.88 -44.36
N ASP W 352 3.85 -32.86 -45.10
CA ASP W 352 4.62 -31.63 -45.18
C ASP W 352 4.72 -30.94 -43.83
N VAL W 353 3.63 -30.89 -43.08
CA VAL W 353 3.65 -30.26 -41.76
C VAL W 353 4.51 -31.07 -40.79
N ALA W 354 4.47 -32.40 -40.91
CA ALA W 354 5.24 -33.24 -39.99
C ALA W 354 6.74 -33.04 -40.19
N GLN W 355 7.16 -32.64 -41.39
CA GLN W 355 8.57 -32.38 -41.64
C GLN W 355 9.04 -31.12 -40.92
N MET W 356 8.16 -30.13 -40.80
CA MET W 356 8.58 -28.84 -40.24
C MET W 356 9.02 -28.97 -38.79
N LYS W 357 8.47 -29.96 -38.07
CA LYS W 357 8.81 -30.11 -36.65
C LYS W 357 10.24 -30.62 -36.48
N ASP W 358 10.80 -31.26 -37.52
CA ASP W 358 12.16 -31.77 -37.47
C ASP W 358 13.17 -30.65 -37.32
N GLY W 359 12.81 -29.45 -37.75
CA GLY W 359 13.67 -28.29 -37.65
C GLY W 359 14.19 -27.72 -38.95
N SER W 360 13.46 -27.85 -40.05
CA SER W 360 13.89 -27.31 -41.34
C SER W 360 12.67 -26.81 -42.10
N VAL W 361 12.77 -25.62 -42.65
CA VAL W 361 11.67 -25.04 -43.41
C VAL W 361 12.21 -24.22 -44.57
N ALA X 2 -2.74 45.85 -7.47
CA ALA X 2 -2.66 44.41 -7.33
C ALA X 2 -2.22 44.02 -5.92
N ILE X 3 -1.46 42.93 -5.81
CA ILE X 3 -1.06 42.34 -4.54
C ILE X 3 -2.29 42.16 -3.65
N SER X 4 -3.18 41.27 -4.06
CA SER X 4 -4.36 40.93 -3.29
C SER X 4 -4.60 39.43 -3.39
N PHE X 5 -5.29 38.94 -2.36
CA PHE X 5 -5.58 37.48 -2.30
C PHE X 5 -6.51 37.13 -3.45
N ASP X 6 -7.46 37.98 -3.83
CA ASP X 6 -8.32 37.56 -4.97
C ASP X 6 -7.43 37.40 -6.20
N ASN X 7 -6.73 38.46 -6.58
CA ASN X 7 -5.89 38.45 -7.81
C ASN X 7 -4.81 37.38 -7.71
N ALA X 8 -4.54 36.85 -6.52
CA ALA X 8 -3.43 35.88 -6.38
C ALA X 8 -3.97 34.45 -6.44
N LEU X 9 -5.11 34.20 -5.82
CA LEU X 9 -5.65 32.82 -5.71
C LEU X 9 -6.41 32.48 -7.00
N GLY X 10 -7.06 33.48 -7.57
CA GLY X 10 -7.76 33.21 -8.81
C GLY X 10 -9.14 32.63 -8.58
N ILE X 11 -9.54 31.66 -9.42
CA ILE X 11 -10.81 31.00 -9.27
C ILE X 11 -10.64 29.64 -8.58
N HIS X 12 -9.45 29.34 -8.08
CA HIS X 12 -9.18 28.07 -7.42
C HIS X 12 -9.76 27.99 -6.02
N GLN X 13 -10.20 29.12 -5.46
CA GLN X 13 -10.86 29.14 -4.16
C GLN X 13 -12.36 28.92 -4.30
N HIS X 14 -12.98 29.48 -5.34
CA HIS X 14 -14.39 29.24 -5.56
C HIS X 14 -14.65 27.85 -6.15
N THR X 15 -13.72 27.36 -6.98
CA THR X 15 -13.90 26.06 -7.60
C THR X 15 -13.95 24.94 -6.57
N VAL X 16 -13.13 25.03 -5.52
CA VAL X 16 -13.10 24.00 -4.49
C VAL X 16 -14.46 23.88 -3.82
N GLY X 17 -15.08 25.02 -3.49
CA GLY X 17 -16.38 24.98 -2.86
C GLY X 17 -17.45 24.35 -3.73
N VAL X 18 -17.39 24.63 -5.04
CA VAL X 18 -18.36 24.05 -5.97
C VAL X 18 -18.15 22.55 -6.10
N ARG X 19 -16.89 22.11 -6.14
CA ARG X 19 -16.61 20.68 -6.27
C ARG X 19 -17.10 19.92 -5.04
N GLU X 20 -16.96 20.51 -3.85
CA GLU X 20 -17.53 19.89 -2.65
C GLU X 20 -19.06 19.92 -2.70
N ARG X 21 -19.64 21.00 -3.25
CA ARG X 21 -21.08 21.04 -3.42
C ARG X 21 -21.55 19.94 -4.37
N ASN X 22 -20.83 19.73 -5.46
CA ASN X 22 -21.20 18.70 -6.42
C ASN X 22 -21.12 17.31 -5.79
N ALA X 23 -20.10 17.07 -4.96
CA ALA X 23 -19.97 15.77 -4.30
C ALA X 23 -21.12 15.52 -3.34
N GLU X 24 -21.61 16.59 -2.68
CA GLU X 24 -22.78 16.45 -1.82
C GLU X 24 -24.02 16.09 -2.64
N VAL X 25 -24.14 16.67 -3.84
CA VAL X 25 -25.28 16.36 -4.69
C VAL X 25 -25.17 14.94 -5.23
N ILE X 26 -23.98 14.54 -5.69
CA ILE X 26 -23.81 13.20 -6.24
C ILE X 26 -24.02 12.14 -5.16
N SER X 27 -23.47 12.37 -3.96
CA SER X 27 -23.66 11.41 -2.88
C SER X 27 -25.12 11.30 -2.49
N THR X 28 -25.87 12.40 -2.58
CA THR X 28 -27.30 12.36 -2.28
C THR X 28 -28.03 11.45 -3.26
N ASN X 29 -27.70 11.54 -4.55
CA ASN X 29 -28.35 10.68 -5.54
C ASN X 29 -28.03 9.22 -5.29
N ILE X 30 -26.78 8.90 -4.91
CA ILE X 30 -26.41 7.51 -4.62
C ILE X 30 -27.18 6.99 -3.41
N ALA X 31 -27.26 7.80 -2.35
CA ALA X 31 -27.99 7.37 -1.16
C ALA X 31 -29.47 7.21 -1.44
N GLN X 32 -30.05 8.12 -2.22
CA GLN X 32 -31.47 8.10 -2.54
C GLN X 32 -31.77 7.28 -3.79
N ALA X 33 -30.88 6.38 -4.19
CA ALA X 33 -31.10 5.60 -5.39
C ALA X 33 -32.31 4.68 -5.26
N ASN X 34 -32.47 4.05 -4.09
CA ASN X 34 -33.52 3.08 -3.88
C ASN X 34 -34.84 3.70 -3.44
N THR X 35 -34.86 4.99 -3.12
CA THR X 35 -36.10 5.63 -2.70
C THR X 35 -37.02 5.82 -3.90
N PRO X 36 -38.21 5.23 -3.91
CA PRO X 36 -39.12 5.42 -5.05
C PRO X 36 -39.63 6.85 -5.12
N GLY X 37 -39.83 7.34 -6.35
CA GLY X 37 -40.32 8.68 -6.58
C GLY X 37 -39.27 9.76 -6.50
N TYR X 38 -38.06 9.44 -6.06
CA TYR X 38 -36.99 10.42 -5.97
C TYR X 38 -36.39 10.66 -7.35
N LYS X 39 -36.24 11.93 -7.70
CA LYS X 39 -35.70 12.32 -9.00
C LYS X 39 -34.24 12.74 -8.85
N ALA X 40 -33.40 12.24 -9.75
CA ALA X 40 -31.97 12.52 -9.68
C ALA X 40 -31.71 14.01 -9.87
N ARG X 41 -30.81 14.54 -9.06
CA ARG X 41 -30.49 15.97 -9.03
C ARG X 41 -29.15 16.20 -9.73
N GLY X 42 -29.12 17.19 -10.62
CA GLY X 42 -27.91 17.57 -11.31
C GLY X 42 -27.48 18.96 -10.89
N LEU X 43 -26.21 19.27 -11.13
CA LEU X 43 -25.64 20.55 -10.78
C LEU X 43 -24.88 21.12 -11.96
N ASP X 44 -25.10 22.40 -12.26
CA ASP X 44 -24.39 23.09 -13.33
C ASP X 44 -23.15 23.72 -12.75
N PHE X 45 -21.97 23.28 -13.21
CA PHE X 45 -20.73 23.82 -12.67
C PHE X 45 -20.52 25.27 -13.10
N ALA X 46 -20.82 25.58 -14.36
CA ALA X 46 -20.58 26.94 -14.85
C ALA X 46 -21.43 27.96 -14.11
N LYS X 47 -22.70 27.66 -13.89
CA LYS X 47 -23.57 28.58 -13.18
C LYS X 47 -23.18 28.69 -11.70
N GLU X 48 -22.83 27.56 -11.08
CA GLU X 48 -22.43 27.58 -9.68
C GLU X 48 -21.15 28.37 -9.48
N LEU X 49 -20.18 28.21 -10.38
CA LEU X 49 -18.94 28.96 -10.28
C LEU X 49 -19.19 30.46 -10.46
N GLN X 50 -20.08 30.82 -11.40
CA GLN X 50 -20.42 32.22 -11.59
C GLN X 50 -21.09 32.80 -10.34
N ALA X 51 -22.00 32.02 -9.73
CA ALA X 51 -22.67 32.50 -8.52
C ALA X 51 -21.68 32.63 -7.37
N ALA X 52 -20.75 31.70 -7.24
CA ALA X 52 -19.76 31.76 -6.17
C ALA X 52 -18.85 32.97 -6.33
N THR X 53 -18.45 33.28 -7.56
CA THR X 53 -17.54 34.40 -7.80
C THR X 53 -18.20 35.73 -7.45
N SER X 54 -19.52 35.83 -7.57
CA SER X 54 -20.25 37.07 -7.32
C SER X 54 -21.54 36.71 -6.61
N GLY X 55 -21.54 36.81 -5.28
CA GLY X 55 -22.71 36.50 -4.50
C GLY X 55 -22.41 36.31 -3.02
N ASP X 77 -33.86 27.00 -11.25
CA ASP X 77 -32.57 26.78 -10.60
C ASP X 77 -32.29 25.30 -10.47
N LYS X 78 -33.29 24.53 -10.04
CA LYS X 78 -33.14 23.09 -9.86
C LYS X 78 -32.99 22.42 -11.21
N LEU X 79 -31.88 21.70 -11.40
CA LEU X 79 -31.64 20.95 -12.63
C LEU X 79 -31.80 19.46 -12.35
N TYR X 80 -32.61 18.80 -13.16
CA TYR X 80 -32.86 17.37 -13.05
C TYR X 80 -32.20 16.64 -14.20
N ARG X 81 -31.78 15.41 -13.94
CA ARG X 81 -31.06 14.60 -14.92
C ARG X 81 -32.05 13.72 -15.66
N LEU X 82 -32.03 13.79 -16.98
CA LEU X 82 -32.95 12.99 -17.79
C LEU X 82 -32.53 11.53 -17.78
N PRO X 83 -33.40 10.60 -17.40
CA PRO X 83 -33.03 9.19 -17.35
C PRO X 83 -32.76 8.63 -18.74
N THR X 84 -31.80 7.69 -18.80
CA THR X 84 -31.50 7.02 -20.05
C THR X 84 -32.54 5.96 -20.39
N GLN X 85 -33.17 5.36 -19.39
CA GLN X 85 -34.18 4.33 -19.56
C GLN X 85 -35.33 4.59 -18.60
N PRO X 86 -36.53 4.10 -18.91
CA PRO X 86 -37.67 4.29 -18.01
C PRO X 86 -37.47 3.57 -16.69
N ASP X 87 -38.08 4.12 -15.65
CA ASP X 87 -38.06 3.44 -14.35
C ASP X 87 -38.93 2.20 -14.38
N THR X 88 -38.63 1.27 -13.47
CA THR X 88 -39.36 0.02 -13.36
C THR X 88 -40.67 0.15 -12.59
N GLY X 89 -41.13 1.38 -12.33
CA GLY X 89 -42.39 1.56 -11.65
C GLY X 89 -42.28 2.40 -10.40
N ASP X 90 -41.12 2.34 -9.74
CA ASP X 90 -40.93 3.11 -8.51
C ASP X 90 -40.98 4.61 -8.79
N GLY X 91 -40.42 5.04 -9.91
CA GLY X 91 -40.34 6.44 -10.26
C GLY X 91 -38.98 7.08 -10.06
N ASN X 92 -37.98 6.33 -9.60
CA ASN X 92 -36.66 6.86 -9.32
C ASN X 92 -35.84 6.87 -10.60
N THR X 93 -35.26 8.02 -10.93
CA THR X 93 -34.51 8.21 -12.17
C THR X 93 -33.01 8.28 -11.92
N VAL X 94 -32.54 7.69 -10.83
CA VAL X 94 -31.12 7.69 -10.49
C VAL X 94 -30.45 6.51 -11.20
N ASP X 95 -29.52 6.81 -12.09
CA ASP X 95 -28.74 5.81 -12.79
C ASP X 95 -27.44 5.64 -12.02
N LEU X 96 -27.38 4.62 -11.16
CA LEU X 96 -26.24 4.44 -10.26
C LEU X 96 -24.95 4.17 -11.02
N ASP X 97 -25.03 3.67 -12.25
CA ASP X 97 -23.82 3.53 -13.06
C ASP X 97 -23.21 4.88 -13.38
N LEU X 98 -24.04 5.87 -13.71
CA LEU X 98 -23.56 7.21 -14.01
C LEU X 98 -23.11 7.95 -12.76
N GLU X 99 -23.81 7.76 -11.64
CA GLU X 99 -23.47 8.49 -10.43
C GLU X 99 -22.07 8.15 -9.94
N ARG X 100 -21.70 6.88 -9.98
CA ARG X 100 -20.34 6.49 -9.57
C ARG X 100 -19.30 7.10 -10.49
N ASN X 101 -19.58 7.12 -11.79
CA ASN X 101 -18.63 7.69 -12.75
C ASN X 101 -18.44 9.18 -12.51
N LEU X 102 -19.53 9.90 -12.24
CA LEU X 102 -19.42 11.34 -11.99
C LEU X 102 -18.75 11.62 -10.65
N PHE X 103 -19.03 10.79 -9.64
CA PHE X 103 -18.38 10.97 -8.34
C PHE X 103 -16.88 10.74 -8.44
N MET X 104 -16.46 9.75 -9.22
CA MET X 104 -15.03 9.52 -9.44
C MET X 104 -14.38 10.69 -10.15
N GLN X 105 -15.05 11.23 -11.17
CA GLN X 105 -14.50 12.39 -11.88
C GLN X 105 -14.44 13.62 -10.97
N ASN X 106 -15.49 13.83 -10.17
CA ASN X 106 -15.53 14.99 -9.30
C ASN X 106 -14.40 14.96 -8.27
N GLN X 107 -14.09 13.77 -7.75
CA GLN X 107 -13.02 13.67 -6.76
C GLN X 107 -11.65 13.98 -7.36
N ILE X 108 -11.42 13.56 -8.61
CA ILE X 108 -10.14 13.84 -9.25
C ILE X 108 -9.98 15.33 -9.50
N ARG X 109 -11.02 15.97 -10.05
CA ARG X 109 -10.95 17.40 -10.33
C ARG X 109 -10.89 18.22 -9.06
N HIS X 110 -11.49 17.73 -7.98
CA HIS X 110 -11.39 18.41 -6.69
C HIS X 110 -9.97 18.31 -6.13
N GLN X 111 -9.31 17.17 -6.34
CA GLN X 111 -7.93 17.03 -5.88
C GLN X 111 -7.00 17.97 -6.64
N ALA X 112 -7.24 18.14 -7.94
CA ALA X 112 -6.45 19.09 -8.72
C ALA X 112 -6.67 20.52 -8.23
N SER X 113 -7.93 20.86 -7.90
CA SER X 113 -8.22 22.22 -7.44
C SER X 113 -7.53 22.51 -6.12
N LEU X 114 -7.49 21.52 -5.20
CA LEU X 114 -6.75 21.70 -3.96
C LEU X 114 -5.26 21.89 -4.23
N ASP X 115 -4.72 21.12 -5.17
CA ASP X 115 -3.31 21.30 -5.54
C ASP X 115 -3.09 22.65 -6.19
N PHE X 116 -4.01 23.09 -7.05
CA PHE X 116 -3.91 24.41 -7.66
C PHE X 116 -4.01 25.51 -6.61
N LEU X 117 -4.99 25.40 -5.71
CA LEU X 117 -5.16 26.43 -4.68
C LEU X 117 -4.04 26.36 -3.65
N GLY X 118 -3.60 25.15 -3.29
CA GLY X 118 -2.53 25.02 -2.33
C GLY X 118 -1.22 25.62 -2.83
N SER X 119 -0.96 25.50 -4.13
CA SER X 119 0.27 26.06 -4.69
C SER X 119 0.21 27.58 -4.76
N LYS X 120 -1.00 28.16 -4.76
CA LYS X 120 -1.11 29.62 -4.75
C LYS X 120 -0.60 30.19 -3.44
N PHE X 121 -0.93 29.54 -2.32
CA PHE X 121 -0.46 30.01 -1.02
C PHE X 121 1.04 29.76 -0.85
N LYS X 122 1.53 28.61 -1.33
CA LYS X 122 2.95 28.31 -1.21
C LYS X 122 3.80 29.31 -1.99
N ASN X 123 3.37 29.68 -3.19
CA ASN X 123 4.10 30.66 -3.98
C ASN X 123 4.04 32.04 -3.32
N LEU X 124 2.90 32.41 -2.76
CA LEU X 124 2.80 33.69 -2.05
C LEU X 124 3.71 33.72 -0.84
N THR X 125 3.74 32.63 -0.06
CA THR X 125 4.65 32.57 1.08
C THR X 125 6.10 32.57 0.63
N LYS X 126 6.40 31.92 -0.49
CA LYS X 126 7.77 31.88 -0.99
C LYS X 126 8.25 33.28 -1.37
N ALA X 127 7.39 34.08 -2.00
CA ALA X 127 7.81 35.41 -2.43
C ALA X 127 7.95 36.37 -1.26
N ILE X 128 7.04 36.29 -0.28
CA ILE X 128 7.10 37.21 0.86
C ILE X 128 8.20 36.88 1.84
N LYS X 129 8.87 35.74 1.67
CA LYS X 129 9.96 35.34 2.56
C LYS X 129 11.25 35.02 1.83
N GLY X 130 11.23 34.88 0.50
CA GLY X 130 12.43 34.59 -0.24
C GLY X 130 13.07 33.27 0.12
N GLU X 131 12.26 32.26 0.43
CA GLU X 131 12.78 30.97 0.84
C GLU X 131 12.42 29.88 -0.16
N ALA Y 2 -5.51 13.06 35.68
CA ALA Y 2 -5.93 11.99 34.79
C ALA Y 2 -4.82 11.64 33.80
N ILE Y 3 -5.20 11.49 32.52
CA ILE Y 3 -4.28 11.16 31.45
C ILE Y 3 -3.54 9.87 31.79
N SER Y 4 -4.30 8.76 31.79
CA SER Y 4 -3.72 7.44 32.14
C SER Y 4 -4.18 6.43 31.09
N PHE Y 5 -3.49 5.29 30.94
CA PHE Y 5 -3.83 4.31 29.87
C PHE Y 5 -5.21 3.72 30.15
N ASP Y 6 -5.55 3.53 31.43
CA ASP Y 6 -6.88 2.97 31.81
C ASP Y 6 -8.00 3.83 31.21
N ASN Y 7 -7.86 5.16 31.28
CA ASN Y 7 -8.91 6.08 30.78
C ASN Y 7 -8.75 6.30 29.28
N ALA Y 8 -7.52 6.21 28.76
CA ALA Y 8 -7.28 6.51 27.34
C ALA Y 8 -7.80 5.35 26.49
N LEU Y 9 -7.64 4.14 26.99
CA LEU Y 9 -8.05 2.95 26.25
C LEU Y 9 -9.49 2.57 26.51
N GLY Y 10 -10.11 3.10 27.57
CA GLY Y 10 -11.47 2.70 27.87
C GLY Y 10 -11.54 1.24 28.26
N ILE Y 11 -12.68 0.62 27.94
CA ILE Y 11 -12.85 -0.82 28.18
C ILE Y 11 -12.46 -1.66 26.97
N HIS Y 12 -12.00 -1.03 25.89
CA HIS Y 12 -11.62 -1.79 24.71
C HIS Y 12 -10.38 -2.64 24.94
N GLN Y 13 -9.62 -2.36 26.01
CA GLN Y 13 -8.46 -3.17 26.33
C GLN Y 13 -8.86 -4.53 26.88
N HIS Y 14 -10.04 -4.63 27.50
CA HIS Y 14 -10.52 -5.89 28.06
C HIS Y 14 -11.42 -6.67 27.12
N THR Y 15 -12.14 -5.99 26.22
CA THR Y 15 -13.09 -6.68 25.35
C THR Y 15 -12.39 -7.66 24.43
N VAL Y 16 -11.20 -7.30 23.94
CA VAL Y 16 -10.46 -8.18 23.03
C VAL Y 16 -10.16 -9.52 23.72
N GLY Y 17 -9.83 -9.47 25.01
CA GLY Y 17 -9.56 -10.70 25.73
C GLY Y 17 -10.80 -11.56 25.90
N VAL Y 18 -11.95 -10.94 26.16
CA VAL Y 18 -13.17 -11.70 26.37
C VAL Y 18 -13.62 -12.35 25.07
N ARG Y 19 -13.45 -11.65 23.94
CA ARG Y 19 -13.82 -12.23 22.66
C ARG Y 19 -12.90 -13.39 22.30
N GLU Y 20 -11.67 -13.39 22.80
CA GLU Y 20 -10.80 -14.54 22.61
C GLU Y 20 -11.25 -15.71 23.48
N ARG Y 21 -11.59 -15.44 24.74
CA ARG Y 21 -12.10 -16.49 25.60
C ARG Y 21 -13.40 -17.07 25.07
N ASN Y 22 -14.29 -16.21 24.57
CA ASN Y 22 -15.55 -16.68 24.01
C ASN Y 22 -15.31 -17.56 22.79
N ALA Y 23 -14.35 -17.18 21.94
CA ALA Y 23 -14.05 -17.99 20.76
C ALA Y 23 -13.49 -19.36 21.16
N GLU Y 24 -12.69 -19.39 22.24
CA GLU Y 24 -12.16 -20.67 22.71
C GLU Y 24 -13.27 -21.60 23.17
N VAL Y 25 -14.25 -21.06 23.90
CA VAL Y 25 -15.34 -21.89 24.42
C VAL Y 25 -16.18 -22.44 23.28
N ILE Y 26 -16.49 -21.61 22.28
CA ILE Y 26 -17.27 -22.08 21.14
C ILE Y 26 -16.50 -23.14 20.37
N SER Y 27 -15.18 -22.98 20.25
CA SER Y 27 -14.36 -24.00 19.61
C SER Y 27 -14.41 -25.31 20.39
N THR Y 28 -14.42 -25.22 21.72
CA THR Y 28 -14.55 -26.42 22.54
C THR Y 28 -15.90 -27.09 22.31
N ASN Y 29 -16.97 -26.31 22.23
CA ASN Y 29 -18.30 -26.89 22.06
C ASN Y 29 -18.42 -27.64 20.74
N ILE Y 30 -17.88 -27.07 19.66
CA ILE Y 30 -17.97 -27.72 18.36
C ILE Y 30 -17.16 -29.01 18.35
N ALA Y 31 -15.96 -28.99 18.93
CA ALA Y 31 -15.12 -30.18 18.97
C ALA Y 31 -15.76 -31.28 19.82
N GLN Y 32 -16.34 -30.91 20.96
CA GLN Y 32 -16.95 -31.87 21.87
C GLN Y 32 -18.40 -32.17 21.54
N ALA Y 33 -18.84 -31.88 20.32
CA ALA Y 33 -20.24 -32.10 19.95
C ALA Y 33 -20.56 -33.58 19.88
N ASN Y 34 -19.60 -34.41 19.46
CA ASN Y 34 -19.85 -35.83 19.29
C ASN Y 34 -19.56 -36.64 20.57
N THR Y 35 -18.78 -36.11 21.49
CA THR Y 35 -18.44 -36.86 22.69
C THR Y 35 -19.62 -36.89 23.64
N PRO Y 36 -20.15 -38.06 23.98
CA PRO Y 36 -21.32 -38.13 24.86
C PRO Y 36 -20.97 -37.69 26.27
N GLY Y 37 -21.98 -37.16 26.97
CA GLY Y 37 -21.84 -36.70 28.33
C GLY Y 37 -21.31 -35.31 28.50
N TYR Y 38 -20.78 -34.70 27.43
CA TYR Y 38 -20.29 -33.33 27.51
C TYR Y 38 -21.46 -32.35 27.49
N LYS Y 39 -21.42 -31.40 28.41
CA LYS Y 39 -22.45 -30.37 28.51
C LYS Y 39 -21.92 -29.07 27.92
N ALA Y 40 -22.68 -28.49 27.00
CA ALA Y 40 -22.24 -27.27 26.32
C ALA Y 40 -22.01 -26.16 27.32
N ARG Y 41 -20.87 -25.48 27.19
CA ARG Y 41 -20.49 -24.40 28.11
C ARG Y 41 -20.71 -23.06 27.41
N GLY Y 42 -21.34 -22.14 28.12
CA GLY Y 42 -21.52 -20.79 27.64
C GLY Y 42 -20.82 -19.81 28.56
N LEU Y 43 -20.35 -18.71 27.97
CA LEU Y 43 -19.64 -17.67 28.71
C LEU Y 43 -20.53 -16.44 28.83
N ASP Y 44 -20.63 -15.91 30.04
CA ASP Y 44 -21.46 -14.73 30.29
C ASP Y 44 -20.62 -13.48 30.08
N PHE Y 45 -21.01 -12.66 29.11
CA PHE Y 45 -20.23 -11.48 28.76
C PHE Y 45 -20.15 -10.49 29.93
N ALA Y 46 -21.26 -10.29 30.63
CA ALA Y 46 -21.30 -9.32 31.71
C ALA Y 46 -20.38 -9.73 32.86
N LYS Y 47 -20.12 -11.03 33.02
CA LYS Y 47 -19.24 -11.48 34.09
C LYS Y 47 -17.81 -11.01 33.87
N GLU Y 48 -17.28 -11.20 32.66
CA GLU Y 48 -15.95 -10.68 32.34
C GLU Y 48 -15.94 -9.16 32.28
N LEU Y 49 -17.09 -8.53 32.02
CA LEU Y 49 -17.19 -7.09 32.18
C LEU Y 49 -16.98 -6.68 33.63
N GLN Y 50 -17.60 -7.41 34.56
CA GLN Y 50 -17.39 -7.16 35.98
C GLN Y 50 -15.97 -7.49 36.39
N ALA Y 51 -15.41 -8.59 35.86
CA ALA Y 51 -14.04 -8.94 36.16
C ALA Y 51 -13.07 -7.89 35.64
N ALA Y 52 -13.43 -7.22 34.55
CA ALA Y 52 -12.57 -6.15 34.01
C ALA Y 52 -12.61 -4.92 34.91
N THR Y 53 -13.81 -4.50 35.29
CA THR Y 53 -13.97 -3.29 36.11
C THR Y 53 -13.75 -3.59 37.58
N ASP Y 77 -19.98 -16.90 35.03
CA ASP Y 77 -18.75 -17.15 34.28
C ASP Y 77 -18.60 -18.65 34.01
N LYS Y 78 -18.45 -19.00 32.73
CA LYS Y 78 -18.34 -20.39 32.29
C LYS Y 78 -19.57 -21.20 32.72
N LEU Y 79 -20.71 -20.78 32.21
CA LEU Y 79 -21.99 -21.37 32.59
C LEU Y 79 -22.32 -22.55 31.67
N TYR Y 80 -23.52 -23.10 31.84
CA TYR Y 80 -24.02 -24.20 31.03
C TYR Y 80 -25.18 -23.73 30.17
N ARG Y 81 -25.29 -24.29 28.96
CA ARG Y 81 -26.35 -23.93 28.04
C ARG Y 81 -27.47 -24.95 28.13
N LEU Y 82 -28.68 -24.48 28.42
CA LEU Y 82 -29.82 -25.37 28.49
C LEU Y 82 -30.30 -25.73 27.09
N PRO Y 83 -30.48 -27.01 26.77
CA PRO Y 83 -30.83 -27.39 25.40
C PRO Y 83 -32.24 -26.99 25.04
N THR Y 84 -32.46 -26.76 23.74
CA THR Y 84 -33.79 -26.52 23.22
C THR Y 84 -34.46 -27.80 22.76
N GLN Y 85 -33.69 -28.86 22.54
CA GLN Y 85 -34.19 -30.18 22.18
C GLN Y 85 -33.58 -31.23 23.10
N PRO Y 86 -34.28 -32.34 23.31
CA PRO Y 86 -33.75 -33.40 24.17
C PRO Y 86 -32.56 -34.10 23.52
N ASP Y 87 -31.77 -34.75 24.35
CA ASP Y 87 -30.64 -35.53 23.84
C ASP Y 87 -31.16 -36.80 23.17
N THR Y 88 -30.23 -37.61 22.66
CA THR Y 88 -30.58 -38.86 22.03
C THR Y 88 -29.85 -40.03 22.70
N GLY Y 89 -29.61 -39.93 23.99
CA GLY Y 89 -28.87 -40.91 24.73
C GLY Y 89 -27.43 -40.55 25.00
N ASP Y 90 -26.86 -39.61 24.24
CA ASP Y 90 -25.50 -39.16 24.47
C ASP Y 90 -25.39 -38.29 25.70
N GLY Y 91 -26.40 -37.48 25.96
CA GLY Y 91 -26.31 -36.45 26.98
C GLY Y 91 -25.59 -35.20 26.54
N ASN Y 92 -25.24 -35.11 25.25
CA ASN Y 92 -24.49 -33.98 24.73
C ASN Y 92 -25.47 -32.87 24.34
N THR Y 93 -25.28 -31.67 24.91
CA THR Y 93 -26.20 -30.57 24.73
C THR Y 93 -25.65 -29.49 23.79
N VAL Y 94 -24.89 -29.89 22.77
CA VAL Y 94 -24.28 -28.96 21.83
C VAL Y 94 -25.15 -28.93 20.57
N ASP Y 95 -25.59 -27.74 20.19
CA ASP Y 95 -26.32 -27.52 18.95
C ASP Y 95 -25.37 -26.86 17.96
N LEU Y 96 -24.99 -27.60 16.91
CA LEU Y 96 -23.97 -27.11 16.00
C LEU Y 96 -24.49 -25.93 15.16
N ASP Y 97 -25.80 -25.83 14.97
CA ASP Y 97 -26.36 -24.65 14.31
C ASP Y 97 -26.12 -23.41 15.15
N LEU Y 98 -26.31 -23.50 16.46
CA LEU Y 98 -26.11 -22.36 17.34
C LEU Y 98 -24.63 -21.98 17.43
N GLU Y 99 -23.75 -22.98 17.54
CA GLU Y 99 -22.34 -22.71 17.74
C GLU Y 99 -21.72 -21.96 16.57
N ARG Y 100 -22.07 -22.38 15.34
CA ARG Y 100 -21.53 -21.70 14.16
C ARG Y 100 -21.94 -20.24 14.12
N ASN Y 101 -23.21 -19.96 14.40
CA ASN Y 101 -23.69 -18.57 14.41
C ASN Y 101 -23.01 -17.77 15.51
N LEU Y 102 -22.84 -18.36 16.70
CA LEU Y 102 -22.20 -17.65 17.80
C LEU Y 102 -20.71 -17.47 17.56
N PHE Y 103 -20.09 -18.36 16.79
CA PHE Y 103 -18.68 -18.18 16.45
C PHE Y 103 -18.52 -17.10 15.37
N MET Y 104 -19.46 -17.03 14.43
CA MET Y 104 -19.42 -15.99 13.42
C MET Y 104 -19.62 -14.61 14.04
N GLN Y 105 -20.57 -14.49 14.97
CA GLN Y 105 -20.82 -13.19 15.59
C GLN Y 105 -19.63 -12.75 16.43
N ASN Y 106 -19.02 -13.68 17.19
CA ASN Y 106 -17.89 -13.33 18.03
C ASN Y 106 -16.69 -12.89 17.20
N GLN Y 107 -16.45 -13.56 16.07
CA GLN Y 107 -15.31 -13.20 15.22
C GLN Y 107 -15.49 -11.82 14.60
N ILE Y 108 -16.72 -11.48 14.19
CA ILE Y 108 -16.97 -10.16 13.62
C ILE Y 108 -16.78 -9.08 14.70
N ARG Y 109 -17.32 -9.32 15.89
CA ARG Y 109 -17.18 -8.34 16.96
C ARG Y 109 -15.74 -8.26 17.45
N HIS Y 110 -14.99 -9.35 17.37
CA HIS Y 110 -13.59 -9.32 17.78
C HIS Y 110 -12.77 -8.40 16.89
N GLN Y 111 -13.03 -8.41 15.57
CA GLN Y 111 -12.32 -7.53 14.66
C GLN Y 111 -12.66 -6.07 14.93
N ALA Y 112 -13.91 -5.78 15.27
CA ALA Y 112 -14.30 -4.41 15.60
C ALA Y 112 -13.60 -3.92 16.86
N SER Y 113 -13.45 -4.80 17.85
CA SER Y 113 -12.75 -4.42 19.08
C SER Y 113 -11.28 -4.11 18.79
N LEU Y 114 -10.65 -4.88 17.89
CA LEU Y 114 -9.29 -4.57 17.48
C LEU Y 114 -9.23 -3.21 16.79
N ASP Y 115 -10.22 -2.92 15.94
CA ASP Y 115 -10.27 -1.62 15.28
C ASP Y 115 -10.45 -0.49 16.29
N PHE Y 116 -11.31 -0.69 17.27
CA PHE Y 116 -11.53 0.34 18.29
C PHE Y 116 -10.28 0.56 19.13
N LEU Y 117 -9.71 -0.54 19.64
CA LEU Y 117 -8.53 -0.42 20.50
C LEU Y 117 -7.29 -0.01 19.70
N GLY Y 118 -7.20 -0.44 18.45
CA GLY Y 118 -6.07 -0.03 17.63
C GLY Y 118 -6.05 1.46 17.37
N SER Y 119 -7.22 2.04 17.11
CA SER Y 119 -7.30 3.48 16.84
C SER Y 119 -7.09 4.32 18.10
N LYS Y 120 -7.21 3.72 19.29
CA LYS Y 120 -6.93 4.45 20.51
C LYS Y 120 -5.46 4.88 20.57
N PHE Y 121 -4.56 3.99 20.18
CA PHE Y 121 -3.14 4.34 20.15
C PHE Y 121 -2.79 5.21 18.96
N LYS Y 122 -3.46 5.02 17.83
CA LYS Y 122 -3.18 5.85 16.65
C LYS Y 122 -3.54 7.31 16.91
N ASN Y 123 -4.67 7.55 17.57
CA ASN Y 123 -4.99 8.92 17.99
C ASN Y 123 -4.06 9.40 19.08
N LEU Y 124 -3.69 8.51 20.01
CA LEU Y 124 -2.80 8.88 21.10
C LEU Y 124 -1.42 9.27 20.59
N THR Y 125 -0.90 8.53 19.61
CA THR Y 125 0.41 8.85 19.07
C THR Y 125 0.38 10.15 18.26
N LYS Y 126 -0.73 10.41 17.58
CA LYS Y 126 -0.83 11.64 16.78
C LYS Y 126 -0.90 12.87 17.69
N ALA Y 127 -1.53 12.74 18.85
CA ALA Y 127 -1.58 13.85 19.79
C ALA Y 127 -0.19 14.18 20.32
N ILE Y 128 0.60 13.15 20.64
CA ILE Y 128 1.91 13.38 21.23
C ILE Y 128 2.88 13.93 20.18
N LYS Y 129 2.96 13.28 19.02
CA LYS Y 129 3.90 13.70 18.00
C LYS Y 129 3.44 14.94 17.23
N GLY Y 130 2.15 15.24 17.25
CA GLY Y 130 1.64 16.37 16.51
C GLY Y 130 1.69 16.22 15.00
N GLU Y 131 1.91 15.00 14.50
CA GLU Y 131 2.02 14.77 13.06
C GLU Y 131 1.51 13.38 12.70
N ALA Z 2 25.86 -2.07 28.53
CA ALA Z 2 24.76 -3.01 28.40
C ALA Z 2 24.10 -2.87 27.03
N ILE Z 3 24.46 -1.80 26.31
CA ILE Z 3 23.91 -1.54 24.98
C ILE Z 3 24.59 -2.48 24.00
N SER Z 4 23.90 -3.56 23.61
CA SER Z 4 24.49 -4.54 22.66
C SER Z 4 23.37 -5.19 21.87
N PHE Z 5 23.66 -5.74 20.70
CA PHE Z 5 22.56 -6.28 19.86
C PHE Z 5 21.92 -7.50 20.55
N ASP Z 6 22.73 -8.31 21.21
CA ASP Z 6 22.19 -9.50 21.92
C ASP Z 6 21.17 -9.06 22.97
N ASN Z 7 21.48 -7.99 23.72
CA ASN Z 7 20.57 -7.49 24.79
C ASN Z 7 19.37 -6.78 24.17
N ALA Z 8 19.55 -6.11 23.04
CA ALA Z 8 18.45 -5.32 22.44
C ALA Z 8 17.52 -6.22 21.61
N LEU Z 9 18.09 -7.19 20.91
CA LEU Z 9 17.23 -8.00 20.00
C LEU Z 9 16.58 -9.17 20.75
N GLY Z 10 17.09 -9.52 21.93
CA GLY Z 10 16.48 -10.58 22.70
C GLY Z 10 16.61 -11.92 22.00
N ILE Z 11 15.61 -12.79 22.23
CA ILE Z 11 15.59 -14.10 21.59
C ILE Z 11 14.95 -14.07 20.22
N HIS Z 12 14.42 -12.93 19.79
CA HIS Z 12 13.72 -12.86 18.52
C HIS Z 12 14.68 -12.95 17.33
N GLN Z 13 15.97 -12.67 17.53
CA GLN Z 13 16.95 -12.85 16.48
C GLN Z 13 17.23 -14.32 16.20
N HIS Z 14 16.90 -15.20 17.15
CA HIS Z 14 17.09 -16.63 16.98
C HIS Z 14 15.81 -17.39 16.66
N THR Z 15 14.66 -16.89 17.12
CA THR Z 15 13.41 -17.61 16.92
C THR Z 15 13.03 -17.68 15.45
N VAL Z 16 13.33 -16.63 14.69
CA VAL Z 16 12.96 -16.60 13.27
C VAL Z 16 13.67 -17.72 12.52
N GLY Z 17 14.96 -17.92 12.79
CA GLY Z 17 15.67 -19.00 12.14
C GLY Z 17 15.16 -20.38 12.54
N VAL Z 18 14.73 -20.52 13.79
CA VAL Z 18 14.24 -21.83 14.26
C VAL Z 18 12.90 -22.15 13.61
N ARG Z 19 12.01 -21.16 13.50
CA ARG Z 19 10.72 -21.42 12.89
C ARG Z 19 10.84 -21.61 11.39
N GLU Z 20 11.85 -21.02 10.77
CA GLU Z 20 12.15 -21.35 9.38
C GLU Z 20 12.60 -22.80 9.26
N ARG Z 21 13.42 -23.26 10.19
CA ARG Z 21 13.83 -24.67 10.20
C ARG Z 21 12.63 -25.58 10.40
N ASN Z 22 11.71 -25.21 11.30
CA ASN Z 22 10.53 -26.02 11.52
C ASN Z 22 9.65 -26.10 10.28
N ALA Z 23 9.54 -25.00 9.54
CA ALA Z 23 8.77 -25.00 8.30
C ALA Z 23 9.37 -25.95 7.29
N GLU Z 24 10.69 -25.99 7.20
CA GLU Z 24 11.34 -26.94 6.29
C GLU Z 24 11.08 -28.38 6.71
N VAL Z 25 11.12 -28.65 8.02
CA VAL Z 25 10.87 -30.00 8.52
C VAL Z 25 9.43 -30.41 8.27
N ILE Z 26 8.49 -29.47 8.46
CA ILE Z 26 7.09 -29.78 8.20
C ILE Z 26 6.84 -29.94 6.70
N SER Z 27 7.46 -29.09 5.88
CA SER Z 27 7.21 -29.14 4.44
C SER Z 27 7.70 -30.44 3.84
N THR Z 28 8.87 -30.92 4.28
CA THR Z 28 9.39 -32.17 3.74
C THR Z 28 8.57 -33.37 4.21
N ASN Z 29 7.82 -33.23 5.31
CA ASN Z 29 6.89 -34.27 5.71
C ASN Z 29 5.66 -34.28 4.82
N ILE Z 30 5.18 -33.11 4.43
CA ILE Z 30 4.03 -33.03 3.52
C ILE Z 30 4.41 -33.55 2.14
N ALA Z 31 5.59 -33.17 1.65
CA ALA Z 31 6.02 -33.62 0.32
C ALA Z 31 6.27 -35.13 0.29
N GLN Z 32 6.85 -35.68 1.36
CA GLN Z 32 7.16 -37.09 1.45
C GLN Z 32 6.04 -37.90 2.10
N ALA Z 33 4.79 -37.45 1.98
CA ALA Z 33 3.68 -38.15 2.62
C ALA Z 33 3.45 -39.52 2.02
N ASN Z 34 3.65 -39.66 0.71
CA ASN Z 34 3.38 -40.92 0.03
C ASN Z 34 4.60 -41.84 -0.05
N THR Z 35 5.77 -41.37 0.33
CA THR Z 35 6.96 -42.20 0.26
C THR Z 35 6.92 -43.27 1.33
N PRO Z 36 6.93 -44.56 0.99
CA PRO Z 36 6.89 -45.60 2.01
C PRO Z 36 8.23 -45.74 2.71
N GLY Z 37 8.18 -46.07 3.99
CA GLY Z 37 9.38 -46.17 4.81
C GLY Z 37 9.84 -44.84 5.39
N TYR Z 38 9.20 -43.74 5.06
CA TYR Z 38 9.57 -42.43 5.58
C TYR Z 38 8.86 -42.18 6.90
N LYS Z 39 9.64 -41.89 7.93
CA LYS Z 39 9.10 -41.58 9.25
C LYS Z 39 8.98 -40.07 9.41
N ALA Z 40 7.80 -39.62 9.81
CA ALA Z 40 7.59 -38.19 10.01
C ALA Z 40 8.56 -37.63 11.04
N ARG Z 41 9.17 -36.51 10.72
CA ARG Z 41 10.18 -35.89 11.58
C ARG Z 41 9.59 -34.67 12.27
N GLY Z 42 10.06 -34.43 13.49
CA GLY Z 42 9.61 -33.29 14.26
C GLY Z 42 10.80 -32.63 14.93
N LEU Z 43 10.69 -31.32 15.09
CA LEU Z 43 11.76 -30.50 15.65
C LEU Z 43 11.28 -29.92 16.98
N ASP Z 44 12.01 -30.21 18.05
CA ASP Z 44 11.66 -29.66 19.35
C ASP Z 44 12.03 -28.18 19.41
N PHE Z 45 11.05 -27.35 19.74
CA PHE Z 45 11.28 -25.91 19.74
C PHE Z 45 12.11 -25.47 20.93
N ALA Z 46 11.84 -26.02 22.11
CA ALA Z 46 12.56 -25.61 23.31
C ALA Z 46 14.04 -25.97 23.21
N LYS Z 47 14.35 -27.17 22.73
CA LYS Z 47 15.75 -27.57 22.59
C LYS Z 47 16.46 -26.76 21.53
N GLU Z 48 15.82 -26.57 20.37
CA GLU Z 48 16.46 -25.85 19.28
C GLU Z 48 16.71 -24.39 19.64
N LEU Z 49 15.76 -23.76 20.33
CA LEU Z 49 15.96 -22.38 20.75
C LEU Z 49 17.10 -22.26 21.75
N GLN Z 50 17.18 -23.19 22.70
CA GLN Z 50 18.28 -23.16 23.67
C GLN Z 50 19.63 -23.39 22.99
N ALA Z 51 19.68 -24.30 22.02
CA ALA Z 51 20.92 -24.54 21.29
C ALA Z 51 21.36 -23.31 20.53
N ALA Z 52 20.41 -22.62 19.90
CA ALA Z 52 20.75 -21.40 19.17
C ALA Z 52 21.22 -20.30 20.11
N THR Z 53 20.58 -20.17 21.28
CA THR Z 53 20.93 -19.10 22.21
C THR Z 53 22.36 -19.24 22.70
N SER Z 54 22.77 -20.45 23.09
CA SER Z 54 24.12 -20.70 23.60
C SER Z 54 24.72 -21.83 22.77
N GLY Z 55 25.56 -21.47 21.80
CA GLY Z 55 26.22 -22.44 20.96
C GLY Z 55 27.39 -23.12 21.63
N ASP Z 77 19.43 -33.37 13.76
CA ASP Z 77 19.07 -33.79 15.11
C ASP Z 77 17.57 -33.58 15.34
N LYS Z 78 16.77 -33.86 14.32
CA LYS Z 78 15.33 -33.73 14.42
C LYS Z 78 14.72 -35.02 14.95
N LEU Z 79 13.74 -34.89 15.84
CA LEU Z 79 13.14 -36.03 16.51
C LEU Z 79 12.13 -36.72 15.59
N TYR Z 80 11.61 -37.85 16.06
CA TYR Z 80 10.62 -38.63 15.35
C TYR Z 80 9.24 -38.44 15.96
N ARG Z 81 8.24 -38.34 15.09
CA ARG Z 81 6.87 -38.08 15.50
C ARG Z 81 6.11 -39.39 15.59
N LEU Z 82 5.58 -39.69 16.77
CA LEU Z 82 4.90 -40.96 16.98
C LEU Z 82 3.54 -40.96 16.29
N PRO Z 83 3.19 -42.03 15.58
CA PRO Z 83 1.91 -42.07 14.87
C PRO Z 83 0.74 -42.32 15.82
N THR Z 84 -0.37 -41.64 15.55
CA THR Z 84 -1.59 -41.87 16.31
C THR Z 84 -2.32 -43.12 15.87
N GLN Z 85 -2.06 -43.61 14.65
CA GLN Z 85 -2.67 -44.82 14.13
C GLN Z 85 -1.61 -45.57 13.33
N PRO Z 86 -1.73 -46.90 13.23
CA PRO Z 86 -0.72 -47.66 12.48
C PRO Z 86 -0.77 -47.34 11.00
N ASP Z 87 0.39 -47.46 10.36
CA ASP Z 87 0.46 -47.30 8.92
C ASP Z 87 -0.23 -48.47 8.23
N THR Z 88 -0.72 -48.22 7.01
CA THR Z 88 -1.51 -49.19 6.27
C THR Z 88 -0.66 -50.19 5.51
N GLY Z 89 0.61 -50.36 5.89
CA GLY Z 89 1.48 -51.32 5.24
C GLY Z 89 2.63 -50.71 4.47
N ASP Z 90 2.74 -49.40 4.38
CA ASP Z 90 3.84 -48.76 3.69
C ASP Z 90 4.97 -48.33 4.63
N GLY Z 91 4.74 -48.32 5.94
CA GLY Z 91 5.74 -47.88 6.89
C GLY Z 91 5.83 -46.39 7.06
N ASN Z 92 5.12 -45.61 6.26
CA ASN Z 92 5.15 -44.16 6.37
C ASN Z 92 4.22 -43.71 7.49
N THR Z 93 4.75 -42.90 8.41
CA THR Z 93 4.00 -42.44 9.58
C THR Z 93 3.72 -40.95 9.51
N VAL Z 94 3.46 -40.43 8.32
CA VAL Z 94 3.13 -39.01 8.14
C VAL Z 94 1.62 -38.86 8.17
N ASP Z 95 1.12 -38.11 9.14
CA ASP Z 95 -0.31 -37.79 9.24
C ASP Z 95 -0.51 -36.45 8.55
N LEU Z 96 -0.84 -36.49 7.26
CA LEU Z 96 -0.95 -35.27 6.46
C LEU Z 96 -2.02 -34.34 7.01
N ASP Z 97 -3.02 -34.88 7.71
CA ASP Z 97 -3.99 -34.05 8.39
C ASP Z 97 -3.34 -33.22 9.49
N LEU Z 98 -2.41 -33.82 10.24
CA LEU Z 98 -1.73 -33.10 11.31
C LEU Z 98 -0.66 -32.15 10.77
N GLU Z 99 0.02 -32.54 9.69
CA GLU Z 99 1.13 -31.73 9.18
C GLU Z 99 0.64 -30.37 8.69
N ARG Z 100 -0.53 -30.32 8.06
CA ARG Z 100 -1.08 -29.04 7.62
C ARG Z 100 -1.34 -28.12 8.81
N ASN Z 101 -1.85 -28.68 9.91
CA ASN Z 101 -2.15 -27.87 11.08
C ASN Z 101 -0.88 -27.26 11.69
N LEU Z 102 0.20 -28.04 11.74
CA LEU Z 102 1.45 -27.53 12.31
C LEU Z 102 2.09 -26.50 11.40
N PHE Z 103 2.00 -26.70 10.08
CA PHE Z 103 2.56 -25.73 9.15
C PHE Z 103 1.84 -24.39 9.25
N MET Z 104 0.52 -24.42 9.40
CA MET Z 104 -0.24 -23.18 9.56
C MET Z 104 0.14 -22.46 10.84
N GLN Z 105 0.25 -23.20 11.95
CA GLN Z 105 0.64 -22.58 13.21
C GLN Z 105 2.03 -21.99 13.15
N ASN Z 106 2.98 -22.74 12.57
CA ASN Z 106 4.35 -22.25 12.49
C ASN Z 106 4.44 -21.00 11.63
N GLN Z 107 3.65 -20.94 10.56
CA GLN Z 107 3.67 -19.77 9.68
C GLN Z 107 3.18 -18.52 10.41
N ILE Z 108 2.13 -18.66 11.23
CA ILE Z 108 1.62 -17.51 11.98
C ILE Z 108 2.63 -17.09 13.04
N ARG Z 109 3.21 -18.05 13.76
CA ARG Z 109 4.20 -17.73 14.78
C ARG Z 109 5.48 -17.18 14.17
N HIS Z 110 5.82 -17.62 12.95
CA HIS Z 110 6.97 -17.06 12.25
C HIS Z 110 6.75 -15.58 11.94
N GLN Z 111 5.54 -15.23 11.49
CA GLN Z 111 5.24 -13.84 11.20
C GLN Z 111 5.24 -13.00 12.48
N ALA Z 112 4.72 -13.55 13.58
CA ALA Z 112 4.70 -12.82 14.84
C ALA Z 112 6.12 -12.53 15.32
N SER Z 113 7.04 -13.47 15.14
CA SER Z 113 8.43 -13.25 15.50
C SER Z 113 9.07 -12.19 14.61
N LEU Z 114 8.69 -12.15 13.33
CA LEU Z 114 9.18 -11.12 12.44
C LEU Z 114 8.72 -9.73 12.89
N ASP Z 115 7.47 -9.62 13.33
CA ASP Z 115 6.97 -8.34 13.83
C ASP Z 115 7.68 -7.94 15.11
N PHE Z 116 7.98 -8.91 15.98
CA PHE Z 116 8.71 -8.61 17.21
C PHE Z 116 10.14 -8.19 16.89
N LEU Z 117 10.83 -8.95 16.05
CA LEU Z 117 12.21 -8.63 15.71
C LEU Z 117 12.30 -7.33 14.92
N GLY Z 118 11.35 -7.11 14.01
CA GLY Z 118 11.38 -5.89 13.21
C GLY Z 118 11.23 -4.64 14.05
N SER Z 119 10.41 -4.72 15.11
CA SER Z 119 10.23 -3.56 15.98
C SER Z 119 11.47 -3.29 16.82
N LYS Z 120 12.30 -4.31 17.06
CA LYS Z 120 13.52 -4.12 17.83
C LYS Z 120 14.48 -3.17 17.12
N PHE Z 121 14.63 -3.34 15.80
CA PHE Z 121 15.51 -2.45 15.05
C PHE Z 121 14.89 -1.06 14.90
N LYS Z 122 13.58 -0.99 14.69
CA LYS Z 122 12.92 0.30 14.54
C LYS Z 122 12.98 1.10 15.84
N ASN Z 123 12.84 0.43 16.99
CA ASN Z 123 12.95 1.14 18.26
C ASN Z 123 14.35 1.67 18.49
N LEU Z 124 15.37 0.90 18.09
CA LEU Z 124 16.75 1.39 18.21
C LEU Z 124 16.98 2.60 17.30
N THR Z 125 16.44 2.55 16.08
CA THR Z 125 16.68 3.63 15.13
C THR Z 125 16.05 4.94 15.59
N LYS Z 126 14.83 4.89 16.13
CA LYS Z 126 14.17 6.12 16.57
C LYS Z 126 14.80 6.67 17.83
N ALA Z 127 15.39 5.81 18.66
CA ALA Z 127 16.14 6.30 19.81
C ALA Z 127 17.44 6.97 19.38
N ILE Z 128 18.12 6.39 18.40
CA ILE Z 128 19.38 6.95 17.92
C ILE Z 128 19.14 8.27 17.19
N LYS Z 129 18.17 8.29 16.28
CA LYS Z 129 17.90 9.47 15.49
C LYS Z 129 17.06 10.52 16.21
N GLY Z 130 16.48 10.17 17.36
CA GLY Z 130 15.68 11.12 18.12
C GLY Z 130 14.37 11.50 17.47
N GLU Z 131 13.94 10.81 16.43
CA GLU Z 131 12.71 11.15 15.73
C GLU Z 131 11.83 9.91 15.53
N ALA AA 2 39.05 1.94 -2.95
CA ALA AA 2 38.65 3.24 -3.47
C ALA AA 2 37.13 3.36 -3.56
N ILE AA 3 36.64 4.59 -3.64
CA ILE AA 3 35.21 4.85 -3.75
C ILE AA 3 34.86 4.81 -5.22
N SER AA 4 34.10 3.79 -5.62
CA SER AA 4 33.62 3.66 -6.98
C SER AA 4 32.34 2.84 -6.98
N PHE AA 5 31.57 2.90 -8.05
CA PHE AA 5 30.26 2.19 -8.06
C PHE AA 5 30.49 0.69 -8.16
N ASP AA 6 31.55 0.27 -8.84
CA ASP AA 6 31.87 -1.18 -9.00
C ASP AA 6 32.19 -1.80 -7.64
N ASN AA 7 32.70 -1.01 -6.70
CA ASN AA 7 33.03 -1.50 -5.34
C ASN AA 7 31.88 -1.18 -4.40
N ALA AA 8 31.03 -0.20 -4.72
CA ALA AA 8 29.95 0.23 -3.81
C ALA AA 8 28.70 -0.60 -4.07
N LEU AA 9 28.40 -0.83 -5.33
CA LEU AA 9 27.23 -1.60 -5.71
C LEU AA 9 27.47 -3.10 -5.67
N GLY AA 10 28.72 -3.53 -5.79
CA GLY AA 10 29.01 -4.95 -5.79
C GLY AA 10 28.45 -5.63 -7.03
N ILE AA 11 28.11 -6.92 -6.88
CA ILE AA 11 27.55 -7.68 -7.98
C ILE AA 11 26.07 -7.42 -8.20
N HIS AA 12 25.43 -6.70 -7.28
CA HIS AA 12 23.99 -6.49 -7.37
C HIS AA 12 23.59 -5.67 -8.58
N GLN AA 13 24.52 -4.91 -9.17
CA GLN AA 13 24.21 -4.18 -10.38
C GLN AA 13 24.04 -5.11 -11.58
N HIS AA 14 24.76 -6.23 -11.58
CA HIS AA 14 24.68 -7.21 -12.67
C HIS AA 14 23.64 -8.29 -12.41
N THR AA 15 23.41 -8.65 -11.15
CA THR AA 15 22.49 -9.73 -10.82
C THR AA 15 21.06 -9.38 -11.23
N VAL AA 16 20.66 -8.12 -11.05
CA VAL AA 16 19.31 -7.69 -11.41
C VAL AA 16 19.07 -7.91 -12.90
N GLY AA 17 20.05 -7.52 -13.72
CA GLY AA 17 19.90 -7.68 -15.16
C GLY AA 17 19.79 -9.14 -15.59
N VAL AA 18 20.57 -10.01 -14.96
CA VAL AA 18 20.59 -11.42 -15.36
C VAL AA 18 19.24 -12.06 -15.09
N ARG AA 19 18.64 -11.76 -13.93
CA ARG AA 19 17.37 -12.37 -13.58
C ARG AA 19 16.25 -11.89 -14.50
N GLU AA 20 16.37 -10.67 -15.04
CA GLU AA 20 15.43 -10.22 -16.05
C GLU AA 20 15.53 -11.06 -17.31
N ARG AA 21 16.77 -11.39 -17.73
CA ARG AA 21 16.96 -12.29 -18.85
C ARG AA 21 16.37 -13.66 -18.56
N ASN AA 22 16.60 -14.17 -17.34
CA ASN AA 22 16.06 -15.47 -16.96
C ASN AA 22 14.54 -15.47 -16.98
N ALA AA 23 13.92 -14.32 -16.68
CA ALA AA 23 12.47 -14.21 -16.79
C ALA AA 23 12.03 -14.39 -18.24
N GLU AA 24 12.75 -13.77 -19.18
CA GLU AA 24 12.42 -13.94 -20.59
C GLU AA 24 12.56 -15.38 -21.04
N VAL AA 25 13.64 -16.05 -20.60
CA VAL AA 25 13.88 -17.42 -21.01
C VAL AA 25 12.77 -18.34 -20.52
N ILE AA 26 12.33 -18.15 -19.26
CA ILE AA 26 11.22 -18.93 -18.74
C ILE AA 26 9.92 -18.54 -19.44
N SER AA 27 9.75 -17.25 -19.74
CA SER AA 27 8.53 -16.78 -20.40
C SER AA 27 8.38 -17.39 -21.78
N THR AA 28 9.49 -17.44 -22.55
CA THR AA 28 9.42 -18.02 -23.88
C THR AA 28 9.26 -19.54 -23.83
N ASN AA 29 9.57 -20.17 -22.71
CA ASN AA 29 9.29 -21.60 -22.56
C ASN AA 29 7.80 -21.86 -22.35
N ILE AA 30 7.14 -21.03 -21.54
CA ILE AA 30 5.73 -21.21 -21.27
C ILE AA 30 4.89 -20.96 -22.51
N ALA AA 31 5.24 -19.93 -23.28
CA ALA AA 31 4.48 -19.62 -24.49
C ALA AA 31 4.59 -20.73 -25.52
N GLN AA 32 5.78 -21.29 -25.69
CA GLN AA 32 6.03 -22.34 -26.67
C GLN AA 32 5.70 -23.73 -26.14
N ALA AA 33 4.88 -23.83 -25.09
CA ALA AA 33 4.54 -25.13 -24.52
C ALA AA 33 3.78 -25.99 -25.52
N ASN AA 34 2.91 -25.38 -26.31
CA ASN AA 34 2.09 -26.11 -27.28
C ASN AA 34 2.72 -26.18 -28.66
N THR AA 35 3.83 -25.49 -28.90
CA THR AA 35 4.47 -25.54 -30.20
C THR AA 35 5.29 -26.82 -30.34
N PRO AA 36 4.95 -27.70 -31.28
CA PRO AA 36 5.74 -28.92 -31.46
C PRO AA 36 7.12 -28.61 -32.00
N GLY AA 37 8.09 -29.43 -31.58
CA GLY AA 37 9.46 -29.27 -32.00
C GLY AA 37 10.27 -28.26 -31.21
N TYR AA 38 9.65 -27.57 -30.26
CA TYR AA 38 10.36 -26.61 -29.43
C TYR AA 38 11.00 -27.32 -28.24
N LYS AA 39 12.28 -27.05 -28.03
CA LYS AA 39 13.04 -27.60 -26.91
C LYS AA 39 13.17 -26.54 -25.83
N ALA AA 40 12.76 -26.89 -24.62
CA ALA AA 40 12.86 -25.95 -23.51
C ALA AA 40 14.32 -25.61 -23.24
N ARG AA 41 14.61 -24.32 -23.15
CA ARG AA 41 15.96 -23.83 -22.93
C ARG AA 41 16.07 -23.18 -21.57
N GLY AA 42 17.22 -23.36 -20.92
CA GLY AA 42 17.49 -22.78 -19.62
C GLY AA 42 18.65 -21.80 -19.68
N LEU AA 43 18.88 -21.14 -18.55
CA LEU AA 43 19.95 -20.16 -18.42
C LEU AA 43 20.74 -20.46 -17.16
N ASP AA 44 22.06 -20.62 -17.31
CA ASP AA 44 22.92 -20.95 -16.18
C ASP AA 44 23.29 -19.65 -15.47
N PHE AA 45 22.71 -19.45 -14.27
CA PHE AA 45 22.88 -18.18 -13.59
C PHE AA 45 24.33 -17.92 -13.20
N ALA AA 46 25.04 -18.96 -12.74
CA ALA AA 46 26.42 -18.78 -12.32
C ALA AA 46 27.30 -18.36 -13.49
N LYS AA 47 27.09 -18.95 -14.66
CA LYS AA 47 27.91 -18.62 -15.82
C LYS AA 47 27.54 -17.25 -16.39
N GLU AA 48 26.23 -16.96 -16.47
CA GLU AA 48 25.80 -15.68 -17.03
C GLU AA 48 26.24 -14.51 -16.15
N LEU AA 49 26.14 -14.68 -14.83
CA LEU AA 49 26.58 -13.62 -13.91
C LEU AA 49 28.07 -13.36 -14.04
N GLN AA 50 28.87 -14.43 -14.18
CA GLN AA 50 30.31 -14.25 -14.34
C GLN AA 50 30.64 -13.52 -15.64
N ALA AA 51 29.92 -13.85 -16.72
CA ALA AA 51 30.16 -13.15 -17.99
C ALA AA 51 29.84 -11.67 -17.89
N ALA AA 52 28.74 -11.33 -17.22
CA ALA AA 52 28.38 -9.92 -17.07
C ALA AA 52 29.38 -9.19 -16.18
N THR AA 53 29.82 -9.83 -15.09
CA THR AA 53 30.76 -9.19 -14.19
C THR AA 53 32.09 -8.88 -14.87
N SER AA 54 32.62 -9.85 -15.63
CA SER AA 54 33.90 -9.71 -16.32
C SER AA 54 33.62 -9.76 -17.82
N GLY AA 55 33.39 -8.59 -18.40
CA GLY AA 55 33.12 -8.48 -19.83
C GLY AA 55 33.41 -7.11 -20.39
N LYS AA 78 21.96 -20.29 -22.81
CA LYS AA 78 20.88 -20.89 -23.60
C LYS AA 78 21.04 -22.40 -23.71
N LEU AA 79 21.30 -23.06 -22.59
CA LEU AA 79 21.42 -24.51 -22.58
C LEU AA 79 20.03 -25.15 -22.67
N TYR AA 80 20.02 -26.43 -23.02
CA TYR AA 80 18.78 -27.17 -23.20
C TYR AA 80 18.47 -27.96 -21.94
N ARG AA 81 17.22 -27.93 -21.51
CA ARG AA 81 16.80 -28.68 -20.34
C ARG AA 81 16.45 -30.10 -20.71
N LEU AA 82 16.88 -31.05 -19.87
CA LEU AA 82 16.58 -32.44 -20.16
C LEU AA 82 15.18 -32.79 -19.66
N PRO AA 83 14.40 -33.52 -20.47
CA PRO AA 83 13.03 -33.85 -20.08
C PRO AA 83 13.00 -34.94 -19.02
N THR AA 84 12.11 -34.76 -18.03
CA THR AA 84 11.91 -35.78 -17.01
C THR AA 84 11.18 -36.99 -17.58
N GLN AA 85 10.30 -36.78 -18.55
CA GLN AA 85 9.54 -37.83 -19.21
C GLN AA 85 9.59 -37.61 -20.71
N PRO AA 86 9.44 -38.67 -21.51
CA PRO AA 86 9.42 -38.49 -22.97
C PRO AA 86 8.21 -37.67 -23.39
N ASP AA 87 8.39 -36.91 -24.46
CA ASP AA 87 7.29 -36.10 -24.98
C ASP AA 87 6.20 -36.98 -25.57
N THR AA 88 4.99 -36.43 -25.63
CA THR AA 88 3.84 -37.21 -26.06
C THR AA 88 3.88 -37.52 -27.55
N GLY AA 89 4.76 -36.87 -28.31
CA GLY AA 89 4.90 -37.15 -29.71
C GLY AA 89 5.11 -35.91 -30.56
N ASP AA 90 4.74 -34.75 -30.02
CA ASP AA 90 4.89 -33.51 -30.76
C ASP AA 90 6.36 -33.14 -30.94
N GLY AA 91 7.18 -33.41 -29.93
CA GLY AA 91 8.59 -33.06 -30.00
C GLY AA 91 8.92 -31.94 -29.05
N ASN AA 92 7.94 -31.57 -28.21
CA ASN AA 92 8.07 -30.46 -27.28
C ASN AA 92 8.48 -30.99 -25.91
N THR AA 93 9.54 -30.41 -25.34
CA THR AA 93 10.08 -30.85 -24.06
C THR AA 93 9.88 -29.80 -22.97
N VAL AA 94 8.82 -29.01 -23.09
CA VAL AA 94 8.51 -27.98 -22.08
C VAL AA 94 7.62 -28.61 -21.01
N ASP AA 95 8.13 -28.65 -19.78
CA ASP AA 95 7.37 -29.13 -18.63
C ASP AA 95 6.77 -27.89 -17.96
N LEU AA 96 5.46 -27.70 -18.14
CA LEU AA 96 4.84 -26.43 -17.76
C LEU AA 96 4.87 -26.21 -16.26
N ASP AA 97 4.68 -27.27 -15.46
CA ASP AA 97 4.67 -27.09 -14.01
C ASP AA 97 6.06 -26.73 -13.49
N LEU AA 98 7.12 -27.21 -14.14
CA LEU AA 98 8.46 -26.80 -13.76
C LEU AA 98 8.70 -25.34 -14.10
N GLU AA 99 8.18 -24.87 -15.23
CA GLU AA 99 8.37 -23.48 -15.62
C GLU AA 99 7.71 -22.53 -14.63
N ARG AA 100 6.50 -22.88 -14.15
CA ARG AA 100 5.84 -22.05 -13.16
C ARG AA 100 6.64 -21.98 -11.87
N ASN AA 101 7.19 -23.11 -11.43
CA ASN AA 101 7.97 -23.12 -10.20
C ASN AA 101 9.25 -22.32 -10.36
N LEU AA 102 9.91 -22.42 -11.51
CA LEU AA 102 11.14 -21.66 -11.74
C LEU AA 102 10.86 -20.17 -11.89
N PHE AA 103 9.75 -19.82 -12.56
CA PHE AA 103 9.40 -18.41 -12.71
C PHE AA 103 9.06 -17.79 -11.35
N MET AA 104 8.37 -18.54 -10.49
CA MET AA 104 8.02 -18.03 -9.17
C MET AA 104 9.26 -17.74 -8.34
N GLN AA 105 10.22 -18.67 -8.33
CA GLN AA 105 11.45 -18.46 -7.58
C GLN AA 105 12.27 -17.31 -8.14
N ASN AA 106 12.34 -17.22 -9.48
CA ASN AA 106 13.12 -16.15 -10.11
C ASN AA 106 12.52 -14.79 -9.78
N GLN AA 107 11.19 -14.70 -9.68
CA GLN AA 107 10.56 -13.42 -9.36
C GLN AA 107 10.82 -13.03 -7.91
N ILE AA 108 10.88 -14.00 -7.01
CA ILE AA 108 11.17 -13.70 -5.61
C ILE AA 108 12.59 -13.19 -5.45
N ARG AA 109 13.56 -13.88 -6.06
CA ARG AA 109 14.96 -13.47 -5.93
C ARG AA 109 15.23 -12.18 -6.70
N HIS AA 110 14.48 -11.91 -7.75
CA HIS AA 110 14.60 -10.64 -8.46
C HIS AA 110 14.21 -9.47 -7.57
N GLN AA 111 13.13 -9.63 -6.79
CA GLN AA 111 12.73 -8.60 -5.85
C GLN AA 111 13.79 -8.40 -4.77
N ALA AA 112 14.39 -9.48 -4.30
CA ALA AA 112 15.48 -9.37 -3.34
C ALA AA 112 16.68 -8.66 -3.93
N SER AA 113 16.99 -8.95 -5.20
CA SER AA 113 18.10 -8.28 -5.87
C SER AA 113 17.84 -6.78 -5.99
N LEU AA 114 16.61 -6.41 -6.31
CA LEU AA 114 16.24 -4.99 -6.34
C LEU AA 114 16.36 -4.37 -4.95
N ASP AA 115 15.95 -5.12 -3.91
CA ASP AA 115 16.04 -4.62 -2.56
C ASP AA 115 17.48 -4.36 -2.15
N PHE AA 116 18.38 -5.30 -2.48
CA PHE AA 116 19.79 -5.13 -2.14
C PHE AA 116 20.42 -3.99 -2.94
N LEU AA 117 20.21 -3.98 -4.25
CA LEU AA 117 20.82 -2.95 -5.10
C LEU AA 117 20.25 -1.57 -4.79
N GLY AA 118 18.94 -1.48 -4.56
CA GLY AA 118 18.35 -0.20 -4.22
C GLY AA 118 18.86 0.35 -2.91
N SER AA 119 19.06 -0.52 -1.92
CA SER AA 119 19.58 -0.08 -0.63
C SER AA 119 21.02 0.39 -0.72
N LYS AA 120 21.77 -0.11 -1.71
CA LYS AA 120 23.13 0.36 -1.90
C LYS AA 120 23.17 1.84 -2.23
N PHE AA 121 22.29 2.30 -3.12
CA PHE AA 121 22.24 3.71 -3.46
C PHE AA 121 21.76 4.55 -2.28
N LYS AA 122 20.75 4.07 -1.55
CA LYS AA 122 20.21 4.85 -0.44
C LYS AA 122 21.23 5.02 0.67
N ASN AA 123 21.98 3.95 0.99
CA ASN AA 123 23.05 4.09 1.97
C ASN AA 123 24.19 4.94 1.42
N LEU AA 124 24.41 4.89 0.10
CA LEU AA 124 25.42 5.73 -0.52
C LEU AA 124 25.02 7.21 -0.45
N THR AA 125 23.75 7.51 -0.68
CA THR AA 125 23.27 8.88 -0.60
C THR AA 125 23.34 9.40 0.84
N LYS AA 126 23.05 8.54 1.82
CA LYS AA 126 23.08 8.96 3.21
C LYS AA 126 24.48 9.37 3.63
N ALA AA 127 25.51 8.68 3.13
CA ALA AA 127 26.88 9.02 3.47
C ALA AA 127 27.29 10.36 2.88
N ILE AA 128 26.99 10.59 1.60
CA ILE AA 128 27.39 11.84 0.95
C ILE AA 128 26.60 13.03 1.45
N LYS AA 129 25.45 12.80 2.09
CA LYS AA 129 24.60 13.88 2.58
C LYS AA 129 24.69 14.07 4.09
N GLY AA 130 25.07 13.03 4.84
CA GLY AA 130 25.27 13.15 6.26
C GLY AA 130 24.03 13.05 7.11
N GLU AA 131 22.88 12.75 6.52
CA GLU AA 131 21.64 12.60 7.28
C GLU AA 131 20.59 11.86 6.47
N ALA BA 2 22.33 27.03 -24.24
CA ALA BA 2 21.79 25.94 -23.41
C ALA BA 2 20.96 26.51 -22.26
N ILE BA 3 20.78 25.71 -21.21
CA ILE BA 3 19.90 26.03 -20.09
C ILE BA 3 18.55 26.49 -20.62
N SER BA 4 17.87 25.62 -21.35
CA SER BA 4 16.52 25.84 -21.81
C SER BA 4 15.66 24.65 -21.43
N PHE BA 5 14.36 24.91 -21.28
CA PHE BA 5 13.44 23.84 -20.85
C PHE BA 5 13.43 22.79 -21.96
N ASP BA 6 13.58 23.17 -23.23
CA ASP BA 6 13.68 22.12 -24.28
C ASP BA 6 14.91 21.25 -23.97
N ASN BA 7 16.09 21.86 -23.95
CA ASN BA 7 17.34 21.10 -23.71
C ASN BA 7 17.30 20.45 -22.33
N ALA BA 8 16.47 20.96 -21.41
CA ALA BA 8 16.48 20.42 -20.03
C ALA BA 8 15.60 19.18 -19.92
N LEU BA 9 14.48 19.14 -20.64
CA LEU BA 9 13.53 18.01 -20.47
C LEU BA 9 13.69 17.03 -21.64
N GLY BA 10 14.19 17.50 -22.79
CA GLY BA 10 14.32 16.56 -23.86
C GLY BA 10 12.97 16.16 -24.42
N ILE BA 11 12.89 14.91 -24.90
CA ILE BA 11 11.65 14.39 -25.47
C ILE BA 11 10.67 13.94 -24.41
N HIS BA 12 11.04 13.98 -23.13
CA HIS BA 12 10.15 13.52 -22.08
C HIS BA 12 8.93 14.41 -21.92
N GLN BA 13 9.03 15.69 -22.25
CA GLN BA 13 7.88 16.58 -22.17
C GLN BA 13 6.85 16.32 -23.26
N HIS BA 14 7.24 15.60 -24.32
CA HIS BA 14 6.33 15.28 -25.42
C HIS BA 14 5.82 13.85 -25.37
N THR BA 15 6.60 12.92 -24.81
CA THR BA 15 6.18 11.53 -24.76
C THR BA 15 4.96 11.34 -23.86
N VAL BA 16 4.81 12.19 -22.83
CA VAL BA 16 3.67 12.08 -21.93
C VAL BA 16 2.37 12.33 -22.69
N GLY BA 17 2.36 13.36 -23.53
CA GLY BA 17 1.15 13.66 -24.29
C GLY BA 17 0.82 12.59 -25.32
N VAL BA 18 1.84 12.04 -25.98
CA VAL BA 18 1.61 11.03 -27.00
C VAL BA 18 1.00 9.78 -26.40
N ARG BA 19 1.53 9.32 -25.26
CA ARG BA 19 1.02 8.11 -24.63
C ARG BA 19 -0.35 8.34 -24.02
N GLU BA 20 -0.68 9.58 -23.64
CA GLU BA 20 -2.04 9.90 -23.26
C GLU BA 20 -2.98 9.78 -24.46
N ARG BA 21 -2.53 10.26 -25.63
CA ARG BA 21 -3.31 10.08 -26.85
C ARG BA 21 -3.46 8.61 -27.19
N ASN BA 22 -2.37 7.84 -27.03
CA ASN BA 22 -2.43 6.41 -27.34
C ASN BA 22 -3.41 5.69 -26.42
N ALA BA 23 -3.44 6.07 -25.13
CA ALA BA 23 -4.40 5.49 -24.22
C ALA BA 23 -5.83 5.83 -24.63
N GLU BA 24 -6.06 7.05 -25.12
CA GLU BA 24 -7.38 7.42 -25.60
C GLU BA 24 -7.79 6.59 -26.81
N VAL BA 25 -6.86 6.36 -27.73
CA VAL BA 25 -7.17 5.56 -28.92
C VAL BA 25 -7.39 4.10 -28.55
N ILE BA 26 -6.59 3.58 -27.63
CA ILE BA 26 -6.78 2.18 -27.20
C ILE BA 26 -8.08 2.04 -26.41
N SER BA 27 -8.41 3.04 -25.59
CA SER BA 27 -9.62 2.95 -24.78
C SER BA 27 -10.87 2.93 -25.63
N THR BA 28 -10.92 3.75 -26.69
CA THR BA 28 -12.11 3.77 -27.53
C THR BA 28 -12.24 2.50 -28.37
N ASN BA 29 -11.12 1.82 -28.62
CA ASN BA 29 -11.20 0.52 -29.29
C ASN BA 29 -11.92 -0.50 -28.40
N ILE BA 30 -11.62 -0.48 -27.10
CA ILE BA 30 -12.27 -1.40 -26.17
C ILE BA 30 -13.76 -1.08 -26.06
N ALA BA 31 -14.10 0.20 -25.96
CA ALA BA 31 -15.50 0.60 -25.84
C ALA BA 31 -16.29 0.26 -27.09
N GLN BA 32 -15.71 0.51 -28.27
CA GLN BA 32 -16.37 0.26 -29.53
C GLN BA 32 -16.18 -1.17 -30.01
N ALA BA 33 -15.79 -2.10 -29.13
CA ALA BA 33 -15.58 -3.47 -29.53
C ALA BA 33 -16.87 -4.13 -30.00
N ASN BA 34 -17.98 -3.87 -29.30
CA ASN BA 34 -19.26 -4.45 -29.65
C ASN BA 34 -19.99 -3.69 -30.76
N THR BA 35 -19.54 -2.49 -31.10
CA THR BA 35 -20.21 -1.73 -32.16
C THR BA 35 -19.90 -2.38 -33.51
N PRO BA 36 -20.90 -2.83 -34.25
CA PRO BA 36 -20.63 -3.48 -35.54
C PRO BA 36 -20.16 -2.47 -36.58
N GLY BA 37 -19.27 -2.93 -37.45
CA GLY BA 37 -18.76 -2.12 -38.53
C GLY BA 37 -17.67 -1.15 -38.14
N TYR BA 38 -17.25 -1.13 -36.88
CA TYR BA 38 -16.19 -0.24 -36.45
C TYR BA 38 -14.83 -0.91 -36.63
N LYS BA 39 -13.95 -0.21 -37.33
CA LYS BA 39 -12.61 -0.72 -37.62
C LYS BA 39 -11.64 -0.25 -36.55
N ALA BA 40 -10.90 -1.19 -35.97
CA ALA BA 40 -9.95 -0.86 -34.92
C ALA BA 40 -8.93 0.16 -35.42
N ARG BA 41 -8.64 1.16 -34.60
CA ARG BA 41 -7.78 2.27 -34.99
C ARG BA 41 -6.48 2.19 -34.20
N GLY BA 42 -5.36 2.34 -34.92
CA GLY BA 42 -4.07 2.32 -34.28
C GLY BA 42 -3.37 3.66 -34.36
N LEU BA 43 -2.33 3.84 -33.55
CA LEU BA 43 -1.55 5.07 -33.55
C LEU BA 43 -0.07 4.73 -33.74
N ASP BA 44 0.60 5.50 -34.60
CA ASP BA 44 2.01 5.30 -34.88
C ASP BA 44 2.82 6.17 -33.93
N PHE BA 45 3.51 5.55 -32.97
CA PHE BA 45 4.21 6.31 -31.94
C PHE BA 45 5.36 7.12 -32.51
N ALA BA 46 6.13 6.53 -33.44
CA ALA BA 46 7.27 7.23 -34.01
C ALA BA 46 6.83 8.47 -34.79
N LYS BA 47 5.74 8.35 -35.56
CA LYS BA 47 5.26 9.47 -36.34
C LYS BA 47 4.67 10.56 -35.45
N GLU BA 48 3.87 10.16 -34.45
CA GLU BA 48 3.24 11.14 -33.57
C GLU BA 48 4.27 11.85 -32.70
N LEU BA 49 5.29 11.12 -32.23
CA LEU BA 49 6.34 11.74 -31.44
C LEU BA 49 7.12 12.74 -32.26
N GLN BA 50 7.40 12.42 -33.52
CA GLN BA 50 8.09 13.34 -34.40
C GLN BA 50 7.28 14.61 -34.64
N ALA BA 51 5.96 14.46 -34.83
CA ALA BA 51 5.11 15.63 -35.06
C ALA BA 51 5.09 16.54 -33.84
N ALA BA 52 5.01 15.97 -32.64
CA ALA BA 52 4.99 16.79 -31.43
C ALA BA 52 6.33 17.47 -31.20
N THR BA 53 7.43 16.75 -31.47
CA THR BA 53 8.76 17.32 -31.24
C THR BA 53 9.01 18.53 -32.14
N SER BA 54 8.56 18.47 -33.39
CA SER BA 54 8.73 19.57 -34.35
C SER BA 54 7.33 20.05 -34.73
N GLY BA 55 6.80 20.99 -33.96
CA GLY BA 55 5.47 21.51 -34.21
C GLY BA 55 5.35 22.34 -35.48
N LYS BA 78 -3.98 8.77 -37.59
CA LYS BA 78 -4.33 7.48 -37.01
C LYS BA 78 -4.60 6.45 -38.10
N LEU BA 79 -4.02 5.26 -37.93
CA LEU BA 79 -4.09 4.20 -38.93
C LEU BA 79 -5.02 3.09 -38.45
N TYR BA 80 -5.28 2.14 -39.34
CA TYR BA 80 -6.18 1.03 -39.07
C TYR BA 80 -5.38 -0.22 -38.75
N ARG BA 81 -5.95 -1.07 -37.90
CA ARG BA 81 -5.28 -2.27 -37.40
C ARG BA 81 -5.77 -3.48 -38.18
N LEU BA 82 -4.85 -4.19 -38.82
CA LEU BA 82 -5.22 -5.35 -39.62
C LEU BA 82 -5.63 -6.50 -38.71
N PRO BA 83 -6.76 -7.16 -38.98
CA PRO BA 83 -7.22 -8.21 -38.07
C PRO BA 83 -6.42 -9.49 -38.22
N THR BA 84 -6.26 -10.20 -37.10
CA THR BA 84 -5.62 -11.51 -37.14
C THR BA 84 -6.55 -12.57 -37.70
N GLN BA 85 -7.85 -12.47 -37.37
CA GLN BA 85 -8.87 -13.37 -37.86
C GLN BA 85 -10.02 -12.58 -38.45
N PRO BA 86 -10.74 -13.14 -39.42
CA PRO BA 86 -11.89 -12.44 -39.99
C PRO BA 86 -12.98 -12.24 -38.95
N ASP BA 87 -13.69 -11.13 -39.06
CA ASP BA 87 -14.79 -10.87 -38.16
C ASP BA 87 -15.93 -11.86 -38.41
N THR BA 88 -16.81 -11.98 -37.42
CA THR BA 88 -17.88 -12.96 -37.44
C THR BA 88 -19.11 -12.48 -38.21
N GLY BA 89 -19.08 -11.27 -38.75
CA GLY BA 89 -20.18 -10.80 -39.57
C GLY BA 89 -20.66 -9.40 -39.24
N ASP BA 90 -20.10 -8.82 -38.18
CA ASP BA 90 -20.47 -7.46 -37.77
C ASP BA 90 -19.56 -6.39 -38.35
N GLY BA 91 -18.53 -6.77 -39.09
CA GLY BA 91 -17.62 -5.79 -39.65
C GLY BA 91 -16.68 -5.15 -38.65
N ASN BA 92 -16.56 -5.72 -37.45
CA ASN BA 92 -15.75 -5.15 -36.39
C ASN BA 92 -14.43 -5.89 -36.31
N THR BA 93 -13.32 -5.15 -36.34
CA THR BA 93 -11.99 -5.72 -36.36
C THR BA 93 -11.24 -5.44 -35.06
N VAL BA 94 -11.96 -5.37 -33.94
CA VAL BA 94 -11.36 -5.10 -32.64
C VAL BA 94 -11.13 -6.42 -31.92
N ASP BA 95 -9.86 -6.72 -31.66
CA ASP BA 95 -9.47 -7.89 -30.86
C ASP BA 95 -9.20 -7.40 -29.44
N LEU BA 96 -10.09 -7.75 -28.50
CA LEU BA 96 -9.99 -7.19 -27.16
C LEU BA 96 -8.78 -7.73 -26.42
N ASP BA 97 -8.31 -8.93 -26.76
CA ASP BA 97 -7.08 -9.43 -26.15
C ASP BA 97 -5.89 -8.56 -26.52
N LEU BA 98 -5.84 -8.08 -27.76
CA LEU BA 98 -4.77 -7.18 -28.18
C LEU BA 98 -4.93 -5.81 -27.55
N GLU BA 99 -6.17 -5.32 -27.44
CA GLU BA 99 -6.41 -4.01 -26.86
C GLU BA 99 -6.05 -3.97 -25.38
N ARG BA 100 -6.38 -5.04 -24.65
CA ARG BA 100 -6.00 -5.12 -23.24
C ARG BA 100 -4.50 -5.14 -23.08
N ASN BA 101 -3.80 -5.93 -23.90
CA ASN BA 101 -2.36 -6.05 -23.78
C ASN BA 101 -1.66 -4.73 -24.09
N LEU BA 102 -2.12 -4.01 -25.11
CA LEU BA 102 -1.49 -2.74 -25.46
C LEU BA 102 -1.80 -1.65 -24.44
N PHE BA 103 -2.95 -1.74 -23.76
CA PHE BA 103 -3.31 -0.71 -22.78
C PHE BA 103 -2.40 -0.75 -21.57
N MET BA 104 -2.08 -1.95 -21.06
CA MET BA 104 -1.23 -2.05 -19.89
C MET BA 104 0.21 -1.68 -20.21
N GLN BA 105 0.69 -2.01 -21.41
CA GLN BA 105 2.05 -1.61 -21.80
C GLN BA 105 2.16 -0.10 -21.90
N ASN BA 106 1.14 0.55 -22.44
CA ASN BA 106 1.14 2.01 -22.52
C ASN BA 106 1.10 2.63 -21.13
N GLN BA 107 0.32 2.04 -20.21
CA GLN BA 107 0.21 2.57 -18.87
C GLN BA 107 1.55 2.49 -18.12
N ILE BA 108 2.28 1.38 -18.29
CA ILE BA 108 3.59 1.26 -17.66
C ILE BA 108 4.55 2.27 -18.25
N ARG BA 109 4.54 2.42 -19.58
CA ARG BA 109 5.42 3.39 -20.23
C ARG BA 109 5.01 4.82 -19.89
N HIS BA 110 3.71 5.07 -19.74
CA HIS BA 110 3.25 6.40 -19.33
C HIS BA 110 3.74 6.73 -17.92
N GLN BA 111 3.66 5.76 -17.00
CA GLN BA 111 4.17 5.99 -15.66
C GLN BA 111 5.68 6.20 -15.66
N ALA BA 112 6.41 5.39 -16.45
CA ALA BA 112 7.85 5.56 -16.55
C ALA BA 112 8.21 6.91 -17.17
N SER BA 113 7.40 7.37 -18.11
CA SER BA 113 7.64 8.68 -18.73
C SER BA 113 7.50 9.79 -17.71
N LEU BA 114 6.49 9.70 -16.83
CA LEU BA 114 6.31 10.71 -15.79
C LEU BA 114 7.47 10.68 -14.79
N ASP BA 115 8.00 9.50 -14.48
CA ASP BA 115 9.18 9.42 -13.62
C ASP BA 115 10.38 10.11 -14.26
N PHE BA 116 10.58 9.90 -15.57
CA PHE BA 116 11.68 10.55 -16.25
C PHE BA 116 11.48 12.06 -16.31
N LEU BA 117 10.30 12.50 -16.72
CA LEU BA 117 10.03 13.94 -16.82
C LEU BA 117 10.01 14.60 -15.45
N GLY BA 118 9.45 13.92 -14.45
CA GLY BA 118 9.36 14.51 -13.13
C GLY BA 118 10.72 14.75 -12.50
N SER BA 119 11.65 13.81 -12.68
CA SER BA 119 12.98 13.98 -12.12
C SER BA 119 13.80 15.01 -12.86
N LYS BA 120 13.46 15.31 -14.11
CA LYS BA 120 14.13 16.40 -14.81
C LYS BA 120 13.90 17.72 -14.10
N PHE BA 121 12.66 17.98 -13.67
CA PHE BA 121 12.37 19.19 -12.90
C PHE BA 121 13.03 19.16 -11.54
N LYS BA 122 13.00 18.00 -10.85
CA LYS BA 122 13.56 17.93 -9.51
C LYS BA 122 15.08 18.11 -9.54
N ASN BA 123 15.75 17.51 -10.51
CA ASN BA 123 17.19 17.75 -10.67
C ASN BA 123 17.46 19.19 -11.05
N LEU BA 124 16.61 19.77 -11.89
CA LEU BA 124 16.75 21.18 -12.25
C LEU BA 124 16.56 22.08 -11.04
N THR BA 125 15.59 21.75 -10.18
CA THR BA 125 15.39 22.52 -8.96
C THR BA 125 16.54 22.31 -7.98
N LYS BA 126 17.13 21.12 -7.97
CA LYS BA 126 18.26 20.86 -7.08
C LYS BA 126 19.45 21.74 -7.44
N ALA BA 127 19.71 21.91 -8.73
CA ALA BA 127 20.86 22.71 -9.17
C ALA BA 127 20.68 24.18 -8.82
N ILE BA 128 19.50 24.73 -9.08
CA ILE BA 128 19.28 26.16 -8.85
C ILE BA 128 19.29 26.51 -7.38
N LYS BA 129 18.85 25.61 -6.51
CA LYS BA 129 18.83 25.86 -5.07
C LYS BA 129 20.05 25.35 -4.35
N GLY BA 130 20.87 24.52 -4.99
CA GLY BA 130 22.05 24.00 -4.34
C GLY BA 130 21.80 23.00 -3.24
N GLU BA 131 20.61 22.43 -3.18
CA GLU BA 131 20.27 21.49 -2.10
C GLU BA 131 19.38 20.36 -2.63
N SER CA 2 -22.17 20.13 9.01
CA SER CA 2 -21.60 21.23 8.25
C SER CA 2 -20.30 20.83 7.57
N LEU CA 3 -19.34 20.35 8.36
CA LEU CA 3 -18.08 19.84 7.81
C LEU CA 3 -18.18 18.40 7.36
N PHE CA 4 -19.28 17.71 7.67
CA PHE CA 4 -19.43 16.29 7.37
C PHE CA 4 -20.80 15.98 6.79
N ASN CA 5 -21.29 16.82 5.87
CA ASN CA 5 -22.62 16.65 5.30
C ASN CA 5 -22.76 15.30 4.58
N VAL CA 6 -21.71 14.88 3.88
CA VAL CA 6 -21.77 13.61 3.15
C VAL CA 6 -21.92 12.45 4.12
N PHE CA 7 -21.24 12.53 5.27
CA PHE CA 7 -21.34 11.45 6.25
C PHE CA 7 -22.76 11.30 6.79
N ASN CA 8 -23.46 12.42 7.01
CA ASN CA 8 -24.82 12.33 7.52
C ASN CA 8 -25.77 11.69 6.53
N VAL CA 9 -25.49 11.84 5.22
CA VAL CA 9 -26.36 11.28 4.19
C VAL CA 9 -26.01 9.82 3.95
N THR CA 10 -24.71 9.54 3.74
CA THR CA 10 -24.27 8.17 3.57
C THR CA 10 -24.59 7.34 4.80
N GLY CA 11 -24.31 7.90 5.98
CA GLY CA 11 -24.64 7.20 7.22
C GLY CA 11 -26.12 6.94 7.38
N SER CA 12 -26.95 7.89 6.96
CA SER CA 12 -28.40 7.69 7.00
C SER CA 12 -28.82 6.55 6.08
N ALA CA 13 -28.20 6.45 4.91
CA ALA CA 13 -28.47 5.33 4.02
C ALA CA 13 -28.07 4.00 4.66
N MET CA 14 -26.93 3.98 5.34
CA MET CA 14 -26.50 2.77 6.02
C MET CA 14 -27.52 2.33 7.06
N SER CA 15 -28.05 3.28 7.83
CA SER CA 15 -29.10 2.96 8.80
C SER CA 15 -30.40 2.59 8.10
N ALA CA 16 -30.70 3.25 6.98
CA ALA CA 16 -31.93 2.96 6.25
C ALA CA 16 -31.88 1.59 5.61
N GLU CA 17 -30.78 1.27 4.92
CA GLU CA 17 -30.66 -0.03 4.27
C GLU CA 17 -30.52 -1.16 5.29
N SER CA 18 -30.02 -0.86 6.49
CA SER CA 18 -29.94 -1.88 7.54
C SER CA 18 -31.33 -2.33 7.97
N VAL CA 19 -32.26 -1.39 8.09
CA VAL CA 19 -33.62 -1.72 8.51
C VAL CA 19 -34.29 -2.61 7.46
N ARG CA 20 -34.04 -2.33 6.18
CA ARG CA 20 -34.65 -3.14 5.12
C ARG CA 20 -34.15 -4.57 5.14
N LEU CA 21 -32.90 -4.79 5.56
CA LEU CA 21 -32.38 -6.15 5.66
C LEU CA 21 -32.98 -6.88 6.87
N ASN CA 22 -33.15 -6.16 7.98
CA ASN CA 22 -33.81 -6.75 9.14
C ASN CA 22 -35.24 -7.14 8.82
N THR CA 23 -35.94 -6.28 8.06
CA THR CA 23 -37.30 -6.60 7.66
C THR CA 23 -37.34 -7.81 6.74
N THR CA 24 -36.37 -7.93 5.82
CA THR CA 24 -36.31 -9.09 4.95
C THR CA 24 -36.04 -10.36 5.73
N SER CA 25 -35.17 -10.29 6.74
CA SER CA 25 -34.87 -11.47 7.55
C SER CA 25 -36.10 -11.94 8.31
N SER CA 26 -36.89 -11.01 8.83
CA SER CA 26 -38.10 -11.38 9.54
C SER CA 26 -39.13 -11.99 8.60
N ASN CA 27 -39.23 -11.49 7.37
CA ASN CA 27 -40.19 -12.04 6.41
C ASN CA 27 -39.84 -13.47 6.02
N LEU CA 28 -38.55 -13.77 5.84
CA LEU CA 28 -38.14 -15.12 5.47
C LEU CA 28 -38.21 -16.07 6.66
N ALA CA 29 -37.90 -15.59 7.86
CA ALA CA 29 -37.98 -16.42 9.06
C ALA CA 29 -39.41 -16.69 9.49
N ASN CA 30 -40.38 -15.91 9.01
CA ASN CA 30 -41.78 -16.08 9.38
C ASN CA 30 -42.64 -16.37 8.16
N ALA CA 31 -42.06 -16.96 7.12
CA ALA CA 31 -42.80 -17.32 5.93
C ALA CA 31 -43.69 -18.54 6.14
N ASP CA 32 -43.45 -19.33 7.18
CA ASP CA 32 -44.22 -20.54 7.46
C ASP CA 32 -44.82 -20.51 8.86
N SER CA 33 -44.94 -19.33 9.46
CA SER CA 33 -45.49 -19.19 10.81
C SER CA 33 -46.99 -18.98 10.69
N VAL CA 34 -47.75 -20.07 10.85
CA VAL CA 34 -49.20 -19.99 10.72
C VAL CA 34 -49.81 -19.20 11.88
N SER CA 35 -49.16 -19.26 13.05
CA SER CA 35 -49.69 -18.64 14.28
C SER CA 35 -51.13 -19.07 14.52
N SER CA 36 -51.97 -18.17 15.01
CA SER CA 36 -53.35 -18.48 15.35
C SER CA 36 -54.29 -17.47 14.72
N SER CA 37 -55.56 -17.84 14.68
CA SER CA 37 -56.66 -17.00 14.15
C SER CA 37 -56.42 -16.76 12.66
N ALA CA 38 -56.96 -15.67 12.14
CA ALA CA 38 -56.74 -15.31 10.74
C ALA CA 38 -56.39 -13.84 10.55
N LYS CA 39 -56.39 -13.04 11.61
CA LYS CA 39 -55.99 -11.64 11.55
C LYS CA 39 -54.73 -11.34 12.33
N ASP CA 40 -54.34 -12.20 13.28
CA ASP CA 40 -53.06 -12.12 13.96
C ASP CA 40 -51.95 -12.81 13.19
N THR CA 41 -52.28 -13.42 12.05
CA THR CA 41 -51.27 -14.10 11.24
C THR CA 41 -50.22 -13.11 10.75
N TYR CA 42 -48.97 -13.55 10.72
CA TYR CA 42 -47.88 -12.70 10.28
C TYR CA 42 -48.10 -12.27 8.83
N LYS CA 43 -47.72 -11.02 8.54
CA LYS CA 43 -47.79 -10.48 7.19
C LYS CA 43 -46.45 -9.84 6.86
N ALA CA 44 -46.07 -9.92 5.59
CA ALA CA 44 -44.78 -9.40 5.16
C ALA CA 44 -44.69 -7.91 5.43
N ARG CA 45 -43.64 -7.51 6.14
CA ARG CA 45 -43.41 -6.12 6.49
C ARG CA 45 -42.37 -5.51 5.56
N HIS CA 46 -42.49 -4.21 5.32
CA HIS CA 46 -41.58 -3.50 4.45
C HIS CA 46 -41.38 -2.08 4.97
N ALA CA 47 -40.12 -1.65 5.02
CA ALA CA 47 -39.80 -0.29 5.44
C ALA CA 47 -40.16 0.69 4.33
N VAL CA 48 -40.44 1.94 4.72
CA VAL CA 48 -40.74 3.00 3.78
C VAL CA 48 -39.64 4.05 3.88
N PHE CA 49 -38.94 4.30 2.78
CA PHE CA 49 -37.92 5.33 2.72
C PHE CA 49 -38.56 6.67 2.37
N GLY CA 50 -37.95 7.75 2.85
CA GLY CA 50 -38.47 9.07 2.60
C GLY CA 50 -37.36 10.08 2.44
N ALA CA 51 -37.64 11.11 1.66
CA ALA CA 51 -36.67 12.18 1.40
C ALA CA 51 -37.40 13.52 1.43
N GLU CA 52 -37.04 14.36 2.40
CA GLU CA 52 -37.65 15.67 2.56
C GLU CA 52 -36.81 16.70 1.83
N LEU CA 53 -37.30 17.16 0.67
CA LEU CA 53 -36.60 18.14 -0.14
C LEU CA 53 -37.29 19.49 0.06
N SER CA 54 -36.90 20.19 1.12
CA SER CA 54 -37.47 21.49 1.44
C SER CA 54 -36.82 22.59 0.62
N ASP CA 61 -28.23 21.22 -1.61
CA ASP CA 61 -27.26 20.60 -0.72
C ASP CA 61 -27.47 19.09 -0.63
N THR CA 62 -27.89 18.61 0.54
CA THR CA 62 -28.04 17.19 0.80
C THR CA 62 -29.44 16.88 1.33
N VAL CA 63 -30.00 15.78 0.86
CA VAL CA 63 -31.31 15.32 1.29
C VAL CA 63 -31.16 13.96 1.96
N PRO CA 64 -31.23 13.92 3.29
CA PRO CA 64 -31.09 12.63 3.99
C PRO CA 64 -32.25 11.70 3.70
N VAL CA 65 -32.01 10.41 3.89
CA VAL CA 65 -33.02 9.37 3.72
C VAL CA 65 -33.47 8.93 5.09
N LYS CA 66 -34.77 9.03 5.35
CA LYS CA 66 -35.35 8.72 6.65
C LYS CA 66 -36.40 7.63 6.51
N VAL CA 67 -36.29 6.60 7.35
CA VAL CA 67 -37.30 5.55 7.37
C VAL CA 67 -38.54 6.06 8.11
N MET CA 68 -39.69 5.96 7.46
CA MET CA 68 -40.94 6.49 8.01
C MET CA 68 -41.85 5.40 8.58
N GLY CA 69 -41.27 4.31 9.06
CA GLY CA 69 -42.07 3.27 9.69
C GLY CA 69 -42.17 2.02 8.84
N ILE CA 70 -42.52 0.92 9.48
CA ILE CA 70 -42.70 -0.36 8.81
C ILE CA 70 -44.16 -0.51 8.42
N VAL CA 71 -44.40 -0.94 7.19
CA VAL CA 71 -45.74 -1.07 6.64
C VAL CA 71 -45.95 -2.51 6.17
N GLU CA 72 -47.09 -3.09 6.56
CA GLU CA 72 -47.41 -4.46 6.16
C GLU CA 72 -47.88 -4.50 4.71
N SER CA 73 -47.54 -5.58 4.03
CA SER CA 73 -47.94 -5.77 2.64
C SER CA 73 -49.45 -5.94 2.53
N ASP CA 74 -50.00 -5.51 1.40
CA ASP CA 74 -51.42 -5.61 1.13
C ASP CA 74 -51.81 -6.88 0.38
N LYS CA 75 -50.85 -7.75 0.10
CA LYS CA 75 -51.15 -8.99 -0.60
C LYS CA 75 -52.05 -9.87 0.26
N PRO CA 76 -53.06 -10.53 -0.34
CA PRO CA 76 -53.90 -11.44 0.44
C PRO CA 76 -53.10 -12.60 0.99
N LEU CA 77 -53.53 -13.09 2.16
CA LEU CA 77 -52.84 -14.20 2.80
C LEU CA 77 -52.95 -15.47 1.97
N SER CA 78 -51.90 -16.28 2.01
CA SER CA 78 -51.86 -17.54 1.28
C SER CA 78 -52.71 -18.57 2.02
N ALA CA 79 -53.81 -18.97 1.41
CA ALA CA 79 -54.70 -19.96 2.02
C ALA CA 79 -54.26 -21.37 1.67
N GLU CA 80 -54.36 -22.26 2.66
CA GLU CA 80 -54.03 -23.66 2.48
C GLU CA 80 -55.10 -24.52 3.11
N TYR CA 81 -55.47 -25.58 2.41
CA TYR CA 81 -56.49 -26.53 2.89
C TYR CA 81 -55.77 -27.57 3.74
N ASN CA 82 -56.12 -27.61 5.03
CA ASN CA 82 -55.48 -28.53 5.96
C ASN CA 82 -56.39 -28.73 7.16
N PRO CA 83 -57.45 -29.56 7.03
CA PRO CA 83 -58.36 -29.85 8.14
C PRO CA 83 -57.78 -30.85 9.14
N ASP CA 84 -56.51 -30.70 9.42
CA ASP CA 84 -55.77 -31.50 10.40
C ASP CA 84 -55.06 -30.64 11.44
N HIS CA 85 -54.57 -29.47 11.04
CA HIS CA 85 -53.97 -28.55 11.97
C HIS CA 85 -55.03 -28.10 12.98
N PRO CA 86 -54.78 -28.22 14.28
CA PRO CA 86 -55.79 -27.81 15.27
C PRO CA 86 -56.12 -26.34 15.23
N LEU CA 87 -55.26 -25.50 14.64
CA LEU CA 87 -55.52 -24.08 14.50
C LEU CA 87 -56.18 -23.74 13.17
N ALA CA 88 -56.90 -24.68 12.57
CA ALA CA 88 -57.59 -24.44 11.31
C ALA CA 88 -58.94 -23.78 11.57
N ASN CA 89 -59.77 -23.70 10.54
CA ASN CA 89 -61.08 -23.06 10.66
C ASN CA 89 -62.18 -24.01 10.21
N GLU CA 90 -63.39 -23.47 10.04
CA GLU CA 90 -64.55 -24.30 9.72
C GLU CA 90 -64.33 -25.11 8.45
N GLU CA 91 -63.76 -24.48 7.41
CA GLU CA 91 -63.54 -25.15 6.13
C GLU CA 91 -62.19 -25.83 6.05
N GLY CA 92 -61.49 -25.98 7.17
CA GLY CA 92 -60.18 -26.62 7.16
C GLY CA 92 -59.11 -25.85 6.44
N TYR CA 93 -59.09 -24.52 6.61
CA TYR CA 93 -58.11 -23.66 5.97
C TYR CA 93 -57.23 -23.01 7.02
N ILE CA 94 -55.92 -23.00 6.78
CA ILE CA 94 -54.97 -22.26 7.59
C ILE CA 94 -54.37 -21.17 6.71
N TYR CA 95 -54.52 -19.92 7.13
CA TYR CA 95 -53.99 -18.81 6.36
C TYR CA 95 -52.54 -18.54 6.77
N LYS CA 96 -51.67 -18.41 5.76
CA LYS CA 96 -50.24 -18.27 5.96
C LYS CA 96 -49.75 -16.90 5.51
N PRO CA 97 -48.59 -16.46 6.00
CA PRO CA 97 -48.09 -15.12 5.65
C PRO CA 97 -47.90 -14.96 4.15
N ASN CA 98 -48.17 -13.75 3.67
CA ASN CA 98 -48.07 -13.42 2.25
C ASN CA 98 -46.64 -13.02 1.89
N VAL CA 99 -45.70 -13.90 2.21
CA VAL CA 99 -44.28 -13.67 1.94
C VAL CA 99 -43.91 -14.40 0.66
N ASN CA 100 -43.37 -13.66 -0.30
CA ASN CA 100 -42.92 -14.21 -1.57
C ASN CA 100 -41.41 -14.32 -1.53
N VAL CA 101 -40.90 -15.55 -1.73
CA VAL CA 101 -39.47 -15.79 -1.59
C VAL CA 101 -38.68 -15.04 -2.65
N MET CA 102 -39.19 -14.99 -3.87
CA MET CA 102 -38.45 -14.34 -4.96
C MET CA 102 -38.25 -12.85 -4.70
N GLU CA 103 -39.27 -12.18 -4.14
CA GLU CA 103 -39.12 -10.75 -3.85
C GLU CA 103 -38.23 -10.53 -2.62
N GLU CA 104 -38.17 -11.50 -1.72
CA GLU CA 104 -37.25 -11.38 -0.58
C GLU CA 104 -35.80 -11.56 -1.01
N MET CA 105 -35.56 -12.47 -1.96
CA MET CA 105 -34.21 -12.65 -2.47
C MET CA 105 -33.72 -11.40 -3.20
N ALA CA 106 -34.60 -10.78 -4.00
CA ALA CA 106 -34.22 -9.56 -4.71
C ALA CA 106 -33.95 -8.42 -3.74
N ASN CA 107 -34.76 -8.30 -2.68
CA ASN CA 107 -34.51 -7.27 -1.68
C ASN CA 107 -33.18 -7.51 -0.96
N MET CA 108 -32.85 -8.78 -0.70
CA MET CA 108 -31.57 -9.10 -0.08
C MET CA 108 -30.41 -8.66 -0.97
N ILE CA 109 -30.52 -8.91 -2.27
CA ILE CA 109 -29.47 -8.47 -3.20
C ILE CA 109 -29.43 -6.96 -3.28
N SER CA 110 -30.59 -6.31 -3.40
CA SER CA 110 -30.62 -4.87 -3.53
C SER CA 110 -30.14 -4.16 -2.27
N ALA CA 111 -30.54 -4.66 -1.10
CA ALA CA 111 -30.17 -4.02 0.15
C ALA CA 111 -28.67 -4.13 0.40
N SER CA 112 -28.09 -5.32 0.17
CA SER CA 112 -26.68 -5.52 0.46
C SER CA 112 -25.80 -4.67 -0.45
N ARG CA 113 -26.11 -4.64 -1.75
CA ARG CA 113 -25.29 -3.89 -2.70
C ARG CA 113 -25.41 -2.40 -2.47
N ALA CA 114 -26.63 -1.91 -2.24
CA ALA CA 114 -26.82 -0.47 -2.01
C ALA CA 114 -26.19 -0.05 -0.69
N TYR CA 115 -26.23 -0.91 0.32
CA TYR CA 115 -25.59 -0.61 1.60
C TYR CA 115 -24.07 -0.46 1.43
N GLN CA 116 -23.46 -1.38 0.68
CA GLN CA 116 -22.01 -1.33 0.49
C GLN CA 116 -21.59 -0.22 -0.46
N THR CA 117 -22.49 0.22 -1.35
CA THR CA 117 -22.17 1.35 -2.21
C THR CA 117 -21.99 2.62 -1.40
N ASN CA 118 -22.83 2.83 -0.39
CA ASN CA 118 -22.71 4.02 0.46
C ASN CA 118 -21.47 3.95 1.35
N VAL CA 119 -20.97 2.74 1.62
CA VAL CA 119 -19.70 2.62 2.34
C VAL CA 119 -18.58 3.23 1.52
N GLN CA 120 -18.55 2.95 0.21
CA GLN CA 120 -17.52 3.52 -0.66
C GLN CA 120 -17.61 5.03 -0.71
N VAL CA 121 -18.82 5.57 -0.81
CA VAL CA 121 -18.98 7.02 -0.88
C VAL CA 121 -18.55 7.67 0.43
N ALA CA 122 -18.96 7.09 1.56
CA ALA CA 122 -18.55 7.63 2.86
C ALA CA 122 -17.05 7.51 3.06
N ASP CA 123 -16.46 6.37 2.66
CA ASP CA 123 -15.02 6.21 2.79
C ASP CA 123 -14.26 7.17 1.89
N SER CA 124 -14.74 7.38 0.66
CA SER CA 124 -14.10 8.32 -0.24
C SER CA 124 -14.32 9.76 0.20
N SER CA 125 -15.42 10.03 0.88
CA SER CA 125 -15.67 11.38 1.38
C SER CA 125 -14.63 11.78 2.43
N LYS CA 126 -14.22 10.83 3.27
CA LYS CA 126 -13.19 11.11 4.27
C LYS CA 126 -11.87 11.47 3.60
N GLN CA 127 -11.53 10.79 2.49
CA GLN CA 127 -10.29 11.09 1.79
C GLN CA 127 -10.27 12.53 1.30
N MET CA 128 -11.39 13.01 0.76
CA MET CA 128 -11.46 14.40 0.31
C MET CA 128 -11.25 15.36 1.48
N LEU CA 129 -11.83 15.04 2.64
CA LEU CA 129 -11.61 15.88 3.82
C LEU CA 129 -10.15 15.85 4.26
N LEU CA 130 -9.51 14.68 4.20
CA LEU CA 130 -8.11 14.58 4.58
C LEU CA 130 -7.21 15.36 3.62
N ARG CA 131 -7.53 15.33 2.32
CA ARG CA 131 -6.74 16.08 1.36
C ARG CA 131 -6.93 17.58 1.54
N THR CA 132 -8.10 18.02 2.01
CA THR CA 132 -8.33 19.44 2.24
C THR CA 132 -7.41 19.97 3.32
N LEU CA 133 -7.14 19.17 4.35
CA LEU CA 133 -6.23 19.60 5.41
C LEU CA 133 -4.81 19.78 4.91
N GLN CA 134 -4.46 19.19 3.78
CA GLN CA 134 -3.11 19.32 3.21
C GLN CA 134 -2.99 20.50 2.25
N MET CA 135 -4.03 21.32 2.12
CA MET CA 135 -3.95 22.49 1.26
C MET CA 135 -2.90 23.46 1.79
N GLY CA 136 -2.05 23.94 0.89
CA GLY CA 136 -1.00 24.87 1.27
C GLY CA 136 0.21 24.24 1.92
N GLN CA 137 0.31 22.92 1.92
CA GLN CA 137 1.43 22.23 2.55
C GLN CA 137 2.23 21.43 1.52
N SER DA 2 -6.28 -16.93 24.03
CA SER DA 2 -5.23 -17.54 23.23
C SER DA 2 -5.84 -18.38 22.10
N LEU DA 3 -5.91 -17.79 20.90
CA LEU DA 3 -6.46 -18.50 19.76
C LEU DA 3 -5.55 -19.63 19.27
N PHE DA 4 -4.31 -19.71 19.74
CA PHE DA 4 -3.47 -20.86 19.41
C PHE DA 4 -3.96 -22.10 20.13
N ASN DA 5 -4.61 -21.93 21.29
CA ASN DA 5 -5.25 -23.04 21.96
C ASN DA 5 -6.42 -23.58 21.14
N VAL DA 6 -7.06 -22.70 20.37
CA VAL DA 6 -8.17 -23.12 19.50
C VAL DA 6 -7.67 -24.13 18.47
N PHE DA 7 -6.49 -23.88 17.91
CA PHE DA 7 -5.91 -24.78 16.92
C PHE DA 7 -5.66 -26.16 17.52
N ASN DA 8 -5.30 -26.21 18.80
CA ASN DA 8 -5.15 -27.50 19.47
C ASN DA 8 -6.49 -28.22 19.58
N VAL DA 9 -7.55 -27.49 19.92
CA VAL DA 9 -8.86 -28.11 20.09
C VAL DA 9 -9.41 -28.60 18.75
N THR DA 10 -9.34 -27.74 17.74
CA THR DA 10 -9.76 -28.15 16.39
C THR DA 10 -8.85 -29.23 15.83
N GLY DA 11 -7.54 -29.09 16.06
CA GLY DA 11 -6.61 -30.12 15.61
C GLY DA 11 -6.85 -31.45 16.28
N SER DA 12 -7.13 -31.44 17.58
CA SER DA 12 -7.46 -32.68 18.28
C SER DA 12 -8.80 -33.24 17.80
N ALA DA 13 -9.75 -32.34 17.48
CA ALA DA 13 -11.04 -32.79 16.96
C ALA DA 13 -10.88 -33.52 15.63
N MET DA 14 -10.09 -32.95 14.72
CA MET DA 14 -9.89 -33.58 13.41
C MET DA 14 -9.22 -34.94 13.55
N SER DA 15 -8.27 -35.05 14.49
CA SER DA 15 -7.65 -36.34 14.74
C SER DA 15 -8.66 -37.35 15.26
N ALA DA 16 -9.55 -36.91 16.15
CA ALA DA 16 -10.56 -37.81 16.70
C ALA DA 16 -11.53 -38.27 15.61
N GLU DA 17 -11.96 -37.35 14.75
CA GLU DA 17 -12.89 -37.71 13.67
C GLU DA 17 -12.22 -38.59 12.63
N SER DA 18 -10.91 -38.43 12.40
CA SER DA 18 -10.22 -39.27 11.44
C SER DA 18 -10.05 -40.69 11.97
N VAL DA 19 -9.88 -40.83 13.29
CA VAL DA 19 -9.82 -42.15 13.91
C VAL DA 19 -11.15 -42.87 13.73
N ARG DA 20 -12.25 -42.17 13.94
CA ARG DA 20 -13.57 -42.79 13.78
C ARG DA 20 -13.82 -43.21 12.34
N LEU DA 21 -13.33 -42.43 11.37
CA LEU DA 21 -13.53 -42.79 9.96
C LEU DA 21 -12.79 -44.08 9.62
N ASN DA 22 -11.55 -44.22 10.09
CA ASN DA 22 -10.80 -45.44 9.83
C ASN DA 22 -11.43 -46.63 10.53
N THR DA 23 -11.97 -46.42 11.72
CA THR DA 23 -12.72 -47.47 12.40
C THR DA 23 -13.95 -47.87 11.59
N THR DA 24 -14.65 -46.88 11.02
CA THR DA 24 -15.78 -47.17 10.14
C THR DA 24 -15.32 -47.91 8.89
N SER DA 25 -14.16 -47.54 8.34
CA SER DA 25 -13.65 -48.21 7.16
C SER DA 25 -13.34 -49.68 7.44
N SER DA 26 -12.78 -49.97 8.62
CA SER DA 26 -12.47 -51.35 8.96
C SER DA 26 -13.72 -52.16 9.27
N ASN DA 27 -14.79 -51.49 9.71
CA ASN DA 27 -16.05 -52.19 9.94
C ASN DA 27 -16.72 -52.58 8.63
N LEU DA 28 -16.75 -51.68 7.65
CA LEU DA 28 -17.33 -52.00 6.35
C LEU DA 28 -16.55 -53.09 5.64
N ALA DA 29 -15.22 -53.06 5.74
CA ALA DA 29 -14.38 -54.07 5.11
C ALA DA 29 -14.46 -55.42 5.79
N ASN DA 30 -14.98 -55.49 7.02
CA ASN DA 30 -15.04 -56.73 7.78
C ASN DA 30 -16.45 -57.06 8.23
N ALA DA 31 -17.46 -56.62 7.47
CA ALA DA 31 -18.84 -56.96 7.78
C ALA DA 31 -19.19 -58.39 7.38
N ASP DA 32 -18.30 -59.08 6.65
CA ASP DA 32 -18.57 -60.44 6.19
C ASP DA 32 -17.37 -61.36 6.42
N SER DA 33 -16.53 -61.05 7.40
CA SER DA 33 -15.29 -61.80 7.63
C SER DA 33 -15.50 -62.75 8.80
N VAL DA 34 -15.42 -64.05 8.52
CA VAL DA 34 -15.60 -65.05 9.56
C VAL DA 34 -14.27 -65.36 10.26
N SER DA 35 -13.19 -65.48 9.49
CA SER DA 35 -11.89 -65.79 10.05
C SER DA 35 -11.18 -64.51 10.49
N SER DA 36 -9.98 -64.66 11.03
CA SER DA 36 -9.16 -63.53 11.43
C SER DA 36 -7.75 -64.03 11.71
N SER DA 37 -6.79 -63.09 11.73
CA SER DA 37 -5.43 -63.41 12.09
C SER DA 37 -5.39 -63.93 13.52
N ALA DA 38 -5.81 -63.11 14.47
CA ALA DA 38 -6.08 -63.58 15.82
C ALA DA 38 -7.31 -64.47 15.80
N LYS DA 39 -7.24 -65.62 16.47
CA LYS DA 39 -8.32 -66.59 16.43
C LYS DA 39 -9.47 -66.12 17.31
N ASP DA 40 -10.15 -65.08 16.83
CA ASP DA 40 -11.37 -64.58 17.46
C ASP DA 40 -12.13 -63.78 16.42
N THR DA 41 -13.44 -63.98 16.33
CA THR DA 41 -14.25 -63.33 15.32
C THR DA 41 -14.22 -61.82 15.50
N TYR DA 42 -14.12 -61.10 14.37
CA TYR DA 42 -14.10 -59.64 14.41
C TYR DA 42 -15.40 -59.11 15.00
N LYS DA 43 -15.25 -58.15 15.91
CA LYS DA 43 -16.37 -57.44 16.51
C LYS DA 43 -16.29 -55.98 16.11
N ALA DA 44 -17.46 -55.37 15.87
CA ALA DA 44 -17.51 -53.99 15.43
C ALA DA 44 -16.79 -53.09 16.42
N ARG DA 45 -15.90 -52.26 15.91
CA ARG DA 45 -15.05 -51.41 16.74
C ARG DA 45 -15.61 -49.99 16.78
N HIS DA 46 -15.35 -49.30 17.89
CA HIS DA 46 -15.83 -47.94 18.09
C HIS DA 46 -14.84 -47.21 18.98
N ALA DA 47 -14.17 -46.20 18.42
CA ALA DA 47 -13.25 -45.39 19.20
C ALA DA 47 -14.01 -44.60 20.26
N VAL DA 48 -13.42 -44.46 21.43
CA VAL DA 48 -14.06 -43.79 22.56
C VAL DA 48 -13.47 -42.39 22.68
N PHE DA 49 -14.30 -41.37 22.46
CA PHE DA 49 -13.87 -40.00 22.66
C PHE DA 49 -13.91 -39.65 24.15
N GLY DA 50 -13.16 -38.62 24.53
CA GLY DA 50 -13.09 -38.21 25.92
C GLY DA 50 -12.87 -36.71 26.05
N ALA DA 51 -13.31 -36.17 27.17
CA ALA DA 51 -13.16 -34.75 27.48
C ALA DA 51 -12.68 -34.58 28.91
N GLU DA 52 -11.59 -33.83 29.07
CA GLU DA 52 -11.02 -33.55 30.40
C GLU DA 52 -11.52 -32.21 30.94
N LEU DA 53 -12.84 -32.06 30.98
CA LEU DA 53 -13.42 -30.81 31.48
C LEU DA 53 -13.13 -30.66 32.97
N SER DA 54 -12.80 -29.43 33.36
CA SER DA 54 -12.47 -29.14 34.75
C SER DA 54 -12.64 -27.66 35.04
N ASP DA 61 -11.78 -23.20 30.02
CA ASP DA 61 -11.23 -22.62 28.81
C ASP DA 61 -11.35 -23.58 27.63
N THR DA 62 -10.23 -24.16 27.22
CA THR DA 62 -10.17 -25.06 26.08
C THR DA 62 -10.04 -26.49 26.58
N VAL DA 63 -10.96 -27.34 26.16
CA VAL DA 63 -10.97 -28.75 26.52
C VAL DA 63 -10.82 -29.57 25.24
N PRO DA 64 -9.61 -30.07 24.96
CA PRO DA 64 -9.43 -30.92 23.78
C PRO DA 64 -10.16 -32.24 23.91
N VAL DA 65 -10.60 -32.77 22.76
CA VAL DA 65 -11.22 -34.09 22.68
C VAL DA 65 -10.13 -35.11 22.39
N LYS DA 66 -10.06 -36.16 23.19
CA LYS DA 66 -9.02 -37.16 23.07
C LYS DA 66 -9.63 -38.54 22.86
N VAL DA 67 -8.98 -39.35 22.05
CA VAL DA 67 -9.39 -40.74 21.87
C VAL DA 67 -8.66 -41.59 22.90
N MET DA 68 -9.43 -42.23 23.77
CA MET DA 68 -8.87 -43.01 24.87
C MET DA 68 -8.88 -44.50 24.61
N GLY DA 69 -9.15 -44.92 23.38
CA GLY DA 69 -9.10 -46.33 23.04
C GLY DA 69 -10.26 -46.81 22.21
N ILE DA 70 -10.08 -47.97 21.57
CA ILE DA 70 -11.12 -48.57 20.74
C ILE DA 70 -11.83 -49.63 21.56
N VAL DA 71 -13.17 -49.56 21.58
CA VAL DA 71 -14.00 -50.46 22.36
C VAL DA 71 -14.97 -51.15 21.41
N GLU DA 72 -15.01 -52.48 21.46
CA GLU DA 72 -15.88 -53.26 20.59
C GLU DA 72 -17.31 -53.24 21.08
N SER DA 73 -18.24 -53.37 20.14
CA SER DA 73 -19.65 -53.50 20.49
C SER DA 73 -19.91 -54.86 21.14
N ASP DA 74 -20.81 -54.88 22.11
CA ASP DA 74 -21.10 -56.08 22.87
C ASP DA 74 -22.25 -56.89 22.29
N LYS DA 75 -22.80 -56.48 21.16
CA LYS DA 75 -23.89 -57.23 20.55
C LYS DA 75 -23.39 -58.62 20.12
N PRO DA 76 -24.25 -59.63 20.19
CA PRO DA 76 -23.84 -60.99 19.83
C PRO DA 76 -23.47 -61.10 18.36
N LEU DA 77 -22.52 -61.97 18.08
CA LEU DA 77 -22.14 -62.25 16.69
C LEU DA 77 -23.29 -62.94 15.97
N SER DA 78 -23.58 -62.48 14.76
CA SER DA 78 -24.70 -63.02 13.98
C SER DA 78 -24.36 -64.42 13.52
N ALA DA 79 -25.08 -65.41 14.05
CA ALA DA 79 -24.85 -66.81 13.69
C ALA DA 79 -25.55 -67.16 12.38
N GLU DA 80 -24.86 -67.93 11.56
CA GLU DA 80 -25.41 -68.41 10.29
C GLU DA 80 -25.38 -69.94 10.28
N TYR DA 81 -26.48 -70.53 9.81
CA TYR DA 81 -26.57 -71.98 9.69
C TYR DA 81 -25.85 -72.40 8.42
N ASN DA 82 -24.59 -72.80 8.56
CA ASN DA 82 -23.77 -73.27 7.45
C ASN DA 82 -23.14 -74.60 7.86
N PRO DA 83 -23.93 -75.67 7.89
CA PRO DA 83 -23.43 -76.94 8.45
C PRO DA 83 -22.23 -77.51 7.72
N ASP DA 84 -22.14 -77.34 6.41
CA ASP DA 84 -21.03 -77.90 5.64
C ASP DA 84 -19.79 -77.00 5.65
N HIS DA 85 -19.86 -75.83 6.27
CA HIS DA 85 -18.69 -74.97 6.37
C HIS DA 85 -17.64 -75.63 7.27
N PRO DA 86 -16.36 -75.54 6.92
CA PRO DA 86 -15.32 -76.19 7.74
C PRO DA 86 -15.25 -75.67 9.16
N LEU DA 87 -15.63 -74.41 9.40
CA LEU DA 87 -15.56 -73.80 10.72
C LEU DA 87 -16.84 -73.96 11.52
N ALA DA 88 -17.81 -74.73 11.02
CA ALA DA 88 -19.07 -74.89 11.71
C ALA DA 88 -18.89 -75.60 13.06
N ASN DA 89 -19.72 -75.22 14.02
CA ASN DA 89 -19.69 -75.80 15.36
C ASN DA 89 -20.47 -77.11 15.37
N GLU DA 90 -20.73 -77.64 16.56
CA GLU DA 90 -21.44 -78.93 16.67
C GLU DA 90 -22.83 -78.87 16.08
N GLU DA 91 -23.45 -77.69 16.05
CA GLU DA 91 -24.80 -77.53 15.52
C GLU DA 91 -24.82 -76.88 14.15
N GLY DA 92 -23.66 -76.67 13.54
CA GLY DA 92 -23.62 -76.16 12.18
C GLY DA 92 -23.75 -74.67 12.03
N TYR DA 93 -23.44 -73.90 13.07
CA TYR DA 93 -23.55 -72.45 13.04
C TYR DA 93 -22.16 -71.83 12.94
N ILE DA 94 -22.00 -70.90 12.01
CA ILE DA 94 -20.82 -70.07 11.92
C ILE DA 94 -21.19 -68.66 12.35
N TYR DA 95 -20.26 -67.99 13.03
CA TYR DA 95 -20.52 -66.69 13.64
C TYR DA 95 -19.83 -65.60 12.85
N LYS DA 96 -20.55 -64.50 12.65
CA LYS DA 96 -20.12 -63.40 11.80
C LYS DA 96 -20.15 -62.11 12.60
N PRO DA 97 -19.40 -61.10 12.16
CA PRO DA 97 -19.37 -59.83 12.91
C PRO DA 97 -20.74 -59.18 13.00
N ASN DA 98 -20.95 -58.43 14.07
CA ASN DA 98 -22.22 -57.76 14.35
C ASN DA 98 -22.28 -56.37 13.76
N VAL DA 99 -21.59 -56.13 12.65
CA VAL DA 99 -21.58 -54.80 12.04
C VAL DA 99 -22.96 -54.52 11.44
N ASN DA 100 -23.50 -53.34 11.76
CA ASN DA 100 -24.78 -52.89 11.23
C ASN DA 100 -24.53 -51.86 10.14
N VAL DA 101 -25.06 -52.12 8.95
CA VAL DA 101 -24.74 -51.29 7.78
C VAL DA 101 -25.28 -49.87 7.98
N MET DA 102 -26.51 -49.73 8.46
CA MET DA 102 -27.12 -48.42 8.57
C MET DA 102 -26.37 -47.54 9.55
N GLU DA 103 -25.93 -48.10 10.68
CA GLU DA 103 -25.23 -47.30 11.68
C GLU DA 103 -23.83 -46.93 11.23
N GLU DA 104 -23.23 -47.71 10.33
CA GLU DA 104 -21.91 -47.37 9.82
C GLU DA 104 -21.98 -46.23 8.81
N MET DA 105 -23.06 -46.19 8.01
CA MET DA 105 -23.21 -45.10 7.05
C MET DA 105 -23.43 -43.77 7.76
N ALA DA 106 -24.18 -43.79 8.87
CA ALA DA 106 -24.36 -42.58 9.67
C ALA DA 106 -23.04 -42.12 10.27
N ASN DA 107 -22.21 -43.06 10.71
CA ASN DA 107 -20.89 -42.71 11.23
C ASN DA 107 -20.01 -42.12 10.14
N MET DA 108 -20.10 -42.66 8.91
CA MET DA 108 -19.35 -42.09 7.80
C MET DA 108 -19.81 -40.67 7.50
N ILE DA 109 -21.12 -40.43 7.50
CA ILE DA 109 -21.64 -39.09 7.28
C ILE DA 109 -21.26 -38.16 8.43
N SER DA 110 -21.41 -38.64 9.68
CA SER DA 110 -21.11 -37.81 10.83
C SER DA 110 -19.64 -37.48 10.92
N ALA DA 111 -18.76 -38.47 10.66
CA ALA DA 111 -17.33 -38.24 10.78
C ALA DA 111 -16.84 -37.24 9.74
N SER DA 112 -17.39 -37.29 8.53
CA SER DA 112 -16.96 -36.37 7.48
C SER DA 112 -17.42 -34.95 7.79
N ARG DA 113 -18.68 -34.78 8.19
CA ARG DA 113 -19.20 -33.45 8.48
C ARG DA 113 -18.50 -32.84 9.69
N ALA DA 114 -18.27 -33.64 10.74
CA ALA DA 114 -17.57 -33.12 11.91
C ALA DA 114 -16.13 -32.77 11.59
N TYR DA 115 -15.52 -33.51 10.66
CA TYR DA 115 -14.16 -33.18 10.23
C TYR DA 115 -14.12 -31.84 9.51
N GLN DA 116 -15.10 -31.58 8.64
CA GLN DA 116 -15.05 -30.40 7.80
C GLN DA 116 -15.38 -29.13 8.57
N THR DA 117 -16.26 -29.25 9.59
CA THR DA 117 -16.62 -28.07 10.36
C THR DA 117 -15.48 -27.60 11.27
N ASN DA 118 -14.59 -28.50 11.67
CA ASN DA 118 -13.42 -28.09 12.45
C ASN DA 118 -12.39 -27.37 11.59
N VAL DA 119 -12.37 -27.65 10.29
CA VAL DA 119 -11.51 -26.89 9.37
C VAL DA 119 -11.99 -25.45 9.29
N GLN DA 120 -13.31 -25.24 9.28
CA GLN DA 120 -13.85 -23.89 9.25
C GLN DA 120 -13.47 -23.10 10.50
N VAL DA 121 -13.54 -23.73 11.67
CA VAL DA 121 -13.18 -23.05 12.91
C VAL DA 121 -11.70 -22.70 12.91
N ALA DA 122 -10.85 -23.65 12.48
CA ALA DA 122 -9.41 -23.39 12.43
C ALA DA 122 -9.09 -22.26 11.46
N ASP DA 123 -9.73 -22.27 10.29
CA ASP DA 123 -9.49 -21.21 9.31
C ASP DA 123 -10.01 -19.87 9.83
N SER DA 124 -11.18 -19.86 10.45
CA SER DA 124 -11.72 -18.62 11.00
C SER DA 124 -10.86 -18.11 12.15
N SER DA 125 -10.39 -19.01 13.02
CA SER DA 125 -9.51 -18.61 14.11
C SER DA 125 -8.17 -18.11 13.59
N LYS DA 126 -7.71 -18.64 12.46
CA LYS DA 126 -6.47 -18.16 11.87
C LYS DA 126 -6.58 -16.70 11.45
N GLN DA 127 -7.73 -16.30 10.91
CA GLN DA 127 -7.92 -14.91 10.51
C GLN DA 127 -7.89 -13.97 11.71
N MET DA 128 -8.42 -14.40 12.85
CA MET DA 128 -8.41 -13.56 14.04
C MET DA 128 -7.00 -13.28 14.51
N LEU DA 129 -6.12 -14.29 14.50
CA LEU DA 129 -4.75 -14.08 14.92
C LEU DA 129 -4.00 -13.15 13.98
N LEU DA 130 -4.22 -13.30 12.66
CA LEU DA 130 -3.58 -12.41 11.71
C LEU DA 130 -4.07 -10.97 11.87
N ARG DA 131 -5.37 -10.81 12.16
CA ARG DA 131 -5.90 -9.47 12.39
C ARG DA 131 -5.32 -8.85 13.65
N THR DA 132 -4.98 -9.66 14.66
CA THR DA 132 -4.37 -9.13 15.87
C THR DA 132 -2.95 -8.64 15.59
N LEU DA 133 -2.24 -9.30 14.67
CA LEU DA 133 -0.90 -8.84 14.30
C LEU DA 133 -0.92 -7.46 13.70
N GLN DA 134 -2.03 -7.05 13.09
CA GLN DA 134 -2.17 -5.73 12.49
C GLN DA 134 -2.58 -4.66 13.49
N MET DA 135 -2.82 -5.02 14.75
CA MET DA 135 -3.25 -4.06 15.74
C MET DA 135 -2.19 -2.98 15.94
N GLY DA 136 -2.64 -1.72 15.97
CA GLY DA 136 -1.74 -0.60 16.16
C GLY DA 136 -0.94 -0.26 14.92
N GLN DA 137 -0.21 -1.24 14.38
CA GLN DA 137 0.61 -1.03 13.20
C GLN DA 137 -0.24 -0.77 11.97
N SER EA 2 -29.91 -3.60 14.01
CA SER EA 2 -28.64 -3.55 13.29
C SER EA 2 -28.46 -4.81 12.44
N LEU EA 3 -27.30 -4.92 11.78
CA LEU EA 3 -27.02 -6.10 10.99
C LEU EA 3 -26.78 -7.32 11.88
N PHE EA 4 -26.41 -7.10 13.14
CA PHE EA 4 -26.24 -8.21 14.07
C PHE EA 4 -27.58 -8.80 14.49
N ASN EA 5 -28.63 -7.98 14.48
CA ASN EA 5 -29.97 -8.49 14.76
C ASN EA 5 -30.40 -9.50 13.71
N VAL EA 6 -29.90 -9.37 12.49
CA VAL EA 6 -30.19 -10.36 11.44
C VAL EA 6 -29.69 -11.74 11.86
N PHE EA 7 -28.51 -11.79 12.47
CA PHE EA 7 -27.98 -13.08 12.94
C PHE EA 7 -28.89 -13.71 13.98
N ASN EA 8 -29.43 -12.90 14.89
CA ASN EA 8 -30.37 -13.43 15.88
C ASN EA 8 -31.66 -13.89 15.22
N VAL EA 9 -32.16 -13.11 14.25
CA VAL EA 9 -33.41 -13.46 13.58
C VAL EA 9 -33.23 -14.67 12.69
N THR EA 10 -32.20 -14.66 11.85
CA THR EA 10 -31.94 -15.81 10.98
C THR EA 10 -31.54 -17.03 11.79
N GLY EA 11 -30.72 -16.84 12.83
CA GLY EA 11 -30.33 -17.97 13.66
C GLY EA 11 -31.51 -18.63 14.33
N SER EA 12 -32.51 -17.84 14.73
CA SER EA 12 -33.72 -18.40 15.33
C SER EA 12 -34.46 -19.28 14.33
N ALA EA 13 -34.52 -18.86 13.06
CA ALA EA 13 -35.16 -19.67 12.05
C ALA EA 13 -34.39 -20.96 11.79
N MET EA 14 -33.06 -20.91 11.88
CA MET EA 14 -32.27 -22.12 11.73
C MET EA 14 -32.61 -23.14 12.81
N SER EA 15 -32.76 -22.69 14.05
CA SER EA 15 -33.21 -23.57 15.11
C SER EA 15 -34.67 -23.96 14.91
N ALA EA 16 -35.49 -23.03 14.42
CA ALA EA 16 -36.91 -23.32 14.23
C ALA EA 16 -37.11 -24.43 13.21
N GLU EA 17 -36.45 -24.33 12.05
CA GLU EA 17 -36.58 -25.37 11.04
C GLU EA 17 -35.95 -26.67 11.47
N SER EA 18 -34.99 -26.63 12.41
CA SER EA 18 -34.41 -27.86 12.94
C SER EA 18 -35.42 -28.60 13.82
N VAL EA 19 -36.24 -27.86 14.56
CA VAL EA 19 -37.26 -28.48 15.40
C VAL EA 19 -38.29 -29.19 14.54
N ARG EA 20 -38.73 -28.54 13.47
CA ARG EA 20 -39.69 -29.17 12.56
C ARG EA 20 -39.10 -30.38 11.85
N LEU EA 21 -37.80 -30.36 11.54
CA LEU EA 21 -37.16 -31.51 10.92
C LEU EA 21 -37.14 -32.71 11.87
N ASN EA 22 -36.81 -32.47 13.14
CA ASN EA 22 -36.78 -33.55 14.11
C ASN EA 22 -38.18 -34.10 14.38
N THR EA 23 -39.18 -33.21 14.42
CA THR EA 23 -40.55 -33.66 14.59
C THR EA 23 -40.99 -34.54 13.43
N THR EA 24 -40.63 -34.15 12.21
CA THR EA 24 -40.95 -34.97 11.04
C THR EA 24 -40.23 -36.30 11.09
N SER EA 25 -38.98 -36.31 11.55
CA SER EA 25 -38.24 -37.56 11.66
C SER EA 25 -38.91 -38.51 12.63
N SER EA 26 -39.41 -38.01 13.76
CA SER EA 26 -40.12 -38.85 14.70
C SER EA 26 -41.47 -39.30 14.16
N ASN EA 27 -42.06 -38.51 13.26
CA ASN EA 27 -43.32 -38.92 12.63
C ASN EA 27 -43.09 -40.05 11.63
N LEU EA 28 -42.02 -39.96 10.84
CA LEU EA 28 -41.74 -41.02 9.86
C LEU EA 28 -41.35 -42.31 10.54
N ALA EA 29 -40.70 -42.24 11.70
CA ALA EA 29 -40.24 -43.42 12.42
C ALA EA 29 -41.33 -44.04 13.28
N ASN EA 30 -42.48 -43.39 13.42
CA ASN EA 30 -43.57 -43.89 14.27
C ASN EA 30 -44.86 -44.04 13.48
N ALA EA 31 -44.77 -44.15 12.15
CA ALA EA 31 -45.96 -44.29 11.33
C ALA EA 31 -46.56 -45.69 11.40
N ASP EA 32 -45.84 -46.67 11.93
CA ASP EA 32 -46.29 -48.05 11.97
C ASP EA 32 -46.10 -48.65 13.36
N SER EA 33 -46.06 -47.82 14.39
CA SER EA 33 -45.82 -48.27 15.77
C SER EA 33 -47.16 -48.37 16.48
N VAL EA 34 -47.65 -49.60 16.63
CA VAL EA 34 -48.92 -49.81 17.33
C VAL EA 34 -48.76 -49.54 18.82
N SER EA 35 -47.64 -49.94 19.40
CA SER EA 35 -47.40 -49.79 20.83
C SER EA 35 -46.52 -48.58 21.10
N SER EA 36 -46.51 -48.17 22.38
CA SER EA 36 -45.72 -46.98 22.77
C SER EA 36 -45.55 -46.91 24.28
N SER EA 37 -44.35 -46.61 24.77
CA SER EA 37 -44.18 -46.37 26.22
C SER EA 37 -45.00 -45.12 26.52
N ALA EA 38 -45.47 -44.93 27.76
CA ALA EA 38 -46.29 -43.76 28.16
C ALA EA 38 -47.78 -44.05 27.93
N LYS EA 39 -48.13 -45.29 27.57
CA LYS EA 39 -49.57 -45.66 27.47
C LYS EA 39 -50.32 -44.71 26.55
N ASP EA 40 -49.71 -44.29 25.44
CA ASP EA 40 -50.38 -43.39 24.48
C ASP EA 40 -50.04 -43.82 23.05
N THR EA 41 -51.03 -44.18 22.25
CA THR EA 41 -50.73 -44.49 20.82
C THR EA 41 -50.26 -43.21 20.14
N TYR EA 42 -48.95 -43.06 19.96
CA TYR EA 42 -48.37 -41.93 19.26
C TYR EA 42 -49.33 -41.38 18.21
N LYS EA 43 -49.44 -40.05 18.18
CA LYS EA 43 -50.20 -39.34 17.16
C LYS EA 43 -49.27 -38.33 16.50
N ALA EA 44 -49.54 -38.03 15.24
CA ALA EA 44 -48.65 -37.17 14.47
C ALA EA 44 -48.49 -35.82 15.14
N ARG EA 45 -47.23 -35.41 15.31
CA ARG EA 45 -46.90 -34.16 15.96
C ARG EA 45 -46.52 -33.11 14.93
N HIS EA 46 -46.83 -31.85 15.25
CA HIS EA 46 -46.53 -30.73 14.37
C HIS EA 46 -45.91 -29.61 15.18
N ALA EA 47 -44.89 -28.97 14.63
CA ALA EA 47 -44.28 -27.80 15.25
C ALA EA 47 -44.95 -26.55 14.70
N VAL EA 48 -45.62 -25.80 15.57
CA VAL EA 48 -46.35 -24.60 15.17
C VAL EA 48 -45.46 -23.40 15.43
N PHE EA 49 -44.98 -22.78 14.37
CA PHE EA 49 -44.14 -21.59 14.50
C PHE EA 49 -45.00 -20.40 14.92
N GLY EA 50 -44.32 -19.39 15.46
CA GLY EA 50 -44.99 -18.17 15.87
C GLY EA 50 -44.06 -16.97 15.91
N ALA EA 51 -44.48 -15.86 15.32
CA ALA EA 51 -43.69 -14.65 15.34
C ALA EA 51 -43.77 -13.99 16.71
N GLU EA 52 -42.59 -13.81 17.32
CA GLU EA 52 -42.51 -13.18 18.64
C GLU EA 52 -42.22 -11.71 18.40
N LEU EA 53 -43.24 -10.92 18.07
CA LEU EA 53 -42.96 -9.51 17.72
C LEU EA 53 -42.03 -8.94 18.80
N SER EA 54 -42.43 -9.01 20.06
CA SER EA 54 -41.63 -8.43 21.17
C SER EA 54 -40.49 -7.59 20.59
N ASP EA 61 -39.71 -4.09 12.67
CA ASP EA 61 -38.30 -4.16 12.35
C ASP EA 61 -37.81 -5.61 12.34
N THR EA 62 -37.29 -6.07 13.48
CA THR EA 62 -36.78 -7.42 13.64
C THR EA 62 -37.81 -8.26 14.38
N VAL EA 63 -38.28 -9.32 13.75
CA VAL EA 63 -39.28 -10.21 14.31
C VAL EA 63 -38.72 -11.64 14.27
N PRO EA 64 -38.14 -12.11 15.38
CA PRO EA 64 -37.67 -13.49 15.43
C PRO EA 64 -38.84 -14.47 15.42
N VAL EA 65 -38.55 -15.70 14.99
CA VAL EA 65 -39.52 -16.78 14.99
C VAL EA 65 -39.19 -17.74 16.12
N LYS EA 66 -40.21 -18.16 16.86
CA LYS EA 66 -40.04 -19.05 17.99
C LYS EA 66 -41.00 -20.23 17.87
N VAL EA 67 -40.57 -21.39 18.32
CA VAL EA 67 -41.46 -22.54 18.47
C VAL EA 67 -42.17 -22.42 19.82
N MET EA 68 -43.49 -22.35 19.78
CA MET EA 68 -44.29 -22.16 20.99
C MET EA 68 -44.73 -23.47 21.62
N GLY EA 69 -44.33 -24.60 21.05
CA GLY EA 69 -44.76 -25.90 21.56
C GLY EA 69 -45.17 -26.81 20.42
N ILE EA 70 -45.02 -28.11 20.63
CA ILE EA 70 -45.39 -29.10 19.63
C ILE EA 70 -46.84 -29.50 19.85
N VAL EA 71 -47.60 -29.55 18.75
CA VAL EA 71 -49.03 -29.84 18.80
C VAL EA 71 -49.29 -31.13 18.04
N GLU EA 72 -50.18 -31.97 18.58
CA GLU EA 72 -50.49 -33.24 17.96
C GLU EA 72 -51.58 -33.11 16.90
N SER EA 73 -51.61 -34.08 15.99
CA SER EA 73 -52.59 -34.06 14.91
C SER EA 73 -53.99 -34.32 15.44
N ASP EA 74 -54.97 -33.70 14.79
CA ASP EA 74 -56.38 -33.86 15.13
C ASP EA 74 -57.07 -34.98 14.37
N LYS EA 75 -56.39 -35.59 13.40
CA LYS EA 75 -57.01 -36.65 12.62
C LYS EA 75 -57.22 -37.89 13.49
N PRO EA 76 -58.32 -38.62 13.30
CA PRO EA 76 -58.55 -39.85 14.05
C PRO EA 76 -57.51 -40.91 13.71
N LEU EA 77 -57.19 -41.73 14.70
CA LEU EA 77 -56.23 -42.81 14.49
C LEU EA 77 -56.78 -43.83 13.51
N SER EA 78 -55.88 -44.46 12.76
CA SER EA 78 -56.26 -45.43 11.75
C SER EA 78 -56.55 -46.76 12.43
N ALA EA 79 -57.81 -47.18 12.42
CA ALA EA 79 -58.20 -48.43 13.04
C ALA EA 79 -58.08 -49.59 12.07
N GLU EA 80 -57.46 -50.68 12.53
CA GLU EA 80 -57.25 -51.86 11.71
C GLU EA 80 -57.70 -53.09 12.49
N TYR EA 81 -58.46 -53.97 11.83
CA TYR EA 81 -59.04 -55.14 12.46
C TYR EA 81 -57.97 -56.23 12.56
N ASN EA 82 -57.43 -56.41 13.76
CA ASN EA 82 -56.42 -57.43 14.05
C ASN EA 82 -56.86 -58.17 15.30
N PRO EA 83 -57.85 -59.07 15.17
CA PRO EA 83 -58.46 -59.66 16.38
C PRO EA 83 -57.52 -60.47 17.23
N ASP EA 84 -56.53 -61.14 16.63
CA ASP EA 84 -55.64 -62.02 17.35
C ASP EA 84 -54.46 -61.30 18.00
N HIS EA 85 -54.34 -60.00 17.82
CA HIS EA 85 -53.25 -59.26 18.44
C HIS EA 85 -53.52 -59.10 19.93
N PRO EA 86 -52.47 -59.14 20.78
CA PRO EA 86 -52.68 -58.95 22.22
C PRO EA 86 -53.20 -57.57 22.59
N LEU EA 87 -53.01 -56.57 21.74
CA LEU EA 87 -53.51 -55.22 21.99
C LEU EA 87 -54.89 -55.00 21.39
N ALA EA 88 -55.50 -56.02 20.80
CA ALA EA 88 -56.82 -55.88 20.22
C ALA EA 88 -57.88 -55.66 21.28
N ASN EA 89 -58.82 -54.78 21.00
CA ASN EA 89 -59.95 -54.55 21.90
C ASN EA 89 -60.97 -55.67 21.74
N GLU EA 90 -62.12 -55.51 22.39
CA GLU EA 90 -63.17 -56.53 22.29
C GLU EA 90 -63.65 -56.69 20.86
N GLU EA 91 -63.80 -55.58 20.12
CA GLU EA 91 -64.20 -55.66 18.72
C GLU EA 91 -63.08 -56.23 17.85
N GLY EA 92 -61.85 -56.17 18.33
CA GLY EA 92 -60.72 -56.74 17.62
C GLY EA 92 -59.88 -55.76 16.82
N TYR EA 93 -60.09 -54.46 16.96
CA TYR EA 93 -59.38 -53.46 16.18
C TYR EA 93 -58.19 -52.93 16.96
N ILE EA 94 -57.02 -52.89 16.32
CA ILE EA 94 -55.86 -52.21 16.85
C ILE EA 94 -55.74 -50.88 16.13
N TYR EA 95 -55.21 -49.88 16.84
CA TYR EA 95 -55.15 -48.52 16.32
C TYR EA 95 -53.71 -48.13 16.04
N LYS EA 96 -53.49 -47.43 14.93
CA LYS EA 96 -52.17 -47.01 14.53
C LYS EA 96 -52.11 -45.50 14.37
N PRO EA 97 -50.93 -44.89 14.52
CA PRO EA 97 -50.83 -43.43 14.42
C PRO EA 97 -51.39 -42.88 13.12
N ASN EA 98 -51.84 -41.63 13.17
CA ASN EA 98 -52.43 -40.95 12.01
C ASN EA 98 -51.39 -40.20 11.19
N VAL EA 99 -50.15 -40.69 11.16
CA VAL EA 99 -49.09 -40.03 10.41
C VAL EA 99 -49.39 -40.14 8.92
N ASN EA 100 -49.41 -39.00 8.25
CA ASN EA 100 -49.59 -38.94 6.80
C ASN EA 100 -48.23 -38.79 6.15
N VAL EA 101 -47.86 -39.76 5.32
CA VAL EA 101 -46.52 -39.78 4.74
C VAL EA 101 -46.30 -38.57 3.84
N MET EA 102 -47.30 -38.23 3.03
CA MET EA 102 -47.13 -37.19 2.02
C MET EA 102 -46.84 -35.84 2.65
N GLU EA 103 -47.52 -35.51 3.75
CA GLU EA 103 -47.26 -34.23 4.39
C GLU EA 103 -45.89 -34.19 5.04
N GLU EA 104 -45.41 -35.33 5.54
CA GLU EA 104 -44.06 -35.37 6.12
C GLU EA 104 -43.00 -35.17 5.06
N MET EA 105 -43.19 -35.76 3.88
CA MET EA 105 -42.26 -35.53 2.77
C MET EA 105 -42.31 -34.08 2.31
N ALA EA 106 -43.51 -33.50 2.26
CA ALA EA 106 -43.63 -32.08 1.93
C ALA EA 106 -43.02 -31.21 3.02
N ASN EA 107 -43.23 -31.56 4.28
CA ASN EA 107 -42.58 -30.84 5.38
C ASN EA 107 -41.06 -31.01 5.31
N MET EA 108 -40.59 -32.21 4.95
CA MET EA 108 -39.16 -32.43 4.84
C MET EA 108 -38.54 -31.53 3.77
N ILE EA 109 -39.21 -31.37 2.63
CA ILE EA 109 -38.70 -30.51 1.58
C ILE EA 109 -38.75 -29.05 2.00
N SER EA 110 -39.89 -28.61 2.55
CA SER EA 110 -40.04 -27.22 2.93
C SER EA 110 -39.07 -26.82 4.03
N ALA EA 111 -38.89 -27.69 5.03
CA ALA EA 111 -37.98 -27.38 6.12
C ALA EA 111 -36.54 -27.25 5.62
N SER EA 112 -36.14 -28.10 4.68
CA SER EA 112 -34.78 -28.01 4.15
C SER EA 112 -34.61 -26.77 3.28
N ARG EA 113 -35.60 -26.45 2.45
CA ARG EA 113 -35.51 -25.27 1.60
C ARG EA 113 -35.50 -23.99 2.43
N ALA EA 114 -36.34 -23.92 3.47
CA ALA EA 114 -36.37 -22.74 4.33
C ALA EA 114 -35.10 -22.62 5.16
N TYR EA 115 -34.53 -23.75 5.59
CA TYR EA 115 -33.29 -23.73 6.35
C TYR EA 115 -32.14 -23.13 5.54
N GLN EA 116 -32.04 -23.52 4.26
CA GLN EA 116 -30.90 -23.10 3.45
C GLN EA 116 -31.01 -21.63 3.03
N THR EA 117 -32.24 -21.13 2.85
CA THR EA 117 -32.39 -19.72 2.48
C THR EA 117 -32.15 -18.79 3.66
N ASN EA 118 -32.23 -19.30 4.89
CA ASN EA 118 -31.83 -18.49 6.05
C ASN EA 118 -30.32 -18.38 6.15
N VAL EA 119 -29.59 -19.34 5.58
CA VAL EA 119 -28.13 -19.27 5.58
C VAL EA 119 -27.66 -18.13 4.67
N GLN EA 120 -28.36 -17.93 3.55
CA GLN EA 120 -27.98 -16.87 2.62
C GLN EA 120 -28.12 -15.50 3.26
N VAL EA 121 -29.19 -15.29 4.03
CA VAL EA 121 -29.39 -14.00 4.69
C VAL EA 121 -28.31 -13.73 5.71
N ALA EA 122 -27.94 -14.75 6.50
CA ALA EA 122 -26.85 -14.60 7.44
C ALA EA 122 -25.54 -14.32 6.72
N ASP EA 123 -25.29 -15.01 5.60
CA ASP EA 123 -24.11 -14.74 4.80
C ASP EA 123 -24.15 -13.33 4.21
N SER EA 124 -25.33 -12.89 3.76
CA SER EA 124 -25.45 -11.56 3.18
C SER EA 124 -25.17 -10.47 4.21
N SER EA 125 -25.67 -10.66 5.43
CA SER EA 125 -25.42 -9.67 6.49
C SER EA 125 -23.96 -9.70 6.93
N LYS EA 126 -23.30 -10.86 6.83
CA LYS EA 126 -21.90 -10.94 7.21
C LYS EA 126 -21.02 -10.05 6.34
N GLN EA 127 -21.26 -10.07 5.02
CA GLN EA 127 -20.46 -9.26 4.12
C GLN EA 127 -20.65 -7.77 4.37
N MET EA 128 -21.88 -7.36 4.70
CA MET EA 128 -22.15 -5.95 4.95
C MET EA 128 -21.42 -5.46 6.19
N LEU EA 129 -21.29 -6.30 7.21
CA LEU EA 129 -20.55 -5.91 8.41
C LEU EA 129 -19.06 -5.83 8.14
N LEU EA 130 -18.53 -6.74 7.33
CA LEU EA 130 -17.11 -6.71 7.00
C LEU EA 130 -16.75 -5.45 6.22
N ARG EA 131 -17.60 -5.05 5.27
CA ARG EA 131 -17.36 -3.81 4.54
C ARG EA 131 -17.52 -2.60 5.45
N THR EA 132 -18.47 -2.65 6.37
CA THR EA 132 -18.65 -1.56 7.33
C THR EA 132 -17.41 -1.40 8.22
N LEU EA 133 -16.68 -2.50 8.43
CA LEU EA 133 -15.43 -2.45 9.24
C LEU EA 133 -14.26 -1.92 8.41
N GLN EA 134 -14.24 -2.19 7.09
CA GLN EA 134 -13.16 -1.69 6.20
C GLN EA 134 -13.20 -0.16 6.14
N MET EA 135 -14.35 0.44 6.50
CA MET EA 135 -14.43 1.92 6.58
C MET EA 135 -13.75 2.35 7.87
N GLY EA 136 -12.77 3.25 7.80
CA GLY EA 136 -12.00 3.65 9.00
C GLY EA 136 -10.60 3.10 8.95
N GLN EA 137 -10.31 2.26 7.96
CA GLN EA 137 -8.96 1.62 7.84
C GLN EA 137 -8.15 2.32 6.76
N SER FA 2 16.05 -21.30 5.46
CA SER FA 2 16.16 -21.29 4.00
C SER FA 2 14.89 -21.79 3.35
N LEU FA 3 13.90 -20.90 3.21
CA LEU FA 3 12.62 -21.28 2.62
C LEU FA 3 12.74 -21.57 1.13
N PHE FA 4 13.86 -21.22 0.49
CA PHE FA 4 14.05 -21.59 -0.91
C PHE FA 4 14.29 -23.09 -1.05
N ASN FA 5 14.83 -23.71 0.01
CA ASN FA 5 14.94 -25.16 0.03
C ASN FA 5 13.58 -25.84 -0.04
N VAL FA 6 12.55 -25.19 0.51
CA VAL FA 6 11.20 -25.73 0.43
C VAL FA 6 10.75 -25.82 -1.02
N PHE FA 7 11.09 -24.82 -1.83
CA PHE FA 7 10.75 -24.86 -3.25
C PHE FA 7 11.42 -26.04 -3.94
N ASN FA 8 12.59 -26.47 -3.44
CA ASN FA 8 13.23 -27.65 -4.00
C ASN FA 8 12.53 -28.93 -3.55
N VAL FA 9 11.86 -28.90 -2.40
CA VAL FA 9 11.20 -30.09 -1.87
C VAL FA 9 9.79 -30.23 -2.44
N THR FA 10 8.98 -29.18 -2.31
CA THR FA 10 7.63 -29.22 -2.86
C THR FA 10 7.66 -29.34 -4.38
N GLY FA 11 8.56 -28.61 -5.04
CA GLY FA 11 8.66 -28.71 -6.48
C GLY FA 11 9.04 -30.10 -6.95
N SER FA 12 9.90 -30.78 -6.19
CA SER FA 12 10.25 -32.16 -6.53
C SER FA 12 9.05 -33.08 -6.42
N ALA FA 13 8.19 -32.84 -5.42
CA ALA FA 13 6.99 -33.65 -5.27
C ALA FA 13 6.02 -33.39 -6.42
N MET FA 14 5.99 -32.16 -6.94
CA MET FA 14 5.14 -31.86 -8.09
C MET FA 14 5.51 -32.73 -9.28
N SER FA 15 6.81 -32.85 -9.56
CA SER FA 15 7.25 -33.73 -10.64
C SER FA 15 7.02 -35.19 -10.29
N ALA FA 16 7.28 -35.57 -9.02
CA ALA FA 16 7.12 -36.95 -8.61
C ALA FA 16 5.68 -37.41 -8.72
N GLU FA 17 4.74 -36.56 -8.31
CA GLU FA 17 3.33 -36.92 -8.42
C GLU FA 17 2.83 -36.86 -9.85
N SER FA 18 3.51 -36.10 -10.72
CA SER FA 18 3.14 -36.08 -12.13
C SER FA 18 3.56 -37.36 -12.82
N VAL FA 19 4.71 -37.91 -12.43
CA VAL FA 19 5.16 -39.18 -13.00
C VAL FA 19 4.19 -40.29 -12.64
N ARG FA 20 3.74 -40.34 -11.39
CA ARG FA 20 2.79 -41.35 -10.96
C ARG FA 20 1.44 -41.19 -11.65
N LEU FA 21 1.07 -39.96 -12.03
CA LEU FA 21 -0.17 -39.75 -12.77
C LEU FA 21 -0.04 -40.26 -14.20
N ASN FA 22 1.06 -39.94 -14.87
CA ASN FA 22 1.29 -40.44 -16.22
C ASN FA 22 1.48 -41.95 -16.22
N THR FA 23 2.04 -42.49 -15.13
CA THR FA 23 2.11 -43.94 -14.97
C THR FA 23 0.71 -44.55 -14.88
N THR FA 24 -0.19 -43.89 -14.16
CA THR FA 24 -1.57 -44.36 -14.06
C THR FA 24 -2.25 -44.33 -15.41
N SER FA 25 -2.03 -43.26 -16.19
CA SER FA 25 -2.68 -43.15 -17.50
C SER FA 25 -2.24 -44.27 -18.43
N SER FA 26 -0.95 -44.61 -18.41
CA SER FA 26 -0.48 -45.72 -19.24
C SER FA 26 -1.07 -47.05 -18.79
N ASN FA 27 -1.33 -47.20 -17.50
CA ASN FA 27 -1.98 -48.42 -16.99
C ASN FA 27 -3.45 -48.47 -17.36
N LEU FA 28 -4.15 -47.33 -17.32
CA LEU FA 28 -5.56 -47.31 -17.67
C LEU FA 28 -5.77 -47.59 -19.16
N ALA FA 29 -4.91 -47.03 -20.01
CA ALA FA 29 -5.06 -47.17 -21.45
C ALA FA 29 -4.62 -48.53 -21.97
N ASN FA 30 -3.79 -49.26 -21.22
CA ASN FA 30 -3.25 -50.53 -21.68
C ASN FA 30 -3.73 -51.68 -20.81
N ALA FA 31 -4.93 -51.56 -20.23
CA ALA FA 31 -5.50 -52.62 -19.43
C ALA FA 31 -6.13 -53.72 -20.28
N ASP FA 32 -6.34 -53.48 -21.57
CA ASP FA 32 -6.98 -54.45 -22.46
C ASP FA 32 -6.12 -54.74 -23.69
N SER FA 33 -4.86 -54.29 -23.69
CA SER FA 33 -3.98 -54.41 -24.84
C SER FA 33 -3.24 -55.75 -24.75
N VAL FA 34 -3.51 -56.64 -25.70
CA VAL FA 34 -2.89 -57.96 -25.68
C VAL FA 34 -1.56 -57.99 -26.44
N SER FA 35 -1.35 -57.09 -27.38
CA SER FA 35 -0.15 -57.05 -28.18
C SER FA 35 0.76 -55.92 -27.70
N SER FA 36 1.95 -55.85 -28.29
CA SER FA 36 2.92 -54.83 -27.93
C SER FA 36 3.91 -54.65 -29.07
N SER FA 37 4.53 -53.48 -29.11
CA SER FA 37 5.55 -53.19 -30.10
C SER FA 37 6.91 -53.75 -29.73
N ALA FA 38 7.12 -54.14 -28.48
CA ALA FA 38 8.39 -54.67 -28.02
C ALA FA 38 8.34 -56.17 -27.74
N LYS FA 39 7.31 -56.85 -28.24
CA LYS FA 39 7.11 -58.29 -28.17
C LYS FA 39 6.96 -58.82 -26.75
N ASP FA 40 6.77 -57.96 -25.75
CA ASP FA 40 6.48 -58.39 -24.40
C ASP FA 40 5.16 -57.77 -23.94
N THR FA 41 4.29 -58.60 -23.37
CA THR FA 41 2.98 -58.13 -22.95
C THR FA 41 3.11 -57.04 -21.90
N TYR FA 42 2.28 -56.01 -22.02
CA TYR FA 42 2.32 -54.90 -21.09
C TYR FA 42 2.01 -55.37 -19.68
N LYS FA 43 2.73 -54.81 -18.70
CA LYS FA 43 2.48 -55.07 -17.29
C LYS FA 43 2.31 -53.74 -16.56
N ALA FA 44 1.49 -53.75 -15.52
CA ALA FA 44 1.17 -52.53 -14.79
C ALA FA 44 2.44 -51.91 -14.22
N ARG FA 45 2.83 -50.77 -14.78
CA ARG FA 45 4.03 -50.06 -14.35
C ARG FA 45 3.74 -49.21 -13.13
N HIS FA 46 4.76 -48.99 -12.32
CA HIS FA 46 4.62 -48.18 -11.11
C HIS FA 46 5.92 -47.45 -10.83
N ALA FA 47 5.81 -46.22 -10.32
CA ALA FA 47 6.97 -45.42 -9.98
C ALA FA 47 7.51 -45.81 -8.61
N VAL FA 48 8.79 -45.49 -8.37
CA VAL FA 48 9.44 -45.75 -7.10
C VAL FA 48 9.90 -44.43 -6.52
N PHE FA 49 9.36 -44.07 -5.35
CA PHE FA 49 9.76 -42.86 -4.65
C PHE FA 49 10.92 -43.16 -3.69
N GLY FA 50 11.74 -42.14 -3.46
CA GLY FA 50 12.89 -42.29 -2.59
C GLY FA 50 13.05 -41.09 -1.68
N ALA FA 51 13.68 -41.32 -0.54
CA ALA FA 51 13.99 -40.25 0.42
C ALA FA 51 15.38 -40.52 0.99
N GLU FA 52 16.34 -39.68 0.64
CA GLU FA 52 17.73 -39.84 1.08
C GLU FA 52 17.91 -39.21 2.45
N LEU FA 53 17.19 -39.77 3.42
CA LEU FA 53 17.24 -39.24 4.78
C LEU FA 53 18.59 -39.55 5.42
N SER FA 54 19.14 -38.57 6.12
CA SER FA 54 20.45 -38.73 6.75
C SER FA 54 20.62 -37.74 7.91
N ASP FA 61 17.35 -31.63 7.57
CA ASP FA 61 16.69 -30.42 7.12
C ASP FA 61 15.62 -30.72 6.07
N THR FA 62 16.00 -30.60 4.80
CA THR FA 62 15.09 -30.81 3.68
C THR FA 62 15.51 -32.05 2.91
N VAL FA 63 14.56 -32.97 2.71
CA VAL FA 63 14.83 -34.21 1.99
C VAL FA 63 13.97 -34.26 0.73
N PRO FA 64 14.54 -34.00 -0.44
CA PRO FA 64 13.75 -34.04 -1.67
C PRO FA 64 13.29 -35.45 -1.99
N VAL FA 65 12.17 -35.53 -2.70
CA VAL FA 65 11.62 -36.80 -3.17
C VAL FA 65 11.97 -36.94 -4.65
N LYS FA 66 12.64 -38.03 -5.01
CA LYS FA 66 13.05 -38.26 -6.38
C LYS FA 66 12.59 -39.64 -6.83
N VAL FA 67 12.08 -39.71 -8.06
CA VAL FA 67 11.74 -40.98 -8.68
C VAL FA 67 13.01 -41.64 -9.18
N MET FA 68 13.26 -42.86 -8.74
CA MET FA 68 14.47 -43.60 -9.08
C MET FA 68 14.23 -44.64 -10.17
N GLY FA 69 13.05 -44.67 -10.77
CA GLY FA 69 12.77 -45.60 -11.84
C GLY FA 69 11.38 -46.20 -11.75
N ILE FA 70 10.85 -46.63 -12.90
CA ILE FA 70 9.53 -47.24 -12.99
C ILE FA 70 9.69 -48.74 -12.98
N VAL FA 71 8.85 -49.42 -12.19
CA VAL FA 71 8.95 -50.85 -11.97
C VAL FA 71 7.59 -51.49 -12.26
N GLU FA 72 7.62 -52.63 -12.94
CA GLU FA 72 6.39 -53.35 -13.28
C GLU FA 72 5.86 -54.11 -12.07
N SER FA 73 4.56 -54.33 -12.05
CA SER FA 73 3.91 -55.04 -10.96
C SER FA 73 4.29 -56.52 -10.97
N ASP FA 74 4.25 -57.12 -9.78
CA ASP FA 74 4.61 -58.52 -9.62
C ASP FA 74 3.44 -59.48 -9.81
N LYS FA 75 2.23 -58.97 -10.01
CA LYS FA 75 1.08 -59.83 -10.17
C LYS FA 75 1.21 -60.64 -11.47
N PRO FA 76 0.76 -61.88 -11.49
CA PRO FA 76 0.79 -62.65 -12.74
C PRO FA 76 -0.17 -62.07 -13.77
N LEU FA 77 0.15 -62.29 -15.04
CA LEU FA 77 -0.70 -61.81 -16.11
C LEU FA 77 -2.05 -62.53 -16.08
N SER FA 78 -3.10 -61.80 -16.45
CA SER FA 78 -4.45 -62.35 -16.45
C SER FA 78 -4.64 -63.19 -17.72
N ALA FA 79 -4.85 -64.49 -17.54
CA ALA FA 79 -5.02 -65.39 -18.66
C ALA FA 79 -6.48 -65.47 -19.08
N GLU FA 80 -6.70 -65.55 -20.38
CA GLU FA 80 -8.04 -65.65 -20.94
C GLU FA 80 -8.08 -66.77 -21.97
N TYR FA 81 -9.14 -67.57 -21.93
CA TYR FA 81 -9.30 -68.70 -22.84
C TYR FA 81 -9.88 -68.17 -24.15
N ASN FA 82 -9.00 -67.96 -25.12
CA ASN FA 82 -9.36 -67.52 -26.46
C ASN FA 82 -8.70 -68.46 -27.47
N PRO FA 83 -9.27 -69.65 -27.69
CA PRO FA 83 -8.57 -70.66 -28.49
C PRO FA 83 -8.40 -70.31 -29.96
N ASP FA 84 -9.23 -69.42 -30.51
CA ASP FA 84 -9.17 -69.07 -31.92
C ASP FA 84 -8.42 -67.77 -32.18
N HIS FA 85 -7.90 -67.12 -31.14
CA HIS FA 85 -7.13 -65.91 -31.34
C HIS FA 85 -5.82 -66.24 -32.03
N PRO FA 86 -5.31 -65.35 -32.90
CA PRO FA 86 -4.02 -65.62 -33.55
C PRO FA 86 -2.86 -65.77 -32.57
N LEU FA 87 -2.91 -65.11 -31.42
CA LEU FA 87 -1.82 -65.12 -30.46
C LEU FA 87 -1.99 -66.17 -29.36
N ALA FA 88 -2.98 -67.05 -29.49
CA ALA FA 88 -3.22 -68.06 -28.48
C ALA FA 88 -2.11 -69.11 -28.48
N ASN FA 89 -1.95 -69.76 -27.34
CA ASN FA 89 -0.94 -70.79 -27.17
C ASN FA 89 -1.56 -72.16 -27.43
N GLU FA 90 -0.81 -73.22 -27.12
CA GLU FA 90 -1.30 -74.57 -27.35
C GLU FA 90 -2.54 -74.87 -26.50
N GLU FA 91 -2.54 -74.42 -25.24
CA GLU FA 91 -3.68 -74.64 -24.37
C GLU FA 91 -4.86 -73.73 -24.68
N GLY FA 92 -4.67 -72.76 -25.58
CA GLY FA 92 -5.76 -71.89 -25.98
C GLY FA 92 -5.91 -70.61 -25.20
N TYR FA 93 -4.88 -70.21 -24.44
CA TYR FA 93 -4.96 -69.04 -23.59
C TYR FA 93 -4.16 -67.88 -24.17
N ILE FA 94 -4.72 -66.67 -24.02
CA ILE FA 94 -4.00 -65.44 -24.30
C ILE FA 94 -3.81 -64.70 -22.99
N TYR FA 95 -2.77 -63.88 -22.92
CA TYR FA 95 -2.40 -63.20 -21.69
C TYR FA 95 -2.60 -61.70 -21.83
N LYS FA 96 -3.13 -61.08 -20.78
CA LYS FA 96 -3.46 -59.68 -20.76
C LYS FA 96 -2.79 -59.00 -19.57
N PRO FA 97 -2.57 -57.70 -19.63
CA PRO FA 97 -1.89 -57.00 -18.53
C PRO FA 97 -2.62 -57.15 -17.21
N ASN FA 98 -1.84 -57.19 -16.13
CA ASN FA 98 -2.36 -57.35 -14.77
C ASN FA 98 -2.70 -56.01 -14.13
N VAL FA 99 -3.53 -55.21 -14.81
CA VAL FA 99 -3.91 -53.91 -14.32
C VAL FA 99 -5.23 -54.03 -13.56
N ASN FA 100 -5.24 -53.55 -12.32
CA ASN FA 100 -6.43 -53.59 -11.48
C ASN FA 100 -7.08 -52.22 -11.44
N VAL FA 101 -8.39 -52.19 -11.75
CA VAL FA 101 -9.09 -50.92 -11.88
C VAL FA 101 -9.13 -50.17 -10.55
N MET FA 102 -9.42 -50.88 -9.46
CA MET FA 102 -9.64 -50.22 -8.18
C MET FA 102 -8.39 -49.49 -7.70
N GLU FA 103 -7.22 -50.11 -7.84
CA GLU FA 103 -6.00 -49.46 -7.37
C GLU FA 103 -5.59 -48.29 -8.27
N GLU FA 104 -5.94 -48.35 -9.56
CA GLU FA 104 -5.66 -47.22 -10.44
C GLU FA 104 -6.49 -46.00 -10.04
N MET FA 105 -7.76 -46.22 -9.66
CA MET FA 105 -8.59 -45.11 -9.21
C MET FA 105 -8.03 -44.49 -7.93
N ALA FA 106 -7.57 -45.32 -7.00
CA ALA FA 106 -6.96 -44.79 -5.78
C ALA FA 106 -5.69 -44.02 -6.09
N ASN FA 107 -4.87 -44.51 -7.03
CA ASN FA 107 -3.68 -43.79 -7.43
C ASN FA 107 -4.03 -42.45 -8.08
N MET FA 108 -5.08 -42.43 -8.92
CA MET FA 108 -5.52 -41.18 -9.52
C MET FA 108 -5.98 -40.18 -8.46
N ILE FA 109 -6.72 -40.65 -7.46
CA ILE FA 109 -7.18 -39.78 -6.39
C ILE FA 109 -6.01 -39.36 -5.50
N SER FA 110 -5.13 -40.29 -5.14
CA SER FA 110 -4.03 -39.97 -4.24
C SER FA 110 -3.02 -39.04 -4.89
N ALA FA 111 -2.66 -39.32 -6.15
CA ALA FA 111 -1.65 -38.51 -6.83
C ALA FA 111 -2.15 -37.09 -7.07
N SER FA 112 -3.42 -36.95 -7.49
CA SER FA 112 -3.95 -35.62 -7.74
C SER FA 112 -4.02 -34.80 -6.46
N ARG FA 113 -4.45 -35.40 -5.35
CA ARG FA 113 -4.51 -34.67 -4.09
C ARG FA 113 -3.13 -34.36 -3.56
N ALA FA 114 -2.18 -35.29 -3.73
CA ALA FA 114 -0.81 -35.03 -3.30
C ALA FA 114 -0.16 -33.93 -4.13
N TYR FA 115 -0.50 -33.86 -5.42
CA TYR FA 115 0.01 -32.80 -6.26
C TYR FA 115 -0.47 -31.44 -5.79
N GLN FA 116 -1.74 -31.33 -5.40
CA GLN FA 116 -2.32 -30.05 -5.04
C GLN FA 116 -1.89 -29.60 -3.65
N THR FA 117 -1.65 -30.53 -2.74
CA THR FA 117 -1.26 -30.14 -1.39
C THR FA 117 0.17 -29.63 -1.34
N ASN FA 118 0.98 -29.91 -2.36
CA ASN FA 118 2.31 -29.34 -2.44
C ASN FA 118 2.29 -27.94 -3.05
N VAL FA 119 1.25 -27.62 -3.82
CA VAL FA 119 1.09 -26.26 -4.33
C VAL FA 119 0.85 -25.30 -3.17
N GLN FA 120 0.03 -25.70 -2.21
CA GLN FA 120 -0.28 -24.84 -1.07
C GLN FA 120 0.98 -24.56 -0.24
N VAL FA 121 1.80 -25.59 -0.02
CA VAL FA 121 3.04 -25.38 0.73
C VAL FA 121 3.99 -24.49 -0.05
N ALA FA 122 4.10 -24.72 -1.36
CA ALA FA 122 4.97 -23.87 -2.18
C ALA FA 122 4.42 -22.44 -2.26
N ASP FA 123 3.10 -22.30 -2.25
CA ASP FA 123 2.51 -20.96 -2.27
C ASP FA 123 2.64 -20.28 -0.90
N SER FA 124 2.45 -21.04 0.18
CA SER FA 124 2.57 -20.46 1.51
C SER FA 124 4.02 -20.12 1.84
N SER FA 125 4.96 -20.98 1.44
CA SER FA 125 6.37 -20.67 1.65
C SER FA 125 6.80 -19.44 0.87
N LYS FA 126 6.13 -19.15 -0.24
CA LYS FA 126 6.41 -17.92 -0.98
C LYS FA 126 6.07 -16.69 -0.16
N GLN FA 127 4.95 -16.73 0.57
CA GLN FA 127 4.54 -15.56 1.35
C GLN FA 127 5.49 -15.31 2.51
N MET FA 128 6.00 -16.37 3.14
CA MET FA 128 6.92 -16.20 4.26
C MET FA 128 8.22 -15.52 3.81
N LEU FA 129 8.63 -15.75 2.56
CA LEU FA 129 9.83 -15.08 2.05
C LEU FA 129 9.56 -13.61 1.78
N LEU FA 130 8.38 -13.28 1.25
CA LEU FA 130 8.08 -11.88 0.96
C LEU FA 130 8.00 -11.05 2.23
N ARG FA 131 7.42 -11.60 3.29
CA ARG FA 131 7.39 -10.89 4.57
C ARG FA 131 8.78 -10.77 5.17
N THR FA 132 9.66 -11.74 4.92
CA THR FA 132 11.02 -11.66 5.41
C THR FA 132 11.76 -10.47 4.80
N LEU FA 133 11.54 -10.22 3.50
CA LEU FA 133 12.11 -9.03 2.86
C LEU FA 133 11.58 -7.76 3.48
N GLN FA 134 10.33 -7.79 3.97
CA GLN FA 134 9.71 -6.61 4.55
C GLN FA 134 10.14 -6.36 6.00
N MET FA 135 10.90 -7.28 6.59
CA MET FA 135 11.32 -7.11 7.99
C MET FA 135 12.23 -5.91 8.14
N GLY FA 136 12.07 -5.17 9.23
CA GLY FA 136 12.90 -4.04 9.56
C GLY FA 136 12.43 -2.72 9.01
N GLN FA 137 11.42 -2.73 8.15
CA GLN FA 137 10.90 -1.50 7.57
C GLN FA 137 9.39 -1.39 7.79
N SER GA 2 15.56 -6.45 -21.27
CA SER GA 2 14.36 -5.88 -21.87
C SER GA 2 13.13 -6.67 -21.44
N LEU GA 3 12.68 -6.45 -20.21
CA LEU GA 3 11.56 -7.21 -19.67
C LEU GA 3 10.25 -6.91 -20.40
N PHE GA 4 10.19 -5.83 -21.18
CA PHE GA 4 8.99 -5.56 -21.97
C PHE GA 4 8.80 -6.59 -23.08
N ASN GA 5 9.88 -7.23 -23.52
CA ASN GA 5 9.77 -8.26 -24.55
C ASN GA 5 8.98 -9.47 -24.07
N VAL GA 6 8.80 -9.62 -22.75
CA VAL GA 6 7.92 -10.66 -22.23
C VAL GA 6 6.50 -10.43 -22.70
N PHE GA 7 6.07 -9.16 -22.76
CA PHE GA 7 4.73 -8.86 -23.23
C PHE GA 7 4.54 -9.23 -24.70
N ASN GA 8 5.59 -9.10 -25.51
CA ASN GA 8 5.49 -9.51 -26.91
C ASN GA 8 5.37 -11.01 -27.04
N VAL GA 9 5.91 -11.78 -26.08
CA VAL GA 9 5.86 -13.23 -26.15
C VAL GA 9 4.54 -13.75 -25.59
N THR GA 10 4.18 -13.30 -24.38
CA THR GA 10 2.91 -13.71 -23.79
C THR GA 10 1.73 -13.24 -24.65
N GLY GA 11 1.81 -12.01 -25.16
CA GLY GA 11 0.75 -11.52 -26.03
C GLY GA 11 0.61 -12.34 -27.30
N SER GA 12 1.74 -12.74 -27.90
CA SER GA 12 1.69 -13.58 -29.09
C SER GA 12 1.08 -14.95 -28.77
N ALA GA 13 1.42 -15.51 -27.61
CA ALA GA 13 0.83 -16.77 -27.20
C ALA GA 13 -0.67 -16.63 -26.99
N MET GA 14 -1.11 -15.52 -26.39
CA MET GA 14 -2.53 -15.29 -26.22
C MET GA 14 -3.26 -15.23 -27.56
N SER GA 15 -2.65 -14.59 -28.56
CA SER GA 15 -3.23 -14.56 -29.89
C SER GA 15 -3.20 -15.93 -30.54
N ALA GA 16 -2.11 -16.67 -30.34
CA ALA GA 16 -1.98 -18.00 -30.93
C ALA GA 16 -3.04 -18.95 -30.38
N GLU GA 17 -3.25 -18.93 -29.06
CA GLU GA 17 -4.25 -19.82 -28.46
C GLU GA 17 -5.66 -19.37 -28.78
N SER GA 18 -5.87 -18.10 -29.12
CA SER GA 18 -7.19 -17.65 -29.53
C SER GA 18 -7.54 -18.17 -30.92
N VAL GA 19 -6.54 -18.24 -31.80
CA VAL GA 19 -6.76 -18.80 -33.14
C VAL GA 19 -7.11 -20.28 -33.03
N ARG GA 20 -6.39 -21.02 -32.19
CA ARG GA 20 -6.66 -22.44 -32.05
C ARG GA 20 -8.02 -22.73 -31.46
N LEU GA 21 -8.52 -21.85 -30.59
CA LEU GA 21 -9.86 -22.04 -30.03
C LEU GA 21 -10.93 -21.82 -31.09
N ASN GA 22 -10.77 -20.78 -31.90
CA ASN GA 22 -11.75 -20.51 -32.96
C ASN GA 22 -11.78 -21.65 -33.97
N THR GA 23 -10.62 -22.20 -34.31
CA THR GA 23 -10.57 -23.34 -35.22
C THR GA 23 -11.28 -24.54 -34.63
N THR GA 24 -11.14 -24.76 -33.32
CA THR GA 24 -11.89 -25.82 -32.66
C THR GA 24 -13.39 -25.54 -32.69
N SER GA 25 -13.77 -24.27 -32.54
CA SER GA 25 -15.19 -23.92 -32.60
C SER GA 25 -15.76 -24.22 -33.98
N SER GA 26 -15.00 -23.92 -35.04
CA SER GA 26 -15.49 -24.21 -36.38
C SER GA 26 -15.54 -25.70 -36.66
N ASN GA 27 -14.60 -26.47 -36.08
CA ASN GA 27 -14.63 -27.91 -36.23
C ASN GA 27 -15.84 -28.54 -35.52
N LEU GA 28 -16.15 -28.08 -34.31
CA LEU GA 28 -17.30 -28.62 -33.60
C LEU GA 28 -18.61 -28.27 -34.29
N ALA GA 29 -18.72 -27.06 -34.84
CA ALA GA 29 -19.93 -26.63 -35.51
C ALA GA 29 -20.10 -27.26 -36.89
N ASN GA 30 -19.06 -27.85 -37.45
CA ASN GA 30 -19.10 -28.41 -38.79
C ASN GA 30 -18.68 -29.88 -38.80
N ALA GA 31 -19.01 -30.62 -37.74
CA ALA GA 31 -18.74 -32.05 -37.70
C ALA GA 31 -19.83 -32.86 -38.38
N ASP GA 32 -20.94 -32.24 -38.76
CA ASP GA 32 -22.08 -32.93 -39.35
C ASP GA 32 -22.56 -32.23 -40.62
N SER GA 33 -21.70 -31.47 -41.28
CA SER GA 33 -22.08 -30.64 -42.42
C SER GA 33 -21.59 -31.33 -43.70
N VAL GA 34 -22.51 -32.01 -44.39
CA VAL GA 34 -22.16 -32.65 -45.66
C VAL GA 34 -21.92 -31.64 -46.78
N SER GA 35 -22.68 -30.56 -46.84
CA SER GA 35 -22.59 -29.58 -47.90
C SER GA 35 -21.72 -28.40 -47.46
N SER GA 36 -21.38 -27.55 -48.42
CA SER GA 36 -20.51 -26.41 -48.17
C SER GA 36 -20.77 -25.34 -49.22
N SER GA 37 -20.53 -24.09 -48.83
CA SER GA 37 -20.78 -22.98 -49.74
C SER GA 37 -19.90 -23.06 -50.98
N ALA GA 38 -18.62 -23.42 -50.80
CA ALA GA 38 -17.68 -23.58 -51.89
C ALA GA 38 -17.43 -25.05 -52.22
N LYS GA 39 -18.35 -25.91 -51.85
CA LYS GA 39 -18.23 -27.38 -52.00
C LYS GA 39 -16.96 -27.81 -51.27
N ASP GA 40 -16.23 -28.79 -51.78
CA ASP GA 40 -14.95 -29.30 -51.28
C ASP GA 40 -15.10 -30.15 -50.02
N THR GA 41 -16.30 -30.24 -49.43
CA THR GA 41 -16.58 -31.15 -48.32
C THR GA 41 -15.66 -30.87 -47.13
N TYR GA 42 -15.95 -29.73 -46.48
CA TYR GA 42 -15.14 -29.16 -45.41
C TYR GA 42 -14.48 -30.24 -44.54
N LYS GA 43 -13.17 -30.09 -44.35
CA LYS GA 43 -12.38 -30.98 -43.55
C LYS GA 43 -11.88 -30.23 -42.31
N ALA GA 44 -11.60 -30.99 -41.25
CA ALA GA 44 -11.19 -30.38 -39.99
C ALA GA 44 -9.93 -29.54 -40.18
N ARG GA 45 -10.00 -28.30 -39.72
CA ARG GA 45 -8.91 -27.34 -39.86
C ARG GA 45 -8.09 -27.30 -38.58
N HIS GA 46 -6.82 -26.90 -38.72
CA HIS GA 46 -5.92 -26.79 -37.58
C HIS GA 46 -4.92 -25.66 -37.85
N ALA GA 47 -4.72 -24.81 -36.85
CA ALA GA 47 -3.69 -23.79 -36.93
C ALA GA 47 -2.31 -24.44 -36.82
N VAL GA 48 -1.30 -23.75 -37.34
CA VAL GA 48 0.08 -24.22 -37.30
C VAL GA 48 0.90 -23.19 -36.53
N PHE GA 49 1.42 -23.59 -35.37
CA PHE GA 49 2.26 -22.70 -34.58
C PHE GA 49 3.70 -22.76 -35.07
N GLY GA 50 4.46 -21.70 -34.78
CA GLY GA 50 5.85 -21.65 -35.17
C GLY GA 50 6.74 -20.89 -34.20
N ALA GA 51 7.99 -21.30 -34.10
CA ALA GA 51 8.98 -20.62 -33.25
C ALA GA 51 10.21 -20.34 -34.10
N GLU GA 52 10.44 -19.07 -34.42
CA GLU GA 52 11.58 -18.67 -35.24
C GLU GA 52 12.82 -18.55 -34.37
N LEU GA 53 13.36 -19.72 -34.00
CA LEU GA 53 14.56 -19.80 -33.18
C LEU GA 53 15.79 -19.86 -34.08
N SER GA 54 16.76 -18.99 -33.83
CA SER GA 54 17.96 -18.93 -34.64
C SER GA 54 19.09 -18.26 -33.88
N ASP GA 61 17.09 -15.18 -26.20
CA ASP GA 61 16.26 -14.17 -25.55
C ASP GA 61 14.79 -14.54 -25.59
N THR GA 62 14.03 -13.88 -26.46
CA THR GA 62 12.59 -14.08 -26.57
C THR GA 62 12.26 -14.57 -27.97
N VAL GA 63 11.47 -15.64 -28.06
CA VAL GA 63 11.05 -16.22 -29.32
C VAL GA 63 9.52 -16.25 -29.34
N PRO GA 64 8.89 -15.26 -29.96
CA PRO GA 64 7.42 -15.27 -30.03
C PRO GA 64 6.89 -16.43 -30.86
N VAL GA 65 5.70 -16.90 -30.51
CA VAL GA 65 5.02 -17.96 -31.24
C VAL GA 65 4.07 -17.32 -32.23
N LYS GA 66 4.20 -17.69 -33.51
CA LYS GA 66 3.42 -17.09 -34.59
C LYS GA 66 2.68 -18.16 -35.37
N VAL GA 67 1.44 -17.86 -35.72
CA VAL GA 67 0.63 -18.75 -36.56
C VAL GA 67 0.97 -18.49 -38.01
N MET GA 68 1.37 -19.54 -38.73
CA MET GA 68 1.76 -19.41 -40.12
C MET GA 68 0.69 -19.88 -41.09
N GLY GA 69 -0.51 -20.20 -40.59
CA GLY GA 69 -1.60 -20.60 -41.47
C GLY GA 69 -2.40 -21.77 -40.95
N ILE GA 70 -3.52 -22.04 -41.60
CA ILE GA 70 -4.41 -23.14 -41.23
C ILE GA 70 -4.22 -24.29 -42.18
N VAL GA 71 -4.08 -25.50 -41.63
CA VAL GA 71 -3.86 -26.71 -42.40
C VAL GA 71 -4.97 -27.70 -42.09
N GLU GA 72 -5.64 -28.19 -43.13
CA GLU GA 72 -6.71 -29.17 -42.97
C GLU GA 72 -6.15 -30.52 -42.56
N SER GA 73 -6.92 -31.25 -41.75
CA SER GA 73 -6.51 -32.57 -41.31
C SER GA 73 -6.41 -33.52 -42.49
N ASP GA 74 -5.47 -34.46 -42.41
CA ASP GA 74 -5.24 -35.43 -43.46
C ASP GA 74 -6.05 -36.71 -43.26
N LYS GA 75 -6.90 -36.76 -42.25
CA LYS GA 75 -7.72 -37.93 -42.00
C LYS GA 75 -8.74 -38.09 -43.12
N PRO GA 76 -9.03 -39.31 -43.55
CA PRO GA 76 -10.03 -39.51 -44.60
C PRO GA 76 -11.41 -39.05 -44.17
N LEU GA 77 -12.17 -38.55 -45.13
CA LEU GA 77 -13.55 -38.15 -44.85
C LEU GA 77 -14.39 -39.36 -44.50
N SER GA 78 -15.26 -39.22 -43.50
CA SER GA 78 -16.14 -40.30 -43.10
C SER GA 78 -17.19 -40.52 -44.17
N ALA GA 79 -17.35 -41.77 -44.61
CA ALA GA 79 -18.30 -42.11 -45.65
C ALA GA 79 -19.55 -42.73 -45.03
N GLU GA 80 -20.70 -42.16 -45.35
CA GLU GA 80 -21.98 -42.64 -44.86
C GLU GA 80 -22.82 -43.13 -46.03
N TYR GA 81 -23.42 -44.32 -45.86
CA TYR GA 81 -24.24 -44.93 -46.91
C TYR GA 81 -25.65 -44.36 -46.78
N ASN GA 82 -25.96 -43.36 -47.61
CA ASN GA 82 -27.29 -42.74 -47.66
C ASN GA 82 -27.69 -42.71 -49.13
N PRO GA 83 -28.12 -43.85 -49.68
CA PRO GA 83 -28.34 -43.93 -51.13
C PRO GA 83 -29.46 -43.03 -51.64
N ASP GA 84 -30.39 -42.62 -50.79
CA ASP GA 84 -31.49 -41.75 -51.20
C ASP GA 84 -31.16 -40.28 -51.06
N HIS GA 85 -30.01 -39.94 -50.50
CA HIS GA 85 -29.62 -38.55 -50.38
C HIS GA 85 -29.29 -37.98 -51.77
N PRO GA 86 -29.65 -36.72 -52.03
CA PRO GA 86 -29.36 -36.14 -53.35
C PRO GA 86 -27.88 -36.11 -53.71
N LEU GA 87 -27.00 -36.05 -52.71
CA LEU GA 87 -25.56 -35.96 -52.96
C LEU GA 87 -24.88 -37.32 -53.00
N ALA GA 88 -25.65 -38.40 -52.96
CA ALA GA 88 -25.05 -39.74 -53.02
C ALA GA 88 -24.37 -39.95 -54.37
N ASN GA 89 -23.24 -40.65 -54.33
CA ASN GA 89 -22.47 -40.94 -55.54
C ASN GA 89 -23.05 -42.17 -56.24
N GLU GA 90 -22.31 -42.70 -57.20
CA GLU GA 90 -22.78 -43.87 -57.95
C GLU GA 90 -22.92 -45.11 -57.08
N GLU GA 91 -22.32 -45.12 -55.90
CA GLU GA 91 -22.40 -46.25 -54.97
C GLU GA 91 -23.36 -46.00 -53.82
N GLY GA 92 -23.94 -44.80 -53.73
CA GLY GA 92 -24.87 -44.48 -52.67
C GLY GA 92 -24.27 -43.86 -51.43
N TYR GA 93 -22.98 -43.56 -51.43
CA TYR GA 93 -22.30 -43.01 -50.27
C TYR GA 93 -22.28 -41.48 -50.31
N ILE GA 94 -22.24 -40.87 -49.13
CA ILE GA 94 -21.99 -39.45 -48.97
C ILE GA 94 -20.81 -39.29 -48.02
N TYR GA 95 -20.14 -38.15 -48.13
CA TYR GA 95 -18.92 -37.90 -47.39
C TYR GA 95 -19.12 -36.76 -46.39
N LYS GA 96 -18.58 -36.94 -45.20
CA LYS GA 96 -18.76 -36.04 -44.08
C LYS GA 96 -17.40 -35.66 -43.50
N PRO GA 97 -17.33 -34.53 -42.79
CA PRO GA 97 -16.03 -34.10 -42.23
C PRO GA 97 -15.46 -35.14 -41.27
N ASN GA 98 -14.14 -35.09 -41.13
CA ASN GA 98 -13.38 -36.04 -40.33
C ASN GA 98 -13.11 -35.52 -38.92
N VAL GA 99 -14.05 -34.76 -38.36
CA VAL GA 99 -13.86 -34.19 -37.02
C VAL GA 99 -14.05 -35.27 -35.97
N ASN GA 100 -13.07 -35.41 -35.08
CA ASN GA 100 -13.12 -36.38 -33.99
C ASN GA 100 -13.42 -35.65 -32.70
N VAL GA 101 -14.47 -36.09 -31.99
CA VAL GA 101 -14.94 -35.37 -30.82
C VAL GA 101 -13.90 -35.37 -29.72
N MET GA 102 -13.29 -36.53 -29.45
CA MET GA 102 -12.40 -36.65 -28.30
C MET GA 102 -11.18 -35.76 -28.43
N GLU GA 103 -10.73 -35.49 -29.65
CA GLU GA 103 -9.56 -34.65 -29.83
C GLU GA 103 -9.91 -33.18 -29.87
N GLU GA 104 -11.14 -32.83 -30.23
CA GLU GA 104 -11.56 -31.43 -30.18
C GLU GA 104 -11.78 -30.98 -28.74
N MET GA 105 -12.28 -31.88 -27.89
CA MET GA 105 -12.49 -31.52 -26.49
C MET GA 105 -11.17 -31.27 -25.77
N ALA GA 106 -10.14 -32.05 -26.11
CA ALA GA 106 -8.81 -31.83 -25.53
C ALA GA 106 -8.25 -30.48 -25.96
N ASN GA 107 -8.46 -30.11 -27.22
CA ASN GA 107 -8.00 -28.80 -27.69
C ASN GA 107 -8.74 -27.66 -27.00
N MET GA 108 -10.03 -27.87 -26.70
CA MET GA 108 -10.76 -26.87 -25.94
C MET GA 108 -10.18 -26.68 -24.55
N ILE GA 109 -9.81 -27.77 -23.89
CA ILE GA 109 -9.18 -27.68 -22.56
C ILE GA 109 -7.77 -27.13 -22.69
N SER GA 110 -7.00 -27.63 -23.66
CA SER GA 110 -5.61 -27.23 -23.78
C SER GA 110 -5.48 -25.75 -24.14
N ALA GA 111 -6.28 -25.27 -25.09
CA ALA GA 111 -6.18 -23.89 -25.51
C ALA GA 111 -6.61 -22.93 -24.40
N SER GA 112 -7.65 -23.29 -23.65
CA SER GA 112 -8.13 -22.42 -22.59
C SER GA 112 -7.10 -22.31 -21.47
N ARG GA 113 -6.53 -23.43 -21.03
CA ARG GA 113 -5.58 -23.39 -19.94
C ARG GA 113 -4.26 -22.75 -20.38
N ALA GA 114 -3.85 -22.97 -21.63
CA ALA GA 114 -2.66 -22.31 -22.13
C ALA GA 114 -2.88 -20.79 -22.25
N TYR GA 115 -4.10 -20.39 -22.61
CA TYR GA 115 -4.41 -18.97 -22.67
C TYR GA 115 -4.34 -18.32 -21.28
N GLN GA 116 -4.83 -19.02 -20.26
CA GLN GA 116 -4.93 -18.43 -18.94
C GLN GA 116 -3.56 -18.36 -18.25
N THR GA 117 -2.67 -19.31 -18.54
CA THR GA 117 -1.37 -19.30 -17.90
C THR GA 117 -0.46 -18.21 -18.48
N ASN GA 118 -0.71 -17.78 -19.71
CA ASN GA 118 0.05 -16.68 -20.27
C ASN GA 118 -0.41 -15.34 -19.70
N VAL GA 119 -1.63 -15.29 -19.16
CA VAL GA 119 -2.07 -14.10 -18.44
C VAL GA 119 -1.28 -13.95 -17.14
N GLN GA 120 -1.04 -15.07 -16.45
CA GLN GA 120 -0.30 -15.04 -15.20
C GLN GA 120 1.12 -14.55 -15.42
N VAL GA 121 1.77 -15.00 -16.50
CA VAL GA 121 3.13 -14.56 -16.79
C VAL GA 121 3.15 -13.08 -17.14
N ALA GA 122 2.18 -12.64 -17.95
CA ALA GA 122 2.10 -11.22 -18.30
C ALA GA 122 1.80 -10.37 -17.07
N ASP GA 123 0.90 -10.85 -16.20
CA ASP GA 123 0.59 -10.10 -14.98
C ASP GA 123 1.78 -10.08 -14.03
N SER GA 124 2.46 -11.21 -13.87
CA SER GA 124 3.63 -11.25 -12.98
C SER GA 124 4.77 -10.41 -13.54
N SER GA 125 4.96 -10.42 -14.86
CA SER GA 125 5.99 -9.58 -15.46
C SER GA 125 5.66 -8.10 -15.33
N LYS GA 126 4.37 -7.78 -15.27
CA LYS GA 126 3.97 -6.38 -15.06
C LYS GA 126 4.37 -5.90 -13.67
N GLN GA 127 4.27 -6.77 -12.67
CA GLN GA 127 4.64 -6.39 -11.30
C GLN GA 127 6.13 -6.14 -11.18
N MET GA 128 6.96 -6.95 -11.87
CA MET GA 128 8.40 -6.79 -11.78
C MET GA 128 8.85 -5.45 -12.37
N LEU GA 129 8.20 -5.02 -13.45
CA LEU GA 129 8.55 -3.73 -14.06
C LEU GA 129 8.24 -2.58 -13.12
N LEU GA 130 7.10 -2.64 -12.41
CA LEU GA 130 6.75 -1.58 -11.48
C LEU GA 130 7.75 -1.50 -10.33
N ARG GA 131 8.19 -2.64 -9.82
CA ARG GA 131 9.22 -2.64 -8.77
C ARG GA 131 10.54 -2.08 -9.28
N THR GA 132 10.86 -2.31 -10.56
CA THR GA 132 12.06 -1.73 -11.13
C THR GA 132 11.99 -0.21 -11.13
N LEU GA 133 10.81 0.35 -11.45
CA LEU GA 133 10.64 1.79 -11.41
C LEU GA 133 10.84 2.36 -10.02
N GLN GA 134 10.60 1.54 -8.98
CA GLN GA 134 10.74 1.99 -7.60
C GLN GA 134 12.12 1.73 -7.03
N MET GA 135 13.05 1.21 -7.83
CA MET GA 135 14.40 0.95 -7.34
C MET GA 135 15.10 2.25 -6.98
N GLY GA 136 15.55 2.34 -5.72
CA GLY GA 136 16.27 3.51 -5.25
C GLY GA 136 15.36 4.70 -4.98
N GLN GA 137 14.51 5.03 -5.95
CA GLN GA 137 13.60 6.15 -5.82
C GLN GA 137 12.42 5.81 -4.91
N SER HA 2 -5.51 14.04 -22.39
CA SER HA 2 -6.57 14.26 -21.40
C SER HA 2 -7.34 12.98 -21.16
N LEU HA 3 -7.00 12.27 -20.08
CA LEU HA 3 -7.66 11.02 -19.76
C LEU HA 3 -9.11 11.19 -19.32
N PHE HA 4 -9.55 12.42 -19.05
CA PHE HA 4 -10.96 12.63 -18.72
C PHE HA 4 -11.87 12.26 -19.88
N ASN HA 5 -11.36 12.29 -21.11
CA ASN HA 5 -12.13 11.83 -22.25
C ASN HA 5 -12.40 10.34 -22.16
N VAL HA 6 -11.44 9.58 -21.65
CA VAL HA 6 -11.58 8.14 -21.45
C VAL HA 6 -12.77 7.86 -20.55
N PHE HA 7 -12.96 8.70 -19.53
CA PHE HA 7 -14.10 8.54 -18.63
C PHE HA 7 -15.42 8.69 -19.38
N ASN HA 8 -15.48 9.65 -20.30
CA ASN HA 8 -16.68 9.80 -21.12
C ASN HA 8 -16.92 8.58 -22.00
N VAL HA 9 -15.85 8.06 -22.61
CA VAL HA 9 -16.01 6.93 -23.53
C VAL HA 9 -16.39 5.66 -22.77
N THR HA 10 -15.70 5.36 -21.67
CA THR HA 10 -16.05 4.19 -20.89
C THR HA 10 -17.43 4.33 -20.26
N GLY HA 11 -17.76 5.54 -19.79
CA GLY HA 11 -19.09 5.77 -19.25
C GLY HA 11 -20.19 5.58 -20.29
N SER HA 12 -19.95 6.06 -21.51
CA SER HA 12 -20.91 5.86 -22.58
C SER HA 12 -21.01 4.39 -22.97
N ALA HA 13 -19.87 3.68 -22.93
CA ALA HA 13 -19.90 2.24 -23.21
C ALA HA 13 -20.66 1.50 -22.13
N MET HA 14 -20.43 1.84 -20.86
CA MET HA 14 -21.13 1.18 -19.76
C MET HA 14 -22.62 1.45 -19.83
N SER HA 15 -23.01 2.66 -20.21
CA SER HA 15 -24.44 2.95 -20.39
C SER HA 15 -25.02 2.13 -21.54
N ALA HA 16 -24.26 1.97 -22.62
CA ALA HA 16 -24.74 1.17 -23.75
C ALA HA 16 -24.92 -0.28 -23.37
N GLU HA 17 -23.98 -0.84 -22.59
CA GLU HA 17 -24.10 -2.23 -22.16
C GLU HA 17 -25.29 -2.40 -21.23
N SER HA 18 -25.55 -1.41 -20.36
CA SER HA 18 -26.71 -1.49 -19.49
C SER HA 18 -28.01 -1.49 -20.27
N VAL HA 19 -28.08 -0.70 -21.35
CA VAL HA 19 -29.26 -0.72 -22.22
C VAL HA 19 -29.43 -2.08 -22.88
N ARG HA 20 -28.31 -2.66 -23.34
CA ARG HA 20 -28.39 -3.98 -23.97
C ARG HA 20 -28.82 -5.04 -22.97
N LEU HA 21 -28.34 -4.96 -21.73
CA LEU HA 21 -28.72 -5.94 -20.72
C LEU HA 21 -30.21 -5.89 -20.41
N ASN HA 22 -30.77 -4.68 -20.31
CA ASN HA 22 -32.20 -4.54 -20.05
C ASN HA 22 -33.01 -5.06 -21.23
N THR HA 23 -32.52 -4.85 -22.45
CA THR HA 23 -33.19 -5.40 -23.61
C THR HA 23 -33.18 -6.93 -23.59
N THR HA 24 -32.06 -7.53 -23.19
CA THR HA 24 -32.00 -8.97 -23.03
C THR HA 24 -32.93 -9.45 -21.93
N SER HA 25 -33.02 -8.68 -20.84
CA SER HA 25 -33.89 -9.07 -19.72
C SER HA 25 -35.35 -9.10 -20.16
N SER HA 26 -35.76 -8.14 -20.99
CA SER HA 26 -37.15 -8.11 -21.44
C SER HA 26 -37.44 -9.24 -22.41
N ASN HA 27 -36.47 -9.58 -23.26
CA ASN HA 27 -36.67 -10.67 -24.22
C ASN HA 27 -36.85 -12.01 -23.51
N LEU HA 28 -36.03 -12.27 -22.49
CA LEU HA 28 -36.17 -13.51 -21.74
C LEU HA 28 -37.48 -13.57 -20.98
N ALA HA 29 -37.93 -12.45 -20.42
CA ALA HA 29 -39.19 -12.41 -19.71
C ALA HA 29 -40.41 -12.44 -20.64
N ASN HA 30 -40.27 -11.98 -21.88
CA ASN HA 30 -41.37 -11.92 -22.82
C ASN HA 30 -41.17 -12.86 -23.99
N ALA HA 31 -40.48 -13.98 -23.76
CA ALA HA 31 -40.30 -14.99 -24.80
C ALA HA 31 -41.47 -15.95 -24.89
N ASP HA 32 -42.50 -15.79 -24.05
CA ASP HA 32 -43.61 -16.71 -23.97
C ASP HA 32 -44.95 -15.97 -23.88
N SER HA 33 -45.00 -14.71 -24.32
CA SER HA 33 -46.18 -13.86 -24.14
C SER HA 33 -46.91 -13.72 -25.47
N VAL HA 34 -48.09 -14.32 -25.58
CA VAL HA 34 -48.91 -14.18 -26.77
C VAL HA 34 -49.70 -12.88 -26.79
N SER HA 35 -49.82 -12.20 -25.65
CA SER HA 35 -50.54 -10.95 -25.53
C SER HA 35 -49.56 -9.79 -25.49
N SER HA 36 -50.10 -8.58 -25.30
CA SER HA 36 -49.28 -7.38 -25.21
C SER HA 36 -50.08 -6.30 -24.52
N SER HA 37 -49.41 -5.18 -24.21
CA SER HA 37 -50.07 -4.07 -23.56
C SER HA 37 -51.18 -3.50 -24.42
N ALA HA 38 -50.84 -2.91 -25.57
CA ALA HA 38 -51.88 -2.31 -26.41
C ALA HA 38 -52.50 -3.31 -27.39
N LYS HA 39 -51.80 -3.60 -28.49
CA LYS HA 39 -52.39 -4.49 -29.49
C LYS HA 39 -51.40 -5.29 -30.34
N ASP HA 40 -50.11 -5.34 -30.00
CA ASP HA 40 -49.14 -5.88 -30.95
C ASP HA 40 -48.21 -6.86 -30.26
N THR HA 41 -48.13 -8.07 -30.82
CA THR HA 41 -47.33 -9.14 -30.22
C THR HA 41 -45.88 -8.72 -30.08
N TYR HA 42 -45.30 -9.04 -28.92
CA TYR HA 42 -43.91 -8.68 -28.64
C TYR HA 42 -42.97 -9.30 -29.67
N LYS HA 43 -42.01 -8.49 -30.12
CA LYS HA 43 -40.97 -8.94 -31.06
C LYS HA 43 -39.62 -8.66 -30.41
N ALA HA 44 -38.67 -9.57 -30.53
CA ALA HA 44 -37.37 -9.45 -29.87
C ALA HA 44 -36.71 -8.11 -30.17
N ARG HA 45 -36.49 -7.32 -29.13
CA ARG HA 45 -35.92 -5.99 -29.28
C ARG HA 45 -34.39 -6.07 -29.25
N HIS HA 46 -33.77 -5.07 -29.87
CA HIS HA 46 -32.32 -4.98 -29.91
C HIS HA 46 -31.90 -3.52 -29.98
N ALA HA 47 -31.06 -3.10 -29.04
CA ALA HA 47 -30.50 -1.76 -29.08
C ALA HA 47 -29.55 -1.62 -30.24
N VAL HA 48 -29.40 -0.39 -30.74
CA VAL HA 48 -28.51 -0.08 -31.86
C VAL HA 48 -27.37 0.79 -31.34
N PHE HA 49 -26.16 0.27 -31.41
CA PHE HA 49 -24.97 1.05 -31.04
C PHE HA 49 -24.48 1.81 -32.25
N GLY HA 50 -23.81 2.94 -31.99
CA GLY HA 50 -23.28 3.74 -33.08
C GLY HA 50 -21.98 4.44 -32.75
N ALA HA 51 -21.12 4.61 -33.75
CA ALA HA 51 -19.85 5.30 -33.61
C ALA HA 51 -19.79 6.43 -34.61
N GLU HA 52 -19.78 7.67 -34.11
CA GLU HA 52 -19.80 8.85 -34.96
C GLU HA 52 -18.37 9.27 -35.32
N LEU HA 53 -17.69 8.38 -36.02
CA LEU HA 53 -16.31 8.65 -36.42
C LEU HA 53 -16.25 9.80 -37.42
N SER HA 54 -15.24 10.63 -37.29
CA SER HA 54 -15.07 11.79 -38.16
C SER HA 54 -13.86 11.62 -39.06
N ASP HA 61 -7.94 11.26 -30.97
CA ASP HA 61 -9.02 11.56 -30.04
C ASP HA 61 -9.85 10.32 -29.73
N THR HA 62 -11.08 10.53 -29.26
CA THR HA 62 -11.95 9.45 -28.84
C THR HA 62 -13.30 9.54 -29.54
N VAL HA 63 -13.92 8.39 -29.74
CA VAL HA 63 -15.24 8.29 -30.36
C VAL HA 63 -16.18 7.58 -29.39
N PRO HA 64 -17.02 8.33 -28.68
CA PRO HA 64 -17.97 7.70 -27.76
C PRO HA 64 -18.99 6.85 -28.51
N VAL HA 65 -19.46 5.80 -27.85
CA VAL HA 65 -20.49 4.92 -28.39
C VAL HA 65 -21.83 5.31 -27.80
N LYS HA 66 -22.82 5.54 -28.66
CA LYS HA 66 -24.12 6.01 -28.25
C LYS HA 66 -25.21 5.07 -28.77
N VAL HA 67 -26.19 4.79 -27.92
CA VAL HA 67 -27.37 4.05 -28.32
C VAL HA 67 -28.33 4.99 -29.03
N MET HA 68 -28.77 4.58 -30.22
CA MET HA 68 -29.57 5.45 -31.08
C MET HA 68 -31.00 4.95 -31.27
N GLY HA 69 -31.46 4.03 -30.43
CA GLY HA 69 -32.82 3.54 -30.52
C GLY HA 69 -32.90 2.02 -30.46
N ILE HA 70 -34.10 1.52 -30.18
CA ILE HA 70 -34.34 0.08 -30.09
C ILE HA 70 -35.07 -0.38 -31.34
N VAL HA 71 -34.58 -1.45 -31.94
CA VAL HA 71 -35.13 -2.00 -33.18
C VAL HA 71 -35.48 -3.47 -32.94
N GLU HA 72 -36.71 -3.84 -33.29
CA GLU HA 72 -37.15 -5.22 -33.14
C GLU HA 72 -36.50 -6.12 -34.19
N SER HA 73 -36.32 -7.38 -33.83
CA SER HA 73 -35.79 -8.36 -34.76
C SER HA 73 -36.78 -8.62 -35.88
N ASP HA 74 -36.25 -8.91 -37.07
CA ASP HA 74 -37.06 -9.11 -38.26
C ASP HA 74 -37.42 -10.58 -38.47
N LYS HA 75 -37.06 -11.45 -37.55
CA LYS HA 75 -37.42 -12.85 -37.68
C LYS HA 75 -38.94 -13.02 -37.57
N PRO HA 76 -39.53 -13.94 -38.32
CA PRO HA 76 -40.98 -14.14 -38.23
C PRO HA 76 -41.39 -14.66 -36.87
N LEU HA 77 -42.60 -14.29 -36.46
CA LEU HA 77 -43.15 -14.79 -35.21
C LEU HA 77 -43.43 -16.29 -35.32
N SER HA 78 -43.10 -17.02 -34.26
CA SER HA 78 -43.26 -18.47 -34.24
C SER HA 78 -44.75 -18.79 -34.08
N ALA HA 79 -45.35 -19.32 -35.14
CA ALA HA 79 -46.77 -19.67 -35.10
C ALA HA 79 -46.96 -21.03 -34.44
N GLU HA 80 -47.92 -21.08 -33.50
CA GLU HA 80 -48.25 -22.31 -32.80
C GLU HA 80 -49.71 -22.64 -33.03
N TYR HA 81 -50.00 -23.93 -33.14
CA TYR HA 81 -51.36 -24.42 -33.37
C TYR HA 81 -52.05 -24.58 -32.01
N ASN HA 82 -52.83 -23.57 -31.63
CA ASN HA 82 -53.63 -23.59 -30.42
C ASN HA 82 -55.06 -23.25 -30.81
N PRO HA 83 -55.74 -24.16 -31.51
CA PRO HA 83 -57.06 -23.82 -32.08
C PRO HA 83 -58.13 -23.48 -31.07
N ASP HA 84 -58.07 -24.05 -29.87
CA ASP HA 84 -59.06 -23.74 -28.83
C ASP HA 84 -58.73 -22.48 -28.06
N HIS HA 85 -57.59 -21.85 -28.33
CA HIS HA 85 -57.22 -20.62 -27.64
C HIS HA 85 -58.18 -19.50 -28.05
N PRO HA 86 -58.51 -18.59 -27.12
CA PRO HA 86 -59.38 -17.47 -27.49
C PRO HA 86 -58.82 -16.57 -28.58
N LEU HA 87 -57.50 -16.42 -28.66
CA LEU HA 87 -56.87 -15.52 -29.61
C LEU HA 87 -56.49 -16.20 -30.92
N ALA HA 88 -56.91 -17.45 -31.13
CA ALA HA 88 -56.58 -18.15 -32.35
C ALA HA 88 -57.23 -17.48 -33.56
N ASN HA 89 -56.53 -17.51 -34.69
CA ASN HA 89 -57.01 -16.92 -35.92
C ASN HA 89 -57.98 -17.88 -36.61
N GLU HA 90 -58.25 -17.61 -37.90
CA GLU HA 90 -59.20 -18.46 -38.64
C GLU HA 90 -58.67 -19.87 -38.81
N GLU HA 91 -57.34 -20.06 -38.82
CA GLU HA 91 -56.74 -21.36 -38.99
C GLU HA 91 -56.34 -22.01 -37.68
N GLY HA 92 -56.65 -21.39 -36.54
CA GLY HA 92 -56.30 -21.96 -35.26
C GLY HA 92 -54.88 -21.71 -34.81
N TYR HA 93 -54.17 -20.79 -35.45
CA TYR HA 93 -52.79 -20.48 -35.11
C TYR HA 93 -52.72 -19.27 -34.18
N ILE HA 94 -51.84 -19.35 -33.18
CA ILE HA 94 -51.48 -18.20 -32.37
C ILE HA 94 -50.00 -17.94 -32.57
N TYR HA 95 -49.62 -16.67 -32.50
CA TYR HA 95 -48.25 -16.24 -32.76
C TYR HA 95 -47.58 -15.83 -31.46
N LYS HA 96 -46.31 -16.15 -31.33
CA LYS HA 96 -45.52 -15.92 -30.14
C LYS HA 96 -44.22 -15.22 -30.50
N PRO HA 97 -43.61 -14.52 -29.55
CA PRO HA 97 -42.41 -13.73 -29.88
C PRO HA 97 -41.29 -14.58 -30.43
N ASN HA 98 -40.50 -13.97 -31.32
CA ASN HA 98 -39.41 -14.63 -32.00
C ASN HA 98 -38.12 -14.65 -31.19
N VAL HA 99 -38.22 -14.55 -29.86
CA VAL HA 99 -37.03 -14.57 -29.01
C VAL HA 99 -36.38 -15.94 -29.09
N ASN HA 100 -35.09 -15.96 -29.39
CA ASN HA 100 -34.30 -17.19 -29.42
C ASN HA 100 -33.44 -17.25 -28.16
N VAL HA 101 -33.54 -18.38 -27.45
CA VAL HA 101 -32.87 -18.49 -26.15
C VAL HA 101 -31.36 -18.41 -26.31
N MET HA 102 -30.81 -19.09 -27.31
CA MET HA 102 -29.35 -19.20 -27.43
C MET HA 102 -28.70 -17.85 -27.64
N GLU HA 103 -29.28 -17.00 -28.49
CA GLU HA 103 -28.66 -15.71 -28.76
C GLU HA 103 -28.89 -14.73 -27.63
N GLU HA 104 -29.98 -14.87 -26.88
CA GLU HA 104 -30.20 -13.99 -25.72
C GLU HA 104 -29.24 -14.33 -24.59
N MET HA 105 -28.91 -15.61 -24.42
CA MET HA 105 -27.92 -16.00 -23.42
C MET HA 105 -26.54 -15.47 -23.79
N ALA HA 106 -26.19 -15.52 -25.08
CA ALA HA 106 -24.91 -14.95 -25.51
C ALA HA 106 -24.86 -13.46 -25.26
N ASN HA 107 -25.97 -12.76 -25.48
CA ASN HA 107 -26.02 -11.33 -25.17
C ASN HA 107 -25.82 -11.09 -23.68
N MET HA 108 -26.41 -11.94 -22.84
CA MET HA 108 -26.23 -11.80 -21.40
C MET HA 108 -24.77 -11.96 -21.02
N ILE HA 109 -24.08 -12.94 -21.61
CA ILE HA 109 -22.66 -13.13 -21.33
C ILE HA 109 -21.84 -12.01 -21.93
N SER HA 110 -22.12 -11.64 -23.18
CA SER HA 110 -21.30 -10.64 -23.86
C SER HA 110 -21.45 -9.27 -23.22
N ALA HA 111 -22.68 -8.87 -22.90
CA ALA HA 111 -22.89 -7.55 -22.32
C ALA HA 111 -22.25 -7.41 -20.95
N SER HA 112 -22.32 -8.48 -20.14
CA SER HA 112 -21.76 -8.41 -18.80
C SER HA 112 -20.23 -8.34 -18.85
N ARG HA 113 -19.60 -9.16 -19.70
CA ARG HA 113 -18.15 -9.13 -19.80
C ARG HA 113 -17.66 -7.83 -20.42
N ALA HA 114 -18.43 -7.28 -21.37
CA ALA HA 114 -18.07 -5.99 -21.96
C ALA HA 114 -18.26 -4.86 -20.97
N TYR HA 115 -19.27 -4.97 -20.10
CA TYR HA 115 -19.49 -3.94 -19.09
C TYR HA 115 -18.35 -3.91 -18.08
N GLN HA 116 -17.85 -5.07 -17.67
CA GLN HA 116 -16.85 -5.12 -16.61
C GLN HA 116 -15.48 -4.68 -17.11
N THR HA 117 -15.17 -4.92 -18.37
CA THR HA 117 -13.86 -4.52 -18.88
C THR HA 117 -13.76 -3.02 -19.09
N ASN HA 118 -14.89 -2.34 -19.29
CA ASN HA 118 -14.86 -0.88 -19.39
C ASN HA 118 -14.66 -0.24 -18.02
N VAL HA 119 -15.12 -0.90 -16.96
CA VAL HA 119 -14.81 -0.43 -15.60
C VAL HA 119 -13.31 -0.53 -15.34
N GLN HA 120 -12.68 -1.59 -15.84
CA GLN HA 120 -11.25 -1.76 -15.66
C GLN HA 120 -10.47 -0.63 -16.33
N VAL HA 121 -10.89 -0.25 -17.55
CA VAL HA 121 -10.21 0.82 -18.26
C VAL HA 121 -10.37 2.15 -17.52
N ALA HA 122 -11.58 2.45 -17.06
CA ALA HA 122 -11.81 3.68 -16.33
C ALA HA 122 -11.03 3.72 -15.03
N ASP HA 123 -10.97 2.59 -14.32
CA ASP HA 123 -10.19 2.52 -13.09
C ASP HA 123 -8.71 2.69 -13.37
N SER HA 124 -8.20 2.04 -14.42
CA SER HA 124 -6.81 2.22 -14.80
C SER HA 124 -6.54 3.65 -15.28
N SER HA 125 -7.45 4.22 -16.05
CA SER HA 125 -7.30 5.60 -16.48
C SER HA 125 -7.39 6.57 -15.31
N LYS HA 126 -8.17 6.23 -14.28
CA LYS HA 126 -8.23 7.06 -13.09
C LYS HA 126 -6.88 7.14 -12.40
N GLN HA 127 -6.16 6.01 -12.33
CA GLN HA 127 -4.84 6.01 -11.71
C GLN HA 127 -3.86 6.88 -12.49
N MET HA 128 -3.91 6.84 -13.82
CA MET HA 128 -2.94 7.59 -14.61
C MET HA 128 -3.09 9.09 -14.39
N LEU HA 129 -4.31 9.57 -14.22
CA LEU HA 129 -4.51 10.98 -13.89
C LEU HA 129 -3.91 11.32 -12.53
N LEU HA 130 -4.05 10.42 -11.56
CA LEU HA 130 -3.51 10.67 -10.24
C LEU HA 130 -1.98 10.75 -10.25
N ARG HA 131 -1.33 9.89 -11.03
CA ARG HA 131 0.13 9.93 -11.09
C ARG HA 131 0.62 11.18 -11.80
N THR HA 132 -0.18 11.74 -12.69
CA THR HA 132 0.18 13.02 -13.31
C THR HA 132 0.14 14.15 -12.30
N LEU HA 133 -0.81 14.11 -11.37
CA LEU HA 133 -0.88 15.12 -10.32
C LEU HA 133 0.37 15.09 -9.44
N GLN HA 134 0.88 13.90 -9.16
CA GLN HA 134 2.05 13.75 -8.31
C GLN HA 134 3.36 13.94 -9.05
N MET HA 135 3.32 14.18 -10.36
CA MET HA 135 4.54 14.41 -11.12
C MET HA 135 5.25 15.68 -10.64
N GLY HA 136 6.57 15.58 -10.45
CA GLY HA 136 7.38 16.70 -10.05
C GLY HA 136 7.56 16.86 -8.56
N GLN HA 137 6.73 16.24 -7.74
CA GLN HA 137 6.85 16.33 -6.29
C GLN HA 137 6.73 14.96 -5.63
N MET IA 1 -0.45 -27.87 -19.98
CA MET IA 1 -0.66 -28.69 -18.79
C MET IA 1 0.08 -30.02 -18.91
N ASP IA 2 -0.31 -30.98 -18.07
CA ASP IA 2 0.31 -32.29 -18.10
C ASP IA 2 -0.07 -33.04 -19.37
N ARG IA 3 0.90 -33.79 -19.91
CA ARG IA 3 0.67 -34.55 -21.12
C ARG IA 3 -0.17 -35.80 -20.90
N ALA IA 4 -0.51 -36.12 -19.65
CA ALA IA 4 -1.42 -37.23 -19.39
C ALA IA 4 -2.81 -36.95 -19.94
N LEU IA 5 -3.12 -35.68 -20.21
CA LEU IA 5 -4.38 -35.35 -20.88
C LEU IA 5 -4.43 -35.95 -22.29
N PHE IA 6 -3.32 -35.86 -23.02
CA PHE IA 6 -3.28 -36.42 -24.36
C PHE IA 6 -3.03 -37.92 -24.34
N LEU IA 7 -2.38 -38.43 -23.28
CA LEU IA 7 -2.21 -39.87 -23.15
C LEU IA 7 -3.56 -40.56 -22.98
N ALA IA 8 -4.43 -39.99 -22.15
CA ALA IA 8 -5.78 -40.54 -21.99
C ALA IA 8 -6.66 -40.23 -23.19
N MET IA 9 -6.50 -39.06 -23.80
CA MET IA 9 -7.29 -38.72 -24.98
C MET IA 9 -7.02 -39.70 -26.12
N SER IA 10 -5.75 -40.07 -26.31
CA SER IA 10 -5.42 -41.05 -27.33
C SER IA 10 -6.05 -42.40 -27.01
N GLY IA 11 -6.01 -42.80 -25.74
CA GLY IA 11 -6.66 -44.05 -25.35
C GLY IA 11 -8.16 -44.01 -25.56
N ALA IA 12 -8.80 -42.90 -25.20
CA ALA IA 12 -10.24 -42.78 -25.38
C ALA IA 12 -10.61 -42.74 -26.86
N LYS IA 13 -9.76 -42.12 -27.68
CA LYS IA 13 -10.01 -42.09 -29.12
C LYS IA 13 -9.96 -43.50 -29.71
N GLN IA 14 -9.00 -44.31 -29.28
CA GLN IA 14 -8.85 -45.65 -29.83
C GLN IA 14 -9.98 -46.56 -29.37
N ASN IA 15 -10.51 -46.34 -28.17
CA ASN IA 15 -11.63 -47.15 -27.70
C ASN IA 15 -12.87 -46.93 -28.56
N MET IA 16 -13.09 -45.70 -29.03
CA MET IA 16 -14.18 -45.44 -29.96
C MET IA 16 -13.96 -46.15 -31.28
N GLN IA 17 -12.72 -46.16 -31.78
CA GLN IA 17 -12.44 -46.84 -33.04
C GLN IA 17 -12.66 -48.34 -32.93
N ALA IA 18 -12.25 -48.94 -31.80
CA ALA IA 18 -12.55 -50.35 -31.58
C ALA IA 18 -14.05 -50.58 -31.47
N LEU IA 19 -14.78 -49.59 -30.94
CA LEU IA 19 -16.23 -49.70 -30.88
C LEU IA 19 -16.83 -49.76 -32.28
N GLN IA 20 -16.30 -48.96 -33.21
CA GLN IA 20 -16.77 -49.01 -34.59
C GLN IA 20 -16.48 -50.37 -35.22
N LEU IA 21 -15.31 -50.95 -34.90
CA LEU IA 21 -14.98 -52.26 -35.43
C LEU IA 21 -15.93 -53.33 -34.89
N ARG IA 22 -16.30 -53.24 -33.62
CA ARG IA 22 -17.27 -54.18 -33.07
C ARG IA 22 -18.68 -53.88 -33.57
N ALA IA 23 -18.99 -52.59 -33.79
CA ALA IA 23 -20.33 -52.22 -34.26
C ALA IA 23 -20.57 -52.73 -35.67
N ASN IA 24 -19.53 -52.80 -36.50
CA ASN IA 24 -19.67 -53.35 -37.84
C ASN IA 24 -19.95 -54.85 -37.80
N ASN IA 25 -19.38 -55.55 -36.81
CA ASN IA 25 -19.63 -56.98 -36.69
C ASN IA 25 -21.09 -57.27 -36.40
N LEU IA 26 -21.71 -56.49 -35.51
CA LEU IA 26 -23.11 -56.72 -35.17
C LEU IA 26 -24.05 -56.27 -36.28
N ALA IA 27 -23.61 -55.35 -37.14
CA ALA IA 27 -24.44 -54.93 -38.26
C ALA IA 27 -24.48 -55.98 -39.35
N ASN IA 28 -23.46 -56.83 -39.44
CA ASN IA 28 -23.33 -57.83 -40.48
C ASN IA 28 -23.59 -59.25 -39.97
N VAL IA 29 -24.47 -59.40 -38.97
CA VAL IA 29 -24.81 -60.73 -38.48
C VAL IA 29 -25.60 -61.50 -39.52
N SER IA 30 -26.50 -60.83 -40.23
CA SER IA 30 -27.33 -61.49 -41.24
C SER IA 30 -26.67 -61.57 -42.60
N THR IA 31 -25.48 -60.99 -42.77
CA THR IA 31 -24.80 -61.03 -44.05
C THR IA 31 -24.35 -62.45 -44.39
N THR IA 32 -24.36 -62.77 -45.67
CA THR IA 32 -24.02 -64.10 -46.14
C THR IA 32 -22.52 -64.23 -46.33
N GLY IA 33 -21.93 -65.25 -45.72
CA GLY IA 33 -20.50 -65.48 -45.83
C GLY IA 33 -19.65 -64.38 -45.23
N PHE IA 34 -20.01 -63.93 -44.03
CA PHE IA 34 -19.29 -62.86 -43.35
C PHE IA 34 -18.32 -63.44 -42.33
N ARG IA 35 -17.13 -62.87 -42.26
CA ARG IA 35 -16.11 -63.28 -41.31
C ARG IA 35 -15.92 -62.17 -40.28
N ALA IA 36 -16.13 -62.50 -39.01
CA ALA IA 36 -16.02 -61.51 -37.96
C ALA IA 36 -14.59 -61.00 -37.84
N ASP IA 37 -14.45 -59.69 -37.63
CA ASP IA 37 -13.15 -59.04 -37.51
C ASP IA 37 -12.78 -58.92 -36.04
N LEU IA 38 -11.60 -59.41 -35.68
CA LEU IA 38 -11.14 -59.33 -34.31
C LEU IA 38 -10.53 -57.97 -34.02
N ALA IA 39 -10.79 -57.45 -32.83
CA ALA IA 39 -10.27 -56.17 -32.40
C ALA IA 39 -9.41 -56.35 -31.16
N GLN IA 40 -8.20 -55.79 -31.19
CA GLN IA 40 -7.31 -55.80 -30.04
C GLN IA 40 -6.61 -54.45 -29.97
N ALA IA 41 -5.87 -54.24 -28.88
CA ALA IA 41 -5.14 -53.00 -28.66
C ALA IA 41 -3.65 -53.32 -28.57
N ARG IA 42 -2.84 -52.46 -29.17
CA ARG IA 42 -1.39 -52.62 -29.17
C ARG IA 42 -0.77 -51.58 -28.25
N SER IA 43 0.17 -52.02 -27.41
CA SER IA 43 0.89 -51.14 -26.50
C SER IA 43 2.15 -50.66 -27.21
N MET IA 44 2.31 -49.35 -27.34
CA MET IA 44 3.49 -48.74 -27.95
C MET IA 44 4.05 -47.69 -27.00
N GLN IA 45 5.24 -47.97 -26.46
CA GLN IA 45 5.87 -47.07 -25.51
C GLN IA 45 6.60 -45.96 -26.25
N ALA IA 46 6.52 -44.74 -25.71
CA ALA IA 46 7.20 -43.58 -26.28
C ALA IA 46 8.64 -43.57 -25.79
N TYR IA 47 9.49 -44.30 -26.50
CA TYR IA 47 10.89 -44.41 -26.11
C TYR IA 47 11.60 -43.08 -26.31
N GLY IA 48 12.43 -42.71 -25.35
CA GLY IA 48 13.13 -41.44 -25.41
C GLY IA 48 13.81 -41.15 -24.09
N GLU IA 49 14.19 -39.87 -23.93
CA GLU IA 49 14.81 -39.43 -22.69
C GLU IA 49 13.76 -39.26 -21.60
N GLY IA 50 14.08 -39.73 -20.40
CA GLY IA 50 13.21 -39.59 -19.25
C GLY IA 50 12.79 -40.94 -18.70
N HIS IA 51 11.87 -40.88 -17.73
CA HIS IA 51 11.35 -42.09 -17.13
C HIS IA 51 10.36 -42.77 -18.07
N PRO IA 52 10.43 -44.10 -18.21
CA PRO IA 52 9.53 -44.82 -19.14
C PRO IA 52 8.12 -44.96 -18.56
N SER IA 53 7.45 -43.81 -18.39
CA SER IA 53 6.14 -43.78 -17.76
C SER IA 53 4.99 -43.56 -18.73
N ARG IA 54 5.25 -43.16 -19.96
CA ARG IA 54 4.21 -42.88 -20.94
C ARG IA 54 4.16 -44.00 -21.96
N VAL IA 55 3.02 -44.68 -22.03
CA VAL IA 55 2.80 -45.78 -22.97
C VAL IA 55 1.48 -45.53 -23.68
N PHE IA 56 1.49 -45.59 -25.00
CA PHE IA 56 0.28 -45.42 -25.79
C PHE IA 56 -0.34 -46.77 -26.12
N SER IA 57 -1.63 -46.74 -26.43
CA SER IA 57 -2.36 -47.92 -26.88
C SER IA 57 -3.17 -47.55 -28.12
N MET IA 58 -3.02 -48.34 -29.18
CA MET IA 58 -3.76 -48.15 -30.41
C MET IA 58 -4.45 -49.44 -30.81
N THR IA 59 -5.68 -49.33 -31.29
CA THR IA 59 -6.46 -50.48 -31.69
C THR IA 59 -6.13 -50.87 -33.13
N GLU IA 60 -6.13 -52.16 -33.40
CA GLU IA 60 -5.83 -52.70 -34.72
C GLU IA 60 -6.67 -53.94 -34.94
N ARG IA 61 -6.51 -54.55 -36.11
CA ARG IA 61 -7.26 -55.75 -36.48
C ARG IA 61 -6.30 -56.91 -36.69
N PRO IA 62 -6.01 -57.69 -35.65
CA PRO IA 62 -5.02 -58.77 -35.81
C PRO IA 62 -5.44 -59.85 -36.79
N GLY IA 63 -6.73 -60.12 -36.91
CA GLY IA 63 -7.17 -61.18 -37.78
C GLY IA 63 -8.68 -61.23 -37.88
N HIS IA 64 -9.18 -62.34 -38.39
CA HIS IA 64 -10.60 -62.55 -38.59
C HIS IA 64 -11.02 -63.88 -38.00
N ASN IA 65 -12.33 -64.06 -37.86
CA ASN IA 65 -12.90 -65.31 -37.37
C ASN IA 65 -13.26 -66.18 -38.57
N PHE IA 66 -12.48 -67.24 -38.78
CA PHE IA 66 -12.64 -68.11 -39.94
C PHE IA 66 -13.45 -69.36 -39.60
N ALA IA 67 -14.09 -69.42 -38.45
CA ALA IA 67 -14.91 -70.56 -38.11
C ALA IA 67 -16.12 -70.64 -39.03
N GLN IA 68 -16.68 -71.85 -39.16
CA GLN IA 68 -17.82 -72.07 -40.02
C GLN IA 68 -19.01 -71.24 -39.54
N GLY IA 69 -19.66 -70.54 -40.47
CA GLY IA 69 -20.81 -69.74 -40.15
C GLY IA 69 -22.07 -70.57 -40.00
N SER IA 70 -23.17 -69.88 -39.71
CA SER IA 70 -24.46 -70.53 -39.56
C SER IA 70 -24.98 -70.90 -40.94
N VAL IA 71 -25.19 -72.19 -41.18
CA VAL IA 71 -25.63 -72.68 -42.48
C VAL IA 71 -27.15 -72.59 -42.56
N ILE IA 72 -27.66 -71.94 -43.61
CA ILE IA 72 -29.08 -71.77 -43.82
C ILE IA 72 -29.49 -72.64 -45.00
N THR IA 73 -30.39 -73.58 -44.77
CA THR IA 73 -30.89 -74.46 -45.81
C THR IA 73 -32.07 -73.79 -46.50
N THR IA 74 -31.98 -73.65 -47.82
CA THR IA 74 -33.04 -73.03 -48.61
C THR IA 74 -33.61 -73.93 -49.69
N GLY IA 75 -32.99 -75.08 -49.96
CA GLY IA 75 -33.49 -75.97 -51.00
C GLY IA 75 -33.44 -75.37 -52.39
N ARG IA 76 -32.39 -74.62 -52.69
CA ARG IA 76 -32.22 -73.96 -53.98
C ARG IA 76 -31.00 -74.53 -54.66
N ASP IA 77 -31.12 -74.82 -55.96
CA ASP IA 77 -30.06 -75.51 -56.68
C ASP IA 77 -28.78 -74.68 -56.75
N LEU IA 78 -28.91 -73.36 -56.85
CA LEU IA 78 -27.76 -72.48 -56.98
C LEU IA 78 -27.29 -71.89 -55.66
N ASP IA 79 -27.59 -72.55 -54.54
CA ASP IA 79 -27.10 -72.14 -53.23
C ASP IA 79 -26.08 -73.16 -52.75
N VAL IA 80 -24.86 -72.71 -52.50
CA VAL IA 80 -23.76 -73.56 -52.08
C VAL IA 80 -23.10 -72.95 -50.85
N THR IA 81 -22.77 -73.80 -49.89
CA THR IA 81 -22.04 -73.39 -48.70
C THR IA 81 -20.81 -74.28 -48.56
N ILE IA 82 -19.68 -73.68 -48.20
CA ILE IA 82 -18.43 -74.42 -48.09
C ILE IA 82 -18.44 -75.21 -46.78
N GLU IA 83 -18.21 -76.52 -46.89
CA GLU IA 83 -18.09 -77.35 -45.70
C GLU IA 83 -16.69 -77.19 -45.11
N GLY IA 84 -16.62 -76.71 -43.86
CA GLY IA 84 -15.33 -76.49 -43.27
C GLY IA 84 -14.60 -75.33 -43.89
N SER IA 85 -13.28 -75.38 -43.80
CA SER IA 85 -12.44 -74.30 -44.33
C SER IA 85 -12.36 -74.37 -45.84
N GLY IA 86 -12.42 -73.21 -46.48
CA GLY IA 86 -12.35 -73.13 -47.92
C GLY IA 86 -12.86 -71.80 -48.41
N TRP IA 87 -12.65 -71.55 -49.71
CA TRP IA 87 -13.05 -70.30 -50.32
C TRP IA 87 -13.48 -70.56 -51.75
N ILE IA 88 -14.24 -69.61 -52.30
CA ILE IA 88 -14.66 -69.62 -53.69
C ILE IA 88 -14.01 -68.43 -54.38
N SER IA 89 -13.27 -68.71 -55.46
CA SER IA 89 -12.53 -67.66 -56.16
C SER IA 89 -13.48 -66.87 -57.05
N VAL IA 90 -13.49 -65.56 -56.88
CA VAL IA 90 -14.27 -64.65 -57.72
C VAL IA 90 -13.41 -63.47 -58.10
N LEU IA 91 -13.79 -62.78 -59.17
CA LEU IA 91 -13.14 -61.54 -59.57
C LEU IA 91 -14.14 -60.39 -59.46
N ASP IA 92 -13.70 -59.29 -58.85
CA ASP IA 92 -14.59 -58.17 -58.58
C ASP IA 92 -14.76 -57.31 -59.82
N HIS IA 93 -15.33 -56.12 -59.65
CA HIS IA 93 -15.59 -55.23 -60.78
C HIS IA 93 -14.30 -54.82 -61.48
N THR IA 94 -13.25 -54.55 -60.71
CA THR IA 94 -11.98 -54.14 -61.31
C THR IA 94 -11.32 -55.27 -62.09
N GLY IA 95 -11.70 -56.52 -61.83
CA GLY IA 95 -11.11 -57.66 -62.48
C GLY IA 95 -10.04 -58.38 -61.70
N LYS IA 96 -9.81 -57.99 -60.44
CA LYS IA 96 -8.80 -58.62 -59.61
C LYS IA 96 -9.40 -59.80 -58.86
N GLU IA 97 -8.73 -60.95 -58.94
CA GLU IA 97 -9.24 -62.16 -58.30
C GLU IA 97 -9.22 -62.01 -56.79
N GLY IA 98 -10.22 -62.60 -56.14
CA GLY IA 98 -10.31 -62.57 -54.70
C GLY IA 98 -11.16 -63.72 -54.20
N LEU IA 99 -10.94 -64.06 -52.94
CA LEU IA 99 -11.64 -65.17 -52.31
C LEU IA 99 -12.88 -64.67 -51.58
N THR IA 100 -14.00 -65.38 -51.76
CA THR IA 100 -15.24 -65.06 -51.09
C THR IA 100 -15.86 -66.35 -50.57
N ARG IA 101 -16.81 -66.20 -49.65
CA ARG IA 101 -17.52 -67.33 -49.06
C ARG IA 101 -19.02 -67.24 -49.27
N ASN IA 102 -19.48 -66.27 -50.04
CA ASN IA 102 -20.91 -66.10 -50.33
C ASN IA 102 -21.26 -66.97 -51.52
N GLY IA 103 -21.98 -68.05 -51.27
CA GLY IA 103 -22.36 -68.97 -52.32
C GLY IA 103 -23.79 -68.80 -52.81
N ASN IA 104 -24.25 -67.55 -52.88
CA ASN IA 104 -25.59 -67.25 -53.38
C ASN IA 104 -25.45 -66.99 -54.89
N LEU IA 105 -25.24 -68.08 -55.63
CA LEU IA 105 -24.94 -67.99 -57.05
C LEU IA 105 -26.19 -67.68 -57.86
N LYS IA 106 -25.97 -67.13 -59.06
CA LYS IA 106 -27.05 -66.81 -59.97
C LYS IA 106 -26.52 -66.82 -61.40
N VAL IA 107 -27.43 -66.94 -62.36
CA VAL IA 107 -27.09 -66.96 -63.77
C VAL IA 107 -27.84 -65.83 -64.45
N ASP IA 108 -27.11 -64.95 -65.14
CA ASP IA 108 -27.71 -63.82 -65.83
C ASP IA 108 -28.22 -64.26 -67.20
N GLN IA 109 -28.61 -63.29 -68.04
CA GLN IA 109 -29.16 -63.62 -69.35
C GLN IA 109 -28.12 -64.19 -70.29
N ASN IA 110 -26.85 -63.78 -70.14
CA ASN IA 110 -25.81 -64.28 -71.03
C ASN IA 110 -25.35 -65.68 -70.63
N GLY IA 111 -25.71 -66.14 -69.44
CA GLY IA 111 -25.29 -67.43 -68.94
C GLY IA 111 -24.10 -67.39 -68.01
N MET IA 112 -23.52 -66.23 -67.78
CA MET IA 112 -22.37 -66.12 -66.87
C MET IA 112 -22.81 -66.37 -65.43
N LEU IA 113 -22.07 -67.21 -64.73
CA LEU IA 113 -22.39 -67.54 -63.34
C LEU IA 113 -21.74 -66.52 -62.41
N THR IA 114 -22.55 -65.82 -61.65
CA THR IA 114 -22.09 -64.85 -60.66
C THR IA 114 -22.72 -65.18 -59.31
N ASN IA 115 -22.37 -64.38 -58.31
CA ASN IA 115 -22.98 -64.47 -56.99
C ASN IA 115 -23.83 -63.23 -56.73
N ALA IA 116 -24.45 -63.20 -55.55
CA ALA IA 116 -25.37 -62.11 -55.23
C ALA IA 116 -24.67 -60.76 -55.08
N SER IA 117 -23.35 -60.75 -54.93
CA SER IA 117 -22.59 -59.52 -54.85
C SER IA 117 -22.15 -59.01 -56.22
N GLY IA 118 -22.45 -59.74 -57.29
CA GLY IA 118 -22.09 -59.34 -58.63
C GLY IA 118 -20.72 -59.79 -59.10
N HIS IA 119 -20.00 -60.58 -58.30
CA HIS IA 119 -18.67 -61.02 -58.68
C HIS IA 119 -18.75 -62.23 -59.61
N LEU IA 120 -17.91 -62.20 -60.65
CA LEU IA 120 -17.85 -63.33 -61.57
C LEU IA 120 -17.24 -64.54 -60.90
N VAL IA 121 -17.84 -65.70 -61.10
CA VAL IA 121 -17.35 -66.95 -60.50
C VAL IA 121 -16.37 -67.61 -61.46
N LEU IA 122 -15.19 -67.91 -60.96
CA LEU IA 122 -14.13 -68.49 -61.78
C LEU IA 122 -14.34 -69.99 -61.96
N GLY IA 123 -13.67 -70.53 -62.98
CA GLY IA 123 -13.80 -71.94 -63.30
C GLY IA 123 -12.51 -72.71 -63.26
N GLU IA 124 -12.50 -73.90 -63.87
CA GLU IA 124 -11.30 -74.73 -63.85
C GLU IA 124 -10.22 -74.17 -64.77
N ASN IA 125 -10.60 -73.41 -65.80
CA ASN IA 125 -9.64 -72.79 -66.70
C ASN IA 125 -9.17 -71.43 -66.21
N ASP IA 126 -9.52 -71.06 -64.98
CA ASP IA 126 -9.18 -69.78 -64.33
C ASP IA 126 -9.90 -68.61 -64.99
N ALA IA 127 -10.97 -68.88 -65.72
CA ALA IA 127 -11.79 -67.88 -66.39
C ALA IA 127 -13.21 -67.88 -65.82
N PRO IA 128 -13.96 -66.80 -65.98
CA PRO IA 128 -15.34 -66.79 -65.51
C PRO IA 128 -16.17 -67.89 -66.16
N ILE IA 129 -17.05 -68.49 -65.36
CA ILE IA 129 -17.86 -69.62 -65.81
C ILE IA 129 -19.03 -69.09 -66.64
N THR IA 130 -19.12 -69.53 -67.89
CA THR IA 130 -20.23 -69.19 -68.76
C THR IA 130 -20.95 -70.48 -69.15
N LEU IA 131 -22.17 -70.63 -68.68
CA LEU IA 131 -22.98 -71.79 -68.94
C LEU IA 131 -23.74 -71.65 -70.26
N PRO IA 132 -24.18 -72.75 -70.85
CA PRO IA 132 -25.07 -72.64 -72.02
C PRO IA 132 -26.32 -71.85 -71.67
N ILE IA 133 -26.74 -70.99 -72.60
CA ILE IA 133 -27.80 -70.03 -72.29
C ILE IA 133 -29.13 -70.71 -72.01
N PRO IA 134 -29.68 -71.59 -72.89
CA PRO IA 134 -31.00 -72.19 -72.60
C PRO IA 134 -30.93 -73.47 -71.77
N LEU IA 135 -30.77 -73.31 -70.46
CA LEU IA 135 -30.69 -74.46 -69.58
C LEU IA 135 -32.09 -74.98 -69.23
N SER IA 136 -32.11 -76.16 -68.62
CA SER IA 136 -33.34 -76.75 -68.10
C SER IA 136 -33.21 -77.28 -66.69
N LYS IA 137 -32.00 -77.59 -66.23
CA LYS IA 137 -31.79 -78.08 -64.86
C LYS IA 137 -30.30 -77.94 -64.56
N ILE IA 138 -29.97 -77.27 -63.46
CA ILE IA 138 -28.58 -77.02 -63.08
C ILE IA 138 -28.32 -77.74 -61.77
N GLU IA 139 -27.28 -78.57 -61.75
CA GLU IA 139 -26.88 -79.32 -60.57
C GLU IA 139 -25.43 -79.00 -60.23
N ILE IA 140 -25.18 -78.65 -58.98
CA ILE IA 140 -23.83 -78.39 -58.49
C ILE IA 140 -23.42 -79.58 -57.63
N GLY IA 141 -22.31 -80.22 -58.01
CA GLY IA 141 -21.82 -81.36 -57.27
C GLY IA 141 -21.19 -80.96 -55.95
N ARG IA 142 -20.81 -81.98 -55.18
CA ARG IA 142 -20.19 -81.77 -53.89
C ARG IA 142 -18.72 -81.39 -54.00
N ASP IA 143 -18.24 -81.07 -55.20
CA ASP IA 143 -16.85 -80.67 -55.40
C ASP IA 143 -16.71 -79.48 -56.33
N GLY IA 144 -17.81 -78.82 -56.71
CA GLY IA 144 -17.77 -77.68 -57.59
C GLY IA 144 -18.19 -77.96 -59.02
N THR IA 145 -18.33 -79.24 -59.38
CA THR IA 145 -18.71 -79.59 -60.75
C THR IA 145 -20.10 -79.05 -61.08
N ILE IA 146 -20.21 -78.41 -62.22
CA ILE IA 146 -21.48 -77.85 -62.69
C ILE IA 146 -21.99 -78.71 -63.85
N SER IA 147 -23.09 -79.40 -63.63
CA SER IA 147 -23.73 -80.22 -64.65
C SER IA 147 -25.03 -79.56 -65.09
N VAL IA 148 -25.20 -79.38 -66.39
CA VAL IA 148 -26.36 -78.68 -66.93
C VAL IA 148 -27.10 -79.62 -67.86
N LEU IA 149 -28.39 -79.33 -68.05
CA LEU IA 149 -29.25 -80.07 -68.95
C LEU IA 149 -29.72 -79.14 -70.06
N PRO IA 150 -29.33 -79.35 -71.31
CA PRO IA 150 -29.84 -78.50 -72.39
C PRO IA 150 -31.35 -78.59 -72.47
N GLN IA 151 -31.99 -77.46 -72.81
CA GLN IA 151 -33.44 -77.39 -72.80
C GLN IA 151 -34.04 -78.36 -73.80
N GLY IA 152 -34.99 -79.16 -73.34
CA GLY IA 152 -35.65 -80.15 -74.17
C GLY IA 152 -34.91 -81.46 -74.34
N ALA IA 153 -33.71 -81.58 -73.78
CA ALA IA 153 -32.94 -82.81 -73.89
C ALA IA 153 -33.53 -83.88 -72.99
N PRO IA 154 -33.35 -85.17 -73.33
CA PRO IA 154 -33.78 -86.23 -72.43
C PRO IA 154 -32.96 -86.23 -71.15
N ALA IA 155 -33.52 -86.86 -70.13
CA ALA IA 155 -32.89 -86.87 -68.80
C ALA IA 155 -31.50 -87.49 -68.84
N GLU IA 156 -31.22 -88.31 -69.85
CA GLU IA 156 -29.89 -88.91 -69.99
C GLU IA 156 -28.99 -88.05 -70.89
N GLU IA 157 -28.95 -86.75 -70.63
CA GLU IA 157 -28.08 -85.84 -71.37
C GLU IA 157 -27.47 -84.81 -70.43
N PHE IA 158 -27.38 -85.14 -69.14
CA PHE IA 158 -26.70 -84.29 -68.18
C PHE IA 158 -25.20 -84.36 -68.44
N GLN IA 159 -24.57 -83.20 -68.56
CA GLN IA 159 -23.16 -83.11 -68.89
C GLN IA 159 -22.50 -82.04 -68.03
N ALA IA 160 -21.29 -82.34 -67.55
CA ALA IA 160 -20.50 -81.37 -66.80
C ALA IA 160 -19.89 -80.35 -67.76
N VAL IA 161 -20.03 -79.07 -67.43
CA VAL IA 161 -19.54 -78.01 -68.29
C VAL IA 161 -18.40 -77.23 -67.65
N ASP IA 162 -18.32 -77.19 -66.33
CA ASP IA 162 -17.28 -76.42 -65.64
C ASP IA 162 -17.15 -76.95 -64.22
N ARG IA 163 -16.18 -76.39 -63.50
CA ARG IA 163 -15.93 -76.72 -62.11
C ARG IA 163 -15.59 -75.43 -61.37
N ILE IA 164 -16.32 -75.14 -60.30
CA ILE IA 164 -16.10 -73.91 -59.54
C ILE IA 164 -14.73 -73.98 -58.88
N LYS IA 165 -13.97 -72.89 -58.99
CA LYS IA 165 -12.63 -72.84 -58.44
C LYS IA 165 -12.71 -72.69 -56.92
N LEU IA 166 -12.32 -73.73 -56.20
CA LEU IA 166 -12.33 -73.75 -54.74
C LEU IA 166 -10.90 -73.76 -54.23
N VAL IA 167 -10.59 -72.88 -53.28
CA VAL IA 167 -9.24 -72.68 -52.80
C VAL IA 167 -9.23 -72.82 -51.29
N LYS IA 168 -8.22 -73.50 -50.75
CA LYS IA 168 -8.01 -73.65 -49.31
C LYS IA 168 -6.59 -73.25 -48.98
N PRO IA 169 -6.33 -71.93 -48.87
CA PRO IA 169 -4.99 -71.48 -48.47
C PRO IA 169 -4.89 -71.35 -46.96
N ASN IA 170 -3.75 -70.88 -46.47
CA ASN IA 170 -3.63 -70.63 -45.04
C ASN IA 170 -4.40 -69.37 -44.67
N ASP IA 171 -5.32 -69.51 -43.70
CA ASP IA 171 -6.20 -68.40 -43.34
C ASP IA 171 -5.42 -67.24 -42.73
N GLN IA 172 -4.30 -67.54 -42.05
CA GLN IA 172 -3.49 -66.49 -41.46
C GLN IA 172 -2.84 -65.59 -42.51
N SER IA 173 -2.77 -66.04 -43.76
CA SER IA 173 -2.12 -65.30 -44.83
C SER IA 173 -3.08 -64.46 -45.65
N LEU IA 174 -4.34 -64.35 -45.24
CA LEU IA 174 -5.36 -63.61 -45.98
C LEU IA 174 -5.76 -62.37 -45.21
N PHE IA 175 -5.97 -61.27 -45.94
CA PHE IA 175 -6.50 -60.04 -45.38
C PHE IA 175 -7.72 -59.62 -46.17
N LYS IA 176 -8.66 -58.97 -45.49
CA LYS IA 176 -9.87 -58.49 -46.15
C LYS IA 176 -9.58 -57.16 -46.84
N ASP IA 177 -9.98 -57.07 -48.12
CA ASP IA 177 -9.74 -55.86 -48.89
C ASP IA 177 -10.84 -54.84 -48.61
N THR IA 178 -10.82 -53.74 -49.37
CA THR IA 178 -11.79 -52.66 -49.21
C THR IA 178 -13.18 -53.02 -49.73
N ASN IA 179 -13.33 -54.16 -50.41
CA ASN IA 179 -14.62 -54.53 -50.96
C ASN IA 179 -15.12 -55.87 -50.44
N GLY IA 180 -14.64 -56.32 -49.28
CA GLY IA 180 -15.12 -57.53 -48.66
C GLY IA 180 -14.51 -58.82 -49.18
N LEU IA 181 -13.53 -58.74 -50.08
CA LEU IA 181 -12.88 -59.93 -50.62
C LEU IA 181 -11.58 -60.19 -49.88
N PHE IA 182 -11.32 -61.45 -49.56
CA PHE IA 182 -10.07 -61.84 -48.93
C PHE IA 182 -9.02 -62.08 -50.01
N ARG IA 183 -7.84 -61.50 -49.83
CA ARG IA 183 -6.75 -61.61 -50.78
C ARG IA 183 -5.46 -61.92 -50.04
N HIS IA 184 -4.50 -62.48 -50.77
CA HIS IA 184 -3.20 -62.80 -50.19
C HIS IA 184 -2.51 -61.54 -49.71
N LYS IA 185 -1.88 -61.62 -48.54
CA LYS IA 185 -1.10 -60.50 -48.04
C LYS IA 185 0.09 -60.21 -48.94
N THR IA 186 0.76 -61.26 -49.41
CA THR IA 186 1.87 -61.09 -50.34
C THR IA 186 1.31 -60.93 -51.75
N PRO IA 187 1.62 -59.84 -52.46
CA PRO IA 187 1.05 -59.62 -53.79
C PRO IA 187 1.66 -60.55 -54.82
N ASN IA 188 1.00 -60.63 -55.97
CA ASN IA 188 1.44 -61.43 -57.11
C ASN IA 188 1.60 -62.91 -56.75
N GLN IA 189 0.69 -63.43 -55.92
CA GLN IA 189 0.70 -64.82 -55.53
C GLN IA 189 -0.58 -65.50 -56.02
N PRO IA 190 -0.49 -66.56 -56.80
CA PRO IA 190 -1.68 -67.19 -57.38
C PRO IA 190 -2.46 -67.97 -56.34
N TYR IA 191 -3.68 -68.36 -56.72
CA TYR IA 191 -4.59 -69.10 -55.85
C TYR IA 191 -4.68 -70.53 -56.38
N GLU IA 192 -4.02 -71.46 -55.69
CA GLU IA 192 -4.06 -72.86 -56.09
C GLU IA 192 -5.46 -73.43 -55.89
N ALA IA 193 -5.92 -74.21 -56.85
CA ALA IA 193 -7.25 -74.82 -56.78
C ALA IA 193 -7.15 -76.09 -55.94
N ASP IA 194 -7.59 -76.01 -54.69
CA ASP IA 194 -7.56 -77.15 -53.80
C ASP IA 194 -8.70 -78.12 -54.13
N ALA IA 195 -8.40 -79.42 -54.10
CA ALA IA 195 -9.36 -80.45 -54.43
C ALA IA 195 -10.03 -81.05 -53.19
N THR IA 196 -9.80 -80.47 -52.02
CA THR IA 196 -10.39 -80.97 -50.78
C THR IA 196 -11.62 -80.19 -50.34
N VAL IA 197 -11.78 -78.95 -50.80
CA VAL IA 197 -12.94 -78.15 -50.43
C VAL IA 197 -14.20 -78.76 -51.01
N SER IA 198 -15.22 -78.91 -50.19
CA SER IA 198 -16.50 -79.48 -50.59
C SER IA 198 -17.60 -78.42 -50.47
N LEU IA 199 -18.58 -78.52 -51.35
CA LEU IA 199 -19.73 -77.60 -51.38
C LEU IA 199 -20.98 -78.37 -51.01
N GLN IA 200 -21.72 -77.85 -50.03
CA GLN IA 200 -23.00 -78.43 -49.63
C GLN IA 200 -24.10 -77.67 -50.35
N THR IA 201 -24.62 -78.25 -51.43
CA THR IA 201 -25.59 -77.55 -52.25
C THR IA 201 -26.94 -77.48 -51.57
N GLY IA 202 -27.77 -76.54 -52.03
CA GLY IA 202 -29.07 -76.33 -51.45
C GLY IA 202 -29.09 -75.50 -50.19
N ALA IA 203 -27.96 -74.92 -49.80
CA ALA IA 203 -27.90 -74.14 -48.58
C ALA IA 203 -26.86 -73.04 -48.74
N ILE IA 204 -27.03 -71.97 -47.96
CA ILE IA 204 -26.09 -70.87 -47.91
C ILE IA 204 -25.54 -70.76 -46.50
N GLU IA 205 -24.45 -70.00 -46.37
CA GLU IA 205 -23.76 -69.84 -45.09
C GLU IA 205 -23.88 -68.40 -44.64
N GLY IA 206 -24.41 -68.19 -43.43
CA GLY IA 206 -24.54 -66.86 -42.86
C GLY IA 206 -23.22 -66.35 -42.32
N SER IA 207 -23.31 -65.55 -41.27
CA SER IA 207 -22.13 -65.00 -40.63
C SER IA 207 -21.70 -65.88 -39.46
N ASN IA 208 -20.51 -65.58 -38.94
CA ASN IA 208 -19.97 -66.27 -37.77
C ASN IA 208 -19.78 -65.30 -36.60
N VAL IA 209 -20.51 -64.19 -36.60
CA VAL IA 209 -20.38 -63.19 -35.55
C VAL IA 209 -21.07 -63.72 -34.31
N ASN IA 210 -20.30 -63.86 -33.23
CA ASN IA 210 -20.84 -64.25 -31.93
C ASN IA 210 -21.35 -62.98 -31.23
N ALA IA 211 -22.67 -62.84 -31.16
CA ALA IA 211 -23.25 -61.60 -30.64
C ALA IA 211 -22.87 -61.37 -29.19
N VAL IA 212 -22.83 -62.44 -28.39
CA VAL IA 212 -22.48 -62.30 -26.97
C VAL IA 212 -21.06 -61.77 -26.82
N GLY IA 213 -20.13 -62.30 -27.62
CA GLY IA 213 -18.76 -61.82 -27.54
C GLY IA 213 -18.63 -60.35 -27.85
N GLU IA 214 -19.43 -59.85 -28.79
CA GLU IA 214 -19.41 -58.42 -29.09
C GLU IA 214 -20.03 -57.61 -27.95
N MET IA 215 -21.13 -58.10 -27.37
CA MET IA 215 -21.80 -57.35 -26.32
C MET IA 215 -20.94 -57.26 -25.06
N THR IA 216 -20.26 -58.34 -24.69
CA THR IA 216 -19.43 -58.31 -23.49
C THR IA 216 -18.17 -57.47 -23.72
N ALA IA 217 -17.68 -57.40 -24.96
CA ALA IA 217 -16.56 -56.51 -25.26
C ALA IA 217 -17.02 -55.06 -25.33
N LEU IA 218 -18.28 -54.84 -25.72
CA LEU IA 218 -18.81 -53.48 -25.75
C LEU IA 218 -18.91 -52.90 -24.35
N ILE IA 219 -19.38 -53.69 -23.39
CA ILE IA 219 -19.56 -53.18 -22.04
C ILE IA 219 -18.24 -53.04 -21.31
N ASP IA 220 -17.16 -53.61 -21.85
CA ASP IA 220 -15.84 -53.40 -21.27
C ASP IA 220 -15.14 -52.19 -21.86
N LEU IA 221 -15.37 -51.89 -23.14
CA LEU IA 221 -14.80 -50.71 -23.75
C LEU IA 221 -15.45 -49.44 -23.23
N GLN IA 222 -16.73 -49.50 -22.84
CA GLN IA 222 -17.38 -48.34 -22.25
C GLN IA 222 -16.73 -47.98 -20.92
N ARG IA 223 -16.47 -48.98 -20.08
CA ARG IA 223 -15.90 -48.71 -18.76
C ARG IA 223 -14.47 -48.18 -18.88
N GLN IA 224 -13.66 -48.80 -19.74
CA GLN IA 224 -12.31 -48.31 -19.97
C GLN IA 224 -12.33 -46.92 -20.58
N PHE IA 225 -13.30 -46.65 -21.46
CA PHE IA 225 -13.44 -45.33 -22.05
C PHE IA 225 -13.71 -44.27 -20.99
N GLU IA 226 -14.59 -44.58 -20.03
CA GLU IA 226 -14.97 -43.60 -19.01
C GLU IA 226 -13.83 -43.32 -18.04
N MET IA 227 -13.04 -44.34 -17.71
CA MET IA 227 -11.94 -44.14 -16.78
C MET IA 227 -10.87 -43.22 -17.36
N GLN IA 228 -10.67 -43.27 -18.68
CA GLN IA 228 -9.73 -42.37 -19.33
C GLN IA 228 -10.29 -40.96 -19.43
N VAL IA 229 -11.61 -40.84 -19.60
CA VAL IA 229 -12.24 -39.52 -19.58
C VAL IA 229 -12.09 -38.89 -18.19
N LYS IA 230 -12.21 -39.70 -17.14
CA LYS IA 230 -11.97 -39.19 -15.79
C LYS IA 230 -10.52 -38.74 -15.61
N MET IA 231 -9.58 -39.44 -16.25
CA MET IA 231 -8.18 -39.03 -16.19
C MET IA 231 -7.98 -37.67 -16.83
N MET IA 232 -8.65 -37.41 -17.96
CA MET IA 232 -8.54 -36.11 -18.61
C MET IA 232 -9.06 -35.00 -17.72
N SER IA 233 -10.16 -35.24 -17.01
CA SER IA 233 -10.67 -34.24 -16.07
C SER IA 233 -9.73 -34.07 -14.89
N THR IA 234 -9.10 -35.16 -14.44
CA THR IA 234 -8.15 -35.06 -13.34
C THR IA 234 -6.90 -34.29 -13.75
N ALA IA 235 -6.38 -34.55 -14.95
CA ALA IA 235 -5.22 -33.81 -15.44
C ALA IA 235 -5.53 -32.33 -15.59
N GLU IA 236 -6.75 -32.01 -16.04
CA GLU IA 236 -7.20 -30.62 -16.07
C GLU IA 236 -7.29 -30.05 -14.66
N GLU IA 237 -7.79 -30.85 -13.71
CA GLU IA 237 -7.99 -30.36 -12.35
C GLU IA 237 -6.67 -29.97 -11.70
N MET IA 238 -5.62 -30.77 -11.90
CA MET IA 238 -4.33 -30.46 -11.31
C MET IA 238 -3.75 -29.17 -11.88
N ASP IA 239 -3.93 -28.95 -13.18
CA ASP IA 239 -3.36 -27.76 -13.81
C ASP IA 239 -4.03 -26.48 -13.31
N LYS IA 240 -5.34 -26.55 -13.03
CA LYS IA 240 -6.04 -25.38 -12.50
C LYS IA 240 -5.52 -25.00 -11.12
N SER IA 241 -5.27 -26.01 -10.27
CA SER IA 241 -4.74 -25.73 -8.93
C SER IA 241 -3.34 -25.13 -9.00
N SER IA 242 -2.49 -25.68 -9.87
CA SER IA 242 -1.11 -25.21 -9.96
C SER IA 242 -1.00 -23.81 -10.55
N ASP IA 243 -2.10 -23.27 -11.09
CA ASP IA 243 -2.08 -21.95 -11.71
C ASP IA 243 -1.85 -20.86 -10.67
N SER IA 244 -1.97 -21.21 -9.40
CA SER IA 244 -1.79 -20.25 -8.31
C SER IA 244 -0.34 -20.08 -7.90
N LEU IA 245 0.59 -20.83 -8.51
CA LEU IA 245 2.01 -20.64 -8.25
C LEU IA 245 2.50 -19.27 -8.71
N LEU IA 246 1.85 -18.67 -9.70
CA LEU IA 246 2.17 -17.33 -10.17
C LEU IA 246 1.18 -16.28 -9.69
N ARG IA 247 0.20 -16.66 -8.87
CA ARG IA 247 -0.83 -15.74 -8.39
C ARG IA 247 -0.33 -14.96 -7.18
N MET IA 248 0.80 -14.28 -7.32
CA MET IA 248 1.36 -13.51 -6.21
C MET IA 248 0.55 -12.25 -5.94
N MET JA 1 -23.59 -32.84 13.84
CA MET JA 1 -24.64 -32.21 13.07
C MET JA 1 -25.99 -32.36 13.75
N ASP JA 2 -27.06 -32.31 12.95
CA ASP JA 2 -28.41 -32.46 13.49
C ASP JA 2 -28.62 -33.89 13.98
N ARG JA 3 -29.40 -34.02 15.05
CA ARG JA 3 -29.69 -35.33 15.64
C ARG JA 3 -30.78 -36.07 14.89
N ALA JA 4 -31.44 -35.44 13.91
CA ALA JA 4 -32.43 -36.15 13.11
C ALA JA 4 -31.77 -37.21 12.24
N LEU JA 5 -30.47 -37.10 11.99
CA LEU JA 5 -29.76 -38.14 11.26
C LEU JA 5 -29.77 -39.46 12.01
N PHE JA 6 -29.50 -39.40 13.32
CA PHE JA 6 -29.52 -40.62 14.13
C PHE JA 6 -30.94 -40.99 14.53
N LEU JA 7 -31.84 -40.02 14.60
CA LEU JA 7 -33.24 -40.32 14.90
C LEU JA 7 -33.87 -41.15 13.79
N ALA JA 8 -33.55 -40.84 12.54
CA ALA JA 8 -34.00 -41.64 11.41
C ALA JA 8 -33.21 -42.93 11.26
N MET JA 9 -31.91 -42.91 11.57
CA MET JA 9 -31.12 -44.13 11.54
C MET JA 9 -31.63 -45.14 12.57
N SER JA 10 -31.98 -44.67 13.76
CA SER JA 10 -32.55 -45.55 14.77
C SER JA 10 -33.90 -46.12 14.35
N GLY JA 11 -34.54 -45.52 13.36
CA GLY JA 11 -35.78 -46.06 12.83
C GLY JA 11 -35.56 -47.01 11.69
N ALA JA 12 -34.60 -46.68 10.82
CA ALA JA 12 -34.27 -47.57 9.70
C ALA JA 12 -33.64 -48.86 10.20
N LYS JA 13 -32.85 -48.78 11.28
CA LYS JA 13 -32.24 -49.96 11.86
C LYS JA 13 -33.29 -50.94 12.37
N GLN JA 14 -34.35 -50.42 13.00
CA GLN JA 14 -35.39 -51.29 13.52
C GLN JA 14 -36.23 -51.91 12.41
N ASN JA 15 -36.42 -51.19 11.30
CA ASN JA 15 -37.17 -51.75 10.18
C ASN JA 15 -36.48 -52.97 9.61
N MET JA 16 -35.14 -52.96 9.56
CA MET JA 16 -34.40 -54.15 9.14
C MET JA 16 -34.60 -55.29 10.12
N GLN JA 17 -34.60 -55.00 11.42
CA GLN JA 17 -34.83 -56.03 12.42
C GLN JA 17 -36.25 -56.59 12.31
N ALA JA 18 -37.23 -55.73 12.07
CA ALA JA 18 -38.59 -56.21 11.82
C ALA JA 18 -38.63 -57.07 10.56
N LEU JA 19 -37.86 -56.69 9.54
CA LEU JA 19 -37.78 -57.48 8.31
C LEU JA 19 -37.19 -58.85 8.58
N GLN JA 20 -36.23 -58.94 9.50
CA GLN JA 20 -35.66 -60.24 9.86
C GLN JA 20 -36.70 -61.13 10.52
N LEU JA 21 -37.55 -60.56 11.37
CA LEU JA 21 -38.57 -61.35 12.04
C LEU JA 21 -39.59 -61.90 11.05
N ARG JA 22 -39.95 -61.10 10.04
CA ARG JA 22 -40.86 -61.60 9.01
C ARG JA 22 -40.18 -62.62 8.12
N ALA JA 23 -38.87 -62.48 7.92
CA ALA JA 23 -38.13 -63.46 7.11
C ALA JA 23 -38.12 -64.83 7.79
N ASN JA 24 -38.00 -64.84 9.13
CA ASN JA 24 -38.03 -66.11 9.86
C ASN JA 24 -39.41 -66.76 9.77
N ASN JA 25 -40.46 -65.94 9.67
CA ASN JA 25 -41.81 -66.49 9.53
C ASN JA 25 -41.99 -67.20 8.20
N LEU JA 26 -41.51 -66.59 7.12
CA LEU JA 26 -41.71 -67.19 5.79
C LEU JA 26 -40.78 -68.38 5.58
N ALA JA 27 -39.62 -68.40 6.24
CA ALA JA 27 -38.76 -69.57 6.17
C ALA JA 27 -39.35 -70.77 6.90
N ASN JA 28 -40.30 -70.55 7.80
CA ASN JA 28 -40.88 -71.60 8.63
C ASN JA 28 -42.31 -71.93 8.23
N VAL JA 29 -42.67 -71.69 6.96
CA VAL JA 29 -44.02 -72.02 6.51
C VAL JA 29 -44.21 -73.53 6.44
N SER JA 30 -43.19 -74.26 6.03
CA SER JA 30 -43.26 -75.72 5.94
C SER JA 30 -42.95 -76.41 7.26
N THR JA 31 -42.46 -75.67 8.27
CA THR JA 31 -42.11 -76.27 9.54
C THR JA 31 -43.36 -76.80 10.25
N THR JA 32 -43.16 -77.85 11.03
CA THR JA 32 -44.24 -78.56 11.71
C THR JA 32 -44.45 -77.98 13.10
N GLY JA 33 -45.69 -77.62 13.40
CA GLY JA 33 -46.01 -77.08 14.72
C GLY JA 33 -45.32 -75.78 15.03
N PHE JA 34 -45.22 -74.89 14.05
CA PHE JA 34 -44.55 -73.60 14.22
C PHE JA 34 -45.59 -72.52 14.50
N ARG JA 35 -45.34 -71.74 15.54
CA ARG JA 35 -46.22 -70.64 15.92
C ARG JA 35 -45.63 -69.34 15.39
N ALA JA 36 -46.40 -68.61 14.60
CA ALA JA 36 -45.88 -67.42 13.94
C ALA JA 36 -45.53 -66.35 14.96
N ASP JA 37 -44.50 -65.56 14.65
CA ASP JA 37 -44.04 -64.49 15.52
C ASP JA 37 -44.58 -63.16 15.03
N LEU JA 38 -45.16 -62.38 15.94
CA LEU JA 38 -45.67 -61.06 15.63
C LEU JA 38 -44.58 -60.01 15.81
N ALA JA 39 -44.61 -58.99 14.96
CA ALA JA 39 -43.65 -57.89 15.01
C ALA JA 39 -44.39 -56.58 15.21
N GLN JA 40 -43.93 -55.77 16.17
CA GLN JA 40 -44.53 -54.47 16.43
C GLN JA 40 -43.43 -53.50 16.82
N ALA JA 41 -43.73 -52.21 16.70
CA ALA JA 41 -42.81 -51.14 17.04
C ALA JA 41 -43.36 -50.34 18.21
N ARG JA 42 -42.49 -50.03 19.16
CA ARG JA 42 -42.86 -49.26 20.35
C ARG JA 42 -42.30 -47.85 20.22
N SER JA 43 -43.14 -46.85 20.46
CA SER JA 43 -42.73 -45.45 20.41
C SER JA 43 -42.23 -45.04 21.79
N MET JA 44 -40.96 -44.67 21.88
CA MET JA 44 -40.35 -44.23 23.12
C MET JA 44 -39.80 -42.82 22.93
N GLN JA 45 -40.22 -41.90 23.79
CA GLN JA 45 -39.82 -40.51 23.69
C GLN JA 45 -38.64 -40.21 24.62
N ALA JA 46 -37.75 -39.33 24.16
CA ALA JA 46 -36.61 -38.90 24.96
C ALA JA 46 -37.07 -37.76 25.86
N TYR JA 47 -37.41 -38.10 27.10
CA TYR JA 47 -37.91 -37.12 28.05
C TYR JA 47 -36.76 -36.32 28.66
N GLY JA 48 -36.96 -35.02 28.79
CA GLY JA 48 -35.94 -34.17 29.33
C GLY JA 48 -36.24 -32.71 29.03
N GLU JA 49 -35.21 -31.88 29.20
CA GLU JA 49 -35.34 -30.46 28.91
C GLU JA 49 -35.43 -30.23 27.40
N GLY JA 50 -36.31 -29.32 27.00
CA GLY JA 50 -36.45 -28.94 25.61
C GLY JA 50 -37.82 -29.32 25.05
N HIS JA 51 -38.02 -28.95 23.79
CA HIS JA 51 -39.27 -29.25 23.11
C HIS JA 51 -39.39 -30.76 22.89
N PRO JA 52 -40.57 -31.34 23.08
CA PRO JA 52 -40.76 -32.79 22.88
C PRO JA 52 -40.88 -33.14 21.39
N SER JA 53 -39.74 -33.15 20.70
CA SER JA 53 -39.71 -33.37 19.27
C SER JA 53 -39.08 -34.68 18.84
N ARG JA 54 -38.28 -35.30 19.69
CA ARG JA 54 -37.55 -36.52 19.34
C ARG JA 54 -38.19 -37.72 20.04
N VAL JA 55 -38.68 -38.66 19.24
CA VAL JA 55 -39.29 -39.89 19.75
C VAL JA 55 -38.69 -41.06 18.98
N PHE JA 56 -38.04 -41.97 19.70
CA PHE JA 56 -37.48 -43.16 19.08
C PHE JA 56 -38.53 -44.26 18.97
N SER JA 57 -38.29 -45.19 18.04
CA SER JA 57 -39.12 -46.36 17.87
C SER JA 57 -38.24 -47.60 17.84
N MET JA 58 -38.64 -48.63 18.59
CA MET JA 58 -37.93 -49.89 18.61
C MET JA 58 -38.88 -51.02 18.28
N THR JA 59 -38.40 -51.98 17.49
CA THR JA 59 -39.19 -53.15 17.14
C THR JA 59 -39.05 -54.20 18.24
N GLU JA 60 -40.19 -54.79 18.61
CA GLU JA 60 -40.23 -55.79 19.66
C GLU JA 60 -41.29 -56.83 19.31
N ARG JA 61 -41.17 -58.00 19.94
CA ARG JA 61 -42.10 -59.09 19.71
C ARG JA 61 -43.21 -59.02 20.76
N PRO JA 62 -44.43 -58.65 20.39
CA PRO JA 62 -45.50 -58.53 21.38
C PRO JA 62 -46.09 -59.87 21.77
N GLY JA 63 -45.99 -60.85 20.88
CA GLY JA 63 -46.54 -62.16 21.17
C GLY JA 63 -46.32 -63.11 20.01
N HIS JA 64 -47.16 -64.14 19.96
CA HIS JA 64 -47.10 -65.14 18.90
C HIS JA 64 -48.52 -65.46 18.45
N ASN JA 65 -48.62 -66.01 17.25
CA ASN JA 65 -49.90 -66.43 16.69
C ASN JA 65 -50.15 -67.87 17.13
N PHE JA 66 -51.16 -68.06 17.99
CA PHE JA 66 -51.47 -69.36 18.56
C PHE JA 66 -52.65 -70.03 17.87
N ALA JA 67 -53.04 -69.53 16.71
CA ALA JA 67 -54.13 -70.17 15.97
C ALA JA 67 -53.71 -71.56 15.51
N GLN JA 68 -54.70 -72.41 15.30
CA GLN JA 68 -54.45 -73.79 14.90
C GLN JA 68 -53.69 -73.84 13.57
N GLY JA 69 -52.66 -74.68 13.53
CA GLY JA 69 -51.89 -74.85 12.31
C GLY JA 69 -52.61 -75.75 11.32
N SER JA 70 -52.04 -75.82 10.12
CA SER JA 70 -52.60 -76.65 9.06
C SER JA 70 -52.37 -78.12 9.41
N VAL JA 71 -53.44 -78.90 9.36
CA VAL JA 71 -53.36 -80.32 9.70
C VAL JA 71 -53.08 -81.13 8.44
N ILE JA 72 -52.07 -81.98 8.50
CA ILE JA 72 -51.67 -82.80 7.36
C ILE JA 72 -52.02 -84.25 7.71
N THR JA 73 -53.02 -84.80 7.02
CA THR JA 73 -53.34 -86.21 7.20
C THR JA 73 -52.31 -87.07 6.49
N THR JA 74 -51.64 -87.93 7.26
CA THR JA 74 -50.57 -88.76 6.73
C THR JA 74 -50.82 -90.25 6.88
N GLY JA 75 -51.82 -90.66 7.67
CA GLY JA 75 -52.09 -92.07 7.88
C GLY JA 75 -51.09 -92.78 8.76
N ARG JA 76 -50.13 -92.06 9.34
CA ARG JA 76 -49.12 -92.68 10.18
C ARG JA 76 -49.61 -92.74 11.62
N ASP JA 77 -49.38 -93.88 12.27
CA ASP JA 77 -49.92 -94.11 13.61
C ASP JA 77 -49.31 -93.17 14.63
N LEU JA 78 -48.01 -92.91 14.53
CA LEU JA 78 -47.29 -92.12 15.52
C LEU JA 78 -47.30 -90.62 15.21
N ASP JA 79 -48.24 -90.16 14.40
CA ASP JA 79 -48.42 -88.75 14.11
C ASP JA 79 -49.62 -88.23 14.88
N VAL JA 80 -49.41 -87.21 15.70
CA VAL JA 80 -50.45 -86.65 16.57
C VAL JA 80 -50.50 -85.14 16.37
N THR JA 81 -51.70 -84.59 16.41
CA THR JA 81 -51.92 -83.16 16.35
C THR JA 81 -52.93 -82.77 17.43
N ILE JA 82 -52.70 -81.62 18.06
CA ILE JA 82 -53.59 -81.17 19.12
C ILE JA 82 -54.83 -80.54 18.49
N GLU JA 83 -56.00 -81.07 18.86
CA GLU JA 83 -57.26 -80.51 18.38
C GLU JA 83 -57.55 -79.23 19.16
N GLY JA 84 -57.56 -78.09 18.46
CA GLY JA 84 -57.76 -76.83 19.15
C GLY JA 84 -56.54 -76.45 19.98
N SER JA 85 -56.78 -75.69 21.04
CA SER JA 85 -55.71 -75.24 21.91
C SER JA 85 -55.19 -76.39 22.77
N GLY JA 86 -53.94 -76.28 23.18
CA GLY JA 86 -53.27 -77.29 23.97
C GLY JA 86 -51.83 -77.44 23.54
N TRP JA 87 -51.03 -78.05 24.41
CA TRP JA 87 -49.61 -78.22 24.18
C TRP JA 87 -49.19 -79.64 24.57
N ILE JA 88 -48.02 -80.04 24.10
CA ILE JA 88 -47.38 -81.28 24.51
C ILE JA 88 -46.15 -80.91 25.34
N SER JA 89 -46.06 -81.47 26.54
CA SER JA 89 -44.95 -81.17 27.44
C SER JA 89 -43.79 -82.11 27.15
N VAL JA 90 -42.63 -81.53 26.83
CA VAL JA 90 -41.43 -82.27 26.51
C VAL JA 90 -40.25 -81.63 27.22
N LEU JA 91 -39.19 -82.40 27.42
CA LEU JA 91 -37.95 -81.90 27.99
C LEU JA 91 -36.86 -81.91 26.93
N ASP JA 92 -36.10 -80.82 26.86
CA ASP JA 92 -35.10 -80.65 25.81
C ASP JA 92 -33.81 -81.38 26.18
N HIS JA 93 -32.73 -81.09 25.45
CA HIS JA 93 -31.46 -81.75 25.68
C HIS JA 93 -30.93 -81.49 27.08
N THR JA 94 -31.02 -80.23 27.54
CA THR JA 94 -30.54 -79.89 28.88
C THR JA 94 -31.36 -80.60 29.94
N GLY JA 95 -32.68 -80.65 29.78
CA GLY JA 95 -33.54 -81.30 30.75
C GLY JA 95 -34.71 -80.43 31.20
N LYS JA 96 -34.63 -79.13 30.94
CA LYS JA 96 -35.70 -78.23 31.31
C LYS JA 96 -36.94 -78.52 30.49
N GLU JA 97 -38.08 -78.66 31.17
CA GLU JA 97 -39.32 -78.99 30.49
C GLU JA 97 -39.88 -77.78 29.75
N GLY JA 98 -40.68 -78.05 28.73
CA GLY JA 98 -41.28 -77.00 27.94
C GLY JA 98 -42.40 -77.55 27.08
N LEU JA 99 -43.16 -76.63 26.50
CA LEU JA 99 -44.32 -76.98 25.71
C LEU JA 99 -43.96 -76.98 24.22
N THR JA 100 -44.53 -77.93 23.50
CA THR JA 100 -44.31 -78.03 22.05
C THR JA 100 -45.62 -78.46 21.40
N ARG JA 101 -45.72 -78.14 20.11
CA ARG JA 101 -46.90 -78.50 19.32
C ARG JA 101 -46.54 -79.36 18.11
N ASN JA 102 -45.30 -79.83 18.04
CA ASN JA 102 -44.84 -80.70 16.96
C ASN JA 102 -45.09 -82.14 17.39
N GLY JA 103 -46.05 -82.79 16.73
CA GLY JA 103 -46.39 -84.16 17.05
C GLY JA 103 -45.86 -85.17 16.05
N ASN JA 104 -44.65 -84.96 15.56
CA ASN JA 104 -44.01 -85.88 14.62
C ASN JA 104 -43.19 -86.86 15.44
N LEU JA 105 -43.88 -87.70 16.20
CA LEU JA 105 -43.26 -88.58 17.17
C LEU JA 105 -42.58 -89.77 16.50
N LYS JA 106 -41.72 -90.44 17.26
CA LYS JA 106 -41.00 -91.61 16.79
C LYS JA 106 -40.60 -92.45 17.99
N VAL JA 107 -40.24 -93.70 17.74
CA VAL JA 107 -39.82 -94.64 18.76
C VAL JA 107 -38.38 -95.04 18.47
N ASP JA 108 -37.50 -94.90 19.46
CA ASP JA 108 -36.10 -95.22 19.29
C ASP JA 108 -35.89 -96.73 19.46
N GLN JA 109 -34.62 -97.15 19.55
CA GLN JA 109 -34.30 -98.56 19.72
C GLN JA 109 -34.65 -99.09 21.11
N ASN JA 110 -34.85 -98.20 22.10
CA ASN JA 110 -35.13 -98.61 23.46
C ASN JA 110 -36.59 -98.37 23.86
N GLY JA 111 -37.40 -97.79 22.98
CA GLY JA 111 -38.80 -97.55 23.28
C GLY JA 111 -39.13 -96.15 23.73
N MET JA 112 -38.13 -95.34 24.06
CA MET JA 112 -38.39 -93.97 24.49
C MET JA 112 -39.10 -93.19 23.38
N LEU JA 113 -40.15 -92.48 23.75
CA LEU JA 113 -40.94 -91.72 22.79
C LEU JA 113 -40.40 -90.31 22.68
N THR JA 114 -39.92 -89.95 21.50
CA THR JA 114 -39.39 -88.62 21.21
C THR JA 114 -40.24 -87.99 20.10
N ASN JA 115 -39.93 -86.74 19.79
CA ASN JA 115 -40.56 -86.03 18.68
C ASN JA 115 -39.52 -85.78 17.59
N ALA JA 116 -39.92 -85.01 16.58
CA ALA JA 116 -39.03 -84.73 15.46
C ALA JA 116 -37.82 -83.90 15.87
N SER JA 117 -37.95 -83.08 16.91
CA SER JA 117 -36.84 -82.25 17.38
C SER JA 117 -35.92 -82.99 18.35
N GLY JA 118 -36.24 -84.23 18.70
CA GLY JA 118 -35.45 -85.01 19.62
C GLY JA 118 -35.84 -84.85 21.08
N HIS JA 119 -36.78 -83.97 21.40
CA HIS JA 119 -37.20 -83.79 22.78
C HIS JA 119 -37.96 -85.01 23.26
N LEU JA 120 -37.67 -85.44 24.49
CA LEU JA 120 -38.35 -86.59 25.07
C LEU JA 120 -39.77 -86.21 25.49
N VAL JA 121 -40.71 -87.11 25.25
CA VAL JA 121 -42.12 -86.86 25.52
C VAL JA 121 -42.44 -87.27 26.95
N LEU JA 122 -43.02 -86.34 27.71
CA LEU JA 122 -43.37 -86.60 29.10
C LEU JA 122 -44.58 -87.51 29.19
N GLY JA 123 -44.70 -88.21 30.32
CA GLY JA 123 -45.79 -89.15 30.51
C GLY JA 123 -46.72 -88.82 31.65
N GLU JA 124 -47.36 -89.85 32.21
CA GLU JA 124 -48.32 -89.64 33.28
C GLU JA 124 -47.64 -89.24 34.58
N ASN JA 125 -46.45 -89.78 34.84
CA ASN JA 125 -45.71 -89.50 36.05
C ASN JA 125 -44.74 -88.33 35.89
N ASP JA 126 -45.00 -87.43 34.93
CA ASP JA 126 -44.12 -86.30 34.63
C ASP JA 126 -42.71 -86.77 34.28
N ALA JA 127 -42.62 -87.94 33.66
CA ALA JA 127 -41.35 -88.55 33.27
C ALA JA 127 -41.45 -88.97 31.81
N PRO JA 128 -40.31 -89.10 31.12
CA PRO JA 128 -40.35 -89.52 29.72
C PRO JA 128 -41.02 -90.87 29.56
N ILE JA 129 -41.80 -91.00 28.49
CA ILE JA 129 -42.52 -92.25 28.23
C ILE JA 129 -41.55 -93.29 27.70
N THR JA 130 -41.53 -94.45 28.34
CA THR JA 130 -40.70 -95.57 27.91
C THR JA 130 -41.60 -96.78 27.71
N LEU JA 131 -41.88 -97.10 26.46
CA LEU JA 131 -42.74 -98.19 26.03
C LEU JA 131 -41.92 -99.47 25.90
N PRO JA 132 -42.55 -100.64 26.04
CA PRO JA 132 -41.83 -101.90 25.88
C PRO JA 132 -41.19 -102.01 24.50
N ILE JA 133 -39.98 -102.58 24.48
CA ILE JA 133 -39.25 -102.68 23.22
C ILE JA 133 -39.96 -103.52 22.18
N PRO JA 134 -40.44 -104.75 22.48
CA PRO JA 134 -41.09 -105.54 21.41
C PRO JA 134 -42.57 -105.22 21.21
N LEU JA 135 -42.82 -104.19 20.41
CA LEU JA 135 -44.18 -103.78 20.08
C LEU JA 135 -44.68 -104.49 18.84
N SER JA 136 -46.00 -104.47 18.67
CA SER JA 136 -46.65 -105.06 17.50
C SER JA 136 -47.57 -104.08 16.78
N LYS JA 137 -48.26 -103.21 17.53
CA LYS JA 137 -49.16 -102.23 16.92
C LYS JA 137 -49.39 -101.11 17.93
N ILE JA 138 -48.89 -99.92 17.62
CA ILE JA 138 -49.13 -98.75 18.47
C ILE JA 138 -50.41 -98.06 17.99
N GLU JA 139 -51.31 -97.79 18.93
CA GLU JA 139 -52.60 -97.18 18.61
C GLU JA 139 -52.88 -96.09 19.65
N ILE JA 140 -52.52 -94.86 19.31
CA ILE JA 140 -52.72 -93.74 20.24
C ILE JA 140 -54.20 -93.40 20.31
N GLY JA 141 -54.67 -93.09 21.52
CA GLY JA 141 -56.05 -92.72 21.73
C GLY JA 141 -56.30 -91.26 21.43
N ARG JA 142 -57.58 -90.88 21.49
CA ARG JA 142 -57.94 -89.49 21.23
C ARG JA 142 -57.55 -88.59 22.39
N ASP JA 143 -57.60 -89.11 23.61
CA ASP JA 143 -57.28 -88.33 24.80
C ASP JA 143 -55.80 -88.33 25.13
N GLY JA 144 -54.98 -88.98 24.31
CA GLY JA 144 -53.55 -89.10 24.57
C GLY JA 144 -53.14 -90.45 25.11
N THR JA 145 -54.08 -91.33 25.40
CA THR JA 145 -53.76 -92.64 25.93
C THR JA 145 -53.09 -93.49 24.86
N ILE JA 146 -51.96 -94.09 25.22
CA ILE JA 146 -51.17 -94.90 24.30
C ILE JA 146 -51.44 -96.36 24.61
N SER JA 147 -52.11 -97.05 23.69
CA SER JA 147 -52.41 -98.46 23.81
C SER JA 147 -51.55 -99.23 22.81
N VAL JA 148 -50.70 -100.12 23.32
CA VAL JA 148 -49.75 -100.85 22.49
C VAL JA 148 -50.02 -102.34 22.62
N LEU JA 149 -49.69 -103.07 21.56
CA LEU JA 149 -49.86 -104.52 21.52
C LEU JA 149 -48.51 -105.19 21.64
N PRO JA 150 -48.25 -105.97 22.69
CA PRO JA 150 -46.96 -106.68 22.79
C PRO JA 150 -46.76 -107.61 21.62
N GLN JA 151 -45.49 -107.76 21.23
CA GLN JA 151 -45.15 -108.60 20.09
C GLN JA 151 -45.50 -110.06 20.37
N GLY JA 152 -46.18 -110.69 19.42
CA GLY JA 152 -46.61 -112.06 19.57
C GLY JA 152 -47.89 -112.26 20.33
N ALA JA 153 -48.50 -111.18 20.84
CA ALA JA 153 -49.73 -111.29 21.60
C ALA JA 153 -50.93 -111.29 20.67
N PRO JA 154 -52.04 -111.90 21.09
CA PRO JA 154 -53.26 -111.85 20.29
C PRO JA 154 -53.83 -110.44 20.23
N ALA JA 155 -54.62 -110.20 19.19
CA ALA JA 155 -55.16 -108.87 18.94
C ALA JA 155 -56.08 -108.39 20.04
N GLU JA 156 -56.55 -109.29 20.90
CA GLU JA 156 -57.46 -108.92 21.98
C GLU JA 156 -56.72 -108.49 23.24
N GLU JA 157 -55.39 -108.59 23.27
CA GLU JA 157 -54.56 -108.17 24.44
C GLU JA 157 -54.07 -106.73 24.26
N PHE JA 158 -54.98 -105.82 23.93
CA PHE JA 158 -54.63 -104.42 23.79
C PHE JA 158 -54.78 -103.72 25.14
N GLN JA 159 -53.68 -103.17 25.64
CA GLN JA 159 -53.68 -102.52 26.95
C GLN JA 159 -52.98 -101.18 26.86
N ALA JA 160 -53.42 -100.25 27.70
CA ALA JA 160 -52.82 -98.93 27.80
C ALA JA 160 -51.59 -98.98 28.68
N VAL JA 161 -50.55 -98.26 28.27
CA VAL JA 161 -49.31 -98.20 29.02
C VAL JA 161 -48.99 -96.81 29.56
N ASP JA 162 -49.44 -95.76 28.88
CA ASP JA 162 -49.14 -94.40 29.32
C ASP JA 162 -50.16 -93.45 28.71
N ARG JA 163 -50.10 -92.20 29.16
CA ARG JA 163 -50.95 -91.13 28.67
C ARG JA 163 -50.10 -89.88 28.52
N ILE JA 164 -50.02 -89.37 27.28
CA ILE JA 164 -49.17 -88.22 27.00
C ILE JA 164 -49.62 -87.02 27.83
N LYS JA 165 -48.66 -86.28 28.37
CA LYS JA 165 -48.96 -85.13 29.22
C LYS JA 165 -49.30 -83.94 28.33
N LEU JA 166 -50.58 -83.57 28.31
CA LEU JA 166 -51.07 -82.45 27.51
C LEU JA 166 -51.44 -81.31 28.44
N VAL JA 167 -50.89 -80.13 28.16
CA VAL JA 167 -51.05 -78.95 29.01
C VAL JA 167 -51.65 -77.84 28.17
N LYS JA 168 -52.68 -77.18 28.72
CA LYS JA 168 -53.34 -76.06 28.06
C LYS JA 168 -53.37 -74.87 29.01
N PRO JA 169 -52.26 -74.13 29.11
CA PRO JA 169 -52.26 -72.93 29.94
C PRO JA 169 -52.72 -71.72 29.16
N ASN JA 170 -52.70 -70.54 29.78
CA ASN JA 170 -53.05 -69.32 29.07
C ASN JA 170 -51.95 -68.99 28.07
N ASP JA 171 -52.34 -68.81 26.80
CA ASP JA 171 -51.36 -68.57 25.75
C ASP JA 171 -50.61 -67.26 25.97
N GLN JA 172 -51.26 -66.26 26.54
CA GLN JA 172 -50.62 -64.98 26.80
C GLN JA 172 -49.57 -65.05 27.90
N SER JA 173 -49.51 -66.15 28.65
CA SER JA 173 -48.51 -66.33 29.70
C SER JA 173 -47.31 -67.14 29.24
N LEU JA 174 -47.18 -67.38 27.94
CA LEU JA 174 -46.12 -68.21 27.38
C LEU JA 174 -45.19 -67.37 26.52
N PHE JA 175 -43.90 -67.66 26.58
CA PHE JA 175 -42.91 -67.03 25.73
C PHE JA 175 -42.06 -68.10 25.07
N LYS JA 176 -41.71 -67.88 23.80
CA LYS JA 176 -40.86 -68.81 23.08
C LYS JA 176 -39.42 -68.65 23.55
N ASP JA 177 -38.77 -69.77 23.87
CA ASP JA 177 -37.42 -69.75 24.38
C ASP JA 177 -36.42 -69.76 23.21
N THR JA 178 -35.14 -69.91 23.50
CA THR JA 178 -34.08 -69.84 22.50
C THR JA 178 -34.00 -71.07 21.61
N ASN JA 179 -34.94 -72.01 21.75
CA ASN JA 179 -34.90 -73.22 20.94
C ASN JA 179 -36.29 -73.62 20.43
N GLY JA 180 -37.24 -72.70 20.42
CA GLY JA 180 -38.56 -72.96 19.87
C GLY JA 180 -39.55 -73.59 20.82
N LEU JA 181 -39.19 -73.76 22.09
CA LEU JA 181 -40.09 -74.32 23.09
C LEU JA 181 -40.73 -73.20 23.89
N PHE JA 182 -42.06 -73.27 24.06
CA PHE JA 182 -42.78 -72.26 24.83
C PHE JA 182 -42.75 -72.62 26.31
N ARG JA 183 -42.40 -71.65 27.14
CA ARG JA 183 -42.32 -71.84 28.58
C ARG JA 183 -43.08 -70.71 29.26
N HIS JA 184 -43.32 -70.89 30.56
CA HIS JA 184 -44.00 -69.86 31.35
C HIS JA 184 -43.09 -68.65 31.53
N LYS JA 185 -43.69 -67.46 31.42
CA LYS JA 185 -42.96 -66.24 31.72
C LYS JA 185 -42.53 -66.20 33.18
N THR JA 186 -43.41 -66.64 34.08
CA THR JA 186 -43.08 -66.71 35.49
C THR JA 186 -42.23 -67.95 35.75
N PRO JA 187 -41.03 -67.82 36.31
CA PRO JA 187 -40.19 -68.99 36.56
C PRO JA 187 -40.80 -69.90 37.62
N ASN JA 188 -40.40 -71.17 37.56
CA ASN JA 188 -40.85 -72.19 38.50
C ASN JA 188 -42.37 -72.30 38.54
N GLN JA 189 -43.00 -72.25 37.36
CA GLN JA 189 -44.44 -72.41 37.26
C GLN JA 189 -44.74 -73.83 36.81
N PRO JA 190 -45.37 -74.66 37.64
CA PRO JA 190 -45.63 -76.05 37.24
C PRO JA 190 -46.55 -76.12 36.02
N TYR JA 191 -46.25 -77.08 35.15
CA TYR JA 191 -47.09 -77.34 33.97
C TYR JA 191 -48.09 -78.42 34.34
N GLU JA 192 -49.34 -78.02 34.53
CA GLU JA 192 -50.38 -78.95 34.98
C GLU JA 192 -51.12 -79.54 33.79
N ALA JA 193 -51.26 -80.86 33.79
CA ALA JA 193 -51.90 -81.56 32.68
C ALA JA 193 -53.39 -81.21 32.61
N ASP JA 194 -53.92 -81.15 31.40
CA ASP JA 194 -55.31 -80.83 31.15
C ASP JA 194 -56.06 -82.05 30.64
N ALA JA 195 -57.32 -82.18 31.04
CA ALA JA 195 -58.18 -83.27 30.62
C ALA JA 195 -59.07 -82.90 29.45
N THR JA 196 -58.92 -81.69 28.91
CA THR JA 196 -59.70 -81.23 27.76
C THR JA 196 -58.94 -81.30 26.45
N VAL JA 197 -57.61 -81.36 26.50
CA VAL JA 197 -56.81 -81.44 25.28
C VAL JA 197 -57.01 -82.80 24.63
N SER JA 198 -57.22 -82.78 23.31
CA SER JA 198 -57.42 -83.99 22.53
C SER JA 198 -56.35 -84.10 21.45
N LEU JA 199 -55.99 -85.34 21.13
CA LEU JA 199 -54.97 -85.62 20.12
C LEU JA 199 -55.62 -86.36 18.96
N GLN JA 200 -55.58 -85.75 17.78
CA GLN JA 200 -56.06 -86.41 16.57
C GLN JA 200 -54.91 -87.22 15.98
N THR JA 201 -54.91 -88.52 16.26
CA THR JA 201 -53.84 -89.40 15.81
C THR JA 201 -53.94 -89.63 14.31
N GLY JA 202 -52.78 -89.74 13.66
CA GLY JA 202 -52.72 -89.91 12.23
C GLY JA 202 -52.61 -88.64 11.43
N ALA JA 203 -52.46 -87.49 12.07
CA ALA JA 203 -52.34 -86.22 11.37
C ALA JA 203 -51.24 -85.39 12.00
N ILE JA 204 -50.67 -84.49 11.21
CA ILE JA 204 -49.57 -83.62 11.63
C ILE JA 204 -50.03 -82.18 11.48
N GLU JA 205 -49.75 -81.36 12.48
CA GLU JA 205 -50.10 -79.95 12.46
C GLU JA 205 -48.95 -79.14 11.87
N GLY JA 206 -49.24 -78.37 10.83
CA GLY JA 206 -48.24 -77.55 10.17
C GLY JA 206 -48.10 -76.18 10.80
N SER JA 207 -47.56 -75.25 10.02
CA SER JA 207 -47.37 -73.88 10.47
C SER JA 207 -48.64 -73.06 10.30
N ASN JA 208 -48.73 -71.98 11.08
CA ASN JA 208 -49.86 -71.07 11.01
C ASN JA 208 -49.47 -69.74 10.36
N VAL JA 209 -48.32 -69.68 9.72
CA VAL JA 209 -47.84 -68.44 9.11
C VAL JA 209 -48.72 -68.11 7.91
N ASN JA 210 -49.25 -66.89 7.89
CA ASN JA 210 -50.01 -66.39 6.76
C ASN JA 210 -49.04 -65.75 5.78
N ALA JA 211 -48.80 -66.42 4.65
CA ALA JA 211 -47.76 -65.99 3.72
C ALA JA 211 -48.06 -64.60 3.17
N VAL JA 212 -49.31 -64.34 2.79
CA VAL JA 212 -49.68 -63.03 2.27
C VAL JA 212 -49.59 -61.97 3.36
N GLY JA 213 -49.93 -62.34 4.59
CA GLY JA 213 -49.83 -61.40 5.70
C GLY JA 213 -48.41 -60.90 5.91
N GLU JA 214 -47.42 -61.78 5.72
CA GLU JA 214 -46.04 -61.35 5.83
C GLU JA 214 -45.62 -60.53 4.62
N MET JA 215 -46.08 -60.92 3.43
CA MET JA 215 -45.69 -60.22 2.21
C MET JA 215 -46.22 -58.80 2.20
N THR JA 216 -47.48 -58.59 2.60
CA THR JA 216 -48.03 -57.24 2.62
C THR JA 216 -47.42 -56.39 3.73
N ALA JA 217 -46.89 -57.02 4.78
CA ALA JA 217 -46.13 -56.28 5.78
C ALA JA 217 -44.74 -55.92 5.29
N LEU JA 218 -44.17 -56.77 4.43
CA LEU JA 218 -42.86 -56.48 3.87
C LEU JA 218 -42.88 -55.22 3.02
N ILE JA 219 -43.90 -55.06 2.18
CA ILE JA 219 -43.92 -53.98 1.20
C ILE JA 219 -44.12 -52.64 1.91
N ASP JA 220 -44.53 -52.66 3.16
CA ASP JA 220 -44.68 -51.44 3.95
C ASP JA 220 -43.46 -51.12 4.79
N LEU JA 221 -42.71 -52.12 5.22
CA LEU JA 221 -41.42 -51.87 5.87
C LEU JA 221 -40.42 -51.29 4.90
N GLN JA 222 -40.44 -51.75 3.64
CA GLN JA 222 -39.54 -51.20 2.64
C GLN JA 222 -39.82 -49.73 2.39
N ARG JA 223 -41.09 -49.36 2.24
CA ARG JA 223 -41.42 -47.96 1.98
C ARG JA 223 -41.08 -47.09 3.18
N GLN JA 224 -41.37 -47.55 4.40
CA GLN JA 224 -41.00 -46.82 5.60
C GLN JA 224 -39.48 -46.74 5.73
N PHE JA 225 -38.78 -47.80 5.34
CA PHE JA 225 -37.32 -47.80 5.35
C PHE JA 225 -36.77 -46.75 4.39
N GLU JA 226 -37.36 -46.65 3.19
CA GLU JA 226 -36.85 -45.74 2.18
C GLU JA 226 -37.13 -44.28 2.55
N MET JA 227 -38.25 -44.02 3.23
CA MET JA 227 -38.55 -42.66 3.65
C MET JA 227 -37.55 -42.16 4.68
N GLN JA 228 -37.12 -43.03 5.60
CA GLN JA 228 -36.20 -42.62 6.64
C GLN JA 228 -34.79 -42.40 6.09
N VAL JA 229 -34.38 -43.18 5.10
CA VAL JA 229 -33.04 -43.00 4.55
C VAL JA 229 -32.98 -41.75 3.69
N LYS JA 230 -34.13 -41.29 3.19
CA LYS JA 230 -34.17 -39.97 2.54
C LYS JA 230 -34.00 -38.86 3.57
N MET JA 231 -34.55 -39.05 4.76
CA MET JA 231 -34.38 -38.07 5.83
C MET JA 231 -32.91 -37.96 6.23
N MET JA 232 -32.19 -39.08 6.24
CA MET JA 232 -30.77 -39.03 6.55
C MET JA 232 -29.99 -38.22 5.53
N SER JA 233 -30.33 -38.36 4.24
CA SER JA 233 -29.64 -37.60 3.21
C SER JA 233 -29.99 -36.12 3.27
N THR JA 234 -31.27 -35.79 3.56
CA THR JA 234 -31.66 -34.39 3.60
C THR JA 234 -31.14 -33.69 4.84
N ALA JA 235 -30.91 -34.44 5.93
CA ALA JA 235 -30.23 -33.85 7.09
C ALA JA 235 -28.76 -33.62 6.78
N GLU JA 236 -28.15 -34.52 6.02
CA GLU JA 236 -26.79 -34.30 5.54
C GLU JA 236 -26.72 -33.09 4.62
N GLU JA 237 -27.72 -32.93 3.74
CA GLU JA 237 -27.73 -31.80 2.82
C GLU JA 237 -27.85 -30.47 3.57
N MET JA 238 -28.69 -30.43 4.61
CA MET JA 238 -28.86 -29.19 5.37
C MET JA 238 -27.56 -28.76 6.05
N ASP JA 239 -26.84 -29.72 6.63
CA ASP JA 239 -25.60 -29.38 7.34
C ASP JA 239 -24.52 -28.88 6.39
N LYS JA 240 -24.45 -29.46 5.19
CA LYS JA 240 -23.45 -29.01 4.22
C LYS JA 240 -23.70 -27.57 3.79
N SER JA 241 -24.98 -27.19 3.61
CA SER JA 241 -25.29 -25.82 3.23
C SER JA 241 -24.96 -24.85 4.36
N SER JA 242 -25.22 -25.24 5.61
CA SER JA 242 -24.95 -24.37 6.74
C SER JA 242 -23.46 -24.30 7.08
N ASP JA 243 -22.62 -25.00 6.31
CA ASP JA 243 -21.18 -24.96 6.55
C ASP JA 243 -20.60 -23.61 6.14
N SER JA 244 -21.40 -22.78 5.48
CA SER JA 244 -20.97 -21.48 4.97
C SER JA 244 -21.27 -20.35 5.93
N LEU JA 245 -21.39 -20.64 7.23
CA LEU JA 245 -21.55 -19.62 8.25
C LEU JA 245 -20.26 -19.32 8.99
N LEU JA 246 -19.18 -20.03 8.69
CA LEU JA 246 -17.87 -19.78 9.27
C LEU JA 246 -16.83 -19.38 8.21
N ARG JA 247 -17.26 -19.09 6.98
CA ARG JA 247 -16.32 -18.77 5.92
C ARG JA 247 -15.60 -17.45 6.21
N MET JA 248 -16.37 -16.40 6.54
CA MET JA 248 -15.82 -15.09 6.86
C MET JA 248 -14.87 -14.56 5.79
N MET KA 1 -4.38 -39.96 1.41
CA MET KA 1 -4.44 -38.69 2.14
C MET KA 1 -4.85 -38.92 3.60
N ASP KA 2 -5.71 -39.91 3.81
CA ASP KA 2 -6.19 -40.27 5.14
C ASP KA 2 -5.90 -41.71 5.50
N ARG KA 3 -5.44 -42.53 4.55
CA ARG KA 3 -5.17 -43.96 4.67
C ARG KA 3 -6.44 -44.77 4.84
N ALA KA 4 -7.60 -44.13 4.98
CA ALA KA 4 -8.86 -44.86 4.87
C ALA KA 4 -9.28 -45.02 3.41
N LEU KA 5 -8.63 -44.29 2.52
CA LEU KA 5 -8.85 -44.49 1.09
C LEU KA 5 -8.34 -45.87 0.65
N PHE KA 6 -7.14 -46.23 1.11
CA PHE KA 6 -6.58 -47.53 0.77
C PHE KA 6 -7.14 -48.63 1.65
N LEU KA 7 -7.58 -48.29 2.86
CA LEU KA 7 -8.23 -49.28 3.72
C LEU KA 7 -9.59 -49.68 3.16
N ALA KA 8 -10.27 -48.74 2.48
CA ALA KA 8 -11.51 -49.06 1.79
C ALA KA 8 -11.28 -49.59 0.39
N MET KA 9 -10.21 -49.15 -0.28
CA MET KA 9 -9.90 -49.69 -1.60
C MET KA 9 -9.55 -51.17 -1.52
N SER KA 10 -8.78 -51.57 -0.51
CA SER KA 10 -8.42 -52.97 -0.35
C SER KA 10 -9.65 -53.84 -0.12
N GLY KA 11 -10.62 -53.34 0.64
CA GLY KA 11 -11.86 -54.09 0.81
C GLY KA 11 -12.63 -54.21 -0.50
N ALA KA 12 -12.68 -53.12 -1.27
CA ALA KA 12 -13.37 -53.16 -2.56
C ALA KA 12 -12.67 -54.09 -3.53
N LYS KA 13 -11.33 -54.04 -3.57
CA LYS KA 13 -10.58 -54.92 -4.47
C LYS KA 13 -10.78 -56.39 -4.10
N GLN KA 14 -10.77 -56.71 -2.81
CA GLN KA 14 -10.93 -58.10 -2.40
C GLN KA 14 -12.34 -58.62 -2.67
N ASN KA 15 -13.33 -57.74 -2.57
CA ASN KA 15 -14.69 -58.15 -2.92
C ASN KA 15 -14.78 -58.55 -4.39
N MET KA 16 -14.02 -57.88 -5.26
CA MET KA 16 -13.95 -58.29 -6.66
C MET KA 16 -13.32 -59.66 -6.81
N GLN KA 17 -12.27 -59.94 -6.03
CA GLN KA 17 -11.62 -61.25 -6.12
C GLN KA 17 -12.56 -62.36 -5.70
N ALA KA 18 -13.34 -62.15 -4.64
CA ALA KA 18 -14.36 -63.12 -4.26
C ALA KA 18 -15.43 -63.25 -5.33
N LEU KA 19 -15.74 -62.14 -6.01
CA LEU KA 19 -16.71 -62.19 -7.11
C LEU KA 19 -16.18 -63.04 -8.25
N GLN KA 20 -14.89 -62.97 -8.55
CA GLN KA 20 -14.31 -63.82 -9.57
C GLN KA 20 -14.38 -65.29 -9.17
N LEU KA 21 -14.17 -65.59 -7.88
CA LEU KA 21 -14.24 -66.97 -7.43
C LEU KA 21 -15.64 -67.53 -7.56
N ARG KA 22 -16.65 -66.74 -7.21
CA ARG KA 22 -18.03 -67.20 -7.33
C ARG KA 22 -18.44 -67.32 -8.80
N ALA KA 23 -17.95 -66.41 -9.64
CA ALA KA 23 -18.30 -66.46 -11.05
C ALA KA 23 -17.76 -67.72 -11.72
N ASN KA 24 -16.67 -68.28 -11.19
CA ASN KA 24 -16.13 -69.51 -11.74
C ASN KA 24 -17.03 -70.70 -11.42
N ASN KA 25 -17.66 -70.70 -10.24
CA ASN KA 25 -18.58 -71.77 -9.89
C ASN KA 25 -19.79 -71.79 -10.80
N LEU KA 26 -20.33 -70.61 -11.12
CA LEU KA 26 -21.50 -70.54 -11.99
C LEU KA 26 -21.15 -70.91 -13.43
N ALA KA 27 -19.94 -70.62 -13.87
CA ALA KA 27 -19.50 -71.05 -15.20
C ALA KA 27 -19.36 -72.56 -15.27
N ASN KA 28 -19.12 -73.22 -14.14
CA ASN KA 28 -18.90 -74.66 -14.08
C ASN KA 28 -20.05 -75.40 -13.43
N VAL KA 29 -21.29 -74.97 -13.67
CA VAL KA 29 -22.45 -75.64 -13.10
C VAL KA 29 -22.63 -77.02 -13.72
N SER KA 30 -22.45 -77.12 -15.04
CA SER KA 30 -22.67 -78.36 -15.76
C SER KA 30 -21.43 -79.25 -15.83
N THR KA 31 -20.31 -78.81 -15.25
CA THR KA 31 -19.08 -79.59 -15.29
C THR KA 31 -19.24 -80.90 -14.52
N THR KA 32 -18.57 -81.95 -15.01
CA THR KA 32 -18.67 -83.27 -14.44
C THR KA 32 -17.68 -83.45 -13.30
N GLY KA 33 -18.18 -83.87 -12.14
CA GLY KA 33 -17.32 -84.08 -10.99
C GLY KA 33 -16.65 -82.82 -10.49
N PHE KA 34 -17.36 -81.71 -10.49
CA PHE KA 34 -16.81 -80.42 -10.10
C PHE KA 34 -17.25 -80.08 -8.69
N ARG KA 35 -16.27 -79.81 -7.82
CA ARG KA 35 -16.54 -79.47 -6.43
C ARG KA 35 -16.49 -77.94 -6.30
N ALA KA 36 -17.60 -77.35 -5.86
CA ALA KA 36 -17.68 -75.90 -5.76
C ALA KA 36 -16.69 -75.37 -4.72
N ASP KA 37 -16.02 -74.28 -5.07
CA ASP KA 37 -15.06 -73.64 -4.19
C ASP KA 37 -15.77 -72.71 -3.21
N LEU KA 38 -15.28 -72.67 -1.98
CA LEU KA 38 -15.80 -71.77 -0.97
C LEU KA 38 -15.06 -70.44 -1.00
N ALA KA 39 -15.71 -69.40 -0.49
CA ALA KA 39 -15.11 -68.07 -0.41
C ALA KA 39 -15.50 -67.43 0.91
N GLN KA 40 -14.53 -66.83 1.60
CA GLN KA 40 -14.77 -66.11 2.82
C GLN KA 40 -13.77 -64.97 2.93
N ALA KA 41 -13.82 -64.27 4.06
CA ALA KA 41 -12.93 -63.15 4.33
C ALA KA 41 -12.27 -63.32 5.69
N ARG KA 42 -11.03 -62.87 5.81
CA ARG KA 42 -10.28 -62.94 7.05
C ARG KA 42 -9.87 -61.54 7.50
N SER KA 43 -10.12 -61.24 8.78
CA SER KA 43 -9.83 -59.93 9.34
C SER KA 43 -8.39 -59.93 9.86
N MET KA 44 -7.50 -59.25 9.15
CA MET KA 44 -6.11 -59.13 9.55
C MET KA 44 -5.85 -57.71 10.04
N GLN KA 45 -5.46 -57.59 11.30
CA GLN KA 45 -5.26 -56.28 11.92
C GLN KA 45 -3.83 -55.80 11.74
N ALA KA 46 -3.68 -54.49 11.58
CA ALA KA 46 -2.36 -53.87 11.45
C ALA KA 46 -1.84 -53.60 12.85
N TYR KA 47 -1.16 -54.59 13.43
CA TYR KA 47 -0.61 -54.43 14.76
C TYR KA 47 0.62 -53.53 14.73
N GLY KA 48 0.73 -52.67 15.74
CA GLY KA 48 1.85 -51.74 15.82
C GLY KA 48 1.60 -50.61 16.79
N GLU KA 49 2.04 -49.41 16.43
CA GLU KA 49 1.84 -48.23 17.26
C GLU KA 49 0.57 -47.50 16.86
N GLY KA 50 -0.03 -46.83 17.83
CA GLY KA 50 -1.26 -46.10 17.60
C GLY KA 50 -2.49 -46.87 18.05
N HIS KA 51 -3.64 -46.28 17.75
CA HIS KA 51 -4.91 -46.86 18.15
C HIS KA 51 -5.26 -48.05 17.27
N PRO KA 52 -5.79 -49.13 17.85
CA PRO KA 52 -6.17 -50.29 17.04
C PRO KA 52 -7.44 -50.04 16.23
N SER KA 53 -7.32 -49.29 15.14
CA SER KA 53 -8.48 -48.91 14.34
C SER KA 53 -8.44 -49.38 12.90
N ARG KA 54 -7.29 -49.84 12.40
CA ARG KA 54 -7.14 -50.23 11.00
C ARG KA 54 -7.02 -51.74 10.91
N VAL KA 55 -8.04 -52.39 10.34
CA VAL KA 55 -8.08 -53.83 10.16
C VAL KA 55 -8.40 -54.12 8.70
N PHE KA 56 -7.57 -54.93 8.05
CA PHE KA 56 -7.77 -55.29 6.66
C PHE KA 56 -8.52 -56.61 6.54
N SER KA 57 -9.07 -56.86 5.36
CA SER KA 57 -9.75 -58.11 5.05
C SER KA 57 -9.32 -58.58 3.68
N MET KA 58 -8.93 -59.86 3.59
CA MET KA 58 -8.57 -60.49 2.34
C MET KA 58 -9.40 -61.74 2.16
N THR KA 59 -9.79 -62.02 0.91
CA THR KA 59 -10.56 -63.21 0.62
C THR KA 59 -9.65 -64.42 0.56
N GLU KA 60 -10.23 -65.59 0.86
CA GLU KA 60 -9.49 -66.84 0.86
C GLU KA 60 -10.45 -67.97 0.51
N ARG KA 61 -9.88 -69.12 0.15
CA ARG KA 61 -10.66 -70.30 -0.18
C ARG KA 61 -10.50 -71.32 0.93
N PRO KA 62 -11.30 -71.27 2.00
CA PRO KA 62 -11.09 -72.17 3.13
C PRO KA 62 -11.33 -73.63 2.81
N GLY KA 63 -12.09 -73.94 1.77
CA GLY KA 63 -12.38 -75.33 1.47
C GLY KA 63 -13.26 -75.46 0.25
N HIS KA 64 -13.78 -76.66 0.05
CA HIS KA 64 -14.63 -76.96 -1.09
C HIS KA 64 -15.88 -77.70 -0.60
N ASN KA 65 -16.93 -77.61 -1.40
CA ASN KA 65 -18.17 -78.32 -1.10
C ASN KA 65 -18.03 -79.74 -1.61
N PHE KA 66 -17.78 -80.68 -0.70
CA PHE KA 66 -17.56 -82.08 -1.05
C PHE KA 66 -18.85 -82.89 -1.02
N ALA KA 67 -20.00 -82.23 -1.08
CA ALA KA 67 -21.26 -82.96 -1.10
C ALA KA 67 -21.42 -83.70 -2.43
N GLN KA 68 -22.26 -84.73 -2.40
CA GLN KA 68 -22.53 -85.50 -3.61
C GLN KA 68 -23.15 -84.62 -4.67
N GLY KA 69 -22.65 -84.74 -5.90
CA GLY KA 69 -23.14 -83.92 -7.00
C GLY KA 69 -24.45 -84.45 -7.55
N SER KA 70 -24.82 -83.90 -8.70
CA SER KA 70 -26.02 -84.33 -9.42
C SER KA 70 -25.64 -85.51 -10.31
N VAL KA 71 -26.34 -86.63 -10.13
CA VAL KA 71 -26.04 -87.85 -10.87
C VAL KA 71 -26.88 -87.88 -12.15
N ILE KA 72 -26.21 -88.02 -13.28
CA ILE KA 72 -26.87 -88.05 -14.58
C ILE KA 72 -26.84 -89.48 -15.09
N THR KA 73 -28.01 -90.04 -15.39
CA THR KA 73 -28.12 -91.38 -15.94
C THR KA 73 -27.94 -91.30 -17.45
N THR KA 74 -26.91 -91.98 -17.96
CA THR KA 74 -26.60 -91.97 -19.37
C THR KA 74 -26.75 -93.33 -20.05
N GLY KA 75 -26.88 -94.40 -19.26
CA GLY KA 75 -26.99 -95.73 -19.84
C GLY KA 75 -25.77 -96.14 -20.64
N ARG KA 76 -24.59 -95.72 -20.19
CA ARG KA 76 -23.34 -96.01 -20.88
C ARG KA 76 -22.49 -96.89 -19.98
N ASP KA 77 -21.88 -97.93 -20.57
CA ASP KA 77 -21.11 -98.88 -19.79
C ASP KA 77 -19.89 -98.22 -19.14
N LEU KA 78 -19.28 -97.27 -19.84
CA LEU KA 78 -18.07 -96.60 -19.36
C LEU KA 78 -18.36 -95.34 -18.56
N ASP KA 79 -19.58 -95.19 -18.04
CA ASP KA 79 -19.94 -94.06 -17.19
C ASP KA 79 -20.16 -94.56 -15.77
N VAL KA 80 -19.36 -94.05 -14.84
CA VAL KA 80 -19.46 -94.43 -13.44
C VAL KA 80 -19.46 -93.17 -12.59
N THR KA 81 -20.09 -93.26 -11.41
CA THR KA 81 -20.09 -92.18 -10.44
C THR KA 81 -19.85 -92.76 -9.05
N ILE KA 82 -19.12 -92.02 -8.22
CA ILE KA 82 -18.81 -92.47 -6.87
C ILE KA 82 -20.05 -92.33 -6.00
N GLU KA 83 -20.36 -93.38 -5.24
CA GLU KA 83 -21.49 -93.36 -4.32
C GLU KA 83 -21.06 -92.70 -3.01
N GLY KA 84 -21.58 -91.52 -2.73
CA GLY KA 84 -21.27 -90.81 -1.51
C GLY KA 84 -19.93 -90.13 -1.51
N SER KA 85 -19.00 -90.59 -0.69
CA SER KA 85 -17.69 -90.00 -0.55
C SER KA 85 -16.63 -90.92 -1.15
N GLY KA 86 -15.77 -90.34 -1.97
CA GLY KA 86 -14.70 -91.11 -2.58
C GLY KA 86 -14.03 -90.33 -3.69
N TRP KA 87 -13.04 -90.97 -4.30
CA TRP KA 87 -12.27 -90.35 -5.37
C TRP KA 87 -11.77 -91.43 -6.32
N ILE KA 88 -11.34 -90.99 -7.49
CA ILE KA 88 -10.71 -91.86 -8.49
C ILE KA 88 -9.30 -91.37 -8.71
N SER KA 89 -8.33 -92.27 -8.58
CA SER KA 89 -6.93 -91.90 -8.75
C SER KA 89 -6.58 -91.82 -10.23
N VAL KA 90 -6.09 -90.66 -10.65
CA VAL KA 90 -5.65 -90.43 -12.02
C VAL KA 90 -4.32 -89.69 -11.99
N LEU KA 91 -3.57 -89.82 -13.08
CA LEU KA 91 -2.35 -89.06 -13.27
C LEU KA 91 -2.51 -88.15 -14.48
N ASP KA 92 -2.09 -86.90 -14.35
CA ASP KA 92 -2.22 -85.91 -15.41
C ASP KA 92 -1.06 -86.09 -16.41
N HIS KA 93 -0.89 -85.10 -17.29
CA HIS KA 93 0.14 -85.18 -18.32
C HIS KA 93 1.53 -85.27 -17.68
N THR KA 94 1.75 -84.56 -16.59
CA THR KA 94 3.06 -84.59 -15.92
C THR KA 94 3.37 -85.98 -15.39
N GLY KA 95 2.35 -86.69 -14.92
CA GLY KA 95 2.56 -88.03 -14.39
C GLY KA 95 2.46 -88.05 -12.87
N LYS KA 96 1.68 -87.15 -12.31
CA LYS KA 96 1.52 -87.01 -10.87
C LYS KA 96 0.12 -87.45 -10.48
N GLU KA 97 0.04 -88.29 -9.44
CA GLU KA 97 -1.25 -88.82 -9.00
C GLU KA 97 -2.15 -87.70 -8.49
N GLY KA 98 -3.43 -87.77 -8.84
CA GLY KA 98 -4.39 -86.81 -8.38
C GLY KA 98 -5.76 -87.43 -8.27
N LEU KA 99 -6.56 -86.89 -7.37
CA LEU KA 99 -7.90 -87.40 -7.09
C LEU KA 99 -8.93 -86.62 -7.89
N THR KA 100 -9.72 -87.33 -8.68
CA THR KA 100 -10.77 -86.71 -9.49
C THR KA 100 -12.07 -87.46 -9.28
N ARG KA 101 -13.16 -86.84 -9.74
CA ARG KA 101 -14.48 -87.44 -9.68
C ARG KA 101 -15.13 -87.49 -11.06
N ASN KA 102 -14.37 -87.29 -12.13
CA ASN KA 102 -14.88 -87.33 -13.48
C ASN KA 102 -14.90 -88.79 -13.94
N GLY KA 103 -16.07 -89.41 -13.85
CA GLY KA 103 -16.20 -90.82 -14.18
C GLY KA 103 -16.58 -91.07 -15.62
N ASN KA 104 -16.38 -90.07 -16.48
CA ASN KA 104 -16.69 -90.18 -17.89
C ASN KA 104 -15.48 -90.83 -18.57
N LEU KA 105 -15.40 -92.15 -18.47
CA LEU KA 105 -14.24 -92.90 -18.95
C LEU KA 105 -14.36 -93.19 -20.45
N LYS KA 106 -13.21 -93.49 -21.05
CA LYS KA 106 -13.15 -93.82 -22.47
C LYS KA 106 -11.93 -94.69 -22.71
N VAL KA 107 -11.92 -95.35 -23.86
CA VAL KA 107 -10.83 -96.25 -24.25
C VAL KA 107 -10.27 -95.76 -25.58
N ASP KA 108 -8.96 -95.60 -25.65
CA ASP KA 108 -8.30 -95.13 -26.87
C ASP KA 108 -8.00 -96.32 -27.77
N GLN KA 109 -7.21 -96.08 -28.83
CA GLN KA 109 -6.88 -97.15 -29.76
C GLN KA 109 -5.91 -98.16 -29.16
N ASN KA 110 -5.01 -97.70 -28.27
CA ASN KA 110 -4.06 -98.61 -27.64
C ASN KA 110 -4.69 -99.43 -26.53
N GLY KA 111 -5.87 -99.04 -26.05
CA GLY KA 111 -6.55 -99.76 -24.99
C GLY KA 111 -6.45 -99.12 -23.63
N MET KA 112 -5.71 -98.02 -23.49
CA MET KA 112 -5.59 -97.36 -22.20
C MET KA 112 -6.92 -96.75 -21.78
N LEU KA 113 -7.27 -96.92 -20.51
CA LEU KA 113 -8.52 -96.39 -19.98
C LEU KA 113 -8.28 -95.00 -19.42
N THR KA 114 -8.76 -93.98 -20.14
CA THR KA 114 -8.68 -92.60 -19.70
C THR KA 114 -10.08 -92.08 -19.41
N ASN KA 115 -10.16 -90.85 -18.94
CA ASN KA 115 -11.43 -90.19 -18.68
C ASN KA 115 -11.67 -89.13 -19.75
N ALA KA 116 -12.74 -88.36 -19.56
CA ALA KA 116 -13.11 -87.36 -20.57
C ALA KA 116 -12.06 -86.28 -20.72
N SER KA 117 -11.29 -86.00 -19.67
CA SER KA 117 -10.27 -84.97 -19.70
C SER KA 117 -8.91 -85.49 -20.13
N GLY KA 118 -8.77 -86.78 -20.40
CA GLY KA 118 -7.53 -87.35 -20.85
C GLY KA 118 -6.60 -87.86 -19.76
N HIS KA 119 -7.06 -87.90 -18.51
CA HIS KA 119 -6.23 -88.39 -17.42
C HIS KA 119 -6.29 -89.90 -17.34
N LEU KA 120 -5.12 -90.54 -17.27
CA LEU KA 120 -5.07 -91.99 -17.17
C LEU KA 120 -5.59 -92.45 -15.81
N VAL KA 121 -6.40 -93.51 -15.83
CA VAL KA 121 -7.03 -94.02 -14.62
C VAL KA 121 -6.13 -95.12 -14.04
N LEU KA 122 -5.84 -95.03 -12.75
CA LEU KA 122 -4.95 -95.95 -12.08
C LEU KA 122 -5.68 -97.20 -11.63
N GLY KA 123 -4.91 -98.26 -11.39
CA GLY KA 123 -5.47 -99.53 -10.98
C GLY KA 123 -4.84 -100.09 -9.71
N GLU KA 124 -5.05 -101.39 -9.49
CA GLU KA 124 -4.51 -102.05 -8.29
C GLU KA 124 -2.98 -102.06 -8.32
N ASN KA 125 -2.38 -102.26 -9.49
CA ASN KA 125 -0.94 -102.27 -9.64
C ASN KA 125 -0.31 -100.89 -9.44
N ASP KA 126 -1.13 -99.84 -9.30
CA ASP KA 126 -0.73 -98.43 -9.26
C ASP KA 126 -0.18 -97.96 -10.60
N ALA KA 127 -0.43 -98.69 -11.67
CA ALA KA 127 -0.13 -98.31 -13.03
C ALA KA 127 -1.42 -98.04 -13.79
N PRO KA 128 -1.38 -97.22 -14.84
CA PRO KA 128 -2.60 -96.95 -15.61
C PRO KA 128 -3.20 -98.23 -16.15
N ILE KA 129 -4.53 -98.30 -16.14
CA ILE KA 129 -5.23 -99.52 -16.55
C ILE KA 129 -5.20 -99.62 -18.06
N THR KA 130 -4.72 -100.75 -18.57
CA THR KA 130 -4.67 -101.02 -19.99
C THR KA 130 -5.44 -102.30 -20.26
N LEU KA 131 -6.39 -102.24 -21.17
CA LEU KA 131 -7.26 -103.37 -21.50
C LEU KA 131 -6.78 -104.04 -22.78
N PRO KA 132 -7.15 -105.29 -23.01
CA PRO KA 132 -6.87 -105.92 -24.31
C PRO KA 132 -7.53 -105.15 -25.43
N ILE KA 133 -6.85 -105.08 -26.58
CA ILE KA 133 -7.33 -104.22 -27.66
C ILE KA 133 -8.68 -104.67 -28.22
N PRO KA 134 -8.86 -105.91 -28.71
CA PRO KA 134 -10.15 -106.27 -29.35
C PRO KA 134 -11.22 -106.69 -28.36
N LEU KA 135 -11.86 -105.69 -27.75
CA LEU KA 135 -12.92 -105.94 -26.79
C LEU KA 135 -14.27 -106.11 -27.49
N SER KA 136 -15.21 -106.71 -26.78
CA SER KA 136 -16.58 -106.84 -27.25
C SER KA 136 -17.64 -106.49 -26.22
N LYS KA 137 -17.28 -106.43 -24.93
CA LYS KA 137 -18.24 -106.05 -23.89
C LYS KA 137 -17.44 -105.68 -22.65
N ILE KA 138 -17.53 -104.41 -22.24
CA ILE KA 138 -16.83 -103.91 -21.06
C ILE KA 138 -17.86 -103.56 -20.00
N GLU KA 139 -17.74 -104.18 -18.83
CA GLU KA 139 -18.64 -103.92 -17.71
C GLU KA 139 -17.82 -103.55 -16.48
N ILE KA 140 -18.16 -102.43 -15.87
CA ILE KA 140 -17.50 -101.98 -14.64
C ILE KA 140 -18.28 -102.52 -13.45
N GLY KA 141 -17.56 -103.17 -12.53
CA GLY KA 141 -18.20 -103.73 -11.37
C GLY KA 141 -18.62 -102.69 -10.36
N ARG KA 142 -19.36 -103.14 -9.35
CA ARG KA 142 -19.82 -102.24 -8.30
C ARG KA 142 -18.65 -101.67 -7.52
N ASP KA 143 -17.64 -102.49 -7.23
CA ASP KA 143 -16.48 -102.06 -6.46
C ASP KA 143 -15.30 -101.65 -7.33
N GLY KA 144 -15.55 -101.18 -8.56
CA GLY KA 144 -14.49 -100.76 -9.44
C GLY KA 144 -13.88 -101.84 -10.29
N THR KA 145 -14.35 -103.08 -10.17
CA THR KA 145 -13.81 -104.18 -10.96
C THR KA 145 -14.14 -103.99 -12.43
N ILE KA 146 -13.17 -104.27 -13.29
CA ILE KA 146 -13.33 -104.15 -14.74
C ILE KA 146 -13.31 -105.55 -15.31
N SER KA 147 -14.44 -106.00 -15.86
CA SER KA 147 -14.56 -107.30 -16.48
C SER KA 147 -14.86 -107.13 -17.96
N VAL KA 148 -14.05 -107.78 -18.80
CA VAL KA 148 -14.15 -107.62 -20.25
C VAL KA 148 -14.46 -108.95 -20.89
N LEU KA 149 -14.93 -108.89 -22.13
CA LEU KA 149 -15.22 -110.07 -22.94
C LEU KA 149 -14.39 -110.02 -24.20
N PRO KA 150 -13.46 -110.95 -24.42
CA PRO KA 150 -12.66 -110.93 -25.64
C PRO KA 150 -13.54 -111.07 -26.88
N GLN KA 151 -13.12 -110.42 -27.96
CA GLN KA 151 -13.91 -110.40 -29.18
C GLN KA 151 -14.03 -111.81 -29.75
N GLY KA 152 -15.27 -112.27 -29.94
CA GLY KA 152 -15.54 -113.59 -30.45
C GLY KA 152 -15.66 -114.66 -29.39
N ALA KA 153 -15.39 -114.34 -28.13
CA ALA KA 153 -15.52 -115.31 -27.05
C ALA KA 153 -16.99 -115.50 -26.67
N PRO KA 154 -17.36 -116.68 -26.18
CA PRO KA 154 -18.74 -116.90 -25.73
C PRO KA 154 -19.07 -116.09 -24.49
N ALA KA 155 -20.36 -116.02 -24.13
CA ALA KA 155 -20.80 -115.19 -23.01
C ALA KA 155 -20.29 -115.68 -21.68
N GLU KA 156 -19.76 -116.90 -21.59
CA GLU KA 156 -19.27 -117.45 -20.33
C GLU KA 156 -17.79 -117.17 -20.10
N GLU KA 157 -17.10 -116.58 -21.07
CA GLU KA 157 -15.69 -116.22 -20.90
C GLU KA 157 -15.52 -114.81 -20.37
N PHE KA 158 -16.18 -114.52 -19.25
CA PHE KA 158 -16.10 -113.22 -18.61
C PHE KA 158 -15.06 -113.26 -17.50
N GLN KA 159 -14.02 -112.44 -17.62
CA GLN KA 159 -12.98 -112.39 -16.60
C GLN KA 159 -12.64 -110.94 -16.31
N ALA KA 160 -12.18 -110.70 -15.07
CA ALA KA 160 -11.74 -109.38 -14.66
C ALA KA 160 -10.30 -109.15 -15.10
N VAL KA 161 -9.99 -107.91 -15.45
CA VAL KA 161 -8.66 -107.57 -15.94
C VAL KA 161 -7.98 -106.57 -15.01
N ASP KA 162 -8.76 -105.71 -14.37
CA ASP KA 162 -8.20 -104.67 -13.51
C ASP KA 162 -9.28 -104.17 -12.57
N ARG KA 163 -8.87 -103.32 -11.64
CA ARG KA 163 -9.75 -102.75 -10.62
C ARG KA 163 -9.49 -101.26 -10.53
N ILE KA 164 -10.55 -100.46 -10.56
CA ILE KA 164 -10.39 -99.02 -10.46
C ILE KA 164 -9.93 -98.65 -9.06
N LYS KA 165 -8.90 -97.81 -8.98
CA LYS KA 165 -8.33 -97.41 -7.69
C LYS KA 165 -9.19 -96.30 -7.10
N LEU KA 166 -9.96 -96.63 -6.07
CA LEU KA 166 -10.81 -95.68 -5.37
C LEU KA 166 -10.18 -95.32 -4.03
N VAL KA 167 -10.05 -94.03 -3.77
CA VAL KA 167 -9.41 -93.52 -2.57
C VAL KA 167 -10.42 -92.70 -1.80
N LYS KA 168 -10.49 -92.91 -0.48
CA LYS KA 168 -11.39 -92.16 0.40
C LYS KA 168 -10.58 -91.60 1.56
N PRO KA 169 -9.84 -90.51 1.33
CA PRO KA 169 -9.10 -89.87 2.42
C PRO KA 169 -9.93 -88.81 3.11
N ASN KA 170 -9.36 -88.15 4.12
CA ASN KA 170 -10.07 -87.06 4.78
C ASN KA 170 -10.25 -85.89 3.82
N ASP KA 171 -11.50 -85.42 3.69
CA ASP KA 171 -11.79 -84.38 2.72
C ASP KA 171 -11.08 -83.07 3.05
N GLN KA 172 -11.00 -82.73 4.35
CA GLN KA 172 -10.39 -81.47 4.74
C GLN KA 172 -8.87 -81.47 4.57
N SER KA 173 -8.27 -82.62 4.28
CA SER KA 173 -6.84 -82.71 4.03
C SER KA 173 -6.50 -82.67 2.55
N LEU KA 174 -7.45 -82.24 1.71
CA LEU KA 174 -7.25 -82.18 0.27
C LEU KA 174 -7.35 -80.73 -0.20
N PHE KA 175 -6.58 -80.40 -1.23
CA PHE KA 175 -6.65 -79.09 -1.86
C PHE KA 175 -6.72 -79.28 -3.37
N LYS KA 176 -7.51 -78.42 -4.03
CA LYS KA 176 -7.61 -78.47 -5.48
C LYS KA 176 -6.36 -77.85 -6.11
N ASP KA 177 -5.75 -78.57 -7.04
CA ASP KA 177 -4.53 -78.10 -7.68
C ASP KA 177 -4.86 -77.11 -8.79
N THR KA 178 -3.85 -76.68 -9.53
CA THR KA 178 -4.05 -75.72 -10.61
C THR KA 178 -4.76 -76.30 -11.81
N ASN KA 179 -4.92 -77.62 -11.89
CA ASN KA 179 -5.58 -78.27 -13.02
C ASN KA 179 -6.84 -79.00 -12.61
N GLY KA 180 -7.42 -78.65 -11.46
CA GLY KA 180 -8.66 -79.22 -11.01
C GLY KA 180 -8.55 -80.56 -10.31
N LEU KA 181 -7.35 -81.10 -10.13
CA LEU KA 181 -7.17 -82.38 -9.46
C LEU KA 181 -6.90 -82.15 -7.97
N PHE KA 182 -7.66 -82.83 -7.13
CA PHE KA 182 -7.46 -82.75 -5.69
C PHE KA 182 -6.27 -83.61 -5.29
N ARG KA 183 -5.37 -83.05 -4.48
CA ARG KA 183 -4.19 -83.74 -3.98
C ARG KA 183 -4.07 -83.52 -2.48
N HIS KA 184 -3.12 -84.23 -1.88
CA HIS KA 184 -2.85 -84.06 -0.46
C HIS KA 184 -2.10 -82.75 -0.22
N LYS KA 185 -2.42 -82.09 0.90
CA LYS KA 185 -1.68 -80.90 1.28
C LYS KA 185 -0.26 -81.25 1.71
N THR KA 186 -0.08 -82.37 2.38
CA THR KA 186 1.26 -82.85 2.74
C THR KA 186 1.85 -83.61 1.57
N PRO KA 187 2.96 -83.15 0.99
CA PRO KA 187 3.52 -83.82 -0.19
C PRO KA 187 4.09 -85.18 0.15
N ASN KA 188 4.22 -86.02 -0.88
CA ASN KA 188 4.79 -87.36 -0.77
C ASN KA 188 4.04 -88.21 0.25
N GLN KA 189 2.72 -88.10 0.24
CA GLN KA 189 1.85 -88.94 1.07
C GLN KA 189 1.06 -89.87 0.16
N PRO KA 190 1.21 -91.19 0.31
CA PRO KA 190 0.55 -92.11 -0.61
C PRO KA 190 -0.96 -92.05 -0.50
N TYR KA 191 -1.63 -92.30 -1.63
CA TYR KA 191 -3.09 -92.38 -1.68
C TYR KA 191 -3.48 -93.84 -1.50
N GLU KA 192 -3.95 -94.17 -0.29
CA GLU KA 192 -4.31 -95.56 -0.01
C GLU KA 192 -5.62 -95.91 -0.69
N ALA KA 193 -5.64 -97.07 -1.35
CA ALA KA 193 -6.83 -97.53 -2.07
C ALA KA 193 -7.85 -98.04 -1.07
N ASP KA 194 -9.04 -97.44 -1.06
CA ASP KA 194 -10.07 -97.84 -0.12
C ASP KA 194 -10.95 -98.93 -0.73
N ALA KA 195 -11.37 -99.87 0.12
CA ALA KA 195 -12.20 -100.99 -0.29
C ALA KA 195 -13.67 -100.79 0.07
N THR KA 196 -14.03 -99.59 0.51
CA THR KA 196 -15.41 -99.27 0.86
C THR KA 196 -16.13 -98.45 -0.20
N VAL KA 197 -15.38 -97.65 -0.99
CA VAL KA 197 -16.01 -96.79 -1.98
C VAL KA 197 -16.66 -97.62 -3.06
N SER KA 198 -17.90 -97.26 -3.42
CA SER KA 198 -18.68 -97.97 -4.43
C SER KA 198 -18.96 -97.06 -5.61
N LEU KA 199 -19.02 -97.66 -6.79
CA LEU KA 199 -19.28 -96.94 -8.04
C LEU KA 199 -20.67 -97.32 -8.54
N GLN KA 200 -21.49 -96.30 -8.79
CA GLN KA 200 -22.80 -96.51 -9.39
C GLN KA 200 -22.66 -96.40 -10.91
N THR KA 201 -22.40 -97.53 -11.55
CA THR KA 201 -22.15 -97.53 -12.99
C THR KA 201 -23.43 -97.19 -13.75
N GLY KA 202 -23.25 -96.77 -15.00
CA GLY KA 202 -24.35 -96.31 -15.81
C GLY KA 202 -24.79 -94.89 -15.54
N ALA KA 203 -24.00 -94.11 -14.82
CA ALA KA 203 -24.37 -92.74 -14.49
C ALA KA 203 -23.12 -91.88 -14.38
N ILE KA 204 -23.32 -90.57 -14.50
CA ILE KA 204 -22.25 -89.59 -14.43
C ILE KA 204 -22.63 -88.55 -13.38
N GLU KA 205 -21.66 -88.17 -12.56
CA GLU KA 205 -21.89 -87.19 -11.49
C GLU KA 205 -21.59 -85.79 -11.98
N GLY KA 206 -22.56 -84.89 -11.85
CA GLY KA 206 -22.37 -83.50 -12.19
C GLY KA 206 -21.75 -82.71 -11.05
N SER KA 207 -21.78 -81.39 -11.21
CA SER KA 207 -21.23 -80.49 -10.19
C SER KA 207 -22.21 -80.35 -9.02
N ASN KA 208 -21.67 -79.86 -7.90
CA ASN KA 208 -22.47 -79.64 -6.70
C ASN KA 208 -22.64 -78.16 -6.39
N VAL KA 209 -22.50 -77.32 -7.41
CA VAL KA 209 -22.67 -75.88 -7.23
C VAL KA 209 -24.12 -75.58 -6.89
N ASN KA 210 -24.34 -74.90 -5.77
CA ASN KA 210 -25.67 -74.44 -5.39
C ASN KA 210 -25.89 -73.08 -6.04
N ALA KA 211 -26.62 -73.06 -7.15
CA ALA KA 211 -26.72 -71.86 -7.97
C ALA KA 211 -27.34 -70.71 -7.20
N VAL KA 212 -28.40 -70.98 -6.42
CA VAL KA 212 -29.04 -69.92 -5.66
C VAL KA 212 -28.10 -69.41 -4.56
N GLY KA 213 -27.33 -70.32 -3.96
CA GLY KA 213 -26.37 -69.90 -2.95
C GLY KA 213 -25.30 -68.97 -3.51
N GLU KA 214 -24.88 -69.22 -4.74
CA GLU KA 214 -23.93 -68.33 -5.39
C GLU KA 214 -24.53 -66.96 -5.65
N MET KA 215 -25.79 -66.92 -6.11
CA MET KA 215 -26.41 -65.64 -6.44
C MET KA 215 -26.65 -64.79 -5.20
N THR KA 216 -27.12 -65.41 -4.11
CA THR KA 216 -27.40 -64.64 -2.90
C THR KA 216 -26.13 -64.15 -2.23
N ALA KA 217 -24.98 -64.75 -2.53
CA ALA KA 217 -23.71 -64.21 -2.07
C ALA KA 217 -23.17 -63.15 -3.03
N LEU KA 218 -23.57 -63.23 -4.30
CA LEU KA 218 -23.20 -62.18 -5.25
C LEU KA 218 -23.83 -60.84 -4.88
N ILE KA 219 -25.10 -60.86 -4.48
CA ILE KA 219 -25.78 -59.61 -4.14
C ILE KA 219 -25.20 -58.99 -2.88
N ASP KA 220 -24.69 -59.83 -1.97
CA ASP KA 220 -24.02 -59.31 -0.79
C ASP KA 220 -22.67 -58.69 -1.13
N LEU KA 221 -21.93 -59.32 -2.05
CA LEU KA 221 -20.63 -58.78 -2.44
C LEU KA 221 -20.79 -57.43 -3.13
N GLN KA 222 -21.84 -57.26 -3.93
CA GLN KA 222 -22.06 -55.99 -4.59
C GLN KA 222 -22.28 -54.87 -3.58
N ARG KA 223 -23.13 -55.10 -2.59
CA ARG KA 223 -23.45 -54.06 -1.62
C ARG KA 223 -22.23 -53.69 -0.78
N GLN KA 224 -21.48 -54.69 -0.32
CA GLN KA 224 -20.28 -54.41 0.46
C GLN KA 224 -19.23 -53.71 -0.38
N PHE KA 225 -19.12 -54.09 -1.66
CA PHE KA 225 -18.17 -53.44 -2.56
C PHE KA 225 -18.53 -51.96 -2.75
N GLU KA 226 -19.81 -51.66 -2.94
CA GLU KA 226 -20.21 -50.29 -3.23
C GLU KA 226 -20.10 -49.39 -2.01
N MET KA 227 -20.35 -49.93 -0.82
CA MET KA 227 -20.22 -49.14 0.40
C MET KA 227 -18.77 -48.69 0.59
N GLN KA 228 -17.82 -49.58 0.33
CA GLN KA 228 -16.41 -49.22 0.46
C GLN KA 228 -16.00 -48.20 -0.59
N VAL KA 229 -16.61 -48.25 -1.77
CA VAL KA 229 -16.32 -47.25 -2.79
C VAL KA 229 -16.82 -45.87 -2.35
N LYS KA 230 -17.94 -45.81 -1.64
CA LYS KA 230 -18.41 -44.54 -1.11
C LYS KA 230 -17.47 -44.02 -0.03
N MET KA 231 -16.84 -44.92 0.73
CA MET KA 231 -15.83 -44.50 1.69
C MET KA 231 -14.63 -43.88 0.98
N MET KA 232 -14.27 -44.41 -0.19
CA MET KA 232 -13.21 -43.78 -0.97
C MET KA 232 -13.59 -42.38 -1.41
N SER KA 233 -14.85 -42.18 -1.79
CA SER KA 233 -15.30 -40.87 -2.23
C SER KA 233 -15.36 -39.88 -1.06
N THR KA 234 -15.79 -40.35 0.11
CA THR KA 234 -15.84 -39.47 1.27
C THR KA 234 -14.46 -39.21 1.84
N ALA KA 235 -13.49 -40.06 1.51
CA ALA KA 235 -12.12 -39.81 1.95
C ALA KA 235 -11.49 -38.65 1.19
N GLU KA 236 -11.70 -38.61 -0.14
CA GLU KA 236 -11.15 -37.50 -0.92
C GLU KA 236 -11.92 -36.21 -0.68
N GLU KA 237 -13.22 -36.32 -0.38
CA GLU KA 237 -14.00 -35.11 -0.08
C GLU KA 237 -13.50 -34.44 1.20
N MET KA 238 -13.15 -35.24 2.21
CA MET KA 238 -12.58 -34.68 3.43
C MET KA 238 -11.23 -34.02 3.16
N ASP KA 239 -10.40 -34.64 2.31
CA ASP KA 239 -9.09 -34.07 2.02
C ASP KA 239 -9.22 -32.73 1.30
N LYS KA 240 -10.17 -32.61 0.38
CA LYS KA 240 -10.38 -31.34 -0.32
C LYS KA 240 -10.80 -30.24 0.65
N SER KA 241 -11.65 -30.58 1.62
CA SER KA 241 -12.09 -29.59 2.59
C SER KA 241 -10.93 -29.14 3.48
N SER KA 242 -10.11 -30.08 3.94
CA SER KA 242 -9.00 -29.72 4.83
C SER KA 242 -7.89 -28.98 4.12
N ASP KA 243 -7.93 -28.91 2.79
CA ASP KA 243 -6.91 -28.21 2.02
C ASP KA 243 -6.98 -26.69 2.19
N SER KA 244 -8.02 -26.18 2.84
CA SER KA 244 -8.18 -24.74 3.05
C SER KA 244 -7.43 -24.23 4.27
N LEU KA 245 -6.76 -25.11 5.02
CA LEU KA 245 -5.98 -24.64 6.17
C LEU KA 245 -4.81 -23.78 5.71
N LEU KA 246 -4.06 -24.24 4.71
CA LEU KA 246 -2.91 -23.50 4.21
C LEU KA 246 -3.28 -22.33 3.32
N ARG KA 247 -4.49 -22.30 2.77
CA ARG KA 247 -4.89 -21.19 1.90
C ARG KA 247 -5.05 -19.91 2.70
N MET KA 248 -4.46 -18.83 2.20
CA MET KA 248 -4.49 -17.55 2.89
C MET KA 248 -4.11 -16.42 1.95
N MET LA 1 -16.65 -11.69 -26.72
CA MET LA 1 -15.38 -11.35 -26.09
C MET LA 1 -14.22 -12.02 -26.81
N ASP LA 2 -14.51 -13.11 -27.51
CA ASP LA 2 -13.50 -13.84 -28.27
C ASP LA 2 -13.95 -14.18 -29.68
N ARG LA 3 -15.19 -13.86 -30.05
CA ARG LA 3 -15.82 -14.14 -31.34
C ARG LA 3 -16.04 -15.63 -31.57
N ALA LA 4 -15.55 -16.50 -30.67
CA ALA LA 4 -15.91 -17.91 -30.71
C ALA LA 4 -17.17 -18.18 -29.91
N LEU LA 5 -17.54 -17.26 -29.01
CA LEU LA 5 -18.83 -17.37 -28.34
C LEU LA 5 -19.97 -17.30 -29.34
N PHE LA 6 -19.90 -16.34 -30.26
CA PHE LA 6 -20.94 -16.22 -31.29
C PHE LA 6 -20.77 -17.28 -32.38
N LEU LA 7 -19.54 -17.71 -32.64
CA LEU LA 7 -19.33 -18.79 -33.60
C LEU LA 7 -19.92 -20.10 -33.10
N ALA LA 8 -19.91 -20.30 -31.77
CA ALA LA 8 -20.55 -21.46 -31.16
C ALA LA 8 -22.03 -21.24 -30.88
N MET LA 9 -22.42 -20.00 -30.57
CA MET LA 9 -23.84 -19.70 -30.40
C MET LA 9 -24.61 -19.93 -31.69
N SER LA 10 -24.03 -19.53 -32.82
CA SER LA 10 -24.66 -19.80 -34.11
C SER LA 10 -24.78 -21.28 -34.40
N GLY LA 11 -23.76 -22.06 -34.08
CA GLY LA 11 -23.82 -23.49 -34.30
C GLY LA 11 -24.83 -24.17 -33.42
N ALA LA 12 -24.93 -23.73 -32.16
CA ALA LA 12 -25.93 -24.26 -31.26
C ALA LA 12 -27.34 -23.83 -31.67
N LYS LA 13 -27.47 -22.60 -32.18
CA LYS LA 13 -28.76 -22.13 -32.66
C LYS LA 13 -29.26 -22.96 -33.83
N GLN LA 14 -28.37 -23.30 -34.76
CA GLN LA 14 -28.77 -24.06 -35.94
C GLN LA 14 -29.09 -25.51 -35.60
N ASN LA 15 -28.41 -26.09 -34.61
CA ASN LA 15 -28.72 -27.44 -34.20
C ASN LA 15 -30.16 -27.55 -33.66
N MET LA 16 -30.62 -26.51 -32.96
CA MET LA 16 -32.01 -26.47 -32.53
C MET LA 16 -32.96 -26.42 -33.73
N GLN LA 17 -32.61 -25.63 -34.75
CA GLN LA 17 -33.46 -25.55 -35.93
C GLN LA 17 -33.49 -26.87 -36.69
N ALA LA 18 -32.36 -27.58 -36.72
CA ALA LA 18 -32.36 -28.93 -37.28
C ALA LA 18 -33.25 -29.86 -36.46
N LEU LA 19 -33.24 -29.69 -35.14
CA LEU LA 19 -34.11 -30.48 -34.27
C LEU LA 19 -35.58 -30.19 -34.57
N GLN LA 20 -35.91 -28.92 -34.87
CA GLN LA 20 -37.28 -28.57 -35.20
C GLN LA 20 -37.75 -29.27 -36.48
N LEU LA 21 -36.87 -29.36 -37.47
CA LEU LA 21 -37.23 -30.04 -38.71
C LEU LA 21 -37.45 -31.53 -38.48
N ARG LA 22 -36.61 -32.15 -37.65
CA ARG LA 22 -36.79 -33.56 -37.33
C ARG LA 22 -38.05 -33.78 -36.48
N ALA LA 23 -38.33 -32.85 -35.56
CA ALA LA 23 -39.52 -32.99 -34.72
C ALA LA 23 -40.79 -32.95 -35.54
N ASN LA 24 -40.80 -32.14 -36.62
CA ASN LA 24 -41.94 -32.11 -37.52
C ASN LA 24 -42.13 -33.46 -38.21
N ASN LA 25 -41.02 -34.10 -38.59
CA ASN LA 25 -41.12 -35.42 -39.23
C ASN LA 25 -41.71 -36.46 -38.28
N LEU LA 26 -41.30 -36.44 -37.01
CA LEU LA 26 -41.85 -37.38 -36.05
C LEU LA 26 -43.33 -37.13 -35.81
N ALA LA 27 -43.74 -35.88 -35.78
CA ALA LA 27 -45.16 -35.57 -35.59
C ALA LA 27 -46.00 -35.90 -36.82
N ASN LA 28 -45.38 -36.07 -37.98
CA ASN LA 28 -46.08 -36.29 -39.24
C ASN LA 28 -45.98 -37.74 -39.71
N VAL LA 29 -45.72 -38.66 -38.79
CA VAL LA 29 -45.62 -40.07 -39.16
C VAL LA 29 -46.98 -40.62 -39.57
N SER LA 30 -48.05 -40.19 -38.90
CA SER LA 30 -49.39 -40.69 -39.21
C SER LA 30 -50.07 -39.90 -40.31
N THR LA 31 -49.46 -38.84 -40.82
CA THR LA 31 -50.07 -38.06 -41.87
C THR LA 31 -50.13 -38.86 -43.18
N THR LA 32 -51.14 -38.55 -43.99
CA THR LA 32 -51.37 -39.26 -45.24
C THR LA 32 -50.59 -38.61 -46.38
N GLY LA 33 -49.78 -39.39 -47.05
CA GLY LA 33 -48.99 -38.89 -48.17
C GLY LA 33 -47.98 -37.82 -47.77
N PHE LA 34 -47.27 -38.05 -46.66
CA PHE LA 34 -46.28 -37.10 -46.17
C PHE LA 34 -44.89 -37.53 -46.62
N ARG LA 35 -44.17 -36.63 -47.28
CA ARG LA 35 -42.81 -36.87 -47.72
C ARG LA 35 -41.85 -36.30 -46.70
N ALA LA 36 -40.99 -37.14 -46.14
CA ALA LA 36 -40.08 -36.72 -45.08
C ALA LA 36 -39.12 -35.66 -45.59
N ASP LA 37 -38.85 -34.67 -44.74
CA ASP LA 37 -37.95 -33.58 -45.09
C ASP LA 37 -36.54 -33.92 -44.64
N LEU LA 38 -35.58 -33.76 -45.55
CA LEU LA 38 -34.18 -34.02 -45.24
C LEU LA 38 -33.53 -32.80 -44.60
N ALA LA 39 -32.71 -33.04 -43.59
CA ALA LA 39 -32.01 -31.98 -42.88
C ALA LA 39 -30.51 -32.21 -42.98
N GLN LA 40 -29.77 -31.16 -43.31
CA GLN LA 40 -28.32 -31.21 -43.37
C GLN LA 40 -27.77 -29.83 -43.03
N ALA LA 41 -26.47 -29.76 -42.85
CA ALA LA 41 -25.78 -28.51 -42.49
C ALA LA 41 -24.80 -28.15 -43.59
N ARG LA 42 -24.67 -26.85 -43.83
CA ARG LA 42 -23.74 -26.33 -44.83
C ARG LA 42 -22.63 -25.54 -44.15
N SER LA 43 -21.39 -25.84 -44.51
CA SER LA 43 -20.23 -25.13 -43.96
C SER LA 43 -19.96 -23.91 -44.84
N MET LA 44 -20.11 -22.72 -44.28
CA MET LA 44 -19.85 -21.47 -44.99
C MET LA 44 -18.77 -20.70 -44.24
N GLN LA 45 -17.63 -20.53 -44.89
CA GLN LA 45 -16.49 -19.85 -44.28
C GLN LA 45 -16.65 -18.35 -44.38
N ALA LA 46 -16.09 -17.64 -43.40
CA ALA LA 46 -16.08 -16.18 -43.39
C ALA LA 46 -14.83 -15.71 -44.12
N TYR LA 47 -14.97 -15.42 -45.41
CA TYR LA 47 -13.84 -14.99 -46.21
C TYR LA 47 -13.47 -13.55 -45.90
N GLY LA 48 -12.18 -13.29 -45.80
CA GLY LA 48 -11.71 -11.94 -45.49
C GLY LA 48 -10.28 -11.98 -45.00
N GLU LA 49 -9.81 -10.82 -44.55
CA GLU LA 49 -8.44 -10.70 -44.08
C GLU LA 49 -8.25 -11.49 -42.78
N GLY LA 50 -7.13 -12.17 -42.67
CA GLY LA 50 -6.80 -12.97 -41.50
C GLY LA 50 -6.74 -14.45 -41.83
N HIS LA 51 -6.39 -15.22 -40.81
CA HIS LA 51 -6.28 -16.66 -40.97
C HIS LA 51 -7.67 -17.27 -41.13
N PRO LA 52 -7.86 -18.19 -42.08
CA PRO LA 52 -9.18 -18.79 -42.27
C PRO LA 52 -9.55 -19.77 -41.17
N SER LA 53 -9.84 -19.25 -39.97
CA SER LA 53 -10.09 -20.07 -38.80
C SER LA 53 -11.56 -20.15 -38.42
N ARG LA 54 -12.40 -19.25 -38.91
CA ARG LA 54 -13.81 -19.20 -38.52
C ARG LA 54 -14.67 -19.68 -39.68
N VAL LA 55 -15.45 -20.72 -39.44
CA VAL LA 55 -16.39 -21.26 -40.42
C VAL LA 55 -17.73 -21.46 -39.72
N PHE LA 56 -18.77 -20.86 -40.27
CA PHE LA 56 -20.12 -21.04 -39.75
C PHE LA 56 -20.77 -22.28 -40.37
N SER LA 57 -21.83 -22.74 -39.72
CA SER LA 57 -22.67 -23.82 -40.25
C SER LA 57 -24.12 -23.41 -40.12
N MET LA 58 -24.89 -23.62 -41.20
CA MET LA 58 -26.31 -23.32 -41.21
C MET LA 58 -27.08 -24.53 -41.74
N THR LA 59 -28.21 -24.82 -41.10
CA THR LA 59 -29.03 -25.95 -41.51
C THR LA 59 -29.85 -25.60 -42.75
N GLU LA 60 -30.07 -26.61 -43.59
CA GLU LA 60 -30.77 -26.43 -44.85
C GLU LA 60 -31.58 -27.68 -45.15
N ARG LA 61 -32.50 -27.55 -46.09
CA ARG LA 61 -33.32 -28.67 -46.52
C ARG LA 61 -32.94 -29.06 -47.95
N PRO LA 62 -31.97 -29.95 -48.14
CA PRO LA 62 -31.52 -30.28 -49.50
C PRO LA 62 -32.58 -30.93 -50.36
N GLY LA 63 -33.53 -31.64 -49.75
CA GLY LA 63 -34.54 -32.33 -50.54
C GLY LA 63 -35.53 -33.02 -49.63
N HIS LA 64 -36.21 -34.02 -50.21
CA HIS LA 64 -37.25 -34.74 -49.50
C HIS LA 64 -37.10 -36.22 -49.78
N ASN LA 65 -37.74 -37.04 -48.93
CA ASN LA 65 -37.74 -38.48 -49.10
C ASN LA 65 -38.93 -38.86 -49.98
N PHE LA 66 -38.66 -39.16 -51.24
CA PHE LA 66 -39.70 -39.46 -52.22
C PHE LA 66 -39.97 -40.96 -52.32
N ALA LA 67 -39.38 -41.77 -51.46
CA ALA LA 67 -39.65 -43.20 -51.49
C ALA LA 67 -41.10 -43.48 -51.13
N GLN LA 68 -41.58 -44.63 -51.59
CA GLN LA 68 -42.97 -45.02 -51.37
C GLN LA 68 -43.28 -45.09 -49.89
N GLY LA 69 -44.46 -44.59 -49.52
CA GLY LA 69 -44.90 -44.62 -48.14
C GLY LA 69 -45.50 -45.97 -47.78
N SER LA 70 -46.12 -46.01 -46.60
CA SER LA 70 -46.78 -47.21 -46.11
C SER LA 70 -48.23 -47.19 -46.59
N VAL LA 71 -48.61 -48.21 -47.36
CA VAL LA 71 -49.94 -48.26 -47.95
C VAL LA 71 -50.90 -48.96 -46.98
N ILE LA 72 -52.02 -48.31 -46.72
CA ILE LA 72 -53.03 -48.83 -45.80
C ILE LA 72 -54.24 -49.24 -46.64
N THR LA 73 -54.52 -50.53 -46.69
CA THR LA 73 -55.71 -51.02 -47.38
C THR LA 73 -56.94 -50.75 -46.52
N THR LA 74 -57.97 -50.17 -47.14
CA THR LA 74 -59.19 -49.83 -46.43
C THR LA 74 -60.45 -50.39 -47.06
N GLY LA 75 -60.39 -50.89 -48.29
CA GLY LA 75 -61.58 -51.37 -48.96
C GLY LA 75 -62.59 -50.28 -49.23
N ARG LA 76 -62.12 -49.06 -49.49
CA ARG LA 76 -62.97 -47.92 -49.78
C ARG LA 76 -62.78 -47.49 -51.22
N ASP LA 77 -63.89 -47.17 -51.89
CA ASP LA 77 -63.84 -46.90 -53.33
C ASP LA 77 -63.00 -45.69 -53.64
N LEU LA 78 -63.12 -44.62 -52.85
CA LEU LA 78 -62.48 -43.35 -53.15
C LEU LA 78 -61.13 -43.18 -52.46
N ASP LA 79 -60.42 -44.28 -52.19
CA ASP LA 79 -59.07 -44.24 -51.64
C ASP LA 79 -58.13 -44.80 -52.68
N VAL LA 80 -57.23 -43.95 -53.19
CA VAL LA 80 -56.28 -44.33 -54.22
C VAL LA 80 -54.88 -44.01 -53.73
N THR LA 81 -53.96 -44.97 -53.92
CA THR LA 81 -52.56 -44.79 -53.58
C THR LA 81 -51.74 -44.85 -54.86
N ILE LA 82 -50.78 -43.94 -54.99
CA ILE LA 82 -49.96 -43.89 -56.19
C ILE LA 82 -48.93 -45.01 -56.14
N GLU LA 83 -48.96 -45.88 -57.14
CA GLU LA 83 -48.02 -46.99 -57.21
C GLU LA 83 -46.67 -46.46 -57.69
N GLY LA 84 -45.65 -46.61 -56.86
CA GLY LA 84 -44.34 -46.11 -57.24
C GLY LA 84 -44.28 -44.59 -57.19
N SER LA 85 -43.57 -44.01 -58.16
CA SER LA 85 -43.39 -42.56 -58.23
C SER LA 85 -44.51 -41.92 -59.02
N GLY LA 86 -44.98 -40.79 -58.53
CA GLY LA 86 -46.04 -40.06 -59.21
C GLY LA 86 -46.65 -39.02 -58.29
N TRP LA 87 -47.55 -38.23 -58.88
CA TRP LA 87 -48.22 -37.17 -58.15
C TRP LA 87 -49.62 -37.00 -58.69
N ILE LA 88 -50.48 -36.34 -57.91
CA ILE LA 88 -51.84 -36.02 -58.30
C ILE LA 88 -51.96 -34.50 -58.32
N SER LA 89 -52.42 -33.95 -59.44
CA SER LA 89 -52.54 -32.51 -59.60
C SER LA 89 -53.79 -32.02 -58.90
N VAL LA 90 -53.62 -31.13 -57.92
CA VAL LA 90 -54.73 -30.49 -57.22
C VAL LA 90 -54.42 -29.01 -57.10
N LEU LA 91 -55.47 -28.20 -57.00
CA LEU LA 91 -55.32 -26.76 -56.77
C LEU LA 91 -55.81 -26.42 -55.38
N ASP LA 92 -55.05 -25.59 -54.67
CA ASP LA 92 -55.32 -25.28 -53.28
C ASP LA 92 -56.40 -24.20 -53.18
N HIS LA 93 -56.54 -23.63 -51.98
CA HIS LA 93 -57.57 -22.62 -51.75
C HIS LA 93 -57.34 -21.39 -52.63
N THR LA 94 -56.09 -20.99 -52.82
CA THR LA 94 -55.79 -19.84 -53.67
C THR LA 94 -56.20 -20.11 -55.12
N GLY LA 95 -55.96 -21.32 -55.60
CA GLY LA 95 -56.28 -21.67 -56.97
C GLY LA 95 -55.05 -21.89 -57.83
N LYS LA 96 -53.97 -22.33 -57.19
CA LYS LA 96 -52.71 -22.59 -57.86
C LYS LA 96 -52.46 -24.09 -57.92
N GLU LA 97 -52.08 -24.59 -59.09
CA GLU LA 97 -51.87 -26.02 -59.25
C GLU LA 97 -50.69 -26.50 -58.41
N GLY LA 98 -50.85 -27.68 -57.84
CA GLY LA 98 -49.81 -28.27 -57.02
C GLY LA 98 -49.92 -29.78 -57.03
N LEU LA 99 -48.82 -30.43 -56.70
CA LEU LA 99 -48.73 -31.88 -56.73
C LEU LA 99 -48.86 -32.43 -55.30
N THR LA 100 -49.81 -33.34 -55.11
CA THR LA 100 -50.08 -33.94 -53.82
C THR LA 100 -49.96 -35.46 -53.92
N ARG LA 101 -49.85 -36.09 -52.77
CA ARG LA 101 -49.82 -37.55 -52.68
C ARG LA 101 -50.90 -38.08 -51.75
N ASN LA 102 -51.87 -37.27 -51.39
CA ASN LA 102 -52.98 -37.67 -50.53
C ASN LA 102 -54.12 -38.13 -51.42
N GLY LA 103 -54.40 -39.43 -51.42
CA GLY LA 103 -55.45 -39.98 -52.24
C GLY LA 103 -56.72 -40.31 -51.48
N ASN LA 104 -56.97 -39.57 -50.40
CA ASN LA 104 -58.18 -39.73 -49.61
C ASN LA 104 -59.29 -38.91 -50.26
N LEU LA 105 -59.70 -39.36 -51.44
CA LEU LA 105 -60.64 -38.60 -52.26
C LEU LA 105 -62.04 -38.62 -51.66
N LYS LA 106 -62.79 -37.57 -51.94
CA LYS LA 106 -64.18 -37.47 -51.51
C LYS LA 106 -64.95 -36.63 -52.52
N VAL LA 107 -66.27 -36.78 -52.50
CA VAL LA 107 -67.16 -36.05 -53.39
C VAL LA 107 -68.09 -35.20 -52.56
N ASP LA 108 -68.09 -33.89 -52.80
CA ASP LA 108 -68.92 -32.97 -52.03
C ASP LA 108 -70.35 -33.02 -52.55
N GLN LA 109 -71.21 -32.14 -52.01
CA GLN LA 109 -72.61 -32.14 -52.41
C GLN LA 109 -72.79 -31.67 -53.85
N ASN LA 110 -71.92 -30.78 -54.33
CA ASN LA 110 -72.00 -30.32 -55.70
C ASN LA 110 -71.49 -31.36 -56.69
N GLY LA 111 -70.75 -32.36 -56.22
CA GLY LA 111 -70.19 -33.38 -57.08
C GLY LA 111 -68.72 -33.23 -57.37
N MET LA 112 -68.09 -32.13 -56.95
CA MET LA 112 -66.67 -31.94 -57.21
C MET LA 112 -65.84 -32.95 -56.42
N LEU LA 113 -64.81 -33.48 -57.07
CA LEU LA 113 -63.94 -34.46 -56.43
C LEU LA 113 -62.80 -33.74 -55.73
N THR LA 114 -62.71 -33.90 -54.41
CA THR LA 114 -61.65 -33.32 -53.60
C THR LA 114 -61.01 -34.43 -52.76
N ASN LA 115 -60.00 -34.05 -51.97
CA ASN LA 115 -59.36 -34.95 -51.04
C ASN LA 115 -59.61 -34.49 -49.61
N ALA LA 116 -58.99 -35.19 -48.65
CA ALA LA 116 -59.19 -34.87 -47.25
C ALA LA 116 -58.65 -33.51 -46.87
N SER LA 117 -57.72 -32.96 -47.64
CA SER LA 117 -57.15 -31.65 -47.39
C SER LA 117 -57.97 -30.52 -48.00
N GLY LA 118 -59.08 -30.84 -48.67
CA GLY LA 118 -59.92 -29.82 -49.28
C GLY LA 118 -59.30 -29.19 -50.50
N HIS LA 119 -58.64 -29.99 -51.34
CA HIS LA 119 -58.03 -29.53 -52.57
C HIS LA 119 -58.78 -30.11 -53.75
N LEU LA 120 -59.13 -29.25 -54.71
CA LEU LA 120 -59.87 -29.70 -55.89
C LEU LA 120 -58.99 -30.59 -56.76
N VAL LA 121 -59.50 -31.76 -57.11
CA VAL LA 121 -58.74 -32.71 -57.93
C VAL LA 121 -58.92 -32.36 -59.40
N LEU LA 122 -57.81 -32.18 -60.10
CA LEU LA 122 -57.84 -31.82 -61.51
C LEU LA 122 -58.07 -33.05 -62.38
N GLY LA 123 -58.43 -32.79 -63.64
CA GLY LA 123 -58.67 -33.86 -64.58
C GLY LA 123 -57.97 -33.66 -65.92
N GLU LA 124 -58.48 -34.31 -66.96
CA GLU LA 124 -57.88 -34.19 -68.28
C GLU LA 124 -58.00 -32.76 -68.82
N ASN LA 125 -59.14 -32.12 -68.57
CA ASN LA 125 -59.38 -30.76 -69.06
C ASN LA 125 -58.64 -29.69 -68.26
N ASP LA 126 -57.86 -30.08 -67.27
CA ASP LA 126 -57.17 -29.15 -66.36
C ASP LA 126 -58.15 -28.27 -65.59
N ALA LA 127 -59.34 -28.82 -65.32
CA ALA LA 127 -60.38 -28.19 -64.52
C ALA LA 127 -60.78 -29.15 -63.41
N PRO LA 128 -61.32 -28.64 -62.30
CA PRO LA 128 -61.74 -29.53 -61.22
C PRO LA 128 -62.74 -30.58 -61.71
N ILE LA 129 -62.53 -31.81 -61.29
CA ILE LA 129 -63.37 -32.92 -61.75
C ILE LA 129 -64.74 -32.79 -61.10
N THR LA 130 -65.77 -32.65 -61.92
CA THR LA 130 -67.15 -32.57 -61.47
C THR LA 130 -67.90 -33.79 -61.97
N LEU LA 131 -68.49 -34.52 -61.08
CA LEU LA 131 -69.22 -35.74 -61.38
C LEU LA 131 -70.72 -35.49 -61.31
N PRO LA 132 -71.52 -36.28 -62.03
CA PRO LA 132 -72.98 -36.12 -61.92
C PRO LA 132 -73.45 -36.28 -60.49
N ILE LA 133 -74.36 -35.40 -60.08
CA ILE LA 133 -74.78 -35.37 -58.68
C ILE LA 133 -75.44 -36.67 -58.25
N PRO LA 134 -76.45 -37.22 -58.96
CA PRO LA 134 -77.05 -38.49 -58.50
C PRO LA 134 -76.35 -39.73 -59.08
N LEU LA 135 -75.22 -40.08 -58.50
CA LEU LA 135 -74.50 -41.29 -58.89
C LEU LA 135 -74.77 -42.42 -57.89
N SER LA 136 -74.47 -43.64 -58.33
CA SER LA 136 -74.76 -44.83 -57.54
C SER LA 136 -73.57 -45.75 -57.34
N LYS LA 137 -72.52 -45.65 -58.15
CA LYS LA 137 -71.35 -46.53 -57.99
C LYS LA 137 -70.16 -45.83 -58.63
N ILE LA 138 -69.19 -45.44 -57.82
CA ILE LA 138 -67.99 -44.75 -58.28
C ILE LA 138 -66.81 -45.69 -58.14
N GLU LA 139 -66.09 -45.90 -59.23
CA GLU LA 139 -64.89 -46.72 -59.24
C GLU LA 139 -63.77 -45.98 -59.94
N ILE LA 140 -62.60 -45.94 -59.31
CA ILE LA 140 -61.43 -45.32 -59.90
C ILE LA 140 -60.58 -46.40 -60.55
N GLY LA 141 -60.27 -46.22 -61.83
CA GLY LA 141 -59.54 -47.22 -62.56
C GLY LA 141 -58.06 -47.28 -62.18
N ARG LA 142 -57.38 -48.28 -62.73
CA ARG LA 142 -55.95 -48.43 -62.48
C ARG LA 142 -55.17 -47.27 -63.06
N ASP LA 143 -55.58 -46.77 -64.22
CA ASP LA 143 -54.89 -45.68 -64.89
C ASP LA 143 -55.40 -44.30 -64.48
N GLY LA 144 -56.31 -44.23 -63.51
CA GLY LA 144 -56.87 -42.97 -63.07
C GLY LA 144 -58.22 -42.65 -63.66
N THR LA 145 -58.75 -43.50 -64.55
CA THR LA 145 -60.04 -43.24 -65.15
C THR LA 145 -61.15 -43.35 -64.11
N ILE LA 146 -62.09 -42.42 -64.16
CA ILE LA 146 -63.22 -42.38 -63.24
C ILE LA 146 -64.46 -42.86 -63.99
N SER LA 147 -65.03 -43.97 -63.51
CA SER LA 147 -66.25 -44.53 -64.08
C SER LA 147 -67.34 -44.49 -63.03
N VAL LA 148 -68.52 -43.99 -63.42
CA VAL LA 148 -69.63 -43.81 -62.50
C VAL LA 148 -70.87 -44.49 -63.05
N LEU LA 149 -71.84 -44.69 -62.17
CA LEU LA 149 -73.13 -45.27 -62.53
C LEU LA 149 -74.23 -44.31 -62.11
N PRO LA 150 -75.08 -43.85 -63.04
CA PRO LA 150 -76.13 -42.90 -62.66
C PRO LA 150 -77.14 -43.52 -61.70
N GLN LA 151 -77.85 -42.64 -60.99
CA GLN LA 151 -78.84 -43.08 -60.02
C GLN LA 151 -79.91 -43.94 -60.68
N GLY LA 152 -80.03 -45.18 -60.23
CA GLY LA 152 -81.05 -46.07 -60.76
C GLY LA 152 -80.77 -46.61 -62.13
N ALA LA 153 -79.52 -46.63 -62.56
CA ALA LA 153 -79.21 -47.15 -63.88
C ALA LA 153 -78.78 -48.62 -63.79
N PRO LA 154 -79.01 -49.39 -64.85
CA PRO LA 154 -78.56 -50.79 -64.84
C PRO LA 154 -77.04 -50.87 -64.85
N ALA LA 155 -76.55 -52.03 -64.41
CA ALA LA 155 -75.11 -52.24 -64.24
C ALA LA 155 -74.35 -52.22 -65.57
N GLU LA 156 -75.04 -52.29 -66.69
CA GLU LA 156 -74.41 -52.25 -68.00
C GLU LA 156 -74.29 -50.84 -68.57
N GLU LA 157 -74.66 -49.82 -67.80
CA GLU LA 157 -74.58 -48.43 -68.24
C GLU LA 157 -73.43 -47.68 -67.59
N PHE LA 158 -72.41 -48.39 -67.10
CA PHE LA 158 -71.21 -47.73 -66.59
C PHE LA 158 -70.53 -46.95 -67.70
N GLN LA 159 -70.15 -45.70 -67.40
CA GLN LA 159 -69.51 -44.85 -68.38
C GLN LA 159 -68.34 -44.12 -67.74
N ALA LA 160 -67.37 -43.77 -68.57
CA ALA LA 160 -66.21 -43.01 -68.12
C ALA LA 160 -66.44 -41.53 -68.36
N VAL LA 161 -66.29 -40.73 -67.30
CA VAL LA 161 -66.57 -39.31 -67.38
C VAL LA 161 -65.32 -38.45 -67.24
N ASP LA 162 -64.26 -38.95 -66.61
CA ASP LA 162 -63.07 -38.15 -66.36
C ASP LA 162 -61.88 -39.08 -66.19
N ARG LA 163 -60.70 -38.46 -66.04
CA ARG LA 163 -59.46 -39.16 -65.80
C ARG LA 163 -58.60 -38.28 -64.91
N ILE LA 164 -58.20 -38.80 -63.75
CA ILE LA 164 -57.44 -38.02 -62.80
C ILE LA 164 -56.09 -37.64 -63.39
N LYS LA 165 -55.74 -36.37 -63.29
CA LYS LA 165 -54.49 -35.87 -63.86
C LYS LA 165 -53.33 -36.32 -62.98
N LEU LA 166 -52.61 -37.34 -63.44
CA LEU LA 166 -51.46 -37.88 -62.73
C LEU LA 166 -50.18 -37.40 -63.40
N VAL LA 167 -49.27 -36.85 -62.62
CA VAL LA 167 -48.06 -36.22 -63.11
C VAL LA 167 -46.86 -36.93 -62.52
N LYS LA 168 -45.86 -37.23 -63.36
CA LYS LA 168 -44.61 -37.83 -62.93
C LYS LA 168 -43.47 -36.98 -63.45
N PRO LA 169 -43.16 -35.87 -62.77
CA PRO LA 169 -42.02 -35.05 -63.18
C PRO LA 169 -40.75 -35.48 -62.46
N ASN LA 170 -39.63 -34.81 -62.73
CA ASN LA 170 -38.40 -35.10 -62.01
C ASN LA 170 -38.55 -34.66 -60.56
N ASP LA 171 -38.23 -35.57 -59.63
CA ASP LA 171 -38.39 -35.27 -58.22
C ASP LA 171 -37.46 -34.15 -57.77
N GLN LA 172 -36.27 -34.07 -58.35
CA GLN LA 172 -35.29 -33.06 -57.97
C GLN LA 172 -35.68 -31.65 -58.41
N SER LA 173 -36.71 -31.50 -59.24
CA SER LA 173 -37.18 -30.21 -59.69
C SER LA 173 -38.40 -29.72 -58.92
N LEU LA 174 -38.78 -30.41 -57.86
CA LEU LA 174 -39.95 -30.06 -57.06
C LEU LA 174 -39.52 -29.61 -55.67
N PHE LA 175 -40.27 -28.66 -55.11
CA PHE LA 175 -40.04 -28.20 -53.75
C PHE LA 175 -41.38 -28.16 -53.03
N LYS LA 176 -41.34 -28.38 -51.71
CA LYS LA 176 -42.54 -28.30 -50.89
C LYS LA 176 -42.83 -26.85 -50.53
N ASP LA 177 -44.05 -26.41 -50.82
CA ASP LA 177 -44.43 -25.04 -50.58
C ASP LA 177 -44.95 -24.88 -49.14
N THR LA 178 -45.50 -23.71 -48.83
CA THR LA 178 -45.96 -23.40 -47.48
C THR LA 178 -47.21 -24.17 -47.08
N ASN LA 179 -47.89 -24.82 -48.04
CA ASN LA 179 -49.15 -25.51 -47.75
C ASN LA 179 -49.04 -27.02 -47.94
N GLY LA 180 -47.82 -27.54 -48.05
CA GLY LA 180 -47.62 -28.97 -48.18
C GLY LA 180 -47.73 -29.52 -49.60
N LEU LA 181 -47.99 -28.67 -50.59
CA LEU LA 181 -48.08 -29.10 -51.98
C LEU LA 181 -46.73 -28.90 -52.66
N PHE LA 182 -46.27 -29.94 -53.36
CA PHE LA 182 -45.03 -29.84 -54.11
C PHE LA 182 -45.26 -29.10 -55.42
N ARG LA 183 -44.39 -28.14 -55.71
CA ARG LA 183 -44.51 -27.32 -56.90
C ARG LA 183 -43.16 -27.24 -57.59
N HIS LA 184 -43.19 -26.84 -58.87
CA HIS LA 184 -41.96 -26.68 -59.63
C HIS LA 184 -41.11 -25.56 -59.07
N LYS LA 185 -39.80 -25.79 -59.00
CA LYS LA 185 -38.89 -24.72 -58.62
C LYS LA 185 -38.90 -23.59 -59.63
N THR LA 186 -38.91 -23.93 -60.91
CA THR LA 186 -39.04 -22.94 -61.96
C THR LA 186 -40.50 -22.52 -62.10
N PRO LA 187 -40.84 -21.24 -61.95
CA PRO LA 187 -42.24 -20.84 -62.01
C PRO LA 187 -42.76 -20.81 -63.44
N ASN LA 188 -44.09 -20.75 -63.54
CA ASN LA 188 -44.79 -20.75 -64.82
C ASN LA 188 -44.42 -21.97 -65.66
N GLN LA 189 -44.30 -23.12 -65.01
CA GLN LA 189 -43.95 -24.37 -65.67
C GLN LA 189 -45.16 -25.29 -65.67
N PRO LA 190 -45.71 -25.64 -66.84
CA PRO LA 190 -46.89 -26.50 -66.87
C PRO LA 190 -46.57 -27.91 -66.39
N TYR LA 191 -47.59 -28.56 -65.82
CA TYR LA 191 -47.48 -29.93 -65.34
C TYR LA 191 -48.05 -30.86 -66.39
N GLU LA 192 -47.17 -31.56 -67.11
CA GLU LA 192 -47.61 -32.51 -68.13
C GLU LA 192 -48.19 -33.75 -67.47
N ALA LA 193 -49.31 -34.24 -68.00
CA ALA LA 193 -49.98 -35.41 -67.44
C ALA LA 193 -49.32 -36.67 -68.00
N ASP LA 194 -48.61 -37.39 -67.13
CA ASP LA 194 -47.97 -38.63 -67.56
C ASP LA 194 -48.99 -39.75 -67.69
N ALA LA 195 -48.73 -40.66 -68.63
CA ALA LA 195 -49.61 -41.78 -68.91
C ALA LA 195 -49.09 -43.09 -68.30
N THR LA 196 -48.08 -43.00 -67.45
CA THR LA 196 -47.49 -44.17 -66.81
C THR LA 196 -47.86 -44.32 -65.34
N VAL LA 197 -48.28 -43.23 -64.69
CA VAL LA 197 -48.67 -43.30 -63.28
C VAL LA 197 -49.93 -44.13 -63.13
N SER LA 198 -49.91 -45.05 -62.18
CA SER LA 198 -51.03 -45.94 -61.91
C SER LA 198 -51.47 -45.81 -60.46
N LEU LA 199 -52.77 -45.99 -60.24
CA LEU LA 199 -53.37 -45.86 -58.91
C LEU LA 199 -53.93 -47.20 -58.48
N GLN LA 200 -53.60 -47.62 -57.27
CA GLN LA 200 -54.17 -48.83 -56.68
C GLN LA 200 -55.34 -48.43 -55.80
N THR LA 201 -56.56 -48.67 -56.28
CA THR LA 201 -57.76 -48.24 -55.59
C THR LA 201 -57.97 -49.07 -54.31
N GLY LA 202 -58.70 -48.48 -53.37
CA GLY LA 202 -59.01 -49.14 -52.13
C GLY LA 202 -57.91 -49.13 -51.09
N ALA LA 203 -56.92 -48.26 -51.24
CA ALA LA 203 -55.84 -48.17 -50.27
C ALA LA 203 -55.42 -46.72 -50.08
N ILE LA 204 -54.82 -46.43 -48.93
CA ILE LA 204 -54.35 -45.10 -48.56
C ILE LA 204 -52.84 -45.18 -48.35
N GLU LA 205 -52.11 -44.22 -48.91
CA GLU LA 205 -50.67 -44.15 -48.74
C GLU LA 205 -50.34 -43.22 -47.58
N GLY LA 206 -49.62 -43.75 -46.59
CA GLY LA 206 -49.24 -42.99 -45.42
C GLY LA 206 -47.93 -42.26 -45.61
N SER LA 207 -47.31 -41.93 -44.49
CA SER LA 207 -46.03 -41.22 -44.51
C SER LA 207 -44.88 -42.20 -44.78
N ASN LA 208 -43.69 -41.63 -44.99
CA ASN LA 208 -42.48 -42.41 -45.20
C ASN LA 208 -41.39 -41.99 -44.24
N VAL LA 209 -41.76 -41.44 -43.09
CA VAL LA 209 -40.80 -41.00 -42.09
C VAL LA 209 -40.19 -42.24 -41.42
N ASN LA 210 -38.87 -42.35 -41.49
CA ASN LA 210 -38.15 -43.44 -40.84
C ASN LA 210 -37.90 -43.02 -39.39
N ALA LA 211 -38.70 -43.56 -38.47
CA ALA LA 211 -38.66 -43.09 -37.09
C ALA LA 211 -37.31 -43.33 -36.46
N VAL LA 212 -36.69 -44.48 -36.73
CA VAL LA 212 -35.38 -44.77 -36.17
C VAL LA 212 -34.34 -43.81 -36.72
N GLY LA 213 -34.44 -43.46 -38.01
CA GLY LA 213 -33.54 -42.48 -38.58
C GLY LA 213 -33.66 -41.12 -37.90
N GLU LA 214 -34.89 -40.73 -37.54
CA GLU LA 214 -35.08 -39.50 -36.79
C GLU LA 214 -34.48 -39.60 -35.39
N MET LA 215 -34.66 -40.74 -34.72
CA MET LA 215 -34.20 -40.90 -33.36
C MET LA 215 -32.68 -40.82 -33.27
N THR LA 216 -31.97 -41.48 -34.19
CA THR LA 216 -30.51 -41.45 -34.15
C THR LA 216 -29.98 -40.09 -34.56
N ALA LA 217 -30.72 -39.37 -35.41
CA ALA LA 217 -30.34 -37.99 -35.72
C ALA LA 217 -30.58 -37.07 -34.52
N LEU LA 218 -31.64 -37.35 -33.75
CA LEU LA 218 -31.93 -36.54 -32.57
C LEU LA 218 -30.80 -36.62 -31.55
N ILE LA 219 -30.34 -37.83 -31.25
CA ILE LA 219 -29.33 -37.98 -30.21
C ILE LA 219 -28.00 -37.39 -30.65
N ASP LA 220 -27.74 -37.37 -31.96
CA ASP LA 220 -26.52 -36.74 -32.44
C ASP LA 220 -26.61 -35.22 -32.36
N LEU LA 221 -27.79 -34.66 -32.63
CA LEU LA 221 -27.95 -33.22 -32.55
C LEU LA 221 -27.81 -32.73 -31.12
N GLN LA 222 -28.29 -33.50 -30.14
CA GLN LA 222 -28.14 -33.12 -28.75
C GLN LA 222 -26.67 -33.06 -28.35
N ARG LA 223 -25.89 -34.06 -28.75
CA ARG LA 223 -24.48 -34.11 -28.35
C ARG LA 223 -23.69 -32.99 -29.00
N GLN LA 224 -23.91 -32.73 -30.29
CA GLN LA 224 -23.20 -31.65 -30.95
C GLN LA 224 -23.62 -30.29 -30.37
N PHE LA 225 -24.90 -30.14 -30.08
CA PHE LA 225 -25.38 -28.93 -29.39
C PHE LA 225 -24.76 -28.82 -28.01
N GLU LA 226 -24.63 -29.94 -27.30
CA GLU LA 226 -24.05 -29.93 -25.96
C GLU LA 226 -22.60 -29.46 -26.00
N MET LA 227 -21.83 -29.97 -26.97
CA MET LA 227 -20.41 -29.60 -27.04
C MET LA 227 -20.24 -28.12 -27.37
N GLN LA 228 -21.09 -27.57 -28.24
CA GLN LA 228 -20.98 -26.16 -28.58
C GLN LA 228 -21.33 -25.28 -27.39
N VAL LA 229 -22.25 -25.74 -26.53
CA VAL LA 229 -22.56 -25.00 -25.30
C VAL LA 229 -21.34 -24.95 -24.40
N LYS LA 230 -20.61 -26.07 -24.28
CA LYS LA 230 -19.39 -26.08 -23.49
C LYS LA 230 -18.33 -25.14 -24.08
N MET LA 231 -18.33 -24.98 -25.40
CA MET LA 231 -17.41 -24.03 -26.03
C MET LA 231 -17.76 -22.60 -25.64
N MET LA 232 -19.06 -22.28 -25.55
CA MET LA 232 -19.46 -20.94 -25.15
C MET LA 232 -19.02 -20.63 -23.73
N SER LA 233 -19.16 -21.61 -22.82
CA SER LA 233 -18.72 -21.40 -21.44
C SER LA 233 -17.20 -21.33 -21.36
N THR LA 234 -16.50 -22.06 -22.23
CA THR LA 234 -15.04 -22.01 -22.26
C THR LA 234 -14.56 -20.63 -22.69
N ALA LA 235 -15.22 -20.03 -23.69
CA ALA LA 235 -14.86 -18.69 -24.12
C ALA LA 235 -15.11 -17.67 -23.00
N GLU LA 236 -16.21 -17.83 -22.26
CA GLU LA 236 -16.49 -16.95 -21.14
C GLU LA 236 -15.42 -17.09 -20.05
N GLU LA 237 -14.98 -18.32 -19.77
CA GLU LA 237 -13.97 -18.54 -18.75
C GLU LA 237 -12.64 -17.89 -19.14
N MET LA 238 -12.27 -17.98 -20.42
CA MET LA 238 -11.02 -17.39 -20.87
C MET LA 238 -11.04 -15.86 -20.78
N ASP LA 239 -12.22 -15.26 -20.92
CA ASP LA 239 -12.30 -13.80 -20.88
C ASP LA 239 -12.11 -13.26 -19.47
N LYS LA 240 -12.60 -13.97 -18.46
CA LYS LA 240 -12.43 -13.50 -17.08
C LYS LA 240 -10.96 -13.47 -16.67
N SER LA 241 -10.16 -14.41 -17.18
CA SER LA 241 -8.73 -14.39 -16.89
C SER LA 241 -8.07 -13.14 -17.46
N SER LA 242 -8.46 -12.75 -18.68
CA SER LA 242 -7.87 -11.58 -19.31
C SER LA 242 -8.25 -10.30 -18.58
N ASP LA 243 -9.34 -10.33 -17.81
CA ASP LA 243 -9.72 -9.17 -17.02
C ASP LA 243 -8.67 -8.88 -15.95
N SER LA 244 -7.95 -9.90 -15.51
CA SER LA 244 -6.92 -9.70 -14.48
C SER LA 244 -5.72 -8.95 -15.04
N LEU LA 245 -5.58 -8.86 -16.36
CA LEU LA 245 -4.45 -8.16 -16.94
C LEU LA 245 -4.44 -6.68 -16.57
N LEU LA 246 -5.60 -6.04 -16.62
CA LEU LA 246 -5.69 -4.60 -16.42
C LEU LA 246 -5.94 -4.20 -14.97
N ARG LA 247 -5.93 -5.15 -14.03
CA ARG LA 247 -6.17 -4.82 -12.64
C ARG LA 247 -5.04 -3.98 -12.05
N MET LA 248 -3.82 -4.10 -12.57
CA MET LA 248 -2.65 -3.37 -12.08
C MET LA 248 -2.42 -3.58 -10.60
N MET MA 1 -30.37 -2.26 -8.43
CA MET MA 1 -29.23 -1.40 -8.76
C MET MA 1 -29.24 -1.04 -10.24
N ASP MA 2 -29.52 -2.03 -11.08
CA ASP MA 2 -29.57 -1.84 -12.52
C ASP MA 2 -31.00 -1.86 -13.06
N ARG MA 3 -31.98 -2.17 -12.21
CA ARG MA 3 -33.39 -2.26 -12.58
C ARG MA 3 -33.64 -3.47 -13.48
N ALA MA 4 -32.58 -4.15 -13.90
CA ALA MA 4 -32.73 -5.43 -14.57
C ALA MA 4 -32.85 -6.57 -13.57
N LEU MA 5 -32.38 -6.34 -12.34
CA LEU MA 5 -32.62 -7.30 -11.26
C LEU MA 5 -34.10 -7.45 -10.98
N PHE MA 6 -34.82 -6.31 -10.93
CA PHE MA 6 -36.25 -6.36 -10.67
C PHE MA 6 -37.04 -6.72 -11.92
N LEU MA 7 -36.51 -6.38 -13.10
CA LEU MA 7 -37.17 -6.77 -14.34
C LEU MA 7 -37.16 -8.29 -14.50
N ALA MA 8 -36.05 -8.94 -14.14
CA ALA MA 8 -35.99 -10.39 -14.15
C ALA MA 8 -36.70 -11.01 -12.95
N MET MA 9 -36.67 -10.33 -11.80
CA MET MA 9 -37.38 -10.83 -10.62
C MET MA 9 -38.88 -10.84 -10.87
N SER MA 10 -39.40 -9.79 -11.51
CA SER MA 10 -40.83 -9.74 -11.77
C SER MA 10 -41.27 -10.80 -12.77
N GLY MA 11 -40.37 -11.25 -13.64
CA GLY MA 11 -40.69 -12.34 -14.54
C GLY MA 11 -40.61 -13.69 -13.85
N ALA MA 12 -39.63 -13.86 -12.96
CA ALA MA 12 -39.50 -15.10 -12.23
C ALA MA 12 -40.66 -15.29 -11.26
N LYS MA 13 -41.13 -14.21 -10.64
CA LYS MA 13 -42.27 -14.29 -9.75
C LYS MA 13 -43.53 -14.70 -10.50
N GLN MA 14 -43.74 -14.14 -11.70
CA GLN MA 14 -44.92 -14.48 -12.49
C GLN MA 14 -44.87 -15.91 -13.00
N ASN MA 15 -43.69 -16.41 -13.36
CA ASN MA 15 -43.57 -17.80 -13.79
C ASN MA 15 -43.99 -18.76 -12.70
N MET MA 16 -43.71 -18.41 -11.43
CA MET MA 16 -44.20 -19.21 -10.32
C MET MA 16 -45.72 -19.17 -10.25
N GLN MA 17 -46.33 -18.00 -10.50
CA GLN MA 17 -47.78 -17.90 -10.46
C GLN MA 17 -48.43 -18.75 -11.53
N ALA MA 18 -47.87 -18.74 -12.74
CA ALA MA 18 -48.40 -19.60 -13.81
C ALA MA 18 -48.19 -21.08 -13.46
N LEU MA 19 -47.08 -21.40 -12.80
CA LEU MA 19 -46.86 -22.77 -12.36
C LEU MA 19 -47.93 -23.22 -11.38
N GLN MA 20 -48.30 -22.34 -10.44
CA GLN MA 20 -49.36 -22.67 -9.49
C GLN MA 20 -50.70 -22.82 -10.19
N LEU MA 21 -50.95 -22.01 -11.21
CA LEU MA 21 -52.20 -22.12 -11.97
C LEU MA 21 -52.29 -23.47 -12.67
N ARG MA 22 -51.19 -23.93 -13.27
CA ARG MA 22 -51.19 -25.25 -13.89
C ARG MA 22 -51.27 -26.35 -12.84
N ALA MA 23 -50.74 -26.09 -11.65
CA ALA MA 23 -50.79 -27.10 -10.59
C ALA MA 23 -52.21 -27.38 -10.13
N ASN MA 24 -53.05 -26.34 -10.11
CA ASN MA 24 -54.44 -26.53 -9.70
C ASN MA 24 -55.20 -27.41 -10.69
N ASN MA 25 -54.87 -27.31 -11.97
CA ASN MA 25 -55.52 -28.16 -12.97
C ASN MA 25 -55.16 -29.62 -12.76
N LEU MA 26 -53.89 -29.91 -12.45
CA LEU MA 26 -53.47 -31.29 -12.24
C LEU MA 26 -54.02 -31.83 -10.92
N ALA MA 27 -54.17 -30.96 -9.91
CA ALA MA 27 -54.82 -31.38 -8.68
C ALA MA 27 -56.31 -31.63 -8.88
N ASN MA 28 -56.89 -31.14 -9.97
CA ASN MA 28 -58.31 -31.26 -10.26
C ASN MA 28 -58.59 -32.07 -11.53
N VAL MA 29 -57.83 -33.14 -11.73
CA VAL MA 29 -58.05 -33.99 -12.90
C VAL MA 29 -59.34 -34.78 -12.76
N SER MA 30 -59.61 -35.31 -11.57
CA SER MA 30 -60.78 -36.15 -11.35
C SER MA 30 -62.01 -35.38 -10.90
N THR MA 31 -61.91 -34.06 -10.75
CA THR MA 31 -63.06 -33.28 -10.31
C THR MA 31 -64.16 -33.30 -11.36
N THR MA 32 -65.41 -33.35 -10.89
CA THR MA 32 -66.58 -33.50 -11.75
C THR MA 32 -66.99 -32.14 -12.31
N GLY MA 33 -67.15 -32.07 -13.63
CA GLY MA 33 -67.55 -30.83 -14.27
C GLY MA 33 -66.55 -29.71 -14.09
N PHE MA 34 -65.27 -30.01 -14.19
CA PHE MA 34 -64.20 -29.03 -13.97
C PHE MA 34 -63.63 -28.57 -15.30
N ARG MA 35 -63.66 -27.26 -15.52
CA ARG MA 35 -63.11 -26.66 -16.72
C ARG MA 35 -61.70 -26.18 -16.43
N ALA MA 36 -60.73 -26.70 -17.17
CA ALA MA 36 -59.33 -26.33 -16.93
C ALA MA 36 -59.11 -24.86 -17.23
N ASP MA 37 -58.28 -24.22 -16.42
CA ASP MA 37 -57.98 -22.80 -16.56
C ASP MA 37 -56.80 -22.60 -17.50
N LEU MA 38 -56.93 -21.65 -18.42
CA LEU MA 38 -55.85 -21.31 -19.35
C LEU MA 38 -54.92 -20.28 -18.73
N ALA MA 39 -53.64 -20.41 -19.03
CA ALA MA 39 -52.62 -19.50 -18.53
C ALA MA 39 -51.79 -18.98 -19.68
N GLN MA 40 -51.48 -17.68 -19.65
CA GLN MA 40 -50.63 -17.05 -20.65
C GLN MA 40 -49.92 -15.87 -20.00
N ALA MA 41 -49.07 -15.21 -20.80
CA ALA MA 41 -48.29 -14.07 -20.34
C ALA MA 41 -48.59 -12.87 -21.22
N ARG MA 42 -48.60 -11.69 -20.63
CA ARG MA 42 -48.83 -10.44 -21.34
C ARG MA 42 -47.63 -9.52 -21.18
N SER MA 43 -47.23 -8.88 -22.28
CA SER MA 43 -46.11 -7.96 -22.28
C SER MA 43 -46.64 -6.54 -22.12
N MET MA 44 -46.21 -5.88 -21.05
CA MET MA 44 -46.60 -4.50 -20.77
C MET MA 44 -45.36 -3.62 -20.70
N GLN MA 45 -45.19 -2.79 -21.72
CA GLN MA 45 -44.01 -1.94 -21.81
C GLN MA 45 -44.06 -0.80 -20.79
N ALA MA 46 -42.89 -0.43 -20.28
CA ALA MA 46 -42.76 0.67 -19.33
C ALA MA 46 -42.55 1.95 -20.13
N TYR MA 47 -43.66 2.58 -20.50
CA TYR MA 47 -43.60 3.81 -21.28
C TYR MA 47 -43.10 4.96 -20.42
N GLY MA 48 -42.27 5.80 -21.02
CA GLY MA 48 -41.69 6.93 -20.32
C GLY MA 48 -40.50 7.46 -21.08
N GLU MA 49 -39.78 8.37 -20.43
CA GLU MA 49 -38.57 8.91 -21.03
C GLU MA 49 -37.49 7.85 -21.10
N GLY MA 50 -36.66 7.94 -22.13
CA GLY MA 50 -35.57 7.00 -22.33
C GLY MA 50 -35.88 6.00 -23.43
N HIS MA 51 -34.89 5.15 -23.68
CA HIS MA 51 -35.02 4.16 -24.73
C HIS MA 51 -36.03 3.09 -24.32
N PRO MA 52 -36.90 2.68 -25.24
CA PRO MA 52 -37.89 1.64 -24.90
C PRO MA 52 -37.27 0.25 -24.81
N SER MA 53 -36.61 -0.05 -23.69
CA SER MA 53 -35.93 -1.32 -23.51
C SER MA 53 -36.50 -2.18 -22.40
N ARG MA 54 -37.33 -1.63 -21.52
CA ARG MA 54 -37.85 -2.35 -20.36
C ARG MA 54 -39.32 -2.69 -20.59
N VAL MA 55 -39.62 -3.97 -20.68
CA VAL MA 55 -40.99 -4.47 -20.83
C VAL MA 55 -41.20 -5.55 -19.79
N PHE MA 56 -42.29 -5.44 -19.02
CA PHE MA 56 -42.62 -6.42 -18.01
C PHE MA 56 -43.53 -7.50 -18.58
N SER MA 57 -43.53 -8.66 -17.93
CA SER MA 57 -44.40 -9.77 -18.31
C SER MA 57 -45.14 -10.24 -17.06
N MET MA 58 -46.46 -10.27 -17.14
CA MET MA 58 -47.31 -10.74 -16.05
C MET MA 58 -48.28 -11.78 -16.57
N THR MA 59 -48.54 -12.80 -15.76
CA THR MA 59 -49.43 -13.88 -16.15
C THR MA 59 -50.88 -13.49 -15.92
N GLU MA 60 -51.76 -14.13 -16.69
CA GLU MA 60 -53.18 -13.85 -16.63
C GLU MA 60 -53.94 -15.13 -16.95
N ARG MA 61 -55.25 -15.10 -16.71
CA ARG MA 61 -56.13 -16.21 -17.06
C ARG MA 61 -57.05 -15.76 -18.19
N PRO MA 62 -56.63 -15.91 -19.45
CA PRO MA 62 -57.47 -15.42 -20.56
C PRO MA 62 -58.82 -16.12 -20.66
N GLY MA 63 -58.89 -17.38 -20.27
CA GLY MA 63 -60.14 -18.09 -20.35
C GLY MA 63 -60.03 -19.48 -19.76
N HIS MA 64 -60.96 -20.34 -20.17
CA HIS MA 64 -61.01 -21.71 -19.69
C HIS MA 64 -61.25 -22.64 -20.86
N ASN MA 65 -60.87 -23.90 -20.67
CA ASN MA 65 -61.08 -24.94 -21.68
C ASN MA 65 -62.51 -25.44 -21.54
N PHE MA 66 -63.40 -24.97 -22.42
CA PHE MA 66 -64.81 -25.31 -22.36
C PHE MA 66 -65.14 -26.55 -23.18
N ALA MA 67 -64.16 -27.41 -23.45
CA ALA MA 67 -64.44 -28.63 -24.17
C ALA MA 67 -65.21 -29.61 -23.30
N GLN MA 68 -65.86 -30.57 -23.96
CA GLN MA 68 -66.61 -31.59 -23.24
C GLN MA 68 -65.68 -32.47 -22.44
N GLY MA 69 -66.04 -32.72 -21.19
CA GLY MA 69 -65.23 -33.55 -20.32
C GLY MA 69 -65.41 -35.03 -20.62
N SER MA 70 -64.66 -35.84 -19.87
CA SER MA 70 -64.72 -37.29 -20.01
C SER MA 70 -65.95 -37.80 -19.29
N VAL MA 71 -66.87 -38.41 -20.03
CA VAL MA 71 -68.14 -38.87 -19.47
C VAL MA 71 -67.93 -40.22 -18.78
N ILE MA 72 -68.42 -40.32 -17.55
CA ILE MA 72 -68.33 -41.55 -16.77
C ILE MA 72 -69.72 -42.16 -16.68
N THR MA 73 -69.86 -43.40 -17.14
CA THR MA 73 -71.13 -44.11 -17.07
C THR MA 73 -71.24 -44.80 -15.72
N THR MA 74 -72.22 -44.38 -14.92
CA THR MA 74 -72.42 -44.93 -13.58
C THR MA 74 -73.71 -45.74 -13.45
N GLY MA 75 -74.62 -45.64 -14.41
CA GLY MA 75 -75.89 -46.34 -14.30
C GLY MA 75 -76.75 -45.86 -13.15
N ARG MA 76 -76.66 -44.57 -12.84
CA ARG MA 76 -77.38 -43.96 -11.73
C ARG MA 76 -78.39 -42.97 -12.28
N ASP MA 77 -79.62 -43.04 -11.79
CA ASP MA 77 -80.69 -42.19 -12.31
C ASP MA 77 -80.42 -40.72 -12.03
N LEU MA 78 -79.88 -40.40 -10.86
CA LEU MA 78 -79.63 -39.02 -10.45
C LEU MA 78 -78.27 -38.50 -10.88
N ASP MA 79 -77.68 -39.09 -11.92
CA ASP MA 79 -76.44 -38.60 -12.50
C ASP MA 79 -76.71 -38.19 -13.94
N VAL MA 80 -76.38 -36.94 -14.27
CA VAL MA 80 -76.61 -36.41 -15.61
C VAL MA 80 -75.36 -35.67 -16.07
N THR MA 81 -75.12 -35.71 -17.38
CA THR MA 81 -74.03 -34.99 -18.01
C THR MA 81 -74.56 -34.19 -19.18
N ILE MA 82 -74.05 -32.98 -19.36
CA ILE MA 82 -74.51 -32.12 -20.44
C ILE MA 82 -73.89 -32.58 -21.75
N GLU MA 83 -74.74 -32.81 -22.75
CA GLU MA 83 -74.26 -33.18 -24.07
C GLU MA 83 -73.83 -31.93 -24.83
N GLY MA 84 -72.60 -31.94 -25.35
CA GLY MA 84 -72.10 -30.78 -26.06
C GLY MA 84 -71.85 -29.63 -25.12
N SER MA 85 -72.40 -28.46 -25.47
CA SER MA 85 -72.20 -27.24 -24.71
C SER MA 85 -73.46 -26.89 -23.93
N GLY MA 86 -73.27 -26.46 -22.69
CA GLY MA 86 -74.40 -26.09 -21.85
C GLY MA 86 -73.96 -25.92 -20.42
N TRP MA 87 -74.93 -25.58 -19.58
CA TRP MA 87 -74.69 -25.36 -18.16
C TRP MA 87 -75.94 -25.72 -17.38
N ILE MA 88 -75.77 -25.87 -16.06
CA ILE MA 88 -76.87 -26.11 -15.14
C ILE MA 88 -76.92 -24.96 -14.15
N SER MA 89 -78.08 -24.37 -13.98
CA SER MA 89 -78.24 -23.22 -13.09
C SER MA 89 -78.37 -23.71 -11.65
N VAL MA 90 -77.47 -23.24 -10.79
CA VAL MA 90 -77.50 -23.56 -9.37
C VAL MA 90 -77.23 -22.28 -8.58
N LEU MA 91 -77.76 -22.23 -7.37
CA LEU MA 91 -77.50 -21.14 -6.43
C LEU MA 91 -76.70 -21.68 -5.25
N ASP MA 92 -75.63 -20.97 -4.89
CA ASP MA 92 -74.75 -21.42 -3.83
C ASP MA 92 -75.35 -21.04 -2.47
N HIS MA 93 -74.55 -21.17 -1.41
CA HIS MA 93 -75.02 -20.88 -0.06
C HIS MA 93 -75.41 -19.41 0.11
N THR MA 94 -74.93 -18.54 -0.76
CA THR MA 94 -75.28 -17.12 -0.71
C THR MA 94 -76.54 -16.79 -1.50
N GLY MA 95 -77.21 -17.78 -2.05
CA GLY MA 95 -78.40 -17.53 -2.86
C GLY MA 95 -78.11 -16.75 -4.11
N LYS MA 96 -76.94 -16.96 -4.71
CA LYS MA 96 -76.53 -16.25 -5.92
C LYS MA 96 -76.45 -17.25 -7.05
N GLU MA 97 -77.21 -17.00 -8.12
CA GLU MA 97 -77.28 -17.93 -9.23
C GLU MA 97 -75.94 -18.02 -9.95
N GLY MA 98 -75.51 -19.25 -10.23
CA GLY MA 98 -74.27 -19.47 -10.95
C GLY MA 98 -74.36 -20.74 -11.76
N LEU MA 99 -73.65 -20.76 -12.88
CA LEU MA 99 -73.68 -21.89 -13.80
C LEU MA 99 -72.68 -22.96 -13.36
N THR MA 100 -73.11 -24.21 -13.42
CA THR MA 100 -72.28 -25.34 -13.05
C THR MA 100 -72.37 -26.42 -14.11
N ARG MA 101 -71.47 -27.39 -14.03
CA ARG MA 101 -71.50 -28.55 -14.92
C ARG MA 101 -71.42 -29.86 -14.14
N ASN MA 102 -71.63 -29.82 -12.82
CA ASN MA 102 -71.61 -31.01 -11.97
C ASN MA 102 -73.04 -31.54 -11.88
N GLY MA 103 -73.31 -32.63 -12.59
CA GLY MA 103 -74.63 -33.19 -12.63
C GLY MA 103 -74.85 -34.34 -11.67
N ASN MA 104 -73.99 -34.47 -10.67
CA ASN MA 104 -74.11 -35.51 -9.66
C ASN MA 104 -75.17 -35.06 -8.66
N LEU MA 105 -76.43 -35.34 -9.00
CA LEU MA 105 -77.55 -34.84 -8.24
C LEU MA 105 -77.88 -35.77 -7.06
N LYS MA 106 -78.61 -35.22 -6.10
CA LYS MA 106 -79.06 -35.98 -4.94
C LYS MA 106 -80.32 -35.32 -4.38
N VAL MA 107 -81.05 -36.06 -3.55
CA VAL MA 107 -82.26 -35.59 -2.92
C VAL MA 107 -82.08 -35.64 -1.42
N ASP MA 108 -82.33 -34.52 -0.74
CA ASP MA 108 -82.17 -34.44 0.70
C ASP MA 108 -83.42 -34.97 1.38
N GLN MA 109 -83.49 -34.86 2.71
CA GLN MA 109 -84.64 -35.38 3.44
C GLN MA 109 -85.90 -34.56 3.16
N ASN MA 110 -85.75 -33.27 2.87
CA ASN MA 110 -86.92 -32.45 2.59
C ASN MA 110 -87.39 -32.59 1.14
N GLY MA 111 -86.57 -33.20 0.29
CA GLY MA 111 -86.95 -33.42 -1.10
C GLY MA 111 -86.32 -32.46 -2.09
N MET MA 112 -85.60 -31.44 -1.66
CA MET MA 112 -84.99 -30.49 -2.59
C MET MA 112 -83.88 -31.17 -3.37
N LEU MA 113 -83.85 -30.94 -4.69
CA LEU MA 113 -82.86 -31.55 -5.55
C LEU MA 113 -81.58 -30.71 -5.55
N THR MA 114 -80.52 -31.25 -4.98
CA THR MA 114 -79.22 -30.59 -4.92
C THR MA 114 -78.20 -31.41 -5.73
N ASN MA 115 -77.00 -30.87 -5.83
CA ASN MA 115 -75.90 -31.54 -6.50
C ASN MA 115 -74.89 -32.04 -5.46
N ALA MA 116 -73.76 -32.55 -5.94
CA ALA MA 116 -72.75 -33.11 -5.03
C ALA MA 116 -72.18 -32.05 -4.10
N SER MA 117 -72.13 -30.80 -4.53
CA SER MA 117 -71.57 -29.72 -3.73
C SER MA 117 -72.61 -29.03 -2.86
N GLY MA 118 -73.86 -29.46 -2.89
CA GLY MA 118 -74.90 -28.87 -2.07
C GLY MA 118 -75.59 -27.67 -2.68
N HIS MA 119 -75.28 -27.32 -3.93
CA HIS MA 119 -75.93 -26.18 -4.57
C HIS MA 119 -77.30 -26.59 -5.09
N LEU MA 120 -78.33 -25.83 -4.69
CA LEU MA 120 -79.68 -26.11 -5.15
C LEU MA 120 -79.78 -25.88 -6.66
N VAL MA 121 -80.43 -26.81 -7.35
CA VAL MA 121 -80.58 -26.75 -8.80
C VAL MA 121 -81.88 -26.04 -9.13
N LEU MA 122 -81.81 -25.07 -10.04
CA LEU MA 122 -82.97 -24.29 -10.44
C LEU MA 122 -83.78 -25.02 -11.49
N GLY MA 123 -85.00 -24.54 -11.72
CA GLY MA 123 -85.90 -25.16 -12.66
C GLY MA 123 -86.62 -24.20 -13.59
N GLU MA 124 -87.78 -24.61 -14.08
CA GLU MA 124 -88.55 -23.77 -15.00
C GLU MA 124 -89.04 -22.50 -14.30
N ASN MA 125 -89.44 -22.60 -13.04
CA ASN MA 125 -89.94 -21.45 -12.29
C ASN MA 125 -88.82 -20.53 -11.82
N ASP MA 126 -87.57 -20.87 -12.10
CA ASP MA 126 -86.37 -20.16 -11.63
C ASP MA 126 -86.23 -20.24 -10.11
N ALA MA 127 -86.94 -21.15 -9.47
CA ALA MA 127 -86.82 -21.45 -8.06
C ALA MA 127 -86.24 -22.84 -7.87
N PRO MA 128 -85.58 -23.10 -6.73
CA PRO MA 128 -84.99 -24.42 -6.52
C PRO MA 128 -86.04 -25.52 -6.62
N ILE MA 129 -85.65 -26.63 -7.24
CA ILE MA 129 -86.60 -27.71 -7.51
C ILE MA 129 -86.88 -28.48 -6.22
N THR MA 130 -88.16 -28.63 -5.90
CA THR MA 130 -88.60 -29.41 -4.76
C THR MA 130 -89.46 -30.56 -5.24
N LEU MA 131 -89.16 -31.77 -4.79
CA LEU MA 131 -89.89 -32.95 -5.17
C LEU MA 131 -90.77 -33.42 -4.03
N PRO MA 132 -91.89 -34.11 -4.33
CA PRO MA 132 -92.69 -34.69 -3.24
C PRO MA 132 -91.86 -35.64 -2.41
N ILE MA 133 -92.10 -35.65 -1.10
CA ILE MA 133 -91.22 -36.36 -0.18
C ILE MA 133 -91.20 -37.87 -0.44
N PRO MA 134 -92.34 -38.59 -0.39
CA PRO MA 134 -92.27 -40.07 -0.55
C PRO MA 134 -92.32 -40.54 -2.00
N LEU MA 135 -91.18 -40.42 -2.69
CA LEU MA 135 -91.09 -40.86 -4.08
C LEU MA 135 -90.91 -42.37 -4.15
N SER MA 136 -91.02 -42.89 -5.37
CA SER MA 136 -90.78 -44.30 -5.64
C SER MA 136 -89.90 -44.57 -6.86
N LYS MA 137 -89.84 -43.65 -7.82
CA LYS MA 137 -89.01 -43.83 -9.01
C LYS MA 137 -88.79 -42.46 -9.63
N ILE MA 138 -87.54 -42.02 -9.68
CA ILE MA 138 -87.19 -40.71 -10.22
C ILE MA 138 -86.43 -40.93 -11.52
N GLU MA 139 -86.95 -40.39 -12.61
CA GLU MA 139 -86.30 -40.46 -13.92
C GLU MA 139 -86.12 -39.04 -14.46
N ILE MA 140 -84.88 -38.71 -14.83
CA ILE MA 140 -84.56 -37.40 -15.39
C ILE MA 140 -84.68 -37.49 -16.90
N GLY MA 141 -85.47 -36.58 -17.49
CA GLY MA 141 -85.63 -36.59 -18.93
C GLY MA 141 -84.37 -36.12 -19.64
N ARG MA 142 -84.32 -36.43 -20.93
CA ARG MA 142 -83.15 -36.05 -21.73
C ARG MA 142 -83.06 -34.54 -21.91
N ASP MA 143 -84.21 -33.86 -21.96
CA ASP MA 143 -84.26 -32.42 -22.08
C ASP MA 143 -84.29 -31.70 -20.73
N GLY MA 144 -84.16 -32.45 -19.62
CA GLY MA 144 -84.16 -31.88 -18.30
C GLY MA 144 -85.45 -32.05 -17.54
N THR MA 145 -86.48 -32.61 -18.17
CA THR MA 145 -87.76 -32.81 -17.49
C THR MA 145 -87.61 -33.84 -16.37
N ILE MA 146 -88.23 -33.56 -15.23
CA ILE MA 146 -88.18 -34.44 -14.07
C ILE MA 146 -89.55 -35.07 -13.88
N SER MA 147 -89.63 -36.39 -14.05
CA SER MA 147 -90.85 -37.15 -13.84
C SER MA 147 -90.65 -38.09 -12.67
N VAL MA 148 -91.59 -38.06 -11.72
CA VAL MA 148 -91.48 -38.86 -10.51
C VAL MA 148 -92.71 -39.75 -10.39
N LEU MA 149 -92.59 -40.77 -9.54
CA LEU MA 149 -93.66 -41.73 -9.29
C LEU MA 149 -94.01 -41.72 -7.82
N PRO MA 150 -95.26 -41.42 -7.45
CA PRO MA 150 -95.64 -41.42 -6.03
C PRO MA 150 -95.50 -42.81 -5.43
N GLN MA 151 -95.25 -42.84 -4.13
CA GLN MA 151 -95.03 -44.11 -3.43
C GLN MA 151 -96.26 -44.98 -3.49
N GLY MA 152 -96.11 -46.18 -4.08
CA GLY MA 152 -97.21 -47.11 -4.22
C GLY MA 152 -98.08 -46.90 -5.44
N ALA MA 153 -97.83 -45.86 -6.22
CA ALA MA 153 -98.61 -45.60 -7.41
C ALA MA 153 -98.28 -46.61 -8.51
N PRO MA 154 -99.27 -46.98 -9.33
CA PRO MA 154 -99.01 -47.91 -10.44
C PRO MA 154 -98.08 -47.32 -11.49
N ALA MA 155 -97.69 -48.13 -12.48
CA ALA MA 155 -96.69 -47.71 -13.44
C ALA MA 155 -97.15 -46.50 -14.25
N GLU MA 156 -98.43 -46.46 -14.61
CA GLU MA 156 -98.93 -45.40 -15.47
C GLU MA 156 -99.24 -44.13 -14.69
N GLU MA 157 -98.28 -43.67 -13.88
CA GLU MA 157 -98.42 -42.43 -13.14
C GLU MA 157 -97.10 -41.65 -13.16
N PHE MA 158 -96.43 -41.63 -14.31
CA PHE MA 158 -95.18 -40.90 -14.46
C PHE MA 158 -95.47 -39.46 -14.88
N GLN MA 159 -95.87 -38.66 -13.90
CA GLN MA 159 -96.15 -37.26 -14.16
C GLN MA 159 -94.91 -36.41 -13.95
N ALA MA 160 -94.73 -35.41 -14.80
CA ALA MA 160 -93.61 -34.50 -14.72
C ALA MA 160 -93.88 -33.43 -13.67
N VAL MA 161 -92.83 -33.03 -12.96
CA VAL MA 161 -92.97 -32.07 -11.86
C VAL MA 161 -92.14 -30.82 -12.12
N ASP MA 162 -91.02 -30.96 -12.82
CA ASP MA 162 -90.12 -29.83 -13.02
C ASP MA 162 -89.22 -30.12 -14.22
N ARG MA 163 -88.57 -29.06 -14.69
CA ARG MA 163 -87.65 -29.12 -15.82
C ARG MA 163 -86.35 -28.43 -15.43
N ILE MA 164 -85.23 -29.14 -15.58
CA ILE MA 164 -83.94 -28.61 -15.17
C ILE MA 164 -83.58 -27.42 -16.06
N LYS MA 165 -83.16 -26.32 -15.43
CA LYS MA 165 -82.83 -25.10 -16.16
C LYS MA 165 -81.45 -25.26 -16.79
N LEU MA 166 -81.43 -25.46 -18.11
CA LEU MA 166 -80.18 -25.59 -18.86
C LEU MA 166 -79.92 -24.29 -19.60
N VAL MA 167 -78.73 -23.72 -19.39
CA VAL MA 167 -78.35 -22.44 -19.95
C VAL MA 167 -77.14 -22.64 -20.84
N LYS MA 168 -77.19 -22.08 -22.05
CA LYS MA 168 -76.09 -22.14 -23.01
C LYS MA 168 -75.76 -20.73 -23.49
N PRO MA 169 -75.02 -19.96 -22.68
CA PRO MA 169 -74.58 -18.63 -23.14
C PRO MA 169 -73.24 -18.70 -23.85
N ASN MA 170 -72.75 -17.56 -24.32
CA ASN MA 170 -71.45 -17.52 -24.96
C ASN MA 170 -70.36 -17.84 -23.94
N ASP MA 171 -69.45 -18.75 -24.30
CA ASP MA 171 -68.41 -19.19 -23.36
C ASP MA 171 -67.42 -18.08 -23.07
N GLN MA 172 -67.33 -17.07 -23.93
CA GLN MA 172 -66.36 -15.99 -23.72
C GLN MA 172 -66.87 -14.94 -22.76
N SER MA 173 -68.16 -14.96 -22.41
CA SER MA 173 -68.73 -14.00 -21.48
C SER MA 173 -68.82 -14.54 -20.05
N LEU MA 174 -68.32 -15.75 -19.80
CA LEU MA 174 -68.40 -16.39 -18.51
C LEU MA 174 -67.03 -16.40 -17.84
N PHE MA 175 -67.01 -16.12 -16.54
CA PHE MA 175 -65.79 -16.17 -15.74
C PHE MA 175 -66.01 -17.09 -14.55
N LYS MA 176 -64.97 -17.81 -14.15
CA LYS MA 176 -65.05 -18.68 -12.99
C LYS MA 176 -64.94 -17.85 -11.72
N ASP MA 177 -65.92 -17.97 -10.85
CA ASP MA 177 -65.98 -17.17 -9.63
C ASP MA 177 -65.08 -17.79 -8.56
N THR MA 178 -65.16 -17.30 -7.33
CA THR MA 178 -64.34 -17.79 -6.24
C THR MA 178 -64.74 -19.17 -5.75
N ASN MA 179 -65.90 -19.68 -6.17
CA ASN MA 179 -66.39 -20.98 -5.72
C ASN MA 179 -66.63 -21.94 -6.88
N GLY MA 180 -65.98 -21.71 -8.03
CA GLY MA 180 -66.07 -22.64 -9.14
C GLY MA 180 -67.32 -22.54 -9.98
N LEU MA 181 -68.18 -21.54 -9.74
CA LEU MA 181 -69.40 -21.36 -10.50
C LEU MA 181 -69.20 -20.25 -11.53
N PHE MA 182 -69.45 -20.58 -12.80
CA PHE MA 182 -69.28 -19.61 -13.87
C PHE MA 182 -70.46 -18.65 -13.92
N ARG MA 183 -70.17 -17.35 -13.99
CA ARG MA 183 -71.19 -16.32 -14.04
C ARG MA 183 -70.87 -15.34 -15.17
N HIS MA 184 -71.87 -14.54 -15.52
CA HIS MA 184 -71.66 -13.50 -16.53
C HIS MA 184 -70.65 -12.48 -16.02
N LYS MA 185 -69.79 -12.02 -16.94
CA LYS MA 185 -68.87 -10.93 -16.59
C LYS MA 185 -69.65 -9.64 -16.34
N THR MA 186 -70.68 -9.39 -17.13
CA THR MA 186 -71.57 -8.26 -16.88
C THR MA 186 -72.54 -8.61 -15.76
N PRO MA 187 -72.61 -7.84 -14.68
CA PRO MA 187 -73.48 -8.21 -13.57
C PRO MA 187 -74.94 -7.87 -13.87
N ASN MA 188 -75.82 -8.46 -13.06
CA ASN MA 188 -77.27 -8.29 -13.18
C ASN MA 188 -77.74 -8.67 -14.59
N GLN MA 189 -77.17 -9.73 -15.15
CA GLN MA 189 -77.54 -10.23 -16.47
C GLN MA 189 -78.31 -11.53 -16.30
N PRO MA 190 -79.56 -11.59 -16.75
CA PRO MA 190 -80.36 -12.81 -16.54
C PRO MA 190 -79.81 -13.99 -17.32
N TYR MA 191 -80.00 -15.19 -16.75
CA TYR MA 191 -79.60 -16.44 -17.39
C TYR MA 191 -80.82 -17.00 -18.12
N GLU MA 192 -80.77 -16.98 -19.45
CA GLU MA 192 -81.88 -17.49 -20.24
C GLU MA 192 -81.84 -19.00 -20.31
N ALA MA 193 -82.96 -19.64 -19.96
CA ALA MA 193 -83.04 -21.09 -19.95
C ALA MA 193 -83.20 -21.60 -21.38
N ASP MA 194 -82.15 -22.24 -21.89
CA ASP MA 194 -82.18 -22.77 -23.24
C ASP MA 194 -82.89 -24.11 -23.28
N ALA MA 195 -83.57 -24.37 -24.41
CA ALA MA 195 -84.28 -25.62 -24.62
C ALA MA 195 -83.60 -26.51 -25.65
N THR MA 196 -82.39 -26.16 -26.08
CA THR MA 196 -81.64 -26.96 -27.04
C THR MA 196 -80.65 -27.90 -26.38
N VAL MA 197 -80.09 -27.51 -25.22
CA VAL MA 197 -79.14 -28.37 -24.53
C VAL MA 197 -79.84 -29.65 -24.09
N SER MA 198 -79.08 -30.74 -24.05
CA SER MA 198 -79.61 -32.06 -23.71
C SER MA 198 -78.74 -32.71 -22.64
N LEU MA 199 -79.37 -33.55 -21.83
CA LEU MA 199 -78.70 -34.28 -20.76
C LEU MA 199 -78.59 -35.75 -21.14
N GLN MA 200 -77.39 -36.31 -21.02
CA GLN MA 200 -77.19 -37.75 -21.19
C GLN MA 200 -77.31 -38.38 -19.82
N THR MA 201 -78.55 -38.71 -19.45
CA THR MA 201 -78.82 -39.24 -18.12
C THR MA 201 -78.15 -40.59 -17.93
N GLY MA 202 -77.76 -40.87 -16.69
CA GLY MA 202 -77.04 -42.08 -16.38
C GLY MA 202 -75.53 -41.98 -16.52
N ALA MA 203 -74.99 -40.77 -16.61
CA ALA MA 203 -73.55 -40.60 -16.78
C ALA MA 203 -73.12 -39.29 -16.11
N ILE MA 204 -71.84 -39.21 -15.78
CA ILE MA 204 -71.26 -38.07 -15.09
C ILE MA 204 -70.12 -37.52 -15.94
N GLU MA 205 -70.07 -36.20 -16.08
CA GLU MA 205 -69.05 -35.54 -16.88
C GLU MA 205 -67.82 -35.25 -16.02
N GLY MA 206 -66.66 -35.73 -16.46
CA GLY MA 206 -65.42 -35.48 -15.77
C GLY MA 206 -64.77 -34.17 -16.20
N SER MA 207 -63.54 -33.99 -15.76
CA SER MA 207 -62.78 -32.79 -16.09
C SER MA 207 -62.12 -32.93 -17.45
N ASN MA 208 -61.85 -31.78 -18.08
CA ASN MA 208 -61.25 -31.73 -19.40
C ASN MA 208 -59.78 -31.31 -19.34
N VAL MA 209 -59.11 -31.57 -18.22
CA VAL MA 209 -57.71 -31.22 -18.08
C VAL MA 209 -56.88 -32.11 -18.98
N ASN MA 210 -56.10 -31.50 -19.87
CA ASN MA 210 -55.17 -32.20 -20.74
C ASN MA 210 -53.86 -32.34 -19.97
N ALA MA 211 -53.58 -33.55 -19.47
CA ALA MA 211 -52.43 -33.76 -18.60
C ALA MA 211 -51.12 -33.45 -19.32
N VAL MA 212 -51.02 -33.85 -20.58
CA VAL MA 212 -49.80 -33.56 -21.34
C VAL MA 212 -49.64 -32.06 -21.55
N GLY MA 213 -50.74 -31.37 -21.83
CA GLY MA 213 -50.68 -29.93 -22.03
C GLY MA 213 -50.15 -29.20 -20.81
N GLU MA 214 -50.50 -29.69 -19.62
CA GLU MA 214 -50.00 -29.07 -18.40
C GLU MA 214 -48.53 -29.41 -18.17
N MET MA 215 -48.14 -30.66 -18.47
CA MET MA 215 -46.76 -31.08 -18.23
C MET MA 215 -45.79 -30.35 -19.13
N THR MA 216 -46.14 -30.14 -20.41
CA THR MA 216 -45.24 -29.44 -21.31
C THR MA 216 -45.19 -27.95 -20.97
N ALA MA 217 -46.28 -27.40 -20.41
CA ALA MA 217 -46.25 -26.05 -19.90
C ALA MA 217 -45.32 -25.94 -18.69
N LEU MA 218 -45.32 -26.96 -17.83
CA LEU MA 218 -44.48 -26.95 -16.65
C LEU MA 218 -43.00 -26.87 -17.01
N ILE MA 219 -42.57 -27.70 -17.97
CA ILE MA 219 -41.15 -27.77 -18.30
C ILE MA 219 -40.68 -26.47 -18.94
N ASP MA 220 -41.57 -25.80 -19.68
CA ASP MA 220 -41.22 -24.51 -20.26
C ASP MA 220 -41.18 -23.41 -19.20
N LEU MA 221 -42.08 -23.49 -18.22
CA LEU MA 221 -42.07 -22.51 -17.14
C LEU MA 221 -40.82 -22.66 -16.28
N GLN MA 222 -40.35 -23.89 -16.08
CA GLN MA 222 -39.13 -24.10 -15.31
C GLN MA 222 -37.93 -23.48 -16.01
N ARG MA 223 -37.76 -23.74 -17.30
CA ARG MA 223 -36.59 -23.23 -18.02
C ARG MA 223 -36.60 -21.71 -18.09
N GLN MA 224 -37.76 -21.12 -18.37
CA GLN MA 224 -37.84 -19.65 -18.41
C GLN MA 224 -37.61 -19.05 -17.03
N PHE MA 225 -38.08 -19.73 -15.98
CA PHE MA 225 -37.81 -19.28 -14.62
C PHE MA 225 -36.32 -19.30 -14.32
N GLU MA 226 -35.63 -20.37 -14.71
CA GLU MA 226 -34.21 -20.50 -14.39
C GLU MA 226 -33.37 -19.50 -15.18
N MET MA 227 -33.76 -19.21 -16.42
CA MET MA 227 -32.99 -18.26 -17.23
C MET MA 227 -33.06 -16.85 -16.64
N GLN MA 228 -34.23 -16.46 -16.13
CA GLN MA 228 -34.36 -15.15 -15.51
C GLN MA 228 -33.59 -15.07 -14.20
N VAL MA 229 -33.48 -16.19 -13.47
CA VAL MA 229 -32.67 -16.22 -12.27
C VAL MA 229 -31.21 -15.94 -12.59
N LYS MA 230 -30.73 -16.48 -13.71
CA LYS MA 230 -29.37 -16.19 -14.16
C LYS MA 230 -29.22 -14.70 -14.49
N MET MA 231 -30.27 -14.09 -15.04
CA MET MA 231 -30.23 -12.65 -15.30
C MET MA 231 -30.10 -11.87 -14.00
N MET MA 232 -30.78 -12.31 -12.93
CA MET MA 232 -30.62 -11.67 -11.64
C MET MA 232 -29.19 -11.82 -11.13
N SER MA 233 -28.59 -13.00 -11.31
CA SER MA 233 -27.23 -13.22 -10.83
C SER MA 233 -26.23 -12.37 -11.58
N THR MA 234 -26.38 -12.25 -12.90
CA THR MA 234 -25.44 -11.45 -13.67
C THR MA 234 -25.67 -9.96 -13.48
N ALA MA 235 -26.84 -9.58 -12.97
CA ALA MA 235 -27.10 -8.18 -12.68
C ALA MA 235 -26.33 -7.72 -11.46
N GLU MA 236 -26.29 -8.55 -10.41
CA GLU MA 236 -25.52 -8.20 -9.22
C GLU MA 236 -24.02 -8.41 -9.45
N GLU MA 237 -23.66 -9.34 -10.34
CA GLU MA 237 -22.25 -9.52 -10.66
C GLU MA 237 -21.66 -8.30 -11.35
N MET MA 238 -22.44 -7.69 -12.27
CA MET MA 238 -22.01 -6.45 -12.88
C MET MA 238 -21.95 -5.32 -11.86
N ASP MA 239 -22.92 -5.28 -10.95
CA ASP MA 239 -22.94 -4.22 -9.93
C ASP MA 239 -21.73 -4.29 -9.02
N LYS MA 240 -21.35 -5.51 -8.60
CA LYS MA 240 -20.18 -5.66 -7.75
C LYS MA 240 -18.92 -5.20 -8.46
N SER MA 241 -18.78 -5.54 -9.74
CA SER MA 241 -17.60 -5.14 -10.50
C SER MA 241 -17.53 -3.62 -10.63
N SER MA 242 -18.66 -2.98 -10.92
CA SER MA 242 -18.70 -1.52 -11.08
C SER MA 242 -18.82 -0.84 -9.72
N ASP MA 243 -17.93 -1.21 -8.81
CA ASP MA 243 -17.83 -0.58 -7.51
C ASP MA 243 -16.41 -0.18 -7.16
N SER MA 244 -15.41 -0.59 -7.94
CA SER MA 244 -14.05 -0.13 -7.77
C SER MA 244 -13.81 1.25 -8.37
N LEU MA 245 -14.82 1.82 -9.04
CA LEU MA 245 -14.69 3.19 -9.54
C LEU MA 245 -14.49 4.17 -8.40
N LEU MA 246 -15.19 3.97 -7.29
CA LEU MA 246 -15.09 4.82 -6.11
C LEU MA 246 -14.12 4.25 -5.08
N ARG MA 247 -13.21 3.38 -5.49
CA ARG MA 247 -12.33 2.66 -4.58
C ARG MA 247 -10.90 3.22 -4.61
N MET MA 248 -10.76 4.52 -4.74
CA MET MA 248 -9.45 5.17 -4.74
C MET MA 248 -8.67 4.87 -3.47
N ASP NA 32 47.81 16.75 -11.46
CA ASP NA 32 47.86 17.84 -10.44
C ASP NA 32 46.48 18.03 -9.81
N PHE NA 33 46.37 18.85 -8.77
CA PHE NA 33 45.08 19.08 -8.07
C PHE NA 33 44.06 19.72 -9.01
N ASN NA 34 44.54 20.63 -9.87
CA ASN NA 34 43.62 21.26 -10.87
C ASN NA 34 43.05 20.16 -11.77
N ASP NA 35 43.92 19.28 -12.25
CA ASP NA 35 43.45 18.24 -13.19
C ASP NA 35 42.53 17.29 -12.43
N LEU NA 36 42.76 17.09 -11.14
CA LEU NA 36 41.87 16.24 -10.31
C LEU NA 36 40.47 16.86 -10.33
N LEU NA 37 40.38 18.15 -10.00
CA LEU NA 37 39.06 18.82 -10.00
C LEU NA 37 38.44 18.67 -11.40
N THR NA 38 39.23 18.84 -12.45
CA THR NA 38 38.64 18.79 -13.82
C THR NA 38 38.10 17.39 -14.12
N LYS NA 39 38.85 16.35 -13.79
CA LYS NA 39 38.44 14.95 -14.07
C LYS NA 39 37.18 14.61 -13.29
N ALA NA 40 37.10 15.05 -12.04
CA ALA NA 40 35.93 14.71 -11.23
C ALA NA 40 34.65 15.22 -11.88
N ILE NA 41 34.67 16.45 -12.39
CA ILE NA 41 33.47 17.01 -13.02
C ILE NA 41 33.17 16.29 -14.32
N ASN NA 42 34.20 15.95 -15.09
CA ASN NA 42 33.99 15.22 -16.34
C ASN NA 42 33.42 13.83 -16.08
N ASN NA 43 33.70 13.27 -14.91
CA ASN NA 43 33.03 12.03 -14.52
C ASN NA 43 31.55 12.25 -14.27
N VAL NA 44 31.20 13.42 -13.70
CA VAL NA 44 29.80 13.69 -13.36
C VAL NA 44 28.96 13.83 -14.63
N ASN NA 45 29.44 14.62 -15.59
CA ASN NA 45 28.65 14.84 -16.80
C ASN NA 45 28.62 13.58 -17.66
N THR NA 46 29.67 12.76 -17.62
CA THR NA 46 29.65 11.50 -18.35
C THR NA 46 28.55 10.58 -17.82
N LEU NA 47 28.40 10.51 -16.50
CA LEU NA 47 27.29 9.76 -15.92
C LEU NA 47 25.96 10.40 -16.27
N GLN NA 48 25.89 11.73 -16.23
CA GLN NA 48 24.65 12.42 -16.58
C GLN NA 48 24.34 12.28 -18.07
N LYS NA 49 25.38 12.35 -18.92
CA LYS NA 49 25.15 12.18 -20.35
C LYS NA 49 24.71 10.76 -20.67
N ALA NA 50 25.34 9.76 -20.05
CA ALA NA 50 24.94 8.38 -20.28
C ALA NA 50 23.53 8.12 -19.76
N SER NA 51 23.21 8.66 -18.58
CA SER NA 51 21.87 8.48 -18.02
C SER NA 51 20.81 9.13 -18.92
N GLY NA 52 21.09 10.33 -19.43
CA GLY NA 52 20.12 10.99 -20.29
C GLY NA 52 19.88 10.25 -21.58
N ASP NA 53 20.93 9.70 -22.18
CA ASP NA 53 20.78 8.95 -23.42
C ASP NA 53 19.93 7.70 -23.22
N LEU NA 54 20.17 6.97 -22.14
CA LEU NA 54 19.38 5.78 -21.87
C LEU NA 54 17.92 6.11 -21.60
N GLN NA 55 17.67 7.25 -20.92
CA GLN NA 55 16.29 7.67 -20.69
C GLN NA 55 15.59 7.99 -21.99
N THR NA 56 16.26 8.68 -22.90
CA THR NA 56 15.63 9.04 -24.17
C THR NA 56 15.40 7.82 -25.05
N ARG NA 57 16.36 6.89 -25.07
CA ARG NA 57 16.21 5.69 -25.89
C ARG NA 57 15.05 4.84 -25.41
N PHE NA 58 14.92 4.66 -24.09
CA PHE NA 58 13.80 3.90 -23.55
C PHE NA 58 12.48 4.64 -23.78
N ASP NA 59 12.47 5.96 -23.59
CA ASP NA 59 11.22 6.71 -23.71
C ASP NA 59 10.67 6.71 -25.12
N ARG NA 60 11.53 6.77 -26.13
CA ARG NA 60 11.08 6.80 -27.52
C ARG NA 60 10.73 5.42 -28.06
N GLY NA 61 10.79 4.38 -27.23
CA GLY NA 61 10.31 3.07 -27.61
C GLY NA 61 11.33 2.12 -28.19
N ASP NA 62 12.62 2.39 -28.03
CA ASP NA 62 13.63 1.46 -28.51
C ASP NA 62 13.53 0.14 -27.75
N ALA NA 63 13.64 -0.96 -28.50
CA ALA NA 63 13.44 -2.29 -27.95
C ALA NA 63 14.74 -2.94 -27.47
N ASP NA 64 15.86 -2.24 -27.55
CA ASP NA 64 17.14 -2.75 -27.10
C ASP NA 64 17.57 -2.16 -25.76
N VAL NA 65 16.69 -1.43 -25.09
CA VAL NA 65 17.00 -0.78 -23.83
C VAL NA 65 16.08 -1.34 -22.76
N SER NA 66 16.67 -1.81 -21.65
CA SER NA 66 15.92 -2.38 -20.54
C SER NA 66 15.75 -1.35 -19.44
N LEU NA 67 14.69 -1.52 -18.65
CA LEU NA 67 14.40 -0.59 -17.57
C LEU NA 67 15.45 -0.66 -16.46
N SER NA 68 16.00 -1.84 -16.20
CA SER NA 68 17.03 -1.96 -15.17
C SER NA 68 18.26 -1.14 -15.53
N ASP NA 69 18.65 -1.15 -16.81
CA ASP NA 69 19.78 -0.33 -17.24
C ASP NA 69 19.50 1.15 -17.02
N VAL NA 70 18.27 1.59 -17.30
CA VAL NA 70 17.91 2.98 -17.08
C VAL NA 70 17.95 3.33 -15.59
N MET NA 71 17.38 2.46 -14.75
CA MET NA 71 17.27 2.77 -13.34
C MET NA 71 18.63 2.76 -12.65
N ILE NA 72 19.50 1.80 -13.01
CA ILE NA 72 20.85 1.79 -12.46
C ILE NA 72 21.61 3.04 -12.88
N ALA NA 73 21.48 3.42 -14.15
CA ALA NA 73 22.22 4.58 -14.65
C ALA NA 73 21.70 5.88 -14.04
N ARG NA 74 20.37 6.03 -13.93
CA ARG NA 74 19.82 7.28 -13.42
C ARG NA 74 20.07 7.45 -11.93
N ASN NA 75 20.08 6.34 -11.19
CA ASN NA 75 20.49 6.40 -9.79
C ASN NA 75 21.98 6.65 -9.67
N LYS NA 76 22.76 6.14 -10.64
CA LYS NA 76 24.20 6.35 -10.62
C LYS NA 76 24.54 7.83 -10.77
N SER NA 77 23.83 8.53 -11.66
CA SER NA 77 24.08 9.95 -11.85
C SER NA 77 23.51 10.78 -10.70
N SER NA 78 22.42 10.31 -10.09
CA SER NA 78 21.82 11.05 -8.99
C SER NA 78 22.76 11.12 -7.79
N VAL NA 79 23.43 10.00 -7.47
CA VAL NA 79 24.39 10.01 -6.38
C VAL NA 79 25.58 10.90 -6.72
N ALA NA 80 26.05 10.84 -7.96
CA ALA NA 80 27.19 11.66 -8.37
C ALA NA 80 26.85 13.15 -8.31
N PHE NA 81 25.66 13.53 -8.77
CA PHE NA 81 25.29 14.94 -8.77
C PHE NA 81 25.03 15.43 -7.35
N ASP NA 82 24.47 14.59 -6.49
CA ASP NA 82 24.33 14.95 -5.08
C ASP NA 82 25.69 15.11 -4.43
N ALA NA 83 26.64 14.24 -4.78
CA ALA NA 83 27.99 14.36 -4.22
C ALA NA 83 28.67 15.66 -4.63
N THR NA 84 28.53 16.05 -5.90
CA THR NA 84 29.18 17.28 -6.34
C THR NA 84 28.48 18.52 -5.81
N VAL NA 85 27.19 18.41 -5.47
CA VAL NA 85 26.51 19.51 -4.82
C VAL NA 85 27.01 19.66 -3.38
N GLN NA 86 27.13 18.55 -2.66
CA GLN NA 86 27.59 18.62 -1.28
C GLN NA 86 29.03 19.10 -1.20
N ILE NA 87 29.90 18.60 -2.08
CA ILE NA 87 31.29 19.03 -2.08
C ILE NA 87 31.39 20.52 -2.37
N ARG NA 88 30.61 21.00 -3.34
CA ARG NA 88 30.60 22.43 -3.64
C ARG NA 88 30.10 23.25 -2.45
N ASN NA 89 29.07 22.76 -1.76
CA ASN NA 89 28.54 23.48 -0.61
C ASN NA 89 29.57 23.57 0.50
N LYS NA 90 30.28 22.48 0.78
CA LYS NA 90 31.28 22.50 1.84
C LYS NA 90 32.43 23.44 1.51
N LEU NA 91 32.86 23.45 0.23
CA LEU NA 91 33.95 24.34 -0.16
C LEU NA 91 33.56 25.80 -0.05
N VAL NA 92 32.32 26.14 -0.41
CA VAL NA 92 31.88 27.52 -0.32
C VAL NA 92 31.75 27.94 1.14
N GLU NA 93 31.27 27.03 2.00
CA GLU NA 93 31.18 27.34 3.43
C GLU NA 93 32.58 27.58 4.01
N ALA NA 94 33.55 26.78 3.59
CA ALA NA 94 34.92 26.99 4.04
C ALA NA 94 35.45 28.35 3.58
N TYR NA 95 35.17 28.72 2.32
CA TYR NA 95 35.59 30.01 1.81
C TYR NA 95 34.93 31.14 2.58
N LYS NA 96 33.63 31.03 2.86
CA LYS NA 96 32.92 32.07 3.59
C LYS NA 96 33.47 32.21 5.00
N ASP NA 97 33.75 31.09 5.67
CA ASP NA 97 34.29 31.16 7.02
C ASP NA 97 35.66 31.83 7.04
N LEU NA 98 36.53 31.48 6.09
CA LEU NA 98 37.87 32.06 6.07
C LEU NA 98 37.82 33.56 5.79
N MET NA 99 36.97 33.99 4.86
CA MET NA 99 36.90 35.39 4.48
C MET NA 99 36.18 36.26 5.49
N ASN NA 100 35.35 35.68 6.36
CA ASN NA 100 34.60 36.43 7.35
C ASN NA 100 35.29 36.46 8.71
N MET NA 101 36.60 36.34 8.74
CA MET NA 101 37.34 36.46 9.99
C MET NA 101 38.11 37.78 10.02
N PRO NA 102 38.09 38.50 11.14
CA PRO NA 102 38.91 39.71 11.24
C PRO NA 102 40.38 39.38 11.10
N VAL NA 103 41.10 40.25 10.41
CA VAL NA 103 42.52 40.01 10.14
C VAL NA 103 43.37 40.96 10.96
N ALA OA 24 -15.49 50.89 18.63
CA ALA OA 24 -15.05 49.54 18.95
C ALA OA 24 -13.59 49.53 19.38
N SER OA 25 -13.25 48.63 20.30
CA SER OA 25 -11.90 48.50 20.80
C SER OA 25 -11.25 47.22 20.29
N GLY OA 26 -9.94 47.12 20.52
CA GLY OA 26 -9.20 45.93 20.11
C GLY OA 26 -9.45 44.72 20.99
N ALA OA 27 -9.93 44.93 22.22
CA ALA OA 27 -10.24 43.81 23.10
C ALA OA 27 -11.44 43.02 22.58
N LYS OA 28 -12.41 43.71 21.98
CA LYS OA 28 -13.57 43.03 21.43
C LYS OA 28 -13.17 42.07 20.31
N VAL OA 29 -12.26 42.50 19.44
CA VAL OA 29 -11.75 41.61 18.39
C VAL OA 29 -10.99 40.45 19.01
N GLY OA 30 -10.18 40.72 20.03
CA GLY OA 30 -9.45 39.65 20.69
C GLY OA 30 -10.38 38.67 21.38
N ALA OA 31 -11.42 39.18 22.06
CA ALA OA 31 -12.40 38.30 22.69
C ALA OA 31 -13.17 37.51 21.65
N ASP OA 32 -13.52 38.13 20.53
CA ASP OA 32 -14.22 37.43 19.46
C ASP OA 32 -13.35 36.31 18.88
N PHE OA 33 -12.06 36.58 18.71
CA PHE OA 33 -11.14 35.54 18.27
C PHE OA 33 -11.01 34.44 19.32
N ASN OA 34 -10.98 34.82 20.60
CA ASN OA 34 -10.89 33.82 21.66
C ASN OA 34 -12.11 32.93 21.71
N ASP OA 35 -13.30 33.52 21.54
CA ASP OA 35 -14.52 32.71 21.55
C ASP OA 35 -14.60 31.79 20.34
N LEU OA 36 -14.04 32.22 19.21
CA LEU OA 36 -14.01 31.35 18.03
C LEU OA 36 -13.16 30.12 18.29
N LEU OA 37 -12.00 30.29 18.93
CA LEU OA 37 -11.16 29.15 19.26
C LEU OA 37 -11.80 28.26 20.31
N THR OA 38 -12.42 28.86 21.33
CA THR OA 38 -13.08 28.07 22.36
C THR OA 38 -14.25 27.28 21.79
N LYS OA 39 -15.02 27.89 20.89
CA LYS OA 39 -16.14 27.18 20.28
C LYS OA 39 -15.65 25.99 19.46
N ALA OA 40 -14.56 26.17 18.70
CA ALA OA 40 -14.03 25.07 17.91
C ALA OA 40 -13.53 23.93 18.78
N ILE OA 41 -12.83 24.26 19.88
CA ILE OA 41 -12.31 23.23 20.77
C ILE OA 41 -13.45 22.46 21.41
N ASN OA 42 -14.51 23.15 21.82
CA ASN OA 42 -15.67 22.47 22.38
C ASN OA 42 -16.34 21.57 21.35
N ASN OA 43 -16.43 22.03 20.10
CA ASN OA 43 -17.00 21.20 19.04
C ASN OA 43 -16.17 19.95 18.80
N VAL OA 44 -14.83 20.11 18.76
CA VAL OA 44 -13.97 18.95 18.60
C VAL OA 44 -14.08 18.03 19.82
N ASN OA 45 -14.09 18.60 21.02
CA ASN OA 45 -14.24 17.80 22.23
C ASN OA 45 -15.58 17.09 22.27
N THR OA 46 -16.65 17.76 21.82
CA THR OA 46 -17.96 17.13 21.79
C THR OA 46 -17.97 15.92 20.86
N LEU OA 47 -17.34 16.04 19.69
CA LEU OA 47 -17.26 14.92 18.77
C LEU OA 47 -16.44 13.77 19.34
N GLN OA 48 -15.33 14.09 20.00
CA GLN OA 48 -14.48 13.05 20.57
C GLN OA 48 -15.20 12.28 21.67
N LYS OA 49 -15.92 12.99 22.53
CA LYS OA 49 -16.70 12.31 23.57
C LYS OA 49 -17.87 11.54 22.97
N ALA OA 50 -18.51 12.11 21.94
CA ALA OA 50 -19.62 11.42 21.28
C ALA OA 50 -19.14 10.13 20.62
N SER OA 51 -17.98 10.18 19.96
CA SER OA 51 -17.42 8.97 19.36
C SER OA 51 -17.05 7.94 20.43
N GLY OA 52 -16.48 8.41 21.54
CA GLY OA 52 -16.07 7.48 22.58
C GLY OA 52 -17.24 6.72 23.19
N ASP OA 53 -18.36 7.42 23.42
CA ASP OA 53 -19.53 6.75 23.96
C ASP OA 53 -20.09 5.74 22.97
N LEU OA 54 -20.18 6.11 21.70
CA LEU OA 54 -20.72 5.19 20.70
C LEU OA 54 -19.81 3.98 20.51
N GLN OA 55 -18.50 4.17 20.63
CA GLN OA 55 -17.58 3.05 20.53
C GLN OA 55 -17.78 2.07 21.69
N THR OA 56 -17.86 2.60 22.92
CA THR OA 56 -18.00 1.71 24.07
C THR OA 56 -19.42 1.16 24.18
N ARG OA 57 -20.42 1.86 23.65
CA ARG OA 57 -21.77 1.31 23.65
C ARG OA 57 -21.87 0.10 22.73
N PHE OA 58 -21.27 0.18 21.54
CA PHE OA 58 -21.26 -0.97 20.65
C PHE OA 58 -20.31 -2.05 21.14
N ASP OA 59 -19.23 -1.66 21.80
CA ASP OA 59 -18.25 -2.64 22.28
C ASP OA 59 -18.75 -3.43 23.47
N ARG OA 60 -19.57 -2.79 24.33
CA ARG OA 60 -20.09 -3.51 25.49
C ARG OA 60 -21.17 -4.51 25.09
N GLY OA 61 -21.80 -4.31 23.93
CA GLY OA 61 -22.77 -5.28 23.45
C GLY OA 61 -24.19 -4.76 23.38
N ASP OA 62 -24.37 -3.43 23.38
CA ASP OA 62 -25.70 -2.87 23.26
C ASP OA 62 -26.21 -3.04 21.83
N ALA OA 63 -27.44 -3.54 21.71
CA ALA OA 63 -28.01 -3.88 20.41
C ALA OA 63 -28.72 -2.71 19.74
N ASP OA 64 -28.79 -1.55 20.38
CA ASP OA 64 -29.39 -0.36 19.78
C ASP OA 64 -28.39 0.50 19.03
N VAL OA 65 -27.13 0.08 18.95
CA VAL OA 65 -26.09 0.84 18.28
C VAL OA 65 -25.66 0.11 17.02
N SER OA 66 -25.57 0.86 15.92
CA SER OA 66 -25.21 0.31 14.62
C SER OA 66 -23.74 0.56 14.34
N LEU OA 67 -23.09 -0.44 13.73
CA LEU OA 67 -21.67 -0.29 13.39
C LEU OA 67 -21.46 0.88 12.44
N SER OA 68 -22.44 1.15 11.57
CA SER OA 68 -22.31 2.27 10.65
C SER OA 68 -22.23 3.60 11.40
N ASP OA 69 -23.08 3.78 12.41
CA ASP OA 69 -23.06 5.02 13.17
C ASP OA 69 -21.76 5.15 13.97
N VAL OA 70 -21.25 4.03 14.49
CA VAL OA 70 -19.98 4.07 15.23
C VAL OA 70 -18.84 4.48 14.31
N MET OA 71 -18.78 3.89 13.11
CA MET OA 71 -17.72 4.26 12.17
C MET OA 71 -17.86 5.70 11.71
N ILE OA 72 -19.09 6.16 11.54
CA ILE OA 72 -19.32 7.57 11.23
C ILE OA 72 -18.82 8.46 12.36
N ALA OA 73 -19.13 8.06 13.60
CA ALA OA 73 -18.76 8.88 14.75
C ALA OA 73 -17.25 9.00 14.89
N ARG OA 74 -16.52 7.89 14.74
CA ARG OA 74 -15.07 7.94 14.90
C ARG OA 74 -14.39 8.52 13.67
N ASN OA 75 -15.04 8.46 12.50
CA ASN OA 75 -14.51 9.15 11.33
C ASN OA 75 -14.55 10.66 11.53
N LYS OA 76 -15.64 11.18 12.06
CA LYS OA 76 -15.76 12.63 12.25
C LYS OA 76 -14.82 13.11 13.36
N SER OA 77 -14.72 12.35 14.45
CA SER OA 77 -13.83 12.74 15.54
C SER OA 77 -12.38 12.73 15.10
N SER OA 78 -11.98 11.73 14.30
CA SER OA 78 -10.61 11.70 13.80
C SER OA 78 -10.32 12.88 12.88
N VAL OA 79 -11.25 13.21 12.00
CA VAL OA 79 -11.06 14.37 11.13
C VAL OA 79 -11.07 15.66 11.94
N ALA OA 80 -11.96 15.75 12.94
CA ALA OA 80 -12.03 16.96 13.75
C ALA OA 80 -10.74 17.19 14.52
N PHE OA 81 -10.17 16.13 15.10
CA PHE OA 81 -8.93 16.27 15.84
C PHE OA 81 -7.76 16.59 14.91
N ASP OA 82 -7.75 16.00 13.72
CA ASP OA 82 -6.70 16.31 12.75
C ASP OA 82 -6.70 17.78 12.38
N ALA OA 83 -7.90 18.37 12.25
CA ALA OA 83 -7.99 19.81 12.04
C ALA OA 83 -7.43 20.58 13.23
N THR OA 84 -7.67 20.08 14.45
CA THR OA 84 -7.14 20.72 15.64
C THR OA 84 -5.62 20.72 15.64
N VAL OA 85 -5.01 19.61 15.22
CA VAL OA 85 -3.55 19.52 15.18
C VAL OA 85 -2.98 20.52 14.18
N GLN OA 86 -3.61 20.64 13.01
CA GLN OA 86 -3.09 21.54 11.98
C GLN OA 86 -3.09 22.98 12.45
N ILE OA 87 -4.18 23.41 13.09
CA ILE OA 87 -4.26 24.79 13.58
C ILE OA 87 -3.22 25.03 14.67
N ARG OA 88 -3.03 24.05 15.56
CA ARG OA 88 -2.05 24.20 16.63
C ARG OA 88 -0.64 24.37 16.07
N ASN OA 89 -0.27 23.56 15.08
CA ASN OA 89 1.07 23.65 14.52
C ASN OA 89 1.30 25.01 13.85
N LYS OA 90 0.29 25.52 13.16
CA LYS OA 90 0.44 26.83 12.52
C LYS OA 90 0.58 27.94 13.55
N LEU OA 91 -0.16 27.86 14.65
CA LEU OA 91 -0.03 28.86 15.72
C LEU OA 91 1.37 28.84 16.31
N VAL OA 92 1.91 27.64 16.57
CA VAL OA 92 3.25 27.55 17.17
C VAL OA 92 4.30 28.01 16.17
N GLU OA 93 4.15 27.63 14.89
CA GLU OA 93 5.11 28.06 13.88
C GLU OA 93 5.12 29.58 13.73
N ALA OA 94 3.94 30.20 13.76
CA ALA OA 94 3.87 31.65 13.71
C ALA OA 94 4.56 32.28 14.92
N TYR OA 95 4.34 31.72 16.11
CA TYR OA 95 5.00 32.23 17.30
C TYR OA 95 6.51 32.05 17.22
N LYS OA 96 6.96 30.88 16.75
CA LYS OA 96 8.38 30.66 16.57
C LYS OA 96 8.97 31.56 15.49
N ASP OA 97 8.20 31.83 14.43
CA ASP OA 97 8.61 32.84 13.47
C ASP OA 97 8.66 34.21 14.11
N LEU OA 98 7.68 34.53 14.95
CA LEU OA 98 7.60 35.85 15.56
C LEU OA 98 8.80 36.13 16.46
N MET OA 99 9.21 35.15 17.27
CA MET OA 99 10.30 35.37 18.20
C MET OA 99 11.65 35.55 17.49
N ASN OA 100 11.78 35.09 16.25
CA ASN OA 100 12.99 35.30 15.47
C ASN OA 100 12.80 36.49 14.54
N MET OA 101 12.75 37.68 15.14
CA MET OA 101 12.59 38.91 14.39
C MET OA 101 13.47 39.99 14.98
N PRO OA 102 13.97 40.91 14.15
CA PRO OA 102 14.72 42.06 14.70
C PRO OA 102 13.81 42.95 15.52
N VAL OA 103 14.33 43.41 16.66
CA VAL OA 103 13.55 44.24 17.56
C VAL OA 103 14.48 45.08 18.43
N ALA PA 24 10.72 24.98 51.74
CA ALA PA 24 10.88 25.67 50.47
C ALA PA 24 12.34 26.02 50.21
N SER PA 25 13.17 25.00 50.07
CA SER PA 25 14.60 25.15 49.87
C SER PA 25 14.98 24.70 48.46
N GLY PA 26 16.13 25.18 48.00
CA GLY PA 26 16.59 24.80 46.67
C GLY PA 26 16.87 23.32 46.54
N ALA PA 27 17.47 22.72 47.57
CA ALA PA 27 17.74 21.29 47.54
C ALA PA 27 16.44 20.49 47.64
N LYS PA 28 15.48 20.96 48.41
CA LYS PA 28 14.22 20.24 48.58
C LYS PA 28 13.45 20.17 47.27
N VAL PA 29 13.28 21.32 46.60
CA VAL PA 29 12.54 21.33 45.34
C VAL PA 29 13.33 20.61 44.25
N GLY PA 30 14.65 20.76 44.25
CA GLY PA 30 15.46 20.03 43.30
C GLY PA 30 15.30 18.53 43.43
N ALA PA 31 15.22 18.04 44.67
CA ALA PA 31 14.94 16.62 44.88
C ALA PA 31 13.51 16.28 44.47
N ASP PA 32 12.56 17.18 44.75
CA ASP PA 32 11.16 16.90 44.44
C ASP PA 32 10.94 16.75 42.94
N PHE PA 33 11.46 17.68 42.14
CA PHE PA 33 11.32 17.56 40.70
C PHE PA 33 12.13 16.40 40.15
N ASN PA 34 13.28 16.10 40.77
CA ASN PA 34 14.02 14.90 40.41
C ASN PA 34 13.21 13.65 40.70
N ASP PA 35 12.51 13.62 41.85
CA ASP PA 35 11.64 12.49 42.15
C ASP PA 35 10.48 12.41 41.17
N LEU PA 36 9.92 13.56 40.79
CA LEU PA 36 8.87 13.57 39.77
C LEU PA 36 9.42 13.10 38.44
N LEU PA 37 10.63 13.54 38.08
CA LEU PA 37 11.20 13.15 36.80
C LEU PA 37 11.58 11.68 36.77
N THR PA 38 12.20 11.20 37.85
CA THR PA 38 12.61 9.79 37.88
C THR PA 38 11.41 8.85 37.96
N LYS PA 39 10.28 9.33 38.48
CA LYS PA 39 9.08 8.50 38.51
C LYS PA 39 8.55 8.24 37.11
N ALA PA 40 8.52 9.28 36.27
CA ALA PA 40 8.08 9.09 34.89
C ALA PA 40 9.03 8.18 34.12
N ILE PA 41 10.33 8.34 34.34
CA ILE PA 41 11.31 7.49 33.67
C ILE PA 41 11.13 6.04 34.09
N ASN PA 42 10.93 5.82 35.40
CA ASN PA 42 10.68 4.46 35.87
C ASN PA 42 9.38 3.91 35.31
N ASN PA 43 8.35 4.74 35.18
CA ASN PA 43 7.09 4.30 34.60
C ASN PA 43 7.28 3.87 33.15
N VAL PA 44 8.04 4.65 32.38
CA VAL PA 44 8.34 4.25 31.00
C VAL PA 44 9.16 2.97 30.99
N ASN PA 45 10.13 2.85 31.88
CA ASN PA 45 10.94 1.64 31.95
C ASN PA 45 10.10 0.42 32.32
N THR PA 46 9.12 0.60 33.21
CA THR PA 46 8.25 -0.50 33.57
C THR PA 46 7.42 -0.98 32.37
N LEU PA 47 6.88 -0.05 31.60
CA LEU PA 47 6.09 -0.43 30.43
C LEU PA 47 6.94 -1.17 29.40
N GLN PA 48 8.17 -0.71 29.19
CA GLN PA 48 9.03 -1.35 28.20
C GLN PA 48 9.47 -2.74 28.65
N LYS PA 49 9.82 -2.89 29.93
CA LYS PA 49 10.19 -4.21 30.44
C LYS PA 49 9.00 -5.17 30.41
N ALA PA 50 7.81 -4.68 30.78
CA ALA PA 50 6.62 -5.52 30.72
C ALA PA 50 6.30 -5.90 29.28
N SER PA 51 6.43 -4.96 28.35
CA SER PA 51 6.21 -5.26 26.95
C SER PA 51 7.22 -6.29 26.45
N GLY PA 52 8.50 -6.11 26.79
CA GLY PA 52 9.50 -7.07 26.38
C GLY PA 52 9.31 -8.44 27.00
N ASP PA 53 8.89 -8.47 28.26
CA ASP PA 53 8.66 -9.75 28.94
C ASP PA 53 7.51 -10.51 28.29
N LEU PA 54 6.43 -9.81 27.95
CA LEU PA 54 5.31 -10.48 27.29
C LEU PA 54 5.70 -10.98 25.91
N GLN PA 55 6.50 -10.20 25.17
CA GLN PA 55 6.92 -10.62 23.84
C GLN PA 55 7.78 -11.88 23.91
N THR PA 56 8.72 -11.94 24.85
CA THR PA 56 9.66 -13.05 24.87
C THR PA 56 9.00 -14.34 25.37
N ARG PA 57 7.98 -14.23 26.22
CA ARG PA 57 7.28 -15.43 26.66
C ARG PA 57 6.41 -16.01 25.56
N PHE PA 58 5.69 -15.15 24.84
CA PHE PA 58 4.90 -15.61 23.70
C PHE PA 58 5.80 -16.14 22.59
N ASP PA 59 6.92 -15.47 22.34
CA ASP PA 59 7.82 -15.88 21.26
C ASP PA 59 8.52 -17.21 21.58
N ARG PA 60 8.80 -17.47 22.85
CA ARG PA 60 9.48 -18.71 23.23
C ARG PA 60 8.56 -19.92 23.19
N GLY PA 61 7.24 -19.72 23.18
CA GLY PA 61 6.29 -20.82 23.06
C GLY PA 61 5.41 -21.04 24.27
N ASP PA 62 5.40 -20.14 25.24
CA ASP PA 62 4.51 -20.29 26.39
C ASP PA 62 3.05 -20.29 25.95
N ALA PA 63 2.29 -21.27 26.43
CA ALA PA 63 0.91 -21.43 25.99
C ALA PA 63 -0.01 -20.42 26.65
N ASP PA 64 0.26 -20.05 27.90
CA ASP PA 64 -0.61 -19.15 28.65
C ASP PA 64 -0.21 -17.69 28.45
N VAL PA 65 -0.02 -17.30 27.19
CA VAL PA 65 0.23 -15.91 26.81
C VAL PA 65 -0.54 -15.63 25.53
N SER PA 66 -1.44 -14.66 25.58
CA SER PA 66 -2.28 -14.33 24.44
C SER PA 66 -1.63 -13.23 23.61
N LEU PA 67 -1.87 -13.29 22.29
CA LEU PA 67 -1.33 -12.27 21.39
C LEU PA 67 -1.90 -10.90 21.71
N SER PA 68 -3.13 -10.84 22.22
CA SER PA 68 -3.72 -9.56 22.58
C SER PA 68 -2.93 -8.88 23.69
N ASP PA 69 -2.53 -9.65 24.72
CA ASP PA 69 -1.72 -9.07 25.79
C ASP PA 69 -0.37 -8.60 25.27
N VAL PA 70 0.22 -9.36 24.35
CA VAL PA 70 1.50 -8.97 23.76
C VAL PA 70 1.34 -7.68 22.96
N MET PA 71 0.28 -7.60 22.16
CA MET PA 71 0.10 -6.43 21.29
C MET PA 71 -0.31 -5.20 22.10
N ILE PA 72 -1.10 -5.39 23.15
CA ILE PA 72 -1.50 -4.26 24.00
C ILE PA 72 -0.28 -3.67 24.69
N ALA PA 73 0.58 -4.53 25.25
CA ALA PA 73 1.74 -4.04 25.99
C ALA PA 73 2.72 -3.31 25.08
N ARG PA 74 2.99 -3.85 23.90
CA ARG PA 74 3.98 -3.23 23.03
C ARG PA 74 3.44 -1.93 22.41
N ASN PA 75 2.12 -1.81 22.27
CA ASN PA 75 1.55 -0.53 21.87
C ASN PA 75 1.69 0.51 22.98
N LYS PA 76 1.52 0.08 24.23
CA LYS PA 76 1.72 1.00 25.36
C LYS PA 76 3.15 1.50 25.42
N SER PA 77 4.12 0.60 25.25
CA SER PA 77 5.52 0.99 25.35
C SER PA 77 5.89 1.97 24.24
N SER PA 78 5.39 1.74 23.02
CA SER PA 78 5.68 2.66 21.92
C SER PA 78 5.15 4.05 22.21
N VAL PA 79 3.92 4.16 22.71
CA VAL PA 79 3.37 5.46 23.06
C VAL PA 79 4.17 6.10 24.20
N ALA PA 80 4.52 5.30 25.21
CA ALA PA 80 5.28 5.83 26.33
C ALA PA 80 6.66 6.31 25.90
N PHE PA 81 7.34 5.55 25.04
CA PHE PA 81 8.66 5.96 24.58
C PHE PA 81 8.57 7.13 23.62
N ASP PA 82 7.50 7.19 22.81
CA ASP PA 82 7.31 8.34 21.93
C ASP PA 82 7.13 9.62 22.73
N ALA PA 83 6.39 9.56 23.83
CA ALA PA 83 6.25 10.73 24.70
C ALA PA 83 7.59 11.11 25.32
N THR PA 84 8.40 10.11 25.71
CA THR PA 84 9.69 10.39 26.30
C THR PA 84 10.60 11.15 25.33
N VAL PA 85 10.61 10.74 24.06
CA VAL PA 85 11.44 11.41 23.07
C VAL PA 85 10.92 12.82 22.80
N GLN PA 86 9.61 12.96 22.66
CA GLN PA 86 9.03 14.28 22.36
C GLN PA 86 9.24 15.25 23.51
N ILE PA 87 9.06 14.77 24.75
CA ILE PA 87 9.31 15.65 25.90
C ILE PA 87 10.78 16.04 25.96
N ARG PA 88 11.68 15.11 25.67
CA ARG PA 88 13.10 15.42 25.64
C ARG PA 88 13.41 16.49 24.60
N ASN PA 89 12.80 16.38 23.41
CA ASN PA 89 13.04 17.37 22.37
C ASN PA 89 12.57 18.75 22.80
N LYS PA 90 11.42 18.82 23.47
CA LYS PA 90 10.94 20.10 23.98
C LYS PA 90 11.91 20.70 24.99
N LEU PA 91 12.43 19.86 25.90
CA LEU PA 91 13.35 20.35 26.92
C LEU PA 91 14.68 20.78 26.30
N VAL PA 92 15.20 20.00 25.35
CA VAL PA 92 16.47 20.35 24.72
C VAL PA 92 16.33 21.62 23.89
N GLU PA 93 15.23 21.74 23.15
CA GLU PA 93 15.00 22.97 22.39
C GLU PA 93 14.83 24.16 23.32
N ALA PA 94 14.10 23.98 24.42
CA ALA PA 94 13.94 25.06 25.40
C ALA PA 94 15.28 25.45 26.00
N TYR PA 95 16.11 24.47 26.32
CA TYR PA 95 17.46 24.76 26.82
C TYR PA 95 18.28 25.52 25.79
N LYS PA 96 18.23 25.09 24.53
CA LYS PA 96 18.98 25.77 23.48
C LYS PA 96 18.46 27.19 23.26
N ASP PA 97 17.14 27.38 23.37
CA ASP PA 97 16.59 28.72 23.18
C ASP PA 97 17.11 29.69 24.23
N LEU PA 98 17.20 29.25 25.48
CA LEU PA 98 17.68 30.14 26.54
C LEU PA 98 19.18 30.35 26.48
N MET PA 99 19.95 29.37 26.03
CA MET PA 99 21.40 29.49 25.94
C MET PA 99 21.87 30.27 24.73
N ASN PA 100 21.15 30.18 23.62
CA ASN PA 100 21.56 30.84 22.38
C ASN PA 100 20.93 32.22 22.21
N MET PA 101 20.18 32.71 23.21
CA MET PA 101 19.56 34.02 23.09
C MET PA 101 20.64 35.11 23.04
N PRO PA 102 20.40 36.18 22.29
CA PRO PA 102 21.42 37.24 22.14
C PRO PA 102 21.44 38.20 23.32
N VAL PA 103 22.06 37.76 24.41
CA VAL PA 103 22.21 38.60 25.59
C VAL PA 103 23.22 39.71 25.31
N ASP QA 32 43.75 6.12 25.82
CA ASP QA 32 42.77 5.04 25.71
C ASP QA 32 41.53 5.53 24.98
N PHE QA 33 41.33 6.86 24.96
CA PHE QA 33 40.18 7.40 24.24
C PHE QA 33 40.32 7.21 22.73
N ASN QA 34 41.57 7.24 22.23
CA ASN QA 34 41.79 6.92 20.83
C ASN QA 34 41.40 5.47 20.54
N ASP QA 35 41.73 4.55 21.45
CA ASP QA 35 41.34 3.16 21.29
C ASP QA 35 39.83 3.01 21.31
N LEU QA 36 39.15 3.75 22.18
CA LEU QA 36 37.69 3.64 22.28
C LEU QA 36 37.01 4.06 20.99
N LEU QA 37 37.50 5.14 20.36
CA LEU QA 37 36.89 5.61 19.13
C LEU QA 37 37.13 4.65 17.97
N THR QA 38 38.36 4.13 17.86
CA THR QA 38 38.67 3.21 16.77
C THR QA 38 37.96 1.88 16.94
N LYS QA 39 37.83 1.40 18.19
CA LYS QA 39 37.14 0.14 18.43
C LYS QA 39 35.67 0.24 18.04
N ALA QA 40 35.02 1.37 18.34
CA ALA QA 40 33.63 1.55 17.93
C ALA QA 40 33.50 1.60 16.42
N ILE QA 41 34.42 2.29 15.75
CA ILE QA 41 34.40 2.35 14.28
C ILE QA 41 34.67 0.96 13.69
N ASN QA 42 35.62 0.23 14.28
CA ASN QA 42 35.89 -1.12 13.79
C ASN QA 42 34.68 -2.03 13.97
N ASN QA 43 33.90 -1.82 15.03
CA ASN QA 43 32.66 -2.59 15.20
C ASN QA 43 31.65 -2.26 14.11
N VAL QA 44 31.51 -0.97 13.78
CA VAL QA 44 30.59 -0.58 12.72
C VAL QA 44 31.07 -1.12 11.38
N ASN QA 45 32.38 -1.02 11.12
CA ASN QA 45 32.93 -1.53 9.87
C ASN QA 45 32.80 -3.05 9.77
N THR QA 46 32.96 -3.75 10.90
CA THR QA 46 32.82 -5.19 10.90
C THR QA 46 31.38 -5.61 10.59
N LEU QA 47 30.40 -4.90 11.17
CA LEU QA 47 29.00 -5.21 10.89
C LEU QA 47 28.67 -4.99 9.42
N GLN QA 48 29.18 -3.90 8.84
CA GLN QA 48 28.90 -3.61 7.43
C GLN QA 48 29.50 -4.68 6.52
N LYS QA 49 30.71 -5.13 6.82
CA LYS QA 49 31.32 -6.19 6.02
C LYS QA 49 30.51 -7.48 6.09
N ALA QA 50 30.01 -7.82 7.28
CA ALA QA 50 29.18 -9.00 7.42
C ALA QA 50 27.87 -8.86 6.64
N SER QA 51 27.28 -7.67 6.67
CA SER QA 51 26.04 -7.44 5.93
C SER QA 51 26.25 -7.60 4.43
N GLY QA 52 27.28 -6.94 3.89
CA GLY QA 52 27.57 -7.06 2.48
C GLY QA 52 27.97 -8.47 2.08
N ASP QA 53 28.66 -9.17 2.97
CA ASP QA 53 29.10 -10.53 2.68
C ASP QA 53 27.90 -11.47 2.48
N LEU QA 54 26.91 -11.37 3.36
CA LEU QA 54 25.73 -12.24 3.24
C LEU QA 54 24.90 -11.87 2.03
N GLN QA 55 24.78 -10.58 1.73
CA GLN QA 55 24.01 -10.16 0.56
C GLN QA 55 24.65 -10.67 -0.72
N THR QA 56 25.99 -10.62 -0.81
CA THR QA 56 26.67 -11.15 -1.98
C THR QA 56 26.49 -12.66 -2.11
N ARG QA 57 26.61 -13.38 -0.98
CA ARG QA 57 26.43 -14.82 -1.02
C ARG QA 57 24.99 -15.18 -1.38
N PHE QA 58 24.02 -14.49 -0.79
CA PHE QA 58 22.62 -14.77 -1.09
C PHE QA 58 22.29 -14.44 -2.54
N ASP QA 59 22.79 -13.32 -3.04
CA ASP QA 59 22.47 -12.92 -4.41
C ASP QA 59 23.15 -13.84 -5.43
N ARG QA 60 24.33 -14.36 -5.09
CA ARG QA 60 24.99 -15.32 -5.98
C ARG QA 60 24.20 -16.62 -6.11
N GLY QA 61 23.31 -16.90 -5.18
CA GLY QA 61 22.54 -18.13 -5.20
C GLY QA 61 23.04 -19.23 -4.29
N ASP QA 62 23.84 -18.89 -3.28
CA ASP QA 62 24.33 -19.90 -2.35
C ASP QA 62 23.17 -20.57 -1.62
N ALA QA 63 23.24 -21.90 -1.51
CA ALA QA 63 22.15 -22.64 -0.89
C ALA QA 63 22.14 -22.50 0.62
N ASP QA 64 23.31 -22.39 1.25
CA ASP QA 64 23.39 -22.34 2.70
C ASP QA 64 23.34 -20.91 3.22
N VAL QA 65 22.36 -20.15 2.74
CA VAL QA 65 22.12 -18.78 3.20
C VAL QA 65 20.62 -18.56 3.31
N SER QA 66 20.17 -18.11 4.47
CA SER QA 66 18.77 -17.84 4.72
C SER QA 66 18.50 -16.34 4.66
N LEU QA 67 17.33 -15.98 4.12
CA LEU QA 67 16.98 -14.57 3.98
C LEU QA 67 16.89 -13.89 5.34
N SER QA 68 16.51 -14.61 6.39
CA SER QA 68 16.42 -14.02 7.71
C SER QA 68 17.78 -13.54 8.20
N ASP QA 69 18.82 -14.34 7.99
CA ASP QA 69 20.17 -13.93 8.37
C ASP QA 69 20.61 -12.69 7.60
N VAL QA 70 20.29 -12.65 6.30
CA VAL QA 70 20.65 -11.48 5.49
C VAL QA 70 19.92 -10.24 5.99
N MET QA 71 18.62 -10.36 6.27
CA MET QA 71 17.86 -9.22 6.76
C MET QA 71 18.30 -8.79 8.15
N ILE QA 72 18.63 -9.76 9.01
CA ILE QA 72 19.14 -9.43 10.33
C ILE QA 72 20.48 -8.73 10.22
N ALA QA 73 21.36 -9.22 9.34
CA ALA QA 73 22.69 -8.64 9.21
C ALA QA 73 22.62 -7.21 8.69
N ARG QA 74 21.79 -6.96 7.67
CA ARG QA 74 21.73 -5.63 7.09
C ARG QA 74 20.98 -4.65 7.98
N ASN QA 75 20.07 -5.13 8.83
CA ASN QA 75 19.43 -4.26 9.78
C ASN QA 75 20.40 -3.83 10.88
N LYS QA 76 21.27 -4.75 11.31
CA LYS QA 76 22.31 -4.38 12.27
C LYS QA 76 23.26 -3.35 11.67
N SER QA 77 23.63 -3.53 10.41
CA SER QA 77 24.51 -2.57 9.75
C SER QA 77 23.85 -1.21 9.63
N SER QA 78 22.55 -1.18 9.31
CA SER QA 78 21.84 0.09 9.18
C SER QA 78 21.79 0.83 10.52
N VAL QA 79 21.53 0.11 11.61
CA VAL QA 79 21.46 0.74 12.92
C VAL QA 79 22.84 1.26 13.33
N ALA QA 80 23.88 0.47 13.10
CA ALA QA 80 25.23 0.89 13.48
C ALA QA 80 25.67 2.12 12.69
N PHE QA 81 25.38 2.16 11.38
CA PHE QA 81 25.78 3.30 10.58
C PHE QA 81 24.95 4.53 10.92
N ASP QA 82 23.68 4.35 11.26
CA ASP QA 82 22.86 5.46 11.72
C ASP QA 82 23.42 6.05 13.01
N ALA QA 83 23.88 5.19 13.92
CA ALA QA 83 24.54 5.69 15.13
C ALA QA 83 25.81 6.44 14.80
N THR QA 84 26.60 5.93 13.85
CA THR QA 84 27.86 6.57 13.49
C THR QA 84 27.62 7.98 12.92
N VAL QA 85 26.60 8.12 12.08
CA VAL QA 85 26.30 9.42 11.49
C VAL QA 85 25.82 10.39 12.56
N GLN QA 86 24.92 9.95 13.43
CA GLN QA 86 24.35 10.86 14.43
C GLN QA 86 25.40 11.29 15.45
N ILE QA 87 26.27 10.38 15.87
CA ILE QA 87 27.35 10.74 16.79
C ILE QA 87 28.29 11.74 16.12
N ARG QA 88 28.61 11.51 14.84
CA ARG QA 88 29.46 12.46 14.13
C ARG QA 88 28.80 13.82 14.02
N ASN QA 89 27.50 13.86 13.74
CA ASN QA 89 26.79 15.13 13.65
C ASN QA 89 26.81 15.85 14.99
N LYS QA 90 26.62 15.11 16.09
CA LYS QA 90 26.64 15.74 17.41
C LYS QA 90 28.01 16.34 17.71
N LEU QA 91 29.09 15.61 17.41
CA LEU QA 91 30.42 16.12 17.67
C LEU QA 91 30.75 17.32 16.79
N VAL QA 92 30.34 17.29 15.53
CA VAL QA 92 30.59 18.42 14.63
C VAL QA 92 29.78 19.62 15.07
N GLU QA 93 28.53 19.42 15.48
CA GLU QA 93 27.73 20.53 15.99
C GLU QA 93 28.36 21.11 17.26
N ALA QA 94 28.87 20.24 18.13
CA ALA QA 94 29.57 20.71 19.33
C ALA QA 94 30.82 21.51 18.95
N TYR QA 95 31.56 21.04 17.94
CA TYR QA 95 32.75 21.75 17.51
C TYR QA 95 32.40 23.13 16.95
N LYS QA 96 31.34 23.23 16.15
CA LYS QA 96 31.00 24.51 15.53
C LYS QA 96 30.52 25.51 16.58
N ASP QA 97 29.82 25.04 17.60
CA ASP QA 97 29.36 25.95 18.65
C ASP QA 97 30.54 26.55 19.41
N LEU QA 98 31.56 25.74 19.71
CA LEU QA 98 32.72 26.24 20.46
C LEU QA 98 33.54 27.21 19.61
N MET QA 99 33.79 26.87 18.34
CA MET QA 99 34.64 27.71 17.51
C MET QA 99 34.00 29.05 17.19
N ASN QA 100 32.68 29.10 17.07
CA ASN QA 100 31.99 30.34 16.77
C ASN QA 100 31.74 31.20 18.00
N MET QA 101 32.15 30.75 19.17
CA MET QA 101 31.96 31.52 20.39
C MET QA 101 32.81 32.79 20.37
N PRO QA 102 32.23 33.96 20.59
CA PRO QA 102 33.04 35.18 20.67
C PRO QA 102 33.86 35.26 21.95
N VAL QA 103 35.18 35.21 21.82
CA VAL QA 103 36.05 35.29 22.98
C VAL QA 103 36.25 36.74 23.41
N ASP RA 32 21.59 44.71 -25.04
CA ASP RA 32 22.94 44.50 -24.52
C ASP RA 32 22.91 43.85 -23.15
N PHE RA 33 23.93 44.15 -22.33
CA PHE RA 33 23.99 43.55 -21.00
C PHE RA 33 22.87 44.07 -20.09
N ASN RA 34 22.46 45.33 -20.29
CA ASN RA 34 21.35 45.87 -19.51
C ASN RA 34 20.05 45.13 -19.82
N ASP RA 35 19.83 44.77 -21.08
CA ASP RA 35 18.61 44.10 -21.47
C ASP RA 35 18.59 42.64 -21.03
N LEU RA 36 19.71 42.11 -20.55
CA LEU RA 36 19.77 40.71 -20.14
C LEU RA 36 18.84 40.45 -18.96
N LEU RA 37 18.85 41.36 -17.98
CA LEU RA 37 17.95 41.21 -16.83
C LEU RA 37 16.50 41.39 -17.24
N THR RA 38 16.23 42.33 -18.15
CA THR RA 38 14.86 42.58 -18.60
C THR RA 38 14.29 41.35 -19.30
N LYS RA 39 15.08 40.73 -20.17
CA LYS RA 39 14.61 39.54 -20.87
C LYS RA 39 14.34 38.38 -19.93
N ALA RA 40 15.19 38.20 -18.91
CA ALA RA 40 15.02 37.10 -17.97
C ALA RA 40 13.73 37.24 -17.18
N ILE RA 41 13.42 38.46 -16.73
CA ILE RA 41 12.20 38.69 -15.96
C ILE RA 41 10.97 38.47 -16.83
N ASN RA 42 11.03 38.93 -18.08
CA ASN RA 42 9.89 38.76 -18.98
C ASN RA 42 9.61 37.28 -19.25
N ASN RA 43 10.66 36.48 -19.41
CA ASN RA 43 10.46 35.04 -19.62
C ASN RA 43 9.80 34.39 -18.41
N VAL RA 44 10.23 34.78 -17.20
CA VAL RA 44 9.59 34.26 -15.99
C VAL RA 44 8.13 34.69 -15.93
N ASN RA 45 7.86 35.96 -16.27
CA ASN RA 45 6.49 36.45 -16.27
C ASN RA 45 5.64 35.71 -17.32
N THR RA 46 6.22 35.44 -18.49
CA THR RA 46 5.49 34.69 -19.52
C THR RA 46 5.22 33.27 -19.06
N LEU RA 47 6.22 32.62 -18.44
CA LEU RA 47 6.02 31.25 -17.94
C LEU RA 47 4.95 31.22 -16.86
N GLN RA 48 4.97 32.21 -15.94
CA GLN RA 48 3.92 32.29 -14.93
C GLN RA 48 2.57 32.58 -15.55
N LYS RA 49 2.53 33.47 -16.55
CA LYS RA 49 1.26 33.81 -17.18
C LYS RA 49 0.66 32.61 -17.90
N ALA RA 50 1.48 31.87 -18.65
CA ALA RA 50 0.99 30.68 -19.34
C ALA RA 50 0.56 29.60 -18.35
N SER RA 51 1.33 29.43 -17.27
CA SER RA 51 0.97 28.43 -16.26
C SER RA 51 -0.34 28.78 -15.59
N GLY RA 52 -0.54 30.05 -15.25
CA GLY RA 52 -1.79 30.45 -14.61
C GLY RA 52 -2.98 30.32 -15.53
N ASP RA 53 -2.81 30.65 -16.81
CA ASP RA 53 -3.91 30.58 -17.75
C ASP RA 53 -4.37 29.14 -17.96
N LEU RA 54 -3.42 28.20 -18.08
CA LEU RA 54 -3.78 26.80 -18.23
C LEU RA 54 -4.53 26.27 -17.02
N GLN RA 55 -4.10 26.68 -15.82
CA GLN RA 55 -4.78 26.25 -14.61
C GLN RA 55 -6.22 26.75 -14.57
N THR RA 56 -6.43 28.02 -14.95
CA THR RA 56 -7.79 28.56 -14.91
C THR RA 56 -8.68 27.90 -15.95
N ARG RA 57 -8.15 27.63 -17.15
CA ARG RA 57 -8.94 26.96 -18.18
C ARG RA 57 -9.33 25.55 -17.74
N PHE RA 58 -8.36 24.79 -17.23
CA PHE RA 58 -8.64 23.42 -16.80
C PHE RA 58 -9.59 23.39 -15.61
N ASP RA 59 -9.40 24.30 -14.65
CA ASP RA 59 -10.18 24.24 -13.42
C ASP RA 59 -11.64 24.61 -13.63
N ARG RA 60 -11.93 25.46 -14.62
CA ARG RA 60 -13.30 25.92 -14.83
C ARG RA 60 -14.10 25.00 -15.75
N GLY RA 61 -13.51 23.90 -16.23
CA GLY RA 61 -14.25 22.89 -16.96
C GLY RA 61 -13.98 22.80 -18.44
N ASP RA 62 -12.94 23.46 -18.96
CA ASP RA 62 -12.62 23.34 -20.37
C ASP RA 62 -12.23 21.91 -20.71
N ALA RA 63 -12.73 21.41 -21.84
CA ALA RA 63 -12.55 20.01 -22.21
C ALA RA 63 -11.23 19.74 -22.91
N ASP RA 64 -10.76 20.68 -23.74
CA ASP RA 64 -9.55 20.46 -24.53
C ASP RA 64 -8.30 20.95 -23.80
N VAL RA 65 -8.16 20.56 -22.54
CA VAL RA 65 -6.96 20.84 -21.74
C VAL RA 65 -6.62 19.57 -20.97
N SER RA 66 -5.35 19.17 -21.03
CA SER RA 66 -4.88 17.96 -20.37
C SER RA 66 -4.06 18.32 -19.14
N LEU RA 67 -4.11 17.43 -18.14
CA LEU RA 67 -3.34 17.65 -16.92
C LEU RA 67 -1.84 17.64 -17.19
N SER RA 68 -1.39 16.87 -18.19
CA SER RA 68 0.02 16.87 -18.53
C SER RA 68 0.48 18.24 -18.99
N ASP RA 69 -0.33 18.90 -19.83
CA ASP RA 69 0.00 20.25 -20.24
C ASP RA 69 -0.03 21.22 -19.05
N VAL RA 70 -0.99 21.03 -18.15
CA VAL RA 70 -1.06 21.88 -16.96
C VAL RA 70 0.13 21.63 -16.05
N MET RA 71 0.43 20.35 -15.79
CA MET RA 71 1.50 20.01 -14.85
C MET RA 71 2.86 20.41 -15.40
N ILE RA 72 3.08 20.25 -16.71
CA ILE RA 72 4.34 20.66 -17.30
C ILE RA 72 4.53 22.17 -17.17
N ALA RA 73 3.47 22.92 -17.44
CA ALA RA 73 3.56 24.38 -17.40
C ALA RA 73 3.81 24.89 -15.99
N ARG RA 74 3.10 24.35 -15.00
CA ARG RA 74 3.24 24.87 -13.64
C ARG RA 74 4.57 24.44 -13.02
N ASN RA 75 5.05 23.24 -13.35
CA ASN RA 75 6.39 22.85 -12.94
C ASN RA 75 7.45 23.67 -13.66
N LYS RA 76 7.18 24.03 -14.91
CA LYS RA 76 8.10 24.89 -15.67
C LYS RA 76 8.20 26.27 -15.02
N SER RA 77 7.07 26.84 -14.62
CA SER RA 77 7.08 28.15 -13.97
C SER RA 77 7.66 28.07 -12.56
N SER RA 78 7.45 26.94 -11.88
CA SER RA 78 7.99 26.78 -10.54
C SER RA 78 9.51 26.80 -10.55
N VAL RA 79 10.13 26.10 -11.49
CA VAL RA 79 11.59 26.12 -11.59
C VAL RA 79 12.08 27.51 -11.96
N ALA RA 80 11.35 28.19 -12.85
CA ALA RA 80 11.74 29.53 -13.27
C ALA RA 80 11.69 30.52 -12.11
N PHE RA 81 10.64 30.44 -11.28
CA PHE RA 81 10.52 31.36 -10.16
C PHE RA 81 11.55 31.03 -9.07
N ASP RA 82 11.87 29.75 -8.89
CA ASP RA 82 12.95 29.39 -7.97
C ASP RA 82 14.27 29.98 -8.42
N ALA RA 83 14.52 30.01 -9.73
CA ALA RA 83 15.76 30.57 -10.25
C ALA RA 83 15.86 32.06 -9.93
N THR RA 84 14.79 32.81 -10.15
CA THR RA 84 14.86 34.25 -9.95
C THR RA 84 14.91 34.62 -8.47
N VAL RA 85 14.38 33.76 -7.60
CA VAL RA 85 14.52 34.00 -6.17
C VAL RA 85 15.96 33.77 -5.72
N GLN RA 86 16.57 32.68 -6.20
CA GLN RA 86 17.95 32.39 -5.81
C GLN RA 86 18.92 33.41 -6.41
N ILE RA 87 18.67 33.82 -7.66
CA ILE RA 87 19.52 34.83 -8.29
C ILE RA 87 19.42 36.15 -7.54
N ARG RA 88 18.22 36.54 -7.15
CA ARG RA 88 18.04 37.77 -6.38
C ARG RA 88 18.79 37.70 -5.05
N ASN RA 89 18.67 36.57 -4.36
CA ASN RA 89 19.33 36.43 -3.06
C ASN RA 89 20.84 36.50 -3.19
N LYS RA 90 21.40 35.91 -4.24
CA LYS RA 90 22.84 36.00 -4.46
C LYS RA 90 23.28 37.44 -4.69
N LEU RA 91 22.51 38.20 -5.48
CA LEU RA 91 22.87 39.58 -5.76
C LEU RA 91 22.75 40.46 -4.50
N VAL RA 92 21.65 40.29 -3.75
CA VAL RA 92 21.49 41.06 -2.53
C VAL RA 92 22.57 40.69 -1.51
N GLU RA 93 22.85 39.39 -1.37
CA GLU RA 93 23.91 38.97 -0.47
C GLU RA 93 25.27 39.52 -0.92
N ALA RA 94 25.54 39.48 -2.23
CA ALA RA 94 26.78 40.05 -2.73
C ALA RA 94 26.82 41.55 -2.53
N TYR RA 95 25.71 42.25 -2.77
CA TYR RA 95 25.67 43.68 -2.55
C TYR RA 95 25.87 44.03 -1.08
N LYS RA 96 25.16 43.34 -0.19
CA LYS RA 96 25.27 43.63 1.24
C LYS RA 96 26.67 43.33 1.76
N ASP RA 97 27.34 42.32 1.18
CA ASP RA 97 28.72 42.04 1.57
C ASP RA 97 29.64 43.20 1.21
N LEU RA 98 29.47 43.78 0.03
CA LEU RA 98 30.35 44.85 -0.41
C LEU RA 98 30.12 46.14 0.37
N MET RA 99 28.89 46.39 0.81
CA MET RA 99 28.58 47.61 1.55
C MET RA 99 28.98 47.54 3.01
N ASN RA 100 29.28 46.35 3.54
CA ASN RA 100 29.65 46.20 4.94
C ASN RA 100 31.15 46.04 5.12
N MET RA 101 31.95 46.64 4.24
CA MET RA 101 33.40 46.58 4.32
C MET RA 101 33.96 47.96 4.68
N PRO RA 102 34.77 48.06 5.72
CA PRO RA 102 35.37 49.36 6.05
C PRO RA 102 36.30 49.83 4.94
N VAL RA 103 36.33 51.15 4.75
CA VAL RA 103 37.23 51.78 3.79
C VAL RA 103 37.94 52.94 4.48
N ASP SA 64 -22.65 25.52 9.00
CA ASP SA 64 -22.70 26.50 7.93
C ASP SA 64 -21.34 26.69 7.29
N VAL SA 65 -20.29 26.25 7.98
CA VAL SA 65 -18.93 26.35 7.49
C VAL SA 65 -18.43 24.96 7.13
N SER SA 66 -17.41 24.93 6.28
CA SER SA 66 -16.80 23.69 5.82
C SER SA 66 -15.29 23.74 6.04
N LEU SA 67 -14.63 22.60 5.79
CA LEU SA 67 -13.18 22.54 5.95
C LEU SA 67 -12.46 23.39 4.92
N SER SA 68 -13.05 23.58 3.73
CA SER SA 68 -12.43 24.44 2.74
C SER SA 68 -12.33 25.87 3.23
N ASP SA 69 -13.40 26.38 3.84
CA ASP SA 69 -13.37 27.73 4.39
C ASP SA 69 -12.36 27.84 5.53
N VAL SA 70 -12.30 26.82 6.38
CA VAL SA 70 -11.36 26.84 7.50
C VAL SA 70 -9.92 26.82 6.98
N MET SA 71 -9.64 25.95 6.01
CA MET SA 71 -8.28 25.87 5.48
C MET SA 71 -7.89 27.13 4.72
N ILE SA 72 -8.82 27.70 3.96
CA ILE SA 72 -8.55 28.95 3.27
C ILE SA 72 -8.32 30.06 4.28
N ALA SA 73 -9.13 30.10 5.34
CA ALA SA 73 -8.93 31.09 6.39
C ALA SA 73 -7.58 30.91 7.08
N ARG SA 74 -7.19 29.65 7.33
CA ARG SA 74 -5.89 29.40 7.94
C ARG SA 74 -4.76 29.84 7.01
N ASN SA 75 -4.86 29.51 5.72
CA ASN SA 75 -3.81 29.87 4.78
C ASN SA 75 -3.73 31.39 4.59
N LYS SA 76 -4.88 32.06 4.51
CA LYS SA 76 -4.89 33.51 4.36
C LYS SA 76 -4.28 34.19 5.58
N SER SA 77 -4.59 33.70 6.77
CA SER SA 77 -4.00 34.26 7.98
C SER SA 77 -2.50 34.03 8.02
N SER SA 78 -2.05 32.83 7.62
CA SER SA 78 -0.63 32.54 7.63
C SER SA 78 0.13 33.43 6.64
N VAL SA 79 -0.42 33.62 5.44
CA VAL SA 79 0.24 34.46 4.45
C VAL SA 79 0.23 35.91 4.90
N ALA SA 80 -0.89 36.39 5.44
CA ALA SA 80 -0.97 37.76 5.91
C ALA SA 80 -0.01 38.01 7.08
N PHE SA 81 0.05 37.08 8.03
CA PHE SA 81 0.96 37.23 9.16
C PHE SA 81 2.41 37.18 8.71
N ASP SA 82 2.74 36.28 7.79
CA ASP SA 82 4.12 36.20 7.29
C ASP SA 82 4.49 37.45 6.50
N ALA SA 83 3.51 38.06 5.83
CA ALA SA 83 3.80 39.26 5.04
C ALA SA 83 4.15 40.44 5.95
N THR SA 84 3.35 40.65 7.00
CA THR SA 84 3.57 41.82 7.85
C THR SA 84 4.82 41.68 8.70
N VAL SA 85 5.18 40.45 9.07
CA VAL SA 85 6.39 40.26 9.88
C VAL SA 85 7.64 40.57 9.06
N GLN SA 86 7.71 40.06 7.84
CA GLN SA 86 8.91 40.27 7.03
C GLN SA 86 9.10 41.74 6.66
N ILE SA 87 8.02 42.43 6.31
CA ILE SA 87 8.13 43.86 5.99
C ILE SA 87 8.56 44.65 7.21
N ARG SA 88 8.00 44.32 8.38
CA ARG SA 88 8.46 44.95 9.61
C ARG SA 88 9.93 44.65 9.85
N ASN SA 89 10.36 43.42 9.60
CA ASN SA 89 11.76 43.07 9.75
C ASN SA 89 12.64 43.86 8.78
N LYS SA 90 12.21 43.99 7.53
CA LYS SA 90 13.00 44.71 6.53
C LYS SA 90 13.16 46.17 6.91
N LEU SA 91 12.08 46.81 7.34
CA LEU SA 91 12.14 48.23 7.70
C LEU SA 91 13.05 48.46 8.91
N VAL SA 92 12.94 47.59 9.93
CA VAL SA 92 13.77 47.73 11.11
C VAL SA 92 15.25 47.53 10.77
N GLU SA 93 15.55 46.53 9.94
CA GLU SA 93 16.94 46.32 9.51
C GLU SA 93 17.45 47.53 8.73
N ALA SA 94 16.58 48.13 7.92
CA ALA SA 94 16.96 49.37 7.23
C ALA SA 94 17.21 50.49 8.22
N TYR SA 95 16.38 50.60 9.26
CA TYR SA 95 16.61 51.61 10.29
C TYR SA 95 17.90 51.37 11.05
N LYS SA 96 18.17 50.11 11.41
CA LYS SA 96 19.37 49.80 12.17
C LYS SA 96 20.63 50.03 11.35
N ASP SA 97 20.56 49.80 10.03
CA ASP SA 97 21.71 50.06 9.17
C ASP SA 97 22.01 51.56 9.12
N LEU SA 98 20.97 52.39 9.04
CA LEU SA 98 21.19 53.84 8.98
C LEU SA 98 21.75 54.36 10.30
N MET SA 99 21.28 53.84 11.43
CA MET SA 99 21.78 54.31 12.72
C MET SA 99 23.25 54.00 12.91
N ASN SA 100 23.71 52.84 12.44
CA ASN SA 100 25.11 52.43 12.64
C ASN SA 100 25.95 52.80 11.42
N MET SA 101 26.12 54.11 11.22
CA MET SA 101 26.96 54.60 10.15
C MET SA 101 27.90 55.68 10.67
N PRO SA 102 29.10 55.80 10.07
CA PRO SA 102 30.04 56.84 10.49
C PRO SA 102 29.62 58.21 10.02
N VAL SA 103 29.32 59.10 10.95
CA VAL SA 103 28.96 60.47 10.60
C VAL SA 103 30.22 61.27 10.27
N ALA TA 36 51.10 93.92 33.59
CA ALA TA 36 49.88 93.99 34.41
C ALA TA 36 48.93 95.04 33.86
N SER TA 37 49.48 96.18 33.45
CA SER TA 37 48.66 97.27 32.94
C SER TA 37 48.03 96.93 31.60
N VAL TA 38 48.76 96.18 30.76
CA VAL TA 38 48.27 95.88 29.42
C VAL TA 38 47.00 95.04 29.48
N LEU TA 39 46.96 94.04 30.37
CA LEU TA 39 45.79 93.17 30.46
C LEU TA 39 44.59 93.91 31.02
N ILE TA 40 44.82 94.86 31.93
CA ILE TA 40 43.72 95.62 32.51
C ILE TA 40 43.03 96.46 31.46
N VAL TA 41 43.82 97.19 30.66
CA VAL TA 41 43.24 98.08 29.65
C VAL TA 41 42.51 97.26 28.58
N GLY TA 42 43.03 96.08 28.26
CA GLY TA 42 42.31 95.20 27.35
C GLY TA 42 40.95 94.81 27.87
N ALA TA 43 40.87 94.48 29.16
CA ALA TA 43 39.58 94.21 29.78
C ALA TA 43 38.69 95.45 29.76
N ILE TA 44 39.28 96.61 30.02
CA ILE TA 44 38.53 97.86 29.94
C ILE TA 44 38.06 98.10 28.51
N SER TA 45 38.92 97.82 27.52
CA SER TA 45 38.52 97.95 26.12
C SER TA 45 37.41 96.97 25.77
N LEU TA 46 37.49 95.74 26.30
CA LEU TA 46 36.45 94.75 26.04
C LEU TA 46 35.10 95.17 26.61
N MET TA 47 35.08 96.11 27.56
CA MET TA 47 33.82 96.60 28.09
C MET TA 47 32.99 97.31 27.02
N TRP TA 48 33.64 98.17 26.24
CA TRP TA 48 32.95 98.95 25.21
C TRP TA 48 33.26 98.44 23.80
N PHE TA 49 34.54 98.29 23.45
CA PHE TA 49 34.88 97.75 22.14
C PHE TA 49 34.43 96.31 22.00
N GLY TA 50 34.44 95.54 23.09
CA GLY TA 50 34.01 94.16 23.02
C GLY TA 50 32.56 93.99 22.60
N GLU TA 51 31.68 94.90 23.06
CA GLU TA 51 30.29 94.85 22.65
C GLU TA 51 30.14 95.04 21.15
N ALA TA 52 30.88 96.00 20.59
CA ALA TA 52 30.90 96.17 19.14
C ALA TA 52 31.54 94.97 18.45
N LEU TA 53 32.59 94.39 19.05
CA LEU TA 53 33.18 93.18 18.50
C LEU TA 53 32.19 92.02 18.54
N ALA TA 54 31.36 91.97 19.59
CA ALA TA 54 30.29 90.97 19.62
C ALA TA 54 29.29 91.20 18.51
N ARG TA 55 28.98 92.46 18.21
CA ARG TA 55 28.11 92.77 17.08
C ARG TA 55 28.76 92.36 15.77
N SER TA 56 30.07 92.55 15.64
CA SER TA 56 30.78 92.15 14.43
C SER TA 56 30.70 90.64 14.23
N LEU TA 57 30.90 89.87 15.31
CA LEU TA 57 30.80 88.42 15.22
C LEU TA 57 29.37 87.99 14.95
N PHE TA 58 28.39 88.71 15.48
CA PHE TA 58 26.99 88.39 15.24
C PHE TA 58 26.65 88.51 13.76
N SER TA 59 27.11 89.58 13.11
CA SER TA 59 26.79 89.79 11.70
C SER TA 59 27.45 88.75 10.82
N ILE TA 60 28.69 88.39 11.12
CA ILE TA 60 29.42 87.43 10.28
C ILE TA 60 28.74 86.07 10.32
N MET TA 61 28.38 85.61 11.53
CA MET TA 61 27.71 84.32 11.65
C MET TA 61 26.33 84.35 10.98
N SER TA 62 25.59 85.44 11.15
CA SER TA 62 24.25 85.54 10.58
C SER TA 62 24.30 85.48 9.06
N ARG TA 63 25.25 86.19 8.44
CA ARG TA 63 25.32 86.22 6.98
C ARG TA 63 25.80 84.89 6.43
N LEU TA 64 26.86 84.33 7.02
CA LEU TA 64 27.43 83.09 6.51
C LEU TA 64 26.52 81.88 6.75
N PHE TA 65 25.54 82.00 7.64
CA PHE TA 65 24.58 80.93 7.86
C PHE TA 65 23.38 81.04 6.92
N ASP TA 66 22.92 82.26 6.65
CA ASP TA 66 21.77 82.49 5.77
C ASP TA 66 22.28 82.60 4.33
N LEU TA 67 22.29 81.47 3.63
CA LEU TA 67 22.71 81.42 2.25
C LEU TA 67 21.52 81.07 1.35
N GLN TA 68 21.52 81.63 0.14
CA GLN TA 68 20.52 81.32 -0.85
C GLN TA 68 21.02 80.24 -1.81
N ARG TA 69 20.12 79.76 -2.67
CA ARG TA 69 20.50 78.76 -3.66
C ARG TA 69 21.51 79.32 -4.65
N GLU TA 70 21.35 80.58 -5.07
CA GLU TA 70 22.27 81.20 -6.00
C GLU TA 70 23.66 81.37 -5.41
N GLU TA 71 23.74 81.73 -4.12
CA GLU TA 71 25.04 81.98 -3.50
C GLU TA 71 25.83 80.69 -3.34
N ILE TA 72 25.15 79.59 -2.98
CA ILE TA 72 25.84 78.34 -2.73
C ILE TA 72 26.45 77.79 -4.02
N PHE TA 73 25.71 77.84 -5.12
CA PHE TA 73 26.14 77.23 -6.38
C PHE TA 73 27.21 78.03 -7.10
N ASP TA 74 27.56 79.23 -6.62
CA ASP TA 74 28.56 80.06 -7.26
C ASP TA 74 29.79 80.12 -6.34
N THR TA 75 30.93 79.68 -6.87
CA THR TA 75 32.16 79.67 -6.08
C THR TA 75 32.70 81.08 -5.87
N ALA TA 76 32.59 81.93 -6.89
CA ALA TA 76 33.11 83.30 -6.79
C ALA TA 76 32.37 84.08 -5.71
N LYS TA 77 31.05 83.91 -5.62
CA LYS TA 77 30.27 84.64 -4.63
C LYS TA 77 30.66 84.22 -3.21
N LEU TA 78 30.97 82.93 -3.01
CA LEU TA 78 31.40 82.48 -1.70
C LEU TA 78 32.70 83.15 -1.27
N PHE TA 79 33.65 83.27 -2.20
CA PHE TA 79 34.93 83.89 -1.87
C PHE TA 79 34.77 85.38 -1.58
N ASP TA 80 33.85 86.04 -2.30
CA ASP TA 80 33.60 87.45 -2.05
C ASP TA 80 33.08 87.70 -0.64
N ILE TA 81 32.13 86.87 -0.19
CA ILE TA 81 31.63 87.00 1.17
C ILE TA 81 32.71 86.63 2.17
N ALA TA 82 33.55 85.64 1.82
CA ALA TA 82 34.67 85.28 2.69
C ALA TA 82 35.62 86.45 2.87
N LEU TA 83 35.94 87.15 1.79
CA LEU TA 83 36.74 88.37 1.91
C LEU TA 83 35.98 89.46 2.66
N GLY TA 84 34.68 89.60 2.38
CA GLY TA 84 33.89 90.61 3.05
C GLY TA 84 33.79 90.38 4.55
N ALA TA 85 33.56 89.13 4.95
CA ALA TA 85 33.55 88.80 6.38
C ALA TA 85 34.94 88.98 6.98
N MET TA 86 35.98 88.68 6.21
CA MET TA 86 37.35 88.87 6.69
C MET TA 86 37.64 90.33 6.99
N THR TA 87 37.37 91.20 6.02
CA THR TA 87 37.70 92.62 6.17
C THR TA 87 36.85 93.29 7.25
N ASP TA 88 35.55 92.96 7.30
CA ASP TA 88 34.69 93.56 8.32
C ASP TA 88 35.13 93.17 9.72
N LEU TA 89 35.81 92.02 9.85
CA LEU TA 89 36.35 91.63 11.14
C LEU TA 89 37.56 92.49 11.52
N LEU TA 90 38.38 92.85 10.52
CA LEU TA 90 39.68 93.46 10.80
C LEU TA 90 39.53 94.79 11.53
N PHE TA 91 38.60 95.63 11.10
CA PHE TA 91 38.50 96.99 11.66
C PHE TA 91 38.19 96.98 13.15
N PRO TA 92 37.17 96.28 13.65
CA PRO TA 92 36.98 96.25 15.11
C PRO TA 92 38.11 95.55 15.87
N LEU TA 93 38.68 94.48 15.30
CA LEU TA 93 39.79 93.80 15.96
C LEU TA 93 41.01 94.70 16.06
N PHE TA 94 41.30 95.46 15.01
CA PHE TA 94 42.46 96.35 15.01
C PHE TA 94 42.32 97.42 16.10
N LEU TA 95 41.11 97.95 16.30
CA LEU TA 95 40.90 98.97 17.32
C LEU TA 95 41.20 98.43 18.70
N VAL TA 96 40.73 97.21 18.99
CA VAL TA 96 40.95 96.62 20.32
C VAL TA 96 42.43 96.38 20.54
N LEU TA 97 43.12 95.80 19.54
CA LEU TA 97 44.55 95.56 19.69
C LEU TA 97 45.35 96.86 19.76
N ALA TA 98 44.90 97.89 19.04
CA ALA TA 98 45.53 99.20 19.17
C ALA TA 98 45.36 99.75 20.57
N THR TA 99 44.18 99.55 21.17
CA THR TA 99 43.99 99.96 22.57
C THR TA 99 44.92 99.20 23.50
N LEU TA 100 45.27 97.96 23.14
CA LEU TA 100 46.26 97.22 23.92
C LEU TA 100 47.67 97.77 23.68
N PHE TA 101 47.99 98.12 22.43
CA PHE TA 101 49.32 98.61 22.11
C PHE TA 101 49.57 99.98 22.73
N THR TA 102 48.58 100.86 22.67
CA THR TA 102 48.78 102.23 23.15
C THR TA 102 49.06 102.25 24.65
N ALA TA 103 48.33 101.44 25.42
CA ALA TA 103 48.57 101.38 26.85
C ALA TA 103 49.90 100.69 27.17
N ALA TA 104 50.31 99.75 26.32
CA ALA TA 104 51.56 99.04 26.55
C ALA TA 104 52.76 99.98 26.51
N MET TA 105 52.80 100.89 25.54
CA MET TA 105 53.89 101.86 25.48
C MET TA 105 53.83 102.83 26.65
N ILE TA 106 52.64 103.27 27.01
CA ILE TA 106 52.47 104.20 28.12
C ILE TA 106 52.58 103.47 29.45
N GLU UA 81 30.77 17.54 -26.31
CA GLU UA 81 30.10 17.13 -25.08
C GLU UA 81 30.16 18.23 -24.02
N ASP UA 82 29.38 19.29 -24.23
CA ASP UA 82 29.33 20.39 -23.28
C ASP UA 82 28.70 19.92 -21.97
N TYR UA 83 28.95 20.69 -20.91
CA TYR UA 83 28.40 20.39 -19.61
C TYR UA 83 26.89 20.32 -19.67
N SER UA 84 26.32 19.35 -18.96
CA SER UA 84 24.87 19.19 -18.92
C SER UA 84 24.22 20.43 -18.29
N VAL UA 85 22.92 20.57 -18.54
CA VAL UA 85 22.20 21.76 -18.07
C VAL UA 85 22.25 21.85 -16.55
N THR UA 86 22.16 20.71 -15.86
CA THR UA 86 22.22 20.72 -14.42
C THR UA 86 23.58 21.18 -13.92
N LEU UA 87 24.67 20.76 -14.57
CA LEU UA 87 25.99 21.21 -14.18
C LEU UA 87 26.23 22.67 -14.58
N GLN UA 88 25.67 23.09 -15.72
CA GLN UA 88 25.84 24.48 -16.15
C GLN UA 88 25.20 25.43 -15.15
N ILE UA 89 24.01 25.08 -14.63
CA ILE UA 89 23.37 25.90 -13.61
C ILE UA 89 24.20 25.89 -12.33
N LEU UA 90 24.73 24.73 -11.96
CA LEU UA 90 25.52 24.62 -10.74
C LEU UA 90 26.78 25.49 -10.82
N ALA UA 91 27.38 25.58 -12.01
CA ALA UA 91 28.55 26.43 -12.18
C ALA UA 91 28.18 27.90 -12.07
N LEU UA 92 27.07 28.31 -12.70
CA LEU UA 92 26.69 29.72 -12.69
C LEU UA 92 26.30 30.17 -11.29
N MET UA 93 25.60 29.31 -10.54
CA MET UA 93 25.24 29.67 -9.17
C MET UA 93 26.47 29.81 -8.28
N THR UA 94 27.52 29.04 -8.58
CA THR UA 94 28.77 29.17 -7.82
C THR UA 94 29.45 30.49 -8.11
N MET UA 95 29.41 30.95 -9.37
CA MET UA 95 30.02 32.23 -9.73
C MET UA 95 29.33 33.39 -9.03
N LEU UA 96 27.99 33.33 -8.91
CA LEU UA 96 27.28 34.36 -8.15
C LEU UA 96 27.66 34.31 -6.68
N GLY UA 97 28.00 33.13 -6.17
CA GLY UA 97 28.45 33.04 -4.79
C GLY UA 97 29.76 33.76 -4.53
N PHE UA 98 30.65 33.74 -5.52
CA PHE UA 98 31.94 34.42 -5.43
C PHE UA 98 31.90 35.83 -6.02
N LEU UA 99 30.71 36.38 -6.26
CA LEU UA 99 30.61 37.71 -6.85
C LEU UA 99 31.33 38.79 -6.05
N PRO UA 100 31.23 38.85 -4.71
CA PRO UA 100 32.05 39.83 -3.98
C PRO UA 100 33.54 39.64 -4.20
N ALA UA 101 34.01 38.40 -4.30
CA ALA UA 101 35.43 38.15 -4.55
C ALA UA 101 35.85 38.63 -5.93
N MET UA 102 34.99 38.41 -6.94
CA MET UA 102 35.31 38.86 -8.28
C MET UA 102 35.42 40.38 -8.36
N VAL UA 103 34.50 41.08 -7.68
CA VAL UA 103 34.52 42.54 -7.71
C VAL UA 103 35.72 43.08 -6.95
N ILE UA 104 36.03 42.52 -5.78
CA ILE UA 104 37.06 43.10 -4.94
C ILE UA 104 38.46 42.66 -5.34
N LEU UA 105 38.60 41.66 -6.21
CA LEU UA 105 39.91 41.17 -6.61
C LEU UA 105 40.17 41.28 -8.10
N MET UA 106 39.20 40.94 -8.94
CA MET UA 106 39.40 40.89 -10.38
C MET UA 106 38.97 42.15 -11.10
N THR UA 107 38.52 43.18 -10.38
CA THR UA 107 38.01 44.38 -11.03
C THR UA 107 38.75 45.64 -10.57
N SER UA 108 38.22 46.80 -10.94
CA SER UA 108 38.79 48.09 -10.61
C SER UA 108 38.29 48.62 -9.26
N PHE UA 109 37.51 47.83 -8.53
CA PHE UA 109 36.91 48.32 -7.29
C PHE UA 109 37.96 48.68 -6.25
N THR UA 110 39.00 47.86 -6.13
CA THR UA 110 39.98 48.05 -5.05
C THR UA 110 40.73 49.36 -5.20
N ARG UA 111 41.21 49.66 -6.41
CA ARG UA 111 42.03 50.86 -6.60
C ARG UA 111 41.22 52.12 -6.31
N ILE UA 112 39.98 52.19 -6.79
CA ILE UA 112 39.15 53.36 -6.55
C ILE UA 112 38.87 53.52 -5.06
N VAL UA 113 38.59 52.40 -4.37
CA VAL UA 113 38.26 52.47 -2.95
C VAL UA 113 39.46 52.96 -2.15
N VAL UA 114 40.67 52.48 -2.47
CA VAL UA 114 41.85 52.89 -1.72
C VAL UA 114 42.16 54.36 -1.95
N VAL UA 115 42.08 54.82 -3.20
CA VAL UA 115 42.37 56.22 -3.50
C VAL UA 115 41.40 57.14 -2.78
N MET UA 116 40.12 56.77 -2.75
CA MET UA 116 39.14 57.55 -1.98
C MET UA 116 39.47 57.53 -0.50
N SER UA 117 39.97 56.39 0.00
CA SER UA 117 40.33 56.30 1.41
C SER UA 117 41.50 57.21 1.76
N ILE UA 118 42.52 57.25 0.90
CA ILE UA 118 43.66 58.13 1.15
C ILE UA 118 43.22 59.60 1.10
N LEU UA 119 42.39 59.95 0.13
CA LEU UA 119 41.93 61.33 0.00
C LEU UA 119 41.13 61.76 1.23
N ARG UA 120 40.27 60.88 1.74
CA ARG UA 120 39.48 61.21 2.92
C ARG UA 120 40.37 61.45 4.14
N GLN UA 121 41.39 60.62 4.32
CA GLN UA 121 42.32 60.81 5.43
C GLN UA 121 43.28 61.98 5.18
N ALA UA 122 43.48 62.36 3.91
CA ALA UA 122 44.34 63.50 3.61
C ALA UA 122 43.78 64.78 4.21
N MET UA 123 42.46 64.98 4.10
CA MET UA 123 41.84 66.15 4.69
C MET UA 123 41.61 65.94 6.18
N GLY UA 124 41.08 66.98 6.83
CA GLY UA 124 40.80 66.89 8.25
C GLY UA 124 39.60 66.04 8.60
N LEU UA 125 38.76 65.73 7.62
CA LEU UA 125 37.57 64.93 7.87
C LEU UA 125 37.94 63.47 8.04
N GLN UA 126 37.51 62.86 9.15
CA GLN UA 126 37.84 61.47 9.41
C GLN UA 126 36.99 60.53 8.57
N GLN UA 127 35.68 60.54 8.79
CA GLN UA 127 34.74 59.70 8.05
C GLN UA 127 33.50 60.49 7.68
N THR UA 128 33.68 61.76 7.29
CA THR UA 128 32.55 62.56 6.83
C THR UA 128 31.91 62.02 5.56
N PRO UA 129 32.65 61.63 4.52
CA PRO UA 129 31.98 61.05 3.34
C PRO UA 129 31.28 59.74 3.61
N SER UA 130 31.60 59.07 4.73
CA SER UA 130 30.97 57.81 5.15
C SER UA 130 31.38 56.65 4.24
N ASN UA 131 31.42 55.44 4.81
CA ASN UA 131 31.92 54.29 4.06
C ASN UA 131 30.96 53.82 2.98
N GLN UA 132 29.65 53.86 3.25
CA GLN UA 132 28.67 53.39 2.28
C GLN UA 132 28.67 54.26 1.02
N VAL UA 133 28.81 55.57 1.18
CA VAL UA 133 28.84 56.46 0.02
C VAL UA 133 30.10 56.23 -0.81
N ILE UA 134 31.25 56.02 -0.14
CA ILE UA 134 32.50 55.79 -0.85
C ILE UA 134 32.41 54.51 -1.69
N ILE UA 135 31.88 53.44 -1.10
CA ILE UA 135 31.71 52.19 -1.84
C ILE UA 135 30.64 52.35 -2.92
N GLY UA 136 29.58 53.10 -2.61
CA GLY UA 136 28.54 53.34 -3.60
C GLY UA 136 29.05 54.07 -4.83
N ILE UA 137 29.91 55.07 -4.62
CA ILE UA 137 30.52 55.78 -5.75
C ILE UA 137 31.44 54.83 -6.51
N ALA UA 138 32.23 54.03 -5.79
CA ALA UA 138 33.18 53.13 -6.44
C ALA UA 138 32.45 52.07 -7.26
N LEU UA 139 31.32 51.57 -6.76
CA LEU UA 139 30.59 50.54 -7.49
C LEU UA 139 30.10 51.04 -8.84
N PHE UA 140 29.59 52.28 -8.89
CA PHE UA 140 29.17 52.85 -10.16
C PHE UA 140 30.37 53.12 -11.07
N LEU UA 141 31.47 53.60 -10.50
CA LEU UA 141 32.66 53.87 -11.30
C LEU UA 141 33.25 52.57 -11.85
N THR UA 142 33.34 51.53 -11.03
CA THR UA 142 33.90 50.27 -11.49
C THR UA 142 33.00 49.58 -12.51
N PHE UA 143 31.70 49.90 -12.50
CA PHE UA 143 30.81 49.36 -13.52
C PHE UA 143 30.97 50.09 -14.84
N PHE UA 144 31.21 51.40 -14.79
CA PHE UA 144 31.35 52.18 -16.02
C PHE UA 144 32.66 51.89 -16.73
N VAL UA 145 33.76 51.83 -15.98
CA VAL UA 145 35.06 51.59 -16.60
C VAL UA 145 35.18 50.18 -17.14
N MET UA 146 34.41 49.23 -16.62
CA MET UA 146 34.42 47.86 -17.09
C MET UA 146 33.25 47.53 -17.99
N SER UA 147 32.47 48.54 -18.41
CA SER UA 147 31.46 48.31 -19.42
C SER UA 147 32.04 47.79 -20.74
N PRO UA 148 33.18 48.27 -21.26
CA PRO UA 148 33.71 47.68 -22.50
C PRO UA 148 33.99 46.20 -22.39
N VAL UA 149 34.67 45.76 -21.32
CA VAL UA 149 34.92 44.33 -21.17
C VAL UA 149 33.63 43.57 -20.88
N LEU UA 150 32.71 44.18 -20.15
CA LEU UA 150 31.41 43.55 -19.91
C LEU UA 150 30.66 43.34 -21.22
N ASN UA 151 30.69 44.34 -22.11
CA ASN UA 151 30.05 44.18 -23.41
C ASN UA 151 30.77 43.13 -24.26
N GLU UA 152 32.10 43.10 -24.19
CA GLU UA 152 32.86 42.12 -24.95
C GLU UA 152 32.51 40.70 -24.52
N ILE UA 153 32.30 40.49 -23.22
CA ILE UA 153 31.84 39.20 -22.73
C ILE UA 153 30.47 38.88 -23.33
N ASN UA 154 29.56 39.86 -23.32
CA ASN UA 154 28.21 39.64 -23.85
C ASN UA 154 28.25 39.34 -25.35
N ASP UA 155 29.04 40.10 -26.10
CA ASP UA 155 29.01 39.98 -27.56
C ASP UA 155 29.77 38.76 -28.07
N LYS UA 156 30.61 38.15 -27.23
CA LYS UA 156 31.43 37.03 -27.67
C LYS UA 156 31.16 35.73 -26.91
N ALA UA 157 30.54 35.80 -25.75
CA ALA UA 157 30.35 34.62 -24.91
C ALA UA 157 28.91 34.40 -24.48
N VAL UA 158 28.11 35.46 -24.38
CA VAL UA 158 26.74 35.31 -23.91
C VAL UA 158 25.79 35.13 -25.09
N GLN UA 159 25.81 36.06 -26.04
CA GLN UA 159 24.90 35.98 -27.19
C GLN UA 159 25.14 34.74 -28.04
N PRO UA 160 26.37 34.37 -28.39
CA PRO UA 160 26.55 33.07 -29.07
C PRO UA 160 26.07 31.89 -28.25
N TYR UA 161 26.21 31.97 -26.92
CA TYR UA 161 25.75 30.89 -26.06
C TYR UA 161 24.22 30.80 -26.07
N LEU UA 162 23.53 31.93 -25.97
CA LEU UA 162 22.08 31.94 -25.99
C LEU UA 162 21.51 31.57 -27.35
N ASN UA 163 22.22 31.90 -28.44
CA ASN UA 163 21.77 31.59 -29.78
C ASN UA 163 22.13 30.18 -30.22
N GLU UA 164 22.67 29.37 -29.31
CA GLU UA 164 23.06 27.99 -29.60
C GLU UA 164 24.07 27.95 -30.73
N GLN UA 165 25.20 28.62 -30.51
CA GLN UA 165 26.28 28.68 -31.48
C GLN UA 165 27.62 28.22 -30.95
N VAL UA 166 27.81 28.20 -29.63
CA VAL UA 166 29.08 27.80 -29.03
C VAL UA 166 28.81 26.82 -27.89
N THR UA 167 29.70 25.84 -27.77
CA THR UA 167 29.69 24.93 -26.64
C THR UA 167 29.85 25.70 -25.34
N ALA UA 168 29.12 25.27 -24.31
CA ALA UA 168 29.16 25.96 -23.02
C ALA UA 168 30.58 26.07 -22.50
N ARG UA 169 31.40 25.05 -22.74
CA ARG UA 169 32.82 25.12 -22.39
C ARG UA 169 33.52 26.23 -23.17
N GLU UA 170 33.20 26.35 -24.46
CA GLU UA 170 33.79 27.41 -25.27
C GLU UA 170 33.32 28.78 -24.82
N ALA UA 171 32.04 28.89 -24.46
CA ALA UA 171 31.49 30.19 -24.03
C ALA UA 171 32.16 30.65 -22.74
N PHE UA 172 32.45 29.72 -21.83
CA PHE UA 172 33.16 30.08 -20.60
C PHE UA 172 34.55 30.62 -20.91
N ASP UA 173 35.25 29.99 -21.86
CA ASP UA 173 36.55 30.50 -22.28
C ASP UA 173 36.42 31.85 -22.96
N ALA UA 174 35.38 32.02 -23.77
CA ALA UA 174 35.18 33.29 -24.47
C ALA UA 174 34.86 34.42 -23.50
N ALA UA 175 34.27 34.11 -22.36
CA ALA UA 175 34.03 35.13 -21.35
C ALA UA 175 35.28 35.45 -20.54
N GLN UA 176 36.12 34.44 -20.29
CA GLN UA 176 37.31 34.64 -19.47
C GLN UA 176 38.40 35.40 -20.20
N ALA UA 177 38.45 35.29 -21.54
CA ALA UA 177 39.53 35.90 -22.30
C ALA UA 177 39.57 37.43 -22.18
N PRO UA 178 38.47 38.18 -22.39
CA PRO UA 178 38.56 39.63 -22.20
C PRO UA 178 38.89 40.05 -20.78
N MET UA 179 38.43 39.29 -19.78
CA MET UA 179 38.75 39.61 -18.40
C MET UA 179 40.24 39.47 -18.14
N LYS UA 180 40.85 38.40 -18.66
CA LYS UA 180 42.29 38.23 -18.51
C LYS UA 180 43.07 39.34 -19.21
N ALA UA 181 42.62 39.74 -20.40
CA ALA UA 181 43.30 40.79 -21.14
C ALA UA 181 43.25 42.12 -20.38
N PHE UA 182 42.10 42.45 -19.80
CA PHE UA 182 41.98 43.69 -19.05
C PHE UA 182 42.90 43.70 -17.83
N MET UA 183 42.97 42.58 -17.12
CA MET UA 183 43.83 42.52 -15.94
C MET UA 183 45.30 42.60 -16.31
N LEU UA 184 45.67 42.14 -17.51
CA LEU UA 184 47.07 42.24 -17.94
C LEU UA 184 47.45 43.66 -18.31
N LYS UA 185 46.50 44.47 -18.77
CA LYS UA 185 46.81 45.85 -19.13
C LYS UA 185 47.11 46.71 -17.89
N GLN UA 186 46.63 46.29 -16.72
CA GLN UA 186 46.78 47.07 -15.49
C GLN UA 186 47.68 46.37 -14.48
N THR UA 187 48.51 45.45 -14.94
CA THR UA 187 49.42 44.72 -14.07
C THR UA 187 50.86 45.10 -14.37
N ARG UA 188 51.74 44.82 -13.42
CA ARG UA 188 53.16 45.11 -13.55
C ARG UA 188 53.93 43.82 -13.78
N ILE UA 189 54.91 43.88 -14.68
CA ILE UA 189 55.67 42.68 -15.04
C ILE UA 189 56.41 42.12 -13.83
N LYS UA 190 56.82 42.97 -12.89
CA LYS UA 190 57.45 42.49 -11.68
C LYS UA 190 56.50 41.63 -10.86
N ASP UA 191 55.22 42.01 -10.81
CA ASP UA 191 54.23 41.22 -10.09
C ASP UA 191 54.04 39.85 -10.74
N LEU UA 192 53.99 39.82 -12.08
CA LEU UA 192 53.90 38.55 -12.77
C LEU UA 192 55.14 37.71 -12.53
N GLU UA 193 56.31 38.33 -12.55
CA GLU UA 193 57.56 37.59 -12.42
C GLU UA 193 57.66 36.88 -11.07
N THR UA 194 57.26 37.57 -9.99
CA THR UA 194 57.40 36.96 -8.67
C THR UA 194 56.36 35.87 -8.44
N PHE UA 195 55.15 36.04 -8.96
CA PHE UA 195 54.12 35.04 -8.75
C PHE UA 195 54.31 33.83 -9.65
N VAL UA 196 54.81 34.01 -10.87
CA VAL UA 196 55.11 32.87 -11.73
C VAL UA 196 56.20 32.01 -11.10
N THR UA 197 57.26 32.63 -10.59
CA THR UA 197 58.28 31.88 -9.86
C THR UA 197 57.71 31.26 -8.59
N MET UA 198 56.80 31.98 -7.91
CA MET UA 198 56.17 31.44 -6.71
C MET UA 198 55.35 30.20 -7.04
N SER UA 199 54.59 30.23 -8.14
CA SER UA 199 53.83 29.06 -8.54
C SER UA 199 54.73 27.95 -9.08
N GLY UA 200 55.92 28.30 -9.56
CA GLY UA 200 56.84 27.31 -10.09
C GLY UA 200 56.39 26.66 -11.38
N GLU UA 201 55.81 27.42 -12.30
CA GLU UA 201 55.41 26.93 -13.60
C GLU UA 201 56.28 27.57 -14.68
N GLN UA 202 56.65 26.78 -15.68
CA GLN UA 202 57.53 27.24 -16.75
C GLN UA 202 56.70 27.85 -17.86
N VAL UA 203 56.44 29.16 -17.75
CA VAL UA 203 55.69 29.90 -18.75
C VAL UA 203 56.49 31.16 -19.08
N ASP UA 204 56.58 31.47 -20.38
CA ASP UA 204 57.38 32.59 -20.87
C ASP UA 204 56.55 33.77 -21.33
N ASN UA 205 55.58 33.55 -22.20
CA ASN UA 205 54.77 34.64 -22.71
C ASN UA 205 53.85 35.17 -21.60
N PRO UA 206 53.74 36.50 -21.42
CA PRO UA 206 52.88 37.07 -20.39
C PRO UA 206 51.42 37.22 -20.81
N GLU UA 207 50.90 36.20 -21.49
CA GLU UA 207 49.49 36.17 -21.88
C GLU UA 207 48.80 34.85 -21.60
N ASP UA 208 49.51 33.75 -21.40
CA ASP UA 208 48.93 32.45 -21.15
C ASP UA 208 49.22 32.00 -19.72
N VAL UA 209 49.18 32.93 -18.78
CA VAL UA 209 49.37 32.65 -17.36
C VAL UA 209 48.01 32.35 -16.75
N SER UA 210 48.01 31.48 -15.74
CA SER UA 210 46.77 31.04 -15.13
C SER UA 210 46.14 32.17 -14.31
N MET UA 211 44.81 32.09 -14.15
CA MET UA 211 44.10 33.03 -13.31
C MET UA 211 44.55 32.93 -11.86
N ALA UA 212 44.99 31.75 -11.43
CA ALA UA 212 45.51 31.58 -10.07
C ALA UA 212 46.72 32.46 -9.85
N VAL UA 213 47.51 32.69 -10.90
CA VAL UA 213 48.70 33.52 -10.79
C VAL UA 213 48.40 34.98 -11.14
N LEU UA 214 47.48 35.19 -12.09
CA LEU UA 214 47.22 36.55 -12.57
C LEU UA 214 46.50 37.39 -11.50
N ILE UA 215 45.53 36.80 -10.82
CA ILE UA 215 44.72 37.58 -9.87
C ILE UA 215 45.56 38.15 -8.73
N PRO UA 216 46.41 37.39 -8.03
CA PRO UA 216 47.27 38.01 -7.01
C PRO UA 216 48.21 39.06 -7.58
N ALA UA 217 48.71 38.85 -8.80
CA ALA UA 217 49.55 39.84 -9.44
C ALA UA 217 48.77 41.11 -9.76
N PHE UA 218 47.52 40.96 -10.19
CA PHE UA 218 46.70 42.12 -10.53
C PHE UA 218 46.36 42.95 -9.30
N ILE UA 219 45.90 42.28 -8.24
CA ILE UA 219 45.51 43.01 -7.03
C ILE UA 219 46.71 43.67 -6.38
N THR UA 220 47.88 43.03 -6.45
CA THR UA 220 49.11 43.66 -5.95
C THR UA 220 49.44 44.91 -6.74
N SER UA 221 49.28 44.87 -8.06
CA SER UA 221 49.55 46.05 -8.89
C SER UA 221 48.55 47.15 -8.61
N GLU UA 222 47.29 46.80 -8.35
CA GLU UA 222 46.28 47.81 -8.06
C GLU UA 222 46.54 48.52 -6.74
N LEU UA 223 46.99 47.77 -5.73
CA LEU UA 223 47.32 48.40 -4.45
C LEU UA 223 48.48 49.37 -4.60
N LYS UA 224 49.53 48.97 -5.31
CA LYS UA 224 50.68 49.85 -5.50
C LYS UA 224 50.31 51.08 -6.32
N THR UA 225 49.49 50.90 -7.36
CA THR UA 225 49.06 52.04 -8.17
C THR UA 225 48.21 53.00 -7.35
N ALA UA 226 47.33 52.47 -6.49
CA ALA UA 226 46.49 53.31 -5.65
C ALA UA 226 47.32 54.14 -4.69
N PHE UA 227 48.39 53.55 -4.13
CA PHE UA 227 49.26 54.29 -3.24
C PHE UA 227 49.94 55.45 -3.97
N GLN UA 228 50.37 55.23 -5.20
CA GLN UA 228 50.99 56.30 -5.97
C GLN UA 228 50.03 57.45 -6.22
N ILE UA 229 48.79 57.13 -6.60
CA ILE UA 229 47.78 58.17 -6.80
C ILE UA 229 47.41 58.81 -5.48
N GLY UA 230 47.36 58.02 -4.40
CA GLY UA 230 47.05 58.58 -3.10
C GLY UA 230 48.10 59.56 -2.61
N PHE UA 231 49.38 59.23 -2.83
CA PHE UA 231 50.44 60.16 -2.49
C PHE UA 231 50.37 61.43 -3.34
N MET UA 232 50.00 61.29 -4.62
CA MET UA 232 49.90 62.44 -5.50
C MET UA 232 48.84 63.43 -4.99
N LEU UA 233 47.69 62.92 -4.58
CA LEU UA 233 46.62 63.79 -4.09
C LEU UA 233 46.91 64.32 -2.70
N PHE UA 234 47.74 63.61 -1.92
CA PHE UA 234 48.03 64.01 -0.56
C PHE UA 234 48.90 65.25 -0.49
N LEU UA 235 49.82 65.42 -1.44
CA LEU UA 235 50.80 66.49 -1.39
C LEU UA 235 50.19 67.89 -1.28
N PRO UA 236 49.20 68.28 -2.09
CA PRO UA 236 48.64 69.64 -1.92
C PRO UA 236 48.05 69.88 -0.54
N PHE UA 237 47.44 68.86 0.06
CA PHE UA 237 46.90 69.03 1.41
C PHE UA 237 48.01 69.12 2.45
N LEU UA 238 49.14 68.45 2.20
CA LEU UA 238 50.30 68.62 3.07
C LEU UA 238 50.87 70.03 2.94
N ILE UA 239 50.84 70.59 1.73
CA ILE UA 239 51.34 71.95 1.52
C ILE UA 239 50.53 72.95 2.32
N ILE UA 240 49.19 72.82 2.29
CA ILE UA 240 48.33 73.73 3.04
C ILE UA 240 48.60 73.59 4.53
N ASP UA 241 48.73 72.34 5.01
CA ASP UA 241 48.92 72.12 6.43
C ASP UA 241 50.22 72.73 6.93
N LEU UA 242 51.30 72.61 6.15
CA LEU UA 242 52.58 73.19 6.55
C LEU UA 242 52.53 74.71 6.52
N VAL UA 243 51.87 75.29 5.52
CA VAL UA 243 51.80 76.75 5.41
C VAL UA 243 51.04 77.33 6.60
N VAL UA 244 49.90 76.73 6.93
CA VAL UA 244 49.10 77.23 8.05
C VAL UA 244 49.86 77.12 9.36
N ALA UA 245 50.54 75.99 9.58
CA ALA UA 245 51.35 75.84 10.79
C ALA UA 245 52.49 76.84 10.82
N SER UA 246 53.15 77.05 9.68
CA SER UA 246 54.25 78.00 9.63
C SER UA 246 53.78 79.42 9.89
N VAL UA 247 52.65 79.82 9.30
CA VAL UA 247 52.13 81.17 9.50
C VAL UA 247 51.75 81.38 10.96
N LEU UA 248 51.08 80.40 11.57
CA LEU UA 248 50.72 80.51 12.98
C LEU UA 248 51.95 80.59 13.87
N MET UA 249 52.98 79.80 13.56
CA MET UA 249 54.21 79.86 14.33
C MET UA 249 54.95 81.18 14.11
N ALA UA 250 54.75 81.81 12.96
CA ALA UA 250 55.37 83.12 12.72
C ALA UA 250 54.84 84.18 13.68
N MET UA 251 53.55 84.13 13.99
CA MET UA 251 52.94 85.08 14.91
C MET UA 251 53.18 84.75 16.37
N GLY UA 252 53.81 83.60 16.65
CA GLY UA 252 54.10 83.21 18.01
C GLY UA 252 52.98 82.52 18.75
N MET UA 253 51.84 82.28 18.09
CA MET UA 253 50.72 81.56 18.71
C MET UA 253 50.94 80.06 18.50
N MET UA 254 51.94 79.53 19.20
CA MET UA 254 52.25 78.12 19.10
C MET UA 254 51.17 77.25 19.73
N MET UA 255 50.41 77.80 20.69
CA MET UA 255 49.37 77.02 21.35
C MET UA 255 48.20 76.72 20.44
N LEU UA 256 47.99 77.51 19.40
CA LEU UA 256 46.85 77.32 18.51
C LEU UA 256 47.06 76.09 17.63
N SER UA 257 46.06 75.22 17.57
CA SER UA 257 46.18 74.00 16.79
C SER UA 257 46.06 74.30 15.30
N PRO UA 258 47.04 73.93 14.48
CA PRO UA 258 46.94 74.19 13.04
C PRO UA 258 45.83 73.42 12.34
N MET UA 259 45.39 72.28 12.88
CA MET UA 259 44.45 71.43 12.16
C MET UA 259 43.08 72.08 12.04
N ILE UA 260 42.61 72.77 13.08
CA ILE UA 260 41.27 73.35 13.06
C ILE UA 260 41.19 74.47 12.03
N VAL UA 261 42.27 75.26 11.90
CA VAL UA 261 42.29 76.34 10.93
C VAL UA 261 42.61 75.83 9.53
N SER UA 262 43.39 74.75 9.42
CA SER UA 262 43.78 74.24 8.11
C SER UA 262 42.60 73.67 7.35
N LEU UA 263 41.66 73.02 8.06
CA LEU UA 263 40.58 72.29 7.40
C LEU UA 263 39.74 73.13 6.44
N PRO UA 264 39.26 74.32 6.80
CA PRO UA 264 38.46 75.08 5.81
C PRO UA 264 39.21 75.41 4.55
N PHE UA 265 40.53 75.61 4.63
CA PHE UA 265 41.32 75.84 3.43
C PHE UA 265 41.44 74.57 2.60
N LYS UA 266 41.52 73.41 3.26
CA LYS UA 266 41.55 72.14 2.53
C LYS UA 266 40.23 71.93 1.79
N LEU UA 267 39.11 72.23 2.44
CA LEU UA 267 37.83 72.21 1.74
C LEU UA 267 37.79 73.27 0.65
N MET UA 268 38.38 74.45 0.91
CA MET UA 268 38.36 75.53 -0.07
C MET UA 268 39.09 75.12 -1.35
N LEU UA 269 40.31 74.60 -1.23
CA LEU UA 269 41.08 74.23 -2.40
C LEU UA 269 40.40 73.12 -3.19
N PHE UA 270 39.85 72.13 -2.49
CA PHE UA 270 39.27 70.97 -3.17
C PHE UA 270 37.99 71.32 -3.91
N VAL UA 271 37.32 72.40 -3.53
CA VAL UA 271 36.02 72.72 -4.13
C VAL UA 271 36.16 73.71 -5.29
N LEU UA 272 37.09 74.66 -5.21
CA LEU UA 272 37.30 75.56 -6.34
C LEU UA 272 38.14 74.91 -7.43
N VAL UA 273 38.83 73.80 -7.12
CA VAL UA 273 39.49 73.01 -8.14
C VAL UA 273 38.56 71.97 -8.74
N ASP UA 274 37.31 71.90 -8.26
CA ASP UA 274 36.33 70.90 -8.70
C ASP UA 274 36.88 69.50 -8.50
N GLY UA 275 37.21 69.21 -7.24
CA GLY UA 275 37.94 67.98 -6.94
C GLY UA 275 37.15 66.72 -7.21
N TRP UA 276 35.89 66.68 -6.79
CA TRP UA 276 35.12 65.44 -6.88
C TRP UA 276 34.96 65.01 -8.33
N ASN UA 277 34.61 65.94 -9.21
CA ASN UA 277 34.52 65.61 -10.64
C ASN UA 277 35.88 65.29 -11.21
N LEU UA 278 36.93 65.98 -10.73
CA LEU UA 278 38.27 65.77 -11.27
C LEU UA 278 38.81 64.39 -10.91
N ILE UA 279 38.68 63.99 -9.63
CA ILE UA 279 39.29 62.74 -9.20
C ILE UA 279 38.59 61.54 -9.82
N LEU UA 280 37.26 61.58 -9.92
CA LEU UA 280 36.53 60.47 -10.50
C LEU UA 280 36.79 60.35 -12.00
N SER UA 281 37.00 61.49 -12.66
CA SER UA 281 37.38 61.46 -14.08
C SER UA 281 38.77 60.85 -14.26
N THR UA 282 39.73 61.26 -13.41
CA THR UA 282 41.07 60.70 -13.51
C THR UA 282 41.10 59.22 -13.18
N LEU UA 283 40.33 58.81 -12.14
CA LEU UA 283 40.26 57.39 -11.81
C LEU UA 283 39.64 56.60 -12.95
N ALA UA 284 38.61 57.15 -13.59
CA ALA UA 284 38.03 56.51 -14.78
C ALA UA 284 39.06 56.43 -15.91
N GLY UA 285 39.81 57.51 -16.12
CA GLY UA 285 40.79 57.51 -17.20
C GLY UA 285 42.06 56.75 -16.87
N SER UA 286 42.27 56.46 -15.58
CA SER UA 286 43.48 55.76 -15.17
C SER UA 286 43.53 54.35 -15.75
N PHE UA 287 42.39 53.66 -15.76
CA PHE UA 287 42.32 52.29 -16.26
C PHE UA 287 42.33 52.32 -17.79
N ALA UA 288 43.54 52.18 -18.34
CA ALA UA 288 43.72 52.18 -19.79
C ALA UA 288 45.02 51.48 -20.18
N GLU VA 81 38.91 -5.47 7.33
CA GLU VA 81 39.97 -4.54 7.67
C GLU VA 81 39.79 -3.18 7.00
N ASP VA 82 39.80 -3.19 5.67
CA ASP VA 82 39.63 -1.95 4.92
C ASP VA 82 38.25 -1.37 5.16
N TYR VA 83 38.20 -0.05 5.36
CA TYR VA 83 36.92 0.60 5.61
C TYR VA 83 35.99 0.46 4.42
N SER VA 84 34.70 0.30 4.71
CA SER VA 84 33.71 0.17 3.65
C SER VA 84 33.56 1.49 2.89
N VAL VA 85 32.93 1.40 1.71
CA VAL VA 85 32.75 2.57 0.87
C VAL VA 85 31.93 3.62 1.59
N THR VA 86 30.91 3.20 2.34
CA THR VA 86 30.08 4.15 3.08
C THR VA 86 30.88 4.87 4.15
N LEU VA 87 31.80 4.14 4.83
CA LEU VA 87 32.61 4.77 5.85
C LEU VA 87 33.67 5.69 5.26
N GLN VA 88 34.22 5.32 4.10
CA GLN VA 88 35.22 6.16 3.45
C GLN VA 88 34.61 7.51 3.05
N ILE VA 89 33.38 7.50 2.54
CA ILE VA 89 32.71 8.75 2.21
C ILE VA 89 32.46 9.57 3.47
N LEU VA 90 32.06 8.91 4.56
CA LEU VA 90 31.77 9.62 5.79
C LEU VA 90 33.02 10.30 6.34
N ALA VA 91 34.17 9.62 6.29
CA ALA VA 91 35.41 10.23 6.74
C ALA VA 91 35.80 11.40 5.85
N LEU VA 92 35.69 11.23 4.52
CA LEU VA 92 36.07 12.30 3.60
C LEU VA 92 35.15 13.51 3.75
N MET VA 93 33.83 13.28 3.87
CA MET VA 93 32.92 14.39 4.09
C MET VA 93 33.16 15.07 5.42
N THR VA 94 33.70 14.34 6.40
CA THR VA 94 34.01 14.94 7.69
C THR VA 94 35.17 15.94 7.57
N MET VA 95 36.18 15.60 6.78
CA MET VA 95 37.35 16.47 6.65
C MET VA 95 37.01 17.78 5.94
N LEU VA 96 36.01 17.77 5.06
CA LEU VA 96 35.58 19.01 4.43
C LEU VA 96 35.01 19.97 5.46
N GLY VA 97 34.34 19.45 6.50
CA GLY VA 97 33.82 20.30 7.55
C GLY VA 97 34.93 20.98 8.34
N PHE VA 98 36.05 20.29 8.53
CA PHE VA 98 37.18 20.83 9.25
C PHE VA 98 38.20 21.53 8.35
N LEU VA 99 37.88 21.70 7.06
CA LEU VA 99 38.78 22.39 6.15
C LEU VA 99 39.15 23.80 6.59
N PRO VA 100 38.21 24.66 7.04
CA PRO VA 100 38.64 25.97 7.55
C PRO VA 100 39.59 25.88 8.72
N ALA VA 101 39.41 24.90 9.60
CA ALA VA 101 40.30 24.74 10.74
C ALA VA 101 41.72 24.37 10.30
N MET VA 102 41.83 23.48 9.32
CA MET VA 102 43.14 23.05 8.85
C MET VA 102 43.87 24.18 8.13
N VAL VA 103 43.13 25.10 7.51
CA VAL VA 103 43.77 26.22 6.82
C VAL VA 103 44.43 27.17 7.81
N ILE VA 104 43.72 27.52 8.89
CA ILE VA 104 44.25 28.51 9.83
C ILE VA 104 45.16 27.91 10.89
N LEU VA 105 45.27 26.59 10.96
CA LEU VA 105 46.10 25.94 11.97
C LEU VA 105 47.24 25.14 11.37
N MET VA 106 47.02 24.45 10.24
CA MET VA 106 48.00 23.53 9.69
C MET VA 106 48.66 24.01 8.42
N THR VA 107 48.43 25.25 8.00
CA THR VA 107 49.02 25.80 6.78
C THR VA 107 49.71 27.12 7.08
N SER VA 108 50.10 27.81 6.01
CA SER VA 108 50.79 29.09 6.10
C SER VA 108 49.83 30.28 6.13
N PHE VA 109 48.52 30.02 6.25
CA PHE VA 109 47.54 31.09 6.22
C PHE VA 109 47.70 32.03 7.41
N THR VA 110 47.97 31.46 8.59
CA THR VA 110 47.98 32.27 9.81
C THR VA 110 49.16 33.23 9.83
N ARG VA 111 50.36 32.76 9.52
CA ARG VA 111 51.53 33.64 9.57
C ARG VA 111 51.41 34.79 8.58
N ILE VA 112 50.98 34.48 7.35
CA ILE VA 112 50.82 35.53 6.34
C ILE VA 112 49.74 36.52 6.77
N VAL VA 113 48.66 36.01 7.38
CA VAL VA 113 47.58 36.89 7.84
C VAL VA 113 48.09 37.83 8.92
N VAL VA 114 48.87 37.31 9.86
CA VAL VA 114 49.36 38.13 10.97
C VAL VA 114 50.32 39.20 10.47
N VAL VA 115 51.23 38.83 9.57
CA VAL VA 115 52.25 39.77 9.11
C VAL VA 115 51.62 40.97 8.41
N MET VA 116 50.62 40.72 7.55
CA MET VA 116 49.97 41.81 6.84
C MET VA 116 49.24 42.73 7.82
N SER VA 117 48.66 42.17 8.88
CA SER VA 117 48.01 43.01 9.88
C SER VA 117 49.01 43.92 10.58
N ILE VA 118 50.19 43.38 10.94
CA ILE VA 118 51.22 44.19 11.55
C ILE VA 118 51.76 45.21 10.56
N LEU VA 119 51.97 44.79 9.31
CA LEU VA 119 52.44 45.71 8.28
C LEU VA 119 51.44 46.83 8.04
N ARG VA 120 50.15 46.50 8.05
CA ARG VA 120 49.12 47.53 7.93
C ARG VA 120 49.13 48.47 9.13
N GLN VA 121 49.32 47.91 10.33
CA GLN VA 121 49.41 48.75 11.53
C GLN VA 121 50.61 49.67 11.47
N ALA VA 122 51.73 49.20 10.91
CA ALA VA 122 52.93 50.01 10.82
C ALA VA 122 52.68 51.26 9.99
N MET VA 123 52.03 51.11 8.84
CA MET VA 123 51.62 52.27 8.06
C MET VA 123 50.44 52.97 8.73
N GLY VA 124 50.21 54.22 8.33
CA GLY VA 124 49.17 55.02 8.95
C GLY VA 124 47.76 54.55 8.67
N LEU VA 125 47.56 53.83 7.57
CA LEU VA 125 46.23 53.33 7.21
C LEU VA 125 45.94 52.06 7.99
N GLN VA 126 44.77 52.02 8.62
CA GLN VA 126 44.38 50.88 9.44
C GLN VA 126 43.41 49.94 8.74
N GLN VA 127 42.71 50.40 7.70
CA GLN VA 127 41.75 49.55 7.00
C GLN VA 127 41.78 49.78 5.50
N THR VA 128 42.92 50.23 4.97
CA THR VA 128 43.02 50.51 3.55
C THR VA 128 43.24 49.24 2.72
N PRO VA 129 44.18 48.37 3.08
CA PRO VA 129 44.29 47.10 2.34
C PRO VA 129 43.02 46.27 2.38
N SER VA 130 42.20 46.43 3.42
CA SER VA 130 40.90 45.78 3.57
C SER VA 130 41.05 44.31 3.94
N ASN VA 131 40.23 43.84 4.89
CA ASN VA 131 40.35 42.47 5.38
C ASN VA 131 40.15 41.46 4.26
N GLN VA 132 39.17 41.70 3.38
CA GLN VA 132 38.86 40.74 2.32
C GLN VA 132 40.03 40.57 1.36
N VAL VA 133 40.67 41.67 1.00
CA VAL VA 133 41.81 41.60 0.09
C VAL VA 133 42.99 40.88 0.76
N ILE VA 134 43.25 41.19 2.03
CA ILE VA 134 44.37 40.57 2.73
C ILE VA 134 44.17 39.07 2.84
N ILE VA 135 42.97 38.63 3.20
CA ILE VA 135 42.69 37.20 3.27
C ILE VA 135 42.73 36.58 1.87
N GLY VA 136 42.29 37.33 0.86
CA GLY VA 136 42.36 36.82 -0.50
C GLY VA 136 43.79 36.59 -0.96
N ILE VA 137 44.69 37.52 -0.65
CA ILE VA 137 46.10 37.33 -0.97
C ILE VA 137 46.69 36.19 -0.14
N ALA VA 138 46.26 36.08 1.12
CA ALA VA 138 46.73 34.99 1.97
C ALA VA 138 46.28 33.64 1.43
N LEU VA 139 45.07 33.56 0.89
CA LEU VA 139 44.59 32.30 0.32
C LEU VA 139 45.36 31.94 -0.94
N PHE VA 140 45.64 32.92 -1.80
CA PHE VA 140 46.42 32.64 -3.00
C PHE VA 140 47.85 32.22 -2.65
N LEU VA 141 48.48 32.92 -1.70
CA LEU VA 141 49.85 32.59 -1.32
C LEU VA 141 49.92 31.23 -0.63
N THR VA 142 48.98 30.91 0.25
CA THR VA 142 49.00 29.61 0.91
C THR VA 142 48.76 28.48 -0.07
N PHE VA 143 48.12 28.77 -1.21
CA PHE VA 143 47.99 27.78 -2.27
C PHE VA 143 49.33 27.58 -2.98
N PHE VA 144 50.11 28.65 -3.11
CA PHE VA 144 51.40 28.55 -3.79
C PHE VA 144 52.46 27.91 -2.91
N VAL VA 145 52.45 28.21 -1.61
CA VAL VA 145 53.49 27.70 -0.72
C VAL VA 145 53.21 26.27 -0.26
N MET VA 146 51.95 25.83 -0.29
CA MET VA 146 51.60 24.47 0.07
C MET VA 146 51.53 23.55 -1.14
N SER VA 147 51.83 24.06 -2.33
CA SER VA 147 51.80 23.22 -3.53
C SER VA 147 52.76 22.04 -3.46
N PRO VA 148 54.02 22.19 -3.03
CA PRO VA 148 54.87 20.98 -2.88
C PRO VA 148 54.27 19.94 -1.94
N VAL VA 149 53.62 20.39 -0.87
CA VAL VA 149 52.97 19.44 0.05
C VAL VA 149 51.76 18.81 -0.61
N LEU VA 150 50.93 19.61 -1.29
CA LEU VA 150 49.73 19.09 -1.93
C LEU VA 150 50.07 18.12 -3.05
N ASN VA 151 51.09 18.43 -3.84
CA ASN VA 151 51.51 17.51 -4.90
C ASN VA 151 52.00 16.19 -4.31
N GLU VA 152 52.75 16.25 -3.21
CA GLU VA 152 53.17 15.03 -2.55
C GLU VA 152 51.99 14.23 -2.02
N ILE VA 153 50.97 14.93 -1.50
CA ILE VA 153 49.75 14.27 -1.08
C ILE VA 153 49.08 13.58 -2.26
N ASN VA 154 49.00 14.28 -3.39
CA ASN VA 154 48.40 13.71 -4.60
C ASN VA 154 49.16 12.48 -5.07
N ASP VA 155 50.48 12.59 -5.17
CA ASP VA 155 51.31 11.48 -5.66
C ASP VA 155 51.36 10.32 -4.69
N LYS VA 156 51.62 10.59 -3.41
CA LYS VA 156 51.79 9.50 -2.44
C LYS VA 156 50.44 8.88 -2.06
N ALA VA 157 49.43 9.70 -1.83
CA ALA VA 157 48.18 9.19 -1.28
C ALA VA 157 47.13 8.92 -2.35
N VAL VA 158 46.75 9.96 -3.10
CA VAL VA 158 45.57 9.87 -3.95
C VAL VA 158 45.79 8.90 -5.11
N GLN VA 159 46.93 9.00 -5.79
CA GLN VA 159 47.15 8.16 -6.96
C GLN VA 159 47.17 6.67 -6.64
N PRO VA 160 47.88 6.20 -5.61
CA PRO VA 160 47.72 4.79 -5.22
C PRO VA 160 46.30 4.47 -4.77
N TYR VA 161 45.61 5.44 -4.17
CA TYR VA 161 44.24 5.20 -3.69
C TYR VA 161 43.28 5.05 -4.86
N LEU VA 162 43.36 5.95 -5.85
CA LEU VA 162 42.42 5.88 -6.97
C LEU VA 162 42.70 4.69 -7.87
N ASN VA 163 43.94 4.20 -7.90
CA ASN VA 163 44.30 3.03 -8.69
C ASN VA 163 44.18 1.73 -7.89
N GLU VA 164 43.66 1.80 -6.67
CA GLU VA 164 43.47 0.63 -5.82
C GLU VA 164 44.78 -0.10 -5.56
N GLN VA 165 45.84 0.70 -5.35
CA GLN VA 165 47.14 0.15 -4.98
C GLN VA 165 47.37 0.13 -3.47
N VAL VA 166 46.67 0.99 -2.72
CA VAL VA 166 46.72 0.99 -1.28
C VAL VA 166 45.29 1.04 -0.76
N THR VA 167 45.11 0.58 0.48
CA THR VA 167 43.79 0.59 1.10
C THR VA 167 43.45 2.01 1.56
N ALA VA 168 42.25 2.16 2.14
CA ALA VA 168 41.86 3.45 2.68
C ALA VA 168 42.70 3.80 3.91
N ARG VA 169 43.11 2.78 4.67
CA ARG VA 169 43.96 3.02 5.83
C ARG VA 169 45.31 3.59 5.41
N GLU VA 170 45.95 2.94 4.43
CA GLU VA 170 47.28 3.37 4.01
C GLU VA 170 47.24 4.74 3.33
N ALA VA 171 46.19 5.00 2.56
CA ALA VA 171 46.08 6.27 1.85
C ALA VA 171 46.01 7.44 2.82
N PHE VA 172 45.21 7.30 3.89
CA PHE VA 172 45.09 8.37 4.86
C PHE VA 172 46.41 8.60 5.60
N ASP VA 173 47.10 7.53 5.97
CA ASP VA 173 48.41 7.67 6.62
C ASP VA 173 49.43 8.27 5.67
N ALA VA 174 49.39 7.86 4.39
CA ALA VA 174 50.33 8.40 3.41
C ALA VA 174 50.04 9.87 3.12
N ALA VA 175 48.79 10.31 3.30
CA ALA VA 175 48.48 11.73 3.12
C ALA VA 175 48.94 12.55 4.31
N GLN VA 176 48.93 11.96 5.50
CA GLN VA 176 49.26 12.70 6.71
C GLN VA 176 50.75 12.99 6.81
N ALA VA 177 51.59 12.09 6.29
CA ALA VA 177 53.04 12.24 6.46
C ALA VA 177 53.59 13.51 5.83
N PRO VA 178 53.31 13.86 4.57
CA PRO VA 178 53.84 15.13 4.06
C PRO VA 178 53.32 16.35 4.80
N MET VA 179 52.07 16.32 5.26
CA MET VA 179 51.54 17.43 6.03
C MET VA 179 52.23 17.54 7.38
N LYS VA 180 52.48 16.39 8.03
CA LYS VA 180 53.20 16.41 9.29
C LYS VA 180 54.65 16.87 9.09
N ALA VA 181 55.26 16.47 7.98
CA ALA VA 181 56.63 16.88 7.70
C ALA VA 181 56.72 18.40 7.52
N PHE VA 182 55.74 19.00 6.85
CA PHE VA 182 55.73 20.45 6.68
C PHE VA 182 55.62 21.17 8.01
N MET VA 183 54.76 20.67 8.91
CA MET VA 183 54.57 21.34 10.19
C MET VA 183 55.78 21.12 11.10
N LEU VA 184 56.43 19.97 11.00
CA LEU VA 184 57.63 19.71 11.81
C LEU VA 184 58.78 20.61 11.38
N LYS VA 185 58.84 20.97 10.10
CA LYS VA 185 59.97 21.76 9.61
C LYS VA 185 59.88 23.22 10.04
N GLN VA 186 58.67 23.72 10.28
CA GLN VA 186 58.46 25.11 10.63
C GLN VA 186 58.22 25.32 12.12
N THR VA 187 58.33 24.26 12.93
CA THR VA 187 58.08 24.36 14.35
C THR VA 187 59.38 24.66 15.11
N ARG VA 188 59.25 24.86 16.42
CA ARG VA 188 60.38 25.12 17.29
C ARG VA 188 60.52 23.99 18.29
N ILE VA 189 61.76 23.69 18.69
CA ILE VA 189 61.97 22.55 19.60
C ILE VA 189 61.28 22.88 20.92
N LYS VA 190 61.53 24.07 21.47
CA LYS VA 190 60.97 24.39 22.77
C LYS VA 190 59.45 24.27 22.78
N ASP VA 191 58.80 24.71 21.71
CA ASP VA 191 57.36 24.56 21.60
C ASP VA 191 56.95 23.10 21.57
N LEU VA 192 57.69 22.27 20.83
CA LEU VA 192 57.45 20.83 20.86
C LEU VA 192 57.72 20.27 22.25
N GLU VA 193 58.80 20.72 22.88
CA GLU VA 193 59.13 20.25 24.23
C GLU VA 193 58.05 20.64 25.23
N THR VA 194 57.48 21.84 25.07
CA THR VA 194 56.46 22.31 26.01
C THR VA 194 55.23 21.42 25.99
N PHE VA 195 54.73 21.10 24.79
CA PHE VA 195 53.50 20.32 24.69
C PHE VA 195 53.74 18.83 24.92
N VAL VA 196 54.93 18.33 24.63
CA VAL VA 196 55.24 16.93 24.89
C VAL VA 196 55.19 16.66 26.39
N THR VA 197 55.81 17.53 27.18
CA THR VA 197 55.74 17.38 28.64
C THR VA 197 54.32 17.60 29.14
N MET VA 198 53.54 18.43 28.44
CA MET VA 198 52.16 18.66 28.86
C MET VA 198 51.26 17.48 28.52
N SER VA 199 51.50 16.83 27.37
CA SER VA 199 50.68 15.69 26.96
C SER VA 199 51.01 14.43 27.73
N GLY VA 200 52.16 14.37 28.41
CA GLY VA 200 52.49 13.23 29.23
C GLY VA 200 52.84 11.98 28.46
N GLU VA 201 53.28 12.12 27.20
CA GLU VA 201 53.65 10.98 26.38
C GLU VA 201 55.17 10.84 26.32
N GLN VA 202 55.62 9.62 26.06
CA GLN VA 202 57.04 9.29 25.98
C GLN VA 202 57.46 9.38 24.51
N VAL VA 203 58.17 10.46 24.18
CA VAL VA 203 58.62 10.73 22.82
C VAL VA 203 60.13 10.72 22.79
N ASP VA 204 60.71 9.95 21.86
CA ASP VA 204 62.15 9.87 21.71
C ASP VA 204 62.69 10.87 20.70
N ASN VA 205 62.02 11.06 19.57
CA ASN VA 205 62.47 11.96 18.54
C ASN VA 205 61.32 12.86 18.10
N PRO VA 206 61.62 14.12 17.73
CA PRO VA 206 60.55 15.03 17.30
C PRO VA 206 59.81 14.56 16.05
N GLU VA 207 60.49 13.85 15.15
CA GLU VA 207 59.93 13.46 13.86
C GLU VA 207 58.89 12.36 13.96
N ASP VA 208 58.47 11.97 15.17
CA ASP VA 208 57.45 10.94 15.34
C ASP VA 208 56.42 11.33 16.39
N VAL VA 209 56.31 12.63 16.70
CA VAL VA 209 55.32 13.07 17.69
C VAL VA 209 53.92 12.92 17.12
N SER VA 210 52.94 12.82 18.02
CA SER VA 210 51.55 12.67 17.60
C SER VA 210 51.04 13.97 16.97
N MET VA 211 50.00 13.83 16.15
CA MET VA 211 49.42 15.00 15.49
C MET VA 211 48.78 15.94 16.51
N ALA VA 212 48.13 15.39 17.53
CA ALA VA 212 47.47 16.22 18.54
C ALA VA 212 48.46 17.05 19.36
N VAL VA 213 49.73 16.64 19.41
CA VAL VA 213 50.75 17.41 20.13
C VAL VA 213 51.55 18.31 19.20
N LEU VA 214 51.38 18.19 17.89
CA LEU VA 214 52.10 19.00 16.92
C LEU VA 214 51.33 20.23 16.49
N ILE VA 215 50.01 20.10 16.30
CA ILE VA 215 49.20 21.23 15.84
C ILE VA 215 49.26 22.41 16.82
N PRO VA 216 49.06 22.23 18.13
CA PRO VA 216 49.22 23.39 19.03
C PRO VA 216 50.64 23.95 19.03
N ALA VA 217 51.65 23.10 18.86
CA ALA VA 217 53.02 23.59 18.84
C ALA VA 217 53.33 24.32 17.54
N PHE VA 218 52.82 23.83 16.41
CA PHE VA 218 53.09 24.47 15.13
C PHE VA 218 52.48 25.86 15.06
N ILE VA 219 51.23 26.01 15.50
CA ILE VA 219 50.58 27.30 15.45
C ILE VA 219 51.23 28.26 16.44
N THR VA 220 51.74 27.74 17.56
CA THR VA 220 52.45 28.58 18.52
C THR VA 220 53.73 29.15 17.91
N SER VA 221 54.50 28.31 17.21
CA SER VA 221 55.72 28.79 16.58
C SER VA 221 55.44 29.77 15.45
N GLU VA 222 54.37 29.53 14.69
CA GLU VA 222 54.01 30.42 13.61
C GLU VA 222 53.66 31.82 14.12
N LEU VA 223 52.93 31.89 15.23
CA LEU VA 223 52.59 33.19 15.82
C LEU VA 223 53.84 33.92 16.28
N LYS VA 224 54.77 33.21 16.93
CA LYS VA 224 56.01 33.83 17.36
C LYS VA 224 56.85 34.27 16.17
N THR VA 225 56.95 33.43 15.14
CA THR VA 225 57.72 33.80 13.95
C THR VA 225 57.07 34.98 13.22
N ALA VA 226 55.74 35.05 13.24
CA ALA VA 226 55.04 36.17 12.62
C ALA VA 226 55.38 37.48 13.31
N PHE VA 227 55.48 37.47 14.63
CA PHE VA 227 55.79 38.69 15.37
C PHE VA 227 57.19 39.19 15.02
N GLN VA 228 58.15 38.28 14.88
CA GLN VA 228 59.52 38.69 14.54
C GLN VA 228 59.57 39.38 13.17
N ILE VA 229 58.87 38.81 12.18
CA ILE VA 229 58.84 39.42 10.86
C ILE VA 229 58.12 40.76 10.91
N GLY VA 230 57.05 40.85 11.70
CA GLY VA 230 56.33 42.11 11.81
C GLY VA 230 57.17 43.21 12.43
N PHE VA 231 57.99 42.87 13.42
CA PHE VA 231 58.87 43.86 14.04
C PHE VA 231 59.88 44.39 13.04
N MET VA 232 60.36 43.54 12.13
CA MET VA 232 61.29 43.99 11.09
C MET VA 232 60.65 45.05 10.21
N LEU VA 233 59.40 44.84 9.81
CA LEU VA 233 58.73 45.79 8.92
C LEU VA 233 58.28 47.04 9.66
N PHE VA 234 58.04 46.94 10.96
CA PHE VA 234 57.54 48.09 11.72
C PHE VA 234 58.60 49.16 11.88
N LEU VA 235 59.87 48.76 12.01
CA LEU VA 235 60.95 49.71 12.27
C LEU VA 235 61.09 50.80 11.21
N PRO VA 236 61.15 50.49 9.90
CA PRO VA 236 61.34 51.57 8.92
C PRO VA 236 60.24 52.63 8.96
N PHE VA 237 58.99 52.23 9.18
CA PHE VA 237 57.92 53.21 9.29
C PHE VA 237 57.99 53.96 10.61
N LEU VA 238 58.43 53.28 11.66
CA LEU VA 238 58.62 53.95 12.95
C LEU VA 238 59.72 55.00 12.87
N ILE VA 239 60.80 54.70 12.15
CA ILE VA 239 61.89 55.66 12.01
C ILE VA 239 61.41 56.91 11.28
N ILE VA 240 60.64 56.73 10.22
CA ILE VA 240 60.09 57.89 9.49
C ILE VA 240 59.21 58.73 10.41
N ASP VA 241 58.37 58.07 11.21
CA ASP VA 241 57.50 58.80 12.12
C ASP VA 241 58.32 59.58 13.16
N LEU VA 242 59.37 58.95 13.70
CA LEU VA 242 60.23 59.64 14.66
C LEU VA 242 60.99 60.79 14.00
N VAL VA 243 61.46 60.59 12.77
CA VAL VA 243 62.23 61.64 12.10
C VAL VA 243 61.35 62.87 11.86
N VAL VA 244 60.14 62.66 11.31
CA VAL VA 244 59.29 63.79 10.97
C VAL VA 244 58.76 64.47 12.23
N ALA VA 245 58.56 63.69 13.31
CA ALA VA 245 58.08 64.28 14.55
C ALA VA 245 59.12 65.21 15.16
N SER VA 246 60.39 64.82 15.10
CA SER VA 246 61.45 65.64 15.68
C SER VA 246 61.72 66.88 14.83
N VAL VA 247 61.61 66.76 13.50
CA VAL VA 247 61.81 67.92 12.63
C VAL VA 247 60.74 68.97 12.88
N LEU VA 248 59.48 68.54 13.02
CA LEU VA 248 58.41 69.49 13.32
C LEU VA 248 58.62 70.13 14.69
N MET VA 249 59.07 69.34 15.67
CA MET VA 249 59.31 69.90 17.00
C MET VA 249 60.47 70.88 17.01
N ALA VA 250 61.48 70.66 16.15
CA ALA VA 250 62.61 71.58 16.10
C ALA VA 250 62.17 72.97 15.65
N MET VA 251 61.26 73.04 14.68
CA MET VA 251 60.77 74.32 14.19
C MET VA 251 59.75 74.98 15.12
N GLY VA 252 59.45 74.36 16.26
CA GLY VA 252 58.65 74.99 17.28
C GLY VA 252 57.16 74.73 17.22
N MET VA 253 56.68 73.97 16.24
CA MET VA 253 55.25 73.68 16.12
C MET VA 253 54.96 72.39 16.85
N MET VA 254 54.54 72.51 18.12
CA MET VA 254 54.26 71.37 18.97
C MET VA 254 52.80 70.95 18.93
N MET VA 255 51.99 71.56 18.07
CA MET VA 255 50.58 71.22 17.94
C MET VA 255 50.24 70.48 16.66
N LEU VA 256 51.14 70.42 15.69
CA LEU VA 256 50.89 69.71 14.45
C LEU VA 256 51.16 68.23 14.65
N SER VA 257 50.18 67.40 14.30
CA SER VA 257 50.30 65.96 14.51
C SER VA 257 51.26 65.36 13.49
N PRO VA 258 52.31 64.67 13.94
CA PRO VA 258 53.25 64.06 12.97
C PRO VA 258 52.62 62.96 12.13
N MET VA 259 51.51 62.35 12.59
CA MET VA 259 50.91 61.25 11.86
C MET VA 259 50.43 61.68 10.48
N ILE VA 260 49.81 62.86 10.39
CA ILE VA 260 49.34 63.36 9.11
C ILE VA 260 50.51 63.63 8.17
N VAL VA 261 51.57 64.26 8.69
CA VAL VA 261 52.72 64.60 7.86
C VAL VA 261 53.48 63.35 7.45
N SER VA 262 53.58 62.36 8.36
CA SER VA 262 54.38 61.17 8.08
C SER VA 262 53.72 60.26 7.06
N LEU VA 263 52.39 60.28 6.97
CA LEU VA 263 51.66 59.31 6.14
C LEU VA 263 52.09 59.32 4.68
N PRO VA 264 52.24 60.46 3.99
CA PRO VA 264 52.68 60.39 2.59
C PRO VA 264 54.05 59.74 2.42
N PHE VA 265 54.97 59.95 3.37
CA PHE VA 265 56.28 59.35 3.26
C PHE VA 265 56.26 57.87 3.60
N LYS VA 266 55.38 57.46 4.51
CA LYS VA 266 55.22 56.03 4.80
C LYS VA 266 54.75 55.30 3.55
N LEU VA 267 53.77 55.87 2.83
CA LEU VA 267 53.29 55.26 1.61
C LEU VA 267 54.39 55.21 0.55
N MET VA 268 55.14 56.30 0.39
CA MET VA 268 56.18 56.35 -0.64
C MET VA 268 57.27 55.33 -0.37
N LEU VA 269 57.67 55.18 0.89
CA LEU VA 269 58.69 54.18 1.22
C LEU VA 269 58.24 52.79 0.82
N PHE VA 270 56.96 52.48 1.00
CA PHE VA 270 56.44 51.19 0.58
C PHE VA 270 56.33 51.08 -0.94
N VAL VA 271 56.38 52.19 -1.67
CA VAL VA 271 56.18 52.16 -3.11
C VAL VA 271 57.51 51.99 -3.84
N LEU VA 272 58.44 52.93 -3.64
CA LEU VA 272 59.71 52.87 -4.37
C LEU VA 272 60.58 51.69 -3.94
N VAL VA 273 60.31 51.09 -2.78
CA VAL VA 273 60.94 49.83 -2.42
C VAL VA 273 60.20 48.63 -3.00
N ASP VA 274 59.03 48.86 -3.59
CA ASP VA 274 58.18 47.80 -4.15
C ASP VA 274 57.76 46.83 -3.05
N GLY VA 275 57.06 47.38 -2.06
CA GLY VA 275 56.76 46.61 -0.86
C GLY VA 275 55.87 45.41 -1.10
N TRP VA 276 54.80 45.58 -1.88
CA TRP VA 276 53.86 44.50 -2.09
C TRP VA 276 54.45 43.32 -2.85
N ASN VA 277 55.62 43.49 -3.48
CA ASN VA 277 56.34 42.37 -4.05
C ASN VA 277 57.44 41.86 -3.13
N LEU VA 278 58.09 42.78 -2.40
CA LEU VA 278 59.16 42.38 -1.49
C LEU VA 278 58.62 41.62 -0.29
N ILE VA 279 57.52 42.10 0.30
CA ILE VA 279 56.99 41.48 1.50
C ILE VA 279 56.45 40.08 1.20
N LEU VA 280 55.69 39.95 0.12
CA LEU VA 280 55.08 38.66 -0.21
C LEU VA 280 56.14 37.63 -0.59
N SER VA 281 57.18 38.05 -1.32
CA SER VA 281 58.24 37.12 -1.68
C SER VA 281 58.99 36.62 -0.46
N THR VA 282 59.23 37.52 0.52
CA THR VA 282 59.89 37.09 1.75
C THR VA 282 59.00 36.14 2.55
N LEU VA 283 57.70 36.42 2.61
CA LEU VA 283 56.79 35.54 3.33
C LEU VA 283 56.74 34.16 2.68
N ALA VA 284 56.66 34.11 1.34
CA ALA VA 284 56.72 32.83 0.65
C ALA VA 284 58.07 32.17 0.83
N GLY VA 285 59.15 32.96 0.80
CA GLY VA 285 60.49 32.41 0.98
C GLY VA 285 60.82 32.06 2.41
N SER VA 286 59.99 32.48 3.37
CA SER VA 286 60.23 32.16 4.77
C SER VA 286 59.90 30.71 5.11
N PHE VA 287 59.30 29.96 4.19
CA PHE VA 287 58.98 28.56 4.39
C PHE VA 287 59.91 27.65 3.60
N ALA VA 288 61.10 28.14 3.27
CA ALA VA 288 62.07 27.37 2.51
C ALA VA 288 63.44 27.42 3.17
#